data_8W1C
#
_entry.id   8W1C
#
_cell.length_a   1.00
_cell.length_b   1.00
_cell.length_c   1.00
_cell.angle_alpha   90.00
_cell.angle_beta   90.00
_cell.angle_gamma   90.00
#
_symmetry.space_group_name_H-M   'P 1'
#
loop_
_entity.id
_entity.type
_entity.pdbx_description
1 polymer 'Core protein VP3'
2 polymer VP6
#
loop_
_entity_poly.entity_id
_entity_poly.type
_entity_poly.pdbx_seq_one_letter_code
_entity_poly.pdbx_strand_id
1 'polypeptide(L)'
;MAAQNEQRPERIKTTPYLEGDVLSSDSGPLLSVFALQEIMQKVRQVQADYMTATREVDFTVPDVQKILDDIKALAAEQVY
KIVKVPSISFRHIVMQSRDRVLRVDTYYEEMSQVGDVITEDEPEKFYSTIIKKVRFIRGKGSFILHDIPTRDHRGMEVAE
PEVLGVEFKNVLPVLTAEHRAMIQNALDGSIIENGNVATRDVDVFIGACSEPVYRIYNRLQGYIEAVQLQELRNSIGWLE
RLGHRKRITYSQEVLTDFRRQDTIWVLALQLPVNPQVVWDVPRSSIANLIMNIATCLPTGEYIAPNPRISSITLTQRITT
TGPFAILTGSTPTAQQLNDVRKIYLALMFPGQIILDLKIDPGERMDPAVRMVAGVVGHLLFTAGGRFTNLTQNMARQLDI
ALNDYLLYMYNTRVQVNYGPTGEPLDFQIGRNQYDCNVFRADFATGTGYNGWATIDVEYREPAPYVHAQRYIRYCGIDSR
ELINPTTYGIGMTYHCYNEMLRMLVAAGKDSEAAYFRSMLPFHMVRFARINQIINEDLHSVFSLPDDMFNALLPDLIAGA
HQNADPVVLDVSWISLWFAFNRSFEPTHRNEMLEVAPLIESVYASELSVMKVDMRHLSLMQRRFPDVLIQARPSHFWKAV
LNDSPEAVKAVMNLSHSHNFINIRDMMRWVMLPSLQPSLKLALEEEAWAAANDFEDLMLTDQVYMHRDMLPEPRLDDIER
FRQEGFYYTNMLEAPPEIDRVVQYTYEIARLQANMGQFRAALRRIMDDDDWVRFGGVLRTVRVKFYDARPPDDVLQGLPF
SYDTNERGGLAYATIKYATETTIFYLIYNVEFSNTPDSLVLINPTYTMTKVFINKRIVERVRVGQILAVLNRRFVAYKGK
MRIMDITQSLKMGTKLAAPTV
;
A,B,D,H,E,I,F,J,G,K
2 'polypeptide(L)'
;MSAAMLLAPGDVIKRSSEELKQRQIQINLIDWTEGESEKESKAEAKEGDKAEELKDGEGTQSESSQKKESSKETKDADVD
RRIHTAVGSGSSAKGPGERANENVDRGDGKVGGGGGDADAGVGATGANGGRWVVLTEEIARAIESKYGTKIDVYRDEVPA
QIIEVERSLQKELGISREGVAEQTERLRDLRRKEKSGAHAKAAERGRRKQGKKPHGDAQREGTEEEKTSEEPASVGITIE
GVMSQKKLLSMIGGVERKMAPIGARESAVMLVSNSIKDVVRATAYFTAPTGDPHWKEVAREASKKKNILAYTSTGGDVKT
EFLHLIDHL
;
C,L,M,N,O
#
# COMPACT_ATOMS: atom_id res chain seq x y z
N SER A 24 21.01 -41.64 -33.29
CA SER A 24 19.59 -41.55 -32.97
C SER A 24 19.13 -42.79 -32.20
N SER A 25 19.41 -43.97 -32.76
CA SER A 25 19.00 -45.21 -32.13
C SER A 25 20.00 -45.62 -31.05
N ASP A 26 19.50 -46.40 -30.09
CA ASP A 26 20.34 -46.96 -29.04
C ASP A 26 19.90 -48.38 -28.76
N SER A 27 20.79 -49.13 -28.12
CA SER A 27 20.54 -50.52 -27.77
C SER A 27 21.42 -50.89 -26.58
N GLY A 28 21.08 -52.01 -25.96
CA GLY A 28 21.83 -52.53 -24.85
C GLY A 28 23.31 -52.72 -25.17
N PRO A 29 23.60 -53.58 -26.16
CA PRO A 29 25.01 -53.80 -26.51
C PRO A 29 25.75 -52.55 -26.95
N LEU A 30 25.10 -51.65 -27.68
CA LEU A 30 25.79 -50.45 -28.16
C LEU A 30 26.17 -49.53 -27.01
N LEU A 31 25.23 -49.27 -26.11
CA LEU A 31 25.54 -48.45 -24.94
C LEU A 31 26.56 -49.13 -24.06
N SER A 32 26.54 -50.47 -23.98
CA SER A 32 27.55 -51.19 -23.22
C SER A 32 28.94 -50.98 -23.82
N VAL A 33 29.05 -51.07 -25.15
CA VAL A 33 30.34 -50.85 -25.81
C VAL A 33 30.81 -49.43 -25.56
N PHE A 34 29.89 -48.46 -25.63
CA PHE A 34 30.25 -47.07 -25.35
C PHE A 34 30.76 -46.92 -23.92
N ALA A 35 30.11 -47.59 -22.96
CA ALA A 35 30.55 -47.51 -21.57
C ALA A 35 31.93 -48.11 -21.38
N LEU A 36 32.19 -49.27 -22.02
CA LEU A 36 33.54 -49.84 -21.98
C LEU A 36 34.56 -48.89 -22.56
N GLN A 37 34.24 -48.26 -23.70
CA GLN A 37 35.19 -47.34 -24.31
C GLN A 37 35.51 -46.20 -23.37
N GLU A 38 34.49 -45.61 -22.76
CA GLU A 38 34.71 -44.47 -21.86
C GLU A 38 35.52 -44.88 -20.63
N ILE A 39 35.14 -45.98 -19.99
CA ILE A 39 35.83 -46.40 -18.77
C ILE A 39 37.27 -46.79 -19.07
N MET A 40 37.49 -47.52 -20.17
CA MET A 40 38.84 -47.92 -20.53
C MET A 40 39.71 -46.71 -20.87
N GLN A 41 39.15 -45.74 -21.60
CA GLN A 41 39.92 -44.54 -21.91
C GLN A 41 40.25 -43.76 -20.65
N LYS A 42 39.33 -43.75 -19.67
CA LYS A 42 39.63 -43.08 -18.41
C LYS A 42 40.74 -43.80 -17.64
N VAL A 43 40.70 -45.13 -17.62
CA VAL A 43 41.64 -45.88 -16.78
C VAL A 43 43.01 -46.04 -17.42
N ARG A 44 43.11 -45.94 -18.75
CA ARG A 44 44.40 -46.08 -19.41
C ARG A 44 45.32 -44.90 -19.17
N GLN A 45 44.84 -43.82 -18.55
CA GLN A 45 45.67 -42.63 -18.36
C GLN A 45 46.88 -42.90 -17.45
N VAL A 46 46.81 -43.91 -16.58
CA VAL A 46 47.90 -44.24 -15.68
C VAL A 46 48.20 -45.73 -15.81
N GLN A 47 49.43 -46.07 -16.18
CA GLN A 47 49.89 -47.45 -16.27
C GLN A 47 51.35 -47.52 -15.87
N ALA A 48 51.80 -48.73 -15.53
CA ALA A 48 53.14 -48.94 -15.02
C ALA A 48 53.83 -50.05 -15.80
N ASP A 49 55.11 -50.27 -15.47
CA ASP A 49 55.95 -51.36 -15.96
C ASP A 49 56.38 -51.18 -17.40
N TYR A 50 55.82 -50.17 -18.09
CA TYR A 50 56.21 -49.78 -19.44
C TYR A 50 56.44 -51.00 -20.34
N MET A 51 55.38 -51.79 -20.51
CA MET A 51 55.47 -52.98 -21.34
C MET A 51 55.18 -52.64 -22.80
N PHE A 59 45.74 -52.17 -27.29
CA PHE A 59 44.54 -52.38 -26.48
C PHE A 59 43.43 -52.98 -27.33
N THR A 60 42.34 -53.38 -26.69
CA THR A 60 41.20 -53.93 -27.39
C THR A 60 39.93 -53.72 -26.56
N VAL A 61 38.82 -53.46 -27.25
CA VAL A 61 37.51 -53.37 -26.63
C VAL A 61 36.72 -54.60 -27.03
N PRO A 62 36.41 -55.51 -26.10
CA PRO A 62 35.73 -56.75 -26.48
C PRO A 62 34.33 -56.49 -27.03
N ASP A 63 33.93 -57.33 -27.97
CA ASP A 63 32.61 -57.24 -28.58
C ASP A 63 31.60 -57.90 -27.65
N VAL A 64 30.69 -57.11 -27.09
CA VAL A 64 29.70 -57.65 -26.15
C VAL A 64 28.76 -58.62 -26.85
N GLN A 65 28.57 -58.47 -28.17
CA GLN A 65 27.76 -59.42 -28.91
C GLN A 65 28.33 -60.83 -28.81
N LYS A 66 29.64 -60.96 -29.02
CA LYS A 66 30.27 -62.28 -28.93
C LYS A 66 30.18 -62.84 -27.52
N ILE A 67 30.38 -62.00 -26.51
CA ILE A 67 30.32 -62.46 -25.12
C ILE A 67 28.92 -62.96 -24.79
N LEU A 68 27.90 -62.20 -25.19
CA LEU A 68 26.53 -62.59 -24.92
C LEU A 68 26.18 -63.89 -25.65
N ASP A 69 26.59 -64.01 -26.92
CA ASP A 69 26.31 -65.23 -27.66
C ASP A 69 26.99 -66.43 -27.03
N ASP A 70 28.25 -66.27 -26.61
CA ASP A 70 28.97 -67.38 -25.99
C ASP A 70 28.34 -67.79 -24.67
N ILE A 71 27.95 -66.81 -23.84
CA ILE A 71 27.37 -67.16 -22.55
C ILE A 71 25.99 -67.79 -22.73
N LYS A 72 25.21 -67.33 -23.72
CA LYS A 72 23.93 -67.96 -23.99
C LYS A 72 24.10 -69.39 -24.49
N ALA A 73 25.08 -69.61 -25.36
CA ALA A 73 25.35 -70.96 -25.83
C ALA A 73 25.80 -71.87 -24.69
N LEU A 74 26.65 -71.35 -23.80
CA LEU A 74 27.09 -72.14 -22.66
C LEU A 74 25.92 -72.48 -21.74
N ALA A 75 25.01 -71.52 -21.53
CA ALA A 75 23.81 -71.81 -20.74
C ALA A 75 22.96 -72.87 -21.42
N ALA A 76 22.88 -72.83 -22.75
CA ALA A 76 22.11 -73.82 -23.49
C ALA A 76 22.77 -75.19 -23.53
N GLU A 77 24.04 -75.29 -23.13
CA GLU A 77 24.73 -76.58 -23.17
C GLU A 77 24.18 -77.53 -22.10
N GLN A 78 24.30 -78.82 -22.36
CA GLN A 78 23.87 -79.86 -21.45
C GLN A 78 25.09 -80.57 -20.88
N VAL A 79 25.17 -80.62 -19.54
CA VAL A 79 26.28 -81.31 -18.89
C VAL A 79 26.23 -82.81 -19.20
N TYR A 80 25.04 -83.39 -19.13
CA TYR A 80 24.87 -84.82 -19.39
C TYR A 80 24.71 -85.05 -20.89
N LYS A 81 24.37 -86.28 -21.26
CA LYS A 81 24.07 -86.60 -22.65
C LYS A 81 23.19 -87.85 -22.68
N ILE A 82 22.29 -87.90 -23.66
CA ILE A 82 21.33 -88.99 -23.79
C ILE A 82 21.84 -89.96 -24.85
N VAL A 83 21.95 -91.23 -24.47
CA VAL A 83 22.41 -92.28 -25.38
C VAL A 83 21.47 -93.47 -25.27
N LYS A 84 21.44 -94.26 -26.35
CA LYS A 84 20.67 -95.49 -26.37
C LYS A 84 21.45 -96.68 -25.86
N VAL A 85 22.77 -96.67 -26.02
CA VAL A 85 23.63 -97.77 -25.61
C VAL A 85 24.82 -97.22 -24.84
N PRO A 86 25.15 -97.77 -23.67
CA PRO A 86 26.31 -97.29 -22.93
C PRO A 86 27.60 -97.59 -23.68
N SER A 87 28.62 -96.79 -23.42
CA SER A 87 29.91 -96.97 -24.05
C SER A 87 30.53 -98.29 -23.62
N ILE A 88 31.34 -98.87 -24.52
CA ILE A 88 31.96 -100.16 -24.24
C ILE A 88 32.94 -100.03 -23.08
N SER A 89 32.80 -100.89 -22.09
CA SER A 89 33.67 -100.90 -20.92
C SER A 89 34.76 -101.95 -21.00
N PHE A 90 34.46 -103.13 -21.54
CA PHE A 90 35.41 -104.21 -21.65
C PHE A 90 35.49 -104.70 -23.08
N ARG A 91 36.72 -104.86 -23.59
CA ARG A 91 36.96 -105.41 -24.91
C ARG A 91 37.91 -106.59 -24.80
N HIS A 92 37.85 -107.46 -25.80
CA HIS A 92 38.63 -108.69 -25.79
C HIS A 92 39.53 -108.75 -27.01
N ILE A 93 40.74 -109.27 -26.81
CA ILE A 93 41.68 -109.52 -27.89
C ILE A 93 41.84 -111.02 -28.03
N VAL A 94 41.53 -111.54 -29.21
CA VAL A 94 41.58 -112.98 -29.45
C VAL A 94 43.01 -113.39 -29.80
N MET A 95 43.51 -114.40 -29.10
CA MET A 95 44.82 -114.95 -29.37
C MET A 95 44.69 -116.21 -30.23
N GLN A 96 45.83 -116.86 -30.48
CA GLN A 96 45.81 -118.09 -31.27
C GLN A 96 45.09 -119.21 -30.56
N SER A 97 45.04 -119.17 -29.23
CA SER A 97 44.37 -120.22 -28.47
C SER A 97 42.86 -120.17 -28.67
N ARG A 98 42.26 -121.35 -28.82
CA ARG A 98 40.81 -121.47 -28.94
C ARG A 98 40.11 -121.50 -27.59
N ASP A 99 40.84 -121.73 -26.50
CA ASP A 99 40.25 -121.87 -25.18
C ASP A 99 40.58 -120.73 -24.23
N ARG A 100 41.46 -119.81 -24.61
CA ARG A 100 41.87 -118.72 -23.74
C ARG A 100 41.76 -117.40 -24.47
N VAL A 101 41.54 -116.33 -23.71
CA VAL A 101 41.39 -115.00 -24.27
C VAL A 101 41.70 -113.99 -23.16
N LEU A 102 42.07 -112.77 -23.55
CA LEU A 102 42.42 -111.72 -22.63
C LEU A 102 41.27 -110.71 -22.51
N ARG A 103 40.97 -110.31 -21.29
CA ARG A 103 39.97 -109.28 -21.01
C ARG A 103 40.68 -107.97 -20.71
N VAL A 104 40.32 -106.92 -21.44
CA VAL A 104 40.96 -105.61 -21.33
C VAL A 104 39.93 -104.60 -20.85
N ASP A 105 40.27 -103.86 -19.80
CA ASP A 105 39.42 -102.79 -19.31
C ASP A 105 39.68 -101.55 -20.16
N THR A 106 38.65 -101.11 -20.91
CA THR A 106 38.84 -100.00 -21.83
C THR A 106 39.09 -98.68 -21.10
N TYR A 107 38.59 -98.56 -19.87
CA TYR A 107 38.69 -97.29 -19.15
C TYR A 107 40.15 -96.89 -18.93
N TYR A 108 40.98 -97.83 -18.52
CA TYR A 108 42.38 -97.51 -18.22
C TYR A 108 43.20 -97.33 -19.48
N GLU A 109 42.92 -98.11 -20.52
CA GLU A 109 43.77 -98.06 -21.72
C GLU A 109 43.61 -96.74 -22.47
N GLU A 110 42.50 -96.02 -22.27
CA GLU A 110 42.26 -94.81 -23.04
C GLU A 110 42.54 -93.54 -22.25
N MET A 111 42.32 -93.54 -20.93
CA MET A 111 42.49 -92.31 -20.16
C MET A 111 43.96 -91.96 -19.99
N SER A 112 44.88 -92.91 -20.22
CA SER A 112 46.30 -92.61 -20.18
C SER A 112 46.70 -91.55 -21.19
N GLN A 113 45.92 -91.38 -22.26
CA GLN A 113 46.17 -90.34 -23.23
C GLN A 113 45.64 -88.98 -22.79
N VAL A 114 44.92 -88.90 -21.67
CA VAL A 114 44.41 -87.64 -21.16
C VAL A 114 45.53 -86.91 -20.43
N GLY A 115 45.84 -85.70 -20.88
CA GLY A 115 46.92 -84.93 -20.30
C GLY A 115 48.26 -85.25 -20.92
N ASP A 116 49.16 -84.27 -20.84
CA ASP A 116 50.49 -84.42 -21.40
C ASP A 116 51.41 -85.11 -20.39
N VAL A 117 52.70 -85.18 -20.70
CA VAL A 117 53.64 -85.81 -19.79
C VAL A 117 53.87 -84.91 -18.57
N ILE A 118 54.34 -85.52 -17.50
CA ILE A 118 54.58 -84.83 -16.24
C ILE A 118 56.06 -84.54 -16.09
N THR A 119 56.37 -83.36 -15.54
CA THR A 119 57.72 -82.97 -15.22
C THR A 119 57.72 -82.26 -13.88
N GLU A 120 58.79 -82.47 -13.10
CA GLU A 120 58.84 -81.99 -11.73
C GLU A 120 59.27 -80.54 -11.60
N ASP A 121 59.79 -79.94 -12.68
CA ASP A 121 60.27 -78.56 -12.57
C ASP A 121 59.14 -77.55 -12.56
N GLU A 122 58.04 -77.83 -13.25
CA GLU A 122 56.92 -76.90 -13.36
C GLU A 122 55.69 -77.46 -12.66
N PRO A 123 55.37 -77.02 -11.45
CA PRO A 123 54.15 -77.51 -10.78
C PRO A 123 52.87 -77.15 -11.50
N GLU A 124 52.84 -76.02 -12.21
CA GLU A 124 51.61 -75.55 -12.82
C GLU A 124 51.10 -76.53 -13.87
N LYS A 125 51.99 -77.02 -14.72
CA LYS A 125 51.58 -78.00 -15.73
C LYS A 125 51.13 -79.30 -15.09
N PHE A 126 51.80 -79.71 -14.00
CA PHE A 126 51.39 -80.92 -13.29
C PHE A 126 49.97 -80.79 -12.76
N TYR A 127 49.66 -79.65 -12.14
CA TYR A 127 48.33 -79.47 -11.57
C TYR A 127 47.29 -79.27 -12.67
N SER A 128 47.68 -78.68 -13.81
CA SER A 128 46.76 -78.61 -14.94
C SER A 128 46.43 -80.00 -15.45
N THR A 129 47.43 -80.88 -15.52
CA THR A 129 47.18 -82.26 -15.90
C THR A 129 46.26 -82.96 -14.90
N ILE A 130 46.46 -82.70 -13.61
CA ILE A 130 45.57 -83.27 -12.59
C ILE A 130 44.14 -82.79 -12.80
N ILE A 131 43.97 -81.49 -13.08
CA ILE A 131 42.63 -80.95 -13.31
C ILE A 131 41.98 -81.58 -14.53
N LYS A 132 42.75 -81.73 -15.61
CA LYS A 132 42.19 -82.37 -16.80
C LYS A 132 41.80 -83.82 -16.52
N LYS A 133 42.63 -84.54 -15.78
CA LYS A 133 42.33 -85.94 -15.47
C LYS A 133 41.06 -86.05 -14.62
N VAL A 134 40.91 -85.18 -13.63
CA VAL A 134 39.70 -85.24 -12.80
C VAL A 134 38.48 -84.77 -13.58
N ARG A 135 38.67 -83.85 -14.54
CA ARG A 135 37.57 -83.43 -15.41
C ARG A 135 37.09 -84.59 -16.27
N PHE A 136 38.03 -85.42 -16.75
CA PHE A 136 37.67 -86.49 -17.68
C PHE A 136 36.74 -87.51 -17.04
N ILE A 137 36.96 -87.83 -15.76
CA ILE A 137 36.10 -88.81 -15.09
C ILE A 137 34.68 -88.30 -15.00
N ARG A 138 34.52 -87.03 -14.61
CA ARG A 138 33.19 -86.43 -14.54
C ARG A 138 32.54 -86.38 -15.92
N GLY A 139 33.32 -86.07 -16.95
CA GLY A 139 32.77 -86.05 -18.29
C GLY A 139 32.29 -87.41 -18.75
N LYS A 140 33.05 -88.45 -18.46
CA LYS A 140 32.69 -89.80 -18.89
C LYS A 140 31.51 -90.34 -18.10
N GLY A 141 31.42 -90.02 -16.81
CA GLY A 141 30.44 -90.64 -15.96
C GLY A 141 29.03 -90.11 -16.05
N SER A 142 28.78 -89.08 -16.85
CA SER A 142 27.46 -88.45 -16.94
C SER A 142 26.80 -88.86 -18.25
N PHE A 143 25.83 -89.78 -18.15
CA PHE A 143 25.04 -90.20 -19.30
C PHE A 143 23.72 -90.76 -18.81
N ILE A 144 22.72 -90.74 -19.69
CA ILE A 144 21.38 -91.20 -19.38
C ILE A 144 20.94 -92.18 -20.46
N LEU A 145 20.42 -93.33 -20.04
CA LEU A 145 19.90 -94.33 -20.96
C LEU A 145 18.44 -94.04 -21.28
N HIS A 146 18.09 -94.16 -22.56
CA HIS A 146 16.74 -93.87 -23.01
C HIS A 146 16.47 -94.60 -24.31
N ASP A 147 15.34 -95.30 -24.37
CA ASP A 147 14.90 -96.02 -25.57
C ASP A 147 15.94 -97.06 -26.02
N ILE A 148 16.19 -98.02 -25.13
CA ILE A 148 17.12 -99.11 -25.43
C ILE A 148 16.45 -100.05 -26.44
N PRO A 149 17.19 -100.54 -27.44
CA PRO A 149 16.60 -101.47 -28.40
C PRO A 149 16.53 -102.88 -27.83
N THR A 150 15.33 -103.46 -27.80
CA THR A 150 15.09 -104.76 -27.22
C THR A 150 14.21 -105.59 -28.14
N ARG A 151 14.16 -106.89 -27.87
CA ARG A 151 13.35 -107.81 -28.64
C ARG A 151 12.58 -108.73 -27.69
N ASP A 152 11.46 -109.24 -28.17
CA ASP A 152 10.59 -110.09 -27.37
C ASP A 152 10.91 -111.56 -27.59
N HIS A 153 10.70 -112.35 -26.54
CA HIS A 153 10.94 -113.79 -26.60
C HIS A 153 10.05 -114.48 -25.59
N ARG A 154 9.19 -115.38 -26.07
CA ARG A 154 8.29 -116.16 -25.22
C ARG A 154 7.38 -115.26 -24.38
N GLY A 155 7.02 -114.10 -24.92
CA GLY A 155 6.20 -113.15 -24.19
C GLY A 155 6.95 -112.32 -23.17
N MET A 156 8.26 -112.49 -23.05
CA MET A 156 9.08 -111.73 -22.12
C MET A 156 10.14 -110.96 -22.90
N GLU A 157 10.30 -109.68 -22.54
CA GLU A 157 11.23 -108.81 -23.26
C GLU A 157 12.66 -109.15 -22.86
N VAL A 158 13.53 -109.29 -23.86
CA VAL A 158 14.92 -109.66 -23.66
C VAL A 158 15.81 -108.61 -24.32
N ALA A 159 16.79 -108.12 -23.57
CA ALA A 159 17.67 -107.08 -24.07
C ALA A 159 18.54 -107.58 -25.21
N GLU A 160 18.74 -106.73 -26.20
CA GLU A 160 19.54 -107.09 -27.37
C GLU A 160 21.03 -107.12 -27.01
N PRO A 161 21.83 -107.87 -27.76
CA PRO A 161 23.24 -108.07 -27.38
C PRO A 161 24.11 -106.83 -27.44
N GLU A 162 23.59 -105.65 -27.80
CA GLU A 162 24.45 -104.47 -27.86
C GLU A 162 24.27 -103.53 -26.68
N VAL A 163 23.14 -103.60 -25.97
CA VAL A 163 22.91 -102.67 -24.86
C VAL A 163 23.91 -102.93 -23.73
N LEU A 164 24.17 -104.20 -23.41
CA LEU A 164 25.15 -104.52 -22.38
C LEU A 164 26.56 -104.19 -22.85
N GLY A 165 27.36 -103.64 -21.94
CA GLY A 165 28.66 -103.09 -22.29
C GLY A 165 29.79 -104.10 -22.42
N VAL A 166 29.69 -104.99 -23.40
CA VAL A 166 30.74 -105.95 -23.71
C VAL A 166 30.93 -106.00 -25.22
N GLU A 167 32.08 -106.53 -25.63
CA GLU A 167 32.49 -106.57 -27.03
C GLU A 167 32.97 -107.98 -27.39
N PHE A 168 32.14 -108.97 -27.06
CA PHE A 168 32.54 -110.37 -27.21
C PHE A 168 32.36 -110.91 -28.61
N LYS A 169 31.92 -110.08 -29.57
CA LYS A 169 31.63 -110.61 -30.91
C LYS A 169 32.88 -111.03 -31.64
N ASN A 170 34.04 -110.44 -31.30
CA ASN A 170 35.26 -110.76 -32.02
C ASN A 170 35.78 -112.15 -31.71
N VAL A 171 35.55 -112.65 -30.49
CA VAL A 171 36.04 -113.97 -30.10
C VAL A 171 35.07 -115.09 -30.49
N LEU A 172 33.85 -114.75 -30.89
CA LEU A 172 32.87 -115.77 -31.23
C LEU A 172 33.29 -116.71 -32.36
N PRO A 173 33.86 -116.24 -33.48
CA PRO A 173 34.07 -117.16 -34.61
C PRO A 173 34.99 -118.34 -34.31
N VAL A 174 35.84 -118.25 -33.30
CA VAL A 174 36.75 -119.34 -32.97
C VAL A 174 36.20 -120.27 -31.89
N LEU A 175 35.18 -119.85 -31.15
CA LEU A 175 34.68 -120.62 -30.02
C LEU A 175 34.05 -121.93 -30.47
N THR A 176 34.17 -122.95 -29.61
CA THR A 176 33.58 -124.25 -29.88
C THR A 176 32.08 -124.22 -29.63
N ALA A 177 31.40 -125.28 -30.10
CA ALA A 177 29.94 -125.31 -30.06
C ALA A 177 29.40 -125.31 -28.64
N GLU A 178 30.03 -126.07 -27.74
CA GLU A 178 29.45 -126.26 -26.42
C GLU A 178 29.64 -125.03 -25.52
N HIS A 179 30.75 -124.32 -25.66
CA HIS A 179 30.88 -123.04 -24.96
C HIS A 179 30.00 -121.98 -25.60
N ARG A 180 29.84 -122.04 -26.93
CA ARG A 180 29.00 -121.07 -27.62
C ARG A 180 27.54 -121.23 -27.21
N ALA A 181 27.10 -122.46 -26.96
CA ALA A 181 25.75 -122.67 -26.47
C ALA A 181 25.55 -122.07 -25.08
N MET A 182 26.55 -122.20 -24.21
CA MET A 182 26.48 -121.57 -22.91
C MET A 182 26.41 -120.05 -23.03
N ILE A 183 27.18 -119.49 -23.96
CA ILE A 183 27.14 -118.04 -24.21
C ILE A 183 25.74 -117.63 -24.66
N GLN A 184 25.16 -118.40 -25.58
CA GLN A 184 23.82 -118.11 -26.07
C GLN A 184 22.79 -118.19 -24.94
N ASN A 185 22.93 -119.20 -24.08
CA ASN A 185 22.01 -119.31 -22.93
C ASN A 185 22.15 -118.12 -22.00
N ALA A 186 23.38 -117.66 -21.78
CA ALA A 186 23.59 -116.47 -20.96
C ALA A 186 22.95 -115.25 -21.60
N LEU A 187 23.02 -115.13 -22.92
CA LEU A 187 22.29 -114.06 -23.61
C LEU A 187 20.79 -114.20 -23.38
N ASP A 188 20.27 -115.43 -23.42
CA ASP A 188 18.84 -115.64 -23.23
C ASP A 188 18.37 -115.23 -21.84
N GLY A 189 19.26 -115.20 -20.86
CA GLY A 189 18.90 -114.84 -19.51
C GLY A 189 18.80 -113.35 -19.23
N SER A 190 19.04 -112.51 -20.23
CA SER A 190 18.98 -111.05 -20.04
C SER A 190 17.54 -110.55 -20.18
N ILE A 191 16.71 -110.96 -19.23
CA ILE A 191 15.32 -110.51 -19.19
C ILE A 191 15.26 -109.14 -18.53
N ILE A 192 14.20 -108.40 -18.84
CA ILE A 192 14.02 -107.04 -18.36
C ILE A 192 12.82 -106.99 -17.43
N GLU A 193 13.00 -106.37 -16.28
CA GLU A 193 11.96 -106.19 -15.28
C GLU A 193 11.50 -104.75 -15.25
N ASN A 194 10.61 -104.43 -14.32
CA ASN A 194 10.05 -103.10 -14.18
C ASN A 194 10.30 -102.56 -12.78
N GLY A 195 10.49 -101.25 -12.70
CA GLY A 195 10.71 -100.60 -11.42
C GLY A 195 10.14 -99.21 -11.43
N ASN A 196 9.72 -98.75 -10.25
CA ASN A 196 9.07 -97.44 -10.12
C ASN A 196 10.09 -96.40 -9.66
N VAL A 197 10.15 -95.30 -10.40
CA VAL A 197 11.00 -94.16 -10.06
C VAL A 197 10.18 -92.89 -10.23
N ALA A 198 10.08 -92.10 -9.17
CA ALA A 198 9.31 -90.85 -9.18
C ALA A 198 7.88 -91.08 -9.67
N THR A 199 7.26 -92.14 -9.14
CA THR A 199 5.90 -92.54 -9.50
C THR A 199 5.80 -92.75 -11.02
N ARG A 200 6.84 -93.36 -11.58
CA ARG A 200 6.88 -93.71 -12.99
C ARG A 200 7.62 -95.04 -13.14
N ASP A 201 7.10 -95.89 -14.01
CA ASP A 201 7.71 -97.20 -14.25
C ASP A 201 8.83 -97.08 -15.27
N VAL A 202 9.99 -97.67 -14.95
CA VAL A 202 11.15 -97.65 -15.81
C VAL A 202 11.66 -99.06 -15.98
N ASP A 203 12.38 -99.31 -17.07
CA ASP A 203 12.94 -100.62 -17.35
C ASP A 203 14.26 -100.79 -16.61
N VAL A 204 14.41 -101.91 -15.91
CA VAL A 204 15.60 -102.19 -15.12
C VAL A 204 16.22 -103.50 -15.62
N PHE A 205 17.54 -103.51 -15.73
CA PHE A 205 18.26 -104.69 -16.18
C PHE A 205 19.68 -104.62 -15.63
N ILE A 206 20.44 -105.70 -15.85
CA ILE A 206 21.80 -105.80 -15.36
C ILE A 206 22.77 -105.67 -16.52
N GLY A 207 23.95 -105.12 -16.23
CA GLY A 207 24.96 -104.92 -17.25
C GLY A 207 26.36 -104.90 -16.67
N ALA A 208 27.31 -104.35 -17.43
CA ALA A 208 28.71 -104.29 -17.02
C ALA A 208 29.23 -102.88 -17.21
N CYS A 209 29.93 -102.37 -16.21
CA CYS A 209 30.52 -101.03 -16.28
C CYS A 209 31.66 -100.94 -15.27
N SER A 210 32.52 -99.95 -15.48
CA SER A 210 33.64 -99.71 -14.59
C SER A 210 33.18 -99.00 -13.33
N GLU A 211 33.92 -99.22 -12.23
CA GLU A 211 33.54 -98.65 -10.95
C GLU A 211 33.52 -97.12 -10.95
N PRO A 212 34.56 -96.41 -11.41
CA PRO A 212 34.48 -94.94 -11.39
C PRO A 212 33.35 -94.37 -12.22
N VAL A 213 33.04 -94.96 -13.36
CA VAL A 213 31.92 -94.47 -14.18
C VAL A 213 30.58 -94.81 -13.52
N TYR A 214 30.48 -96.01 -12.95
CA TYR A 214 29.24 -96.42 -12.27
C TYR A 214 28.95 -95.53 -11.07
N ARG A 215 30.00 -95.08 -10.37
CA ARG A 215 29.80 -94.18 -9.24
C ARG A 215 29.13 -92.88 -9.68
N ILE A 216 29.64 -92.29 -10.77
CA ILE A 216 29.09 -91.03 -11.25
C ILE A 216 27.68 -91.26 -11.79
N TYR A 217 27.45 -92.39 -12.45
CA TYR A 217 26.11 -92.70 -12.95
C TYR A 217 25.11 -92.79 -11.81
N ASN A 218 25.49 -93.49 -10.73
CA ASN A 218 24.60 -93.61 -9.58
C ASN A 218 24.37 -92.26 -8.92
N ARG A 219 25.41 -91.42 -8.84
CA ARG A 219 25.24 -90.09 -8.27
C ARG A 219 24.27 -89.26 -9.09
N LEU A 220 24.40 -89.31 -10.42
CA LEU A 220 23.48 -88.58 -11.29
C LEU A 220 22.05 -89.07 -11.11
N GLN A 221 21.86 -90.39 -11.07
CA GLN A 221 20.52 -90.92 -10.88
C GLN A 221 19.92 -90.47 -9.55
N GLY A 222 20.71 -90.56 -8.47
CA GLY A 222 20.22 -90.14 -7.17
C GLY A 222 19.87 -88.66 -7.13
N TYR A 223 20.66 -87.84 -7.81
CA TYR A 223 20.31 -86.42 -7.94
C TYR A 223 18.99 -86.25 -8.67
N ILE A 224 18.76 -87.07 -9.71
CA ILE A 224 17.50 -86.97 -10.46
C ILE A 224 16.32 -87.28 -9.55
N GLU A 225 16.43 -88.35 -8.74
CA GLU A 225 15.32 -88.63 -7.83
C GLU A 225 15.18 -87.56 -6.75
N ALA A 226 16.31 -87.01 -6.29
CA ALA A 226 16.26 -86.05 -5.18
C ALA A 226 15.59 -84.75 -5.60
N VAL A 227 15.84 -84.29 -6.83
CA VAL A 227 15.32 -83.00 -7.26
C VAL A 227 13.79 -83.01 -7.33
N GLN A 228 13.20 -84.15 -7.70
CA GLN A 228 11.78 -84.19 -8.02
C GLN A 228 10.88 -83.87 -6.83
N LEU A 229 11.43 -83.82 -5.62
CA LEU A 229 10.60 -83.63 -4.43
C LEU A 229 10.07 -82.20 -4.35
N GLN A 230 10.96 -81.22 -4.19
CA GLN A 230 10.51 -79.88 -3.86
C GLN A 230 11.16 -78.79 -4.72
N GLU A 231 12.37 -79.05 -5.22
CA GLU A 231 13.15 -78.00 -5.87
C GLU A 231 12.46 -77.45 -7.11
N LEU A 232 11.90 -78.34 -7.94
CA LEU A 232 11.32 -77.92 -9.20
C LEU A 232 10.15 -76.97 -8.99
N ARG A 233 9.26 -77.31 -8.04
CA ARG A 233 8.09 -76.47 -7.78
C ARG A 233 8.51 -75.09 -7.28
N ASN A 234 9.49 -75.04 -6.37
CA ASN A 234 9.96 -73.75 -5.87
C ASN A 234 10.59 -72.92 -6.99
N SER A 235 11.37 -73.56 -7.86
CA SER A 235 11.97 -72.83 -8.97
C SER A 235 10.92 -72.27 -9.91
N ILE A 236 9.89 -73.06 -10.22
CA ILE A 236 8.82 -72.57 -11.09
C ILE A 236 8.06 -71.44 -10.43
N GLY A 237 7.80 -71.54 -9.13
CA GLY A 237 7.13 -70.46 -8.43
C GLY A 237 7.94 -69.17 -8.43
N TRP A 238 9.25 -69.28 -8.23
CA TRP A 238 10.09 -68.09 -8.26
C TRP A 238 10.11 -67.48 -9.66
N LEU A 239 10.15 -68.32 -10.69
CA LEU A 239 10.09 -67.81 -12.06
C LEU A 239 8.78 -67.09 -12.32
N GLU A 240 7.67 -67.66 -11.81
CA GLU A 240 6.38 -67.00 -11.95
C GLU A 240 6.37 -65.64 -11.27
N ARG A 241 6.94 -65.57 -10.06
CA ARG A 241 6.99 -64.29 -9.35
C ARG A 241 7.82 -63.27 -10.10
N LEU A 242 8.97 -63.69 -10.63
CA LEU A 242 9.82 -62.77 -11.38
C LEU A 242 9.12 -62.27 -12.64
N GLY A 243 8.43 -63.16 -13.35
CA GLY A 243 7.63 -62.71 -14.49
C GLY A 243 6.52 -61.77 -14.09
N HIS A 244 5.94 -61.99 -12.90
CA HIS A 244 4.91 -61.09 -12.40
C HIS A 244 5.46 -59.69 -12.18
N ARG A 245 6.64 -59.58 -11.55
CA ARG A 245 7.18 -58.25 -11.29
C ARG A 245 7.64 -57.57 -12.57
N LYS A 246 8.41 -58.27 -13.39
CA LYS A 246 9.05 -57.67 -14.56
C LYS A 246 8.13 -57.56 -15.77
N ARG A 247 6.82 -57.71 -15.59
CA ARG A 247 5.85 -57.59 -16.67
C ARG A 247 6.15 -58.55 -17.81
N ILE A 248 6.54 -59.78 -17.46
CA ILE A 248 6.89 -60.81 -18.42
C ILE A 248 5.84 -61.92 -18.34
N THR A 249 5.29 -62.30 -19.49
CA THR A 249 4.31 -63.37 -19.59
C THR A 249 4.96 -64.57 -20.25
N TYR A 250 5.00 -65.69 -19.53
CA TYR A 250 5.59 -66.92 -20.01
C TYR A 250 4.51 -67.87 -20.52
N SER A 251 4.89 -68.72 -21.47
CA SER A 251 3.98 -69.71 -21.99
C SER A 251 3.71 -70.79 -20.96
N GLN A 252 2.62 -71.53 -21.17
CA GLN A 252 2.27 -72.63 -20.27
C GLN A 252 3.28 -73.76 -20.32
N GLU A 253 4.09 -73.83 -21.38
CA GLU A 253 5.13 -74.85 -21.47
C GLU A 253 6.22 -74.66 -20.42
N VAL A 254 6.29 -73.49 -19.80
CA VAL A 254 7.33 -73.20 -18.82
C VAL A 254 6.73 -73.26 -17.42
N LEU A 255 5.44 -72.98 -17.30
CA LEU A 255 4.78 -72.83 -16.01
C LEU A 255 4.11 -74.10 -15.51
N THR A 256 3.39 -74.81 -16.37
CA THR A 256 2.61 -75.97 -15.94
C THR A 256 2.99 -77.26 -16.64
N ASP A 257 4.01 -77.26 -17.49
CA ASP A 257 4.35 -78.47 -18.23
C ASP A 257 5.01 -79.53 -17.35
N PHE A 258 5.53 -79.14 -16.18
CA PHE A 258 6.23 -80.10 -15.33
C PHE A 258 5.29 -81.02 -14.56
N ARG A 259 4.00 -80.75 -14.55
CA ARG A 259 3.04 -81.57 -13.82
C ARG A 259 2.55 -82.76 -14.63
N ARG A 260 3.02 -82.93 -15.86
CA ARG A 260 2.64 -84.09 -16.65
C ARG A 260 3.25 -85.36 -16.07
N GLN A 261 2.59 -86.48 -16.34
CA GLN A 261 3.07 -87.78 -15.87
C GLN A 261 3.98 -88.47 -16.87
N ASP A 262 4.18 -87.90 -18.06
CA ASP A 262 5.04 -88.49 -19.08
C ASP A 262 6.30 -87.69 -19.31
N THR A 263 6.72 -86.88 -18.34
CA THR A 263 7.89 -86.03 -18.50
C THR A 263 8.70 -86.01 -17.21
N ILE A 264 10.02 -86.17 -17.33
CA ILE A 264 10.96 -85.97 -16.24
C ILE A 264 11.75 -84.70 -16.50
N TRP A 265 11.77 -83.80 -15.54
CA TRP A 265 12.57 -82.59 -15.60
C TRP A 265 13.82 -82.79 -14.76
N VAL A 266 14.97 -82.86 -15.42
CA VAL A 266 16.25 -82.91 -14.72
C VAL A 266 16.73 -81.47 -14.54
N LEU A 267 16.73 -81.01 -13.28
CA LEU A 267 17.02 -79.62 -12.96
C LEU A 267 18.53 -79.44 -12.82
N ALA A 268 19.19 -79.29 -13.97
CA ALA A 268 20.63 -79.04 -13.95
C ALA A 268 20.95 -77.71 -13.29
N LEU A 269 20.13 -76.70 -13.52
CA LEU A 269 20.33 -75.36 -12.98
C LEU A 269 19.15 -74.98 -12.11
N GLN A 270 19.42 -74.46 -10.91
CA GLN A 270 18.38 -74.05 -9.98
C GLN A 270 18.19 -72.54 -10.07
N LEU A 271 16.93 -72.12 -10.15
CA LEU A 271 16.59 -70.72 -10.41
C LEU A 271 16.85 -69.78 -9.23
N PRO A 272 16.35 -70.07 -8.00
CA PRO A 272 16.51 -69.07 -6.93
C PRO A 272 17.96 -68.94 -6.47
N VAL A 273 18.78 -68.30 -7.31
CA VAL A 273 20.19 -68.13 -7.00
C VAL A 273 20.36 -67.01 -5.99
N ASN A 274 21.15 -67.27 -4.95
CA ASN A 274 21.46 -66.23 -3.97
C ASN A 274 22.43 -65.23 -4.59
N PRO A 275 22.15 -63.93 -4.50
CA PRO A 275 23.04 -62.94 -5.13
C PRO A 275 24.40 -62.80 -4.46
N GLN A 276 24.58 -63.38 -3.27
CA GLN A 276 25.86 -63.24 -2.58
C GLN A 276 27.00 -63.87 -3.38
N VAL A 277 26.72 -64.95 -4.11
CA VAL A 277 27.77 -65.61 -4.89
C VAL A 277 28.30 -64.67 -5.96
N VAL A 278 27.40 -63.96 -6.64
CA VAL A 278 27.83 -63.06 -7.72
C VAL A 278 28.62 -61.90 -7.16
N TRP A 279 28.21 -61.35 -6.02
CA TRP A 279 28.84 -60.15 -5.48
C TRP A 279 30.03 -60.43 -4.59
N ASP A 280 30.31 -61.70 -4.26
CA ASP A 280 31.44 -62.01 -3.40
C ASP A 280 32.77 -62.02 -4.14
N VAL A 281 32.74 -62.10 -5.46
CA VAL A 281 34.01 -62.06 -6.23
C VAL A 281 34.61 -60.65 -6.10
N PRO A 282 35.90 -60.54 -5.77
CA PRO A 282 36.46 -59.22 -5.44
C PRO A 282 36.58 -58.32 -6.66
N ARG A 283 36.24 -57.05 -6.45
CA ARG A 283 36.45 -55.98 -7.43
C ARG A 283 35.79 -56.30 -8.77
N SER A 284 34.46 -56.41 -8.73
CA SER A 284 33.68 -56.73 -9.91
C SER A 284 32.52 -55.77 -10.12
N SER A 285 32.55 -54.60 -9.49
CA SER A 285 31.45 -53.65 -9.64
C SER A 285 31.30 -53.21 -11.09
N ILE A 286 32.42 -52.92 -11.76
CA ILE A 286 32.37 -52.50 -13.16
C ILE A 286 31.78 -53.59 -14.04
N ALA A 287 32.24 -54.83 -13.84
CA ALA A 287 31.73 -55.95 -14.64
C ALA A 287 30.25 -56.17 -14.39
N ASN A 288 29.82 -56.08 -13.13
CA ASN A 288 28.41 -56.27 -12.81
C ASN A 288 27.55 -55.19 -13.47
N LEU A 289 28.01 -53.93 -13.41
CA LEU A 289 27.27 -52.85 -14.04
C LEU A 289 27.20 -53.02 -15.55
N ILE A 290 28.31 -53.42 -16.17
CA ILE A 290 28.32 -53.63 -17.62
C ILE A 290 27.37 -54.75 -18.01
N MET A 291 27.39 -55.86 -17.28
CA MET A 291 26.50 -56.96 -17.62
C MET A 291 25.05 -56.57 -17.39
N ASN A 292 24.79 -55.77 -16.36
CA ASN A 292 23.43 -55.28 -16.13
C ASN A 292 22.95 -54.43 -17.30
N ILE A 293 23.81 -53.55 -17.82
CA ILE A 293 23.45 -52.77 -18.98
C ILE A 293 23.20 -53.67 -20.18
N ALA A 294 24.07 -54.66 -20.38
CA ALA A 294 24.03 -55.45 -21.60
C ALA A 294 22.83 -56.38 -21.64
N THR A 295 22.46 -56.98 -20.51
CA THR A 295 21.54 -58.11 -20.55
C THR A 295 20.07 -57.68 -20.59
N CYS A 296 19.72 -56.53 -20.02
CA CYS A 296 18.31 -56.20 -19.85
C CYS A 296 17.95 -54.75 -20.18
N LEU A 297 18.84 -54.01 -20.82
CA LEU A 297 18.47 -52.65 -21.22
C LEU A 297 17.64 -52.68 -22.48
N PRO A 298 16.46 -52.04 -22.49
CA PRO A 298 15.67 -51.97 -23.72
C PRO A 298 16.30 -51.06 -24.75
N THR A 299 15.89 -51.24 -25.99
CA THR A 299 16.35 -50.42 -27.11
C THR A 299 15.29 -49.39 -27.47
N GLY A 300 15.74 -48.24 -27.94
CA GLY A 300 14.82 -47.17 -28.25
C GLY A 300 15.48 -46.07 -29.05
N GLU A 301 14.76 -44.95 -29.15
CA GLU A 301 15.16 -43.82 -29.96
C GLU A 301 15.13 -42.55 -29.12
N TYR A 302 15.90 -41.56 -29.56
CA TYR A 302 15.83 -40.21 -29.00
C TYR A 302 14.95 -39.36 -29.90
N ILE A 303 13.93 -38.75 -29.31
CA ILE A 303 12.99 -37.92 -30.06
C ILE A 303 13.00 -36.52 -29.49
N ALA A 304 12.96 -35.53 -30.38
CA ALA A 304 12.84 -34.15 -29.97
C ALA A 304 11.46 -33.90 -29.37
N PRO A 305 11.31 -32.85 -28.57
CA PRO A 305 9.99 -32.52 -28.04
C PRO A 305 9.02 -32.13 -29.15
N ASN A 306 7.78 -31.88 -28.75
CA ASN A 306 6.75 -31.52 -29.72
C ASN A 306 7.16 -30.24 -30.46
N PRO A 307 7.16 -30.25 -31.79
CA PRO A 307 7.49 -29.02 -32.53
C PRO A 307 6.52 -27.88 -32.27
N ARG A 308 5.43 -28.13 -31.56
CA ARG A 308 4.52 -27.09 -31.10
C ARG A 308 5.12 -26.22 -30.01
N ILE A 309 6.36 -26.45 -29.62
CA ILE A 309 7.06 -25.60 -28.66
C ILE A 309 8.17 -24.88 -29.41
N SER A 310 8.08 -23.56 -29.45
CA SER A 310 9.02 -22.75 -30.21
C SER A 310 10.35 -22.65 -29.47
N SER A 311 11.35 -22.12 -30.17
CA SER A 311 12.66 -21.91 -29.58
C SER A 311 12.58 -20.89 -28.45
N ILE A 312 13.36 -21.11 -27.39
CA ILE A 312 13.34 -20.22 -26.25
C ILE A 312 14.05 -18.91 -26.61
N THR A 313 13.41 -17.79 -26.33
CA THR A 313 13.95 -16.47 -26.60
C THR A 313 14.41 -15.84 -25.29
N LEU A 314 15.64 -15.33 -25.27
CA LEU A 314 16.23 -14.78 -24.06
C LEU A 314 15.89 -13.30 -23.93
N THR A 315 15.50 -12.89 -22.72
CA THR A 315 15.16 -11.50 -22.44
C THR A 315 16.42 -10.73 -22.05
N GLN A 316 17.26 -10.50 -23.06
CA GLN A 316 18.51 -9.79 -22.88
C GLN A 316 18.66 -8.73 -23.94
N ARG A 317 19.28 -7.60 -23.58
CA ARG A 317 19.53 -6.55 -24.54
C ARG A 317 20.51 -7.03 -25.60
N ILE A 318 20.31 -6.57 -26.84
CA ILE A 318 20.92 -7.21 -28.00
C ILE A 318 22.39 -6.84 -28.08
N THR A 319 23.24 -7.86 -28.13
CA THR A 319 24.62 -7.69 -28.54
C THR A 319 24.77 -8.14 -29.99
N THR A 320 25.76 -7.57 -30.68
CA THR A 320 25.81 -7.66 -32.13
C THR A 320 26.02 -9.08 -32.65
N THR A 321 26.52 -10.00 -31.82
CA THR A 321 26.83 -11.35 -32.28
C THR A 321 26.18 -12.44 -31.44
N GLY A 322 25.42 -12.08 -30.42
CA GLY A 322 24.80 -13.05 -29.55
C GLY A 322 23.64 -13.76 -30.20
N PRO A 323 23.24 -14.91 -29.64
CA PRO A 323 22.09 -15.65 -30.18
C PRO A 323 20.78 -15.11 -29.63
N PHE A 324 19.88 -14.70 -30.53
CA PHE A 324 18.55 -14.28 -30.11
C PHE A 324 17.80 -15.42 -29.43
N ALA A 325 17.91 -16.63 -29.99
CA ALA A 325 17.23 -17.80 -29.45
C ALA A 325 18.12 -19.02 -29.63
N ILE A 326 17.83 -20.06 -28.86
CA ILE A 326 18.54 -21.33 -28.96
C ILE A 326 17.57 -22.37 -29.49
N LEU A 327 17.86 -22.91 -30.67
CA LEU A 327 16.95 -23.84 -31.31
C LEU A 327 16.86 -25.16 -30.55
N THR A 328 15.72 -25.83 -30.70
CA THR A 328 15.50 -27.13 -30.10
C THR A 328 15.46 -28.27 -31.10
N GLY A 329 15.14 -28.00 -32.37
CA GLY A 329 15.14 -29.02 -33.39
C GLY A 329 16.48 -29.25 -34.07
N SER A 330 17.50 -28.48 -33.70
CA SER A 330 18.82 -28.65 -34.31
C SER A 330 19.43 -29.98 -33.93
N THR A 331 20.12 -30.61 -34.88
CA THR A 331 20.72 -31.91 -34.67
C THR A 331 22.11 -31.74 -34.08
N PRO A 332 22.40 -32.36 -32.94
CA PRO A 332 23.73 -32.24 -32.34
C PRO A 332 24.77 -33.05 -33.10
N THR A 333 26.03 -32.70 -32.86
CA THR A 333 27.13 -33.45 -33.44
C THR A 333 27.28 -34.81 -32.76
N ALA A 334 28.13 -35.66 -33.33
CA ALA A 334 28.31 -37.00 -32.79
C ALA A 334 28.89 -36.96 -31.37
N GLN A 335 29.82 -36.03 -31.12
CA GLN A 335 30.38 -35.90 -29.78
C GLN A 335 29.33 -35.48 -28.77
N GLN A 336 28.47 -34.54 -29.15
CA GLN A 336 27.37 -34.16 -28.27
C GLN A 336 26.37 -35.30 -28.09
N LEU A 337 26.20 -36.14 -29.12
CA LEU A 337 25.37 -37.33 -28.96
C LEU A 337 25.99 -38.29 -27.94
N ASN A 338 27.30 -38.45 -27.98
CA ASN A 338 27.97 -39.28 -26.97
C ASN A 338 27.79 -38.69 -25.57
N ASP A 339 27.88 -37.36 -25.47
CA ASP A 339 27.72 -36.70 -24.18
C ASP A 339 26.30 -36.87 -23.63
N VAL A 340 25.29 -36.74 -24.48
CA VAL A 340 23.91 -36.92 -24.00
C VAL A 340 23.66 -38.40 -23.67
N ARG A 341 24.30 -39.32 -24.40
CA ARG A 341 24.26 -40.72 -24.01
C ARG A 341 24.84 -40.91 -22.62
N LYS A 342 25.96 -40.25 -22.32
CA LYS A 342 26.53 -40.32 -20.99
C LYS A 342 25.56 -39.79 -19.95
N ILE A 343 24.92 -38.66 -20.24
CA ILE A 343 23.97 -38.06 -19.29
C ILE A 343 22.85 -39.04 -18.99
N TYR A 344 22.25 -39.63 -20.04
CA TYR A 344 21.13 -40.54 -19.82
C TYR A 344 21.58 -41.81 -19.11
N LEU A 345 22.76 -42.33 -19.46
CA LEU A 345 23.26 -43.54 -18.82
C LEU A 345 23.49 -43.32 -17.33
N ALA A 346 24.03 -42.16 -16.97
CA ALA A 346 24.22 -41.86 -15.55
C ALA A 346 22.90 -41.59 -14.84
N LEU A 347 21.93 -40.99 -15.56
CA LEU A 347 20.62 -40.76 -14.95
C LEU A 347 19.92 -42.09 -14.63
N MET A 348 20.02 -43.07 -15.53
CA MET A 348 19.35 -44.34 -15.32
C MET A 348 20.02 -45.21 -14.26
N PHE A 349 21.21 -44.85 -13.80
CA PHE A 349 21.91 -45.55 -12.72
C PHE A 349 22.23 -44.53 -11.64
N PRO A 350 21.39 -44.44 -10.60
CA PRO A 350 21.44 -43.29 -9.68
C PRO A 350 22.79 -43.06 -9.00
N GLY A 351 23.28 -44.04 -8.27
CA GLY A 351 24.44 -43.81 -7.43
C GLY A 351 25.75 -44.36 -7.98
N GLN A 352 25.69 -45.09 -9.08
CA GLN A 352 26.87 -45.77 -9.58
C GLN A 352 27.67 -44.95 -10.58
N ILE A 353 27.03 -44.01 -11.29
CA ILE A 353 27.71 -43.20 -12.30
C ILE A 353 27.41 -41.74 -12.01
N ILE A 354 28.45 -40.89 -12.11
CA ILE A 354 28.37 -39.49 -11.75
C ILE A 354 28.94 -38.64 -12.89
N LEU A 355 28.33 -37.49 -13.14
CA LEU A 355 28.78 -36.60 -14.19
C LEU A 355 29.96 -35.74 -13.72
N ASP A 356 30.54 -35.00 -14.66
CA ASP A 356 31.59 -34.03 -14.39
C ASP A 356 31.75 -33.13 -15.60
N LEU A 357 31.99 -31.84 -15.36
CA LEU A 357 32.18 -30.91 -16.46
C LEU A 357 33.52 -31.10 -17.14
N LYS A 358 33.57 -30.70 -18.41
CA LYS A 358 34.82 -30.66 -19.17
C LYS A 358 34.73 -29.51 -20.15
N ILE A 359 35.80 -28.71 -20.23
CA ILE A 359 35.84 -27.53 -21.09
C ILE A 359 36.92 -27.75 -22.14
N ASP A 360 36.54 -27.65 -23.41
CA ASP A 360 37.52 -27.80 -24.47
C ASP A 360 38.26 -26.48 -24.70
N PRO A 361 39.54 -26.55 -25.08
CA PRO A 361 40.27 -25.30 -25.36
C PRO A 361 39.65 -24.46 -26.46
N GLY A 362 39.09 -25.11 -27.49
CA GLY A 362 38.42 -24.40 -28.55
C GLY A 362 36.92 -24.43 -28.38
N GLU A 363 36.20 -24.67 -29.48
CA GLU A 363 34.73 -24.76 -29.47
C GLU A 363 34.12 -23.51 -28.84
N ARG A 364 34.35 -22.38 -29.52
CA ARG A 364 33.89 -21.09 -29.03
C ARG A 364 32.38 -21.10 -28.85
N MET A 365 31.94 -20.86 -27.62
CA MET A 365 30.52 -20.88 -27.26
C MET A 365 30.13 -19.54 -26.66
N ASP A 366 28.94 -19.07 -27.00
CA ASP A 366 28.43 -17.85 -26.39
C ASP A 366 28.14 -18.10 -24.90
N PRO A 367 28.20 -17.06 -24.08
CA PRO A 367 27.86 -17.25 -22.65
C PRO A 367 26.42 -17.68 -22.42
N ALA A 368 25.53 -17.46 -23.39
CA ALA A 368 24.12 -17.77 -23.19
C ALA A 368 23.88 -19.27 -23.01
N VAL A 369 24.57 -20.10 -23.80
CA VAL A 369 24.33 -21.55 -23.72
C VAL A 369 24.74 -22.09 -22.36
N ARG A 370 25.90 -21.67 -21.86
CA ARG A 370 26.31 -22.07 -20.51
C ARG A 370 25.36 -21.49 -19.47
N MET A 371 24.92 -20.24 -19.67
CA MET A 371 24.11 -19.55 -18.70
C MET A 371 22.71 -20.14 -18.58
N VAL A 372 22.23 -20.83 -19.63
CA VAL A 372 20.96 -21.53 -19.57
C VAL A 372 21.14 -23.02 -19.23
N ALA A 373 22.32 -23.60 -19.52
CA ALA A 373 22.61 -24.93 -19.03
C ALA A 373 22.68 -24.93 -17.50
N GLY A 374 23.20 -23.85 -16.93
CA GLY A 374 23.15 -23.71 -15.48
C GLY A 374 21.74 -23.67 -14.94
N VAL A 375 20.78 -23.22 -15.76
CA VAL A 375 19.38 -23.25 -15.37
C VAL A 375 18.82 -24.66 -15.45
N VAL A 376 19.06 -25.35 -16.56
CA VAL A 376 18.49 -26.69 -16.75
C VAL A 376 19.13 -27.72 -15.84
N GLY A 377 20.34 -27.48 -15.36
CA GLY A 377 21.00 -28.44 -14.50
C GLY A 377 20.28 -28.63 -13.17
N HIS A 378 19.73 -27.55 -12.63
CA HIS A 378 18.98 -27.63 -11.38
C HIS A 378 17.69 -28.43 -11.51
N LEU A 379 17.26 -28.72 -12.74
CA LEU A 379 16.05 -29.50 -12.97
C LEU A 379 16.33 -30.91 -13.46
N LEU A 380 17.45 -31.14 -14.15
CA LEU A 380 17.73 -32.48 -14.66
C LEU A 380 18.22 -33.44 -13.58
N PHE A 381 18.85 -32.94 -12.52
CA PHE A 381 19.57 -33.79 -11.59
C PHE A 381 19.14 -33.55 -10.15
N THR A 382 19.38 -34.55 -9.30
CA THR A 382 19.15 -34.46 -7.87
C THR A 382 20.50 -34.48 -7.15
N ALA A 383 20.59 -33.71 -6.07
CA ALA A 383 21.87 -33.45 -5.41
C ALA A 383 21.73 -33.57 -3.89
N GLY A 384 21.13 -34.65 -3.42
CA GLY A 384 21.09 -34.89 -2.00
C GLY A 384 19.92 -35.78 -1.61
N GLY A 385 19.70 -35.86 -0.31
CA GLY A 385 18.63 -36.66 0.26
C GLY A 385 19.01 -38.11 0.44
N ARG A 386 19.04 -38.87 -0.65
CA ARG A 386 19.38 -40.29 -0.61
C ARG A 386 20.59 -40.64 -1.46
N PHE A 387 20.78 -39.96 -2.58
CA PHE A 387 21.88 -40.25 -3.50
C PHE A 387 22.17 -38.99 -4.30
N THR A 388 23.21 -39.06 -5.13
CA THR A 388 23.59 -37.94 -5.97
C THR A 388 23.89 -38.43 -7.37
N ASN A 389 23.60 -37.57 -8.36
CA ASN A 389 23.95 -37.83 -9.74
C ASN A 389 25.10 -36.98 -10.23
N LEU A 390 25.55 -36.01 -9.43
CA LEU A 390 26.58 -35.07 -9.84
C LEU A 390 27.55 -34.82 -8.68
N THR A 391 28.79 -34.51 -9.04
CA THR A 391 29.81 -34.23 -8.04
C THR A 391 29.66 -32.82 -7.49
N GLN A 392 30.38 -32.55 -6.40
CA GLN A 392 30.29 -31.24 -5.76
C GLN A 392 30.81 -30.13 -6.65
N ASN A 393 31.83 -30.42 -7.46
CA ASN A 393 32.33 -29.42 -8.40
C ASN A 393 31.26 -29.01 -9.38
N MET A 394 30.50 -29.97 -9.90
CA MET A 394 29.41 -29.64 -10.81
C MET A 394 28.35 -28.81 -10.10
N ALA A 395 28.06 -29.12 -8.84
CA ALA A 395 27.10 -28.34 -8.08
C ALA A 395 27.55 -26.89 -7.94
N ARG A 396 28.83 -26.68 -7.61
CA ARG A 396 29.34 -25.33 -7.48
C ARG A 396 29.30 -24.59 -8.81
N GLN A 397 29.69 -25.26 -9.90
CA GLN A 397 29.68 -24.62 -11.21
C GLN A 397 28.26 -24.22 -11.62
N LEU A 398 27.30 -25.11 -11.40
CA LEU A 398 25.92 -24.81 -11.74
C LEU A 398 25.37 -23.67 -10.90
N ASP A 399 25.72 -23.64 -9.61
CA ASP A 399 25.27 -22.54 -8.75
C ASP A 399 25.86 -21.22 -9.22
N ILE A 400 27.14 -21.21 -9.59
CA ILE A 400 27.76 -19.98 -10.09
C ILE A 400 27.09 -19.52 -11.38
N ALA A 401 26.81 -20.47 -12.28
CA ALA A 401 26.15 -20.12 -13.54
C ALA A 401 24.76 -19.54 -13.29
N LEU A 402 24.01 -20.14 -12.37
CA LEU A 402 22.68 -19.61 -12.04
C LEU A 402 22.79 -18.23 -11.42
N ASN A 403 23.78 -18.01 -10.56
CA ASN A 403 23.99 -16.69 -9.97
C ASN A 403 24.25 -15.65 -11.06
N ASP A 404 25.12 -15.97 -12.00
CA ASP A 404 25.41 -15.06 -13.10
C ASP A 404 24.17 -14.80 -13.94
N TYR A 405 23.38 -15.84 -14.22
CA TYR A 405 22.16 -15.66 -14.99
C TYR A 405 21.19 -14.74 -14.28
N LEU A 406 21.02 -14.91 -12.97
CA LEU A 406 20.00 -14.16 -12.25
C LEU A 406 20.41 -12.70 -12.06
N LEU A 407 21.71 -12.43 -11.86
CA LEU A 407 22.11 -11.05 -11.64
C LEU A 407 22.43 -10.29 -12.91
N TYR A 408 23.11 -10.94 -13.86
CA TYR A 408 23.75 -10.22 -14.95
C TYR A 408 22.87 -10.10 -16.20
N MET A 409 21.78 -10.85 -16.29
CA MET A 409 20.86 -10.78 -17.41
C MET A 409 19.66 -9.92 -17.08
N TYR A 410 19.43 -8.89 -17.90
CA TYR A 410 18.24 -8.06 -17.79
C TYR A 410 18.06 -7.19 -19.03
N ASN A 411 16.86 -7.20 -19.61
CA ASN A 411 16.52 -6.26 -20.66
C ASN A 411 16.04 -4.92 -20.11
N THR A 412 15.79 -4.86 -18.81
CA THR A 412 15.38 -3.63 -18.14
C THR A 412 15.81 -3.72 -16.68
N ARG A 413 15.82 -2.57 -16.01
CA ARG A 413 16.25 -2.52 -14.63
C ARG A 413 15.36 -3.38 -13.75
N VAL A 414 15.98 -4.17 -12.87
CA VAL A 414 15.27 -5.08 -11.98
C VAL A 414 15.76 -4.85 -10.56
N GLN A 415 14.82 -4.86 -9.61
CA GLN A 415 15.17 -4.68 -8.21
C GLN A 415 15.96 -5.88 -7.70
N VAL A 416 16.94 -5.61 -6.83
CA VAL A 416 17.79 -6.66 -6.29
C VAL A 416 18.29 -6.22 -4.92
N ASN A 417 18.45 -7.20 -4.02
CA ASN A 417 18.99 -6.97 -2.70
C ASN A 417 20.08 -8.01 -2.45
N TYR A 418 21.06 -7.65 -1.62
CA TYR A 418 22.24 -8.47 -1.41
C TYR A 418 22.38 -8.86 0.05
N GLY A 419 23.03 -10.00 0.28
CA GLY A 419 23.23 -10.52 1.61
C GLY A 419 24.64 -10.29 2.12
N PRO A 420 24.86 -10.52 3.42
CA PRO A 420 26.18 -10.24 3.99
C PRO A 420 27.24 -11.26 3.61
N THR A 421 26.91 -12.55 3.63
CA THR A 421 27.92 -13.59 3.46
C THR A 421 28.46 -13.59 2.03
N GLY A 422 29.72 -14.01 1.90
CA GLY A 422 30.39 -14.05 0.62
C GLY A 422 30.29 -15.39 -0.10
N GLU A 423 29.09 -15.79 -0.45
CA GLU A 423 28.83 -17.03 -1.16
C GLU A 423 27.89 -16.75 -2.32
N PRO A 424 27.90 -17.60 -3.36
CA PRO A 424 26.95 -17.42 -4.46
C PRO A 424 25.51 -17.62 -3.99
N LEU A 425 24.60 -16.90 -4.64
CA LEU A 425 23.16 -16.99 -4.37
C LEU A 425 22.84 -16.59 -2.92
N ASP A 426 23.42 -15.48 -2.49
CA ASP A 426 23.08 -14.87 -1.20
C ASP A 426 22.17 -13.66 -1.35
N PHE A 427 21.59 -13.46 -2.52
CA PHE A 427 20.84 -12.27 -2.85
C PHE A 427 19.34 -12.53 -2.81
N GLN A 428 18.58 -11.43 -2.79
CA GLN A 428 17.14 -11.46 -2.92
C GLN A 428 16.74 -10.61 -4.13
N ILE A 429 15.95 -11.18 -5.02
CA ILE A 429 15.66 -10.55 -6.31
C ILE A 429 14.16 -10.34 -6.44
N GLY A 430 13.79 -9.39 -7.29
CA GLY A 430 12.40 -9.10 -7.58
C GLY A 430 11.77 -8.13 -6.59
N ARG A 431 10.57 -7.69 -6.95
CA ARG A 431 9.82 -6.83 -6.05
C ARG A 431 9.52 -7.53 -4.74
N ASN A 432 9.12 -8.79 -4.80
CA ASN A 432 8.96 -9.60 -3.61
C ASN A 432 10.33 -10.10 -3.13
N GLN A 433 10.43 -10.32 -1.82
CA GLN A 433 11.69 -10.76 -1.21
C GLN A 433 11.80 -12.28 -1.33
N TYR A 434 12.21 -12.72 -2.53
CA TYR A 434 12.42 -14.14 -2.80
C TYR A 434 13.90 -14.44 -2.57
N ASP A 435 14.21 -15.02 -1.43
CA ASP A 435 15.60 -15.40 -1.13
C ASP A 435 16.01 -16.58 -2.00
N CYS A 436 17.21 -16.50 -2.57
CA CYS A 436 17.74 -17.55 -3.44
C CYS A 436 18.73 -18.45 -2.72
N ASN A 437 18.79 -18.38 -1.39
CA ASN A 437 19.71 -19.25 -0.64
C ASN A 437 19.37 -20.72 -0.80
N VAL A 438 18.08 -21.03 -0.97
CA VAL A 438 17.65 -22.44 -1.03
C VAL A 438 18.21 -23.12 -2.27
N PHE A 439 18.48 -22.37 -3.33
CA PHE A 439 18.97 -22.97 -4.57
C PHE A 439 20.45 -23.32 -4.52
N ARG A 440 21.17 -22.92 -3.48
CA ARG A 440 22.55 -23.35 -3.33
C ARG A 440 22.60 -24.82 -2.93
N ALA A 441 23.46 -25.59 -3.60
CA ALA A 441 23.50 -27.02 -3.40
C ALA A 441 23.98 -27.36 -1.99
N ASP A 442 23.33 -28.35 -1.39
CA ASP A 442 23.73 -28.85 -0.06
C ASP A 442 23.39 -30.33 -0.02
N PHE A 443 24.42 -31.18 -0.09
CA PHE A 443 24.20 -32.61 -0.19
C PHE A 443 23.59 -33.21 1.08
N ALA A 444 23.72 -32.54 2.22
CA ALA A 444 23.16 -33.07 3.45
C ALA A 444 21.65 -33.04 3.45
N THR A 445 21.05 -32.10 2.70
CA THR A 445 19.59 -31.97 2.64
C THR A 445 19.03 -31.98 1.23
N GLY A 446 19.83 -31.72 0.20
CA GLY A 446 19.35 -31.79 -1.17
C GLY A 446 18.32 -30.75 -1.55
N THR A 447 18.51 -29.51 -1.15
CA THR A 447 17.61 -28.44 -1.54
C THR A 447 18.02 -27.86 -2.89
N GLY A 448 17.04 -27.36 -3.63
CA GLY A 448 17.28 -26.74 -4.91
C GLY A 448 17.40 -27.69 -6.07
N TYR A 449 17.23 -29.00 -5.86
CA TYR A 449 17.30 -29.99 -6.92
C TYR A 449 16.08 -30.90 -6.82
N ASN A 450 16.11 -31.98 -7.61
CA ASN A 450 14.95 -32.86 -7.71
C ASN A 450 14.61 -33.51 -6.38
N GLY A 451 15.62 -33.77 -5.53
CA GLY A 451 15.38 -34.42 -4.27
C GLY A 451 14.91 -33.48 -3.18
N TRP A 452 14.21 -32.41 -3.56
CA TRP A 452 13.76 -31.40 -2.62
C TRP A 452 12.44 -31.85 -2.00
N ALA A 453 12.50 -32.29 -0.74
CA ALA A 453 11.32 -32.65 0.04
C ALA A 453 10.49 -33.73 -0.64
N THR A 454 11.15 -34.68 -1.30
CA THR A 454 10.48 -35.79 -1.97
C THR A 454 11.02 -37.11 -1.47
N ILE A 455 10.16 -38.13 -1.46
CA ILE A 455 10.54 -39.47 -1.00
C ILE A 455 11.03 -40.22 -2.23
N ASP A 456 12.34 -40.18 -2.45
CA ASP A 456 12.93 -40.80 -3.63
C ASP A 456 13.02 -42.32 -3.51
N VAL A 457 13.26 -42.84 -2.31
CA VAL A 457 13.49 -44.26 -2.09
C VAL A 457 12.50 -44.78 -1.07
N GLU A 458 11.90 -45.93 -1.37
CA GLU A 458 10.94 -46.56 -0.47
C GLU A 458 10.97 -48.06 -0.67
N TYR A 459 10.53 -48.78 0.35
CA TYR A 459 10.44 -50.24 0.33
C TYR A 459 8.99 -50.65 0.55
N ARG A 460 8.46 -51.50 -0.32
CA ARG A 460 7.04 -51.84 -0.29
C ARG A 460 6.79 -53.32 0.04
N GLU A 461 7.32 -54.24 -0.75
CA GLU A 461 7.17 -55.66 -0.47
C GLU A 461 8.47 -56.36 -0.83
N PRO A 462 8.67 -57.59 -0.36
CA PRO A 462 9.84 -58.36 -0.79
C PRO A 462 9.87 -58.54 -2.31
N ALA A 463 11.07 -58.44 -2.86
CA ALA A 463 11.35 -58.52 -4.28
C ALA A 463 11.78 -59.93 -4.67
N PRO A 464 11.74 -60.26 -5.97
CA PRO A 464 12.28 -61.57 -6.39
C PRO A 464 13.73 -61.78 -5.99
N TYR A 465 14.54 -60.72 -6.03
CA TYR A 465 15.91 -60.77 -5.52
C TYR A 465 15.93 -60.08 -4.16
N VAL A 466 16.39 -60.81 -3.14
CA VAL A 466 16.29 -60.32 -1.77
C VAL A 466 17.27 -59.19 -1.49
N HIS A 467 18.28 -59.01 -2.33
CA HIS A 467 19.31 -57.99 -2.09
C HIS A 467 18.93 -56.61 -2.61
N ALA A 468 17.86 -56.50 -3.39
CA ALA A 468 17.44 -55.22 -3.98
C ALA A 468 15.95 -55.03 -3.70
N GLN A 469 15.65 -54.40 -2.56
CA GLN A 469 14.27 -54.14 -2.18
C GLN A 469 13.81 -52.71 -2.48
N ARG A 470 14.75 -51.81 -2.75
CA ARG A 470 14.42 -50.41 -2.90
C ARG A 470 13.65 -50.15 -4.19
N TYR A 471 12.76 -49.16 -4.14
CA TYR A 471 12.05 -48.65 -5.31
C TYR A 471 12.44 -47.19 -5.50
N ILE A 472 12.95 -46.88 -6.67
CA ILE A 472 13.34 -45.51 -7.01
C ILE A 472 12.18 -44.82 -7.69
N ARG A 473 11.97 -43.54 -7.37
CA ARG A 473 10.89 -42.77 -7.96
C ARG A 473 11.33 -41.32 -8.08
N TYR A 474 11.65 -40.90 -9.30
CA TYR A 474 11.99 -39.50 -9.55
C TYR A 474 10.74 -38.64 -9.50
N CYS A 475 10.85 -37.49 -8.84
CA CYS A 475 9.78 -36.50 -8.74
C CYS A 475 8.52 -37.06 -8.09
N GLY A 476 8.64 -38.16 -7.34
CA GLY A 476 7.49 -38.74 -6.68
C GLY A 476 6.55 -39.49 -7.59
N ILE A 477 6.92 -39.71 -8.85
CA ILE A 477 6.04 -40.41 -9.78
C ILE A 477 6.05 -41.90 -9.47
N ASP A 478 4.86 -42.48 -9.34
CA ASP A 478 4.72 -43.90 -9.05
C ASP A 478 4.79 -44.70 -10.34
N SER A 479 5.57 -45.77 -10.32
CA SER A 479 5.77 -46.62 -11.49
C SER A 479 4.73 -47.73 -11.61
N ARG A 480 3.79 -47.82 -10.66
CA ARG A 480 2.77 -48.85 -10.71
C ARG A 480 1.64 -48.56 -11.68
N GLU A 481 1.54 -47.33 -12.17
CA GLU A 481 0.45 -46.92 -13.05
C GLU A 481 0.99 -46.61 -14.44
N LEU A 482 0.36 -47.19 -15.46
CA LEU A 482 0.73 -46.90 -16.84
C LEU A 482 0.19 -45.53 -17.25
N ILE A 483 0.84 -44.95 -18.26
CA ILE A 483 0.52 -43.61 -18.72
C ILE A 483 0.43 -43.62 -20.25
N ASN A 484 -0.20 -42.57 -20.78
CA ASN A 484 -0.28 -42.35 -22.21
C ASN A 484 0.48 -41.07 -22.56
N PRO A 485 1.40 -41.11 -23.53
CA PRO A 485 2.21 -39.91 -23.82
C PRO A 485 1.39 -38.72 -24.28
N THR A 486 0.23 -38.94 -24.88
CA THR A 486 -0.51 -37.84 -25.49
C THR A 486 -1.01 -36.84 -24.44
N THR A 487 -1.50 -37.32 -23.30
CA THR A 487 -2.14 -36.46 -22.33
C THR A 487 -1.50 -36.44 -20.96
N TYR A 488 -0.54 -37.31 -20.67
CA TYR A 488 0.07 -37.34 -19.35
C TYR A 488 0.94 -36.11 -19.13
N GLY A 489 1.04 -35.69 -17.87
CA GLY A 489 1.90 -34.60 -17.47
C GLY A 489 1.27 -33.22 -17.55
N ILE A 490 0.03 -33.11 -18.00
CA ILE A 490 -0.62 -31.81 -18.11
C ILE A 490 -1.13 -31.38 -16.74
N GLY A 491 -0.69 -30.22 -16.28
CA GLY A 491 -1.15 -29.67 -15.02
C GLY A 491 -0.76 -30.45 -13.78
N MET A 492 0.49 -30.91 -13.71
CA MET A 492 1.01 -31.55 -12.51
C MET A 492 2.46 -31.15 -12.32
N THR A 493 2.82 -30.78 -11.10
CA THR A 493 4.15 -30.25 -10.81
C THR A 493 4.67 -30.86 -9.52
N TYR A 494 5.99 -30.80 -9.37
CA TYR A 494 6.65 -31.12 -8.11
C TYR A 494 7.28 -29.86 -7.53
N HIS A 495 7.81 -30.00 -6.31
CA HIS A 495 8.19 -28.83 -5.52
C HIS A 495 9.29 -28.02 -6.19
N CYS A 496 10.37 -28.69 -6.62
CA CYS A 496 11.51 -27.98 -7.16
C CYS A 496 11.15 -27.20 -8.43
N TYR A 497 10.40 -27.83 -9.33
CA TYR A 497 10.03 -27.16 -10.57
C TYR A 497 9.15 -25.95 -10.29
N ASN A 498 8.18 -26.08 -9.39
CA ASN A 498 7.30 -24.97 -9.07
C ASN A 498 8.08 -23.82 -8.44
N GLU A 499 8.98 -24.12 -7.50
CA GLU A 499 9.78 -23.07 -6.88
C GLU A 499 10.67 -22.39 -7.91
N MET A 500 11.27 -23.17 -8.82
CA MET A 500 12.14 -22.58 -9.82
C MET A 500 11.36 -21.68 -10.77
N LEU A 501 10.15 -22.10 -11.15
CA LEU A 501 9.31 -21.25 -11.99
C LEU A 501 8.92 -19.96 -11.28
N ARG A 502 8.58 -20.07 -9.99
CA ARG A 502 8.22 -18.87 -9.22
C ARG A 502 9.42 -17.91 -9.15
N MET A 503 10.60 -18.45 -8.87
CA MET A 503 11.80 -17.62 -8.82
C MET A 503 12.09 -16.97 -10.17
N LEU A 504 11.96 -17.73 -11.26
CA LEU A 504 12.26 -17.19 -12.58
C LEU A 504 11.28 -16.09 -12.97
N VAL A 505 9.99 -16.29 -12.69
CA VAL A 505 9.01 -15.27 -13.05
C VAL A 505 9.15 -14.05 -12.13
N ALA A 506 9.62 -14.25 -10.89
CA ALA A 506 9.82 -13.12 -9.99
C ALA A 506 10.92 -12.21 -10.50
N ALA A 507 11.95 -12.76 -11.15
CA ALA A 507 13.05 -11.96 -11.66
C ALA A 507 12.68 -11.13 -12.88
N GLY A 508 11.50 -11.37 -13.47
CA GLY A 508 11.07 -10.61 -14.63
C GLY A 508 11.40 -11.23 -15.96
N LYS A 509 11.82 -12.50 -15.99
CA LYS A 509 12.14 -13.20 -17.24
C LYS A 509 10.90 -13.98 -17.68
N ASP A 510 10.01 -13.27 -18.40
CA ASP A 510 8.71 -13.85 -18.74
C ASP A 510 8.84 -14.92 -19.82
N SER A 511 9.66 -14.65 -20.85
CA SER A 511 9.76 -15.59 -21.96
C SER A 511 10.33 -16.93 -21.51
N GLU A 512 11.38 -16.90 -20.69
CA GLU A 512 11.98 -18.14 -20.20
C GLU A 512 11.00 -18.90 -19.31
N ALA A 513 10.26 -18.18 -18.45
CA ALA A 513 9.27 -18.84 -17.61
C ALA A 513 8.19 -19.50 -18.45
N ALA A 514 7.71 -18.81 -19.49
CA ALA A 514 6.71 -19.40 -20.36
C ALA A 514 7.24 -20.64 -21.08
N TYR A 515 8.49 -20.57 -21.56
CA TYR A 515 9.08 -21.72 -22.24
C TYR A 515 9.20 -22.91 -21.30
N PHE A 516 9.67 -22.67 -20.07
CA PHE A 516 9.82 -23.78 -19.13
C PHE A 516 8.47 -24.32 -18.67
N ARG A 517 7.45 -23.47 -18.62
CA ARG A 517 6.10 -23.96 -18.34
C ARG A 517 5.58 -24.83 -19.46
N SER A 518 5.87 -24.45 -20.71
CA SER A 518 5.37 -25.22 -21.85
C SER A 518 6.03 -26.59 -21.95
N MET A 519 7.29 -26.71 -21.52
CA MET A 519 8.05 -27.94 -21.66
C MET A 519 7.74 -28.96 -20.56
N LEU A 520 6.92 -28.58 -19.58
CA LEU A 520 6.70 -29.44 -18.41
C LEU A 520 6.14 -30.82 -18.74
N PRO A 521 5.10 -30.97 -19.58
CA PRO A 521 4.61 -32.34 -19.86
C PRO A 521 5.66 -33.24 -20.47
N PHE A 522 6.51 -32.72 -21.35
CA PHE A 522 7.59 -33.51 -21.92
C PHE A 522 8.56 -33.97 -20.83
N HIS A 523 8.89 -33.08 -19.90
CA HIS A 523 9.74 -33.40 -18.77
C HIS A 523 9.14 -34.52 -17.92
N MET A 524 7.84 -34.39 -17.61
CA MET A 524 7.17 -35.39 -16.81
C MET A 524 7.15 -36.74 -17.51
N VAL A 525 6.87 -36.76 -18.81
CA VAL A 525 6.82 -38.02 -19.55
C VAL A 525 8.20 -38.65 -19.59
N ARG A 526 9.25 -37.84 -19.78
CA ARG A 526 10.60 -38.39 -19.83
C ARG A 526 10.98 -39.06 -18.51
N PHE A 527 10.74 -38.37 -17.39
CA PHE A 527 11.04 -39.02 -16.12
C PHE A 527 10.10 -40.18 -15.82
N ALA A 528 8.88 -40.18 -16.34
CA ALA A 528 8.02 -41.35 -16.19
C ALA A 528 8.61 -42.56 -16.89
N ARG A 529 9.08 -42.37 -18.12
CA ARG A 529 9.73 -43.46 -18.86
C ARG A 529 10.98 -43.95 -18.13
N ILE A 530 11.78 -43.01 -17.64
CA ILE A 530 13.01 -43.39 -16.93
C ILE A 530 12.68 -44.17 -15.66
N ASN A 531 11.67 -43.72 -14.92
CA ASN A 531 11.28 -44.41 -13.70
C ASN A 531 10.79 -45.81 -14.00
N GLN A 532 9.98 -45.96 -15.06
CA GLN A 532 9.51 -47.29 -15.44
C GLN A 532 10.67 -48.20 -15.81
N ILE A 533 11.64 -47.68 -16.57
CA ILE A 533 12.78 -48.49 -16.98
C ILE A 533 13.60 -48.94 -15.77
N ILE A 534 13.84 -48.02 -14.82
CA ILE A 534 14.64 -48.37 -13.66
C ILE A 534 13.91 -49.40 -12.79
N ASN A 535 12.63 -49.18 -12.53
CA ASN A 535 11.91 -50.04 -11.59
C ASN A 535 11.55 -51.39 -12.18
N GLU A 536 11.33 -51.47 -13.49
CA GLU A 536 10.77 -52.69 -14.08
C GLU A 536 11.82 -53.58 -14.74
N ASP A 537 12.68 -53.01 -15.57
CA ASP A 537 13.57 -53.80 -16.41
C ASP A 537 14.90 -54.14 -15.74
N LEU A 538 15.53 -53.14 -15.12
CA LEU A 538 16.88 -53.31 -14.60
C LEU A 538 16.95 -54.11 -13.30
N HIS A 539 15.88 -54.77 -12.85
CA HIS A 539 15.94 -55.56 -11.61
C HIS A 539 16.65 -56.87 -11.88
N SER A 540 17.86 -57.01 -11.33
CA SER A 540 18.65 -58.22 -11.53
C SER A 540 19.69 -58.31 -10.41
N VAL A 541 20.39 -59.45 -10.37
CA VAL A 541 21.44 -59.63 -9.37
C VAL A 541 22.57 -58.64 -9.59
N PHE A 542 22.78 -58.22 -10.84
CA PHE A 542 23.84 -57.29 -11.15
C PHE A 542 23.58 -55.88 -10.65
N SER A 543 22.36 -55.60 -10.19
CA SER A 543 22.08 -54.32 -9.56
C SER A 543 22.77 -54.23 -8.20
N LEU A 544 23.14 -53.02 -7.83
CA LEU A 544 23.87 -52.82 -6.58
C LEU A 544 22.99 -53.16 -5.39
N PRO A 545 23.51 -53.88 -4.41
CA PRO A 545 22.71 -54.23 -3.22
C PRO A 545 22.42 -52.99 -2.38
N ASP A 546 21.40 -53.13 -1.53
CA ASP A 546 20.90 -51.99 -0.76
C ASP A 546 21.95 -51.47 0.21
N ASP A 547 22.70 -52.36 0.86
CA ASP A 547 23.67 -51.92 1.86
C ASP A 547 24.76 -51.05 1.24
N MET A 548 25.27 -51.45 0.07
CA MET A 548 26.26 -50.63 -0.60
C MET A 548 25.65 -49.37 -1.20
N PHE A 549 24.39 -49.45 -1.64
CA PHE A 549 23.74 -48.27 -2.20
C PHE A 549 23.55 -47.18 -1.15
N ASN A 550 23.18 -47.58 0.07
CA ASN A 550 22.92 -46.59 1.11
C ASN A 550 24.19 -45.85 1.53
N ALA A 551 25.35 -46.50 1.42
CA ALA A 551 26.60 -45.92 1.88
C ALA A 551 27.34 -45.14 0.82
N LEU A 552 26.78 -45.00 -0.39
CA LEU A 552 27.48 -44.28 -1.45
C LEU A 552 27.59 -42.79 -1.12
N LEU A 553 26.47 -42.15 -0.77
CA LEU A 553 26.50 -40.72 -0.49
C LEU A 553 27.33 -40.38 0.74
N PRO A 554 27.18 -41.04 1.90
CA PRO A 554 28.03 -40.69 3.04
C PRO A 554 29.50 -40.89 2.78
N ASP A 555 29.87 -41.91 2.00
CA ASP A 555 31.27 -42.11 1.66
C ASP A 555 31.81 -40.96 0.83
N LEU A 556 31.01 -40.49 -0.13
CA LEU A 556 31.43 -39.35 -0.94
C LEU A 556 31.54 -38.09 -0.09
N ILE A 557 30.64 -37.90 0.86
CA ILE A 557 30.69 -36.74 1.74
C ILE A 557 31.95 -36.77 2.59
N ALA A 558 32.24 -37.93 3.20
CA ALA A 558 33.41 -38.03 4.06
C ALA A 558 34.70 -38.14 3.25
N GLY A 559 34.65 -38.74 2.06
CA GLY A 559 35.83 -38.91 1.24
C GLY A 559 36.70 -40.09 1.59
N ALA A 560 36.30 -40.90 2.57
CA ALA A 560 37.08 -42.07 2.97
C ALA A 560 36.65 -43.30 2.16
N HIS A 561 36.92 -43.23 0.86
CA HIS A 561 36.51 -44.28 -0.06
C HIS A 561 37.22 -45.59 0.25
N GLN A 562 36.46 -46.58 0.66
CA GLN A 562 36.97 -47.93 0.90
C GLN A 562 36.34 -48.98 -0.01
N ASN A 563 35.08 -48.81 -0.39
CA ASN A 563 34.44 -49.69 -1.35
C ASN A 563 34.80 -49.26 -2.78
N ALA A 564 34.13 -49.86 -3.76
CA ALA A 564 34.36 -49.48 -5.15
C ALA A 564 33.89 -48.06 -5.40
N ASP A 565 34.76 -47.25 -5.99
CA ASP A 565 34.41 -45.86 -6.25
C ASP A 565 33.47 -45.75 -7.45
N PRO A 566 32.53 -44.81 -7.41
CA PRO A 566 31.64 -44.62 -8.56
C PRO A 566 32.39 -44.09 -9.77
N VAL A 567 31.90 -44.43 -10.95
CA VAL A 567 32.51 -44.01 -12.20
C VAL A 567 32.11 -42.56 -12.49
N VAL A 568 33.09 -41.75 -12.83
CA VAL A 568 32.87 -40.33 -13.17
C VAL A 568 33.02 -40.17 -14.67
N LEU A 569 32.10 -39.41 -15.27
CA LEU A 569 32.10 -39.17 -16.70
C LEU A 569 32.11 -37.68 -17.00
N ASP A 570 32.73 -37.32 -18.11
CA ASP A 570 32.85 -35.93 -18.52
C ASP A 570 31.66 -35.51 -19.38
N VAL A 571 31.32 -34.23 -19.30
CA VAL A 571 30.18 -33.68 -20.04
C VAL A 571 30.44 -32.20 -20.30
N SER A 572 29.85 -31.68 -21.36
CA SER A 572 30.04 -30.29 -21.76
C SER A 572 28.78 -29.48 -21.45
N TRP A 573 28.86 -28.18 -21.72
CA TRP A 573 27.75 -27.28 -21.42
C TRP A 573 26.57 -27.50 -22.35
N ILE A 574 26.84 -27.57 -23.66
CA ILE A 574 25.77 -27.73 -24.65
C ILE A 574 25.06 -29.07 -24.48
N SER A 575 25.76 -30.06 -23.92
CA SER A 575 25.15 -31.37 -23.72
C SER A 575 23.99 -31.31 -22.73
N LEU A 576 24.07 -30.43 -21.74
CA LEU A 576 22.97 -30.30 -20.80
C LEU A 576 21.70 -29.81 -21.50
N TRP A 577 21.85 -28.80 -22.35
CA TRP A 577 20.70 -28.31 -23.12
C TRP A 577 20.16 -29.38 -24.04
N PHE A 578 21.05 -30.09 -24.73
CA PHE A 578 20.59 -31.12 -25.67
C PHE A 578 19.87 -32.26 -24.93
N ALA A 579 20.37 -32.64 -23.75
CA ALA A 579 19.71 -33.66 -22.96
C ALA A 579 18.35 -33.18 -22.48
N PHE A 580 18.25 -31.93 -22.03
CA PHE A 580 16.96 -31.39 -21.63
C PHE A 580 15.99 -31.28 -22.80
N ASN A 581 16.50 -31.21 -24.03
CA ASN A 581 15.66 -31.11 -25.21
C ASN A 581 15.58 -32.43 -25.97
N ARG A 582 15.76 -33.55 -25.28
CA ARG A 582 15.61 -34.87 -25.87
C ARG A 582 15.03 -35.83 -24.83
N SER A 583 14.45 -36.92 -25.32
CA SER A 583 13.86 -37.94 -24.45
C SER A 583 14.19 -39.32 -24.98
N PHE A 584 14.12 -40.30 -24.10
CA PHE A 584 14.38 -41.70 -24.43
C PHE A 584 13.05 -42.45 -24.46
N GLU A 585 12.75 -43.06 -25.60
CA GLU A 585 11.51 -43.83 -25.77
C GLU A 585 11.83 -45.28 -26.10
N PRO A 586 11.52 -46.23 -25.22
CA PRO A 586 11.82 -47.64 -25.52
C PRO A 586 10.92 -48.20 -26.61
N THR A 587 11.51 -48.49 -27.78
CA THR A 587 10.73 -49.04 -28.87
C THR A 587 10.22 -50.45 -28.53
N HIS A 588 11.13 -51.32 -28.08
CA HIS A 588 10.74 -52.66 -27.67
C HIS A 588 11.81 -53.21 -26.73
N ARG A 589 11.44 -54.25 -25.99
CA ARG A 589 12.29 -54.75 -24.92
C ARG A 589 13.49 -55.50 -25.50
N ASN A 590 14.45 -55.77 -24.62
CA ASN A 590 15.68 -56.47 -25.02
C ASN A 590 15.38 -57.91 -25.43
N GLU A 591 16.18 -58.41 -26.36
CA GLU A 591 16.01 -59.78 -26.84
C GLU A 591 16.30 -60.79 -25.74
N MET A 592 17.29 -60.51 -24.90
CA MET A 592 17.75 -61.44 -23.87
C MET A 592 17.13 -61.16 -22.51
N LEU A 593 16.12 -60.30 -22.45
CA LEU A 593 15.48 -60.00 -21.17
C LEU A 593 14.80 -61.23 -20.59
N GLU A 594 14.22 -62.08 -21.44
CA GLU A 594 13.45 -63.22 -20.95
C GLU A 594 14.33 -64.34 -20.43
N VAL A 595 15.59 -64.40 -20.85
CA VAL A 595 16.46 -65.53 -20.57
C VAL A 595 17.61 -65.17 -19.63
N ALA A 596 17.54 -64.02 -18.97
CA ALA A 596 18.59 -63.61 -18.05
C ALA A 596 18.80 -64.57 -16.88
N PRO A 597 17.76 -65.03 -16.17
CA PRO A 597 18.00 -65.84 -14.96
C PRO A 597 18.81 -67.10 -15.21
N LEU A 598 18.63 -67.76 -16.34
CA LEU A 598 19.43 -68.95 -16.63
C LEU A 598 20.91 -68.60 -16.76
N ILE A 599 21.21 -67.47 -17.43
CA ILE A 599 22.60 -67.03 -17.56
C ILE A 599 23.18 -66.72 -16.19
N GLU A 600 22.42 -66.02 -15.34
CA GLU A 600 22.90 -65.70 -14.01
C GLU A 600 23.17 -66.97 -13.21
N SER A 601 22.26 -67.94 -13.29
CA SER A 601 22.43 -69.18 -12.55
C SER A 601 23.65 -69.96 -13.04
N VAL A 602 23.86 -70.03 -14.35
CA VAL A 602 25.02 -70.77 -14.86
C VAL A 602 26.31 -70.08 -14.47
N TYR A 603 26.32 -68.74 -14.47
CA TYR A 603 27.51 -68.01 -14.05
C TYR A 603 27.84 -68.29 -12.58
N ALA A 604 26.82 -68.24 -11.72
CA ALA A 604 27.04 -68.53 -10.31
C ALA A 604 27.50 -69.97 -10.12
N SER A 605 26.92 -70.91 -10.86
CA SER A 605 27.31 -72.31 -10.74
C SER A 605 28.77 -72.51 -11.15
N GLU A 606 29.20 -71.84 -12.22
CA GLU A 606 30.60 -71.96 -12.64
C GLU A 606 31.54 -71.38 -11.59
N LEU A 607 31.16 -70.24 -11.00
CA LEU A 607 31.98 -69.69 -9.93
C LEU A 607 32.10 -70.65 -8.76
N SER A 608 30.98 -71.26 -8.36
CA SER A 608 30.99 -72.22 -7.26
C SER A 608 31.85 -73.42 -7.59
N VAL A 609 31.78 -73.90 -8.84
CA VAL A 609 32.59 -75.03 -9.26
C VAL A 609 34.07 -74.71 -9.16
N MET A 610 34.47 -73.51 -9.62
CA MET A 610 35.86 -73.13 -9.51
C MET A 610 36.31 -73.05 -8.05
N LYS A 611 35.45 -72.50 -7.18
CA LYS A 611 35.80 -72.41 -5.77
C LYS A 611 36.01 -73.79 -5.15
N VAL A 612 35.10 -74.72 -5.44
CA VAL A 612 35.22 -76.05 -4.85
C VAL A 612 36.43 -76.78 -5.44
N ASP A 613 36.76 -76.52 -6.71
CA ASP A 613 37.95 -77.10 -7.29
C ASP A 613 39.20 -76.61 -6.58
N MET A 614 39.26 -75.31 -6.29
CA MET A 614 40.39 -74.77 -5.53
C MET A 614 40.50 -75.43 -4.16
N ARG A 615 39.37 -75.56 -3.46
CA ARG A 615 39.39 -76.16 -2.13
C ARG A 615 39.90 -77.60 -2.20
N HIS A 616 39.41 -78.38 -3.18
CA HIS A 616 39.83 -79.77 -3.28
C HIS A 616 41.29 -79.88 -3.68
N LEU A 617 41.79 -78.97 -4.52
CA LEU A 617 43.21 -78.98 -4.85
C LEU A 617 44.05 -78.72 -3.63
N SER A 618 43.66 -77.74 -2.81
CA SER A 618 44.42 -77.46 -1.59
C SER A 618 44.41 -78.66 -0.66
N LEU A 619 43.24 -79.30 -0.48
CA LEU A 619 43.17 -80.46 0.39
C LEU A 619 44.02 -81.61 -0.12
N MET A 620 43.98 -81.85 -1.44
CA MET A 620 44.78 -82.93 -2.02
C MET A 620 46.27 -82.67 -1.86
N GLN A 621 46.70 -81.41 -2.07
CA GLN A 621 48.10 -81.08 -1.88
C GLN A 621 48.52 -81.28 -0.44
N ARG A 622 47.65 -80.93 0.50
CA ARG A 622 47.97 -81.17 1.91
C ARG A 622 47.99 -82.66 2.25
N ARG A 623 47.22 -83.47 1.52
CA ARG A 623 47.07 -84.87 1.89
C ARG A 623 48.36 -85.66 1.69
N PHE A 624 49.05 -85.45 0.56
CA PHE A 624 50.24 -86.21 0.22
C PHE A 624 51.39 -85.27 -0.08
N PRO A 625 52.00 -84.67 0.94
CA PRO A 625 53.14 -83.78 0.70
C PRO A 625 54.40 -84.50 0.27
N ASP A 626 54.51 -85.82 0.53
CA ASP A 626 55.75 -86.53 0.25
C ASP A 626 56.02 -86.65 -1.24
N VAL A 627 54.99 -86.87 -2.06
CA VAL A 627 55.18 -87.09 -3.48
C VAL A 627 54.67 -85.93 -4.33
N LEU A 628 53.65 -85.20 -3.87
CA LEU A 628 53.13 -84.08 -4.63
C LEU A 628 54.08 -82.90 -4.57
N ILE A 629 54.20 -82.20 -5.70
CA ILE A 629 55.12 -81.07 -5.79
C ILE A 629 54.54 -79.88 -5.06
N GLN A 630 55.34 -79.28 -4.17
CA GLN A 630 54.93 -78.08 -3.47
C GLN A 630 54.76 -76.93 -4.44
N ALA A 631 53.65 -76.19 -4.28
CA ALA A 631 53.36 -75.09 -5.18
C ALA A 631 52.56 -74.03 -4.43
N ARG A 632 52.58 -72.82 -4.99
CA ARG A 632 51.87 -71.67 -4.47
C ARG A 632 50.48 -71.56 -5.09
N PRO A 633 49.56 -70.86 -4.42
CA PRO A 633 48.18 -70.78 -4.96
C PRO A 633 48.10 -70.18 -6.36
N SER A 634 48.99 -69.24 -6.70
CA SER A 634 48.97 -68.65 -8.02
C SER A 634 49.27 -69.66 -9.12
N HIS A 635 49.83 -70.82 -8.76
CA HIS A 635 50.09 -71.85 -9.75
C HIS A 635 48.83 -72.64 -10.09
N PHE A 636 48.24 -73.31 -9.10
CA PHE A 636 47.09 -74.13 -9.42
C PHE A 636 45.81 -73.33 -9.63
N TRP A 637 45.73 -72.08 -9.15
CA TRP A 637 44.61 -71.24 -9.57
C TRP A 637 44.69 -70.96 -11.06
N LYS A 638 45.88 -70.65 -11.56
CA LYS A 638 46.06 -70.47 -13.00
C LYS A 638 45.77 -71.77 -13.75
N ALA A 639 46.17 -72.90 -13.16
CA ALA A 639 45.88 -74.19 -13.78
C ALA A 639 44.37 -74.42 -13.91
N VAL A 640 43.61 -74.08 -12.87
CA VAL A 640 42.16 -74.20 -12.93
C VAL A 640 41.58 -73.26 -13.97
N LEU A 641 42.05 -72.00 -13.97
CA LEU A 641 41.53 -71.02 -14.91
C LEU A 641 41.83 -71.42 -16.35
N ASN A 642 42.90 -72.17 -16.57
CA ASN A 642 43.22 -72.64 -17.92
C ASN A 642 42.15 -73.57 -18.47
N ASP A 643 41.42 -74.28 -17.62
CA ASP A 643 40.41 -75.24 -18.06
C ASP A 643 38.99 -74.70 -17.97
N SER A 644 38.79 -73.54 -17.33
CA SER A 644 37.46 -72.98 -17.21
C SER A 644 36.91 -72.58 -18.57
N PRO A 645 35.59 -72.61 -18.75
CA PRO A 645 35.01 -72.18 -20.03
C PRO A 645 35.38 -70.75 -20.37
N GLU A 646 35.56 -70.51 -21.67
CA GLU A 646 36.04 -69.20 -22.12
C GLU A 646 35.02 -68.10 -21.88
N ALA A 647 33.73 -68.41 -21.97
CA ALA A 647 32.70 -67.39 -21.81
C ALA A 647 32.75 -66.78 -20.41
N VAL A 648 32.89 -67.63 -19.38
CA VAL A 648 32.95 -67.12 -18.01
C VAL A 648 34.19 -66.28 -17.80
N LYS A 649 35.33 -66.72 -18.34
CA LYS A 649 36.55 -65.93 -18.23
C LYS A 649 36.40 -64.57 -18.88
N ALA A 650 35.80 -64.54 -20.07
CA ALA A 650 35.59 -63.27 -20.76
C ALA A 650 34.64 -62.37 -19.97
N VAL A 651 33.60 -62.94 -19.38
CA VAL A 651 32.66 -62.16 -18.59
C VAL A 651 33.37 -61.56 -17.38
N MET A 652 34.17 -62.36 -16.69
CA MET A 652 34.81 -61.94 -15.45
C MET A 652 36.03 -61.06 -15.67
N ASN A 653 36.60 -61.05 -16.87
CA ASN A 653 37.81 -60.29 -17.17
C ASN A 653 37.50 -58.97 -17.86
N LEU A 654 36.31 -58.41 -17.62
CA LEU A 654 35.94 -57.13 -18.21
C LEU A 654 36.52 -55.94 -17.45
N SER A 655 37.03 -56.15 -16.24
CA SER A 655 37.60 -55.06 -15.45
C SER A 655 39.02 -54.73 -15.90
N ASN A 662 45.08 -59.95 -6.92
CA ASN A 662 46.23 -60.29 -6.09
C ASN A 662 46.09 -61.70 -5.52
N ILE A 663 46.74 -61.94 -4.39
CA ILE A 663 46.72 -63.24 -3.75
C ILE A 663 45.92 -63.17 -2.45
N ARG A 664 46.03 -62.04 -1.75
CA ARG A 664 45.30 -61.87 -0.50
C ARG A 664 43.79 -61.90 -0.74
N ASP A 665 43.32 -61.15 -1.75
CA ASP A 665 41.91 -61.16 -2.09
C ASP A 665 41.48 -62.53 -2.61
N MET A 666 42.36 -63.22 -3.33
CA MET A 666 42.03 -64.56 -3.80
C MET A 666 41.80 -65.52 -2.63
N MET A 667 42.68 -65.46 -1.62
CA MET A 667 42.50 -66.30 -0.44
C MET A 667 41.24 -65.92 0.32
N ARG A 668 40.97 -64.62 0.43
CA ARG A 668 39.74 -64.19 1.09
C ARG A 668 38.51 -64.70 0.38
N TRP A 669 38.51 -64.66 -0.95
CA TRP A 669 37.38 -65.17 -1.72
C TRP A 669 37.25 -66.68 -1.58
N VAL A 670 38.37 -67.40 -1.54
CA VAL A 670 38.32 -68.85 -1.39
C VAL A 670 37.74 -69.22 -0.03
N MET A 671 38.14 -68.50 1.02
CA MET A 671 37.69 -68.82 2.37
C MET A 671 36.21 -68.52 2.61
N LEU A 672 35.54 -67.84 1.70
CA LEU A 672 34.13 -67.51 1.90
C LEU A 672 33.29 -68.78 1.86
N PRO A 673 32.24 -68.87 2.68
CA PRO A 673 31.44 -70.09 2.78
C PRO A 673 30.20 -70.14 1.90
N SER A 674 29.97 -69.14 1.04
CA SER A 674 28.76 -69.11 0.22
C SER A 674 28.97 -69.97 -1.01
N LEU A 675 28.08 -70.95 -1.20
CA LEU A 675 28.15 -71.87 -2.32
C LEU A 675 26.82 -71.89 -3.06
N GLN A 676 26.88 -72.26 -4.33
CA GLN A 676 25.68 -72.34 -5.18
C GLN A 676 25.44 -73.77 -5.61
N PRO A 677 24.39 -74.43 -5.12
CA PRO A 677 24.13 -75.81 -5.53
C PRO A 677 23.83 -75.92 -7.02
N SER A 678 24.28 -77.02 -7.61
CA SER A 678 24.05 -77.29 -9.03
C SER A 678 24.38 -78.75 -9.30
N LEU A 679 23.87 -79.26 -10.43
CA LEU A 679 24.20 -80.61 -10.84
C LEU A 679 25.69 -80.77 -11.12
N LYS A 680 26.30 -79.77 -11.76
CA LYS A 680 27.72 -79.84 -12.07
C LYS A 680 28.54 -79.95 -10.80
N LEU A 681 28.19 -79.19 -9.77
CA LEU A 681 28.89 -79.30 -8.49
C LEU A 681 28.68 -80.67 -7.87
N ALA A 682 27.46 -81.21 -7.97
CA ALA A 682 27.17 -82.52 -7.40
C ALA A 682 28.01 -83.60 -8.04
N LEU A 683 28.22 -83.51 -9.36
CA LEU A 683 29.08 -84.48 -10.02
C LEU A 683 30.55 -84.22 -9.73
N GLU A 684 30.94 -82.95 -9.62
CA GLU A 684 32.34 -82.60 -9.42
C GLU A 684 32.84 -83.05 -8.05
N GLU A 685 32.00 -82.91 -7.01
CA GLU A 685 32.43 -83.34 -5.69
C GLU A 685 32.61 -84.85 -5.65
N GLU A 686 31.73 -85.60 -6.32
CA GLU A 686 31.89 -87.05 -6.37
C GLU A 686 33.14 -87.44 -7.17
N ALA A 687 33.41 -86.72 -8.26
CA ALA A 687 34.62 -86.98 -9.02
C ALA A 687 35.88 -86.73 -8.18
N TRP A 688 35.88 -85.63 -7.42
CA TRP A 688 37.01 -85.34 -6.54
C TRP A 688 37.16 -86.42 -5.47
N ALA A 689 36.05 -86.88 -4.91
CA ALA A 689 36.12 -87.95 -3.92
C ALA A 689 36.70 -89.23 -4.53
N ALA A 690 36.27 -89.56 -5.75
CA ALA A 690 36.81 -90.72 -6.44
C ALA A 690 38.25 -90.54 -6.86
N ALA A 691 38.74 -89.30 -6.92
CA ALA A 691 40.11 -89.02 -7.29
C ALA A 691 41.10 -89.25 -6.16
N ASN A 692 40.63 -89.67 -4.98
CA ASN A 692 41.53 -89.89 -3.86
C ASN A 692 42.51 -91.03 -4.11
N ASP A 693 42.21 -91.92 -5.06
CA ASP A 693 43.10 -93.01 -5.41
C ASP A 693 43.89 -92.63 -6.66
N PHE A 694 45.22 -92.56 -6.51
CA PHE A 694 46.06 -92.20 -7.64
C PHE A 694 46.05 -93.28 -8.71
N GLU A 695 45.77 -94.53 -8.34
CA GLU A 695 45.69 -95.60 -9.33
C GLU A 695 44.53 -95.37 -10.28
N ASP A 696 43.41 -94.83 -9.77
CA ASP A 696 42.31 -94.46 -10.66
C ASP A 696 42.74 -93.40 -11.66
N LEU A 697 43.71 -92.57 -11.30
CA LEU A 697 44.34 -91.64 -12.23
C LEU A 697 45.56 -92.23 -12.92
N MET A 698 45.98 -93.44 -12.52
CA MET A 698 47.17 -94.09 -13.06
C MET A 698 48.41 -93.22 -12.92
N LEU A 699 48.58 -92.60 -11.76
CA LEU A 699 49.83 -91.96 -11.39
C LEU A 699 50.41 -92.72 -10.21
N THR A 700 51.61 -93.26 -10.39
CA THR A 700 52.19 -94.17 -9.40
C THR A 700 53.64 -93.80 -9.14
N ASP A 701 54.11 -94.20 -7.96
CA ASP A 701 55.50 -94.04 -7.58
C ASP A 701 56.17 -95.36 -7.26
N GLN A 702 55.45 -96.48 -7.37
CA GLN A 702 55.99 -97.80 -7.04
C GLN A 702 56.60 -98.42 -8.30
N VAL A 703 57.74 -97.90 -8.69
CA VAL A 703 58.50 -98.38 -9.84
C VAL A 703 59.73 -99.11 -9.32
N TYR A 704 59.86 -100.38 -9.70
CA TYR A 704 60.96 -101.23 -9.24
C TYR A 704 61.84 -101.62 -10.41
N MET A 705 63.07 -102.02 -10.08
CA MET A 705 64.04 -102.46 -11.07
C MET A 705 64.57 -103.81 -10.62
N HIS A 706 64.53 -104.80 -11.51
CA HIS A 706 64.97 -106.14 -11.16
C HIS A 706 65.29 -106.90 -12.45
N ARG A 707 66.50 -107.44 -12.55
CA ARG A 707 66.92 -108.11 -13.78
C ARG A 707 66.13 -109.39 -13.99
N ASP A 708 65.57 -109.55 -15.19
CA ASP A 708 64.72 -110.69 -15.50
C ASP A 708 64.96 -111.13 -16.94
N MET A 709 64.43 -112.31 -17.25
CA MET A 709 64.60 -112.96 -18.54
C MET A 709 63.37 -112.80 -19.42
N LEU A 710 63.60 -112.60 -20.71
CA LEU A 710 62.54 -112.78 -21.69
C LEU A 710 62.33 -114.28 -21.91
N PRO A 711 61.12 -114.78 -21.74
CA PRO A 711 60.92 -116.24 -21.81
C PRO A 711 61.25 -116.79 -23.19
N GLU A 712 61.82 -118.00 -23.20
CA GLU A 712 62.14 -118.72 -24.42
C GLU A 712 61.33 -120.01 -24.44
N PRO A 713 60.22 -120.07 -25.17
CA PRO A 713 59.37 -121.26 -25.13
C PRO A 713 60.04 -122.48 -25.73
N ARG A 714 59.61 -123.65 -25.24
CA ARG A 714 60.13 -124.92 -25.75
C ARG A 714 59.81 -125.08 -27.23
N LEU A 715 58.54 -124.89 -27.60
CA LEU A 715 58.09 -124.94 -28.99
C LEU A 715 58.41 -126.28 -29.65
N ASP A 716 58.35 -127.36 -28.86
CA ASP A 716 58.56 -128.70 -29.41
C ASP A 716 57.27 -129.31 -29.93
N ASP A 717 56.14 -129.03 -29.31
CA ASP A 717 54.81 -129.42 -29.77
C ASP A 717 54.04 -128.12 -29.97
N ILE A 718 54.04 -127.63 -31.21
CA ILE A 718 53.51 -126.29 -31.46
C ILE A 718 52.01 -126.22 -31.20
N GLU A 719 51.27 -127.29 -31.49
CA GLU A 719 49.83 -127.28 -31.22
C GLU A 719 49.55 -127.15 -29.73
N ARG A 720 50.29 -127.89 -28.90
CA ARG A 720 50.11 -127.82 -27.46
C ARG A 720 50.42 -126.43 -26.92
N PHE A 721 51.51 -125.83 -27.40
CA PHE A 721 51.85 -124.48 -26.97
C PHE A 721 50.81 -123.47 -27.43
N ARG A 722 50.30 -123.64 -28.65
CA ARG A 722 49.30 -122.71 -29.17
C ARG A 722 48.00 -122.81 -28.39
N GLN A 723 47.61 -124.01 -27.97
CA GLN A 723 46.37 -124.17 -27.22
C GLN A 723 46.43 -123.45 -25.88
N GLU A 724 47.58 -123.52 -25.20
CA GLU A 724 47.75 -122.87 -23.90
C GLU A 724 48.23 -121.44 -24.12
N GLY A 725 47.39 -120.47 -23.78
CA GLY A 725 47.77 -119.08 -23.95
C GLY A 725 48.98 -118.72 -23.11
N PHE A 726 49.91 -117.99 -23.71
CA PHE A 726 51.14 -117.57 -23.05
C PHE A 726 51.40 -116.11 -23.35
N TYR A 727 51.86 -115.38 -22.34
CA TYR A 727 52.13 -113.96 -22.48
C TYR A 727 53.06 -113.52 -21.36
N TYR A 728 53.71 -112.36 -21.59
CA TYR A 728 54.65 -111.80 -20.63
C TYR A 728 54.37 -110.31 -20.46
N THR A 729 54.42 -109.84 -19.21
CA THR A 729 54.09 -108.47 -18.89
C THR A 729 55.14 -107.90 -17.93
N ASN A 730 55.19 -106.57 -17.88
CA ASN A 730 55.95 -105.87 -16.85
C ASN A 730 55.20 -105.78 -15.53
N MET A 731 53.91 -106.14 -15.52
CA MET A 731 53.10 -106.02 -14.31
C MET A 731 53.57 -107.01 -13.25
N LEU A 732 53.39 -106.61 -12.00
CA LEU A 732 53.70 -107.46 -10.86
C LEU A 732 52.41 -107.91 -10.20
N GLU A 733 52.25 -109.23 -10.04
CA GLU A 733 51.06 -109.75 -9.39
C GLU A 733 50.98 -109.29 -7.94
N ALA A 734 52.10 -109.29 -7.24
CA ALA A 734 52.19 -108.83 -5.86
C ALA A 734 53.43 -107.97 -5.71
N PRO A 735 53.44 -107.02 -4.78
CA PRO A 735 54.63 -106.23 -4.54
C PRO A 735 55.77 -107.12 -4.05
N PRO A 736 57.01 -106.77 -4.36
CA PRO A 736 58.13 -107.61 -3.95
C PRO A 736 58.21 -107.73 -2.43
N GLU A 737 58.66 -108.90 -1.97
CA GLU A 737 58.71 -109.18 -0.55
C GLU A 737 59.65 -108.23 0.16
N ILE A 738 59.29 -107.84 1.38
CA ILE A 738 60.14 -106.95 2.15
C ILE A 738 61.41 -107.67 2.57
N ASP A 739 62.45 -106.88 2.87
CA ASP A 739 63.80 -107.31 3.22
C ASP A 739 64.56 -107.85 2.01
N ARG A 740 63.91 -108.00 0.86
CA ARG A 740 64.56 -108.34 -0.39
C ARG A 740 64.75 -107.13 -1.29
N VAL A 741 64.33 -105.95 -0.84
CA VAL A 741 64.37 -104.73 -1.64
C VAL A 741 65.08 -103.65 -0.85
N VAL A 742 65.80 -102.78 -1.57
CA VAL A 742 66.51 -101.64 -0.99
C VAL A 742 65.83 -100.37 -1.47
N GLN A 743 65.79 -99.37 -0.61
CA GLN A 743 65.09 -98.12 -0.88
C GLN A 743 66.10 -97.03 -1.23
N TYR A 744 65.84 -96.32 -2.32
CA TYR A 744 66.70 -95.25 -2.79
C TYR A 744 65.90 -93.96 -2.95
N THR A 745 66.63 -92.85 -2.99
CA THR A 745 66.05 -91.53 -3.23
C THR A 745 67.13 -90.65 -3.85
N TYR A 746 66.82 -89.36 -3.99
CA TYR A 746 67.77 -88.43 -4.61
C TYR A 746 69.03 -88.28 -3.75
N GLU A 747 68.85 -88.08 -2.44
CA GLU A 747 70.00 -87.81 -1.58
C GLU A 747 70.88 -89.04 -1.41
N ILE A 748 70.28 -90.23 -1.34
CA ILE A 748 71.07 -91.45 -1.26
C ILE A 748 71.92 -91.62 -2.51
N ALA A 749 71.32 -91.40 -3.68
CA ALA A 749 72.05 -91.52 -4.93
C ALA A 749 73.17 -90.48 -5.01
N ARG A 750 72.89 -89.25 -4.57
CA ARG A 750 73.92 -88.21 -4.58
C ARG A 750 75.07 -88.56 -3.64
N LEU A 751 74.76 -89.09 -2.46
CA LEU A 751 75.81 -89.51 -1.53
C LEU A 751 76.65 -90.63 -2.12
N GLN A 752 76.00 -91.60 -2.79
CA GLN A 752 76.75 -92.68 -3.42
C GLN A 752 77.63 -92.15 -4.55
N ALA A 753 77.12 -91.21 -5.35
CA ALA A 753 77.90 -90.63 -6.42
C ALA A 753 79.03 -89.76 -5.92
N ASN A 754 78.92 -89.25 -4.69
CA ASN A 754 80.00 -88.46 -4.11
C ASN A 754 81.28 -89.26 -3.94
N MET A 755 81.17 -90.59 -3.85
CA MET A 755 82.33 -91.46 -3.75
C MET A 755 82.49 -92.37 -4.96
N GLY A 756 81.63 -92.23 -5.97
CA GLY A 756 81.72 -93.05 -7.16
C GLY A 756 81.20 -94.46 -6.99
N GLN A 757 80.46 -94.74 -5.93
CA GLN A 757 79.95 -96.07 -5.66
C GLN A 757 78.54 -96.29 -6.16
N PHE A 758 77.95 -95.30 -6.83
CA PHE A 758 76.57 -95.42 -7.30
C PHE A 758 76.43 -96.57 -8.30
N ARG A 759 77.16 -96.49 -9.40
CA ARG A 759 77.12 -97.55 -10.40
C ARG A 759 77.62 -98.87 -9.83
N ALA A 760 78.66 -98.82 -9.00
CA ALA A 760 79.18 -100.04 -8.40
C ALA A 760 78.15 -100.69 -7.49
N ALA A 761 77.46 -99.89 -6.66
CA ALA A 761 76.43 -100.44 -5.80
C ALA A 761 75.28 -101.02 -6.60
N LEU A 762 74.86 -100.33 -7.67
CA LEU A 762 73.79 -100.86 -8.51
C LEU A 762 74.20 -102.20 -9.13
N ARG A 763 75.43 -102.28 -9.64
CA ARG A 763 75.89 -103.52 -10.25
C ARG A 763 75.98 -104.65 -9.22
N ARG A 764 76.44 -104.33 -8.00
CA ARG A 764 76.49 -105.33 -6.94
C ARG A 764 75.10 -105.83 -6.60
N ILE A 765 74.13 -104.92 -6.49
CA ILE A 765 72.76 -105.31 -6.16
C ILE A 765 72.19 -106.20 -7.25
N MET A 766 72.43 -105.84 -8.52
CA MET A 766 71.90 -106.63 -9.62
C MET A 766 72.56 -108.01 -9.68
N ASP A 767 73.86 -108.08 -9.36
CA ASP A 767 74.51 -109.38 -9.27
C ASP A 767 73.99 -110.19 -8.09
N ASP A 768 73.36 -109.54 -7.12
CA ASP A 768 72.73 -110.20 -5.99
C ASP A 768 71.25 -110.46 -6.21
N ASP A 769 70.76 -110.21 -7.43
CA ASP A 769 69.36 -110.45 -7.83
C ASP A 769 68.36 -109.88 -6.82
N ASP A 770 68.75 -108.83 -6.12
CA ASP A 770 67.87 -108.15 -5.19
C ASP A 770 67.09 -107.05 -5.91
N TRP A 771 66.05 -106.55 -5.24
CA TRP A 771 65.18 -105.53 -5.79
C TRP A 771 65.58 -104.16 -5.30
N VAL A 772 65.34 -103.15 -6.14
CA VAL A 772 65.61 -101.76 -5.81
C VAL A 772 64.39 -100.92 -6.24
N ARG A 773 64.02 -99.98 -5.40
CA ARG A 773 62.85 -99.13 -5.63
C ARG A 773 63.24 -97.67 -5.59
N PHE A 774 62.75 -96.91 -6.56
CA PHE A 774 62.88 -95.46 -6.57
C PHE A 774 61.60 -94.82 -6.02
N GLY A 775 61.74 -93.60 -5.54
CA GLY A 775 60.61 -92.91 -4.94
C GLY A 775 60.70 -91.41 -5.14
N GLY A 776 59.74 -90.71 -4.56
CA GLY A 776 59.70 -89.26 -4.63
C GLY A 776 58.89 -88.72 -5.80
N VAL A 777 59.37 -88.96 -7.01
CA VAL A 777 58.74 -88.43 -8.21
C VAL A 777 57.56 -89.30 -8.61
N LEU A 778 56.42 -88.68 -8.87
CA LEU A 778 55.25 -89.37 -9.38
C LEU A 778 55.35 -89.51 -10.89
N ARG A 779 55.24 -90.73 -11.38
CA ARG A 779 55.43 -91.04 -12.78
C ARG A 779 54.10 -91.34 -13.45
N THR A 780 54.11 -91.31 -14.79
CA THR A 780 52.95 -91.65 -15.60
C THR A 780 53.19 -93.00 -16.28
N VAL A 781 52.10 -93.74 -16.50
CA VAL A 781 52.17 -95.08 -17.06
C VAL A 781 51.48 -95.08 -18.42
N ARG A 782 52.08 -95.79 -19.37
CA ARG A 782 51.52 -95.95 -20.71
C ARG A 782 51.35 -97.44 -21.00
N VAL A 783 50.25 -97.79 -21.65
CA VAL A 783 49.93 -99.17 -21.97
C VAL A 783 50.05 -99.38 -23.47
N LYS A 784 50.74 -100.46 -23.85
CA LYS A 784 50.93 -100.79 -25.26
C LYS A 784 50.87 -102.30 -25.41
N PHE A 785 50.52 -102.75 -26.62
CA PHE A 785 50.41 -104.16 -26.92
C PHE A 785 51.25 -104.48 -28.15
N TYR A 786 52.14 -105.46 -28.01
CA TYR A 786 53.07 -105.84 -29.07
C TYR A 786 52.82 -107.29 -29.48
N ASP A 787 53.32 -107.65 -30.66
CA ASP A 787 53.09 -109.02 -31.21
C ASP A 787 54.43 -109.64 -31.60
N ALA A 788 55.52 -108.93 -31.34
CA ALA A 788 56.87 -109.43 -31.67
C ALA A 788 57.89 -108.70 -30.77
N ARG A 789 59.17 -108.99 -30.94
CA ARG A 789 60.22 -108.34 -30.11
C ARG A 789 59.95 -106.83 -30.06
N PRO A 790 59.81 -106.21 -28.86
CA PRO A 790 59.50 -104.78 -28.80
C PRO A 790 60.67 -103.89 -29.22
N PRO A 791 60.46 -102.59 -29.46
CA PRO A 791 61.57 -101.68 -29.76
C PRO A 791 62.53 -101.64 -28.57
N ASP A 792 63.83 -101.47 -28.83
CA ASP A 792 64.83 -101.54 -27.74
C ASP A 792 64.59 -100.48 -26.66
N ASP A 793 64.35 -99.22 -27.04
CA ASP A 793 64.23 -98.18 -26.03
C ASP A 793 63.39 -98.64 -24.84
N VAL A 794 62.28 -99.34 -25.11
CA VAL A 794 61.48 -99.89 -24.03
C VAL A 794 61.96 -101.27 -23.60
N LEU A 795 62.70 -101.98 -24.48
CA LEU A 795 63.22 -103.28 -24.10
C LEU A 795 64.28 -103.17 -23.02
N GLN A 796 65.18 -102.20 -23.13
CA GLN A 796 66.30 -102.06 -22.19
C GLN A 796 66.42 -100.65 -21.64
N GLY A 797 65.32 -99.91 -21.55
CA GLY A 797 65.37 -98.56 -21.04
C GLY A 797 65.58 -98.51 -19.54
N LEU A 798 66.05 -97.36 -19.07
CA LEU A 798 66.32 -97.14 -17.66
C LEU A 798 65.46 -96.01 -17.12
N PRO A 799 64.81 -96.20 -15.98
CA PRO A 799 64.01 -95.11 -15.38
C PRO A 799 64.85 -93.98 -14.82
N PHE A 800 66.17 -94.11 -14.78
CA PHE A 800 67.04 -93.05 -14.27
C PHE A 800 68.14 -92.77 -15.29
N SER A 801 68.70 -91.56 -15.19
CA SER A 801 69.79 -91.14 -16.07
C SER A 801 70.92 -90.59 -15.23
N TYR A 802 72.15 -90.86 -15.67
CA TYR A 802 73.35 -90.43 -14.97
C TYR A 802 74.31 -89.78 -15.94
N ASP A 803 74.94 -88.69 -15.51
CA ASP A 803 75.90 -88.00 -16.35
C ASP A 803 76.88 -87.26 -15.45
N THR A 804 78.05 -86.95 -16.00
CA THR A 804 79.09 -86.26 -15.26
C THR A 804 79.96 -85.46 -16.24
N ASN A 805 80.50 -84.35 -15.75
CA ASN A 805 81.34 -83.48 -16.55
C ASN A 805 82.24 -82.68 -15.64
N GLU A 806 83.24 -82.02 -16.23
CA GLU A 806 84.20 -81.24 -15.47
C GLU A 806 84.33 -79.84 -16.07
N ARG A 807 84.27 -78.84 -15.21
CA ARG A 807 84.57 -77.46 -15.59
C ARG A 807 85.56 -76.88 -14.59
N GLY A 808 86.48 -76.06 -15.09
CA GLY A 808 87.54 -75.55 -14.23
C GLY A 808 88.36 -76.68 -13.67
N GLY A 809 88.62 -76.63 -12.35
CA GLY A 809 89.37 -77.67 -11.67
C GLY A 809 88.56 -78.60 -10.80
N LEU A 810 87.23 -78.57 -10.89
CA LEU A 810 86.37 -79.38 -10.05
C LEU A 810 85.56 -80.35 -10.90
N ALA A 811 85.28 -81.52 -10.33
CA ALA A 811 84.47 -82.53 -10.98
C ALA A 811 82.99 -82.33 -10.66
N TYR A 812 82.14 -82.70 -11.60
CA TYR A 812 80.70 -82.48 -11.48
C TYR A 812 79.95 -83.67 -12.04
N ALA A 813 78.73 -83.88 -11.52
CA ALA A 813 77.91 -85.02 -11.94
C ALA A 813 76.44 -84.69 -11.74
N THR A 814 75.60 -85.34 -12.55
CA THR A 814 74.16 -85.12 -12.52
C THR A 814 73.42 -86.45 -12.47
N ILE A 815 72.27 -86.46 -11.81
CA ILE A 815 71.39 -87.62 -11.74
C ILE A 815 69.95 -87.15 -11.96
N LYS A 816 69.17 -87.95 -12.69
CA LYS A 816 67.77 -87.63 -12.95
C LYS A 816 66.98 -88.93 -13.03
N TYR A 817 65.67 -88.80 -12.81
CA TYR A 817 64.74 -89.92 -12.94
C TYR A 817 63.77 -89.66 -14.09
N ALA A 818 63.62 -90.64 -14.96
CA ALA A 818 62.65 -90.53 -16.05
C ALA A 818 61.24 -90.52 -15.48
N THR A 819 60.41 -89.61 -15.98
CA THR A 819 59.06 -89.45 -15.46
C THR A 819 58.02 -90.26 -16.23
N GLU A 820 58.35 -90.75 -17.42
CA GLU A 820 57.44 -91.53 -18.23
C GLU A 820 57.88 -92.99 -18.24
N THR A 821 56.95 -93.88 -17.87
CA THR A 821 57.21 -95.31 -17.87
C THR A 821 56.12 -96.01 -18.67
N THR A 822 56.48 -97.13 -19.27
CA THR A 822 55.59 -97.86 -20.16
C THR A 822 55.36 -99.28 -19.65
N ILE A 823 54.15 -99.77 -19.86
CA ILE A 823 53.79 -101.16 -19.57
C ILE A 823 53.34 -101.79 -20.88
N PHE A 824 53.99 -102.88 -21.27
CA PHE A 824 53.71 -103.54 -22.53
C PHE A 824 53.28 -104.98 -22.30
N TYR A 825 52.51 -105.51 -23.25
CA TYR A 825 52.03 -106.88 -23.22
C TYR A 825 52.50 -107.58 -24.50
N LEU A 826 53.04 -108.78 -24.33
CA LEU A 826 53.58 -109.55 -25.44
C LEU A 826 52.70 -110.76 -25.71
N ILE A 827 52.27 -110.91 -26.96
CA ILE A 827 51.49 -112.06 -27.40
C ILE A 827 52.34 -112.83 -28.40
N TYR A 828 52.61 -114.09 -28.09
CA TYR A 828 53.51 -114.91 -28.89
C TYR A 828 52.72 -115.65 -29.96
N ASN A 829 52.97 -115.29 -31.23
CA ASN A 829 52.34 -115.95 -32.36
C ASN A 829 53.29 -116.95 -32.98
N VAL A 830 52.80 -118.15 -33.24
CA VAL A 830 53.60 -119.24 -33.78
C VAL A 830 52.92 -119.81 -35.00
N GLU A 831 53.73 -120.38 -35.91
CA GLU A 831 53.24 -121.01 -37.13
C GLU A 831 54.01 -122.28 -37.37
N PHE A 832 53.40 -123.19 -38.13
CA PHE A 832 53.95 -124.55 -38.27
C PHE A 832 55.36 -124.55 -38.85
N SER A 833 55.72 -123.51 -39.60
CA SER A 833 56.97 -123.55 -40.38
C SER A 833 58.20 -123.54 -39.49
N ASN A 834 58.21 -122.72 -38.44
CA ASN A 834 59.44 -122.45 -37.72
C ASN A 834 59.92 -123.67 -36.93
N THR A 835 61.24 -123.78 -36.78
CA THR A 835 61.86 -124.83 -36.00
C THR A 835 61.74 -124.54 -34.51
N PRO A 836 61.78 -125.58 -33.67
CA PRO A 836 61.73 -125.33 -32.21
C PRO A 836 62.85 -124.44 -31.71
N ASP A 837 64.03 -124.51 -32.32
CA ASP A 837 65.17 -123.69 -31.88
C ASP A 837 65.12 -122.27 -32.43
N SER A 838 64.12 -121.93 -33.24
CA SER A 838 64.04 -120.58 -33.81
C SER A 838 63.82 -119.54 -32.71
N LEU A 839 63.01 -119.86 -31.71
CA LEU A 839 62.69 -118.92 -30.64
C LEU A 839 63.58 -119.06 -29.42
N VAL A 840 64.83 -119.48 -29.61
CA VAL A 840 65.81 -119.59 -28.54
C VAL A 840 67.06 -118.84 -28.97
N LEU A 841 67.30 -117.68 -28.37
CA LEU A 841 68.48 -116.89 -28.69
C LEU A 841 69.72 -117.50 -28.05
N ILE A 842 70.88 -117.22 -28.66
CA ILE A 842 72.13 -117.78 -28.17
C ILE A 842 72.49 -117.18 -26.81
N ASN A 843 72.19 -115.90 -26.61
CA ASN A 843 72.55 -115.22 -25.37
C ASN A 843 71.35 -114.47 -24.82
N PRO A 844 71.29 -114.29 -23.51
CA PRO A 844 70.10 -113.69 -22.90
C PRO A 844 69.90 -112.22 -23.28
N THR A 845 68.63 -111.82 -23.25
CA THR A 845 68.24 -110.42 -23.38
C THR A 845 67.55 -110.02 -22.08
N TYR A 846 68.02 -108.92 -21.48
CA TYR A 846 67.61 -108.53 -20.14
C TYR A 846 66.69 -107.32 -20.17
N THR A 847 65.64 -107.36 -19.37
CA THR A 847 64.73 -106.24 -19.17
C THR A 847 64.78 -105.82 -17.71
N MET A 848 64.74 -104.51 -17.47
CA MET A 848 64.99 -103.95 -16.14
C MET A 848 63.72 -103.49 -15.44
N THR A 849 62.95 -102.62 -16.07
CA THR A 849 61.87 -101.92 -15.38
C THR A 849 60.71 -102.84 -15.03
N LYS A 850 60.14 -102.62 -13.85
CA LYS A 850 58.91 -103.31 -13.43
C LYS A 850 57.99 -102.30 -12.76
N VAL A 851 56.69 -102.54 -12.88
CA VAL A 851 55.67 -101.65 -12.35
C VAL A 851 54.59 -102.48 -11.68
N PHE A 852 54.12 -102.03 -10.51
CA PHE A 852 53.06 -102.70 -9.77
C PHE A 852 51.84 -101.80 -9.67
N ILE A 853 50.66 -102.37 -9.96
CA ILE A 853 49.38 -101.69 -9.82
C ILE A 853 48.44 -102.63 -9.09
N ASN A 854 47.64 -102.08 -8.18
CA ASN A 854 46.79 -102.87 -7.30
C ASN A 854 45.38 -103.06 -7.86
N LYS A 855 45.22 -103.07 -9.18
CA LYS A 855 43.93 -103.36 -9.79
C LYS A 855 44.14 -104.05 -11.13
N ARG A 856 43.10 -104.74 -11.59
CA ARG A 856 43.18 -105.56 -12.79
C ARG A 856 43.04 -104.68 -14.02
N ILE A 857 44.09 -104.63 -14.83
CA ILE A 857 44.03 -103.94 -16.12
C ILE A 857 43.73 -104.93 -17.24
N VAL A 858 44.52 -105.99 -17.34
CA VAL A 858 44.32 -107.07 -18.30
C VAL A 858 44.37 -108.39 -17.55
N GLU A 859 43.38 -109.24 -17.78
CA GLU A 859 43.28 -110.52 -17.10
C GLU A 859 43.13 -111.64 -18.13
N ARG A 860 43.81 -112.76 -17.87
CA ARG A 860 43.73 -113.95 -18.71
C ARG A 860 42.68 -114.88 -18.12
N VAL A 861 41.53 -114.98 -18.80
CA VAL A 861 40.44 -115.82 -18.34
C VAL A 861 40.01 -116.75 -19.47
N ARG A 862 39.38 -117.86 -19.09
CA ARG A 862 38.84 -118.77 -20.07
C ARG A 862 37.52 -118.24 -20.60
N VAL A 863 37.05 -118.87 -21.69
CA VAL A 863 35.83 -118.43 -22.35
C VAL A 863 34.58 -118.63 -21.50
N GLY A 864 34.69 -119.33 -20.38
CA GLY A 864 33.53 -119.53 -19.53
C GLY A 864 33.04 -118.25 -18.88
N GLN A 865 33.95 -117.40 -18.42
CA GLN A 865 33.60 -116.20 -17.68
C GLN A 865 33.64 -114.94 -18.55
N ILE A 866 33.33 -115.07 -19.84
CA ILE A 866 33.24 -113.89 -20.70
C ILE A 866 32.10 -112.98 -20.24
N LEU A 867 30.95 -113.56 -19.92
CA LEU A 867 29.78 -112.82 -19.52
C LEU A 867 29.58 -112.78 -18.01
N ALA A 868 30.56 -113.27 -17.24
CA ALA A 868 30.46 -113.20 -15.79
C ALA A 868 30.65 -111.79 -15.25
N VAL A 869 31.07 -110.84 -16.09
CA VAL A 869 31.26 -109.47 -15.66
C VAL A 869 29.95 -108.74 -15.40
N LEU A 870 28.83 -109.25 -15.94
CA LEU A 870 27.55 -108.57 -15.81
C LEU A 870 27.03 -108.67 -14.39
N ASN A 871 27.31 -107.65 -13.58
CA ASN A 871 26.88 -107.65 -12.18
C ASN A 871 26.43 -106.27 -11.70
N ARG A 872 26.19 -105.32 -12.59
CA ARG A 872 25.80 -103.97 -12.19
C ARG A 872 24.41 -103.66 -12.72
N ARG A 873 23.65 -102.89 -11.94
CA ARG A 873 22.24 -102.64 -12.20
C ARG A 873 22.08 -101.33 -12.95
N PHE A 874 21.31 -101.37 -14.04
CA PHE A 874 21.03 -100.21 -14.87
C PHE A 874 19.53 -99.93 -14.90
N VAL A 875 19.19 -98.67 -15.10
CA VAL A 875 17.80 -98.23 -15.25
C VAL A 875 17.69 -97.41 -16.53
N ALA A 876 16.69 -97.72 -17.34
CA ALA A 876 16.50 -97.06 -18.63
C ALA A 876 15.05 -96.60 -18.77
N TYR A 877 14.87 -95.42 -19.33
CA TYR A 877 13.54 -94.87 -19.56
C TYR A 877 12.96 -95.41 -20.86
N LYS A 878 11.64 -95.46 -20.93
CA LYS A 878 10.95 -96.02 -22.08
C LYS A 878 11.02 -95.09 -23.29
N GLY A 879 10.71 -95.65 -24.46
CA GLY A 879 10.75 -94.86 -25.68
C GLY A 879 9.72 -93.74 -25.68
N LYS A 880 8.50 -94.04 -25.19
CA LYS A 880 7.46 -93.03 -25.09
C LYS A 880 7.77 -91.97 -24.05
N MET A 881 8.76 -92.20 -23.20
CA MET A 881 9.08 -91.28 -22.12
C MET A 881 9.84 -90.07 -22.67
N ARG A 882 9.67 -88.93 -22.02
CA ARG A 882 10.27 -87.68 -22.47
C ARG A 882 11.19 -87.10 -21.41
N ILE A 883 12.34 -86.59 -21.83
CA ILE A 883 13.30 -85.91 -20.97
C ILE A 883 13.33 -84.44 -21.36
N MET A 884 13.13 -83.56 -20.39
CA MET A 884 13.02 -82.13 -20.65
C MET A 884 13.84 -81.35 -19.65
N ASP A 885 14.26 -80.15 -20.06
CA ASP A 885 14.95 -79.21 -19.20
C ASP A 885 14.38 -77.82 -19.45
N ILE A 886 14.59 -76.93 -18.47
CA ILE A 886 14.02 -75.59 -18.56
C ILE A 886 14.58 -74.84 -19.77
N THR A 887 15.88 -74.96 -20.01
CA THR A 887 16.49 -74.28 -21.15
C THR A 887 15.89 -74.75 -22.47
N GLN A 888 15.54 -76.04 -22.56
CA GLN A 888 14.89 -76.54 -23.78
C GLN A 888 13.54 -75.90 -23.99
N SER A 889 12.77 -75.71 -22.91
CA SER A 889 11.44 -75.13 -23.03
C SER A 889 11.51 -73.68 -23.52
N LEU A 890 12.49 -72.92 -23.01
CA LEU A 890 12.65 -71.53 -23.43
C LEU A 890 13.21 -71.40 -24.84
N LYS A 891 13.64 -72.51 -25.45
CA LYS A 891 14.13 -72.53 -26.83
C LYS A 891 15.37 -71.64 -26.98
N MET A 892 16.41 -71.98 -26.24
CA MET A 892 17.67 -71.25 -26.28
C MET A 892 18.34 -71.41 -27.63
N ILE B 12 -30.89 -65.88 -42.71
CA ILE B 12 -30.00 -65.44 -41.65
C ILE B 12 -28.55 -65.59 -42.08
N LYS B 13 -27.80 -64.49 -41.97
CA LYS B 13 -26.39 -64.47 -42.35
C LYS B 13 -25.60 -63.74 -41.28
N THR B 14 -24.33 -64.12 -41.15
CA THR B 14 -23.46 -63.48 -40.16
C THR B 14 -23.10 -62.07 -40.59
N THR B 15 -22.68 -61.27 -39.62
CA THR B 15 -22.12 -59.96 -39.93
C THR B 15 -20.79 -60.14 -40.66
N PRO B 16 -20.48 -59.25 -41.61
CA PRO B 16 -19.28 -59.44 -42.43
C PRO B 16 -18.00 -59.46 -41.60
N TYR B 17 -17.06 -60.29 -42.03
CA TYR B 17 -15.73 -60.37 -41.43
C TYR B 17 -14.70 -60.20 -42.53
N LEU B 18 -13.54 -59.67 -42.14
CA LEU B 18 -12.51 -59.28 -43.10
C LEU B 18 -11.62 -60.46 -43.46
N GLU B 19 -11.50 -60.72 -44.76
CA GLU B 19 -10.62 -61.77 -45.29
C GLU B 19 -9.41 -61.08 -45.92
N GLY B 20 -8.42 -60.77 -45.09
CA GLY B 20 -7.21 -60.13 -45.57
C GLY B 20 -7.43 -58.68 -45.94
N ASP B 21 -8.15 -58.44 -47.03
CA ASP B 21 -8.50 -57.09 -47.45
C ASP B 21 -9.91 -56.98 -48.01
N VAL B 22 -10.69 -58.05 -48.02
CA VAL B 22 -12.04 -58.05 -48.59
C VAL B 22 -13.01 -58.61 -47.57
N LEU B 23 -14.21 -58.03 -47.52
CA LEU B 23 -15.23 -58.49 -46.60
C LEU B 23 -15.95 -59.71 -47.14
N SER B 24 -16.41 -60.57 -46.23
CA SER B 24 -17.12 -61.77 -46.61
C SER B 24 -18.10 -62.13 -45.50
N SER B 25 -19.12 -62.92 -45.86
CA SER B 25 -20.13 -63.31 -44.89
C SER B 25 -20.53 -64.79 -45.02
N ASP B 26 -19.65 -65.63 -45.57
CA ASP B 26 -19.96 -67.04 -45.68
C ASP B 26 -20.00 -67.69 -44.31
N SER B 27 -20.94 -68.62 -44.12
CA SER B 27 -21.09 -69.28 -42.83
C SER B 27 -19.86 -70.12 -42.50
N GLY B 28 -19.31 -70.82 -43.49
CA GLY B 28 -18.15 -71.66 -43.28
C GLY B 28 -18.52 -73.07 -42.88
N PRO B 29 -17.58 -73.79 -42.29
CA PRO B 29 -17.85 -75.17 -41.89
C PRO B 29 -18.84 -75.25 -40.75
N LEU B 30 -19.54 -76.39 -40.69
CA LEU B 30 -20.49 -76.64 -39.62
C LEU B 30 -19.76 -76.75 -38.28
N LEU B 31 -20.44 -76.32 -37.21
CA LEU B 31 -19.84 -76.39 -35.89
C LEU B 31 -19.59 -77.82 -35.45
N SER B 32 -20.38 -78.77 -35.94
CA SER B 32 -20.14 -80.18 -35.62
C SER B 32 -18.86 -80.68 -36.26
N VAL B 33 -18.47 -80.10 -37.39
CA VAL B 33 -17.25 -80.51 -38.07
C VAL B 33 -16.03 -79.77 -37.53
N PHE B 34 -16.19 -78.49 -37.21
CA PHE B 34 -15.07 -77.70 -36.71
C PHE B 34 -14.55 -78.25 -35.38
N ALA B 35 -15.47 -78.68 -34.51
CA ALA B 35 -15.08 -79.17 -33.19
C ALA B 35 -14.20 -80.40 -33.28
N LEU B 36 -14.59 -81.35 -34.12
CA LEU B 36 -13.82 -82.59 -34.26
C LEU B 36 -12.41 -82.32 -34.75
N GLN B 37 -12.27 -81.39 -35.70
CA GLN B 37 -10.95 -81.05 -36.21
C GLN B 37 -10.08 -80.47 -35.10
N GLU B 38 -10.63 -79.58 -34.28
CA GLU B 38 -9.86 -78.99 -33.20
C GLU B 38 -9.44 -80.04 -32.17
N ILE B 39 -10.36 -80.94 -31.80
CA ILE B 39 -10.02 -81.98 -30.83
C ILE B 39 -8.94 -82.90 -31.39
N MET B 40 -9.07 -83.29 -32.66
CA MET B 40 -8.08 -84.15 -33.27
C MET B 40 -6.73 -83.45 -33.37
N GLN B 41 -6.73 -82.15 -33.65
CA GLN B 41 -5.47 -81.42 -33.72
C GLN B 41 -4.79 -81.35 -32.35
N LYS B 42 -5.58 -81.13 -31.29
CA LYS B 42 -5.01 -81.13 -29.95
C LYS B 42 -4.43 -82.50 -29.60
N VAL B 43 -5.16 -83.56 -29.93
CA VAL B 43 -4.65 -84.91 -29.68
C VAL B 43 -3.37 -85.15 -30.46
N ARG B 44 -3.34 -84.75 -31.73
CA ARG B 44 -2.13 -84.88 -32.54
C ARG B 44 -0.97 -84.13 -31.91
N GLN B 45 -1.24 -82.96 -31.35
CA GLN B 45 -0.22 -82.25 -30.59
C GLN B 45 0.23 -83.03 -29.36
N VAL B 46 -0.64 -83.86 -28.78
CA VAL B 46 -0.24 -84.64 -27.62
C VAL B 46 0.85 -85.65 -27.98
N GLN B 47 0.65 -86.44 -29.05
CA GLN B 47 1.65 -87.41 -29.48
C GLN B 47 2.56 -86.87 -30.58
N ALA B 48 2.76 -85.55 -30.64
CA ALA B 48 3.67 -84.99 -31.63
C ALA B 48 5.09 -85.48 -31.42
N ASP B 49 5.52 -85.58 -30.16
CA ASP B 49 6.86 -86.04 -29.84
C ASP B 49 7.01 -87.54 -30.10
N ASP B 63 -10.91 -85.65 -43.68
CA ASP B 63 -10.83 -86.82 -42.81
C ASP B 63 -11.95 -86.82 -41.78
N VAL B 64 -12.43 -85.61 -41.43
CA VAL B 64 -13.51 -85.50 -40.46
C VAL B 64 -14.78 -86.14 -40.99
N GLN B 65 -15.09 -85.91 -42.27
CA GLN B 65 -16.27 -86.53 -42.87
C GLN B 65 -16.12 -88.04 -42.91
N LYS B 66 -14.90 -88.53 -43.15
CA LYS B 66 -14.64 -89.97 -43.16
C LYS B 66 -15.03 -90.62 -41.84
N ILE B 67 -14.94 -89.87 -40.75
CA ILE B 67 -15.36 -90.37 -39.44
C ILE B 67 -16.85 -90.15 -39.21
N LEU B 68 -17.34 -88.97 -39.60
CA LEU B 68 -18.73 -88.62 -39.32
C LEU B 68 -19.69 -89.55 -40.03
N ASP B 69 -19.46 -89.83 -41.31
CA ASP B 69 -20.29 -90.79 -42.00
C ASP B 69 -20.12 -92.19 -41.44
N ASP B 70 -18.94 -92.49 -40.87
CA ASP B 70 -18.74 -93.79 -40.26
C ASP B 70 -19.63 -93.99 -39.04
N ILE B 71 -19.73 -92.98 -38.16
CA ILE B 71 -20.71 -93.07 -37.08
C ILE B 71 -22.12 -93.10 -37.64
N LYS B 72 -22.41 -92.27 -38.66
CA LYS B 72 -23.77 -92.22 -39.19
C LYS B 72 -24.21 -93.57 -39.74
N ALA B 73 -23.26 -94.36 -40.26
CA ALA B 73 -23.60 -95.65 -40.84
C ALA B 73 -24.06 -96.67 -39.79
N LEU B 74 -23.84 -96.39 -38.52
CA LEU B 74 -24.25 -97.32 -37.47
C LEU B 74 -25.76 -97.42 -37.31
N ALA B 75 -26.52 -96.49 -37.91
CA ALA B 75 -27.97 -96.52 -37.80
C ALA B 75 -28.62 -97.55 -38.72
N ALA B 76 -27.87 -98.13 -39.65
CA ALA B 76 -28.42 -99.11 -40.57
C ALA B 76 -27.68 -100.44 -40.45
N GLU B 77 -27.42 -100.87 -39.21
CA GLU B 77 -26.69 -102.10 -38.98
C GLU B 77 -27.59 -103.32 -39.13
N GLN B 78 -26.98 -104.42 -39.60
CA GLN B 78 -27.67 -105.69 -39.70
C GLN B 78 -26.73 -106.79 -39.22
N VAL B 79 -27.30 -107.81 -38.59
CA VAL B 79 -26.53 -108.94 -38.10
C VAL B 79 -27.15 -110.23 -38.63
N TYR B 80 -27.92 -110.12 -39.71
CA TYR B 80 -28.55 -111.25 -40.35
C TYR B 80 -28.83 -110.88 -41.79
N LYS B 81 -29.24 -111.85 -42.59
CA LYS B 81 -29.53 -111.60 -43.99
C LYS B 81 -30.60 -112.58 -44.47
N ILE B 82 -31.60 -112.06 -45.17
CA ILE B 82 -32.63 -112.89 -45.77
C ILE B 82 -32.11 -113.45 -47.08
N VAL B 83 -32.04 -114.78 -47.18
CA VAL B 83 -31.43 -115.44 -48.31
C VAL B 83 -32.47 -116.32 -49.01
N LYS B 84 -32.41 -116.33 -50.34
CA LYS B 84 -33.34 -117.14 -51.12
C LYS B 84 -33.01 -118.62 -51.02
N VAL B 85 -31.74 -118.97 -51.14
CA VAL B 85 -31.28 -120.36 -51.13
C VAL B 85 -30.09 -120.49 -50.19
N PRO B 86 -30.08 -121.48 -49.30
CA PRO B 86 -28.94 -121.65 -48.41
C PRO B 86 -27.67 -122.00 -49.18
N SER B 87 -26.54 -121.57 -48.65
CA SER B 87 -25.25 -121.85 -49.28
C SER B 87 -24.97 -123.35 -49.27
N ILE B 88 -24.40 -123.84 -50.37
CA ILE B 88 -24.09 -125.26 -50.48
C ILE B 88 -22.98 -125.61 -49.49
N SER B 89 -23.18 -126.68 -48.73
CA SER B 89 -22.21 -127.11 -47.73
C SER B 89 -21.36 -128.27 -48.18
N PHE B 90 -21.75 -128.98 -49.23
CA PHE B 90 -21.00 -130.14 -49.71
C PHE B 90 -20.87 -130.08 -51.22
N ARG B 91 -19.80 -130.68 -51.73
CA ARG B 91 -19.58 -130.78 -53.17
C ARG B 91 -18.81 -132.06 -53.46
N HIS B 92 -18.89 -132.51 -54.70
CA HIS B 92 -18.32 -133.78 -55.11
C HIS B 92 -17.25 -133.57 -56.17
N ILE B 93 -16.23 -134.43 -56.13
CA ILE B 93 -15.10 -134.38 -57.04
C ILE B 93 -15.06 -135.68 -57.84
N VAL B 94 -14.86 -135.57 -59.14
CA VAL B 94 -14.80 -136.75 -60.01
C VAL B 94 -13.34 -137.19 -60.13
N MET B 95 -13.10 -138.48 -59.91
CA MET B 95 -11.77 -139.06 -59.98
C MET B 95 -11.60 -139.97 -61.19
N GLN B 96 -12.16 -139.57 -62.34
CA GLN B 96 -12.09 -140.36 -63.57
C GLN B 96 -12.71 -141.75 -63.37
N SER B 97 -13.82 -141.78 -62.63
CA SER B 97 -14.51 -143.04 -62.35
C SER B 97 -16.00 -142.77 -62.19
N ARG B 98 -16.80 -143.81 -62.39
CA ARG B 98 -18.25 -143.70 -62.33
C ARG B 98 -18.85 -144.53 -61.20
N ASP B 99 -18.03 -145.15 -60.36
CA ASP B 99 -18.53 -145.99 -59.28
C ASP B 99 -18.56 -145.28 -57.93
N ARG B 100 -17.64 -144.35 -57.68
CA ARG B 100 -17.62 -143.63 -56.42
C ARG B 100 -16.93 -142.30 -56.63
N VAL B 101 -17.25 -141.34 -55.75
CA VAL B 101 -16.72 -139.99 -55.81
C VAL B 101 -16.31 -139.56 -54.41
N LEU B 102 -15.65 -138.40 -54.34
CA LEU B 102 -15.22 -137.81 -53.08
C LEU B 102 -16.23 -136.78 -52.62
N ARG B 103 -16.59 -136.83 -51.34
CA ARG B 103 -17.49 -135.86 -50.73
C ARG B 103 -16.65 -134.91 -49.87
N VAL B 104 -16.71 -133.63 -50.19
CA VAL B 104 -15.88 -132.61 -49.53
C VAL B 104 -16.80 -131.59 -48.87
N ASP B 105 -16.54 -131.31 -47.60
CA ASP B 105 -17.28 -130.28 -46.87
C ASP B 105 -16.62 -128.93 -47.10
N THR B 106 -17.34 -128.02 -47.75
CA THR B 106 -16.78 -126.71 -48.08
C THR B 106 -16.63 -125.82 -46.84
N TYR B 107 -17.22 -126.20 -45.71
CA TYR B 107 -17.09 -125.40 -44.50
C TYR B 107 -15.62 -125.26 -44.10
N TYR B 108 -14.92 -126.40 -43.97
CA TYR B 108 -13.49 -126.34 -43.66
C TYR B 108 -12.70 -125.72 -44.79
N GLU B 109 -13.16 -125.88 -46.04
CA GLU B 109 -12.47 -125.29 -47.17
C GLU B 109 -12.43 -123.76 -47.05
N GLU B 110 -13.56 -123.16 -46.68
CA GLU B 110 -13.58 -121.72 -46.45
C GLU B 110 -12.95 -121.35 -45.11
N MET B 111 -12.97 -122.27 -44.15
CA MET B 111 -12.50 -122.00 -42.80
C MET B 111 -10.97 -121.94 -42.71
N SER B 112 -10.29 -122.74 -43.53
CA SER B 112 -8.83 -122.83 -43.43
C SER B 112 -8.12 -121.56 -43.86
N GLN B 113 -8.77 -120.70 -44.64
CA GLN B 113 -8.14 -119.49 -45.16
C GLN B 113 -8.61 -118.22 -44.46
N VAL B 114 -9.36 -118.34 -43.37
CA VAL B 114 -9.87 -117.15 -42.68
C VAL B 114 -8.73 -116.38 -42.04
N GLY B 115 -7.84 -117.09 -41.33
CA GLY B 115 -6.76 -116.45 -40.60
C GLY B 115 -5.44 -116.48 -41.33
N ASP B 116 -4.46 -115.80 -40.74
CA ASP B 116 -3.11 -115.75 -41.28
C ASP B 116 -2.25 -116.84 -40.66
N VAL B 117 -0.96 -116.86 -41.03
CA VAL B 117 -0.04 -117.83 -40.49
C VAL B 117 0.22 -117.53 -39.01
N ILE B 118 0.21 -118.57 -38.18
CA ILE B 118 0.39 -118.44 -36.75
C ILE B 118 1.85 -118.74 -36.42
N THR B 119 2.51 -117.80 -35.75
CA THR B 119 3.89 -117.95 -35.34
C THR B 119 3.97 -118.34 -33.87
N GLU B 120 5.19 -118.67 -33.44
CA GLU B 120 5.42 -119.13 -32.07
C GLU B 120 5.70 -118.01 -31.09
N ASP B 121 5.85 -116.76 -31.57
CA ASP B 121 6.23 -115.67 -30.67
C ASP B 121 5.45 -114.39 -30.94
N GLU B 122 4.29 -114.47 -31.58
CA GLU B 122 3.45 -113.30 -31.86
C GLU B 122 2.05 -113.60 -31.36
N PRO B 123 1.80 -113.45 -30.05
CA PRO B 123 0.46 -113.73 -29.53
C PRO B 123 -0.62 -112.84 -30.12
N GLU B 124 -0.28 -111.61 -30.50
CA GLU B 124 -1.28 -110.69 -31.04
C GLU B 124 -1.91 -111.26 -32.31
N LYS B 125 -1.07 -111.77 -33.22
CA LYS B 125 -1.59 -112.39 -34.43
C LYS B 125 -2.43 -113.60 -34.11
N PHE B 126 -2.02 -114.39 -33.12
CA PHE B 126 -2.76 -115.59 -32.74
C PHE B 126 -4.17 -115.23 -32.27
N TYR B 127 -4.28 -114.27 -31.36
CA TYR B 127 -5.58 -113.90 -30.82
C TYR B 127 -6.42 -113.19 -31.87
N SER B 128 -5.80 -112.37 -32.73
CA SER B 128 -6.54 -111.73 -33.81
C SER B 128 -7.10 -112.76 -34.77
N THR B 129 -6.32 -113.80 -35.08
CA THR B 129 -6.80 -114.87 -35.94
C THR B 129 -7.97 -115.61 -35.29
N ILE B 130 -7.88 -115.88 -34.00
CA ILE B 130 -8.97 -116.56 -33.31
C ILE B 130 -10.25 -115.71 -33.37
N ILE B 131 -10.11 -114.41 -33.11
CA ILE B 131 -11.28 -113.52 -33.11
C ILE B 131 -11.87 -113.44 -34.51
N LYS B 132 -11.02 -113.35 -35.54
CA LYS B 132 -11.51 -113.30 -36.91
C LYS B 132 -12.24 -114.59 -37.27
N LYS B 133 -11.73 -115.73 -36.82
CA LYS B 133 -12.40 -117.00 -37.07
C LYS B 133 -13.78 -117.04 -36.41
N VAL B 134 -13.87 -116.57 -35.16
CA VAL B 134 -15.15 -116.55 -34.47
C VAL B 134 -16.14 -115.63 -35.19
N ARG B 135 -15.68 -114.45 -35.60
CA ARG B 135 -16.55 -113.54 -36.32
C ARG B 135 -17.01 -114.14 -37.65
N PHE B 136 -16.10 -114.83 -38.35
CA PHE B 136 -16.47 -115.46 -39.61
C PHE B 136 -17.52 -116.53 -39.42
N ILE B 137 -17.36 -117.38 -38.39
CA ILE B 137 -18.34 -118.43 -38.18
C ILE B 137 -19.68 -117.85 -37.76
N ARG B 138 -19.66 -116.79 -36.97
CA ARG B 138 -20.92 -116.12 -36.60
C ARG B 138 -21.61 -115.56 -37.83
N GLY B 139 -20.85 -114.89 -38.69
CA GLY B 139 -21.43 -114.31 -39.89
C GLY B 139 -21.98 -115.37 -40.84
N LYS B 140 -21.28 -116.49 -40.97
CA LYS B 140 -21.75 -117.56 -41.85
C LYS B 140 -22.97 -118.27 -41.28
N GLY B 141 -23.07 -118.36 -39.96
CA GLY B 141 -24.16 -119.11 -39.36
C GLY B 141 -25.49 -118.42 -39.26
N SER B 142 -25.60 -117.16 -39.68
CA SER B 142 -26.82 -116.38 -39.53
C SER B 142 -27.45 -116.16 -40.89
N PHE B 143 -28.61 -116.78 -41.10
CA PHE B 143 -29.38 -116.60 -42.34
C PHE B 143 -30.80 -117.07 -42.10
N ILE B 144 -31.74 -116.45 -42.82
CA ILE B 144 -33.16 -116.75 -42.72
C ILE B 144 -33.71 -117.04 -44.10
N LEU B 145 -34.44 -118.15 -44.24
CA LEU B 145 -35.04 -118.53 -45.50
C LEU B 145 -36.37 -117.80 -45.67
N HIS B 146 -36.58 -117.25 -46.87
CA HIS B 146 -37.79 -116.48 -47.16
C HIS B 146 -38.82 -117.28 -47.96
N ASP B 147 -38.43 -117.78 -49.13
CA ASP B 147 -39.36 -118.49 -50.00
C ASP B 147 -38.55 -119.42 -50.90
N ILE B 148 -38.64 -120.73 -50.63
CA ILE B 148 -37.85 -121.72 -51.37
C ILE B 148 -38.57 -122.09 -52.67
N PRO B 149 -37.85 -122.39 -53.74
CA PRO B 149 -38.49 -122.93 -54.93
C PRO B 149 -39.07 -124.31 -54.67
N THR B 150 -40.12 -124.65 -55.41
CA THR B 150 -40.80 -125.92 -55.21
C THR B 150 -41.45 -126.36 -56.51
N ARG B 151 -41.74 -127.66 -56.60
CA ARG B 151 -42.35 -128.25 -57.78
C ARG B 151 -43.28 -129.37 -57.36
N ASP B 152 -44.47 -129.40 -57.97
CA ASP B 152 -45.44 -130.45 -57.69
C ASP B 152 -45.07 -131.74 -58.42
N HIS B 153 -45.47 -132.86 -57.84
CA HIS B 153 -45.18 -134.17 -58.44
C HIS B 153 -46.19 -135.18 -57.94
N ARG B 154 -47.01 -135.70 -58.85
CA ARG B 154 -47.98 -136.75 -58.54
C ARG B 154 -48.90 -136.34 -57.38
N GLY B 155 -49.33 -135.08 -57.40
CA GLY B 155 -50.17 -134.55 -56.35
C GLY B 155 -49.44 -134.15 -55.09
N MET B 156 -48.12 -134.31 -55.06
CA MET B 156 -47.32 -134.00 -53.88
C MET B 156 -46.37 -132.86 -54.20
N GLU B 157 -46.09 -132.04 -53.19
CA GLU B 157 -45.24 -130.87 -53.34
C GLU B 157 -43.81 -131.21 -52.93
N VAL B 158 -42.87 -131.06 -53.85
CA VAL B 158 -41.48 -131.44 -53.65
C VAL B 158 -40.60 -130.23 -53.89
N ALA B 159 -39.70 -129.95 -52.95
CA ALA B 159 -38.75 -128.86 -53.11
C ALA B 159 -37.77 -129.17 -54.23
N GLU B 160 -37.41 -128.14 -55.00
CA GLU B 160 -36.49 -128.32 -56.10
C GLU B 160 -35.09 -128.63 -55.58
N PRO B 161 -34.27 -129.34 -56.34
CA PRO B 161 -32.91 -129.69 -55.86
C PRO B 161 -32.02 -128.50 -55.62
N GLU B 162 -32.34 -127.33 -56.21
CA GLU B 162 -31.46 -126.17 -56.08
C GLU B 162 -31.39 -125.66 -54.64
N VAL B 163 -32.49 -125.77 -53.89
CA VAL B 163 -32.50 -125.26 -52.52
C VAL B 163 -31.64 -126.12 -51.60
N LEU B 164 -31.36 -127.37 -51.98
CA LEU B 164 -30.57 -128.24 -51.14
C LEU B 164 -29.13 -127.74 -51.04
N GLY B 165 -28.43 -128.21 -50.01
CA GLY B 165 -27.10 -127.73 -49.72
C GLY B 165 -25.98 -128.49 -50.41
N VAL B 166 -26.32 -129.27 -51.43
CA VAL B 166 -25.33 -130.05 -52.17
C VAL B 166 -25.49 -129.77 -53.66
N GLU B 167 -24.37 -129.79 -54.38
CA GLU B 167 -24.35 -129.63 -55.83
C GLU B 167 -23.64 -130.82 -56.45
N PHE B 168 -24.26 -131.39 -57.48
CA PHE B 168 -23.76 -132.59 -58.15
C PHE B 168 -23.96 -132.48 -59.66
N LYS B 169 -23.72 -131.28 -60.22
CA LYS B 169 -23.94 -131.05 -61.64
C LYS B 169 -23.06 -131.95 -62.50
N ASN B 170 -21.77 -132.07 -62.14
CA ASN B 170 -20.85 -132.86 -62.94
C ASN B 170 -21.01 -134.36 -62.72
N VAL B 171 -21.76 -134.77 -61.69
CA VAL B 171 -21.92 -136.19 -61.41
C VAL B 171 -22.79 -136.86 -62.46
N LEU B 172 -23.84 -136.18 -62.91
CA LEU B 172 -24.83 -136.79 -63.80
C LEU B 172 -24.26 -137.32 -65.11
N PRO B 173 -23.45 -136.57 -65.88
CA PRO B 173 -23.09 -137.04 -67.22
C PRO B 173 -22.24 -138.30 -67.27
N VAL B 174 -21.93 -138.93 -66.14
CA VAL B 174 -21.11 -140.13 -66.15
C VAL B 174 -21.85 -141.35 -65.59
N LEU B 175 -22.90 -141.18 -64.79
CA LEU B 175 -23.58 -142.31 -64.18
C LEU B 175 -24.42 -143.06 -65.20
N THR B 176 -24.66 -144.34 -64.91
CA THR B 176 -25.48 -145.19 -65.76
C THR B 176 -26.96 -144.89 -65.52
N ALA B 177 -27.82 -145.53 -66.34
CA ALA B 177 -29.25 -145.30 -66.24
C ALA B 177 -29.82 -145.75 -64.90
N GLU B 178 -29.34 -146.87 -64.37
CA GLU B 178 -29.85 -147.38 -63.09
C GLU B 178 -29.58 -146.40 -61.96
N HIS B 179 -28.32 -145.97 -61.82
CA HIS B 179 -27.99 -145.02 -60.76
C HIS B 179 -28.64 -143.67 -60.99
N ARG B 180 -28.79 -143.26 -62.25
CA ARG B 180 -29.48 -142.02 -62.56
C ARG B 180 -30.93 -142.08 -62.08
N ALA B 181 -31.61 -143.19 -62.36
CA ALA B 181 -32.98 -143.35 -61.88
C ALA B 181 -33.05 -143.38 -60.37
N MET B 182 -32.08 -144.05 -59.73
CA MET B 182 -32.07 -144.13 -58.27
C MET B 182 -31.92 -142.73 -57.66
N ILE B 183 -30.97 -141.94 -58.15
CA ILE B 183 -30.78 -140.61 -57.59
C ILE B 183 -31.95 -139.69 -57.95
N GLN B 184 -32.57 -139.91 -59.12
CA GLN B 184 -33.77 -139.12 -59.46
C GLN B 184 -34.91 -139.41 -58.48
N ASN B 185 -35.11 -140.69 -58.14
CA ASN B 185 -36.11 -141.02 -57.13
C ASN B 185 -35.75 -140.42 -55.78
N ALA B 186 -34.47 -140.45 -55.43
CA ALA B 186 -34.03 -139.85 -54.16
C ALA B 186 -34.35 -138.35 -54.12
N LEU B 187 -34.09 -137.64 -55.23
CA LEU B 187 -34.46 -136.23 -55.31
C LEU B 187 -35.97 -136.04 -55.22
N ASP B 188 -36.73 -136.86 -55.93
CA ASP B 188 -38.18 -136.74 -55.90
C ASP B 188 -38.78 -137.09 -54.55
N GLY B 189 -38.01 -137.76 -53.69
CA GLY B 189 -38.50 -138.08 -52.37
C GLY B 189 -38.40 -136.97 -51.34
N SER B 190 -37.90 -135.79 -51.73
CA SER B 190 -37.76 -134.66 -50.82
C SER B 190 -39.09 -133.92 -50.69
N ILE B 191 -40.04 -134.59 -50.06
CA ILE B 191 -41.41 -134.07 -49.92
C ILE B 191 -41.49 -133.13 -48.73
N ILE B 192 -42.27 -132.08 -48.87
CA ILE B 192 -42.59 -131.19 -47.76
C ILE B 192 -43.76 -131.78 -46.98
N GLU B 193 -43.53 -132.14 -45.73
CA GLU B 193 -44.47 -132.98 -45.00
C GLU B 193 -45.82 -132.29 -44.82
N ASN B 194 -45.82 -130.96 -44.72
CA ASN B 194 -47.05 -130.20 -44.52
C ASN B 194 -47.48 -129.45 -45.79
N GLY B 195 -46.93 -129.82 -46.94
CA GLY B 195 -47.21 -129.06 -48.15
C GLY B 195 -48.68 -129.09 -48.55
N ASN B 196 -49.34 -130.22 -48.37
CA ASN B 196 -50.74 -130.35 -48.75
C ASN B 196 -51.68 -129.61 -47.82
N VAL B 197 -51.20 -129.13 -46.68
CA VAL B 197 -52.05 -128.43 -45.73
C VAL B 197 -52.44 -127.07 -46.30
N ALA B 198 -53.74 -126.78 -46.31
CA ALA B 198 -54.20 -125.50 -46.82
C ALA B 198 -53.94 -124.40 -45.79
N THR B 199 -53.95 -123.16 -46.28
CA THR B 199 -53.83 -121.91 -45.50
C THR B 199 -52.75 -121.99 -44.43
N ARG B 200 -51.70 -122.77 -44.70
CA ARG B 200 -50.59 -122.89 -43.76
C ARG B 200 -49.72 -121.63 -43.79
N ASP B 201 -48.84 -121.52 -42.79
CA ASP B 201 -47.97 -120.36 -42.63
C ASP B 201 -46.53 -120.62 -43.05
N VAL B 202 -45.95 -121.75 -42.66
CA VAL B 202 -44.55 -122.05 -42.91
C VAL B 202 -44.44 -123.44 -43.50
N ASP B 203 -43.28 -123.72 -44.09
CA ASP B 203 -42.97 -125.02 -44.64
C ASP B 203 -41.66 -125.55 -44.06
N VAL B 204 -41.55 -126.87 -44.02
CA VAL B 204 -40.40 -127.56 -43.42
C VAL B 204 -39.94 -128.63 -44.39
N PHE B 205 -38.62 -128.76 -44.56
CA PHE B 205 -38.06 -129.78 -45.43
C PHE B 205 -36.72 -130.23 -44.86
N ILE B 206 -36.35 -131.47 -45.19
CA ILE B 206 -35.08 -132.03 -44.74
C ILE B 206 -33.98 -131.55 -45.66
N GLY B 207 -32.81 -131.27 -45.08
CA GLY B 207 -31.68 -130.79 -45.85
C GLY B 207 -30.35 -131.21 -45.27
N ALA B 208 -29.25 -130.71 -45.85
CA ALA B 208 -27.91 -130.99 -45.38
C ALA B 208 -27.21 -129.68 -45.05
N CYS B 209 -26.56 -129.64 -43.89
CA CYS B 209 -25.88 -128.44 -43.44
C CYS B 209 -24.83 -128.82 -42.41
N SER B 210 -23.74 -128.07 -42.39
CA SER B 210 -22.68 -128.31 -41.42
C SER B 210 -23.14 -127.98 -40.01
N GLU B 211 -22.66 -128.78 -39.05
CA GLU B 211 -23.08 -128.59 -37.66
C GLU B 211 -22.72 -127.22 -37.08
N PRO B 212 -21.50 -126.70 -37.25
CA PRO B 212 -21.19 -125.39 -36.63
C PRO B 212 -22.11 -124.27 -37.08
N VAL B 213 -22.51 -124.25 -38.35
CA VAL B 213 -23.42 -123.19 -38.81
C VAL B 213 -24.87 -123.57 -38.53
N TYR B 214 -25.19 -124.86 -38.50
CA TYR B 214 -26.55 -125.27 -38.16
C TYR B 214 -26.89 -124.90 -36.72
N ARG B 215 -25.92 -124.97 -35.82
CA ARG B 215 -26.15 -124.57 -34.44
C ARG B 215 -26.52 -123.10 -34.36
N ILE B 216 -25.79 -122.25 -35.07
CA ILE B 216 -26.07 -120.82 -35.05
C ILE B 216 -27.42 -120.53 -35.70
N TYR B 217 -27.74 -121.22 -36.79
CA TYR B 217 -29.04 -121.04 -37.42
C TYR B 217 -30.17 -121.43 -36.46
N ASN B 218 -30.02 -122.56 -35.77
CA ASN B 218 -31.03 -122.99 -34.81
C ASN B 218 -31.17 -122.01 -33.66
N ARG B 219 -30.05 -121.47 -33.18
CA ARG B 219 -30.11 -120.48 -32.11
C ARG B 219 -30.83 -119.22 -32.56
N LEU B 220 -30.54 -118.74 -33.77
CA LEU B 220 -31.23 -117.56 -34.28
C LEU B 220 -32.73 -117.82 -34.41
N GLN B 221 -33.10 -118.99 -34.94
CA GLN B 221 -34.52 -119.33 -35.05
C GLN B 221 -35.18 -119.34 -33.68
N GLY B 222 -34.54 -120.01 -32.70
CA GLY B 222 -35.09 -120.08 -31.37
C GLY B 222 -35.27 -118.72 -30.73
N TYR B 223 -34.33 -117.81 -30.99
CA TYR B 223 -34.54 -116.42 -30.59
C TYR B 223 -35.76 -115.83 -31.29
N ILE B 224 -35.97 -116.22 -32.56
CA ILE B 224 -37.06 -115.63 -33.33
C ILE B 224 -38.43 -115.99 -32.75
N GLU B 225 -38.66 -117.27 -32.42
CA GLU B 225 -40.08 -117.52 -32.08
C GLU B 225 -40.47 -116.96 -30.72
N ALA B 226 -39.56 -116.29 -30.00
CA ALA B 226 -39.85 -115.71 -28.70
C ALA B 226 -40.42 -114.31 -28.92
N VAL B 227 -41.71 -114.14 -28.60
CA VAL B 227 -42.39 -112.87 -28.82
C VAL B 227 -42.01 -111.88 -27.72
N GLN B 228 -41.84 -110.61 -28.11
CA GLN B 228 -41.31 -109.57 -27.22
C GLN B 228 -42.14 -108.29 -27.34
N LEU B 229 -43.47 -108.43 -27.35
CA LEU B 229 -44.33 -107.26 -27.49
C LEU B 229 -44.13 -106.28 -26.34
N GLN B 230 -43.98 -106.80 -25.12
CA GLN B 230 -43.76 -105.93 -23.97
C GLN B 230 -42.48 -105.12 -24.11
N GLU B 231 -41.44 -105.71 -24.71
CA GLU B 231 -40.20 -104.98 -24.94
C GLU B 231 -40.44 -103.79 -25.86
N LEU B 232 -41.19 -103.99 -26.94
CA LEU B 232 -41.52 -102.88 -27.84
C LEU B 232 -42.35 -101.81 -27.13
N ARG B 233 -43.31 -102.24 -26.31
CA ARG B 233 -44.13 -101.28 -25.57
C ARG B 233 -43.26 -100.43 -24.64
N ASN B 234 -42.35 -101.07 -23.91
CA ASN B 234 -41.47 -100.34 -23.01
C ASN B 234 -40.55 -99.40 -23.78
N SER B 235 -40.06 -99.85 -24.94
CA SER B 235 -39.19 -99.01 -25.76
C SER B 235 -39.94 -97.76 -26.24
N ILE B 236 -41.19 -97.93 -26.68
CA ILE B 236 -41.96 -96.79 -27.13
C ILE B 236 -42.25 -95.84 -25.97
N GLY B 237 -42.54 -96.39 -24.79
CA GLY B 237 -42.74 -95.55 -23.62
C GLY B 237 -41.51 -94.73 -23.27
N TRP B 238 -40.34 -95.37 -23.32
CA TRP B 238 -39.10 -94.64 -23.05
C TRP B 238 -38.84 -93.58 -24.12
N LEU B 239 -39.18 -93.89 -25.37
CA LEU B 239 -39.05 -92.88 -26.43
C LEU B 239 -39.93 -91.68 -26.17
N GLU B 240 -41.16 -91.91 -25.70
CA GLU B 240 -42.04 -90.79 -25.35
C GLU B 240 -41.48 -89.99 -24.19
N ARG B 241 -40.95 -90.68 -23.17
CA ARG B 241 -40.35 -89.96 -22.04
C ARG B 241 -39.16 -89.13 -22.47
N LEU B 242 -38.36 -89.64 -23.41
CA LEU B 242 -37.25 -88.86 -23.95
C LEU B 242 -37.75 -87.66 -24.75
N GLY B 243 -38.74 -87.87 -25.61
CA GLY B 243 -39.30 -86.79 -26.40
C GLY B 243 -39.97 -85.72 -25.56
N HIS B 244 -40.40 -86.08 -24.34
CA HIS B 244 -40.85 -85.07 -23.38
C HIS B 244 -39.80 -83.99 -23.20
N ARG B 245 -38.54 -84.41 -22.98
CA ARG B 245 -37.45 -83.48 -22.69
C ARG B 245 -36.86 -82.85 -23.94
N LYS B 246 -36.90 -83.54 -25.08
CA LYS B 246 -36.28 -83.04 -26.30
C LYS B 246 -37.16 -82.10 -27.09
N ARG B 247 -38.37 -81.79 -26.58
CA ARG B 247 -39.30 -80.89 -27.25
C ARG B 247 -39.64 -81.37 -28.65
N ILE B 248 -40.01 -82.63 -28.76
CA ILE B 248 -40.44 -83.22 -30.01
C ILE B 248 -41.94 -83.01 -30.16
N THR B 249 -42.37 -82.70 -31.38
CA THR B 249 -43.79 -82.47 -31.64
C THR B 249 -44.60 -83.72 -31.31
N TYR B 250 -45.77 -83.52 -30.72
CA TYR B 250 -46.60 -84.61 -30.24
C TYR B 250 -47.60 -85.01 -31.32
N SER B 251 -47.45 -86.23 -31.82
CA SER B 251 -48.38 -86.73 -32.82
C SER B 251 -49.77 -86.92 -32.21
N GLN B 252 -50.80 -86.61 -33.00
CA GLN B 252 -52.17 -86.73 -32.52
C GLN B 252 -52.56 -88.18 -32.27
N GLU B 253 -51.87 -89.13 -32.89
CA GLU B 253 -52.22 -90.54 -32.81
C GLU B 253 -51.67 -91.18 -31.53
N VAL B 254 -52.36 -92.21 -31.07
CA VAL B 254 -51.95 -93.01 -29.92
C VAL B 254 -51.82 -94.46 -30.36
N LEU B 255 -50.66 -95.07 -30.06
CA LEU B 255 -50.33 -96.39 -30.57
C LEU B 255 -51.29 -97.45 -30.03
N THR B 256 -51.59 -98.43 -30.87
CA THR B 256 -52.47 -99.54 -30.52
C THR B 256 -51.69 -100.85 -30.57
N ASP B 257 -52.10 -101.80 -29.72
CA ASP B 257 -51.48 -103.11 -29.67
C ASP B 257 -52.19 -104.02 -30.67
N PHE B 258 -51.56 -104.23 -31.83
CA PHE B 258 -52.14 -105.07 -32.87
C PHE B 258 -51.04 -105.94 -33.47
N ARG B 259 -51.45 -107.10 -33.99
CA ARG B 259 -50.55 -108.02 -34.66
C ARG B 259 -51.21 -108.48 -35.95
N ARG B 260 -50.60 -108.14 -37.08
CA ARG B 260 -51.13 -108.59 -38.36
C ARG B 260 -50.91 -110.09 -38.54
N GLN B 261 -51.91 -110.76 -39.12
CA GLN B 261 -51.83 -112.21 -39.29
C GLN B 261 -50.80 -112.63 -40.33
N ASP B 262 -50.25 -111.68 -41.11
CA ASP B 262 -49.30 -112.00 -42.17
C ASP B 262 -47.94 -111.37 -41.92
N THR B 263 -47.64 -110.98 -40.69
CA THR B 263 -46.37 -110.33 -40.36
C THR B 263 -45.70 -111.05 -39.19
N ILE B 264 -44.38 -111.14 -39.25
CA ILE B 264 -43.58 -111.69 -38.17
C ILE B 264 -42.54 -110.64 -37.78
N TRP B 265 -42.53 -110.27 -36.51
CA TRP B 265 -41.68 -109.19 -36.03
C TRP B 265 -40.32 -109.72 -35.58
N VAL B 266 -39.29 -108.91 -35.81
CA VAL B 266 -37.95 -109.16 -35.27
C VAL B 266 -37.46 -107.87 -34.61
N LEU B 267 -36.84 -108.01 -33.45
CA LEU B 267 -36.35 -106.87 -32.68
C LEU B 267 -34.93 -107.21 -32.23
N ALA B 268 -33.93 -106.74 -32.97
CA ALA B 268 -32.55 -107.07 -32.67
C ALA B 268 -32.00 -106.30 -31.47
N LEU B 269 -32.55 -105.11 -31.20
CA LEU B 269 -32.01 -104.23 -30.18
C LEU B 269 -33.07 -103.91 -29.13
N GLN B 270 -32.63 -103.78 -27.88
CA GLN B 270 -33.47 -103.32 -26.79
C GLN B 270 -33.10 -101.87 -26.49
N LEU B 271 -34.11 -101.00 -26.40
CA LEU B 271 -33.89 -99.56 -26.41
C LEU B 271 -33.39 -98.98 -25.08
N PRO B 272 -33.95 -99.36 -23.91
CA PRO B 272 -33.51 -98.70 -22.67
C PRO B 272 -32.07 -99.05 -22.30
N VAL B 273 -31.13 -98.40 -22.98
CA VAL B 273 -29.71 -98.69 -22.78
C VAL B 273 -29.27 -98.26 -21.39
N ASN B 274 -28.49 -99.12 -20.73
CA ASN B 274 -27.94 -98.81 -19.42
C ASN B 274 -26.71 -97.93 -19.57
N PRO B 275 -26.62 -96.81 -18.83
CA PRO B 275 -25.45 -95.92 -18.96
C PRO B 275 -24.17 -96.51 -18.37
N GLN B 276 -24.26 -97.47 -17.46
CA GLN B 276 -23.05 -98.05 -16.89
C GLN B 276 -22.25 -98.79 -17.95
N VAL B 277 -22.93 -99.40 -18.92
CA VAL B 277 -22.24 -100.14 -19.97
C VAL B 277 -21.32 -99.22 -20.76
N VAL B 278 -21.75 -97.99 -21.01
CA VAL B 278 -20.96 -97.06 -21.81
C VAL B 278 -19.98 -96.26 -20.95
N TRP B 279 -20.30 -96.05 -19.67
CA TRP B 279 -19.43 -95.24 -18.81
C TRP B 279 -18.48 -96.06 -17.96
N ASP B 280 -18.50 -97.39 -18.07
CA ASP B 280 -17.54 -98.21 -17.34
C ASP B 280 -16.22 -98.39 -18.08
N VAL B 281 -16.15 -98.03 -19.35
CA VAL B 281 -14.91 -98.19 -20.11
C VAL B 281 -13.86 -97.22 -19.60
N PRO B 282 -12.67 -97.69 -19.22
CA PRO B 282 -11.64 -96.77 -18.72
C PRO B 282 -11.16 -95.83 -19.80
N ARG B 283 -10.82 -94.61 -19.36
CA ARG B 283 -10.28 -93.57 -20.24
C ARG B 283 -11.19 -93.32 -21.45
N SER B 284 -12.49 -93.24 -21.19
CA SER B 284 -13.48 -93.04 -22.25
C SER B 284 -14.09 -91.64 -22.21
N SER B 285 -13.53 -90.71 -21.43
CA SER B 285 -14.09 -89.36 -21.35
C SER B 285 -14.01 -88.65 -22.70
N ILE B 286 -12.84 -88.68 -23.33
CA ILE B 286 -12.67 -88.03 -24.63
C ILE B 286 -13.55 -88.72 -25.67
N ALA B 287 -13.62 -90.05 -25.63
CA ALA B 287 -14.46 -90.79 -26.57
C ALA B 287 -15.92 -90.39 -26.43
N ASN B 288 -16.42 -90.35 -25.19
CA ASN B 288 -17.82 -89.98 -24.97
C ASN B 288 -18.08 -88.54 -25.39
N LEU B 289 -17.13 -87.64 -25.10
CA LEU B 289 -17.31 -86.24 -25.50
C LEU B 289 -17.38 -86.12 -27.02
N ILE B 290 -16.48 -86.81 -27.73
CA ILE B 290 -16.48 -86.74 -29.19
C ILE B 290 -17.78 -87.30 -29.75
N MET B 291 -18.21 -88.45 -29.23
CA MET B 291 -19.44 -89.05 -29.74
C MET B 291 -20.64 -88.14 -29.49
N ASN B 292 -20.73 -87.57 -28.29
CA ASN B 292 -21.84 -86.68 -27.97
C ASN B 292 -21.85 -85.44 -28.84
N ILE B 293 -20.68 -84.82 -29.04
CA ILE B 293 -20.63 -83.59 -29.81
C ILE B 293 -20.87 -83.86 -31.29
N ALA B 294 -20.55 -85.09 -31.73
CA ALA B 294 -20.86 -85.46 -33.11
C ALA B 294 -22.35 -85.72 -33.29
N THR B 295 -23.01 -86.32 -32.29
CA THR B 295 -24.39 -86.77 -32.47
C THR B 295 -25.43 -85.74 -32.04
N CYS B 296 -25.07 -84.73 -31.25
CA CYS B 296 -26.06 -83.83 -30.68
C CYS B 296 -25.80 -82.35 -30.93
N LEU B 297 -24.56 -81.92 -31.02
CA LEU B 297 -24.27 -80.49 -31.10
C LEU B 297 -24.77 -79.92 -32.43
N PRO B 298 -25.61 -78.89 -32.41
CA PRO B 298 -26.10 -78.30 -33.65
C PRO B 298 -25.20 -77.16 -34.14
N THR B 299 -25.36 -76.85 -35.42
CA THR B 299 -24.65 -75.73 -36.01
C THR B 299 -25.33 -74.42 -35.63
N GLY B 300 -24.73 -73.30 -36.02
CA GLY B 300 -25.27 -72.01 -35.67
C GLY B 300 -24.62 -70.90 -36.46
N GLU B 301 -24.98 -69.67 -36.12
CA GLU B 301 -24.50 -68.51 -36.85
C GLU B 301 -24.27 -67.39 -35.85
N TYR B 302 -23.38 -66.46 -36.20
CA TYR B 302 -22.93 -65.42 -35.29
C TYR B 302 -23.42 -64.05 -35.74
N ILE B 303 -23.94 -63.27 -34.79
CA ILE B 303 -24.58 -61.99 -35.07
C ILE B 303 -24.02 -60.94 -34.13
N ALA B 304 -23.69 -59.76 -34.67
CA ALA B 304 -23.25 -58.60 -33.90
C ALA B 304 -24.45 -57.97 -33.19
N PRO B 305 -24.22 -57.24 -32.09
CA PRO B 305 -25.36 -56.64 -31.38
C PRO B 305 -26.14 -55.65 -32.24
N ASN B 306 -25.46 -54.92 -33.11
CA ASN B 306 -26.10 -54.03 -34.06
C ASN B 306 -25.91 -54.58 -35.46
N PRO B 307 -26.96 -54.86 -36.20
CA PRO B 307 -26.80 -55.38 -37.56
C PRO B 307 -26.27 -54.31 -38.50
N ARG B 308 -25.72 -54.78 -39.63
CA ARG B 308 -25.30 -53.95 -40.76
C ARG B 308 -24.39 -52.80 -40.34
N ILE B 309 -23.53 -53.03 -39.34
CA ILE B 309 -22.55 -52.03 -38.95
C ILE B 309 -21.48 -51.83 -40.02
N SER B 310 -21.34 -52.77 -40.95
CA SER B 310 -20.40 -52.59 -42.05
C SER B 310 -20.84 -51.47 -42.99
N SER B 311 -22.14 -51.18 -43.05
CA SER B 311 -22.63 -50.11 -43.92
C SER B 311 -22.34 -48.73 -43.34
N ILE B 312 -22.41 -48.59 -42.02
CA ILE B 312 -22.22 -47.27 -41.41
C ILE B 312 -20.74 -46.89 -41.49
N THR B 313 -20.49 -45.58 -41.56
CA THR B 313 -19.13 -45.08 -41.68
C THR B 313 -18.39 -45.22 -40.35
N LEU B 314 -17.06 -45.31 -40.46
CA LEU B 314 -16.22 -45.54 -39.28
C LEU B 314 -16.35 -44.41 -38.27
N THR B 315 -16.55 -43.17 -38.75
CA THR B 315 -16.61 -42.03 -37.85
C THR B 315 -17.76 -42.14 -36.86
N GLN B 316 -18.87 -42.74 -37.27
CA GLN B 316 -19.99 -42.94 -36.36
C GLN B 316 -19.75 -44.07 -35.37
N ARG B 317 -18.75 -44.92 -35.60
CA ARG B 317 -18.44 -46.00 -34.67
C ARG B 317 -17.39 -45.59 -33.65
N ILE B 318 -16.41 -44.80 -34.04
CA ILE B 318 -15.37 -44.30 -33.15
C ILE B 318 -15.79 -42.90 -32.73
N THR B 319 -16.13 -42.73 -31.45
CA THR B 319 -16.71 -41.49 -30.96
C THR B 319 -15.85 -40.78 -29.92
N THR B 320 -15.03 -41.51 -29.17
CA THR B 320 -14.29 -40.94 -28.05
C THR B 320 -12.87 -41.49 -28.07
N THR B 321 -12.15 -41.31 -26.96
CA THR B 321 -10.80 -41.83 -26.81
C THR B 321 -10.76 -42.84 -25.68
N GLY B 322 -9.72 -43.67 -25.69
CA GLY B 322 -9.56 -44.70 -24.68
C GLY B 322 -9.43 -46.07 -25.29
N PRO B 323 -9.07 -47.07 -24.47
CA PRO B 323 -8.94 -48.44 -25.01
C PRO B 323 -10.21 -48.97 -25.63
N PHE B 324 -11.37 -48.70 -25.02
CA PHE B 324 -12.62 -49.20 -25.58
C PHE B 324 -12.95 -48.52 -26.91
N ALA B 325 -12.64 -47.23 -27.03
CA ALA B 325 -12.85 -46.54 -28.29
C ALA B 325 -12.00 -47.13 -29.41
N ILE B 326 -10.74 -47.45 -29.10
CA ILE B 326 -9.88 -48.10 -30.09
C ILE B 326 -10.43 -49.47 -30.44
N LEU B 327 -10.87 -50.23 -29.44
CA LEU B 327 -11.40 -51.56 -29.69
C LEU B 327 -12.68 -51.49 -30.53
N THR B 328 -13.56 -50.55 -30.22
CA THR B 328 -14.81 -50.41 -30.97
C THR B 328 -14.52 -49.91 -32.38
N GLY B 329 -15.25 -50.47 -33.35
CA GLY B 329 -15.11 -50.08 -34.73
C GLY B 329 -14.19 -50.94 -35.56
N SER B 330 -13.32 -51.72 -34.91
CA SER B 330 -12.42 -52.60 -35.64
C SER B 330 -13.14 -53.86 -36.08
N THR B 331 -12.85 -54.32 -37.29
CA THR B 331 -13.52 -55.53 -37.71
C THR B 331 -12.64 -56.75 -37.47
N PRO B 332 -13.23 -57.86 -37.00
CA PRO B 332 -12.42 -59.05 -36.72
C PRO B 332 -11.89 -59.70 -38.00
N THR B 333 -10.73 -60.33 -37.86
CA THR B 333 -10.19 -61.12 -38.95
C THR B 333 -10.86 -62.49 -39.00
N ALA B 334 -10.66 -63.19 -40.12
CA ALA B 334 -11.27 -64.51 -40.27
C ALA B 334 -10.73 -65.50 -39.27
N GLN B 335 -9.43 -65.44 -38.97
CA GLN B 335 -8.82 -66.41 -38.08
C GLN B 335 -9.39 -66.30 -36.66
N GLN B 336 -9.63 -65.07 -36.19
CA GLN B 336 -10.15 -64.88 -34.84
C GLN B 336 -11.57 -65.41 -34.68
N LEU B 337 -12.30 -65.56 -35.79
CA LEU B 337 -13.62 -66.18 -35.70
C LEU B 337 -13.51 -67.62 -35.23
N ASN B 338 -12.45 -68.33 -35.62
CA ASN B 338 -12.23 -69.68 -35.14
C ASN B 338 -12.04 -69.71 -33.62
N ASP B 339 -11.29 -68.75 -33.09
CA ASP B 339 -11.11 -68.68 -31.64
C ASP B 339 -12.42 -68.32 -30.94
N VAL B 340 -13.24 -67.47 -31.56
CA VAL B 340 -14.57 -67.20 -31.00
C VAL B 340 -15.39 -68.49 -30.97
N ARG B 341 -15.30 -69.29 -32.03
CA ARG B 341 -15.97 -70.58 -32.06
C ARG B 341 -15.47 -71.49 -30.93
N LYS B 342 -14.16 -71.48 -30.69
CA LYS B 342 -13.60 -72.28 -29.60
C LYS B 342 -14.15 -71.82 -28.25
N ILE B 343 -14.23 -70.49 -28.05
CA ILE B 343 -14.76 -69.96 -26.79
C ILE B 343 -16.20 -70.41 -26.59
N TYR B 344 -17.02 -70.30 -27.63
CA TYR B 344 -18.40 -70.74 -27.51
C TYR B 344 -18.49 -72.24 -27.26
N LEU B 345 -17.64 -73.02 -27.94
CA LEU B 345 -17.59 -74.46 -27.72
C LEU B 345 -17.32 -74.79 -26.27
N ALA B 346 -16.35 -74.09 -25.67
CA ALA B 346 -16.12 -74.25 -24.24
C ALA B 346 -17.31 -73.81 -23.42
N LEU B 347 -18.06 -72.82 -23.92
CA LEU B 347 -19.24 -72.37 -23.17
C LEU B 347 -20.31 -73.46 -23.10
N MET B 348 -20.56 -74.17 -24.21
CA MET B 348 -21.56 -75.23 -24.15
C MET B 348 -21.15 -76.37 -23.22
N PHE B 349 -19.87 -76.73 -23.17
CA PHE B 349 -19.43 -77.81 -22.30
C PHE B 349 -18.69 -77.23 -21.09
N PRO B 350 -19.31 -77.18 -19.93
CA PRO B 350 -18.72 -76.47 -18.79
C PRO B 350 -17.43 -77.10 -18.26
N GLY B 351 -17.49 -78.38 -17.92
CA GLY B 351 -16.38 -79.01 -17.23
C GLY B 351 -15.45 -79.84 -18.10
N GLN B 352 -15.79 -79.98 -19.39
CA GLN B 352 -15.01 -80.81 -20.28
C GLN B 352 -14.10 -80.02 -21.21
N ILE B 353 -14.37 -78.74 -21.43
CA ILE B 353 -13.53 -77.87 -22.25
C ILE B 353 -13.05 -76.71 -21.39
N ILE B 354 -11.74 -76.47 -21.41
CA ILE B 354 -11.12 -75.42 -20.61
C ILE B 354 -10.27 -74.55 -21.52
N LEU B 355 -10.20 -73.26 -21.21
CA LEU B 355 -9.48 -72.30 -22.03
C LEU B 355 -8.09 -72.02 -21.48
N ASP B 356 -7.23 -71.52 -22.37
CA ASP B 356 -5.91 -71.04 -22.00
C ASP B 356 -5.49 -69.98 -23.01
N LEU B 357 -4.54 -69.15 -22.62
CA LEU B 357 -4.10 -68.03 -23.45
C LEU B 357 -2.92 -68.43 -24.33
N LYS B 358 -2.97 -68.02 -25.59
CA LYS B 358 -1.88 -68.26 -26.54
C LYS B 358 -0.94 -67.07 -26.52
N ILE B 359 0.27 -67.28 -26.01
CA ILE B 359 1.28 -66.23 -25.95
C ILE B 359 2.47 -66.68 -26.79
N ASP B 360 2.79 -65.90 -27.81
CA ASP B 360 3.98 -66.16 -28.61
C ASP B 360 5.14 -65.34 -28.07
N PRO B 361 6.29 -65.97 -27.81
CA PRO B 361 7.42 -65.21 -27.24
C PRO B 361 7.91 -64.08 -28.13
N GLY B 362 7.67 -64.15 -29.43
CA GLY B 362 8.13 -63.11 -30.34
C GLY B 362 7.00 -62.31 -30.97
N GLU B 363 5.97 -61.98 -30.18
CA GLU B 363 4.85 -61.20 -30.65
C GLU B 363 4.57 -60.06 -29.69
N ARG B 364 3.78 -59.11 -30.16
CA ARG B 364 3.43 -57.92 -29.38
C ARG B 364 2.08 -57.41 -29.86
N MET B 365 1.56 -56.40 -29.17
CA MET B 365 0.22 -55.90 -29.43
C MET B 365 0.05 -54.55 -28.76
N ASP B 366 -0.99 -53.85 -29.15
CA ASP B 366 -1.38 -52.63 -28.48
C ASP B 366 -1.97 -53.01 -27.11
N PRO B 367 -1.47 -52.46 -26.01
CA PRO B 367 -1.95 -52.89 -24.69
C PRO B 367 -3.45 -52.68 -24.47
N ALA B 368 -4.09 -51.84 -25.29
CA ALA B 368 -5.51 -51.60 -25.13
C ALA B 368 -6.32 -52.88 -25.29
N VAL B 369 -5.92 -53.74 -26.24
CA VAL B 369 -6.66 -54.98 -26.45
C VAL B 369 -6.51 -55.91 -25.24
N ARG B 370 -5.32 -55.95 -24.63
CA ARG B 370 -5.14 -56.74 -23.43
C ARG B 370 -5.98 -56.19 -22.28
N MET B 371 -6.03 -54.86 -22.16
CA MET B 371 -6.84 -54.24 -21.11
C MET B 371 -8.30 -54.62 -21.27
N VAL B 372 -8.81 -54.49 -22.49
CA VAL B 372 -10.23 -54.77 -22.75
C VAL B 372 -10.53 -56.25 -22.54
N ALA B 373 -9.63 -57.14 -22.98
CA ALA B 373 -9.84 -58.56 -22.77
C ALA B 373 -9.87 -58.89 -21.27
N GLY B 374 -8.98 -58.28 -20.50
CA GLY B 374 -8.99 -58.50 -19.06
C GLY B 374 -10.28 -58.03 -18.41
N VAL B 375 -10.80 -56.89 -18.86
CA VAL B 375 -12.07 -56.40 -18.32
C VAL B 375 -13.21 -57.35 -18.69
N VAL B 376 -13.23 -57.80 -19.94
CA VAL B 376 -14.36 -58.59 -20.43
C VAL B 376 -14.38 -59.98 -19.80
N GLY B 377 -13.21 -60.59 -19.63
CA GLY B 377 -13.16 -61.99 -19.23
C GLY B 377 -13.86 -62.28 -17.92
N HIS B 378 -13.85 -61.33 -17.00
CA HIS B 378 -14.52 -61.54 -15.71
C HIS B 378 -16.02 -61.70 -15.89
N LEU B 379 -16.63 -60.88 -16.75
CA LEU B 379 -18.06 -61.00 -16.99
C LEU B 379 -18.40 -62.18 -17.89
N LEU B 380 -17.54 -62.48 -18.86
CA LEU B 380 -17.87 -63.47 -19.88
C LEU B 380 -17.81 -64.89 -19.35
N PHE B 381 -16.87 -65.20 -18.46
CA PHE B 381 -16.63 -66.56 -18.01
C PHE B 381 -17.04 -66.73 -16.55
N THR B 382 -17.02 -67.97 -16.10
CA THR B 382 -17.26 -68.33 -14.70
C THR B 382 -16.15 -69.23 -14.21
N ALA B 383 -15.89 -69.18 -12.91
CA ALA B 383 -14.83 -69.97 -12.30
C ALA B 383 -15.07 -70.07 -10.81
N GLY B 384 -15.00 -71.29 -10.28
CA GLY B 384 -15.17 -71.52 -8.86
C GLY B 384 -16.61 -71.81 -8.47
N GLY B 385 -16.77 -72.23 -7.22
CA GLY B 385 -18.08 -72.57 -6.70
C GLY B 385 -18.52 -73.98 -7.04
N ARG B 386 -18.91 -74.20 -8.29
CA ARG B 386 -19.36 -75.50 -8.76
C ARG B 386 -18.51 -76.06 -9.88
N PHE B 387 -18.11 -75.23 -10.84
CA PHE B 387 -17.27 -75.67 -11.94
C PHE B 387 -16.52 -74.46 -12.49
N THR B 388 -15.59 -74.73 -13.39
CA THR B 388 -14.77 -73.69 -14.00
C THR B 388 -14.68 -73.91 -15.50
N ASN B 389 -14.42 -72.81 -16.22
CA ASN B 389 -14.23 -72.86 -17.66
C ASN B 389 -12.81 -72.48 -18.07
N LEU B 390 -11.98 -72.05 -17.13
CA LEU B 390 -10.64 -71.56 -17.45
C LEU B 390 -9.66 -71.99 -16.37
N THR B 391 -8.40 -72.17 -16.77
CA THR B 391 -7.37 -72.63 -15.87
C THR B 391 -7.00 -71.53 -14.87
N GLN B 392 -6.27 -71.93 -13.83
CA GLN B 392 -5.84 -70.98 -12.81
C GLN B 392 -4.91 -69.93 -13.40
N ASN B 393 -4.02 -70.34 -14.31
CA ASN B 393 -3.10 -69.40 -14.93
C ASN B 393 -3.86 -68.33 -15.72
N MET B 394 -4.88 -68.74 -16.47
CA MET B 394 -5.68 -67.76 -17.21
C MET B 394 -6.38 -66.79 -16.26
N ALA B 395 -6.87 -67.30 -15.13
CA ALA B 395 -7.48 -66.42 -14.13
C ALA B 395 -6.47 -65.40 -13.62
N ARG B 396 -5.25 -65.84 -13.35
CA ARG B 396 -4.23 -64.92 -12.86
C ARG B 396 -3.90 -63.86 -13.90
N GLN B 397 -3.76 -64.25 -15.17
CA GLN B 397 -3.48 -63.27 -16.22
C GLN B 397 -4.63 -62.28 -16.37
N LEU B 398 -5.87 -62.76 -16.31
CA LEU B 398 -7.01 -61.85 -16.40
C LEU B 398 -7.05 -60.89 -15.23
N ASP B 399 -6.73 -61.37 -14.02
CA ASP B 399 -6.68 -60.48 -12.86
C ASP B 399 -5.60 -59.42 -13.03
N ILE B 400 -4.43 -59.82 -13.54
CA ILE B 400 -3.36 -58.85 -13.77
C ILE B 400 -3.78 -57.80 -14.79
N ALA B 401 -4.43 -58.24 -15.87
CA ALA B 401 -4.89 -57.29 -16.89
C ALA B 401 -5.92 -56.33 -16.33
N LEU B 402 -6.85 -56.84 -15.51
CA LEU B 402 -7.84 -55.97 -14.88
C LEU B 402 -7.17 -54.96 -13.95
N ASN B 403 -6.17 -55.40 -13.19
CA ASN B 403 -5.42 -54.49 -12.34
C ASN B 403 -4.76 -53.38 -13.15
N ASP B 404 -4.11 -53.76 -14.25
CA ASP B 404 -3.44 -52.77 -15.09
C ASP B 404 -4.45 -51.79 -15.68
N TYR B 405 -5.62 -52.27 -16.08
CA TYR B 405 -6.64 -51.36 -16.61
C TYR B 405 -7.14 -50.42 -15.53
N LEU B 406 -7.34 -50.93 -14.32
CA LEU B 406 -7.84 -50.08 -13.24
C LEU B 406 -6.85 -49.00 -12.86
N LEU B 407 -5.55 -49.28 -12.97
CA LEU B 407 -4.53 -48.26 -12.74
C LEU B 407 -4.08 -47.56 -14.02
N TYR B 408 -4.97 -47.44 -15.00
CA TYR B 408 -4.69 -46.70 -16.24
C TYR B 408 -5.46 -45.38 -16.19
N MET B 409 -4.76 -44.31 -15.86
CA MET B 409 -5.38 -42.99 -15.73
C MET B 409 -5.30 -42.25 -17.08
N TYR B 410 -6.15 -42.70 -18.01
CA TYR B 410 -6.11 -42.19 -19.37
C TYR B 410 -6.93 -40.92 -19.56
N ASN B 411 -7.96 -40.72 -18.75
CA ASN B 411 -8.82 -39.55 -18.93
C ASN B 411 -8.97 -38.72 -17.67
N THR B 412 -9.01 -39.35 -16.49
CA THR B 412 -9.17 -38.63 -15.24
C THR B 412 -8.41 -39.37 -14.15
N ARG B 413 -8.12 -38.66 -13.07
CA ARG B 413 -7.34 -39.19 -11.96
C ARG B 413 -8.19 -39.26 -10.71
N VAL B 414 -8.08 -40.37 -9.99
CA VAL B 414 -8.75 -40.56 -8.71
C VAL B 414 -7.74 -41.10 -7.70
N GLN B 415 -8.04 -40.87 -6.42
CA GLN B 415 -7.15 -41.32 -5.36
C GLN B 415 -7.26 -42.83 -5.16
N VAL B 416 -6.14 -43.45 -4.83
CA VAL B 416 -6.05 -44.89 -4.63
C VAL B 416 -5.17 -45.17 -3.42
N ASN B 417 -5.58 -46.13 -2.59
CA ASN B 417 -4.80 -46.56 -1.44
C ASN B 417 -4.38 -48.00 -1.66
N TYR B 418 -3.08 -48.25 -1.59
CA TYR B 418 -2.53 -49.58 -1.84
C TYR B 418 -2.52 -50.42 -0.57
N GLY B 419 -2.59 -51.73 -0.75
CA GLY B 419 -2.60 -52.66 0.36
C GLY B 419 -1.20 -53.09 0.78
N PRO B 420 -1.09 -53.67 1.97
CA PRO B 420 0.24 -54.12 2.43
C PRO B 420 0.86 -55.18 1.53
N THR B 421 0.06 -56.06 0.95
CA THR B 421 0.58 -57.15 0.14
C THR B 421 0.74 -56.72 -1.31
N GLY B 422 1.60 -57.44 -2.03
CA GLY B 422 1.87 -57.16 -3.42
C GLY B 422 0.99 -57.86 -4.43
N GLU B 423 -0.03 -58.58 -3.97
CA GLU B 423 -0.92 -59.28 -4.88
C GLU B 423 -1.73 -58.27 -5.70
N PRO B 424 -2.09 -58.61 -6.93
CA PRO B 424 -2.87 -57.68 -7.75
C PRO B 424 -4.26 -57.46 -7.17
N LEU B 425 -4.84 -56.30 -7.50
CA LEU B 425 -6.17 -55.89 -7.08
C LEU B 425 -6.29 -55.73 -5.57
N ASP B 426 -5.18 -55.55 -4.88
CA ASP B 426 -5.19 -55.33 -3.44
C ASP B 426 -5.07 -53.83 -3.15
N PHE B 427 -6.15 -53.12 -3.47
CA PHE B 427 -6.17 -51.68 -3.26
C PHE B 427 -7.61 -51.20 -3.19
N GLN B 428 -7.79 -49.99 -2.67
CA GLN B 428 -9.08 -49.32 -2.63
C GLN B 428 -9.03 -48.07 -3.50
N ILE B 429 -10.08 -47.88 -4.30
CA ILE B 429 -10.10 -46.83 -5.31
C ILE B 429 -11.38 -46.02 -5.17
N GLY B 430 -11.33 -44.78 -5.67
CA GLY B 430 -12.48 -43.91 -5.71
C GLY B 430 -12.66 -43.11 -4.44
N ARG B 431 -13.48 -42.06 -4.54
CA ARG B 431 -13.81 -41.26 -3.36
C ARG B 431 -14.54 -42.12 -2.33
N ASN B 432 -15.48 -42.94 -2.77
CA ASN B 432 -16.07 -43.97 -1.92
C ASN B 432 -15.17 -45.21 -1.97
N GLN B 433 -14.67 -45.62 -0.82
CA GLN B 433 -13.67 -46.68 -0.75
C GLN B 433 -14.30 -48.00 -1.17
N TYR B 434 -13.99 -48.46 -2.38
CA TYR B 434 -14.45 -49.74 -2.88
C TYR B 434 -13.28 -50.72 -2.85
N ASP B 435 -13.52 -51.90 -2.27
CA ASP B 435 -12.49 -52.92 -2.14
C ASP B 435 -12.47 -53.77 -3.41
N CYS B 436 -11.33 -53.77 -4.09
CA CYS B 436 -11.17 -54.54 -5.32
C CYS B 436 -10.63 -55.94 -5.07
N ASN B 437 -10.38 -56.31 -3.82
CA ASN B 437 -9.87 -57.64 -3.52
C ASN B 437 -10.88 -58.74 -3.83
N VAL B 438 -12.17 -58.40 -3.86
CA VAL B 438 -13.19 -59.40 -4.16
C VAL B 438 -13.11 -59.91 -5.59
N PHE B 439 -12.50 -59.15 -6.49
CA PHE B 439 -12.42 -59.55 -7.89
C PHE B 439 -11.25 -60.47 -8.18
N ARG B 440 -10.38 -60.73 -7.20
CA ARG B 440 -9.31 -61.69 -7.41
C ARG B 440 -9.88 -63.11 -7.43
N ALA B 441 -9.34 -63.93 -8.32
CA ALA B 441 -9.88 -65.27 -8.53
C ALA B 441 -9.69 -66.14 -7.29
N ASP B 442 -10.69 -66.94 -6.98
CA ASP B 442 -10.63 -67.89 -5.87
C ASP B 442 -11.58 -69.04 -6.18
N PHE B 443 -11.04 -70.18 -6.59
CA PHE B 443 -11.86 -71.31 -7.01
C PHE B 443 -12.64 -71.93 -5.86
N ALA B 444 -12.28 -71.64 -4.61
CA ALA B 444 -13.03 -72.17 -3.49
C ALA B 444 -14.44 -71.60 -3.44
N THR B 445 -14.59 -70.31 -3.73
CA THR B 445 -15.89 -69.64 -3.68
C THR B 445 -16.30 -68.96 -4.98
N GLY B 446 -15.38 -68.72 -5.91
CA GLY B 446 -15.73 -68.12 -7.18
C GLY B 446 -16.27 -66.71 -7.08
N THR B 447 -15.60 -65.87 -6.29
CA THR B 447 -16.07 -64.50 -6.10
C THR B 447 -15.88 -63.65 -7.35
N GLY B 448 -14.80 -63.86 -8.10
CA GLY B 448 -14.46 -62.94 -9.15
C GLY B 448 -15.19 -63.10 -10.47
N TYR B 449 -16.05 -64.11 -10.61
CA TYR B 449 -16.64 -64.42 -11.90
C TYR B 449 -18.13 -64.72 -11.71
N ASN B 450 -18.75 -65.27 -12.76
CA ASN B 450 -20.20 -65.41 -12.82
C ASN B 450 -20.76 -66.32 -11.73
N GLY B 451 -19.92 -67.12 -11.10
CA GLY B 451 -20.38 -67.98 -10.03
C GLY B 451 -20.49 -67.30 -8.68
N TRP B 452 -20.40 -65.97 -8.65
CA TRP B 452 -20.40 -65.22 -7.40
C TRP B 452 -21.82 -65.12 -6.84
N ALA B 453 -22.03 -65.71 -5.67
CA ALA B 453 -23.27 -65.54 -4.89
C ALA B 453 -24.51 -66.05 -5.62
N THR B 454 -24.33 -66.79 -6.70
CA THR B 454 -25.44 -67.36 -7.45
C THR B 454 -25.28 -68.88 -7.54
N ILE B 455 -26.42 -69.56 -7.64
CA ILE B 455 -26.45 -71.01 -7.80
C ILE B 455 -26.85 -71.32 -9.24
N ASP B 456 -26.08 -72.17 -9.90
CA ASP B 456 -26.27 -72.46 -11.32
C ASP B 456 -26.62 -73.91 -11.62
N VAL B 457 -26.35 -74.84 -10.70
CA VAL B 457 -26.65 -76.25 -10.90
C VAL B 457 -27.70 -76.67 -9.88
N GLU B 458 -28.72 -77.39 -10.34
CA GLU B 458 -29.82 -77.79 -9.48
C GLU B 458 -30.43 -79.08 -10.01
N TYR B 459 -31.31 -79.66 -9.20
CA TYR B 459 -32.02 -80.88 -9.54
C TYR B 459 -33.52 -80.63 -9.35
N ARG B 460 -34.31 -81.02 -10.35
CA ARG B 460 -35.75 -80.76 -10.32
C ARG B 460 -36.57 -82.04 -10.23
N GLU B 461 -36.39 -82.97 -11.16
CA GLU B 461 -37.21 -84.17 -11.22
C GLU B 461 -36.45 -85.21 -12.05
N PRO B 462 -36.79 -86.50 -11.91
CA PRO B 462 -36.03 -87.54 -12.60
C PRO B 462 -35.98 -87.34 -14.10
N ALA B 463 -34.82 -87.60 -14.67
CA ALA B 463 -34.53 -87.40 -16.09
C ALA B 463 -34.68 -88.71 -16.85
N PRO B 464 -34.84 -88.65 -18.17
CA PRO B 464 -34.86 -89.90 -18.96
C PRO B 464 -33.59 -90.72 -18.80
N TYR B 465 -32.44 -90.07 -18.61
CA TYR B 465 -31.19 -90.74 -18.30
C TYR B 465 -30.93 -90.63 -16.81
N VAL B 466 -30.87 -91.77 -16.13
CA VAL B 466 -30.74 -91.76 -14.68
C VAL B 466 -29.35 -91.27 -14.25
N HIS B 467 -28.33 -91.48 -15.08
CA HIS B 467 -26.98 -91.12 -14.68
C HIS B 467 -26.76 -89.62 -14.64
N ALA B 468 -27.52 -88.87 -15.44
CA ALA B 468 -27.38 -87.41 -15.52
C ALA B 468 -28.75 -86.77 -15.31
N GLN B 469 -28.91 -86.10 -14.16
CA GLN B 469 -30.17 -85.45 -13.83
C GLN B 469 -30.01 -83.96 -13.52
N ARG B 470 -28.82 -83.41 -13.67
CA ARG B 470 -28.57 -82.03 -13.29
C ARG B 470 -29.12 -81.07 -14.34
N TYR B 471 -29.29 -79.81 -13.91
CA TYR B 471 -29.68 -78.71 -14.79
C TYR B 471 -28.63 -77.62 -14.71
N ILE B 472 -28.34 -76.99 -15.85
CA ILE B 472 -27.34 -75.93 -15.94
C ILE B 472 -28.06 -74.62 -16.20
N ARG B 473 -27.77 -73.62 -15.38
CA ARG B 473 -28.41 -72.30 -15.49
C ARG B 473 -27.32 -71.23 -15.34
N TYR B 474 -26.73 -70.84 -16.46
CA TYR B 474 -25.80 -69.72 -16.44
C TYR B 474 -26.50 -68.45 -16.02
N CYS B 475 -25.88 -67.69 -15.12
CA CYS B 475 -26.39 -66.43 -14.61
C CYS B 475 -27.73 -66.56 -13.89
N GLY B 476 -28.17 -67.80 -13.62
CA GLY B 476 -29.39 -68.01 -12.87
C GLY B 476 -30.67 -67.81 -13.65
N ILE B 477 -30.60 -67.64 -14.97
CA ILE B 477 -31.78 -67.40 -15.78
C ILE B 477 -32.30 -68.72 -16.32
N ASP B 478 -33.62 -68.82 -16.49
CA ASP B 478 -34.27 -70.00 -17.01
C ASP B 478 -35.32 -69.60 -18.04
N SER B 479 -35.64 -70.54 -18.92
CA SER B 479 -36.61 -70.29 -19.98
C SER B 479 -38.07 -70.39 -19.50
N ARG B 480 -38.29 -70.84 -18.27
CA ARG B 480 -39.64 -70.97 -17.75
C ARG B 480 -39.82 -70.14 -16.48
N GLY B 489 -36.15 -60.74 -21.74
CA GLY B 489 -34.78 -60.59 -21.28
C GLY B 489 -34.46 -59.16 -20.85
N ILE B 490 -35.48 -58.44 -20.42
CA ILE B 490 -35.32 -57.05 -20.00
C ILE B 490 -35.45 -56.97 -18.48
N GLY B 491 -34.45 -56.38 -17.83
CA GLY B 491 -34.47 -56.10 -16.42
C GLY B 491 -33.71 -57.11 -15.57
N MET B 492 -33.53 -58.33 -16.07
CA MET B 492 -32.81 -59.34 -15.30
C MET B 492 -31.33 -59.00 -15.23
N THR B 493 -30.76 -59.11 -14.03
CA THR B 493 -29.34 -58.89 -13.80
C THR B 493 -28.83 -59.96 -12.84
N TYR B 494 -27.55 -59.87 -12.49
CA TYR B 494 -26.95 -60.76 -11.52
C TYR B 494 -25.90 -60.00 -10.72
N HIS B 495 -25.50 -60.59 -9.59
CA HIS B 495 -24.70 -59.88 -8.60
C HIS B 495 -23.34 -59.46 -9.17
N CYS B 496 -22.69 -60.33 -9.94
CA CYS B 496 -21.36 -60.03 -10.45
C CYS B 496 -21.38 -58.81 -11.36
N TYR B 497 -22.38 -58.72 -12.24
CA TYR B 497 -22.44 -57.61 -13.18
C TYR B 497 -22.74 -56.30 -12.45
N ASN B 498 -23.60 -56.35 -11.43
CA ASN B 498 -23.88 -55.16 -10.63
C ASN B 498 -22.62 -54.68 -9.92
N GLU B 499 -21.84 -55.61 -9.36
CA GLU B 499 -20.60 -55.23 -8.70
C GLU B 499 -19.61 -54.66 -9.71
N MET B 500 -19.56 -55.23 -10.91
CA MET B 500 -18.72 -54.70 -11.99
C MET B 500 -19.09 -53.24 -12.28
N LEU B 501 -20.39 -52.97 -12.43
CA LEU B 501 -20.83 -51.61 -12.70
C LEU B 501 -20.49 -50.67 -11.54
N ARG B 502 -20.69 -51.14 -10.31
CA ARG B 502 -20.39 -50.30 -9.15
C ARG B 502 -18.93 -49.93 -9.11
N MET B 503 -18.03 -50.90 -9.32
CA MET B 503 -16.61 -50.60 -9.27
C MET B 503 -16.19 -49.72 -10.44
N LEU B 504 -16.76 -49.94 -11.63
CA LEU B 504 -16.46 -49.08 -12.76
C LEU B 504 -16.88 -47.63 -12.50
N VAL B 505 -18.06 -47.44 -11.90
CA VAL B 505 -18.52 -46.09 -11.60
C VAL B 505 -17.66 -45.46 -10.51
N ALA B 506 -17.26 -46.24 -9.49
CA ALA B 506 -16.45 -45.69 -8.42
C ALA B 506 -15.05 -45.32 -8.91
N ALA B 507 -14.51 -46.08 -9.86
CA ALA B 507 -13.18 -45.81 -10.39
C ALA B 507 -13.13 -44.61 -11.31
N GLY B 508 -14.28 -44.03 -11.66
CA GLY B 508 -14.32 -42.89 -12.56
C GLY B 508 -14.36 -43.23 -14.04
N LYS B 509 -14.52 -44.50 -14.39
CA LYS B 509 -14.62 -44.92 -15.78
C LYS B 509 -16.07 -44.78 -16.27
N ASP B 510 -16.51 -43.52 -16.35
CA ASP B 510 -17.91 -43.24 -16.62
C ASP B 510 -18.28 -43.57 -18.07
N SER B 511 -17.34 -43.38 -19.00
CA SER B 511 -17.66 -43.53 -20.42
C SER B 511 -18.08 -44.96 -20.75
N GLU B 512 -17.28 -45.94 -20.32
CA GLU B 512 -17.58 -47.33 -20.62
C GLU B 512 -18.69 -47.92 -19.75
N ALA B 513 -19.04 -47.26 -18.64
CA ALA B 513 -20.14 -47.74 -17.82
C ALA B 513 -21.45 -47.73 -18.60
N ALA B 514 -21.71 -46.65 -19.34
CA ALA B 514 -22.91 -46.60 -20.16
C ALA B 514 -22.90 -47.66 -21.24
N TYR B 515 -21.74 -47.88 -21.87
CA TYR B 515 -21.64 -48.91 -22.90
C TYR B 515 -21.95 -50.29 -22.33
N PHE B 516 -21.43 -50.59 -21.14
CA PHE B 516 -21.76 -51.85 -20.51
C PHE B 516 -23.24 -51.93 -20.14
N ARG B 517 -23.81 -50.81 -19.68
CA ARG B 517 -25.21 -50.81 -19.29
C ARG B 517 -26.12 -51.09 -20.48
N SER B 518 -25.77 -50.56 -21.65
CA SER B 518 -26.60 -50.73 -22.83
C SER B 518 -26.52 -52.14 -23.41
N MET B 519 -25.61 -52.99 -22.93
CA MET B 519 -25.36 -54.29 -23.52
C MET B 519 -26.09 -55.43 -22.81
N LEU B 520 -26.79 -55.14 -21.71
CA LEU B 520 -27.39 -56.22 -20.90
C LEU B 520 -28.37 -57.09 -21.68
N PRO B 521 -29.34 -56.56 -22.43
CA PRO B 521 -30.28 -57.46 -23.11
C PRO B 521 -29.61 -58.44 -24.07
N PHE B 522 -28.60 -57.97 -24.82
CA PHE B 522 -27.89 -58.85 -25.74
C PHE B 522 -27.16 -59.96 -25.00
N HIS B 523 -26.48 -59.60 -23.90
CA HIS B 523 -25.77 -60.57 -23.10
C HIS B 523 -26.71 -61.62 -22.52
N MET B 524 -27.85 -61.18 -21.98
CA MET B 524 -28.80 -62.10 -21.38
C MET B 524 -29.44 -63.00 -22.43
N VAL B 525 -29.73 -62.46 -23.61
CA VAL B 525 -30.27 -63.30 -24.68
C VAL B 525 -29.25 -64.36 -25.09
N ARG B 526 -27.98 -63.97 -25.21
CA ARG B 526 -26.95 -64.95 -25.58
C ARG B 526 -26.85 -66.06 -24.54
N PHE B 527 -26.84 -65.69 -23.25
CA PHE B 527 -26.70 -66.71 -22.22
C PHE B 527 -27.96 -67.57 -22.09
N ALA B 528 -29.14 -66.99 -22.35
CA ALA B 528 -30.36 -67.80 -22.37
C ALA B 528 -30.31 -68.81 -23.50
N ARG B 529 -29.82 -68.42 -24.67
CA ARG B 529 -29.65 -69.36 -25.77
C ARG B 529 -28.66 -70.46 -25.40
N ILE B 530 -27.56 -70.09 -24.73
CA ILE B 530 -26.57 -71.09 -24.32
C ILE B 530 -27.20 -72.09 -23.35
N ASN B 531 -27.96 -71.59 -22.38
CA ASN B 531 -28.64 -72.48 -21.43
C ASN B 531 -29.62 -73.39 -22.14
N GLN B 532 -30.39 -72.84 -23.09
CA GLN B 532 -31.34 -73.65 -23.85
C GLN B 532 -30.63 -74.78 -24.58
N ILE B 533 -29.53 -74.46 -25.26
CA ILE B 533 -28.79 -75.47 -26.02
C ILE B 533 -28.23 -76.53 -25.09
N ILE B 534 -27.67 -76.11 -23.95
CA ILE B 534 -27.05 -77.06 -23.04
C ILE B 534 -28.09 -78.01 -22.45
N ASN B 535 -29.20 -77.45 -21.96
CA ASN B 535 -30.18 -78.27 -21.24
C ASN B 535 -31.06 -79.08 -22.16
N GLU B 536 -31.27 -78.63 -23.40
CA GLU B 536 -32.27 -79.24 -24.27
C GLU B 536 -31.69 -80.15 -25.34
N ASP B 537 -30.57 -79.77 -25.95
CA ASP B 537 -30.05 -80.49 -27.11
C ASP B 537 -28.92 -81.45 -26.77
N LEU B 538 -28.05 -81.10 -25.82
CA LEU B 538 -26.86 -81.89 -25.51
C LEU B 538 -27.12 -82.97 -24.47
N HIS B 539 -28.37 -83.41 -24.31
CA HIS B 539 -28.71 -84.44 -23.35
C HIS B 539 -28.66 -85.80 -24.02
N SER B 540 -27.78 -86.68 -23.54
CA SER B 540 -27.64 -88.03 -24.08
C SER B 540 -26.93 -88.88 -23.04
N VAL B 541 -26.78 -90.17 -23.36
CA VAL B 541 -26.09 -91.07 -22.44
C VAL B 541 -24.61 -90.70 -22.34
N PHE B 542 -24.07 -90.07 -23.38
CA PHE B 542 -22.66 -89.69 -23.39
C PHE B 542 -22.38 -88.47 -22.51
N SER B 543 -23.41 -87.82 -21.98
CA SER B 543 -23.21 -86.71 -21.06
C SER B 543 -22.52 -87.20 -19.79
N LEU B 544 -21.70 -86.34 -19.21
CA LEU B 544 -20.93 -86.73 -18.03
C LEU B 544 -21.87 -86.96 -16.84
N PRO B 545 -21.65 -88.03 -16.07
CA PRO B 545 -22.47 -88.27 -14.88
C PRO B 545 -22.27 -87.20 -13.84
N ASP B 546 -23.26 -87.08 -12.94
CA ASP B 546 -23.25 -86.01 -11.95
C ASP B 546 -22.05 -86.12 -11.00
N ASP B 547 -21.73 -87.33 -10.56
CA ASP B 547 -20.66 -87.50 -9.58
C ASP B 547 -19.32 -87.05 -10.14
N MET B 548 -19.00 -87.45 -11.36
CA MET B 548 -17.74 -87.03 -11.96
C MET B 548 -17.75 -85.54 -12.25
N PHE B 549 -18.92 -84.98 -12.57
CA PHE B 549 -19.02 -83.53 -12.77
C PHE B 549 -18.70 -82.78 -11.48
N ASN B 550 -19.23 -83.25 -10.36
CA ASN B 550 -18.91 -82.61 -9.08
C ASN B 550 -17.48 -82.86 -8.66
N ALA B 551 -16.88 -83.97 -9.10
CA ALA B 551 -15.52 -84.30 -8.70
C ALA B 551 -14.46 -83.60 -9.52
N LEU B 552 -14.82 -82.90 -10.61
CA LEU B 552 -13.83 -82.28 -11.47
C LEU B 552 -13.10 -81.15 -10.76
N LEU B 553 -13.84 -80.22 -10.15
CA LEU B 553 -13.21 -79.05 -9.54
C LEU B 553 -12.28 -79.41 -8.39
N PRO B 554 -12.67 -80.25 -7.42
CA PRO B 554 -11.67 -80.67 -6.41
C PRO B 554 -10.48 -81.37 -7.02
N ASP B 555 -10.69 -82.16 -8.08
CA ASP B 555 -9.58 -82.81 -8.76
C ASP B 555 -8.65 -81.77 -9.38
N LEU B 556 -9.21 -80.74 -10.01
CA LEU B 556 -8.38 -79.69 -10.59
C LEU B 556 -7.61 -78.94 -9.52
N ILE B 557 -8.24 -78.69 -8.37
CA ILE B 557 -7.54 -78.03 -7.28
C ILE B 557 -6.39 -78.89 -6.78
N ALA B 558 -6.63 -80.20 -6.63
CA ALA B 558 -5.58 -81.11 -6.16
C ALA B 558 -4.41 -81.16 -7.13
N GLY B 559 -4.70 -81.22 -8.43
CA GLY B 559 -3.69 -81.21 -9.47
C GLY B 559 -3.39 -82.57 -10.07
N ALA B 560 -3.64 -83.65 -9.33
CA ALA B 560 -3.40 -85.00 -9.81
C ALA B 560 -4.73 -85.60 -10.28
N HIS B 561 -4.89 -85.70 -11.60
CA HIS B 561 -6.15 -86.14 -12.17
C HIS B 561 -6.43 -87.60 -11.82
N GLN B 562 -7.72 -87.94 -11.74
CA GLN B 562 -8.16 -89.28 -11.43
C GLN B 562 -9.52 -89.52 -12.06
N ASN B 563 -9.63 -90.61 -12.83
CA ASN B 563 -10.89 -91.11 -13.40
C ASN B 563 -11.55 -90.12 -14.36
N ALA B 564 -10.89 -89.00 -14.63
CA ALA B 564 -11.43 -88.00 -15.54
C ALA B 564 -10.30 -87.10 -16.01
N ASP B 565 -10.35 -86.72 -17.28
CA ASP B 565 -9.32 -85.87 -17.87
C ASP B 565 -9.96 -84.82 -18.78
N PRO B 566 -9.86 -83.54 -18.45
CA PRO B 566 -10.38 -82.50 -19.34
C PRO B 566 -9.39 -82.21 -20.47
N VAL B 567 -9.91 -81.52 -21.48
CA VAL B 567 -9.12 -81.11 -22.64
C VAL B 567 -9.09 -79.58 -22.67
N VAL B 568 -7.91 -79.04 -22.97
CA VAL B 568 -7.68 -77.59 -22.92
C VAL B 568 -7.56 -77.07 -24.34
N LEU B 569 -8.34 -76.03 -24.64
CA LEU B 569 -8.26 -75.32 -25.90
C LEU B 569 -7.61 -73.96 -25.68
N ASP B 570 -6.94 -73.45 -26.71
CA ASP B 570 -6.11 -72.27 -26.60
C ASP B 570 -6.67 -71.15 -27.48
N VAL B 571 -6.76 -69.96 -26.91
CA VAL B 571 -7.35 -68.80 -27.57
C VAL B 571 -6.41 -67.62 -27.44
N SER B 572 -6.76 -66.53 -28.12
CA SER B 572 -5.97 -65.31 -28.14
C SER B 572 -6.63 -64.21 -27.32
N TRP B 573 -5.91 -63.10 -27.16
CA TRP B 573 -6.39 -62.00 -26.33
C TRP B 573 -7.62 -61.33 -26.94
N ILE B 574 -7.53 -60.96 -28.22
CA ILE B 574 -8.62 -60.22 -28.87
C ILE B 574 -9.88 -61.07 -28.99
N SER B 575 -9.73 -62.40 -28.91
CA SER B 575 -10.85 -63.30 -29.08
C SER B 575 -11.90 -63.09 -27.98
N LEU B 576 -11.47 -62.74 -26.77
CA LEU B 576 -12.42 -62.50 -25.70
C LEU B 576 -13.33 -61.32 -26.03
N TRP B 577 -12.74 -60.20 -26.46
CA TRP B 577 -13.53 -59.03 -26.82
C TRP B 577 -14.44 -59.33 -28.01
N PHE B 578 -13.93 -60.04 -29.02
CA PHE B 578 -14.79 -60.30 -30.18
C PHE B 578 -15.88 -61.30 -29.86
N ALA B 579 -15.66 -62.18 -28.88
CA ALA B 579 -16.71 -63.11 -28.47
C ALA B 579 -17.76 -62.40 -27.62
N PHE B 580 -17.34 -61.40 -26.84
CA PHE B 580 -18.30 -60.65 -26.04
C PHE B 580 -19.31 -59.90 -26.91
N ASN B 581 -18.96 -59.60 -28.15
CA ASN B 581 -19.85 -58.85 -29.04
C ASN B 581 -20.64 -59.73 -29.98
N ARG B 582 -20.15 -60.93 -30.31
CA ARG B 582 -20.81 -61.79 -31.28
C ARG B 582 -21.63 -62.85 -30.56
N SER B 583 -22.92 -62.95 -30.92
CA SER B 583 -23.81 -63.92 -30.33
C SER B 583 -23.77 -65.23 -31.12
N PHE B 584 -24.63 -66.17 -30.73
CA PHE B 584 -24.74 -67.46 -31.39
C PHE B 584 -26.21 -67.74 -31.67
N GLU B 585 -26.55 -67.94 -32.94
CA GLU B 585 -27.93 -68.17 -33.35
C GLU B 585 -28.07 -69.59 -33.90
N PRO B 586 -28.83 -70.47 -33.25
CA PRO B 586 -28.95 -71.85 -33.74
C PRO B 586 -29.84 -71.95 -34.98
N THR B 587 -29.24 -71.69 -36.15
CA THR B 587 -30.01 -71.69 -37.39
C THR B 587 -30.56 -73.08 -37.70
N HIS B 588 -29.75 -74.12 -37.53
CA HIS B 588 -30.15 -75.47 -37.87
C HIS B 588 -29.84 -76.42 -36.72
N ARG B 589 -30.68 -77.43 -36.56
CA ARG B 589 -30.44 -78.49 -35.60
C ARG B 589 -29.59 -79.59 -36.23
N ASN B 590 -29.05 -80.45 -35.37
CA ASN B 590 -28.20 -81.54 -35.86
C ASN B 590 -29.04 -82.53 -36.66
N GLU B 591 -28.48 -82.98 -37.79
CA GLU B 591 -29.20 -83.91 -38.66
C GLU B 591 -29.41 -85.25 -37.98
N MET B 592 -28.42 -85.73 -37.24
CA MET B 592 -28.47 -87.04 -36.61
C MET B 592 -29.16 -87.02 -35.26
N LEU B 593 -29.75 -85.90 -34.87
CA LEU B 593 -30.43 -85.81 -33.58
C LEU B 593 -31.61 -86.77 -33.49
N GLU B 594 -32.22 -87.12 -34.62
CA GLU B 594 -33.39 -87.98 -34.59
C GLU B 594 -33.06 -89.44 -34.32
N VAL B 595 -31.82 -89.86 -34.57
CA VAL B 595 -31.44 -91.26 -34.54
C VAL B 595 -30.41 -91.56 -33.46
N ALA B 596 -30.34 -90.72 -32.43
CA ALA B 596 -29.36 -90.93 -31.36
C ALA B 596 -29.55 -92.25 -30.61
N PRO B 597 -30.76 -92.64 -30.17
CA PRO B 597 -30.87 -93.88 -29.37
C PRO B 597 -30.38 -95.13 -30.09
N LEU B 598 -30.59 -95.21 -31.41
CA LEU B 598 -30.16 -96.40 -32.14
C LEU B 598 -28.65 -96.56 -32.12
N ILE B 599 -27.92 -95.49 -32.42
CA ILE B 599 -26.46 -95.57 -32.40
C ILE B 599 -25.95 -95.76 -30.98
N GLU B 600 -26.63 -95.16 -29.99
CA GLU B 600 -26.25 -95.39 -28.59
C GLU B 600 -26.35 -96.86 -28.23
N SER B 601 -27.47 -97.49 -28.58
CA SER B 601 -27.67 -98.90 -28.28
C SER B 601 -26.67 -99.77 -29.03
N VAL B 602 -26.38 -99.42 -30.28
CA VAL B 602 -25.41 -100.19 -31.06
C VAL B 602 -24.03 -100.12 -30.41
N TYR B 603 -23.63 -98.92 -29.99
CA TYR B 603 -22.32 -98.75 -29.35
C TYR B 603 -22.24 -99.53 -28.05
N ALA B 604 -23.30 -99.48 -27.24
CA ALA B 604 -23.30 -100.24 -25.98
C ALA B 604 -23.24 -101.74 -26.25
N SER B 605 -23.99 -102.22 -27.24
CA SER B 605 -23.97 -103.64 -27.57
C SER B 605 -22.59 -104.07 -28.05
N GLU B 606 -21.93 -103.23 -28.85
CA GLU B 606 -20.58 -103.56 -29.32
C GLU B 606 -19.61 -103.63 -28.14
N LEU B 607 -19.73 -102.70 -27.19
CA LEU B 607 -18.87 -102.76 -26.01
C LEU B 607 -19.10 -104.04 -25.22
N SER B 608 -20.37 -104.43 -25.05
CA SER B 608 -20.68 -105.65 -24.33
C SER B 608 -20.11 -106.87 -25.05
N VAL B 609 -20.21 -106.89 -26.38
CA VAL B 609 -19.68 -108.00 -27.17
C VAL B 609 -18.17 -108.10 -26.99
N MET B 610 -17.48 -106.95 -27.02
CA MET B 610 -16.03 -106.96 -26.84
C MET B 610 -15.66 -107.47 -25.45
N LYS B 611 -16.40 -107.04 -24.42
CA LYS B 611 -16.13 -107.53 -23.07
C LYS B 611 -16.31 -109.04 -22.97
N VAL B 612 -17.39 -109.56 -23.57
CA VAL B 612 -17.64 -110.99 -23.53
C VAL B 612 -16.55 -111.76 -24.27
N ASP B 613 -16.10 -111.23 -25.41
CA ASP B 613 -15.03 -111.87 -26.15
C ASP B 613 -13.74 -111.93 -25.34
N MET B 614 -13.40 -110.83 -24.65
CA MET B 614 -12.20 -110.84 -23.84
C MET B 614 -12.32 -111.79 -22.66
N ARG B 615 -13.51 -111.90 -22.07
CA ARG B 615 -13.72 -112.88 -21.00
C ARG B 615 -13.53 -114.30 -21.52
N HIS B 616 -14.05 -114.58 -22.71
CA HIS B 616 -13.86 -115.90 -23.31
C HIS B 616 -12.38 -116.17 -23.59
N LEU B 617 -11.65 -115.14 -24.02
CA LEU B 617 -10.20 -115.32 -24.24
C LEU B 617 -9.50 -115.64 -22.92
N SER B 618 -9.88 -114.97 -21.84
CA SER B 618 -9.30 -115.26 -20.53
C SER B 618 -9.60 -116.70 -20.12
N LEU B 619 -10.84 -117.15 -20.34
CA LEU B 619 -11.18 -118.53 -20.02
C LEU B 619 -10.37 -119.52 -20.86
N MET B 620 -10.17 -119.20 -22.14
CA MET B 620 -9.37 -120.06 -23.00
C MET B 620 -7.93 -120.16 -22.50
N GLN B 621 -7.36 -119.03 -22.06
CA GLN B 621 -6.05 -119.07 -21.44
C GLN B 621 -6.06 -119.92 -20.17
N ARG B 622 -7.13 -119.84 -19.39
CA ARG B 622 -7.23 -120.63 -18.18
C ARG B 622 -7.23 -122.13 -18.47
N ARG B 623 -7.96 -122.54 -19.51
CA ARG B 623 -8.16 -123.97 -19.74
C ARG B 623 -6.90 -124.65 -20.23
N PHE B 624 -6.12 -124.00 -21.10
CA PHE B 624 -4.99 -124.63 -21.80
C PHE B 624 -3.71 -123.83 -21.56
N PRO B 625 -3.07 -124.03 -20.42
CA PRO B 625 -1.77 -123.38 -20.20
C PRO B 625 -0.61 -124.10 -20.87
N ASP B 626 -0.75 -125.40 -21.14
CA ASP B 626 0.34 -126.21 -21.65
C ASP B 626 0.45 -126.23 -23.16
N VAL B 627 -0.49 -125.62 -23.88
CA VAL B 627 -0.46 -125.63 -25.34
C VAL B 627 -0.59 -124.22 -25.87
N LEU B 628 -0.95 -123.28 -24.99
CA LEU B 628 -1.01 -121.87 -25.33
C LEU B 628 0.25 -121.18 -24.85
N ILE B 629 0.81 -120.31 -25.70
CA ILE B 629 2.15 -119.79 -25.47
C ILE B 629 2.19 -118.91 -24.22
N GLN B 630 1.28 -117.96 -24.10
CA GLN B 630 1.33 -116.98 -23.02
C GLN B 630 0.00 -116.25 -22.97
N ALA B 631 -0.18 -115.46 -21.91
CA ALA B 631 -1.37 -114.65 -21.71
C ALA B 631 -0.97 -113.21 -21.43
N ARG B 632 -1.70 -112.27 -22.02
CA ARG B 632 -1.43 -110.86 -21.82
C ARG B 632 -2.69 -110.03 -22.04
N PRO B 633 -3.19 -109.33 -21.02
CA PRO B 633 -4.43 -108.55 -21.20
C PRO B 633 -4.33 -107.48 -22.27
N SER B 634 -3.17 -106.82 -22.40
CA SER B 634 -3.01 -105.79 -23.42
C SER B 634 -3.15 -106.39 -24.82
N HIS B 635 -2.56 -107.57 -25.03
CA HIS B 635 -2.71 -108.24 -26.31
C HIS B 635 -4.17 -108.62 -26.56
N PHE B 636 -4.87 -109.05 -25.50
CA PHE B 636 -6.29 -109.34 -25.62
C PHE B 636 -7.06 -108.12 -26.12
N TRP B 637 -6.82 -106.97 -25.47
CA TRP B 637 -7.54 -105.75 -25.84
C TRP B 637 -7.20 -105.33 -27.27
N LYS B 638 -5.92 -105.40 -27.64
CA LYS B 638 -5.54 -105.01 -29.00
C LYS B 638 -6.17 -105.92 -30.04
N ALA B 639 -6.18 -107.24 -29.77
CA ALA B 639 -6.76 -108.17 -30.72
C ALA B 639 -8.27 -107.97 -30.86
N VAL B 640 -8.97 -107.76 -29.73
CA VAL B 640 -10.41 -107.60 -29.82
C VAL B 640 -10.77 -106.26 -30.47
N LEU B 641 -9.94 -105.22 -30.27
CA LEU B 641 -10.20 -103.95 -30.91
C LEU B 641 -9.80 -103.93 -32.38
N ASN B 642 -8.94 -104.86 -32.81
CA ASN B 642 -8.51 -104.89 -34.20
C ASN B 642 -9.69 -105.14 -35.14
N ASP B 643 -10.56 -106.07 -34.78
CA ASP B 643 -11.74 -106.40 -35.58
C ASP B 643 -12.96 -105.78 -34.90
N SER B 644 -13.34 -104.59 -35.37
CA SER B 644 -14.42 -103.83 -34.77
C SER B 644 -14.92 -102.83 -35.81
N PRO B 645 -16.10 -102.24 -35.61
CA PRO B 645 -16.55 -101.17 -36.51
C PRO B 645 -15.53 -100.03 -36.54
N GLU B 646 -15.34 -99.47 -37.73
CA GLU B 646 -14.23 -98.54 -37.95
C GLU B 646 -14.39 -97.27 -37.12
N ALA B 647 -15.61 -96.76 -37.00
CA ALA B 647 -15.84 -95.57 -36.20
C ALA B 647 -15.45 -95.81 -34.74
N VAL B 648 -15.86 -96.94 -34.18
CA VAL B 648 -15.50 -97.29 -32.81
C VAL B 648 -13.99 -97.42 -32.68
N LYS B 649 -13.35 -98.05 -33.67
CA LYS B 649 -11.90 -98.19 -33.66
C LYS B 649 -11.22 -96.83 -33.59
N ALA B 650 -11.62 -95.91 -34.46
CA ALA B 650 -10.99 -94.60 -34.49
C ALA B 650 -11.24 -93.83 -33.20
N VAL B 651 -12.46 -93.88 -32.68
CA VAL B 651 -12.79 -93.14 -31.47
C VAL B 651 -11.98 -93.67 -30.28
N MET B 652 -11.91 -94.99 -30.14
CA MET B 652 -11.14 -95.58 -29.05
C MET B 652 -9.65 -95.30 -29.21
N ASN B 653 -9.15 -95.32 -30.45
CA ASN B 653 -7.74 -95.01 -30.68
C ASN B 653 -7.43 -93.58 -30.26
N LEU B 654 -8.30 -92.64 -30.60
CA LEU B 654 -8.08 -91.25 -30.18
C LEU B 654 -8.12 -91.13 -28.67
N SER B 655 -9.11 -91.77 -28.04
CA SER B 655 -9.26 -91.68 -26.58
C SER B 655 -8.05 -92.25 -25.86
N HIS B 656 -7.55 -93.40 -26.32
CA HIS B 656 -6.39 -94.01 -25.69
C HIS B 656 -5.07 -93.38 -26.13
N SER B 657 -5.08 -92.58 -27.20
CA SER B 657 -3.91 -91.77 -27.52
C SER B 657 -3.81 -90.56 -26.60
N HIS B 658 -4.94 -89.97 -26.24
CA HIS B 658 -4.91 -88.85 -25.30
C HIS B 658 -4.44 -89.29 -23.92
N ASN B 659 -4.98 -90.40 -23.42
CA ASN B 659 -4.62 -90.90 -22.10
C ASN B 659 -4.31 -92.39 -22.18
N PHE B 660 -3.37 -92.83 -21.35
CA PHE B 660 -2.85 -94.19 -21.40
C PHE B 660 -3.68 -95.12 -20.53
N ILE B 661 -3.49 -96.42 -20.75
CA ILE B 661 -4.17 -97.47 -20.01
C ILE B 661 -3.13 -98.44 -19.47
N ASN B 662 -3.55 -99.28 -18.52
CA ASN B 662 -2.66 -100.24 -17.89
C ASN B 662 -3.41 -101.55 -17.68
N ILE B 663 -2.70 -102.54 -17.14
CA ILE B 663 -3.27 -103.86 -16.92
C ILE B 663 -4.37 -103.80 -15.85
N ARG B 664 -4.18 -102.93 -14.84
CA ARG B 664 -5.15 -102.84 -13.75
C ARG B 664 -6.51 -102.40 -14.28
N ASP B 665 -6.53 -101.44 -15.21
CA ASP B 665 -7.80 -100.99 -15.79
C ASP B 665 -8.49 -102.13 -16.54
N MET B 666 -7.73 -102.91 -17.30
CA MET B 666 -8.31 -104.04 -18.02
C MET B 666 -8.88 -105.06 -17.06
N MET B 667 -8.15 -105.37 -15.98
CA MET B 667 -8.62 -106.33 -15.00
C MET B 667 -9.89 -105.85 -14.32
N ARG B 668 -9.97 -104.55 -14.02
CA ARG B 668 -11.17 -103.99 -13.43
C ARG B 668 -12.34 -104.04 -14.40
N TRP B 669 -12.08 -103.77 -15.68
CA TRP B 669 -13.16 -103.70 -16.65
C TRP B 669 -13.70 -105.08 -17.03
N VAL B 670 -12.85 -106.10 -17.06
CA VAL B 670 -13.29 -107.44 -17.50
C VAL B 670 -14.15 -108.14 -16.46
N MET B 671 -14.39 -107.53 -15.30
CA MET B 671 -15.14 -108.18 -14.23
C MET B 671 -16.45 -107.49 -13.88
N LEU B 672 -16.72 -106.32 -14.44
CA LEU B 672 -17.96 -105.62 -14.13
C LEU B 672 -19.15 -106.39 -14.73
N PRO B 673 -20.24 -106.54 -13.96
CA PRO B 673 -21.34 -107.39 -14.43
C PRO B 673 -22.28 -106.73 -15.43
N SER B 674 -22.23 -105.41 -15.59
CA SER B 674 -23.17 -104.72 -16.46
C SER B 674 -23.02 -105.16 -17.90
N LEU B 675 -24.15 -105.45 -18.55
CA LEU B 675 -24.18 -105.87 -19.94
C LEU B 675 -25.43 -105.32 -20.61
N GLN B 676 -25.37 -105.19 -21.93
CA GLN B 676 -26.49 -104.72 -22.72
C GLN B 676 -27.02 -105.86 -23.58
N PRO B 677 -28.17 -106.46 -23.24
CA PRO B 677 -28.66 -107.59 -24.02
C PRO B 677 -29.04 -107.20 -25.43
N SER B 678 -28.83 -108.13 -26.36
CA SER B 678 -29.14 -107.93 -27.77
C SER B 678 -29.00 -109.25 -28.49
N LEU B 679 -29.43 -109.27 -29.76
CA LEU B 679 -29.24 -110.45 -30.59
C LEU B 679 -27.76 -110.74 -30.82
N LYS B 680 -26.95 -109.70 -30.95
CA LYS B 680 -25.52 -109.89 -31.17
C LYS B 680 -24.89 -110.69 -30.04
N LEU B 681 -25.29 -110.37 -28.80
CA LEU B 681 -24.73 -111.08 -27.65
C LEU B 681 -25.08 -112.56 -27.66
N ALA B 682 -26.36 -112.89 -27.93
CA ALA B 682 -26.76 -114.29 -27.94
C ALA B 682 -26.06 -115.05 -29.07
N LEU B 683 -25.96 -114.43 -30.24
CA LEU B 683 -25.25 -115.07 -31.35
C LEU B 683 -23.78 -115.29 -31.02
N GLU B 684 -23.15 -114.31 -30.35
CA GLU B 684 -21.75 -114.47 -29.96
C GLU B 684 -21.57 -115.58 -28.94
N GLU B 685 -22.46 -115.67 -27.96
CA GLU B 685 -22.36 -116.77 -26.99
C GLU B 685 -22.53 -118.12 -27.66
N GLU B 686 -23.50 -118.25 -28.57
CA GLU B 686 -23.67 -119.52 -29.26
C GLU B 686 -22.46 -119.85 -30.14
N ALA B 687 -21.90 -118.85 -30.81
CA ALA B 687 -20.72 -119.08 -31.63
C ALA B 687 -19.54 -119.52 -30.78
N TRP B 688 -19.36 -118.89 -29.62
CA TRP B 688 -18.27 -119.29 -28.73
C TRP B 688 -18.48 -120.71 -28.22
N ALA B 689 -19.71 -121.07 -27.88
CA ALA B 689 -19.99 -122.43 -27.44
C ALA B 689 -19.69 -123.44 -28.53
N ALA B 690 -20.06 -123.11 -29.78
CA ALA B 690 -19.78 -124.01 -30.89
C ALA B 690 -18.28 -124.11 -31.17
N ALA B 691 -17.55 -123.01 -30.98
CA ALA B 691 -16.13 -122.95 -31.26
C ALA B 691 -15.26 -123.29 -30.05
N ASN B 692 -15.88 -123.74 -28.95
CA ASN B 692 -15.10 -124.18 -27.79
C ASN B 692 -14.09 -125.25 -28.18
N ASP B 693 -14.50 -126.20 -29.03
CA ASP B 693 -13.57 -127.19 -29.57
C ASP B 693 -12.72 -126.53 -30.65
N PHE B 694 -11.44 -126.29 -30.35
CA PHE B 694 -10.56 -125.57 -31.26
C PHE B 694 -10.28 -126.34 -32.55
N GLU B 695 -10.59 -127.64 -32.60
CA GLU B 695 -10.39 -128.38 -33.84
C GLU B 695 -11.30 -127.86 -34.95
N ASP B 696 -12.47 -127.31 -34.59
CA ASP B 696 -13.32 -126.69 -35.59
C ASP B 696 -12.69 -125.43 -36.18
N LEU B 697 -11.79 -124.79 -35.43
CA LEU B 697 -11.12 -123.59 -35.89
C LEU B 697 -9.93 -123.88 -36.79
N MET B 698 -9.81 -125.11 -37.29
CA MET B 698 -8.72 -125.53 -38.18
C MET B 698 -7.34 -125.32 -37.55
N LEU B 699 -7.25 -125.49 -36.24
CA LEU B 699 -5.99 -125.45 -35.52
C LEU B 699 -5.75 -126.80 -34.88
N THR B 700 -4.59 -127.41 -35.18
CA THR B 700 -4.30 -128.75 -34.71
C THR B 700 -2.83 -128.82 -34.29
N ASP B 701 -2.58 -129.44 -33.14
CA ASP B 701 -1.24 -129.69 -32.66
C ASP B 701 -0.74 -131.10 -32.94
N GLN B 702 -1.59 -131.96 -33.49
CA GLN B 702 -1.23 -133.35 -33.75
C GLN B 702 -0.56 -133.49 -35.12
N VAL B 703 0.56 -132.79 -35.27
CA VAL B 703 1.37 -132.86 -36.48
C VAL B 703 2.51 -133.84 -36.22
N TYR B 704 2.63 -134.84 -37.10
CA TYR B 704 3.61 -135.91 -36.95
C TYR B 704 4.54 -135.93 -38.14
N MET B 705 5.70 -136.56 -37.96
CA MET B 705 6.69 -136.71 -39.01
C MET B 705 7.09 -138.19 -39.09
N HIS B 706 7.08 -138.74 -40.30
CA HIS B 706 7.46 -140.13 -40.49
C HIS B 706 7.77 -140.36 -41.96
N ARG B 707 8.89 -141.02 -42.23
CA ARG B 707 9.27 -141.31 -43.61
C ARG B 707 8.32 -142.36 -44.19
N ASP B 708 7.60 -141.97 -45.24
CA ASP B 708 6.61 -142.84 -45.86
C ASP B 708 6.88 -142.94 -47.36
N MET B 709 6.38 -144.02 -47.95
CA MET B 709 6.60 -144.29 -49.36
C MET B 709 5.45 -143.72 -50.18
N LEU B 710 5.79 -143.09 -51.32
CA LEU B 710 4.76 -142.67 -52.26
C LEU B 710 4.37 -143.87 -53.11
N PRO B 711 3.13 -144.33 -53.02
CA PRO B 711 2.76 -145.58 -53.68
C PRO B 711 2.81 -145.47 -55.20
N GLU B 712 3.18 -146.58 -55.83
CA GLU B 712 3.16 -146.72 -57.28
C GLU B 712 2.45 -148.02 -57.62
N PRO B 713 1.18 -147.99 -57.99
CA PRO B 713 0.42 -149.23 -58.17
C PRO B 713 0.68 -149.92 -59.50
N ARG B 714 0.34 -151.20 -59.53
CA ARG B 714 0.44 -151.98 -60.75
C ARG B 714 -0.68 -151.57 -61.72
N LEU B 715 -0.41 -151.78 -63.01
CA LEU B 715 -1.36 -151.44 -64.08
C LEU B 715 -1.56 -152.63 -65.01
N ASP B 716 -1.76 -153.81 -64.42
CA ASP B 716 -2.03 -155.00 -65.22
C ASP B 716 -3.33 -154.86 -65.99
N ASP B 717 -4.38 -154.33 -65.35
CA ASP B 717 -5.66 -154.05 -66.00
C ASP B 717 -6.01 -152.59 -65.73
N ILE B 718 -6.08 -151.79 -66.80
CA ILE B 718 -6.31 -150.36 -66.63
C ILE B 718 -7.71 -150.10 -66.10
N GLU B 719 -8.72 -150.80 -66.62
CA GLU B 719 -10.09 -150.55 -66.21
C GLU B 719 -10.37 -151.06 -64.81
N ARG B 720 -9.79 -152.19 -64.42
CA ARG B 720 -9.99 -152.70 -63.06
C ARG B 720 -9.42 -151.74 -62.03
N PHE B 721 -8.24 -151.18 -62.30
CA PHE B 721 -7.68 -150.16 -61.42
C PHE B 721 -8.48 -148.87 -61.49
N ARG B 722 -9.05 -148.57 -62.66
CA ARG B 722 -9.82 -147.34 -62.82
C ARG B 722 -11.09 -147.36 -61.98
N GLN B 723 -11.78 -148.51 -61.95
CA GLN B 723 -13.10 -148.56 -61.33
C GLN B 723 -13.05 -148.53 -59.81
N GLU B 724 -11.91 -148.85 -59.20
CA GLU B 724 -11.82 -148.87 -57.75
C GLU B 724 -11.44 -147.52 -57.15
N GLY B 725 -11.11 -146.53 -57.99
CA GLY B 725 -10.88 -145.18 -57.52
C GLY B 725 -9.75 -145.02 -56.52
N PHE B 726 -8.51 -145.25 -56.96
CA PHE B 726 -7.36 -145.13 -56.09
C PHE B 726 -6.97 -143.67 -55.90
N TYR B 727 -6.59 -143.33 -54.67
CA TYR B 727 -6.10 -141.99 -54.36
C TYR B 727 -5.21 -142.10 -53.13
N TYR B 728 -4.34 -141.09 -52.97
CA TYR B 728 -3.39 -141.07 -51.88
C TYR B 728 -3.37 -139.69 -51.25
N THR B 729 -3.08 -139.65 -49.95
CA THR B 729 -2.95 -138.40 -49.21
C THR B 729 -2.12 -138.65 -47.96
N ASN B 730 -1.67 -137.56 -47.36
CA ASN B 730 -0.90 -137.64 -46.12
C ASN B 730 -1.79 -137.74 -44.88
N MET B 731 -3.10 -137.80 -45.06
CA MET B 731 -4.03 -137.89 -43.94
C MET B 731 -3.88 -139.21 -43.19
N LEU B 732 -4.03 -139.13 -41.87
CA LEU B 732 -4.05 -140.30 -41.00
C LEU B 732 -5.48 -140.49 -40.50
N GLU B 733 -6.11 -141.59 -40.88
CA GLU B 733 -7.48 -141.86 -40.45
C GLU B 733 -7.55 -142.34 -39.00
N ALA B 734 -6.44 -142.84 -38.46
CA ALA B 734 -6.40 -143.30 -37.07
C ALA B 734 -5.11 -142.81 -36.43
N PRO B 735 -5.13 -142.51 -35.14
CA PRO B 735 -3.91 -142.08 -34.46
C PRO B 735 -2.94 -143.26 -34.35
N PRO B 736 -1.63 -142.98 -34.38
CA PRO B 736 -0.65 -144.05 -34.20
C PRO B 736 -0.69 -144.59 -32.78
N GLU B 737 0.01 -145.71 -32.59
CA GLU B 737 0.06 -146.35 -31.28
C GLU B 737 0.79 -145.46 -30.28
N ILE B 738 0.46 -145.65 -29.00
CA ILE B 738 1.02 -144.81 -27.94
C ILE B 738 2.53 -144.95 -27.85
N ASP B 739 3.07 -146.11 -28.23
CA ASP B 739 4.51 -146.33 -28.25
C ASP B 739 5.06 -146.08 -29.64
N ARG B 740 6.38 -146.23 -29.76
CA ARG B 740 7.12 -146.06 -31.02
C ARG B 740 7.12 -144.60 -31.45
N VAL B 741 6.44 -143.74 -30.69
CA VAL B 741 6.39 -142.31 -30.96
C VAL B 741 7.06 -141.57 -29.81
N VAL B 742 7.89 -140.59 -30.15
CA VAL B 742 8.60 -139.77 -29.16
C VAL B 742 7.95 -138.41 -29.11
N GLN B 743 7.71 -137.91 -27.89
CA GLN B 743 7.03 -136.64 -27.69
C GLN B 743 8.08 -135.54 -27.57
N TYR B 744 8.07 -134.61 -28.52
CA TYR B 744 8.99 -133.48 -28.51
C TYR B 744 8.33 -132.24 -27.93
N THR B 745 9.16 -131.32 -27.45
CA THR B 745 8.70 -130.11 -26.78
C THR B 745 9.50 -128.94 -27.32
N TYR B 746 8.91 -127.75 -27.22
CA TYR B 746 9.57 -126.55 -27.73
C TYR B 746 10.92 -126.32 -27.06
N GLU B 747 10.99 -126.51 -25.74
CA GLU B 747 12.25 -126.33 -25.03
C GLU B 747 13.29 -127.35 -25.48
N ILE B 748 12.87 -128.61 -25.62
CA ILE B 748 13.80 -129.65 -26.06
C ILE B 748 14.28 -129.37 -27.47
N ALA B 749 13.38 -128.96 -28.35
CA ALA B 749 13.77 -128.63 -29.72
C ALA B 749 14.73 -127.46 -29.76
N ARG B 750 14.48 -126.43 -28.95
CA ARG B 750 15.39 -125.29 -28.89
C ARG B 750 16.76 -125.69 -28.39
N LEU B 751 16.81 -126.51 -27.34
CA LEU B 751 18.10 -126.96 -26.82
C LEU B 751 18.85 -127.79 -27.86
N GLN B 752 18.16 -128.69 -28.55
CA GLN B 752 18.81 -129.50 -29.57
C GLN B 752 19.31 -128.64 -30.73
N ALA B 753 18.53 -127.64 -31.13
CA ALA B 753 18.95 -126.74 -32.20
C ALA B 753 20.19 -125.94 -31.78
N ASN B 754 20.22 -125.47 -30.54
CA ASN B 754 21.39 -124.75 -30.06
C ASN B 754 22.61 -125.67 -29.95
N MET B 755 22.39 -126.95 -29.64
CA MET B 755 23.50 -127.91 -29.66
C MET B 755 24.04 -128.10 -31.07
N GLY B 756 23.20 -127.91 -32.09
CA GLY B 756 23.56 -128.26 -33.44
C GLY B 756 23.32 -129.70 -33.81
N GLN B 757 22.83 -130.51 -32.88
CA GLN B 757 22.57 -131.93 -33.11
C GLN B 757 21.13 -132.21 -33.50
N PHE B 758 20.33 -131.18 -33.75
CA PHE B 758 18.92 -131.37 -34.09
C PHE B 758 18.77 -132.21 -35.35
N ARG B 759 19.46 -131.81 -36.43
CA ARG B 759 19.35 -132.53 -37.69
C ARG B 759 19.82 -133.96 -37.56
N ALA B 760 20.95 -134.17 -36.87
CA ALA B 760 21.47 -135.53 -36.70
C ALA B 760 20.52 -136.38 -35.88
N ALA B 761 19.95 -135.81 -34.82
CA ALA B 761 19.02 -136.56 -33.98
C ALA B 761 17.78 -136.98 -34.77
N LEU B 762 17.20 -136.06 -35.54
CA LEU B 762 16.05 -136.41 -36.35
C LEU B 762 16.39 -137.43 -37.43
N ARG B 763 17.56 -137.29 -38.07
CA ARG B 763 17.96 -138.26 -39.08
C ARG B 763 18.11 -139.65 -38.48
N ARG B 764 18.72 -139.74 -37.29
CA ARG B 764 18.88 -141.03 -36.63
C ARG B 764 17.52 -141.61 -36.25
N ILE B 765 16.63 -140.79 -35.68
CA ILE B 765 15.35 -141.32 -35.24
C ILE B 765 14.49 -141.74 -36.42
N MET B 766 14.67 -141.11 -37.58
CA MET B 766 13.94 -141.55 -38.76
C MET B 766 14.55 -142.80 -39.37
N ASP B 767 15.88 -142.94 -39.29
CA ASP B 767 16.51 -144.20 -39.67
C ASP B 767 16.13 -145.33 -38.72
N ASP B 768 15.65 -144.99 -37.52
CA ASP B 768 15.19 -145.98 -36.56
C ASP B 768 13.73 -146.38 -36.76
N ASP B 769 13.07 -145.85 -37.78
CA ASP B 769 11.67 -146.16 -38.10
C ASP B 769 10.72 -145.79 -36.96
N ASP B 770 11.01 -144.72 -36.24
CA ASP B 770 10.17 -144.28 -35.13
C ASP B 770 9.45 -142.99 -35.49
N TRP B 771 8.27 -142.82 -34.88
CA TRP B 771 7.46 -141.63 -35.10
C TRP B 771 7.81 -140.55 -34.08
N VAL B 772 7.47 -139.31 -34.43
CA VAL B 772 7.74 -138.16 -33.58
C VAL B 772 6.53 -137.23 -33.62
N ARG B 773 6.21 -136.63 -32.47
CA ARG B 773 5.09 -135.71 -32.34
C ARG B 773 5.65 -134.31 -32.04
N PHE B 774 5.27 -133.35 -32.88
CA PHE B 774 5.69 -131.96 -32.70
C PHE B 774 4.59 -131.16 -32.00
N GLY B 775 4.29 -131.57 -30.76
CA GLY B 775 3.26 -130.91 -29.99
C GLY B 775 3.78 -129.71 -29.23
N GLY B 776 2.85 -129.05 -28.53
CA GLY B 776 3.17 -127.91 -27.68
C GLY B 776 2.71 -126.57 -28.20
N VAL B 777 2.25 -126.48 -29.46
CA VAL B 777 1.81 -125.22 -30.03
C VAL B 777 0.84 -125.52 -31.15
N LEU B 778 -0.12 -124.61 -31.34
CA LEU B 778 -1.10 -124.75 -32.43
C LEU B 778 -0.51 -124.26 -33.74
N ARG B 779 -0.82 -124.97 -34.82
CA ARG B 779 -0.31 -124.66 -36.15
C ARG B 779 -1.46 -124.46 -37.12
N THR B 780 -1.30 -123.49 -38.02
CA THR B 780 -2.29 -123.28 -39.07
C THR B 780 -2.22 -124.40 -40.11
N VAL B 781 -3.38 -124.88 -40.54
CA VAL B 781 -3.47 -126.00 -41.47
C VAL B 781 -4.25 -125.55 -42.70
N ARG B 782 -3.72 -125.84 -43.87
CA ARG B 782 -4.37 -125.53 -45.14
C ARG B 782 -4.62 -126.81 -45.93
N VAL B 783 -5.57 -126.74 -46.85
CA VAL B 783 -6.00 -127.89 -47.64
C VAL B 783 -5.78 -127.59 -49.11
N LYS B 784 -5.20 -128.56 -49.83
CA LYS B 784 -4.93 -128.42 -51.25
C LYS B 784 -5.33 -129.71 -51.97
N PHE B 785 -5.59 -129.58 -53.27
CA PHE B 785 -5.94 -130.71 -54.11
C PHE B 785 -5.02 -130.73 -55.33
N TYR B 786 -4.65 -131.94 -55.76
CA TYR B 786 -3.76 -132.09 -56.91
C TYR B 786 -4.15 -133.34 -57.68
N ASP B 787 -3.90 -133.29 -58.98
CA ASP B 787 -4.08 -134.44 -59.87
C ASP B 787 -2.76 -134.93 -60.46
N ALA B 788 -1.88 -134.01 -60.84
CA ALA B 788 -0.53 -134.38 -61.26
C ALA B 788 0.38 -134.44 -60.04
N ARG B 789 1.67 -134.60 -60.27
CA ARG B 789 2.63 -134.64 -59.18
C ARG B 789 2.70 -133.27 -58.53
N PRO B 790 2.49 -133.16 -57.22
CA PRO B 790 2.47 -131.84 -56.56
C PRO B 790 3.85 -131.21 -56.56
N PRO B 791 3.94 -129.90 -56.38
CA PRO B 791 5.25 -129.25 -56.35
C PRO B 791 6.11 -129.79 -55.22
N ASP B 792 7.43 -129.79 -55.46
CA ASP B 792 8.36 -130.42 -54.53
C ASP B 792 8.31 -129.76 -53.15
N ASP B 793 8.14 -128.44 -53.11
CA ASP B 793 8.12 -127.74 -51.83
C ASP B 793 6.95 -128.16 -50.95
N VAL B 794 5.89 -128.70 -51.55
CA VAL B 794 4.74 -129.17 -50.77
C VAL B 794 4.91 -130.61 -50.33
N LEU B 795 5.30 -131.49 -51.25
CA LEU B 795 5.47 -132.89 -50.89
C LEU B 795 6.61 -133.09 -49.90
N GLN B 796 7.71 -132.35 -50.08
CA GLN B 796 8.88 -132.45 -49.21
C GLN B 796 8.90 -131.36 -48.15
N GLY B 797 7.77 -130.67 -47.92
CA GLY B 797 7.75 -129.58 -46.96
C GLY B 797 7.98 -130.06 -45.54
N LEU B 798 8.51 -129.16 -44.72
CA LEU B 798 8.82 -129.44 -43.33
C LEU B 798 7.94 -128.62 -42.40
N PRO B 799 7.56 -129.16 -41.24
CA PRO B 799 6.78 -128.38 -40.26
C PRO B 799 7.60 -127.31 -39.55
N PHE B 800 8.91 -127.30 -39.71
CA PHE B 800 9.77 -126.31 -39.08
C PHE B 800 10.77 -125.80 -40.12
N SER B 801 11.56 -124.80 -39.72
CA SER B 801 12.62 -124.26 -40.57
C SER B 801 13.90 -124.20 -39.76
N TYR B 802 14.96 -124.82 -40.28
CA TYR B 802 16.26 -124.86 -39.60
C TYR B 802 17.32 -124.46 -40.60
N ASP B 803 17.93 -123.30 -40.40
CA ASP B 803 18.96 -122.77 -41.29
C ASP B 803 20.30 -122.77 -40.58
N THR B 804 21.31 -123.35 -41.23
CA THR B 804 22.65 -123.43 -40.67
C THR B 804 23.71 -122.73 -41.49
N ASN B 805 23.36 -122.20 -42.67
CA ASN B 805 24.31 -121.52 -43.54
C ASN B 805 24.14 -120.02 -43.36
N GLU B 806 24.98 -119.41 -42.52
CA GLU B 806 24.92 -117.99 -42.26
C GLU B 806 26.29 -117.50 -41.84
N ARG B 807 26.51 -116.20 -42.00
CA ARG B 807 27.75 -115.57 -41.60
C ARG B 807 27.54 -114.43 -40.61
N GLY B 808 26.31 -114.18 -40.19
CA GLY B 808 26.06 -113.16 -39.18
C GLY B 808 26.61 -113.50 -37.82
N GLY B 809 26.87 -114.79 -37.56
CA GLY B 809 27.48 -115.21 -36.32
C GLY B 809 26.49 -115.49 -35.20
N LEU B 810 25.87 -114.42 -34.68
CA LEU B 810 25.04 -114.55 -33.49
C LEU B 810 23.83 -115.45 -33.75
N ALA B 811 23.26 -115.94 -32.64
CA ALA B 811 22.05 -116.77 -32.62
C ALA B 811 22.30 -118.16 -33.19
N TYR B 812 23.52 -118.43 -33.67
CA TYR B 812 23.93 -119.72 -34.22
C TYR B 812 22.91 -120.10 -35.31
N ALA B 813 22.29 -121.27 -35.24
CA ALA B 813 21.29 -121.68 -36.22
C ALA B 813 19.89 -121.31 -35.71
N THR B 814 19.12 -120.64 -36.57
CA THR B 814 17.79 -120.17 -36.22
C THR B 814 16.78 -121.29 -36.45
N ILE B 815 15.93 -121.54 -35.44
CA ILE B 815 14.87 -122.54 -35.52
C ILE B 815 13.52 -121.84 -35.40
N LYS B 816 12.59 -122.23 -36.26
CA LYS B 816 11.20 -121.78 -36.20
C LYS B 816 10.34 -123.01 -35.97
N TYR B 817 9.90 -123.21 -34.73
CA TYR B 817 9.21 -124.44 -34.37
C TYR B 817 7.83 -124.52 -34.99
N ALA B 818 7.16 -123.39 -35.19
CA ALA B 818 5.80 -123.35 -35.68
C ALA B 818 5.77 -122.71 -37.07
N THR B 819 5.40 -123.50 -38.07
CA THR B 819 5.22 -123.00 -39.43
C THR B 819 3.93 -123.57 -40.01
N GLU B 820 3.58 -123.10 -41.20
CA GLU B 820 2.36 -123.53 -41.86
C GLU B 820 2.51 -124.96 -42.38
N THR B 821 1.44 -125.74 -42.24
CA THR B 821 1.39 -127.11 -42.73
C THR B 821 0.18 -127.27 -43.65
N THR B 822 0.33 -128.13 -44.65
CA THR B 822 -0.61 -128.20 -45.76
C THR B 822 -1.18 -129.60 -45.91
N ILE B 823 -2.49 -129.69 -46.12
CA ILE B 823 -3.16 -130.94 -46.45
C ILE B 823 -3.28 -131.04 -47.96
N PHE B 824 -2.84 -132.16 -48.52
CA PHE B 824 -2.90 -132.38 -49.96
C PHE B 824 -3.54 -133.72 -50.25
N TYR B 825 -4.38 -133.75 -51.28
CA TYR B 825 -4.99 -134.97 -51.79
C TYR B 825 -4.57 -135.18 -53.23
N LEU B 826 -4.22 -136.43 -53.56
CA LEU B 826 -3.70 -136.77 -54.88
C LEU B 826 -4.68 -137.70 -55.58
N ILE B 827 -4.99 -137.37 -56.84
CA ILE B 827 -5.85 -138.18 -57.69
C ILE B 827 -5.01 -138.70 -58.83
N TYR B 828 -4.92 -140.03 -58.94
CA TYR B 828 -4.08 -140.67 -59.94
C TYR B 828 -4.86 -140.79 -61.25
N ASN B 829 -4.35 -140.16 -62.30
CA ASN B 829 -4.96 -140.20 -63.62
C ASN B 829 -4.15 -141.13 -64.51
N VAL B 830 -4.85 -142.06 -65.17
CA VAL B 830 -4.20 -143.07 -66.00
C VAL B 830 -4.81 -143.04 -67.39
N GLU B 831 -3.96 -143.18 -68.40
CA GLU B 831 -4.38 -143.24 -69.79
C GLU B 831 -4.02 -144.60 -70.37
N PHE B 832 -4.68 -144.93 -71.49
CA PHE B 832 -4.48 -146.24 -72.11
C PHE B 832 -3.09 -146.42 -72.70
N SER B 833 -2.31 -145.35 -72.85
CA SER B 833 -0.95 -145.45 -73.35
C SER B 833 0.06 -145.86 -72.29
N ASN B 834 -0.38 -145.99 -71.03
CA ASN B 834 0.54 -146.30 -69.94
C ASN B 834 0.86 -147.79 -69.92
N THR B 835 2.15 -148.11 -69.85
CA THR B 835 2.57 -149.49 -69.68
C THR B 835 2.28 -149.95 -68.25
N PRO B 836 2.16 -151.26 -68.03
CA PRO B 836 1.87 -151.74 -66.67
C PRO B 836 2.91 -151.35 -65.64
N ASP B 837 4.17 -151.17 -66.04
CA ASP B 837 5.24 -150.77 -65.14
C ASP B 837 5.74 -149.36 -65.47
N SER B 838 4.83 -148.47 -65.86
CA SER B 838 5.23 -147.12 -66.25
C SER B 838 5.57 -146.25 -65.04
N LEU B 839 5.00 -146.53 -63.88
CA LEU B 839 5.14 -145.69 -62.70
C LEU B 839 6.27 -146.13 -61.79
N VAL B 840 7.06 -147.12 -62.19
CA VAL B 840 8.15 -147.62 -61.36
C VAL B 840 9.34 -146.69 -61.48
N LEU B 841 9.82 -146.17 -60.35
CA LEU B 841 10.98 -145.31 -60.32
C LEU B 841 12.22 -146.09 -59.94
N ILE B 842 13.38 -145.62 -60.41
CA ILE B 842 14.64 -146.29 -60.10
C ILE B 842 14.93 -146.25 -58.61
N ASN B 843 14.73 -145.10 -57.98
CA ASN B 843 14.96 -144.94 -56.56
C ASN B 843 13.70 -144.44 -55.87
N PRO B 844 13.46 -144.88 -54.64
CA PRO B 844 12.24 -144.47 -53.93
C PRO B 844 12.24 -142.98 -53.61
N THR B 845 11.03 -142.42 -53.57
CA THR B 845 10.81 -141.04 -53.16
C THR B 845 9.95 -141.03 -51.91
N TYR B 846 10.36 -140.25 -50.91
CA TYR B 846 9.75 -140.29 -49.59
C TYR B 846 8.93 -139.04 -49.31
N THR B 847 8.03 -139.17 -48.34
CA THR B 847 7.28 -138.05 -47.79
C THR B 847 7.39 -138.08 -46.28
N MET B 848 7.23 -136.91 -45.66
CA MET B 848 7.60 -136.74 -44.26
C MET B 848 6.41 -136.44 -43.35
N THR B 849 5.62 -135.41 -43.67
CA THR B 849 4.66 -134.86 -42.72
C THR B 849 3.36 -135.67 -42.73
N LYS B 850 2.87 -135.98 -41.52
CA LYS B 850 1.58 -136.62 -41.31
C LYS B 850 0.85 -135.89 -40.20
N VAL B 851 -0.48 -135.99 -40.20
CA VAL B 851 -1.30 -135.23 -39.26
C VAL B 851 -2.64 -135.93 -39.09
N PHE B 852 -3.22 -135.81 -37.90
CA PHE B 852 -4.50 -136.42 -37.55
C PHE B 852 -5.41 -135.32 -37.01
N ILE B 853 -6.65 -135.26 -37.51
CA ILE B 853 -7.55 -134.16 -37.15
C ILE B 853 -8.84 -134.73 -36.56
N ASN B 854 -9.04 -136.03 -36.74
CA ASN B 854 -10.20 -136.74 -36.19
C ASN B 854 -11.53 -136.21 -36.75
N LYS B 855 -11.51 -135.70 -37.97
CA LYS B 855 -12.73 -135.24 -38.63
C LYS B 855 -12.68 -135.62 -40.10
N ARG B 856 -13.79 -136.17 -40.61
CA ARG B 856 -13.86 -136.65 -41.99
C ARG B 856 -14.13 -135.46 -42.92
N ILE B 857 -13.08 -134.67 -43.15
CA ILE B 857 -13.21 -133.52 -44.04
C ILE B 857 -13.42 -133.98 -45.48
N VAL B 858 -12.76 -135.06 -45.88
CA VAL B 858 -12.89 -135.63 -47.22
C VAL B 858 -13.21 -137.11 -47.07
N GLU B 859 -14.25 -137.56 -47.77
CA GLU B 859 -14.72 -138.93 -47.69
C GLU B 859 -14.77 -139.53 -49.08
N ARG B 860 -14.49 -140.83 -49.16
CA ARG B 860 -14.72 -141.61 -50.37
C ARG B 860 -16.06 -142.31 -50.21
N VAL B 861 -17.01 -141.94 -51.08
CA VAL B 861 -18.40 -142.38 -50.95
C VAL B 861 -18.87 -142.94 -52.29
N ARG B 862 -19.54 -144.08 -52.22
CA ARG B 862 -20.12 -144.67 -53.41
C ARG B 862 -21.30 -143.85 -53.91
N VAL B 863 -21.65 -144.06 -55.18
CA VAL B 863 -22.75 -143.29 -55.79
C VAL B 863 -24.07 -143.57 -55.09
N GLY B 864 -24.21 -144.75 -54.49
CA GLY B 864 -25.45 -145.10 -53.81
C GLY B 864 -25.68 -144.36 -52.52
N GLN B 865 -24.62 -143.84 -51.90
CA GLN B 865 -24.72 -143.16 -50.61
C GLN B 865 -24.51 -141.65 -50.71
N ILE B 866 -24.61 -141.08 -51.92
CA ILE B 866 -24.38 -139.65 -52.09
C ILE B 866 -25.46 -138.85 -51.37
N LEU B 867 -26.72 -139.27 -51.50
CA LEU B 867 -27.84 -138.49 -51.00
C LEU B 867 -28.12 -138.70 -49.52
N ALA B 868 -27.33 -139.56 -48.84
CA ALA B 868 -27.56 -139.80 -47.42
C ALA B 868 -27.21 -138.61 -46.55
N VAL B 869 -26.56 -137.58 -47.10
CA VAL B 869 -26.16 -136.42 -46.31
C VAL B 869 -27.36 -135.62 -45.84
N LEU B 870 -28.50 -135.72 -46.52
CA LEU B 870 -29.68 -134.91 -46.19
C LEU B 870 -30.29 -135.43 -44.89
N ASN B 871 -29.91 -134.81 -43.77
CA ASN B 871 -30.46 -135.20 -42.47
C ASN B 871 -30.87 -134.03 -41.58
N ARG B 872 -30.54 -132.79 -41.95
CA ARG B 872 -30.89 -131.64 -41.12
C ARG B 872 -32.30 -131.15 -41.43
N ARG B 873 -32.93 -130.56 -40.44
CA ARG B 873 -34.30 -130.04 -40.56
C ARG B 873 -34.25 -128.54 -40.78
N PHE B 874 -34.98 -128.07 -41.80
CA PHE B 874 -35.02 -126.66 -42.16
C PHE B 874 -36.45 -126.17 -42.14
N VAL B 875 -36.62 -124.91 -41.75
CA VAL B 875 -37.93 -124.26 -41.72
C VAL B 875 -37.83 -122.96 -42.50
N ALA B 876 -38.83 -122.68 -43.33
CA ALA B 876 -38.84 -121.48 -44.15
C ALA B 876 -40.24 -120.87 -44.15
N TYR B 877 -40.30 -119.60 -44.54
CA TYR B 877 -41.55 -118.85 -44.59
C TYR B 877 -42.11 -118.91 -46.01
N LYS B 878 -43.15 -118.12 -46.26
CA LYS B 878 -43.81 -118.07 -47.56
C LYS B 878 -43.81 -116.64 -48.10
N GLY B 879 -44.14 -116.52 -49.38
CA GLY B 879 -44.24 -115.21 -49.99
C GLY B 879 -45.33 -114.35 -49.41
N LYS B 880 -46.44 -114.97 -48.99
CA LYS B 880 -47.52 -114.21 -48.37
C LYS B 880 -47.07 -113.58 -47.06
N MET B 881 -46.27 -114.30 -46.27
CA MET B 881 -45.69 -113.73 -45.06
C MET B 881 -44.65 -112.69 -45.42
N ARG B 882 -44.66 -111.58 -44.68
CA ARG B 882 -43.67 -110.52 -44.81
C ARG B 882 -42.95 -110.34 -43.48
N ILE B 883 -41.63 -110.24 -43.55
CA ILE B 883 -40.79 -110.09 -42.36
C ILE B 883 -40.07 -108.75 -42.46
N MET B 884 -40.14 -107.97 -41.39
CA MET B 884 -39.51 -106.66 -41.35
C MET B 884 -39.03 -106.39 -39.93
N ASP B 885 -38.06 -105.48 -39.82
CA ASP B 885 -37.43 -105.17 -38.55
C ASP B 885 -38.15 -104.00 -37.89
N ILE B 886 -38.67 -104.24 -36.68
CA ILE B 886 -39.42 -103.18 -35.94
C ILE B 886 -38.42 -102.10 -35.50
N THR B 887 -37.13 -102.39 -35.59
CA THR B 887 -36.12 -101.43 -35.06
C THR B 887 -36.28 -100.11 -35.81
N GLN B 888 -36.49 -100.18 -37.12
CA GLN B 888 -36.57 -98.92 -37.91
C GLN B 888 -37.76 -98.11 -37.40
N SER B 889 -38.85 -98.78 -37.06
CA SER B 889 -40.05 -98.07 -36.55
C SER B 889 -39.68 -97.33 -35.27
N LEU B 890 -38.81 -97.92 -34.46
CA LEU B 890 -38.40 -97.29 -33.18
C LEU B 890 -37.73 -95.95 -33.48
N LYS B 891 -37.18 -95.77 -34.69
CA LYS B 891 -36.44 -94.52 -35.00
C LYS B 891 -37.35 -93.31 -34.76
N MET B 892 -36.82 -92.22 -34.19
CA MET B 892 -37.60 -90.99 -33.92
C MET B 892 -38.53 -91.24 -32.73
N GLY B 893 -39.37 -92.26 -32.80
CA GLY B 893 -40.27 -92.60 -31.69
C GLY B 893 -41.15 -91.44 -31.31
N THR B 894 -41.67 -90.70 -32.30
CA THR B 894 -42.61 -89.59 -32.02
C THR B 894 -44.03 -90.16 -31.94
N LYS B 895 -44.35 -90.88 -30.87
CA LYS B 895 -45.69 -91.53 -30.75
C LYS B 895 -45.99 -91.82 -29.28
N LEU B 896 -47.26 -92.07 -28.96
CA LEU B 896 -47.67 -92.37 -27.56
C LEU B 896 -48.51 -93.65 -27.56
N ALA B 897 -48.63 -94.32 -26.41
CA ALA B 897 -49.34 -95.63 -26.38
C ALA B 897 -50.33 -95.66 -25.22
N ALA B 898 -51.20 -96.69 -25.18
CA ALA B 898 -52.18 -96.85 -24.09
C ALA B 898 -51.46 -96.86 -22.74
N PRO B 899 -52.15 -96.87 -21.58
CA PRO B 899 -51.46 -96.74 -20.29
C PRO B 899 -50.31 -97.73 -20.08
N THR B 900 -50.51 -99.01 -20.41
CA THR B 900 -49.44 -100.04 -20.28
C THR B 900 -48.76 -99.92 -18.90
N VAL B 901 -49.55 -99.76 -17.84
CA VAL B 901 -48.97 -99.72 -16.46
C VAL B 901 -49.85 -100.56 -15.54
N ALA C 4 2.45 -48.52 -31.76
CA ALA C 4 1.29 -48.30 -32.60
C ALA C 4 1.72 -48.08 -34.05
N MET C 5 1.90 -49.18 -34.78
CA MET C 5 2.37 -49.16 -36.17
C MET C 5 1.27 -49.65 -37.09
N LEU C 6 1.06 -48.92 -38.18
CA LEU C 6 -0.08 -49.11 -39.07
C LEU C 6 0.40 -49.40 -40.49
N LEU C 7 -0.38 -50.21 -41.21
CA LEU C 7 -0.14 -50.51 -42.61
C LEU C 7 -1.31 -49.98 -43.44
N ALA C 8 -1.00 -49.28 -44.52
CA ALA C 8 -2.01 -48.62 -45.34
C ALA C 8 -1.62 -48.73 -46.80
N PRO C 9 -2.59 -48.58 -47.72
CA PRO C 9 -2.25 -48.55 -49.14
C PRO C 9 -1.34 -47.37 -49.47
N GLY C 10 -0.47 -47.57 -50.47
CA GLY C 10 0.53 -46.57 -50.79
C GLY C 10 -0.04 -45.27 -51.30
N ASP C 11 -1.13 -45.33 -52.06
CA ASP C 11 -1.74 -44.09 -52.55
C ASP C 11 -2.29 -43.23 -51.43
N VAL C 12 -2.79 -43.86 -50.36
CA VAL C 12 -3.33 -43.09 -49.23
C VAL C 12 -2.22 -42.28 -48.57
N ILE C 13 -1.09 -42.92 -48.29
CA ILE C 13 0.02 -42.19 -47.68
C ILE C 13 0.61 -41.19 -48.67
N LYS C 14 0.59 -41.50 -49.96
CA LYS C 14 1.03 -40.55 -50.97
C LYS C 14 0.18 -39.28 -50.94
N ARG C 15 -1.13 -39.44 -50.82
CA ARG C 15 -2.03 -38.30 -50.80
C ARG C 15 -2.02 -37.56 -49.47
N SER C 16 -1.68 -38.23 -48.36
CA SER C 16 -1.71 -37.60 -47.05
C SER C 16 -0.32 -37.38 -46.46
N SER C 17 0.72 -37.42 -47.29
CA SER C 17 2.08 -37.18 -46.81
C SER C 17 2.22 -35.83 -46.13
N GLU C 18 1.55 -34.79 -46.64
CA GLU C 18 1.67 -33.47 -46.04
C GLU C 18 1.13 -33.46 -44.63
N GLU C 19 -0.07 -34.02 -44.43
CA GLU C 19 -0.65 -34.09 -43.09
C GLU C 19 0.19 -34.97 -42.17
N LEU C 20 0.70 -36.08 -42.70
CA LEU C 20 1.51 -36.97 -41.88
C LEU C 20 2.79 -36.28 -41.42
N LYS C 21 3.42 -35.51 -42.30
CA LYS C 21 4.60 -34.74 -41.91
C LYS C 21 4.23 -33.67 -40.90
N GLN C 22 3.10 -33.00 -41.09
CA GLN C 22 2.66 -31.98 -40.15
C GLN C 22 2.38 -32.55 -38.78
N ARG C 23 1.95 -33.81 -38.69
CA ARG C 23 1.67 -34.44 -37.40
C ARG C 23 2.82 -35.29 -36.89
N GLN C 24 3.97 -35.27 -37.58
CA GLN C 24 5.23 -35.83 -37.11
C GLN C 24 5.26 -37.36 -37.07
N ILE C 25 4.49 -38.02 -37.92
CA ILE C 25 4.63 -39.47 -38.09
C ILE C 25 5.56 -39.74 -39.26
N GLN C 26 6.59 -40.55 -39.03
CA GLN C 26 7.60 -40.79 -40.04
C GLN C 26 7.06 -41.72 -41.12
N ILE C 27 7.43 -41.43 -42.37
CA ILE C 27 6.88 -42.10 -43.54
C ILE C 27 7.91 -43.06 -44.12
N ASN C 28 7.48 -44.31 -44.33
CA ASN C 28 8.28 -45.31 -45.03
C ASN C 28 7.44 -45.82 -46.20
N LEU C 29 7.82 -45.44 -47.41
CA LEU C 29 7.04 -45.76 -48.59
C LEU C 29 7.96 -46.27 -49.69
N ILE C 30 7.44 -47.20 -50.49
CA ILE C 30 8.15 -47.75 -51.65
C ILE C 30 7.35 -47.43 -52.90
N ASP C 31 7.99 -46.81 -53.88
CA ASP C 31 7.34 -46.44 -55.12
C ASP C 31 7.38 -47.60 -56.11
N TRP C 32 6.53 -47.51 -57.12
CA TRP C 32 6.41 -48.58 -58.11
C TRP C 32 6.35 -48.08 -59.55
N THR C 33 6.39 -46.77 -59.79
CA THR C 33 6.29 -46.19 -61.13
C THR C 33 5.06 -46.69 -61.88
N GLY C 130 9.48 -19.98 -57.76
CA GLY C 130 10.47 -19.12 -57.13
C GLY C 130 10.11 -18.73 -55.70
N ARG C 131 11.09 -18.79 -54.82
CA ARG C 131 10.90 -18.44 -53.42
C ARG C 131 11.43 -17.05 -53.12
N TRP C 132 11.11 -16.56 -51.93
CA TRP C 132 11.52 -15.23 -51.49
C TRP C 132 12.50 -15.35 -50.32
N VAL C 133 13.23 -14.27 -50.08
CA VAL C 133 14.30 -14.24 -49.09
C VAL C 133 14.17 -12.98 -48.25
N VAL C 134 14.72 -13.04 -47.04
CA VAL C 134 14.65 -11.96 -46.06
C VAL C 134 15.97 -11.19 -46.09
N LEU C 135 15.89 -9.88 -45.80
CA LEU C 135 17.06 -9.02 -45.90
C LEU C 135 18.19 -9.50 -44.99
N THR C 136 17.87 -9.84 -43.74
CA THR C 136 18.88 -10.21 -42.76
C THR C 136 18.47 -11.50 -42.05
N GLU C 137 19.47 -12.19 -41.51
CA GLU C 137 19.23 -13.51 -40.92
C GLU C 137 18.43 -13.42 -39.63
N GLU C 138 18.49 -12.29 -38.93
CA GLU C 138 17.81 -12.19 -37.64
C GLU C 138 16.30 -12.23 -37.81
N ILE C 139 15.77 -11.51 -38.81
CA ILE C 139 14.33 -11.53 -39.04
C ILE C 139 13.86 -12.92 -39.47
N ALA C 140 14.64 -13.58 -40.33
CA ALA C 140 14.29 -14.94 -40.75
C ALA C 140 14.30 -15.89 -39.57
N ARG C 141 15.29 -15.77 -38.68
CA ARG C 141 15.34 -16.61 -37.50
C ARG C 141 14.14 -16.36 -36.60
N ALA C 142 13.76 -15.09 -36.41
CA ALA C 142 12.62 -14.76 -35.57
C ALA C 142 11.33 -15.34 -36.15
N ILE C 143 11.13 -15.18 -37.46
CA ILE C 143 9.90 -15.67 -38.07
C ILE C 143 9.87 -17.19 -38.06
N GLU C 144 11.03 -17.84 -38.23
CA GLU C 144 11.09 -19.29 -38.15
C GLU C 144 10.76 -19.78 -36.75
N SER C 145 11.26 -19.08 -35.72
CA SER C 145 10.92 -19.43 -34.36
C SER C 145 9.44 -19.24 -34.09
N LYS C 146 8.86 -18.18 -34.63
CA LYS C 146 7.46 -17.88 -34.34
C LYS C 146 6.52 -18.85 -35.05
N TYR C 147 6.80 -19.19 -36.31
CA TYR C 147 5.88 -19.97 -37.11
C TYR C 147 6.40 -21.33 -37.54
N GLY C 148 7.65 -21.66 -37.23
CA GLY C 148 8.20 -22.93 -37.67
C GLY C 148 8.39 -23.05 -39.16
N THR C 149 8.58 -21.94 -39.86
CA THR C 149 8.74 -21.92 -41.31
C THR C 149 10.18 -21.55 -41.65
N LYS C 150 10.84 -22.41 -42.41
CA LYS C 150 12.21 -22.14 -42.85
C LYS C 150 12.21 -21.03 -43.90
N ILE C 151 13.12 -20.08 -43.75
CA ILE C 151 13.22 -18.93 -44.64
C ILE C 151 14.67 -18.76 -45.07
N ASP C 152 14.87 -18.47 -46.35
CA ASP C 152 16.21 -18.27 -46.90
C ASP C 152 16.64 -16.81 -46.74
N VAL C 153 17.92 -16.56 -46.95
CA VAL C 153 18.53 -15.25 -46.74
C VAL C 153 19.08 -14.74 -48.07
N TYR C 154 18.84 -13.46 -48.35
CA TYR C 154 19.31 -12.84 -49.58
C TYR C 154 20.82 -12.67 -49.54
N ARG C 155 21.51 -13.10 -50.59
CA ARG C 155 22.97 -13.08 -50.64
C ARG C 155 23.47 -12.62 -52.00
N ASP C 156 22.85 -11.57 -52.55
CA ASP C 156 23.31 -10.93 -53.79
C ASP C 156 23.45 -11.93 -54.93
N GLU C 157 22.49 -12.84 -55.06
CA GLU C 157 22.64 -13.94 -56.01
C GLU C 157 22.26 -13.51 -57.43
N VAL C 158 21.00 -13.19 -57.64
CA VAL C 158 20.44 -12.90 -58.97
C VAL C 158 19.30 -11.91 -58.80
N PRO C 159 18.75 -11.33 -59.89
CA PRO C 159 17.49 -10.59 -59.75
C PRO C 159 16.40 -11.49 -59.18
N ALA C 160 15.96 -11.19 -57.97
CA ALA C 160 15.03 -12.05 -57.24
C ALA C 160 13.93 -11.18 -56.64
N GLN C 161 13.09 -11.82 -55.81
CA GLN C 161 11.98 -11.17 -55.15
C GLN C 161 12.26 -11.10 -53.66
N ILE C 162 12.19 -9.90 -53.10
CA ILE C 162 12.57 -9.65 -51.72
C ILE C 162 11.33 -9.35 -50.90
N ILE C 163 11.31 -9.86 -49.67
CA ILE C 163 10.23 -9.60 -48.73
C ILE C 163 10.71 -8.50 -47.78
N GLU C 164 9.94 -7.43 -47.68
CA GLU C 164 10.30 -6.29 -46.84
C GLU C 164 9.32 -6.24 -45.68
N VAL C 165 9.75 -6.76 -44.53
CA VAL C 165 8.91 -6.72 -43.33
C VAL C 165 8.75 -5.28 -42.87
N GLU C 166 7.51 -4.88 -42.61
CA GLU C 166 7.17 -3.48 -42.35
C GLU C 166 7.00 -3.25 -40.86
N ARG C 167 7.00 -1.95 -40.49
CA ARG C 167 6.88 -1.52 -39.11
C ARG C 167 5.78 -2.25 -38.34
N SER C 168 4.65 -2.51 -39.00
CA SER C 168 3.54 -3.20 -38.34
C SER C 168 3.96 -4.61 -37.90
N LEU C 169 4.50 -5.40 -38.83
CA LEU C 169 4.99 -6.73 -38.45
C LEU C 169 6.25 -6.65 -37.59
N GLN C 170 7.02 -5.57 -37.71
CA GLN C 170 8.16 -5.37 -36.83
C GLN C 170 7.71 -5.27 -35.38
N LYS C 171 6.62 -4.55 -35.13
CA LYS C 171 6.08 -4.47 -33.78
C LYS C 171 5.36 -5.75 -33.40
N GLU C 172 4.69 -6.39 -34.36
CA GLU C 172 3.94 -7.61 -34.07
C GLU C 172 4.87 -8.74 -33.64
N LEU C 173 6.02 -8.87 -34.29
CA LEU C 173 6.96 -9.95 -34.00
C LEU C 173 7.86 -9.65 -32.81
N GLY C 174 7.74 -8.48 -32.20
CA GLY C 174 8.60 -8.12 -31.09
C GLY C 174 10.05 -7.96 -31.48
N ILE C 175 10.31 -7.37 -32.65
CA ILE C 175 11.68 -7.22 -33.15
C ILE C 175 12.33 -6.04 -32.44
N SER C 176 13.59 -6.20 -32.08
CA SER C 176 14.32 -5.16 -31.36
C SER C 176 14.66 -4.00 -32.30
N ARG C 177 15.17 -2.92 -31.69
CA ARG C 177 15.53 -1.74 -32.46
C ARG C 177 16.68 -2.02 -33.42
N GLU C 178 17.65 -2.83 -32.98
CA GLU C 178 18.80 -3.13 -33.83
C GLU C 178 18.38 -3.91 -35.07
N GLY C 179 17.40 -4.81 -34.93
CA GLY C 179 16.91 -5.52 -36.10
C GLY C 179 16.30 -4.59 -37.13
N VAL C 180 15.49 -3.63 -36.68
CA VAL C 180 14.92 -2.66 -37.60
C VAL C 180 16.02 -1.83 -38.25
N ALA C 181 17.02 -1.42 -37.45
CA ALA C 181 18.10 -0.60 -37.98
C ALA C 181 18.87 -1.35 -39.06
N GLU C 182 19.20 -2.62 -38.82
CA GLU C 182 19.94 -3.38 -39.82
C GLU C 182 19.09 -3.68 -41.04
N GLN C 183 17.79 -3.91 -40.84
CA GLN C 183 16.89 -4.10 -41.98
C GLN C 183 16.89 -2.89 -42.88
N THR C 184 16.70 -1.70 -42.30
CA THR C 184 16.68 -0.50 -43.13
C THR C 184 18.06 -0.14 -43.68
N GLU C 185 19.14 -0.55 -43.01
CA GLU C 185 20.48 -0.38 -43.59
C GLU C 185 20.63 -1.23 -44.85
N ARG C 186 20.20 -2.49 -44.78
CA ARG C 186 20.22 -3.34 -45.98
C ARG C 186 19.31 -2.78 -47.05
N LEU C 187 18.18 -2.20 -46.65
CA LEU C 187 17.29 -1.56 -47.61
C LEU C 187 17.98 -0.41 -48.32
N ARG C 188 18.70 0.44 -47.58
CA ARG C 188 19.45 1.52 -48.20
C ARG C 188 20.52 0.98 -49.14
N ASP C 189 21.19 -0.10 -48.75
CA ASP C 189 22.17 -0.73 -49.64
C ASP C 189 21.52 -1.18 -50.94
N LEU C 190 20.33 -1.77 -50.84
CA LEU C 190 19.61 -2.20 -52.05
C LEU C 190 19.21 -1.00 -52.90
N ARG C 191 18.76 0.09 -52.26
CA ARG C 191 18.44 1.30 -53.01
C ARG C 191 19.64 1.78 -53.81
N ARG C 192 20.80 1.86 -53.16
CA ARG C 192 22.01 2.29 -53.86
C ARG C 192 22.39 1.33 -54.98
N LYS C 193 22.28 0.02 -54.71
CA LYS C 193 22.66 -0.97 -55.73
C LYS C 193 21.80 -0.85 -56.97
N GLU C 194 20.48 -0.69 -56.80
CA GLU C 194 19.63 -0.61 -57.98
C GLU C 194 19.58 0.79 -58.58
N LYS C 195 20.02 1.81 -57.84
CA LYS C 195 20.20 3.13 -58.44
C LYS C 195 21.46 3.20 -59.28
N SER C 196 22.50 2.46 -58.91
CA SER C 196 23.74 2.41 -59.68
C SER C 196 23.61 1.43 -60.85
N GLY C 197 22.69 1.77 -61.75
CA GLY C 197 22.41 0.94 -62.91
C GLY C 197 23.41 1.12 -64.03
N ILE C 237 15.49 -7.24 -59.64
CA ILE C 237 15.22 -7.31 -58.19
C ILE C 237 13.95 -6.57 -57.86
N THR C 238 13.01 -7.26 -57.23
CA THR C 238 11.74 -6.68 -56.80
C THR C 238 11.58 -6.86 -55.30
N ILE C 239 11.12 -5.80 -54.64
CA ILE C 239 10.89 -5.80 -53.20
C ILE C 239 9.41 -5.57 -52.94
N GLU C 240 8.85 -6.32 -51.98
CA GLU C 240 7.45 -6.20 -51.60
C GLU C 240 7.37 -5.83 -50.13
N GLY C 241 6.67 -4.74 -49.85
CA GLY C 241 6.50 -4.29 -48.48
C GLY C 241 5.28 -4.88 -47.81
N VAL C 242 5.31 -6.19 -47.55
CA VAL C 242 4.17 -6.83 -46.89
C VAL C 242 4.02 -6.29 -45.49
N MET C 243 2.81 -5.87 -45.15
CA MET C 243 2.54 -5.20 -43.89
C MET C 243 1.24 -5.64 -43.21
N SER C 244 0.66 -6.76 -43.62
CA SER C 244 -0.45 -7.37 -42.91
C SER C 244 -0.11 -8.84 -42.63
N GLN C 245 -0.61 -9.34 -41.49
CA GLN C 245 -0.29 -10.69 -41.08
C GLN C 245 -0.87 -11.71 -42.06
N LYS C 246 -2.11 -11.48 -42.51
CA LYS C 246 -2.79 -12.40 -43.41
C LYS C 246 -2.10 -12.47 -44.77
N LYS C 247 -1.55 -11.35 -45.25
CA LYS C 247 -0.81 -11.38 -46.50
C LYS C 247 0.39 -12.31 -46.39
N LEU C 248 1.13 -12.22 -45.28
CA LEU C 248 2.28 -13.10 -45.10
C LEU C 248 1.86 -14.55 -45.00
N LEU C 249 0.77 -14.85 -44.27
CA LEU C 249 0.33 -16.24 -44.17
C LEU C 249 -0.12 -16.78 -45.54
N SER C 250 -0.97 -16.05 -46.25
CA SER C 250 -1.45 -16.51 -47.54
C SER C 250 -0.35 -16.55 -48.58
N MET C 251 0.75 -15.83 -48.37
CA MET C 251 1.84 -15.82 -49.33
C MET C 251 2.72 -17.06 -49.18
N ILE C 252 3.40 -17.18 -48.04
CA ILE C 252 4.29 -18.31 -47.75
C ILE C 252 4.26 -18.57 -46.25
N GLY C 253 4.53 -19.80 -45.87
CA GLY C 253 4.68 -20.16 -44.48
C GLY C 253 3.56 -21.07 -43.98
N GLY C 254 3.72 -21.48 -42.72
CA GLY C 254 2.77 -22.36 -42.07
C GLY C 254 1.77 -21.58 -41.23
N VAL C 255 0.58 -22.18 -41.08
CA VAL C 255 -0.49 -21.53 -40.32
C VAL C 255 -0.05 -21.35 -38.87
N GLU C 256 -0.61 -20.31 -38.24
CA GLU C 256 -0.24 -19.93 -36.87
C GLU C 256 -0.63 -21.04 -35.89
N ARG C 257 -0.24 -20.88 -34.63
CA ARG C 257 -0.46 -21.97 -33.64
C ARG C 257 -1.79 -21.79 -32.90
N LYS C 258 -2.48 -22.90 -32.58
CA LYS C 258 -3.74 -22.85 -31.79
C LYS C 258 -3.41 -22.67 -30.31
N MET C 259 -4.40 -22.32 -29.49
CA MET C 259 -4.12 -22.04 -28.05
C MET C 259 -4.62 -23.20 -27.16
N ALA C 260 -4.00 -24.38 -27.27
CA ALA C 260 -4.36 -25.49 -26.39
C ALA C 260 -3.12 -25.87 -25.57
N PRO C 261 -3.30 -26.60 -24.47
CA PRO C 261 -2.14 -27.15 -23.77
C PRO C 261 -1.34 -28.07 -24.67
N ILE C 262 -0.02 -28.01 -24.55
CA ILE C 262 0.88 -28.76 -25.41
C ILE C 262 1.21 -30.09 -24.74
N GLY C 263 0.81 -31.19 -25.39
CA GLY C 263 1.15 -32.50 -24.90
C GLY C 263 2.57 -32.91 -25.23
N ALA C 264 3.00 -34.02 -24.63
CA ALA C 264 4.34 -34.53 -24.90
C ALA C 264 4.50 -34.98 -26.34
N ARG C 265 3.44 -35.46 -26.97
CA ARG C 265 3.51 -35.94 -28.34
C ARG C 265 2.18 -35.66 -29.03
N GLU C 266 2.24 -35.35 -30.33
CA GLU C 266 1.04 -35.03 -31.07
C GLU C 266 0.17 -36.26 -31.29
N SER C 267 0.77 -37.39 -31.63
CA SER C 267 0.05 -38.62 -31.93
C SER C 267 0.71 -39.79 -31.23
N ALA C 268 -0.09 -40.83 -30.98
CA ALA C 268 0.38 -42.03 -30.30
C ALA C 268 1.02 -43.03 -31.25
N VAL C 269 1.00 -42.78 -32.55
CA VAL C 269 1.59 -43.68 -33.54
C VAL C 269 2.92 -43.12 -33.98
N MET C 270 3.87 -44.02 -34.24
CA MET C 270 5.21 -43.66 -34.67
C MET C 270 5.44 -43.85 -36.16
N LEU C 271 5.03 -44.99 -36.70
CA LEU C 271 5.36 -45.35 -38.07
C LEU C 271 4.14 -45.88 -38.80
N VAL C 272 3.95 -45.39 -40.01
CA VAL C 272 3.06 -46.01 -40.98
C VAL C 272 3.88 -46.35 -42.22
N SER C 273 3.81 -47.61 -42.65
CA SER C 273 4.70 -48.10 -43.70
C SER C 273 3.90 -48.92 -44.70
N ASN C 274 4.57 -49.26 -45.81
CA ASN C 274 3.98 -50.05 -46.88
C ASN C 274 5.00 -51.06 -47.38
N SER C 275 5.74 -51.66 -46.46
CA SER C 275 6.80 -52.61 -46.79
C SER C 275 6.50 -53.98 -46.19
N ILE C 276 6.80 -55.03 -46.94
CA ILE C 276 6.72 -56.39 -46.41
C ILE C 276 7.90 -56.68 -45.49
N LYS C 277 8.97 -55.88 -45.56
CA LYS C 277 10.14 -56.09 -44.73
C LYS C 277 9.86 -55.86 -43.26
N ASP C 278 8.82 -55.10 -42.92
CA ASP C 278 8.45 -54.82 -41.54
C ASP C 278 6.98 -55.15 -41.29
N VAL C 279 6.51 -56.25 -41.87
CA VAL C 279 5.14 -56.70 -41.60
C VAL C 279 5.00 -57.16 -40.16
N VAL C 280 6.03 -57.79 -39.60
CA VAL C 280 6.00 -58.18 -38.20
C VAL C 280 6.11 -56.96 -37.28
N ARG C 281 6.57 -55.83 -37.82
CA ARG C 281 6.68 -54.61 -37.03
C ARG C 281 5.30 -54.04 -36.69
N ALA C 282 4.32 -54.25 -37.55
CA ALA C 282 3.03 -53.61 -37.43
C ALA C 282 2.17 -54.24 -36.34
N THR C 283 1.30 -53.41 -35.74
CA THR C 283 0.29 -53.85 -34.79
C THR C 283 -1.13 -53.75 -35.31
N ALA C 284 -1.35 -52.96 -36.37
CA ALA C 284 -2.67 -52.81 -36.97
C ALA C 284 -2.47 -52.42 -38.43
N TYR C 285 -3.54 -52.54 -39.21
CA TYR C 285 -3.46 -52.20 -40.62
C TYR C 285 -4.80 -51.63 -41.08
N PHE C 286 -4.74 -50.85 -42.16
CA PHE C 286 -5.89 -50.16 -42.72
C PHE C 286 -6.03 -50.54 -44.19
N THR C 287 -7.27 -50.71 -44.63
CA THR C 287 -7.55 -51.15 -45.99
C THR C 287 -8.50 -50.16 -46.67
N ALA C 288 -8.48 -50.17 -48.00
CA ALA C 288 -9.30 -49.29 -48.81
C ALA C 288 -9.56 -49.97 -50.13
N PRO C 289 -10.64 -49.59 -50.83
CA PRO C 289 -10.90 -50.18 -52.16
C PRO C 289 -9.79 -49.91 -53.16
N THR C 290 -9.01 -48.85 -52.96
CA THR C 290 -7.87 -48.59 -53.82
C THR C 290 -6.84 -49.71 -53.69
N GLY C 291 -6.04 -49.89 -54.73
CA GLY C 291 -5.15 -51.01 -54.83
C GLY C 291 -3.73 -50.62 -55.15
N ASP C 292 -2.79 -51.48 -54.75
CA ASP C 292 -1.37 -51.39 -55.01
C ASP C 292 -0.88 -52.74 -55.53
N PRO C 293 0.14 -52.76 -56.40
CA PRO C 293 0.64 -54.06 -56.90
C PRO C 293 1.18 -54.97 -55.81
N HIS C 294 1.58 -54.43 -54.66
CA HIS C 294 2.09 -55.23 -53.55
C HIS C 294 1.14 -55.33 -52.38
N TRP C 295 -0.05 -54.70 -52.46
CA TRP C 295 -0.91 -54.61 -51.28
C TRP C 295 -1.59 -55.93 -50.96
N LYS C 296 -1.89 -56.76 -51.97
CA LYS C 296 -2.58 -58.02 -51.71
C LYS C 296 -1.71 -58.96 -50.90
N GLU C 297 -0.44 -59.08 -51.27
CA GLU C 297 0.48 -59.95 -50.54
C GLU C 297 0.69 -59.45 -49.11
N VAL C 298 0.81 -58.13 -48.95
CA VAL C 298 0.97 -57.56 -47.61
C VAL C 298 -0.28 -57.81 -46.76
N ALA C 299 -1.46 -57.68 -47.36
CA ALA C 299 -2.70 -57.94 -46.63
C ALA C 299 -2.77 -59.40 -46.20
N ARG C 300 -2.39 -60.32 -47.09
CA ARG C 300 -2.39 -61.73 -46.71
C ARG C 300 -1.40 -62.00 -45.58
N GLU C 301 -0.19 -61.42 -45.66
CA GLU C 301 0.82 -61.64 -44.64
C GLU C 301 0.49 -60.96 -43.33
N ALA C 302 -0.35 -59.93 -43.33
CA ALA C 302 -0.74 -59.24 -42.10
C ALA C 302 -1.97 -59.86 -41.46
N SER C 303 -2.90 -60.40 -42.24
CA SER C 303 -4.07 -61.06 -41.68
C SER C 303 -3.70 -62.33 -40.93
N LYS C 304 -2.54 -62.92 -41.23
CA LYS C 304 -2.10 -64.14 -40.55
C LYS C 304 -1.71 -63.90 -39.10
N LYS C 305 -1.57 -62.65 -38.69
CA LYS C 305 -1.20 -62.35 -37.31
C LYS C 305 -2.32 -62.76 -36.36
N LYS C 306 -1.95 -63.36 -35.23
CA LYS C 306 -2.94 -63.87 -34.29
C LYS C 306 -3.75 -62.73 -33.67
N ASN C 307 -3.09 -61.65 -33.27
CA ASN C 307 -3.73 -60.53 -32.58
C ASN C 307 -3.34 -59.23 -33.30
N ILE C 308 -4.16 -58.79 -34.24
CA ILE C 308 -3.93 -57.57 -34.98
C ILE C 308 -5.27 -56.85 -35.17
N LEU C 309 -5.26 -55.53 -35.03
CA LEU C 309 -6.45 -54.73 -35.23
C LEU C 309 -6.64 -54.45 -36.72
N ALA C 310 -7.86 -54.65 -37.21
CA ALA C 310 -8.18 -54.47 -38.62
C ALA C 310 -9.26 -53.41 -38.77
N TYR C 311 -9.01 -52.43 -39.63
CA TYR C 311 -9.98 -51.38 -39.95
C TYR C 311 -10.14 -51.29 -41.45
N THR C 312 -11.36 -51.09 -41.90
CA THR C 312 -11.67 -50.95 -43.32
C THR C 312 -12.58 -49.75 -43.53
N SER C 313 -12.38 -49.04 -44.63
CA SER C 313 -13.20 -47.90 -45.01
C SER C 313 -14.02 -48.25 -46.23
N THR C 314 -15.33 -47.98 -46.16
CA THR C 314 -16.24 -48.32 -47.24
C THR C 314 -16.87 -47.11 -47.92
N GLY C 315 -17.12 -46.03 -47.20
CA GLY C 315 -17.76 -44.86 -47.76
C GLY C 315 -17.03 -43.59 -47.39
N GLY C 316 -17.58 -42.46 -47.85
CA GLY C 316 -16.99 -41.17 -47.58
C GLY C 316 -15.65 -40.99 -48.27
N ASP C 317 -14.79 -40.21 -47.65
CA ASP C 317 -13.45 -39.93 -48.17
C ASP C 317 -12.44 -40.80 -47.43
N VAL C 318 -11.56 -41.44 -48.21
CA VAL C 318 -10.56 -42.34 -47.62
C VAL C 318 -9.60 -41.56 -46.73
N LYS C 319 -9.14 -40.41 -47.21
CA LYS C 319 -8.14 -39.64 -46.46
C LYS C 319 -8.71 -39.13 -45.14
N THR C 320 -9.96 -38.66 -45.15
CA THR C 320 -10.56 -38.18 -43.92
C THR C 320 -10.71 -39.30 -42.89
N GLU C 321 -11.15 -40.48 -43.35
CA GLU C 321 -11.27 -41.61 -42.44
C GLU C 321 -9.90 -42.02 -41.88
N PHE C 322 -8.88 -42.02 -42.74
CA PHE C 322 -7.54 -42.37 -42.28
C PHE C 322 -7.02 -41.38 -41.25
N LEU C 323 -7.25 -40.09 -41.48
CA LEU C 323 -6.81 -39.07 -40.52
C LEU C 323 -7.57 -39.19 -39.20
N HIS C 324 -8.88 -39.44 -39.26
CA HIS C 324 -9.63 -39.62 -38.03
C HIS C 324 -9.13 -40.84 -37.25
N LEU C 325 -8.84 -41.93 -37.97
CA LEU C 325 -8.32 -43.13 -37.31
C LEU C 325 -6.97 -42.85 -36.67
N ILE C 326 -6.06 -42.17 -37.39
CA ILE C 326 -4.75 -41.90 -36.84
C ILE C 326 -4.84 -40.92 -35.68
N ASP C 327 -5.88 -40.08 -35.65
CA ASP C 327 -6.09 -39.21 -34.50
C ASP C 327 -6.56 -39.99 -33.28
N HIS C 328 -7.54 -40.89 -33.49
CA HIS C 328 -8.14 -41.58 -32.36
C HIS C 328 -7.37 -42.82 -31.93
N LEU C 329 -6.48 -43.33 -32.76
CA LEU C 329 -5.71 -44.52 -32.41
C LEU C 329 -4.59 -44.18 -31.43
N SER D 24 55.70 6.17 -11.88
CA SER D 24 55.04 4.86 -11.92
C SER D 24 55.65 3.91 -10.90
N SER D 25 56.98 3.76 -10.95
CA SER D 25 57.68 2.86 -10.05
C SER D 25 57.92 3.54 -8.70
N ASP D 26 58.06 2.71 -7.67
CA ASP D 26 58.39 3.18 -6.34
C ASP D 26 59.37 2.22 -5.69
N SER D 27 60.05 2.71 -4.66
CA SER D 27 61.03 1.92 -3.93
C SER D 27 61.16 2.49 -2.53
N GLY D 28 61.78 1.69 -1.65
CA GLY D 28 62.03 2.11 -0.29
C GLY D 28 62.79 3.41 -0.20
N PRO D 29 64.01 3.44 -0.75
CA PRO D 29 64.80 4.69 -0.69
C PRO D 29 64.13 5.88 -1.35
N LEU D 30 63.43 5.68 -2.47
CA LEU D 30 62.81 6.80 -3.17
C LEU D 30 61.70 7.41 -2.34
N LEU D 31 60.81 6.57 -1.81
CA LEU D 31 59.75 7.07 -0.94
C LEU D 31 60.31 7.70 0.32
N SER D 32 61.43 7.16 0.83
CA SER D 32 62.08 7.76 2.00
C SER D 32 62.57 9.16 1.67
N VAL D 33 63.21 9.34 0.51
CA VAL D 33 63.70 10.65 0.12
C VAL D 33 62.52 11.62 -0.03
N PHE D 34 61.43 11.14 -0.62
CA PHE D 34 60.23 11.97 -0.75
C PHE D 34 59.70 12.39 0.62
N ALA D 35 59.69 11.46 1.58
CA ALA D 35 59.22 11.79 2.92
C ALA D 35 60.11 12.82 3.60
N LEU D 36 61.44 12.66 3.46
CA LEU D 36 62.34 13.68 3.98
C LEU D 36 62.08 15.03 3.35
N GLN D 37 61.89 15.07 2.03
CA GLN D 37 61.64 16.34 1.37
C GLN D 37 60.38 17.01 1.92
N GLU D 38 59.30 16.23 2.05
CA GLU D 38 58.05 16.80 2.55
C GLU D 38 58.19 17.30 3.97
N ILE D 39 58.75 16.47 4.86
CA ILE D 39 58.86 16.84 6.26
C ILE D 39 59.77 18.05 6.43
N MET D 40 60.91 18.06 5.73
CA MET D 40 61.83 19.20 5.82
C MET D 40 61.20 20.47 5.30
N GLN D 41 60.47 20.39 4.18
CA GLN D 41 59.81 21.58 3.66
C GLN D 41 58.74 22.08 4.63
N LYS D 42 58.06 21.17 5.32
CA LYS D 42 57.07 21.58 6.32
C LYS D 42 57.75 22.27 7.50
N VAL D 43 58.88 21.72 7.96
CA VAL D 43 59.49 22.24 9.19
C VAL D 43 60.32 23.49 8.95
N ARG D 44 60.80 23.73 7.72
CA ARG D 44 61.60 24.91 7.44
C ARG D 44 60.77 26.20 7.48
N GLN D 45 59.45 26.12 7.57
CA GLN D 45 58.62 27.32 7.53
C GLN D 45 58.88 28.25 8.71
N VAL D 46 59.37 27.73 9.83
CA VAL D 46 59.67 28.56 11.00
C VAL D 46 61.10 28.26 11.45
N GLN D 47 61.93 29.30 11.50
CA GLN D 47 63.30 29.20 11.97
C GLN D 47 63.67 30.49 12.70
N ALA D 48 64.72 30.42 13.51
CA ALA D 48 65.14 31.53 14.33
C ALA D 48 66.62 31.81 14.15
N ASP D 49 67.09 32.88 14.80
CA ASP D 49 68.49 33.27 14.91
C ASP D 49 69.05 33.85 13.61
N TYR D 50 68.27 33.77 12.53
CA TYR D 50 68.59 34.39 11.24
C TYR D 50 70.06 34.21 10.88
N MET D 51 70.48 32.96 10.75
CA MET D 51 71.86 32.65 10.41
C MET D 51 72.04 32.63 8.91
N PHE D 59 70.36 24.46 2.57
CA PHE D 59 69.84 23.22 3.12
C PHE D 59 70.34 22.03 2.30
N THR D 60 70.07 20.83 2.79
CA THR D 60 70.45 19.62 2.08
C THR D 60 69.55 18.48 2.48
N VAL D 61 69.24 17.60 1.53
CA VAL D 61 68.49 16.38 1.78
C VAL D 61 69.45 15.20 1.65
N PRO D 62 69.77 14.50 2.74
CA PRO D 62 70.77 13.44 2.67
C PRO D 62 70.32 12.29 1.77
N ASP D 63 71.28 11.67 1.10
CA ASP D 63 71.01 10.54 0.23
C ASP D 63 70.90 9.29 1.08
N VAL D 64 69.70 8.71 1.13
CA VAL D 64 69.48 7.52 1.95
C VAL D 64 70.29 6.33 1.43
N GLN D 65 70.62 6.32 0.13
CA GLN D 65 71.47 5.26 -0.40
C GLN D 65 72.82 5.25 0.29
N LYS D 66 73.44 6.42 0.43
CA LYS D 66 74.74 6.50 1.09
C LYS D 66 74.65 6.09 2.55
N ILE D 67 73.58 6.52 3.24
CA ILE D 67 73.42 6.17 4.65
C ILE D 67 73.26 4.66 4.82
N LEU D 68 72.44 4.05 3.97
CA LEU D 68 72.24 2.61 4.05
C LEU D 68 73.52 1.86 3.73
N ASP D 69 74.26 2.29 2.70
CA ASP D 69 75.51 1.63 2.38
C ASP D 69 76.51 1.75 3.52
N ASP D 70 76.62 2.93 4.12
CA ASP D 70 77.56 3.12 5.21
C ASP D 70 77.19 2.28 6.42
N ILE D 71 75.90 2.23 6.76
CA ILE D 71 75.49 1.46 7.93
C ILE D 71 75.68 -0.03 7.68
N LYS D 72 75.41 -0.50 6.46
CA LYS D 72 75.65 -1.90 6.14
C LYS D 72 77.13 -2.24 6.20
N ALA D 73 77.99 -1.35 5.69
CA ALA D 73 79.43 -1.58 5.78
C ALA D 73 79.90 -1.61 7.22
N LEU D 74 79.38 -0.70 8.05
CA LEU D 74 79.75 -0.69 9.46
C LEU D 74 79.31 -1.96 10.15
N ALA D 75 78.11 -2.45 9.84
CA ALA D 75 77.66 -3.73 10.39
C ALA D 75 78.56 -4.87 9.93
N ALA D 76 79.03 -4.82 8.69
CA ALA D 76 79.92 -5.85 8.17
C ALA D 76 81.33 -5.76 8.75
N GLU D 77 81.68 -4.66 9.42
CA GLU D 77 83.01 -4.51 9.97
C GLU D 77 83.23 -5.46 11.14
N GLN D 78 84.49 -5.82 11.37
CA GLN D 78 84.88 -6.68 12.46
C GLN D 78 85.66 -5.87 13.49
N VAL D 79 85.21 -5.92 14.75
CA VAL D 79 85.91 -5.23 15.82
C VAL D 79 87.30 -5.81 16.03
N TYR D 80 87.40 -7.14 16.03
CA TYR D 80 88.68 -7.82 16.24
C TYR D 80 89.41 -7.93 14.90
N LYS D 81 90.51 -8.68 14.89
CA LYS D 81 91.24 -8.98 13.67
C LYS D 81 92.03 -10.26 13.88
N ILE D 82 92.17 -11.02 12.80
CA ILE D 82 92.85 -12.31 12.83
C ILE D 82 94.26 -12.13 12.31
N VAL D 83 95.25 -12.54 13.10
CA VAL D 83 96.66 -12.44 12.73
C VAL D 83 97.34 -13.76 13.01
N LYS D 84 98.44 -14.01 12.28
CA LYS D 84 99.26 -15.19 12.51
C LYS D 84 100.34 -14.96 13.56
N VAL D 85 100.81 -13.72 13.69
CA VAL D 85 101.88 -13.39 14.63
C VAL D 85 101.48 -12.14 15.40
N PRO D 86 101.60 -12.14 16.73
CA PRO D 86 101.27 -10.94 17.50
C PRO D 86 102.25 -9.82 17.20
N SER D 87 101.76 -8.59 17.39
CA SER D 87 102.60 -7.42 17.15
C SER D 87 103.76 -7.38 18.13
N ILE D 88 104.87 -6.79 17.68
CA ILE D 88 106.07 -6.73 18.50
C ILE D 88 105.82 -5.87 19.73
N SER D 89 106.13 -6.41 20.90
CA SER D 89 105.96 -5.70 22.16
C SER D 89 107.25 -5.10 22.68
N PHE D 90 108.37 -5.78 22.52
CA PHE D 90 109.65 -5.30 23.00
C PHE D 90 110.66 -5.30 21.86
N ARG D 91 111.39 -4.19 21.72
CA ARG D 91 112.47 -4.07 20.75
C ARG D 91 113.74 -3.66 21.45
N HIS D 92 114.87 -3.96 20.82
CA HIS D 92 116.18 -3.72 21.41
C HIS D 92 116.99 -2.80 20.51
N ILE D 93 117.75 -1.91 21.13
CA ILE D 93 118.69 -1.05 20.43
C ILE D 93 120.10 -1.45 20.84
N VAL D 94 120.90 -1.85 19.87
CA VAL D 94 122.25 -2.33 20.15
C VAL D 94 123.20 -1.14 20.28
N MET D 95 123.96 -1.12 21.36
CA MET D 95 124.97 -0.10 21.59
C MET D 95 126.34 -0.63 21.20
N GLN D 96 127.37 0.19 21.44
CA GLN D 96 128.73 -0.23 21.12
C GLN D 96 129.19 -1.38 22.00
N SER D 97 128.61 -1.52 23.19
CA SER D 97 129.01 -2.59 24.09
C SER D 97 128.56 -3.94 23.57
N ARG D 98 129.44 -4.94 23.69
CA ARG D 98 129.12 -6.31 23.30
C ARG D 98 128.40 -7.07 24.40
N ASP D 99 128.40 -6.57 25.64
CA ASP D 99 127.81 -7.28 26.76
C ASP D 99 126.56 -6.61 27.32
N ARG D 100 126.20 -5.43 26.86
CA ARG D 100 125.06 -4.70 27.38
C ARG D 100 124.16 -4.24 26.23
N VAL D 101 122.88 -4.10 26.53
CA VAL D 101 121.89 -3.69 25.53
C VAL D 101 120.69 -3.11 26.27
N LEU D 102 119.92 -2.28 25.58
CA LEU D 102 118.75 -1.63 26.15
C LEU D 102 117.48 -2.31 25.67
N ARG D 103 116.54 -2.52 26.59
CA ARG D 103 115.23 -3.07 26.28
C ARG D 103 114.21 -1.95 26.27
N VAL D 104 113.47 -1.83 25.17
CA VAL D 104 112.52 -0.75 24.97
C VAL D 104 111.13 -1.35 24.84
N ASP D 105 110.19 -0.84 25.62
CA ASP D 105 108.80 -1.25 25.53
C ASP D 105 108.14 -0.47 24.39
N THR D 106 107.74 -1.19 23.34
CA THR D 106 107.20 -0.53 22.15
C THR D 106 105.87 0.15 22.44
N TYR D 107 105.11 -0.35 23.42
CA TYR D 107 103.77 0.16 23.68
C TYR D 107 103.79 1.63 24.06
N TYR D 108 104.72 2.01 24.93
CA TYR D 108 104.77 3.40 25.40
C TYR D 108 105.39 4.32 24.37
N GLU D 109 106.37 3.85 23.61
CA GLU D 109 107.06 4.74 22.68
C GLU D 109 106.18 5.17 21.53
N GLU D 110 105.12 4.41 21.22
CA GLU D 110 104.30 4.69 20.06
C GLU D 110 102.98 5.38 20.42
N MET D 111 102.39 5.07 21.57
CA MET D 111 101.09 5.63 21.91
C MET D 111 101.19 7.11 22.27
N SER D 112 102.40 7.60 22.57
CA SER D 112 102.59 9.03 22.82
C SER D 112 102.20 9.88 21.61
N GLN D 113 102.23 9.31 20.41
CA GLN D 113 101.78 10.02 19.22
C GLN D 113 100.27 10.01 19.06
N VAL D 114 99.54 9.29 19.90
CA VAL D 114 98.09 9.26 19.83
C VAL D 114 97.54 10.50 20.50
N GLY D 115 96.76 11.29 19.76
CA GLY D 115 96.21 12.53 20.26
C GLY D 115 97.16 13.70 20.09
N ASP D 116 96.58 14.89 20.03
CA ASP D 116 97.36 16.11 19.85
C ASP D 116 97.85 16.60 21.21
N VAL D 117 98.45 17.79 21.23
CA VAL D 117 98.93 18.35 22.49
C VAL D 117 97.75 18.81 23.34
N ILE D 118 98.01 18.92 24.64
CA ILE D 118 97.00 19.29 25.62
C ILE D 118 97.16 20.76 25.98
N THR D 119 96.03 21.45 26.15
CA THR D 119 96.02 22.82 26.61
C THR D 119 94.86 22.99 27.60
N GLU D 120 95.09 23.83 28.61
CA GLU D 120 94.15 23.94 29.72
C GLU D 120 92.99 24.89 29.44
N ASP D 121 93.06 25.68 28.37
CA ASP D 121 91.98 26.64 28.12
C ASP D 121 90.74 25.98 27.53
N GLU D 122 90.90 24.91 26.76
CA GLU D 122 89.78 24.25 26.09
C GLU D 122 89.60 22.84 26.65
N PRO D 123 88.64 22.62 27.56
CA PRO D 123 88.40 21.26 28.06
C PRO D 123 87.97 20.27 27.00
N GLU D 124 87.26 20.73 25.96
CA GLU D 124 86.70 19.82 24.97
C GLU D 124 87.79 19.06 24.23
N LYS D 125 88.84 19.77 23.81
CA LYS D 125 89.94 19.11 23.12
C LYS D 125 90.67 18.13 24.06
N PHE D 126 90.82 18.50 25.33
CA PHE D 126 91.45 17.62 26.30
C PHE D 126 90.66 16.31 26.44
N TYR D 127 89.34 16.41 26.56
CA TYR D 127 88.54 15.21 26.72
C TYR D 127 88.46 14.42 25.42
N SER D 128 88.52 15.08 24.27
CA SER D 128 88.61 14.36 23.00
C SER D 128 89.91 13.56 22.92
N THR D 129 91.02 14.16 23.39
CA THR D 129 92.27 13.43 23.44
C THR D 129 92.19 12.24 24.39
N ILE D 130 91.52 12.43 25.53
CA ILE D 130 91.31 11.31 26.46
C ILE D 130 90.53 10.19 25.79
N ILE D 131 89.46 10.54 25.06
CA ILE D 131 88.65 9.53 24.39
C ILE D 131 89.48 8.80 23.34
N LYS D 132 90.28 9.53 22.56
CA LYS D 132 91.12 8.87 21.56
C LYS D 132 92.13 7.93 22.22
N LYS D 133 92.72 8.37 23.33
CA LYS D 133 93.71 7.53 24.01
C LYS D 133 93.06 6.25 24.55
N VAL D 134 91.87 6.36 25.14
CA VAL D 134 91.22 5.16 25.66
C VAL D 134 90.71 4.28 24.52
N ARG D 135 90.37 4.88 23.37
CA ARG D 135 90.01 4.10 22.19
C ARG D 135 91.18 3.28 21.69
N PHE D 136 92.39 3.86 21.73
CA PHE D 136 93.55 3.20 21.16
C PHE D 136 93.88 1.91 21.88
N ILE D 137 93.73 1.89 23.21
CA ILE D 137 94.03 0.67 23.98
C ILE D 137 93.09 -0.45 23.57
N ARG D 138 91.80 -0.15 23.46
CA ARG D 138 90.83 -1.15 23.04
C ARG D 138 91.11 -1.62 21.62
N GLY D 139 91.50 -0.70 20.73
CA GLY D 139 91.84 -1.10 19.37
C GLY D 139 93.04 -2.02 19.31
N LYS D 140 94.07 -1.73 20.11
CA LYS D 140 95.27 -2.55 20.07
C LYS D 140 95.06 -3.90 20.73
N GLY D 141 94.25 -3.96 21.78
CA GLY D 141 94.13 -5.18 22.55
C GLY D 141 93.25 -6.27 21.99
N SER D 142 92.60 -6.04 20.84
CA SER D 142 91.67 -7.00 20.27
C SER D 142 92.33 -7.68 19.06
N PHE D 143 92.76 -8.92 19.25
CA PHE D 143 93.33 -9.71 18.17
C PHE D 143 93.19 -11.19 18.52
N ILE D 144 93.21 -12.02 17.47
CA ILE D 144 93.04 -13.46 17.62
C ILE D 144 94.17 -14.16 16.87
N LEU D 145 94.82 -15.11 17.53
CA LEU D 145 95.88 -15.89 16.91
C LEU D 145 95.29 -17.10 16.19
N HIS D 146 95.79 -17.36 14.99
CA HIS D 146 95.28 -18.46 14.19
C HIS D 146 96.34 -18.89 13.19
N ASP D 147 96.60 -20.19 13.12
CA ASP D 147 97.55 -20.77 12.16
C ASP D 147 98.95 -20.16 12.34
N ILE D 148 99.51 -20.37 13.52
CA ILE D 148 100.87 -19.91 13.82
C ILE D 148 101.85 -20.80 13.07
N PRO D 149 102.91 -20.23 12.48
CA PRO D 149 103.91 -21.05 11.77
C PRO D 149 104.87 -21.69 12.77
N THR D 150 104.97 -23.02 12.71
CA THR D 150 105.78 -23.78 13.65
C THR D 150 106.58 -24.83 12.88
N ARG D 151 107.57 -25.40 13.55
CA ARG D 151 108.40 -26.45 12.98
C ARG D 151 108.58 -27.56 14.00
N ASP D 152 108.84 -28.76 13.48
CA ASP D 152 108.98 -29.95 14.31
C ASP D 152 110.44 -30.19 14.68
N HIS D 153 110.65 -30.78 15.85
CA HIS D 153 111.98 -31.10 16.33
C HIS D 153 111.89 -32.26 17.30
N ARG D 154 112.59 -33.36 16.97
CA ARG D 154 112.63 -34.55 17.82
C ARG D 154 111.24 -35.10 18.09
N GLY D 155 110.32 -34.96 17.13
CA GLY D 155 108.97 -35.41 17.29
C GLY D 155 108.08 -34.48 18.11
N MET D 156 108.61 -33.35 18.57
CA MET D 156 107.85 -32.39 19.35
C MET D 156 107.83 -31.06 18.60
N GLU D 157 106.65 -30.45 18.53
CA GLU D 157 106.48 -29.20 17.79
C GLU D 157 107.07 -28.04 18.57
N VAL D 158 107.87 -27.22 17.89
CA VAL D 158 108.56 -26.09 18.51
C VAL D 158 108.18 -24.83 17.75
N ALA D 159 107.79 -23.79 18.49
CA ALA D 159 107.37 -22.54 17.86
C ALA D 159 108.54 -21.85 17.18
N GLU D 160 108.26 -21.25 16.03
CA GLU D 160 109.29 -20.56 15.27
C GLU D 160 109.64 -19.23 15.91
N PRO D 161 110.85 -18.72 15.66
CA PRO D 161 111.33 -17.52 16.38
C PRO D 161 110.56 -16.24 16.10
N GLU D 162 109.52 -16.25 15.27
CA GLU D 162 108.80 -15.01 14.99
C GLU D 162 107.46 -14.91 15.73
N VAL D 163 106.88 -16.03 16.15
CA VAL D 163 105.58 -15.97 16.81
C VAL D 163 105.67 -15.24 18.15
N LEU D 164 106.73 -15.50 18.92
CA LEU D 164 106.91 -14.81 20.19
C LEU D 164 107.26 -13.34 19.95
N GLY D 165 106.68 -12.48 20.77
CA GLY D 165 106.77 -11.04 20.55
C GLY D 165 108.05 -10.38 21.02
N VAL D 166 109.17 -10.73 20.40
CA VAL D 166 110.46 -10.10 20.67
C VAL D 166 111.16 -9.82 19.34
N GLU D 167 112.14 -8.93 19.40
CA GLU D 167 112.86 -8.46 18.22
C GLU D 167 114.37 -8.53 18.47
N PHE D 168 114.84 -9.68 18.93
CA PHE D 168 116.22 -9.86 19.35
C PHE D 168 117.19 -10.11 18.20
N LYS D 169 116.71 -10.12 16.95
CA LYS D 169 117.59 -10.49 15.84
C LYS D 169 118.64 -9.42 15.58
N ASN D 170 118.38 -8.16 15.96
CA ASN D 170 119.32 -7.09 15.67
C ASN D 170 120.57 -7.18 16.54
N VAL D 171 120.44 -7.68 17.76
CA VAL D 171 121.58 -7.76 18.67
C VAL D 171 122.39 -9.04 18.48
N LEU D 172 121.86 -10.01 17.73
CA LEU D 172 122.56 -11.29 17.56
C LEU D 172 123.95 -11.16 16.93
N PRO D 173 124.17 -10.37 15.87
CA PRO D 173 125.48 -10.42 15.19
C PRO D 173 126.67 -10.06 16.06
N VAL D 174 126.46 -9.31 17.15
CA VAL D 174 127.57 -8.92 18.01
C VAL D 174 127.76 -9.87 19.19
N LEU D 175 126.78 -10.70 19.51
CA LEU D 175 126.84 -11.54 20.69
C LEU D 175 127.95 -12.59 20.58
N THR D 176 128.52 -12.94 21.73
CA THR D 176 129.56 -13.95 21.80
C THR D 176 128.96 -15.34 21.68
N ALA D 177 129.83 -16.33 21.47
CA ALA D 177 129.38 -17.69 21.19
C ALA D 177 128.65 -18.31 22.38
N GLU D 178 129.15 -18.09 23.60
CA GLU D 178 128.60 -18.80 24.75
C GLU D 178 127.25 -18.23 25.19
N HIS D 179 127.05 -16.92 25.07
CA HIS D 179 125.72 -16.37 25.30
C HIS D 179 124.77 -16.73 24.17
N ARG D 180 125.29 -16.79 22.94
CA ARG D 180 124.47 -17.15 21.79
C ARG D 180 123.97 -18.57 21.91
N ALA D 181 124.79 -19.48 22.45
CA ALA D 181 124.34 -20.85 22.68
C ALA D 181 123.22 -20.91 23.71
N MET D 182 123.30 -20.10 24.77
CA MET D 182 122.22 -20.04 25.73
C MET D 182 120.94 -19.51 25.09
N ILE D 183 121.08 -18.50 24.22
CA ILE D 183 119.91 -17.98 23.50
C ILE D 183 119.30 -19.07 22.64
N GLN D 184 120.14 -19.83 21.92
CA GLN D 184 119.63 -20.91 21.09
C GLN D 184 118.94 -21.98 21.92
N ASN D 185 119.50 -22.31 23.08
CA ASN D 185 118.86 -23.29 23.97
C ASN D 185 117.51 -22.78 24.45
N ALA D 186 117.42 -21.48 24.78
CA ALA D 186 116.14 -20.91 25.17
C ALA D 186 115.13 -20.99 24.04
N LEU D 187 115.58 -20.76 22.80
CA LEU D 187 114.70 -20.98 21.66
C LEU D 187 114.24 -22.43 21.57
N ASP D 188 115.14 -23.37 21.84
CA ASP D 188 114.80 -24.79 21.77
C ASP D 188 113.74 -25.18 22.80
N GLY D 189 113.61 -24.42 23.88
CA GLY D 189 112.65 -24.73 24.93
C GLY D 189 111.24 -24.28 24.66
N SER D 190 110.97 -23.65 23.51
CA SER D 190 109.63 -23.16 23.17
C SER D 190 108.79 -24.29 22.57
N ILE D 191 108.50 -25.29 23.39
CA ILE D 191 107.66 -26.40 22.98
C ILE D 191 106.20 -26.00 23.11
N ILE D 192 105.34 -26.67 22.34
CA ILE D 192 103.92 -26.35 22.28
C ILE D 192 103.12 -27.51 22.86
N GLU D 193 102.19 -27.19 23.75
CA GLU D 193 101.32 -28.17 24.38
C GLU D 193 99.91 -28.04 23.80
N ASN D 194 98.99 -28.82 24.36
CA ASN D 194 97.61 -28.84 23.91
C ASN D 194 96.67 -28.52 25.07
N GLY D 195 95.57 -27.85 24.76
CA GLY D 195 94.58 -27.50 25.76
C GLY D 195 93.19 -27.50 25.16
N ASN D 196 92.21 -27.80 25.98
CA ASN D 196 90.83 -27.92 25.53
C ASN D 196 90.07 -26.62 25.81
N VAL D 197 89.44 -26.07 24.77
CA VAL D 197 88.59 -24.89 24.90
C VAL D 197 87.31 -25.15 24.13
N ALA D 198 86.17 -25.04 24.82
CA ALA D 198 84.85 -25.27 24.22
C ALA D 198 84.78 -26.63 23.53
N THR D 199 85.28 -27.65 24.23
CA THR D 199 85.32 -29.02 23.75
C THR D 199 86.08 -29.07 22.41
N ARG D 200 87.15 -28.30 22.33
CA ARG D 200 88.03 -28.28 21.16
C ARG D 200 89.47 -28.10 21.62
N ASP D 201 90.39 -28.84 21.00
CA ASP D 201 91.79 -28.75 21.36
C ASP D 201 92.45 -27.58 20.63
N VAL D 202 93.20 -26.78 21.37
CA VAL D 202 93.91 -25.62 20.83
C VAL D 202 95.36 -25.69 21.27
N ASP D 203 96.23 -25.03 20.50
CA ASP D 203 97.65 -24.98 20.82
C ASP D 203 97.92 -23.88 21.84
N VAL D 204 98.66 -24.23 22.88
CA VAL D 204 98.98 -23.31 23.97
C VAL D 204 100.50 -23.20 24.09
N PHE D 205 100.98 -21.97 24.27
CA PHE D 205 102.40 -21.72 24.42
C PHE D 205 102.59 -20.43 25.22
N ILE D 206 103.84 -20.13 25.53
CA ILE D 206 104.18 -18.95 26.32
C ILE D 206 104.83 -17.92 25.42
N GLY D 207 104.61 -16.65 25.76
CA GLY D 207 105.17 -15.55 24.99
C GLY D 207 105.38 -14.29 25.81
N ALA D 208 105.52 -13.16 25.14
CA ALA D 208 105.75 -11.88 25.81
C ALA D 208 104.77 -10.84 25.25
N CYS D 209 104.17 -10.08 26.16
CA CYS D 209 103.22 -9.03 25.78
C CYS D 209 103.12 -8.03 26.91
N SER D 210 102.63 -6.84 26.58
CA SER D 210 102.43 -5.79 27.56
C SER D 210 101.17 -6.04 28.38
N GLU D 211 101.18 -5.53 29.61
CA GLU D 211 100.06 -5.76 30.51
C GLU D 211 98.74 -5.21 29.99
N PRO D 212 98.64 -3.94 29.56
CA PRO D 212 97.33 -3.45 29.08
C PRO D 212 96.80 -4.21 27.88
N VAL D 213 97.66 -4.64 26.95
CA VAL D 213 97.21 -5.41 25.81
C VAL D 213 96.81 -6.81 26.23
N TYR D 214 97.58 -7.42 27.13
CA TYR D 214 97.26 -8.77 27.61
C TYR D 214 95.93 -8.79 28.34
N ARG D 215 95.62 -7.72 29.07
CA ARG D 215 94.32 -7.65 29.76
C ARG D 215 93.17 -7.73 28.77
N ILE D 216 93.25 -6.94 27.70
CA ILE D 216 92.18 -6.94 26.70
C ILE D 216 92.13 -8.28 25.97
N TYR D 217 93.29 -8.88 25.70
CA TYR D 217 93.33 -10.19 25.06
C TYR D 217 92.64 -11.24 25.92
N ASN D 218 92.93 -11.24 27.22
CA ASN D 218 92.30 -12.19 28.13
C ASN D 218 90.80 -11.95 28.22
N ARG D 219 90.38 -10.68 28.24
CA ARG D 219 88.96 -10.37 28.28
C ARG D 219 88.25 -10.88 27.03
N LEU D 220 88.87 -10.67 25.86
CA LEU D 220 88.28 -11.18 24.62
C LEU D 220 88.17 -12.69 24.63
N GLN D 221 89.22 -13.38 25.08
CA GLN D 221 89.18 -14.83 25.14
C GLN D 221 88.07 -15.31 26.06
N GLY D 222 87.99 -14.71 27.26
CA GLY D 222 86.95 -15.10 28.21
C GLY D 222 85.56 -14.87 27.67
N TYR D 223 85.37 -13.76 26.93
CA TYR D 223 84.09 -13.54 26.26
C TYR D 223 83.81 -14.64 25.25
N ILE D 224 84.84 -15.08 24.51
CA ILE D 224 84.65 -16.14 23.53
C ILE D 224 84.17 -17.42 24.21
N GLU D 225 84.81 -17.79 25.33
CA GLU D 225 84.34 -19.00 26.02
C GLU D 225 82.95 -18.79 26.62
N ALA D 226 82.66 -17.59 27.11
CA ALA D 226 81.38 -17.35 27.77
C ALA D 226 80.20 -17.44 26.81
N VAL D 227 80.38 -16.93 25.58
CA VAL D 227 79.26 -16.89 24.65
C VAL D 227 78.81 -18.30 24.25
N GLN D 228 79.75 -19.24 24.17
CA GLN D 228 79.46 -20.55 23.58
C GLN D 228 78.41 -21.34 24.36
N LEU D 229 78.08 -20.92 25.57
CA LEU D 229 77.18 -21.70 26.41
C LEU D 229 75.75 -21.66 25.90
N GLN D 230 75.12 -20.48 25.90
CA GLN D 230 73.69 -20.41 25.66
C GLN D 230 73.30 -19.33 24.65
N GLU D 231 74.11 -18.27 24.54
CA GLU D 231 73.71 -17.10 23.77
C GLU D 231 73.51 -17.43 22.29
N LEU D 232 74.42 -18.21 21.71
CA LEU D 232 74.36 -18.48 20.28
C LEU D 232 73.09 -19.23 19.90
N ARG D 233 72.72 -20.25 20.70
CA ARG D 233 71.52 -21.03 20.40
C ARG D 233 70.26 -20.16 20.48
N ASN D 234 70.18 -19.31 21.50
CA ASN D 234 69.03 -18.43 21.63
C ASN D 234 68.95 -17.44 20.47
N SER D 235 70.10 -16.89 20.05
CA SER D 235 70.10 -15.97 18.93
C SER D 235 69.64 -16.65 17.65
N ILE D 236 70.12 -17.88 17.40
CA ILE D 236 69.71 -18.61 16.21
C ILE D 236 68.22 -18.93 16.25
N GLY D 237 67.71 -19.31 17.44
CA GLY D 237 66.29 -19.57 17.56
C GLY D 237 65.44 -18.34 17.31
N TRP D 238 65.87 -17.19 17.81
CA TRP D 238 65.14 -15.96 17.57
C TRP D 238 65.17 -15.60 16.08
N LEU D 239 66.31 -15.79 15.44
CA LEU D 239 66.39 -15.54 14.00
C LEU D 239 65.45 -16.46 13.23
N GLU D 240 65.37 -17.73 13.63
CA GLU D 240 64.45 -18.66 13.01
C GLU D 240 63.01 -18.21 13.18
N ARG D 241 62.65 -17.77 14.38
CA ARG D 241 61.29 -17.29 14.61
C ARG D 241 60.98 -16.07 13.76
N LEU D 242 61.92 -15.12 13.67
CA LEU D 242 61.70 -13.93 12.86
C LEU D 242 61.52 -14.29 11.39
N GLY D 243 62.35 -15.21 10.88
CA GLY D 243 62.16 -15.68 9.52
C GLY D 243 60.84 -16.38 9.33
N HIS D 244 60.37 -17.08 10.36
CA HIS D 244 59.06 -17.74 10.29
C HIS D 244 57.94 -16.71 10.14
N ARG D 245 57.98 -15.64 10.94
CA ARG D 245 56.91 -14.65 10.85
C ARG D 245 56.98 -13.86 9.55
N LYS D 246 58.16 -13.36 9.20
CA LYS D 246 58.29 -12.44 8.07
C LYS D 246 58.37 -13.16 6.71
N ARG D 247 58.03 -14.44 6.66
CA ARG D 247 58.03 -15.20 5.41
C ARG D 247 59.40 -15.19 4.75
N ILE D 248 60.45 -15.33 5.57
CA ILE D 248 61.83 -15.33 5.11
C ILE D 248 62.41 -16.72 5.33
N THR D 249 63.01 -17.28 4.28
CA THR D 249 63.66 -18.59 4.34
C THR D 249 65.17 -18.39 4.29
N TYR D 250 65.85 -18.83 5.33
CA TYR D 250 67.30 -18.72 5.43
C TYR D 250 67.97 -20.03 5.05
N SER D 251 69.19 -19.93 4.55
CA SER D 251 69.96 -21.12 4.20
C SER D 251 70.41 -21.85 5.45
N GLN D 252 70.77 -23.12 5.27
CA GLN D 252 71.24 -23.93 6.38
C GLN D 252 72.58 -23.43 6.94
N GLU D 253 73.30 -22.61 6.17
CA GLU D 253 74.56 -22.05 6.66
C GLU D 253 74.33 -21.06 7.79
N VAL D 254 73.10 -20.59 7.99
CA VAL D 254 72.79 -19.60 9.01
C VAL D 254 72.11 -20.29 10.19
N LEU D 255 71.41 -21.38 9.92
CA LEU D 255 70.55 -22.02 10.91
C LEU D 255 71.23 -23.17 11.65
N THR D 256 71.96 -24.04 10.94
CA THR D 256 72.53 -25.23 11.55
C THR D 256 74.04 -25.32 11.43
N ASP D 257 74.70 -24.31 10.87
CA ASP D 257 76.14 -24.40 10.67
C ASP D 257 76.92 -24.26 11.99
N PHE D 258 76.31 -23.74 13.04
CA PHE D 258 77.02 -23.51 14.29
C PHE D 258 77.20 -24.79 15.10
N ARG D 259 76.55 -25.89 14.73
CA ARG D 259 76.67 -27.13 15.46
C ARG D 259 77.85 -27.98 15.02
N ARG D 260 78.63 -27.52 14.06
CA ARG D 260 79.82 -28.25 13.64
C ARG D 260 80.88 -28.20 14.72
N GLN D 261 81.74 -29.22 14.72
CA GLN D 261 82.83 -29.32 15.69
C GLN D 261 84.11 -28.65 15.21
N ASP D 262 84.14 -28.16 13.97
CA ASP D 262 85.34 -27.51 13.41
C ASP D 262 85.14 -26.02 13.22
N THR D 263 84.19 -25.41 13.93
CA THR D 263 83.90 -23.99 13.76
C THR D 263 83.63 -23.35 15.10
N ILE D 264 84.24 -22.18 15.32
CA ILE D 264 83.95 -21.32 16.47
C ILE D 264 83.22 -20.09 15.97
N TRP D 265 82.06 -19.81 16.56
CA TRP D 265 81.30 -18.60 16.26
C TRP D 265 81.55 -17.59 17.38
N VAL D 266 82.24 -16.51 17.06
CA VAL D 266 82.41 -15.40 17.98
C VAL D 266 81.25 -14.43 17.77
N LEU D 267 80.37 -14.36 18.77
CA LEU D 267 79.14 -13.58 18.65
C LEU D 267 79.42 -12.14 19.05
N ALA D 268 79.95 -11.37 18.09
CA ALA D 268 80.20 -9.95 18.34
C ALA D 268 78.89 -9.21 18.58
N LEU D 269 77.85 -9.56 17.85
CA LEU D 269 76.55 -8.91 17.94
C LEU D 269 75.49 -9.93 18.34
N GLN D 270 74.67 -9.57 19.33
CA GLN D 270 73.61 -10.44 19.82
C GLN D 270 72.29 -10.04 19.18
N LEU D 271 71.54 -11.03 18.69
CA LEU D 271 70.33 -10.81 17.91
C LEU D 271 69.14 -10.30 18.73
N PRO D 272 68.74 -10.96 19.83
CA PRO D 272 67.52 -10.52 20.52
C PRO D 272 67.69 -9.18 21.20
N VAL D 273 67.74 -8.11 20.41
CA VAL D 273 67.92 -6.77 20.94
C VAL D 273 66.61 -6.27 21.53
N ASN D 274 66.68 -5.72 22.74
CA ASN D 274 65.50 -5.12 23.35
C ASN D 274 65.19 -3.79 22.67
N PRO D 275 63.95 -3.57 22.25
CA PRO D 275 63.62 -2.33 21.53
C PRO D 275 63.68 -1.07 22.39
N GLN D 276 63.77 -1.21 23.72
CA GLN D 276 63.80 -0.04 24.59
C GLN D 276 65.02 0.84 24.32
N VAL D 277 66.14 0.22 23.95
CA VAL D 277 67.35 1.01 23.69
C VAL D 277 67.14 1.93 22.50
N VAL D 278 66.51 1.43 21.44
CA VAL D 278 66.29 2.25 20.25
C VAL D 278 65.32 3.39 20.54
N TRP D 279 64.27 3.13 21.30
CA TRP D 279 63.23 4.12 21.54
C TRP D 279 63.50 5.03 22.71
N ASP D 280 64.56 4.78 23.50
CA ASP D 280 64.85 5.63 24.64
C ASP D 280 65.58 6.92 24.26
N VAL D 281 66.16 6.98 23.06
CA VAL D 281 66.82 8.21 22.63
C VAL D 281 65.77 9.29 22.41
N PRO D 282 65.95 10.50 22.96
CA PRO D 282 64.87 11.49 22.93
C PRO D 282 64.60 12.04 21.54
N ARG D 283 63.31 12.20 21.23
CA ARG D 283 62.85 12.87 20.02
C ARG D 283 63.45 12.24 18.76
N SER D 284 63.08 10.97 18.53
CA SER D 284 63.59 10.23 17.39
C SER D 284 62.46 9.53 16.62
N SER D 285 61.22 9.97 16.80
CA SER D 285 60.11 9.33 16.11
C SER D 285 60.25 9.47 14.60
N ILE D 286 60.63 10.66 14.14
CA ILE D 286 60.78 10.89 12.70
C ILE D 286 61.89 10.00 12.14
N ALA D 287 63.04 9.94 12.84
CA ALA D 287 64.13 9.11 12.36
C ALA D 287 63.75 7.63 12.34
N ASN D 288 63.05 7.18 13.38
CA ASN D 288 62.63 5.78 13.42
C ASN D 288 61.68 5.46 12.26
N LEU D 289 60.72 6.36 12.00
CA LEU D 289 59.80 6.13 10.89
C LEU D 289 60.53 6.12 9.56
N ILE D 290 61.47 7.05 9.37
CA ILE D 290 62.22 7.09 8.11
C ILE D 290 63.03 5.82 7.92
N MET D 291 63.70 5.36 8.97
CA MET D 291 64.50 4.15 8.84
C MET D 291 63.62 2.94 8.60
N ASN D 292 62.43 2.91 9.22
CA ASN D 292 61.48 1.84 8.97
C ASN D 292 61.06 1.81 7.50
N ILE D 293 60.79 2.98 6.92
CA ILE D 293 60.44 3.03 5.51
C ILE D 293 61.62 2.56 4.66
N ALA D 294 62.83 3.00 5.01
CA ALA D 294 63.98 2.76 4.14
C ALA D 294 64.41 1.29 4.16
N THR D 295 64.36 0.65 5.32
CA THR D 295 65.05 -0.63 5.45
C THR D 295 64.22 -1.81 4.95
N CYS D 296 62.89 -1.75 5.01
CA CYS D 296 62.08 -2.94 4.75
C CYS D 296 60.86 -2.68 3.88
N LEU D 297 60.75 -1.53 3.24
CA LEU D 297 59.62 -1.32 2.34
C LEU D 297 59.88 -2.02 1.00
N PRO D 298 58.95 -2.84 0.52
CA PRO D 298 59.12 -3.45 -0.80
C PRO D 298 58.95 -2.43 -1.91
N THR D 299 59.46 -2.79 -3.08
CA THR D 299 59.34 -1.96 -4.27
C THR D 299 58.26 -2.52 -5.18
N GLY D 300 57.59 -1.62 -5.90
CA GLY D 300 56.49 -2.05 -6.74
C GLY D 300 56.06 -0.96 -7.70
N GLU D 301 54.92 -1.19 -8.34
CA GLU D 301 54.39 -0.31 -9.36
C GLU D 301 52.96 0.07 -9.03
N TYR D 302 52.52 1.19 -9.60
CA TYR D 302 51.13 1.61 -9.56
C TYR D 302 50.46 1.19 -10.86
N ILE D 303 49.37 0.42 -10.75
CA ILE D 303 48.65 -0.07 -11.92
C ILE D 303 47.22 0.44 -11.86
N ALA D 304 46.71 0.85 -13.03
CA ALA D 304 45.32 1.23 -13.14
C ALA D 304 44.43 0.00 -12.98
N PRO D 305 43.15 0.19 -12.62
CA PRO D 305 42.23 -0.95 -12.55
C PRO D 305 42.03 -1.59 -13.90
N ASN D 306 41.26 -2.66 -13.89
CA ASN D 306 40.99 -3.40 -15.13
C ASN D 306 40.32 -2.48 -16.14
N PRO D 307 40.85 -2.37 -17.36
CA PRO D 307 40.18 -1.55 -18.38
C PRO D 307 38.79 -2.02 -18.73
N ARG D 308 38.38 -3.18 -18.24
CA ARG D 308 37.00 -3.67 -18.37
C ARG D 308 36.02 -2.87 -17.53
N ILE D 309 36.46 -1.84 -16.82
CA ILE D 309 35.59 -0.95 -16.07
C ILE D 309 35.61 0.41 -16.77
N SER D 310 34.46 0.82 -17.27
CA SER D 310 34.36 2.07 -18.02
C SER D 310 34.41 3.28 -17.10
N SER D 311 34.56 4.45 -17.70
CA SER D 311 34.56 5.69 -16.93
C SER D 311 33.21 5.91 -16.27
N ILE D 312 33.24 6.45 -15.06
CA ILE D 312 32.01 6.69 -14.31
C ILE D 312 31.26 7.87 -14.93
N THR D 313 29.97 7.68 -15.18
CA THR D 313 29.12 8.71 -15.76
C THR D 313 28.20 9.26 -14.67
N LEU D 314 28.15 10.58 -14.55
CA LEU D 314 27.40 11.24 -13.51
C LEU D 314 25.97 11.48 -13.96
N THR D 315 25.01 11.18 -13.07
CA THR D 315 23.59 11.37 -13.36
C THR D 315 23.18 12.80 -12.98
N GLN D 316 23.64 13.74 -13.81
CA GLN D 316 23.38 15.16 -13.59
C GLN D 316 22.92 15.78 -14.91
N ARG D 317 22.01 16.75 -14.81
CA ARG D 317 21.56 17.46 -16.00
C ARG D 317 22.71 18.27 -16.59
N ILE D 318 22.73 18.34 -17.92
CA ILE D 318 23.93 18.76 -18.63
C ILE D 318 24.13 20.26 -18.51
N THR D 319 25.29 20.67 -18.02
CA THR D 319 25.75 22.03 -18.16
C THR D 319 26.75 22.12 -19.30
N THR D 320 26.86 23.30 -19.90
CA THR D 320 27.52 23.43 -21.20
C THR D 320 29.02 23.12 -21.14
N THR D 321 29.65 23.17 -19.97
CA THR D 321 31.09 22.98 -19.87
C THR D 321 31.48 21.90 -18.87
N GLY D 322 30.53 21.24 -18.22
CA GLY D 322 30.83 20.24 -17.23
C GLY D 322 31.31 18.95 -17.85
N PRO D 323 31.96 18.10 -17.04
CA PRO D 323 32.44 16.81 -17.54
C PRO D 323 31.33 15.77 -17.50
N PHE D 324 31.06 15.16 -18.66
CA PHE D 324 30.10 14.06 -18.71
C PHE D 324 30.57 12.88 -17.87
N ALA D 325 31.86 12.56 -17.94
CA ALA D 325 32.45 11.46 -17.21
C ALA D 325 33.85 11.82 -16.77
N ILE D 326 34.35 11.10 -15.78
CA ILE D 326 35.71 11.28 -15.29
C ILE D 326 36.50 10.03 -15.63
N LEU D 327 37.53 10.18 -16.45
CA LEU D 327 38.29 9.04 -16.94
C LEU D 327 39.10 8.40 -15.82
N THR D 328 39.36 7.10 -15.98
CA THR D 328 40.18 6.35 -15.03
C THR D 328 41.54 5.97 -15.59
N GLY D 329 41.70 5.88 -16.91
CA GLY D 329 42.99 5.57 -17.50
C GLY D 329 43.88 6.77 -17.75
N SER D 330 43.40 7.98 -17.44
CA SER D 330 44.20 9.17 -17.66
C SER D 330 45.41 9.20 -16.72
N THR D 331 46.53 9.67 -17.24
CA THR D 331 47.77 9.72 -16.48
C THR D 331 47.85 11.02 -15.69
N PRO D 332 48.01 10.95 -14.37
CA PRO D 332 48.11 12.18 -13.58
C PRO D 332 49.44 12.88 -13.76
N THR D 333 49.45 14.16 -13.40
CA THR D 333 50.67 14.93 -13.42
C THR D 333 51.62 14.49 -12.31
N ALA D 334 52.85 15.00 -12.37
CA ALA D 334 53.85 14.63 -11.39
C ALA D 334 53.45 15.05 -9.97
N GLN D 335 52.85 16.24 -9.86
CA GLN D 335 52.40 16.70 -8.54
C GLN D 335 51.29 15.81 -7.99
N GLN D 336 50.35 15.41 -8.83
CA GLN D 336 49.32 14.47 -8.41
C GLN D 336 49.92 13.10 -8.08
N LEU D 337 50.99 12.71 -8.77
CA LEU D 337 51.70 11.48 -8.40
C LEU D 337 52.30 11.60 -7.01
N ASN D 338 52.90 12.75 -6.70
CA ASN D 338 53.42 12.97 -5.36
C ASN D 338 52.30 12.91 -4.32
N ASP D 339 51.15 13.50 -4.65
CA ASP D 339 50.02 13.50 -3.71
C ASP D 339 49.50 12.09 -3.46
N VAL D 340 49.39 11.26 -4.52
CA VAL D 340 48.93 9.90 -4.32
C VAL D 340 49.98 9.07 -3.57
N ARG D 341 51.27 9.38 -3.79
CA ARG D 341 52.31 8.78 -2.98
C ARG D 341 52.11 9.12 -1.50
N LYS D 342 51.78 10.38 -1.21
CA LYS D 342 51.50 10.78 0.16
C LYS D 342 50.32 9.99 0.72
N ILE D 343 49.26 9.86 -0.07
CA ILE D 343 48.08 9.14 0.39
C ILE D 343 48.43 7.70 0.76
N TYR D 344 49.15 7.01 -0.13
CA TYR D 344 49.50 5.62 0.12
C TYR D 344 50.45 5.49 1.31
N LEU D 345 51.42 6.41 1.41
CA LEU D 345 52.37 6.36 2.52
C LEU D 345 51.67 6.53 3.85
N ALA D 346 50.70 7.45 3.92
CA ALA D 346 49.95 7.62 5.15
C ALA D 346 49.00 6.45 5.42
N LEU D 347 48.47 5.84 4.35
CA LEU D 347 47.61 4.67 4.54
C LEU D 347 48.40 3.50 5.13
N MET D 348 49.62 3.29 4.67
CA MET D 348 50.43 2.18 5.14
C MET D 348 50.97 2.37 6.54
N PHE D 349 50.87 3.59 7.10
CA PHE D 349 51.27 3.86 8.48
C PHE D 349 50.06 4.46 9.20
N PRO D 350 49.32 3.63 9.94
CA PRO D 350 47.98 4.05 10.40
C PRO D 350 47.94 5.32 11.23
N GLY D 351 48.66 5.35 12.35
CA GLY D 351 48.51 6.44 13.29
C GLY D 351 49.61 7.47 13.26
N GLN D 352 50.66 7.24 12.49
CA GLN D 352 51.83 8.10 12.51
C GLN D 352 51.76 9.23 11.49
N ILE D 353 51.03 9.06 10.39
CA ILE D 353 50.95 10.06 9.34
C ILE D 353 49.48 10.33 9.05
N ILE D 354 49.12 11.61 8.90
CA ILE D 354 47.74 12.04 8.73
C ILE D 354 47.65 12.99 7.54
N LEU D 355 46.56 12.87 6.78
CA LEU D 355 46.35 13.73 5.62
C LEU D 355 45.80 15.10 6.02
N ASP D 356 45.72 15.99 5.04
CA ASP D 356 45.11 17.30 5.20
C ASP D 356 44.87 17.88 3.80
N LEU D 357 43.75 18.58 3.65
CA LEU D 357 43.43 19.20 2.37
C LEU D 357 44.29 20.42 2.11
N LYS D 358 44.47 20.72 0.83
CA LYS D 358 45.13 21.93 0.39
C LYS D 358 44.50 22.38 -0.93
N ILE D 359 44.19 23.66 -1.03
CA ILE D 359 43.53 24.22 -2.21
C ILE D 359 44.47 25.22 -2.86
N ASP D 360 44.77 25.01 -4.13
CA ASP D 360 45.62 25.94 -4.85
C ASP D 360 44.81 27.14 -5.34
N PRO D 361 45.43 28.32 -5.39
CA PRO D 361 44.71 29.50 -5.90
C PRO D 361 44.22 29.33 -7.33
N GLY D 362 45.00 28.66 -8.17
CA GLY D 362 44.58 28.39 -9.53
C GLY D 362 44.06 26.98 -9.69
N GLU D 363 44.47 26.31 -10.77
CA GLU D 363 44.08 24.93 -11.06
C GLU D 363 42.55 24.79 -11.04
N ARG D 364 41.93 25.49 -11.99
CA ARG D 364 40.47 25.52 -12.07
C ARG D 364 39.91 24.10 -12.24
N MET D 365 39.09 23.69 -11.29
CA MET D 365 38.51 22.35 -11.26
C MET D 365 36.99 22.45 -11.24
N ASP D 366 36.34 21.55 -11.97
CA ASP D 366 34.89 21.50 -11.94
C ASP D 366 34.43 21.03 -10.55
N PRO D 367 33.21 21.40 -10.13
CA PRO D 367 32.72 20.91 -8.85
C PRO D 367 32.53 19.41 -8.80
N ALA D 368 32.44 18.75 -9.96
CA ALA D 368 32.17 17.30 -9.98
C ALA D 368 33.32 16.51 -9.36
N VAL D 369 34.57 16.88 -9.64
CA VAL D 369 35.69 16.10 -9.15
C VAL D 369 35.76 16.16 -7.63
N ARG D 370 35.58 17.35 -7.05
CA ARG D 370 35.52 17.47 -5.60
C ARG D 370 34.31 16.74 -5.04
N MET D 371 33.18 16.83 -5.75
CA MET D 371 31.93 16.26 -5.26
C MET D 371 31.95 14.74 -5.27
N VAL D 372 32.80 14.13 -6.10
CA VAL D 372 32.98 12.67 -6.09
C VAL D 372 34.18 12.26 -5.24
N ALA D 373 35.17 13.13 -5.05
CA ALA D 373 36.21 12.85 -4.08
C ALA D 373 35.65 12.80 -2.67
N GLY D 374 34.65 13.65 -2.40
CA GLY D 374 33.94 13.54 -1.13
C GLY D 374 33.25 12.21 -0.96
N VAL D 375 32.88 11.56 -2.06
CA VAL D 375 32.29 10.23 -2.01
C VAL D 375 33.36 9.18 -1.73
N VAL D 376 34.47 9.24 -2.46
CA VAL D 376 35.50 8.21 -2.31
C VAL D 376 36.25 8.33 -0.98
N GLY D 377 36.23 9.51 -0.36
CA GLY D 377 36.94 9.67 0.90
C GLY D 377 36.35 8.84 2.01
N HIS D 378 35.02 8.69 2.03
CA HIS D 378 34.37 7.88 3.04
C HIS D 378 34.69 6.40 2.90
N LEU D 379 35.29 5.98 1.79
CA LEU D 379 35.66 4.59 1.58
C LEU D 379 37.16 4.36 1.67
N LEU D 380 37.99 5.35 1.35
CA LEU D 380 39.43 5.14 1.39
C LEU D 380 39.99 5.13 2.81
N PHE D 381 39.35 5.83 3.75
CA PHE D 381 39.95 6.09 5.05
C PHE D 381 39.03 5.67 6.19
N THR D 382 39.64 5.46 7.36
CA THR D 382 38.93 5.16 8.59
C THR D 382 39.09 6.32 9.56
N ALA D 383 38.02 6.63 10.30
CA ALA D 383 37.97 7.84 11.10
C ALA D 383 37.42 7.56 12.50
N GLY D 384 37.97 6.55 13.16
CA GLY D 384 37.61 6.30 14.54
C GLY D 384 37.85 4.86 14.93
N GLY D 385 37.33 4.53 16.10
CA GLY D 385 37.46 3.19 16.65
C GLY D 385 38.76 2.96 17.41
N ARG D 386 39.84 2.80 16.66
CA ARG D 386 41.17 2.57 17.24
C ARG D 386 42.19 3.61 16.85
N PHE D 387 42.10 4.14 15.64
CA PHE D 387 43.06 5.12 15.14
C PHE D 387 42.39 5.92 14.04
N THR D 388 43.11 6.93 13.54
CA THR D 388 42.60 7.77 12.47
C THR D 388 43.67 7.97 11.41
N ASN D 389 43.23 8.10 10.17
CA ASN D 389 44.10 8.44 9.05
C ASN D 389 43.93 9.87 8.57
N LEU D 390 42.93 10.59 9.09
CA LEU D 390 42.62 11.93 8.62
C LEU D 390 42.26 12.81 9.80
N THR D 391 42.52 14.11 9.65
CA THR D 391 42.22 15.07 10.68
C THR D 391 40.73 15.43 10.68
N GLN D 392 40.31 16.11 11.75
CA GLN D 392 38.89 16.47 11.88
C GLN D 392 38.46 17.44 10.80
N ASN D 393 39.36 18.34 10.37
CA ASN D 393 39.03 19.27 9.30
C ASN D 393 38.71 18.51 8.01
N MET D 394 39.51 17.48 7.70
CA MET D 394 39.22 16.67 6.52
C MET D 394 37.89 15.96 6.65
N ALA D 395 37.58 15.47 7.85
CA ALA D 395 36.28 14.81 8.07
C ALA D 395 35.13 15.78 7.80
N ARG D 396 35.23 17.00 8.32
CA ARG D 396 34.19 17.99 8.10
C ARG D 396 34.05 18.34 6.62
N GLN D 397 35.19 18.52 5.93
CA GLN D 397 35.15 18.87 4.51
C GLN D 397 34.52 17.75 3.70
N LEU D 398 34.88 16.50 3.99
CA LEU D 398 34.31 15.36 3.26
C LEU D 398 32.82 15.23 3.54
N ASP D 399 32.40 15.45 4.79
CA ASP D 399 30.97 15.40 5.10
C ASP D 399 30.20 16.48 4.36
N ILE D 400 30.75 17.70 4.29
CA ILE D 400 30.09 18.77 3.56
C ILE D 400 29.99 18.43 2.08
N ALA D 401 31.07 17.89 1.51
CA ALA D 401 31.05 17.51 0.10
C ALA D 401 30.01 16.43 -0.17
N LEU D 402 29.91 15.43 0.72
CA LEU D 402 28.91 14.39 0.54
C LEU D 402 27.51 14.96 0.66
N ASN D 403 27.30 15.89 1.59
CA ASN D 403 26.01 16.55 1.74
C ASN D 403 25.61 17.26 0.45
N ASP D 404 26.55 18.02 -0.12
CA ASP D 404 26.28 18.72 -1.37
C ASP D 404 25.99 17.74 -2.49
N TYR D 405 26.75 16.64 -2.56
CA TYR D 405 26.50 15.64 -3.60
C TYR D 405 25.10 15.05 -3.48
N LEU D 406 24.69 14.72 -2.25
CA LEU D 406 23.44 14.02 -2.07
C LEU D 406 22.24 14.94 -2.30
N LEU D 407 22.34 16.21 -1.92
CA LEU D 407 21.19 17.09 -2.10
C LEU D 407 21.15 17.77 -3.46
N TYR D 408 22.29 18.23 -3.96
CA TYR D 408 22.31 19.17 -5.06
C TYR D 408 22.41 18.52 -6.42
N MET D 409 22.75 17.22 -6.49
CA MET D 409 22.83 16.50 -7.75
C MET D 409 21.56 15.70 -7.99
N TYR D 410 20.93 15.95 -9.14
CA TYR D 410 19.79 15.16 -9.59
C TYR D 410 19.47 15.42 -11.05
N ASN D 411 19.33 14.36 -11.84
CA ASN D 411 18.81 14.49 -13.20
C ASN D 411 17.29 14.51 -13.24
N THR D 412 16.64 14.19 -12.13
CA THR D 412 15.19 14.23 -12.02
C THR D 412 14.84 14.48 -10.56
N ARG D 413 13.58 14.86 -10.34
CA ARG D 413 13.14 15.18 -8.98
C ARG D 413 13.25 13.95 -8.08
N VAL D 414 13.78 14.15 -6.88
CA VAL D 414 13.99 13.09 -5.91
C VAL D 414 13.37 13.51 -4.58
N GLN D 415 12.72 12.57 -3.92
CA GLN D 415 12.12 12.84 -2.62
C GLN D 415 13.21 13.08 -1.58
N VAL D 416 12.96 14.01 -0.66
CA VAL D 416 13.92 14.36 0.38
C VAL D 416 13.16 14.87 1.60
N ASN D 417 13.69 14.57 2.78
CA ASN D 417 13.17 15.06 4.04
C ASN D 417 14.31 15.64 4.86
N TYR D 418 13.99 16.62 5.70
CA TYR D 418 15.00 17.37 6.43
C TYR D 418 14.80 17.24 7.93
N GLY D 419 15.90 17.38 8.66
CA GLY D 419 15.89 17.27 10.10
C GLY D 419 15.95 18.61 10.80
N PRO D 420 15.70 18.62 12.11
CA PRO D 420 15.66 19.90 12.83
C PRO D 420 17.03 20.52 13.06
N THR D 421 18.02 19.72 13.45
CA THR D 421 19.31 20.27 13.86
C THR D 421 20.05 20.88 12.67
N GLY D 422 20.87 21.88 12.96
CA GLY D 422 21.62 22.59 11.94
C GLY D 422 23.01 22.05 11.73
N GLU D 423 23.12 20.82 11.27
CA GLU D 423 24.38 20.17 10.98
C GLU D 423 24.30 19.50 9.61
N PRO D 424 25.44 19.27 8.95
CA PRO D 424 25.41 18.54 7.69
C PRO D 424 24.93 17.12 7.86
N LEU D 425 24.29 16.60 6.83
CA LEU D 425 23.80 15.22 6.79
C LEU D 425 22.78 14.96 7.91
N ASP D 426 21.82 15.88 8.07
CA ASP D 426 20.69 15.70 8.96
C ASP D 426 19.42 15.33 8.23
N PHE D 427 19.52 14.97 6.95
CA PHE D 427 18.38 14.76 6.08
C PHE D 427 18.10 13.27 5.89
N GLN D 428 16.91 12.99 5.37
CA GLN D 428 16.53 11.64 4.94
C GLN D 428 16.13 11.72 3.47
N ILE D 429 16.72 10.84 2.66
CA ILE D 429 16.59 10.91 1.21
C ILE D 429 15.98 9.61 0.69
N GLY D 430 15.38 9.70 -0.48
CA GLY D 430 14.80 8.56 -1.15
C GLY D 430 13.38 8.27 -0.72
N ARG D 431 12.75 7.35 -1.45
CA ARG D 431 11.40 6.91 -1.09
C ARG D 431 11.40 6.27 0.29
N ASN D 432 12.39 5.42 0.57
CA ASN D 432 12.56 4.89 1.91
C ASN D 432 13.24 5.92 2.81
N GLN D 433 12.95 5.81 4.10
CA GLN D 433 13.50 6.76 5.08
C GLN D 433 14.88 6.30 5.50
N TYR D 434 15.86 6.60 4.66
CA TYR D 434 17.27 6.28 4.93
C TYR D 434 17.91 7.51 5.55
N ASP D 435 18.07 7.49 6.88
CA ASP D 435 18.71 8.59 7.57
C ASP D 435 20.20 8.59 7.26
N CYS D 436 20.75 9.77 6.97
CA CYS D 436 22.16 9.93 6.65
C CYS D 436 22.97 10.45 7.82
N ASN D 437 22.41 10.41 9.04
CA ASN D 437 23.15 10.88 10.20
C ASN D 437 24.38 10.01 10.49
N VAL D 438 24.30 8.72 10.16
CA VAL D 438 25.40 7.80 10.47
C VAL D 438 26.65 8.15 9.70
N PHE D 439 26.51 8.77 8.53
CA PHE D 439 27.67 9.09 7.71
C PHE D 439 28.43 10.32 8.19
N ARG D 440 27.91 11.05 9.17
CA ARG D 440 28.66 12.15 9.75
C ARG D 440 29.79 11.60 10.62
N ALA D 441 30.99 12.16 10.45
CA ALA D 441 32.15 11.63 11.13
C ALA D 441 32.06 11.84 12.64
N ASP D 442 32.46 10.81 13.39
CA ASP D 442 32.50 10.88 14.85
C ASP D 442 33.64 10.00 15.31
N PHE D 443 34.73 10.63 15.76
CA PHE D 443 35.94 9.90 16.10
C PHE D 443 35.76 9.00 17.33
N ALA D 444 34.77 9.30 18.19
CA ALA D 444 34.56 8.48 19.37
C ALA D 444 34.05 7.08 19.02
N THR D 445 33.35 6.95 17.89
CA THR D 445 32.80 5.67 17.48
C THR D 445 33.17 5.26 16.06
N GLY D 446 33.61 6.17 15.20
CA GLY D 446 34.05 5.82 13.87
C GLY D 446 32.98 5.28 12.94
N THR D 447 31.80 5.91 12.95
CA THR D 447 30.75 5.52 12.02
C THR D 447 30.91 6.23 10.68
N GLY D 448 30.45 5.57 9.62
CA GLY D 448 30.51 6.14 8.29
C GLY D 448 31.83 5.97 7.57
N TYR D 449 32.80 5.30 8.17
CA TYR D 449 34.10 5.07 7.55
C TYR D 449 34.47 3.60 7.68
N ASN D 450 35.71 3.27 7.32
CA ASN D 450 36.13 1.88 7.28
C ASN D 450 36.07 1.21 8.65
N GLY D 451 36.28 1.97 9.72
CA GLY D 451 36.26 1.41 11.05
C GLY D 451 34.86 1.25 11.62
N TRP D 452 33.87 1.03 10.77
CA TRP D 452 32.48 0.93 11.19
C TRP D 452 32.21 -0.51 11.62
N ALA D 453 32.11 -0.72 12.93
CA ALA D 453 31.74 -2.01 13.51
C ALA D 453 32.67 -3.13 13.07
N THR D 454 33.96 -2.83 12.93
CA THR D 454 34.95 -3.82 12.53
C THR D 454 36.08 -3.86 13.57
N ILE D 455 36.67 -5.04 13.73
CA ILE D 455 37.77 -5.24 14.68
C ILE D 455 39.06 -4.97 13.91
N ASP D 456 39.53 -3.73 13.99
CA ASP D 456 40.72 -3.33 13.24
C ASP D 456 42.01 -3.83 13.89
N VAL D 457 42.05 -3.90 15.21
CA VAL D 457 43.27 -4.25 15.94
C VAL D 457 43.00 -5.45 16.84
N GLU D 458 43.92 -6.42 16.82
CA GLU D 458 43.80 -7.60 17.64
C GLU D 458 45.17 -8.14 17.96
N TYR D 459 45.26 -8.90 19.06
CA TYR D 459 46.49 -9.53 19.50
C TYR D 459 46.29 -11.04 19.54
N ARG D 460 47.19 -11.78 18.90
CA ARG D 460 47.02 -13.22 18.74
C ARG D 460 48.08 -14.03 19.49
N GLU D 461 49.36 -13.84 19.18
CA GLU D 461 50.42 -14.54 19.89
C GLU D 461 51.59 -13.59 20.07
N PRO D 462 52.52 -13.90 20.96
CA PRO D 462 53.74 -13.08 21.09
C PRO D 462 54.49 -13.00 19.76
N ALA D 463 55.02 -11.82 19.49
CA ALA D 463 55.73 -11.48 18.26
C ALA D 463 57.24 -11.58 18.48
N PRO D 464 58.02 -11.64 17.39
CA PRO D 464 59.48 -11.61 17.56
C PRO D 464 59.97 -10.39 18.32
N TYR D 465 59.34 -9.23 18.11
CA TYR D 465 59.62 -8.03 18.89
C TYR D 465 58.50 -7.86 19.90
N VAL D 466 58.88 -7.80 21.19
CA VAL D 466 57.87 -7.81 22.25
C VAL D 466 57.11 -6.50 22.35
N HIS D 467 57.60 -5.43 21.73
CA HIS D 467 56.97 -4.12 21.83
C HIS D 467 55.87 -3.90 20.81
N ALA D 468 55.73 -4.78 19.83
CA ALA D 468 54.73 -4.64 18.76
C ALA D 468 53.97 -5.95 18.63
N GLN D 469 52.89 -6.09 19.39
CA GLN D 469 52.07 -7.29 19.35
C GLN D 469 50.82 -7.14 18.50
N ARG D 470 50.44 -5.91 18.15
CA ARG D 470 49.19 -5.67 17.47
C ARG D 470 49.22 -6.17 16.03
N TYR D 471 48.07 -6.63 15.56
CA TYR D 471 47.86 -6.99 14.16
C TYR D 471 46.81 -6.07 13.58
N ILE D 472 47.15 -5.37 12.51
CA ILE D 472 46.23 -4.46 11.83
C ILE D 472 45.53 -5.22 10.72
N ARG D 473 44.23 -4.96 10.53
CA ARG D 473 43.46 -5.62 9.49
C ARG D 473 42.40 -4.64 8.99
N TYR D 474 42.63 -4.09 7.81
CA TYR D 474 41.62 -3.23 7.19
C TYR D 474 40.47 -4.06 6.66
N CYS D 475 39.25 -3.57 6.91
CA CYS D 475 38.01 -4.19 6.44
C CYS D 475 37.84 -5.61 6.94
N GLY D 476 38.51 -5.97 8.02
CA GLY D 476 38.40 -7.31 8.56
C GLY D 476 39.09 -8.40 7.78
N ILE D 477 39.90 -8.04 6.78
CA ILE D 477 40.59 -9.04 5.97
C ILE D 477 41.75 -9.62 6.77
N ASP D 478 41.81 -10.95 6.81
CA ASP D 478 42.87 -11.65 7.53
C ASP D 478 44.10 -11.77 6.63
N SER D 479 45.26 -11.47 7.19
CA SER D 479 46.52 -11.51 6.45
C SER D 479 47.18 -12.88 6.48
N ARG D 480 46.59 -13.86 7.17
CA ARG D 480 47.17 -15.18 7.26
C ARG D 480 46.94 -16.03 6.02
N GLU D 481 46.04 -15.62 5.13
CA GLU D 481 45.69 -16.40 3.95
C GLU D 481 46.13 -15.68 2.69
N LEU D 482 46.83 -16.40 1.82
CA LEU D 482 47.24 -15.84 0.54
C LEU D 482 46.06 -15.78 -0.42
N ILE D 483 46.16 -14.88 -1.40
CA ILE D 483 45.08 -14.62 -2.35
C ILE D 483 45.66 -14.59 -3.76
N ASN D 484 44.77 -14.73 -4.74
CA ASN D 484 45.11 -14.60 -6.14
C ASN D 484 44.39 -13.39 -6.72
N PRO D 485 45.10 -12.48 -7.39
CA PRO D 485 44.44 -11.26 -7.88
C PRO D 485 43.33 -11.51 -8.89
N THR D 486 43.39 -12.63 -9.62
CA THR D 486 42.43 -12.84 -10.71
C THR D 486 41.01 -12.99 -10.20
N THR D 487 40.82 -13.72 -9.10
CA THR D 487 39.48 -14.07 -8.64
C THR D 487 39.13 -13.58 -7.25
N TYR D 488 40.09 -13.05 -6.49
CA TYR D 488 39.78 -12.61 -5.13
C TYR D 488 38.92 -11.35 -5.14
N GLY D 489 38.09 -11.21 -4.12
CA GLY D 489 37.28 -10.03 -3.94
C GLY D 489 35.92 -10.07 -4.59
N ILE D 490 35.60 -11.13 -5.32
CA ILE D 490 34.31 -11.23 -6.01
C ILE D 490 33.25 -11.65 -5.01
N GLY D 491 32.20 -10.84 -4.88
CA GLY D 491 31.08 -11.16 -4.01
C GLY D 491 31.38 -11.19 -2.53
N MET D 492 32.15 -10.22 -2.04
CA MET D 492 32.41 -10.08 -0.61
C MET D 492 32.46 -8.61 -0.26
N THR D 493 31.77 -8.23 0.82
CA THR D 493 31.63 -6.83 1.19
C THR D 493 31.81 -6.69 2.70
N TYR D 494 32.13 -5.46 3.11
CA TYR D 494 32.13 -5.07 4.52
C TYR D 494 31.01 -4.06 4.76
N HIS D 495 30.83 -3.73 6.04
CA HIS D 495 29.63 -2.99 6.45
C HIS D 495 29.55 -1.62 5.81
N CYS D 496 30.64 -0.85 5.87
CA CYS D 496 30.61 0.53 5.39
C CYS D 496 30.33 0.58 3.89
N TYR D 497 30.98 -0.27 3.11
CA TYR D 497 30.77 -0.26 1.67
C TYR D 497 29.32 -0.63 1.32
N ASN D 498 28.77 -1.65 1.99
CA ASN D 498 27.41 -2.06 1.71
C ASN D 498 26.42 -0.96 2.07
N GLU D 499 26.60 -0.32 3.23
CA GLU D 499 25.71 0.77 3.61
C GLU D 499 25.82 1.94 2.64
N MET D 500 27.03 2.26 2.20
CA MET D 500 27.21 3.37 1.27
C MET D 500 26.55 3.06 -0.07
N LEU D 501 26.67 1.83 -0.55
CA LEU D 501 26.00 1.45 -1.79
C LEU D 501 24.49 1.52 -1.64
N ARG D 502 23.95 1.06 -0.51
CA ARG D 502 22.51 1.13 -0.29
C ARG D 502 22.04 2.58 -0.28
N MET D 503 22.78 3.45 0.41
CA MET D 503 22.43 4.87 0.44
C MET D 503 22.49 5.49 -0.95
N LEU D 504 23.53 5.16 -1.71
CA LEU D 504 23.68 5.75 -3.05
C LEU D 504 22.57 5.29 -3.98
N VAL D 505 22.22 4.01 -3.95
CA VAL D 505 21.16 3.52 -4.83
C VAL D 505 19.81 4.04 -4.37
N ALA D 506 19.64 4.29 -3.06
CA ALA D 506 18.38 4.85 -2.58
C ALA D 506 18.14 6.25 -3.11
N ALA D 507 19.21 7.03 -3.29
CA ALA D 507 19.07 8.40 -3.79
C ALA D 507 18.71 8.46 -5.26
N GLY D 508 18.78 7.34 -5.98
CA GLY D 508 18.44 7.33 -7.39
C GLY D 508 19.61 7.49 -8.34
N LYS D 509 20.84 7.40 -7.84
CA LYS D 509 22.03 7.52 -8.68
C LYS D 509 22.48 6.13 -9.10
N ASP D 510 21.88 5.63 -10.18
CA ASP D 510 22.09 4.25 -10.59
C ASP D 510 23.47 4.05 -11.20
N SER D 511 23.91 4.97 -12.04
CA SER D 511 25.19 4.81 -12.72
C SER D 511 26.35 4.79 -11.73
N GLU D 512 26.34 5.71 -10.76
CA GLU D 512 27.40 5.74 -9.76
C GLU D 512 27.40 4.48 -8.90
N ALA D 513 26.22 4.01 -8.53
CA ALA D 513 26.12 2.78 -7.75
C ALA D 513 26.67 1.59 -8.53
N ALA D 514 26.34 1.49 -9.81
CA ALA D 514 26.86 0.41 -10.64
C ALA D 514 28.38 0.49 -10.76
N TYR D 515 28.91 1.71 -10.96
CA TYR D 515 30.36 1.86 -11.06
C TYR D 515 31.05 1.46 -9.78
N PHE D 516 30.51 1.88 -8.63
CA PHE D 516 31.14 1.52 -7.36
C PHE D 516 31.01 0.03 -7.06
N ARG D 517 29.92 -0.60 -7.52
CA ARG D 517 29.79 -2.04 -7.38
C ARG D 517 30.82 -2.76 -8.24
N SER D 518 31.08 -2.25 -9.44
CA SER D 518 32.02 -2.91 -10.34
C SER D 518 33.47 -2.81 -9.83
N MET D 519 33.80 -1.74 -9.11
CA MET D 519 35.16 -1.49 -8.67
C MET D 519 35.51 -2.25 -7.39
N LEU D 520 34.53 -2.95 -6.80
CA LEU D 520 34.74 -3.56 -5.48
C LEU D 520 35.88 -4.57 -5.44
N PRO D 521 36.00 -5.53 -6.38
CA PRO D 521 37.13 -6.48 -6.28
C PRO D 521 38.49 -5.81 -6.30
N PHE D 522 38.65 -4.76 -7.10
CA PHE D 522 39.91 -4.01 -7.13
C PHE D 522 40.20 -3.38 -5.77
N HIS D 523 39.17 -2.81 -5.14
CA HIS D 523 39.28 -2.24 -3.81
C HIS D 523 39.71 -3.29 -2.79
N MET D 524 39.07 -4.46 -2.83
CA MET D 524 39.39 -5.53 -1.90
C MET D 524 40.82 -6.01 -2.09
N VAL D 525 41.25 -6.16 -3.34
CA VAL D 525 42.61 -6.62 -3.60
C VAL D 525 43.64 -5.59 -3.13
N ARG D 526 43.34 -4.31 -3.34
CA ARG D 526 44.27 -3.26 -2.91
C ARG D 526 44.44 -3.27 -1.39
N PHE D 527 43.33 -3.33 -0.66
CA PHE D 527 43.48 -3.40 0.79
C PHE D 527 44.07 -4.73 1.25
N ALA D 528 43.88 -5.81 0.50
CA ALA D 528 44.55 -7.06 0.85
C ALA D 528 46.06 -6.91 0.76
N ARG D 529 46.54 -6.31 -0.33
CA ARG D 529 47.96 -6.08 -0.50
C ARG D 529 48.50 -5.17 0.61
N ILE D 530 47.76 -4.10 0.91
CA ILE D 530 48.21 -3.18 1.95
C ILE D 530 48.28 -3.88 3.30
N ASN D 531 47.27 -4.69 3.62
CA ASN D 531 47.26 -5.42 4.88
C ASN D 531 48.43 -6.39 4.96
N GLN D 532 48.71 -7.10 3.87
CA GLN D 532 49.85 -8.01 3.86
C GLN D 532 51.15 -7.26 4.08
N ILE D 533 51.31 -6.10 3.43
CA ILE D 533 52.54 -5.32 3.57
C ILE D 533 52.71 -4.84 5.01
N ILE D 534 51.63 -4.34 5.62
CA ILE D 534 51.73 -3.83 6.98
C ILE D 534 52.04 -4.96 7.97
N ASN D 535 51.33 -6.08 7.84
CA ASN D 535 51.47 -7.14 8.84
C ASN D 535 52.76 -7.94 8.68
N GLU D 536 53.27 -8.08 7.47
CA GLU D 536 54.36 -9.00 7.20
C GLU D 536 55.73 -8.32 7.13
N ASP D 537 55.85 -7.25 6.36
CA ASP D 537 57.15 -6.67 6.06
C ASP D 537 57.59 -5.63 7.07
N LEU D 538 56.70 -4.71 7.44
CA LEU D 538 57.09 -3.57 8.27
C LEU D 538 57.28 -3.91 9.75
N HIS D 539 57.33 -5.19 10.15
CA HIS D 539 57.53 -5.54 11.55
C HIS D 539 59.00 -5.36 11.90
N SER D 540 59.30 -4.34 12.72
CA SER D 540 60.67 -4.06 13.12
C SER D 540 60.64 -3.22 14.40
N VAL D 541 61.83 -3.02 14.98
CA VAL D 541 61.93 -2.20 16.18
C VAL D 541 61.53 -0.76 15.89
N PHE D 542 61.72 -0.31 14.66
CA PHE D 542 61.39 1.06 14.29
C PHE D 542 59.90 1.30 14.22
N SER D 543 59.08 0.25 14.28
CA SER D 543 57.64 0.43 14.36
C SER D 543 57.25 1.00 15.72
N LEU D 544 56.17 1.77 15.75
CA LEU D 544 55.74 2.41 16.97
C LEU D 544 55.28 1.38 17.99
N PRO D 545 55.70 1.51 19.25
CA PRO D 545 55.27 0.54 20.27
C PRO D 545 53.78 0.67 20.56
N ASP D 546 53.24 -0.39 21.17
CA ASP D 546 51.79 -0.48 21.39
C ASP D 546 51.30 0.62 22.32
N ASP D 547 52.04 0.91 23.38
CA ASP D 547 51.59 1.89 24.36
C ASP D 547 51.43 3.28 23.74
N MET D 548 52.40 3.70 22.92
CA MET D 548 52.29 4.97 22.24
C MET D 548 51.23 4.94 21.14
N PHE D 549 51.07 3.78 20.48
CA PHE D 549 50.06 3.67 19.43
C PHE D 549 48.66 3.83 19.99
N ASN D 550 48.39 3.24 21.16
CA ASN D 550 47.06 3.29 21.72
C ASN D 550 46.66 4.71 22.13
N ALA D 551 47.63 5.54 22.50
CA ALA D 551 47.36 6.87 23.01
C ALA D 551 47.33 7.94 21.93
N LEU D 552 47.52 7.58 20.66
CA LEU D 552 47.53 8.58 19.59
C LEU D 552 46.16 9.22 19.42
N LEU D 553 45.11 8.40 19.29
CA LEU D 553 43.78 8.96 19.06
C LEU D 553 43.28 9.75 20.26
N PRO D 554 43.33 9.25 21.50
CA PRO D 554 42.85 10.09 22.63
C PRO D 554 43.60 11.40 22.77
N ASP D 555 44.91 11.40 22.48
CA ASP D 555 45.67 12.65 22.55
C ASP D 555 45.18 13.64 21.50
N LEU D 556 44.89 13.17 20.30
CA LEU D 556 44.36 14.06 19.27
C LEU D 556 42.98 14.56 19.64
N ILE D 557 42.15 13.73 20.25
CA ILE D 557 40.82 14.15 20.68
C ILE D 557 40.92 15.23 21.75
N ALA D 558 41.76 15.01 22.75
CA ALA D 558 41.90 15.99 23.83
C ALA D 558 42.72 17.19 23.41
N GLY D 559 43.68 17.01 22.51
CA GLY D 559 44.53 18.10 22.08
C GLY D 559 45.69 18.42 22.98
N ALA D 560 45.88 17.67 24.08
CA ALA D 560 46.98 17.91 25.00
C ALA D 560 48.21 17.11 24.57
N HIS D 561 48.75 17.49 23.42
CA HIS D 561 49.89 16.79 22.84
C HIS D 561 51.12 16.92 23.72
N GLN D 562 51.58 15.80 24.27
CA GLN D 562 52.81 15.75 25.04
C GLN D 562 53.87 14.83 24.43
N ASN D 563 53.47 13.78 23.75
CA ASN D 563 54.41 12.92 23.02
C ASN D 563 54.70 13.54 21.65
N ALA D 564 55.39 12.77 20.81
CA ALA D 564 55.70 13.23 19.46
C ALA D 564 54.41 13.35 18.65
N ASP D 565 54.22 14.51 18.02
CA ASP D 565 53.02 14.75 17.24
C ASP D 565 53.10 14.02 15.90
N PRO D 566 51.96 13.51 15.41
CA PRO D 566 51.96 12.85 14.10
C PRO D 566 52.22 13.85 12.99
N VAL D 567 52.82 13.34 11.91
CA VAL D 567 53.15 14.17 10.75
C VAL D 567 51.89 14.38 9.92
N VAL D 568 51.63 15.63 9.53
CA VAL D 568 50.47 15.98 8.72
C VAL D 568 50.97 16.30 7.31
N LEU D 569 50.25 15.80 6.31
CA LEU D 569 50.62 16.00 4.91
C LEU D 569 49.46 16.60 4.14
N ASP D 570 49.78 17.40 3.14
CA ASP D 570 48.78 18.07 2.32
C ASP D 570 48.38 17.21 1.13
N VAL D 571 47.13 17.36 0.70
CA VAL D 571 46.60 16.59 -0.41
C VAL D 571 45.50 17.41 -1.08
N SER D 572 45.27 17.14 -2.37
CA SER D 572 44.29 17.87 -3.16
C SER D 572 43.07 17.00 -3.43
N TRP D 573 42.07 17.60 -4.09
CA TRP D 573 40.83 16.89 -4.36
C TRP D 573 41.01 15.79 -5.41
N ILE D 574 41.68 16.13 -6.52
CA ILE D 574 41.86 15.16 -7.60
C ILE D 574 42.71 13.98 -7.15
N SER D 575 43.57 14.19 -6.15
CA SER D 575 44.42 13.12 -5.66
C SER D 575 43.61 12.00 -5.03
N LEU D 576 42.49 12.32 -4.39
CA LEU D 576 41.65 11.29 -3.82
C LEU D 576 41.10 10.37 -4.90
N TRP D 577 40.61 10.95 -6.00
CA TRP D 577 40.11 10.15 -7.11
C TRP D 577 41.23 9.31 -7.72
N PHE D 578 42.40 9.91 -7.92
CA PHE D 578 43.51 9.17 -8.53
C PHE D 578 43.97 8.02 -7.63
N ALA D 579 43.99 8.25 -6.31
CA ALA D 579 44.34 7.18 -5.38
C ALA D 579 43.30 6.07 -5.40
N PHE D 580 42.02 6.43 -5.43
CA PHE D 580 40.98 5.41 -5.53
C PHE D 580 41.04 4.65 -6.84
N ASN D 581 41.62 5.24 -7.88
CA ASN D 581 41.74 4.60 -9.19
C ASN D 581 43.15 4.09 -9.46
N ARG D 582 43.90 3.76 -8.41
CA ARG D 582 45.22 3.18 -8.53
C ARG D 582 45.45 2.20 -7.39
N SER D 583 46.40 1.28 -7.58
CA SER D 583 46.74 0.29 -6.59
C SER D 583 48.25 0.11 -6.54
N PHE D 584 48.72 -0.41 -5.41
CA PHE D 584 50.14 -0.68 -5.19
C PHE D 584 50.37 -2.18 -5.26
N GLU D 585 51.24 -2.61 -6.15
CA GLU D 585 51.57 -4.02 -6.32
C GLU D 585 53.05 -4.26 -6.07
N PRO D 586 53.43 -4.96 -5.01
CA PRO D 586 54.85 -5.19 -4.75
C PRO D 586 55.48 -6.16 -5.76
N THR D 587 56.38 -5.63 -6.59
CA THR D 587 57.04 -6.48 -7.59
C THR D 587 57.95 -7.50 -6.91
N HIS D 588 58.81 -7.04 -6.01
CA HIS D 588 59.68 -7.94 -5.26
C HIS D 588 60.13 -7.23 -3.99
N ARG D 589 60.61 -8.03 -3.04
CA ARG D 589 60.91 -7.53 -1.70
C ARG D 589 62.16 -6.66 -1.72
N ASN D 590 62.37 -5.95 -0.61
CA ASN D 590 63.50 -5.05 -0.48
C ASN D 590 64.81 -5.84 -0.43
N GLU D 591 65.87 -5.21 -0.94
CA GLU D 591 67.18 -5.85 -0.95
C GLU D 591 67.71 -6.07 0.46
N MET D 592 67.46 -5.11 1.35
CA MET D 592 68.01 -5.13 2.70
C MET D 592 67.04 -5.69 3.73
N LEU D 593 65.94 -6.31 3.27
CA LEU D 593 64.98 -6.89 4.19
C LEU D 593 65.59 -8.03 5.00
N GLU D 594 66.47 -8.81 4.38
CA GLU D 594 67.00 -10.00 5.04
C GLU D 594 68.05 -9.65 6.09
N VAL D 595 68.67 -8.47 5.99
CA VAL D 595 69.82 -8.13 6.82
C VAL D 595 69.51 -7.01 7.81
N ALA D 596 68.23 -6.69 8.01
CA ALA D 596 67.86 -5.63 8.95
C ALA D 596 68.29 -5.91 10.40
N PRO D 597 68.08 -7.10 10.97
CA PRO D 597 68.37 -7.27 12.40
C PRO D 597 69.81 -6.98 12.78
N LEU D 598 70.78 -7.31 11.92
CA LEU D 598 72.17 -7.01 12.23
C LEU D 598 72.40 -5.50 12.31
N ILE D 599 71.78 -4.74 11.39
CA ILE D 599 71.90 -3.29 11.43
C ILE D 599 71.28 -2.74 12.70
N GLU D 600 70.10 -3.25 13.07
CA GLU D 600 69.45 -2.79 14.30
C GLU D 600 70.32 -3.08 15.52
N SER D 601 70.90 -4.28 15.58
CA SER D 601 71.73 -4.66 16.71
C SER D 601 72.99 -3.79 16.79
N VAL D 602 73.63 -3.52 15.66
CA VAL D 602 74.84 -2.70 15.69
C VAL D 602 74.50 -1.27 16.09
N TYR D 603 73.35 -0.75 15.65
CA TYR D 603 72.94 0.58 16.05
C TYR D 603 72.71 0.67 17.55
N ALA D 604 72.00 -0.32 18.10
CA ALA D 604 71.77 -0.35 19.55
C ALA D 604 73.07 -0.48 20.31
N SER D 605 73.99 -1.32 19.81
CA SER D 605 75.27 -1.50 20.47
C SER D 605 76.08 -0.20 20.49
N GLU D 606 76.07 0.54 19.37
CA GLU D 606 76.78 1.80 19.34
C GLU D 606 76.17 2.81 20.32
N LEU D 607 74.84 2.86 20.40
CA LEU D 607 74.20 3.74 21.37
C LEU D 607 74.61 3.38 22.78
N SER D 608 74.61 2.09 23.10
CA SER D 608 75.01 1.65 24.44
C SER D 608 76.47 2.00 24.73
N VAL D 609 77.33 1.87 23.72
CA VAL D 609 78.74 2.20 23.90
C VAL D 609 78.90 3.70 24.20
N MET D 610 78.17 4.55 23.47
CA MET D 610 78.26 5.98 23.75
C MET D 610 77.75 6.30 25.16
N LYS D 611 76.67 5.65 25.58
CA LYS D 611 76.14 5.89 26.93
C LYS D 611 77.16 5.50 28.00
N VAL D 612 77.78 4.32 27.85
CA VAL D 612 78.73 3.90 28.87
C VAL D 612 79.98 4.78 28.84
N ASP D 613 80.36 5.27 27.65
CA ASP D 613 81.48 6.20 27.58
C ASP D 613 81.17 7.50 28.33
N MET D 614 79.95 8.02 28.19
CA MET D 614 79.56 9.20 28.94
C MET D 614 79.62 8.94 30.44
N ARG D 615 79.09 7.80 30.88
CA ARG D 615 79.11 7.48 32.30
C ARG D 615 80.53 7.40 32.84
N HIS D 616 81.42 6.73 32.10
CA HIS D 616 82.80 6.60 32.56
C HIS D 616 83.52 7.93 32.56
N LEU D 617 83.23 8.80 31.58
CA LEU D 617 83.83 10.13 31.58
C LEU D 617 83.40 10.91 32.81
N SER D 618 82.10 10.87 33.14
CA SER D 618 81.63 11.57 34.33
C SER D 618 82.29 11.03 35.60
N LEU D 619 82.38 9.70 35.71
CA LEU D 619 83.02 9.11 36.89
C LEU D 619 84.49 9.50 36.98
N MET D 620 85.20 9.48 35.86
CA MET D 620 86.61 9.85 35.87
C MET D 620 86.80 11.32 36.25
N GLN D 621 85.95 12.21 35.72
CA GLN D 621 86.04 13.61 36.08
C GLN D 621 85.78 13.80 37.57
N ARG D 622 84.82 13.06 38.13
CA ARG D 622 84.59 13.15 39.57
C ARG D 622 85.74 12.58 40.37
N ARG D 623 86.47 11.61 39.82
CA ARG D 623 87.49 10.91 40.60
C ARG D 623 88.67 11.81 40.95
N PHE D 624 89.14 12.62 40.01
CA PHE D 624 90.32 13.46 40.20
C PHE D 624 90.00 14.91 39.86
N PRO D 625 89.27 15.61 40.74
CA PRO D 625 88.96 17.02 40.47
C PRO D 625 90.16 17.94 40.60
N ASP D 626 91.23 17.52 41.29
CA ASP D 626 92.35 18.42 41.54
C ASP D 626 93.13 18.74 40.27
N VAL D 627 93.31 17.77 39.38
CA VAL D 627 94.12 17.97 38.20
C VAL D 627 93.29 18.01 36.92
N LEU D 628 92.16 17.32 36.87
CA LEU D 628 91.33 17.32 35.67
C LEU D 628 90.59 18.64 35.54
N ILE D 629 90.47 19.11 34.30
CA ILE D 629 89.84 20.39 34.04
C ILE D 629 88.32 20.26 34.19
N GLN D 630 87.72 21.15 34.97
CA GLN D 630 86.27 21.17 35.12
C GLN D 630 85.61 21.53 33.80
N ALA D 631 84.55 20.78 33.47
CA ALA D 631 83.86 20.99 32.20
C ALA D 631 82.40 20.61 32.35
N ARG D 632 81.58 21.12 31.44
CA ARG D 632 80.16 20.87 31.37
C ARG D 632 79.86 19.68 30.47
N PRO D 633 78.71 19.04 30.64
CA PRO D 633 78.40 17.86 29.82
C PRO D 633 78.40 18.12 28.32
N SER D 634 78.01 19.32 27.89
CA SER D 634 78.02 19.63 26.47
C SER D 634 79.42 19.60 25.88
N HIS D 635 80.45 19.66 26.72
CA HIS D 635 81.83 19.59 26.21
C HIS D 635 82.23 18.15 25.89
N PHE D 636 82.23 17.27 26.89
CA PHE D 636 82.69 15.92 26.62
C PHE D 636 81.67 15.08 25.87
N TRP D 637 80.38 15.44 25.89
CA TRP D 637 79.46 14.75 24.98
C TRP D 637 79.82 15.05 23.53
N LYS D 638 80.15 16.32 23.22
CA LYS D 638 80.61 16.65 21.89
C LYS D 638 81.93 15.95 21.58
N ALA D 639 82.81 15.85 22.58
CA ALA D 639 84.07 15.13 22.38
C ALA D 639 83.83 13.67 22.01
N VAL D 640 82.88 13.01 22.69
CA VAL D 640 82.55 11.63 22.36
C VAL D 640 81.95 11.54 20.97
N LEU D 641 81.03 12.45 20.64
CA LEU D 641 80.39 12.43 19.34
C LEU D 641 81.39 12.66 18.22
N ASN D 642 82.47 13.38 18.49
CA ASN D 642 83.50 13.61 17.49
C ASN D 642 84.18 12.31 17.06
N ASP D 643 84.22 11.30 17.93
CA ASP D 643 84.90 10.04 17.63
C ASP D 643 83.93 8.93 17.22
N SER D 644 82.63 9.13 17.37
CA SER D 644 81.66 8.11 17.00
C SER D 644 81.69 7.87 15.49
N PRO D 645 81.35 6.66 15.06
CA PRO D 645 81.30 6.38 13.62
C PRO D 645 80.31 7.29 12.90
N GLU D 646 80.67 7.66 11.67
CA GLU D 646 79.88 8.63 10.92
C GLU D 646 78.51 8.10 10.55
N ALA D 647 78.41 6.79 10.29
CA ALA D 647 77.12 6.23 9.87
C ALA D 647 76.07 6.39 10.95
N VAL D 648 76.43 6.11 12.20
CA VAL D 648 75.49 6.24 13.31
C VAL D 648 75.07 7.69 13.49
N LYS D 649 76.03 8.62 13.38
CA LYS D 649 75.70 10.04 13.50
C LYS D 649 74.74 10.47 12.40
N ALA D 650 74.98 10.02 11.17
CA ALA D 650 74.09 10.37 10.06
C ALA D 650 72.71 9.78 10.27
N VAL D 651 72.64 8.55 10.79
CA VAL D 651 71.35 7.92 11.05
C VAL D 651 70.58 8.70 12.10
N MET D 652 71.25 9.08 13.18
CA MET D 652 70.60 9.72 14.31
C MET D 652 70.33 11.21 14.08
N ASN D 653 70.98 11.83 13.09
CA ASN D 653 70.83 13.26 12.84
C ASN D 653 69.86 13.54 11.69
N LEU D 654 68.91 12.63 11.47
CA LEU D 654 67.92 12.84 10.42
C LEU D 654 66.78 13.75 10.84
N SER D 655 66.64 14.05 12.13
CA SER D 655 65.58 14.91 12.61
C SER D 655 65.94 16.38 12.39
N ASN D 662 68.84 19.27 23.71
CA ASN D 662 69.19 20.13 24.83
C ASN D 662 70.13 19.42 25.79
N ILE D 663 70.10 19.84 27.06
CA ILE D 663 70.96 19.27 28.08
C ILE D 663 70.13 18.46 29.07
N ARG D 664 68.92 18.94 29.35
CA ARG D 664 68.04 18.23 30.27
C ARG D 664 67.68 16.85 29.73
N ASP D 665 67.28 16.78 28.45
CA ASP D 665 66.98 15.51 27.84
C ASP D 665 68.22 14.63 27.72
N MET D 666 69.38 15.23 27.49
CA MET D 666 70.62 14.45 27.45
C MET D 666 70.90 13.79 28.79
N MET D 667 70.74 14.54 29.89
CA MET D 667 70.95 13.95 31.21
C MET D 667 69.92 12.88 31.49
N ARG D 668 68.66 13.12 31.11
CA ARG D 668 67.62 12.10 31.30
C ARG D 668 67.96 10.82 30.56
N TRP D 669 68.44 10.94 29.31
CA TRP D 669 68.83 9.78 28.53
C TRP D 669 70.02 9.07 29.15
N VAL D 670 70.99 9.83 29.67
CA VAL D 670 72.16 9.21 30.29
C VAL D 670 71.76 8.43 31.54
N MET D 671 70.85 8.99 32.34
CA MET D 671 70.45 8.34 33.59
C MET D 671 69.62 7.07 33.39
N LEU D 672 69.18 6.79 32.17
CA LEU D 672 68.37 5.60 31.93
C LEU D 672 69.21 4.34 32.14
N PRO D 673 68.62 3.28 32.70
CA PRO D 673 69.38 2.07 33.02
C PRO D 673 69.37 0.97 31.96
N SER D 674 68.78 1.21 30.79
CA SER D 674 68.67 0.19 29.76
C SER D 674 69.98 0.14 28.97
N LEU D 675 70.60 -1.03 28.92
CA LEU D 675 71.86 -1.23 28.23
C LEU D 675 71.74 -2.40 27.26
N GLN D 676 72.58 -2.39 26.23
CA GLN D 676 72.59 -3.45 25.22
C GLN D 676 73.93 -4.19 25.25
N PRO D 677 73.96 -5.44 25.70
CA PRO D 677 75.22 -6.19 25.73
C PRO D 677 75.80 -6.38 24.34
N SER D 678 77.13 -6.34 24.26
CA SER D 678 77.85 -6.54 23.01
C SER D 678 79.32 -6.76 23.33
N LEU D 679 80.04 -7.33 22.35
CA LEU D 679 81.48 -7.52 22.51
C LEU D 679 82.20 -6.18 22.62
N LYS D 680 81.78 -5.19 21.83
CA LYS D 680 82.42 -3.89 21.88
C LYS D 680 82.28 -3.26 23.26
N LEU D 681 81.10 -3.38 23.87
CA LEU D 681 80.92 -2.88 25.24
C LEU D 681 81.79 -3.66 26.23
N ALA D 682 81.90 -4.97 26.04
CA ALA D 682 82.71 -5.78 26.95
C ALA D 682 84.17 -5.37 26.91
N LEU D 683 84.67 -5.05 25.72
CA LEU D 683 86.05 -4.55 25.61
C LEU D 683 86.18 -3.12 26.11
N GLU D 684 85.17 -2.29 25.87
CA GLU D 684 85.24 -0.89 26.25
C GLU D 684 85.26 -0.71 27.77
N GLU D 685 84.45 -1.50 28.48
CA GLU D 685 84.44 -1.39 29.94
C GLU D 685 85.79 -1.79 30.51
N GLU D 686 86.41 -2.83 29.97
CA GLU D 686 87.73 -3.23 30.44
C GLU D 686 88.78 -2.17 30.11
N ALA D 687 88.68 -1.56 28.93
CA ALA D 687 89.60 -0.48 28.59
C ALA D 687 89.44 0.70 29.55
N TRP D 688 88.21 1.06 29.88
CA TRP D 688 87.98 2.14 30.82
C TRP D 688 88.53 1.80 32.20
N ALA D 689 88.34 0.55 32.63
CA ALA D 689 88.91 0.12 33.91
C ALA D 689 90.42 0.21 33.91
N ALA D 690 91.06 -0.20 32.81
CA ALA D 690 92.51 -0.10 32.69
C ALA D 690 92.97 1.34 32.56
N ALA D 691 92.08 2.25 32.19
CA ALA D 691 92.44 3.67 32.05
C ALA D 691 92.50 4.39 33.39
N ASN D 692 92.25 3.71 34.51
CA ASN D 692 92.29 4.36 35.81
C ASN D 692 93.69 4.86 36.17
N ASP D 693 94.73 4.32 35.53
CA ASP D 693 96.09 4.74 35.78
C ASP D 693 96.50 5.72 34.69
N PHE D 694 96.82 6.96 35.08
CA PHE D 694 97.23 7.96 34.11
C PHE D 694 98.58 7.62 33.48
N GLU D 695 99.41 6.86 34.20
CA GLU D 695 100.70 6.46 33.63
C GLU D 695 100.50 5.55 32.42
N ASP D 696 99.48 4.70 32.46
CA ASP D 696 99.14 3.89 31.29
C ASP D 696 98.77 4.77 30.11
N LEU D 697 98.23 5.95 30.37
CA LEU D 697 97.99 6.95 29.34
C LEU D 697 99.17 7.91 29.18
N MET D 698 100.18 7.81 30.03
CA MET D 698 101.34 8.70 30.03
C MET D 698 100.94 10.17 30.13
N LEU D 699 99.99 10.45 31.02
CA LEU D 699 99.69 11.83 31.42
C LEU D 699 100.09 11.98 32.88
N THR D 700 101.01 12.90 33.16
CA THR D 700 101.58 13.00 34.49
C THR D 700 101.63 14.45 34.92
N ASP D 701 101.65 14.64 36.24
CA ASP D 701 101.82 15.96 36.84
C ASP D 701 103.04 16.04 37.74
N GLN D 702 103.83 14.97 37.85
CA GLN D 702 105.01 14.93 38.71
C GLN D 702 106.23 15.35 37.90
N VAL D 703 106.29 16.64 37.62
CA VAL D 703 107.41 17.24 36.90
C VAL D 703 108.24 18.06 37.88
N TYR D 704 109.51 17.73 37.99
CA TYR D 704 110.42 18.37 38.93
C TYR D 704 111.50 19.14 38.19
N MET D 705 112.11 20.09 38.89
CA MET D 705 113.19 20.90 38.35
C MET D 705 114.35 20.84 39.33
N HIS D 706 115.54 20.48 38.84
CA HIS D 706 116.70 20.36 39.71
C HIS D 706 117.96 20.47 38.85
N ARG D 707 118.86 21.39 39.21
CA ARG D 707 120.04 21.62 38.40
C ARG D 707 120.98 20.42 38.47
N ASP D 708 121.40 19.93 37.29
CA ASP D 708 122.24 18.75 37.20
C ASP D 708 123.26 18.91 36.09
N MET D 709 124.24 18.00 36.08
CA MET D 709 125.36 18.02 35.17
C MET D 709 125.17 17.01 34.04
N LEU D 710 125.57 17.41 32.84
CA LEU D 710 125.77 16.44 31.77
C LEU D 710 127.07 15.70 32.02
N PRO D 711 127.06 14.37 32.09
CA PRO D 711 128.28 13.63 32.47
C PRO D 711 129.41 13.83 31.47
N GLU D 712 130.63 13.91 31.99
CA GLU D 712 131.83 14.02 31.17
C GLU D 712 132.70 12.79 31.42
N PRO D 713 132.69 11.81 30.53
CA PRO D 713 133.41 10.56 30.78
C PRO D 713 134.91 10.77 30.79
N ARG D 714 135.59 9.88 31.52
CA ARG D 714 137.05 9.92 31.61
C ARG D 714 137.68 9.68 30.24
N LEU D 715 137.25 8.62 29.55
CA LEU D 715 137.69 8.29 28.20
C LEU D 715 139.21 8.14 28.13
N ASP D 716 139.81 7.61 29.19
CA ASP D 716 141.25 7.33 29.18
C ASP D 716 141.57 5.95 28.62
N ASP D 717 140.70 4.97 28.86
CA ASP D 717 140.81 3.64 28.27
C ASP D 717 139.51 3.44 27.50
N ILE D 718 139.57 3.71 26.19
CA ILE D 718 138.36 3.76 25.39
C ILE D 718 137.70 2.39 25.28
N GLU D 719 138.49 1.32 25.21
CA GLU D 719 137.92 -0.02 25.14
C GLU D 719 137.13 -0.35 26.41
N ARG D 720 137.69 -0.01 27.57
CA ARG D 720 137.00 -0.29 28.82
C ARG D 720 135.70 0.50 28.91
N PHE D 721 135.71 1.77 28.51
CA PHE D 721 134.49 2.56 28.53
C PHE D 721 133.47 2.02 27.54
N ARG D 722 133.92 1.58 26.37
CA ARG D 722 133.01 1.05 25.37
C ARG D 722 132.36 -0.24 25.83
N GLN D 723 133.12 -1.09 26.54
CA GLN D 723 132.57 -2.35 27.00
C GLN D 723 131.44 -2.13 28.01
N GLU D 724 131.59 -1.15 28.90
CA GLU D 724 130.58 -0.85 29.90
C GLU D 724 129.59 0.15 29.34
N GLY D 725 128.35 -0.28 29.14
CA GLY D 725 127.34 0.61 28.59
C GLY D 725 127.09 1.80 29.51
N PHE D 726 127.00 2.98 28.91
CA PHE D 726 126.77 4.21 29.64
C PHE D 726 125.71 5.04 28.94
N TYR D 727 124.83 5.67 29.72
CA TYR D 727 123.75 6.46 29.17
C TYR D 727 123.23 7.40 30.24
N TYR D 728 122.54 8.45 29.79
CA TYR D 728 121.97 9.46 30.69
C TYR D 728 120.54 9.75 30.28
N THR D 729 119.67 9.88 31.28
CA THR D 729 118.24 10.08 31.03
C THR D 729 117.71 11.17 31.95
N ASN D 730 116.55 11.72 31.57
CA ASN D 730 115.80 12.60 32.44
C ASN D 730 114.97 11.84 33.45
N MET D 731 114.85 10.52 33.30
CA MET D 731 114.02 9.72 34.19
C MET D 731 114.60 9.70 35.60
N LEU D 732 113.72 9.58 36.57
CA LEU D 732 114.09 9.45 37.98
C LEU D 732 113.80 8.04 38.44
N GLU D 733 114.83 7.37 38.99
CA GLU D 733 114.64 6.03 39.51
C GLU D 733 113.64 6.02 40.66
N ALA D 734 113.73 6.99 41.55
CA ALA D 734 112.82 7.14 42.68
C ALA D 734 112.42 8.60 42.79
N PRO D 735 111.24 8.89 43.33
CA PRO D 735 110.85 10.28 43.55
C PRO D 735 111.78 10.94 44.54
N PRO D 736 112.01 12.24 44.41
CA PRO D 736 112.92 12.93 45.32
C PRO D 736 112.46 12.82 46.76
N GLU D 737 113.43 12.75 47.67
CA GLU D 737 113.13 12.58 49.08
C GLU D 737 112.34 13.76 49.62
N ILE D 738 111.40 13.48 50.53
CA ILE D 738 110.59 14.53 51.12
C ILE D 738 111.47 15.40 52.02
N ASP D 739 111.01 16.63 52.26
CA ASP D 739 111.67 17.69 53.02
C ASP D 739 112.85 18.28 52.26
N ARG D 740 113.22 17.71 51.11
CA ARG D 740 114.23 18.29 50.23
C ARG D 740 113.59 19.00 49.04
N VAL D 741 112.27 19.02 48.96
CA VAL D 741 111.55 19.58 47.82
C VAL D 741 110.53 20.59 48.34
N VAL D 742 110.30 21.64 47.55
CA VAL D 742 109.33 22.67 47.85
C VAL D 742 108.20 22.57 46.83
N GLN D 743 106.97 22.84 47.27
CA GLN D 743 105.78 22.70 46.45
C GLN D 743 105.31 24.07 45.99
N TYR D 744 105.04 24.19 44.69
CA TYR D 744 104.58 25.43 44.09
C TYR D 744 103.28 25.20 43.33
N THR D 745 102.57 26.29 43.08
CA THR D 745 101.35 26.28 42.29
C THR D 745 101.17 27.65 41.66
N TYR D 746 100.01 27.87 41.03
CA TYR D 746 99.76 29.15 40.37
C TYR D 746 99.70 30.30 41.38
N GLU D 747 98.97 30.11 42.46
CA GLU D 747 98.75 31.21 43.41
C GLU D 747 100.02 31.53 44.18
N ILE D 748 100.83 30.52 44.51
CA ILE D 748 102.11 30.78 45.16
C ILE D 748 103.02 31.60 44.27
N ALA D 749 103.09 31.22 42.98
CA ALA D 749 103.93 31.95 42.04
C ALA D 749 103.43 33.38 41.86
N ARG D 750 102.10 33.56 41.80
CA ARG D 750 101.55 34.91 41.67
C ARG D 750 101.85 35.76 42.89
N LEU D 751 101.73 35.17 44.08
CA LEU D 751 102.07 35.91 45.30
C LEU D 751 103.55 36.30 45.32
N GLN D 752 104.42 35.38 44.90
CA GLN D 752 105.85 35.71 44.85
C GLN D 752 106.12 36.81 43.82
N ALA D 753 105.46 36.75 42.67
CA ALA D 753 105.64 37.79 41.66
C ALA D 753 105.04 39.12 42.07
N ASN D 754 104.08 39.12 43.00
CA ASN D 754 103.52 40.37 43.50
C ASN D 754 104.56 41.23 44.21
N MET D 755 105.63 40.62 44.71
CA MET D 755 106.72 41.34 45.35
C MET D 755 108.03 41.24 44.58
N GLY D 756 108.03 40.59 43.42
CA GLY D 756 109.24 40.46 42.63
C GLY D 756 110.21 39.42 43.14
N GLN D 757 109.80 38.56 44.05
CA GLN D 757 110.68 37.55 44.64
C GLN D 757 110.60 36.21 43.94
N PHE D 758 109.82 36.09 42.86
CA PHE D 758 109.68 34.81 42.18
C PHE D 758 111.01 34.33 41.61
N ARG D 759 111.61 35.13 40.74
CA ARG D 759 112.91 34.76 40.17
C ARG D 759 113.98 34.67 41.24
N ALA D 760 113.94 35.59 42.21
CA ALA D 760 114.92 35.56 43.29
C ALA D 760 114.79 34.28 44.12
N ALA D 761 113.56 33.89 44.45
CA ALA D 761 113.37 32.66 45.21
C ALA D 761 113.81 31.44 44.42
N LEU D 762 113.50 31.41 43.12
CA LEU D 762 113.94 30.29 42.29
C LEU D 762 115.46 30.20 42.26
N ARG D 763 116.14 31.34 42.08
CA ARG D 763 117.60 31.35 42.05
C ARG D 763 118.18 30.91 43.39
N ARG D 764 117.59 31.36 44.50
CA ARG D 764 118.04 30.94 45.82
C ARG D 764 117.90 29.44 46.00
N ILE D 765 116.75 28.89 45.58
CA ILE D 765 116.52 27.46 45.72
C ILE D 765 117.53 26.68 44.88
N MET D 766 117.80 27.14 43.65
CA MET D 766 118.75 26.43 42.80
C MET D 766 120.17 26.52 43.36
N ASP D 767 120.53 27.67 43.95
CA ASP D 767 121.81 27.77 44.62
C ASP D 767 121.88 26.88 45.85
N ASP D 768 120.73 26.48 46.39
CA ASP D 768 120.65 25.56 47.51
C ASP D 768 120.49 24.11 47.07
N ASP D 769 120.60 23.84 45.76
CA ASP D 769 120.51 22.50 45.17
C ASP D 769 119.31 21.71 45.68
N ASP D 770 118.24 22.42 46.06
CA ASP D 770 117.01 21.78 46.48
C ASP D 770 116.09 21.54 45.29
N TRP D 771 115.07 20.72 45.51
CA TRP D 771 114.13 20.35 44.47
C TRP D 771 112.88 21.21 44.54
N VAL D 772 112.26 21.44 43.38
CA VAL D 772 111.02 22.18 43.27
C VAL D 772 110.08 21.43 42.34
N ARG D 773 108.80 21.37 42.71
CA ARG D 773 107.80 20.63 41.96
C ARG D 773 106.65 21.55 41.58
N PHE D 774 106.23 21.46 40.33
CA PHE D 774 105.02 22.13 39.86
C PHE D 774 103.85 21.15 39.87
N GLY D 775 102.64 21.70 39.93
CA GLY D 775 101.45 20.88 40.01
C GLY D 775 100.27 21.55 39.34
N GLY D 776 99.12 20.88 39.41
CA GLY D 776 97.89 21.39 38.86
C GLY D 776 97.63 20.95 37.43
N VAL D 777 98.47 21.41 36.51
CA VAL D 777 98.27 21.13 35.09
C VAL D 777 98.80 19.74 34.77
N LEU D 778 98.01 18.95 34.06
CA LEU D 778 98.43 17.64 33.57
C LEU D 778 99.16 17.80 32.26
N ARG D 779 100.39 17.28 32.20
CA ARG D 779 101.27 17.44 31.05
C ARG D 779 101.35 16.15 30.25
N THR D 780 101.85 16.28 29.03
CA THR D 780 102.09 15.16 28.15
C THR D 780 103.59 14.91 28.02
N VAL D 781 103.98 13.65 27.84
CA VAL D 781 105.37 13.25 27.78
C VAL D 781 105.69 12.72 26.39
N ARG D 782 106.87 13.07 25.89
CA ARG D 782 107.35 12.61 24.60
C ARG D 782 108.69 11.91 24.79
N VAL D 783 108.89 10.81 24.07
CA VAL D 783 110.11 10.02 24.18
C VAL D 783 110.92 10.18 22.90
N LYS D 784 112.21 10.43 23.06
CA LYS D 784 113.12 10.59 21.93
C LYS D 784 114.45 9.96 22.29
N PHE D 785 115.20 9.57 21.26
CA PHE D 785 116.51 8.96 21.43
C PHE D 785 117.54 9.71 20.59
N TYR D 786 118.62 10.15 21.24
CA TYR D 786 119.66 10.94 20.61
C TYR D 786 120.98 10.18 20.66
N ASP D 787 121.93 10.64 19.83
CA ASP D 787 123.26 9.97 19.76
C ASP D 787 124.35 11.03 19.84
N ALA D 788 123.97 12.28 20.16
CA ALA D 788 124.95 13.39 20.27
C ALA D 788 124.35 14.45 21.20
N ARG D 789 125.05 15.58 21.38
CA ARG D 789 124.47 16.68 22.19
C ARG D 789 123.09 17.03 21.61
N PRO D 790 122.00 17.04 22.43
CA PRO D 790 120.67 17.30 21.91
C PRO D 790 120.47 18.78 21.54
N PRO D 791 119.38 19.14 20.83
CA PRO D 791 119.10 20.56 20.54
C PRO D 791 118.99 21.41 21.81
N ASP D 792 119.21 22.72 21.68
CA ASP D 792 119.23 23.63 22.83
C ASP D 792 117.86 23.76 23.49
N ASP D 793 116.79 23.69 22.70
CA ASP D 793 115.45 23.90 23.26
C ASP D 793 115.10 22.85 24.30
N VAL D 794 115.47 21.59 24.05
CA VAL D 794 115.26 20.55 25.05
C VAL D 794 116.43 20.44 26.02
N LEU D 795 117.61 20.91 25.61
CA LEU D 795 118.76 20.88 26.51
C LEU D 795 118.58 21.80 27.70
N GLN D 796 118.07 23.01 27.47
CA GLN D 796 117.95 24.02 28.52
C GLN D 796 116.56 24.63 28.58
N GLY D 797 115.52 23.88 28.17
CA GLY D 797 114.18 24.41 28.20
C GLY D 797 113.62 24.50 29.60
N LEU D 798 112.59 25.32 29.74
CA LEU D 798 111.94 25.55 31.02
C LEU D 798 110.47 25.15 30.95
N PRO D 799 109.97 24.37 31.91
CA PRO D 799 108.55 24.01 31.92
C PRO D 799 107.61 25.17 32.24
N PHE D 800 108.14 26.34 32.61
CA PHE D 800 107.31 27.49 32.91
C PHE D 800 107.82 28.69 32.11
N SER D 801 106.93 29.67 31.93
CA SER D 801 107.25 30.89 31.22
C SER D 801 106.81 32.09 32.05
N TYR D 802 107.62 33.15 32.00
CA TYR D 802 107.35 34.35 32.77
C TYR D 802 107.49 35.56 31.86
N ASP D 803 106.59 36.53 32.03
CA ASP D 803 106.61 37.75 31.24
C ASP D 803 105.94 38.86 32.04
N THR D 804 106.28 40.10 31.68
CA THR D 804 105.73 41.26 32.35
C THR D 804 105.69 42.43 31.37
N ASN D 805 104.73 43.32 31.57
CA ASN D 805 104.57 44.49 30.72
C ASN D 805 103.80 45.56 31.49
N GLU D 806 103.79 46.77 30.94
CA GLU D 806 103.13 47.90 31.59
C GLU D 806 102.21 48.59 30.59
N ARG D 807 100.97 48.86 31.03
CA ARG D 807 100.03 49.69 30.28
C ARG D 807 99.46 50.74 31.22
N GLY D 808 99.26 51.94 30.69
CA GLY D 808 98.81 53.03 31.53
C GLY D 808 99.84 53.33 32.61
N GLY D 809 99.36 53.47 33.85
CA GLY D 809 100.22 53.71 34.99
C GLY D 809 100.41 52.54 35.92
N LEU D 810 100.00 51.34 35.54
CA LEU D 810 100.09 50.17 36.40
C LEU D 810 101.00 49.12 35.78
N ALA D 811 101.68 48.37 36.62
CA ALA D 811 102.56 47.30 36.18
C ALA D 811 101.78 45.99 36.09
N TYR D 812 102.20 45.13 35.16
CA TYR D 812 101.50 43.89 34.89
C TYR D 812 102.51 42.77 34.62
N ALA D 813 102.10 41.54 34.90
CA ALA D 813 102.97 40.39 34.71
C ALA D 813 102.14 39.13 34.46
N THR D 814 102.74 38.17 33.75
CA THR D 814 102.08 36.93 33.40
C THR D 814 102.97 35.74 33.73
N ILE D 815 102.34 34.62 34.09
CA ILE D 815 103.04 33.36 34.34
C ILE D 815 102.25 32.23 33.67
N LYS D 816 102.98 31.27 33.10
CA LYS D 816 102.36 30.13 32.46
C LYS D 816 103.25 28.91 32.64
N TYR D 817 102.64 27.73 32.51
CA TYR D 817 103.35 26.46 32.57
C TYR D 817 103.26 25.76 31.22
N ALA D 818 104.41 25.31 30.72
CA ALA D 818 104.43 24.55 29.47
C ALA D 818 103.74 23.21 29.68
N THR D 819 102.90 22.83 28.73
CA THR D 819 102.11 21.60 28.86
C THR D 819 102.77 20.41 28.20
N GLU D 820 103.77 20.63 27.35
CA GLU D 820 104.48 19.55 26.67
C GLU D 820 105.87 19.39 27.24
N THR D 821 106.20 18.18 27.69
CA THR D 821 107.52 17.86 28.22
C THR D 821 108.08 16.66 27.49
N THR D 822 109.40 16.61 27.39
CA THR D 822 110.09 15.58 26.63
C THR D 822 111.04 14.80 27.52
N ILE D 823 111.15 13.51 27.23
CA ILE D 823 112.11 12.62 27.89
C ILE D 823 113.04 12.07 26.80
N PHE D 824 114.34 12.30 26.95
CA PHE D 824 115.31 11.89 25.96
C PHE D 824 116.31 10.92 26.56
N TYR D 825 116.89 10.09 25.70
CA TYR D 825 117.91 9.12 26.08
C TYR D 825 119.17 9.39 25.25
N LEU D 826 120.31 9.41 25.93
CA LEU D 826 121.59 9.71 25.29
C LEU D 826 122.45 8.46 25.26
N ILE D 827 122.94 8.11 24.07
CA ILE D 827 123.84 6.98 23.87
C ILE D 827 125.17 7.55 23.41
N TYR D 828 126.24 7.29 24.17
CA TYR D 828 127.55 7.89 23.92
C TYR D 828 128.34 6.96 23.01
N ASN D 829 128.61 7.43 21.79
CA ASN D 829 129.41 6.68 20.83
C ASN D 829 130.83 7.24 20.82
N VAL D 830 131.81 6.34 20.87
CA VAL D 830 133.22 6.71 20.92
C VAL D 830 133.98 5.96 19.84
N GLU D 831 135.07 6.56 19.37
CA GLU D 831 135.93 5.97 18.36
C GLU D 831 137.38 6.22 18.74
N PHE D 832 138.28 5.37 18.22
CA PHE D 832 139.67 5.37 18.66
C PHE D 832 140.35 6.72 18.44
N SER D 833 139.87 7.51 17.47
CA SER D 833 140.61 8.69 17.06
C SER D 833 140.65 9.77 18.14
N ASN D 834 139.53 10.01 18.82
CA ASN D 834 139.41 11.19 19.66
C ASN D 834 140.31 11.09 20.90
N THR D 835 140.76 12.26 21.37
CA THR D 835 141.57 12.37 22.57
C THR D 835 140.69 12.26 23.81
N PRO D 836 141.27 11.82 24.94
CA PRO D 836 140.46 11.76 26.18
C PRO D 836 139.86 13.09 26.59
N ASP D 837 140.54 14.21 26.30
CA ASP D 837 140.03 15.52 26.68
C ASP D 837 139.00 16.06 25.69
N SER D 838 138.71 15.33 24.61
CA SER D 838 137.74 15.82 23.63
C SER D 838 136.35 15.93 24.22
N LEU D 839 135.96 14.98 25.08
CA LEU D 839 134.63 14.95 25.66
C LEU D 839 134.56 15.63 27.03
N VAL D 840 135.40 16.64 27.26
CA VAL D 840 135.38 17.40 28.50
C VAL D 840 135.31 18.88 28.12
N LEU D 841 134.15 19.49 28.34
CA LEU D 841 133.98 20.90 28.03
C LEU D 841 134.66 21.76 29.10
N ILE D 842 135.03 22.98 28.70
CA ILE D 842 135.71 23.89 29.61
C ILE D 842 134.78 24.34 30.74
N ASN D 843 133.51 24.53 30.42
CA ASN D 843 132.55 25.03 31.40
C ASN D 843 131.30 24.15 31.40
N PRO D 844 130.60 24.07 32.52
CA PRO D 844 129.46 23.15 32.62
C PRO D 844 128.29 23.55 31.74
N THR D 845 127.52 22.54 31.34
CA THR D 845 126.24 22.71 30.67
C THR D 845 125.16 22.14 31.58
N TYR D 846 124.13 22.94 31.86
CA TYR D 846 123.13 22.60 32.86
C TYR D 846 121.81 22.22 32.23
N THR D 847 121.19 21.17 32.75
CA THR D 847 119.85 20.74 32.35
C THR D 847 118.93 20.84 33.57
N MET D 848 117.69 21.27 33.33
CA MET D 848 116.78 21.61 34.42
C MET D 848 115.69 20.55 34.64
N THR D 849 114.94 20.22 33.58
CA THR D 849 113.72 19.45 33.75
C THR D 849 114.01 18.00 34.13
N LYS D 850 113.18 17.45 35.00
CA LYS D 850 113.20 16.04 35.35
C LYS D 850 111.77 15.52 35.44
N VAL D 851 111.61 14.24 35.11
CA VAL D 851 110.30 13.59 35.08
C VAL D 851 110.42 12.23 35.73
N PHE D 852 109.41 11.87 36.55
CA PHE D 852 109.36 10.59 37.23
C PHE D 852 108.15 9.79 36.74
N ILE D 853 108.38 8.52 36.41
CA ILE D 853 107.32 7.58 36.03
C ILE D 853 107.54 6.30 36.81
N ASN D 854 106.44 5.70 37.29
CA ASN D 854 106.51 4.54 38.17
C ASN D 854 106.45 3.22 37.42
N LYS D 855 106.92 3.18 36.17
CA LYS D 855 106.99 1.93 35.44
C LYS D 855 108.18 1.97 34.48
N ARG D 856 108.63 0.77 34.07
CA ARG D 856 109.83 0.63 33.27
C ARG D 856 109.52 0.94 31.80
N ILE D 857 110.12 1.99 31.27
CA ILE D 857 110.02 2.29 29.86
C ILE D 857 111.21 1.74 29.09
N VAL D 858 112.42 2.07 29.53
CA VAL D 858 113.65 1.55 28.97
C VAL D 858 114.52 1.03 30.11
N GLU D 859 115.03 -0.19 29.97
CA GLU D 859 115.84 -0.82 31.00
C GLU D 859 117.16 -1.30 30.41
N ARG D 860 118.24 -1.12 31.17
CA ARG D 860 119.56 -1.57 30.78
C ARG D 860 119.79 -2.94 31.41
N VAL D 861 119.78 -3.98 30.57
CA VAL D 861 119.97 -5.35 31.03
C VAL D 861 121.07 -6.00 30.21
N ARG D 862 121.68 -7.04 30.80
CA ARG D 862 122.68 -7.81 30.09
C ARG D 862 122.01 -8.79 29.13
N VAL D 863 122.82 -9.37 28.25
CA VAL D 863 122.32 -10.27 27.23
C VAL D 863 121.75 -11.56 27.80
N GLY D 864 121.94 -11.82 29.10
CA GLY D 864 121.41 -13.03 29.68
C GLY D 864 119.89 -13.05 29.73
N GLN D 865 119.28 -11.92 30.07
CA GLN D 865 117.83 -11.84 30.27
C GLN D 865 117.11 -11.27 29.06
N ILE D 866 117.63 -11.50 27.85
CA ILE D 866 116.92 -11.06 26.65
C ILE D 866 115.60 -11.80 26.52
N LEU D 867 115.60 -13.10 26.75
CA LEU D 867 114.41 -13.93 26.60
C LEU D 867 113.73 -14.23 27.94
N ALA D 868 114.16 -13.57 29.02
CA ALA D 868 113.50 -13.75 30.31
C ALA D 868 112.14 -13.08 30.37
N VAL D 869 111.79 -12.28 29.37
CA VAL D 869 110.49 -11.60 29.34
C VAL D 869 109.35 -12.56 29.05
N LEU D 870 109.63 -13.73 28.48
CA LEU D 870 108.59 -14.67 28.10
C LEU D 870 107.94 -15.30 29.31
N ASN D 871 106.83 -14.71 29.78
CA ASN D 871 106.15 -15.23 30.96
C ASN D 871 104.63 -15.17 30.84
N ARG D 872 104.08 -14.94 29.66
CA ARG D 872 102.64 -14.82 29.47
C ARG D 872 102.13 -15.94 28.57
N ARG D 873 100.92 -16.41 28.88
CA ARG D 873 100.34 -17.59 28.24
C ARG D 873 99.46 -17.18 27.07
N PHE D 874 99.69 -17.82 25.92
CA PHE D 874 98.91 -17.57 24.72
C PHE D 874 98.21 -18.84 24.27
N VAL D 875 97.09 -18.66 23.58
CA VAL D 875 96.33 -19.76 22.99
C VAL D 875 96.09 -19.45 21.53
N ALA D 876 96.35 -20.43 20.65
CA ALA D 876 96.22 -20.24 19.22
C ALA D 876 95.43 -21.39 18.62
N TYR D 877 94.55 -21.06 17.67
CA TYR D 877 93.76 -22.06 16.99
C TYR D 877 94.54 -22.70 15.84
N LYS D 878 94.19 -23.93 15.50
CA LYS D 878 94.91 -24.69 14.50
C LYS D 878 94.60 -24.17 13.10
N GLY D 879 95.44 -24.57 12.15
CA GLY D 879 95.24 -24.14 10.77
C GLY D 879 93.96 -24.68 10.15
N LYS D 880 93.63 -25.93 10.45
CA LYS D 880 92.39 -26.52 9.98
C LYS D 880 91.16 -25.92 10.64
N MET D 881 91.34 -25.15 11.72
CA MET D 881 90.23 -24.60 12.46
C MET D 881 89.65 -23.39 11.71
N ARG D 882 88.35 -23.17 11.88
CA ARG D 882 87.65 -22.10 11.19
C ARG D 882 87.03 -21.12 12.17
N ILE D 883 87.13 -19.83 11.85
CA ILE D 883 86.51 -18.76 12.63
C ILE D 883 85.41 -18.15 11.77
N MET D 884 84.20 -18.08 12.33
CA MET D 884 83.04 -17.61 11.59
C MET D 884 82.22 -16.64 12.42
N ASP D 885 81.50 -15.76 11.73
CA ASP D 885 80.58 -14.83 12.36
C ASP D 885 79.29 -14.80 11.53
N ILE D 886 78.21 -14.35 12.17
CA ILE D 886 76.90 -14.37 11.52
C ILE D 886 76.92 -13.47 10.28
N THR D 887 77.54 -12.30 10.39
CA THR D 887 77.59 -11.38 9.25
C THR D 887 78.33 -12.02 8.06
N GLN D 888 79.36 -12.82 8.33
CA GLN D 888 80.06 -13.50 7.25
C GLN D 888 79.15 -14.49 6.54
N SER D 889 78.32 -15.22 7.30
CA SER D 889 77.44 -16.21 6.69
C SER D 889 76.41 -15.55 5.79
N LEU D 890 75.86 -14.41 6.21
CA LEU D 890 74.89 -13.70 5.40
C LEU D 890 75.51 -13.01 4.18
N LYS D 891 76.84 -12.99 4.08
CA LYS D 891 77.56 -12.43 2.94
C LYS D 891 77.24 -10.94 2.76
N MET D 892 77.59 -10.17 3.79
CA MET D 892 77.38 -8.73 3.78
C MET D 892 78.26 -8.06 2.74
N ILE E 12 63.62 -50.10 -23.69
CA ILE E 12 63.11 -49.20 -22.67
C ILE E 12 63.87 -47.88 -22.69
N LYS E 13 63.12 -46.78 -22.80
CA LYS E 13 63.71 -45.45 -22.85
C LYS E 13 62.92 -44.52 -21.94
N THR E 14 63.60 -43.52 -21.40
CA THR E 14 62.94 -42.55 -20.54
C THR E 14 62.01 -41.63 -21.33
N THR E 15 61.07 -41.03 -20.62
CA THR E 15 60.25 -39.99 -21.22
C THR E 15 61.11 -38.77 -21.53
N PRO E 16 60.82 -38.08 -22.63
CA PRO E 16 61.69 -36.97 -23.05
C PRO E 16 61.80 -35.87 -22.01
N TYR E 17 62.98 -35.29 -21.91
CA TYR E 17 63.24 -34.15 -21.06
C TYR E 17 63.86 -33.03 -21.89
N LEU E 18 63.63 -31.80 -21.45
CA LEU E 18 63.99 -30.63 -22.25
C LEU E 18 65.44 -30.23 -21.98
N GLU E 19 66.22 -30.10 -23.05
CA GLU E 19 67.61 -29.66 -23.00
C GLU E 19 67.65 -28.23 -23.54
N GLY E 20 67.39 -27.26 -22.67
CA GLY E 20 67.41 -25.87 -23.06
C GLY E 20 66.23 -25.49 -23.93
N ASP E 21 66.23 -25.97 -25.17
CA ASP E 21 65.11 -25.75 -26.08
C ASP E 21 64.79 -26.95 -26.95
N VAL E 22 65.46 -28.09 -26.77
CA VAL E 22 65.24 -29.28 -27.58
C VAL E 22 65.01 -30.47 -26.67
N LEU E 23 64.11 -31.36 -27.08
CA LEU E 23 63.81 -32.55 -26.32
C LEU E 23 64.86 -33.63 -26.56
N SER E 24 65.09 -34.45 -25.54
CA SER E 24 66.04 -35.55 -25.63
C SER E 24 65.60 -36.67 -24.71
N SER E 25 66.10 -37.88 -24.99
CA SER E 25 65.72 -39.04 -24.20
C SER E 25 66.91 -39.95 -23.91
N ASP E 26 68.14 -39.42 -23.93
CA ASP E 26 69.30 -40.24 -23.63
C ASP E 26 69.32 -40.63 -22.16
N SER E 27 69.73 -41.86 -21.89
CA SER E 27 69.75 -42.36 -20.52
C SER E 27 70.73 -41.57 -19.66
N GLY E 28 71.90 -41.25 -20.21
CA GLY E 28 72.91 -40.52 -19.48
C GLY E 28 73.85 -41.43 -18.72
N PRO E 29 74.55 -40.88 -17.73
CA PRO E 29 75.50 -41.69 -16.96
C PRO E 29 74.80 -42.73 -16.11
N LEU E 30 75.52 -43.80 -15.82
CA LEU E 30 75.02 -44.85 -14.96
C LEU E 30 74.82 -44.34 -13.54
N LEU E 31 73.81 -44.89 -12.85
CA LEU E 31 73.54 -44.47 -11.49
C LEU E 31 74.68 -44.81 -10.54
N SER E 32 75.45 -45.88 -10.85
CA SER E 32 76.60 -46.21 -10.03
C SER E 32 77.70 -45.17 -10.17
N VAL E 33 77.77 -44.49 -11.30
CA VAL E 33 78.79 -43.47 -11.53
C VAL E 33 78.33 -42.11 -11.02
N PHE E 34 77.05 -41.80 -11.20
CA PHE E 34 76.53 -40.50 -10.75
C PHE E 34 76.64 -40.35 -9.24
N ALA E 35 76.38 -41.42 -8.49
CA ALA E 35 76.40 -41.36 -7.04
C ALA E 35 77.79 -41.00 -6.51
N LEU E 36 78.82 -41.66 -7.05
CA LEU E 36 80.18 -41.42 -6.58
C LEU E 36 80.58 -39.97 -6.82
N GLN E 37 80.21 -39.41 -7.97
CA GLN E 37 80.54 -38.02 -8.26
C GLN E 37 79.89 -37.08 -7.26
N GLU E 38 78.62 -37.33 -6.92
CA GLU E 38 77.93 -36.47 -5.95
C GLU E 38 78.57 -36.57 -4.57
N ILE E 39 78.90 -37.78 -4.14
CA ILE E 39 79.52 -37.95 -2.83
C ILE E 39 80.88 -37.27 -2.78
N MET E 40 81.67 -37.43 -3.85
CA MET E 40 82.98 -36.79 -3.90
C MET E 40 82.85 -35.28 -3.93
N GLN E 41 81.84 -34.76 -4.62
CA GLN E 41 81.64 -33.31 -4.65
C GLN E 41 81.25 -32.78 -3.28
N LYS E 42 80.39 -33.50 -2.55
CA LYS E 42 80.06 -33.09 -1.20
C LYS E 42 81.28 -33.10 -0.29
N VAL E 43 82.09 -34.16 -0.40
CA VAL E 43 83.32 -34.22 0.40
C VAL E 43 84.24 -33.06 0.04
N ARG E 44 84.42 -32.78 -1.26
CA ARG E 44 85.24 -31.65 -1.68
C ARG E 44 84.72 -30.35 -1.10
N GLN E 45 83.40 -30.19 -1.04
CA GLN E 45 82.81 -29.04 -0.36
C GLN E 45 83.15 -29.03 1.12
N VAL E 46 83.35 -30.19 1.73
CA VAL E 46 83.70 -30.22 3.16
C VAL E 46 85.06 -29.57 3.41
N GLN E 47 86.09 -29.97 2.65
CA GLN E 47 87.42 -29.38 2.80
C GLN E 47 87.68 -28.25 1.80
N ALA E 48 86.63 -27.55 1.35
CA ALA E 48 86.83 -26.43 0.45
C ALA E 48 87.63 -25.32 1.13
N ASP E 49 87.36 -25.06 2.40
CA ASP E 49 88.07 -24.03 3.15
C ASP E 49 89.50 -24.45 3.44
N ASP E 63 87.45 -39.14 -13.54
CA ASP E 63 88.15 -39.58 -12.35
C ASP E 63 87.37 -40.69 -11.65
N VAL E 64 86.06 -40.71 -11.84
CA VAL E 64 85.22 -41.73 -11.21
C VAL E 64 85.57 -43.11 -11.77
N GLN E 65 85.77 -43.21 -13.08
CA GLN E 65 86.17 -44.48 -13.68
C GLN E 65 87.53 -44.91 -13.18
N LYS E 66 88.45 -43.95 -12.97
CA LYS E 66 89.77 -44.27 -12.44
C LYS E 66 89.69 -44.98 -11.10
N ILE E 67 88.64 -44.69 -10.33
CA ILE E 67 88.43 -45.38 -9.06
C ILE E 67 87.65 -46.68 -9.24
N LEU E 68 86.63 -46.65 -10.11
CA LEU E 68 85.78 -47.82 -10.27
C LEU E 68 86.56 -49.01 -10.82
N ASP E 69 87.37 -48.79 -11.84
CA ASP E 69 88.21 -49.88 -12.34
C ASP E 69 89.24 -50.29 -11.31
N ASP E 70 89.65 -49.37 -10.44
CA ASP E 70 90.60 -49.72 -9.39
C ASP E 70 90.01 -50.72 -8.40
N ILE E 71 88.77 -50.49 -7.96
CA ILE E 71 88.09 -51.52 -7.16
C ILE E 71 87.88 -52.79 -7.97
N LYS E 72 87.48 -52.66 -9.24
CA LYS E 72 87.21 -53.85 -10.05
C LYS E 72 88.46 -54.72 -10.19
N ALA E 73 89.64 -54.11 -10.20
CA ALA E 73 90.88 -54.86 -10.36
C ALA E 73 91.19 -55.75 -9.17
N LEU E 74 90.52 -55.55 -8.03
CA LEU E 74 90.77 -56.37 -6.85
C LEU E 74 90.30 -57.81 -7.02
N ALA E 75 89.51 -58.11 -8.03
CA ALA E 75 89.01 -59.47 -8.24
C ALA E 75 90.06 -60.38 -8.88
N ALA E 76 91.16 -59.84 -9.38
CA ALA E 76 92.20 -60.64 -10.01
C ALA E 76 93.53 -60.47 -9.28
N GLU E 77 93.49 -60.51 -7.95
CA GLU E 77 94.70 -60.32 -7.16
C GLU E 77 95.53 -61.59 -7.09
N GLN E 78 96.84 -61.42 -7.03
CA GLN E 78 97.76 -62.53 -6.83
C GLN E 78 98.82 -62.11 -5.81
N VAL E 79 99.27 -63.09 -5.03
CA VAL E 79 100.30 -62.85 -4.02
C VAL E 79 101.42 -63.86 -4.21
N TYR E 80 101.50 -64.44 -5.41
CA TYR E 80 102.53 -65.40 -5.75
C TYR E 80 102.68 -65.40 -7.26
N LYS E 81 103.70 -66.09 -7.75
CA LYS E 81 103.94 -66.15 -9.18
C LYS E 81 104.63 -67.46 -9.52
N ILE E 82 104.13 -68.12 -10.56
CA ILE E 82 104.76 -69.36 -11.04
C ILE E 82 105.92 -68.97 -11.95
N VAL E 83 107.12 -69.42 -11.59
CA VAL E 83 108.35 -69.00 -12.26
C VAL E 83 109.03 -70.24 -12.83
N LYS E 84 109.58 -70.09 -14.04
CA LYS E 84 110.29 -71.19 -14.69
C LYS E 84 111.63 -71.46 -14.02
N VAL E 85 112.39 -70.41 -13.73
CA VAL E 85 113.73 -70.52 -13.16
C VAL E 85 113.85 -69.56 -11.99
N PRO E 86 114.37 -69.99 -10.84
CA PRO E 86 114.53 -69.07 -9.71
C PRO E 86 115.54 -67.98 -10.03
N SER E 87 115.32 -66.81 -9.44
CA SER E 87 116.22 -65.69 -9.65
C SER E 87 117.60 -66.00 -9.07
N ILE E 88 118.64 -65.57 -9.78
CA ILE E 88 120.01 -65.81 -9.34
C ILE E 88 120.27 -65.00 -8.07
N SER E 89 120.83 -65.66 -7.06
CA SER E 89 121.12 -65.01 -5.79
C SER E 89 122.58 -64.62 -5.61
N PHE E 90 123.48 -65.17 -6.43
CA PHE E 90 124.90 -64.88 -6.31
C PHE E 90 125.48 -64.62 -7.69
N ARG E 91 126.55 -63.83 -7.73
CA ARG E 91 127.27 -63.54 -8.95
C ARG E 91 128.72 -63.29 -8.62
N HIS E 92 129.58 -63.44 -9.63
CA HIS E 92 131.02 -63.37 -9.44
C HIS E 92 131.61 -62.21 -10.25
N ILE E 93 132.66 -61.62 -9.71
CA ILE E 93 133.33 -60.47 -10.31
C ILE E 93 134.79 -60.87 -10.59
N VAL E 94 135.26 -60.54 -11.78
CA VAL E 94 136.63 -60.85 -12.17
C VAL E 94 137.53 -59.68 -11.82
N MET E 95 138.63 -59.96 -11.13
CA MET E 95 139.59 -58.94 -10.70
C MET E 95 140.91 -59.05 -11.47
N GLN E 96 140.84 -59.32 -12.76
CA GLN E 96 142.02 -59.46 -13.62
C GLN E 96 142.93 -60.57 -13.11
N SER E 97 142.33 -61.66 -12.66
CA SER E 97 143.07 -62.80 -12.13
C SER E 97 142.29 -64.07 -12.40
N ARG E 98 143.01 -65.19 -12.41
CA ARG E 98 142.43 -66.49 -12.70
C ARG E 98 142.50 -67.46 -11.53
N ASP E 99 142.98 -67.00 -10.37
CA ASP E 99 143.12 -67.87 -9.20
C ASP E 99 141.96 -67.74 -8.22
N ARG E 100 141.36 -66.55 -8.10
CA ARG E 100 140.26 -66.36 -7.18
C ARG E 100 139.40 -65.20 -7.67
N VAL E 101 138.14 -65.21 -7.25
CA VAL E 101 137.15 -64.20 -7.65
C VAL E 101 136.37 -63.77 -6.42
N LEU E 102 135.56 -62.73 -6.61
CA LEU E 102 134.70 -62.21 -5.56
C LEU E 102 133.30 -62.79 -5.70
N ARG E 103 132.72 -63.23 -4.58
CA ARG E 103 131.36 -63.73 -4.56
C ARG E 103 130.48 -62.68 -3.90
N VAL E 104 129.47 -62.21 -4.64
CA VAL E 104 128.60 -61.12 -4.20
C VAL E 104 127.17 -61.63 -4.14
N ASP E 105 126.50 -61.39 -3.01
CA ASP E 105 125.10 -61.75 -2.85
C ASP E 105 124.24 -60.60 -3.37
N THR E 106 123.49 -60.86 -4.44
CA THR E 106 122.66 -59.82 -5.04
C THR E 106 121.46 -59.44 -4.19
N TYR E 107 121.16 -60.22 -3.15
CA TYR E 107 120.02 -59.89 -2.29
C TYR E 107 120.22 -58.53 -1.63
N TYR E 108 121.37 -58.32 -0.99
CA TYR E 108 121.65 -57.01 -0.40
C TYR E 108 121.83 -55.95 -1.49
N GLU E 109 122.31 -56.34 -2.66
CA GLU E 109 122.47 -55.39 -3.76
C GLU E 109 121.12 -54.78 -4.15
N GLU E 110 120.08 -55.62 -4.26
CA GLU E 110 118.75 -55.11 -4.53
C GLU E 110 118.11 -54.49 -3.29
N MET E 111 118.52 -54.94 -2.11
CA MET E 111 117.90 -54.50 -0.86
C MET E 111 118.32 -53.10 -0.47
N SER E 112 119.54 -52.69 -0.79
CA SER E 112 120.05 -51.40 -0.35
C SER E 112 119.35 -50.22 -1.02
N GLN E 113 118.71 -50.43 -2.16
CA GLN E 113 118.08 -49.35 -2.91
C GLN E 113 116.55 -49.36 -2.81
N VAL E 114 115.99 -50.18 -1.93
CA VAL E 114 114.53 -50.25 -1.81
C VAL E 114 113.98 -48.95 -1.23
N GLY E 115 114.59 -48.46 -0.15
CA GLY E 115 114.11 -47.29 0.54
C GLY E 115 114.85 -46.02 0.17
N ASP E 116 114.35 -44.91 0.70
CA ASP E 116 114.93 -43.60 0.48
C ASP E 116 115.91 -43.28 1.61
N VAL E 117 116.49 -42.07 1.55
CA VAL E 117 117.41 -41.63 2.58
C VAL E 117 116.66 -41.40 3.88
N ILE E 118 117.22 -41.87 4.99
CA ILE E 118 116.60 -41.77 6.30
C ILE E 118 117.19 -40.57 7.02
N THR E 119 116.34 -39.66 7.47
CA THR E 119 116.76 -38.47 8.20
C THR E 119 116.54 -38.67 9.69
N GLU E 120 117.04 -37.71 10.47
CA GLU E 120 116.97 -37.78 11.92
C GLU E 120 115.71 -37.16 12.50
N ASP E 121 114.88 -36.51 11.69
CA ASP E 121 113.71 -35.82 12.21
C ASP E 121 112.45 -36.03 11.37
N GLU E 122 112.41 -37.07 10.55
CA GLU E 122 111.24 -37.38 9.72
C GLU E 122 110.85 -38.83 9.97
N PRO E 123 110.14 -39.10 11.06
CA PRO E 123 109.73 -40.49 11.35
C PRO E 123 108.85 -41.10 10.27
N GLU E 124 108.05 -40.29 9.58
CA GLU E 124 107.15 -40.82 8.56
C GLU E 124 107.93 -41.51 7.45
N LYS E 125 109.00 -40.86 6.98
CA LYS E 125 109.84 -41.47 5.95
C LYS E 125 110.49 -42.75 6.47
N PHE E 126 110.92 -42.74 7.74
CA PHE E 126 111.55 -43.91 8.33
C PHE E 126 110.61 -45.11 8.32
N TYR E 127 109.39 -44.91 8.82
CA TYR E 127 108.44 -46.02 8.89
C TYR E 127 107.96 -46.44 7.51
N SER E 128 107.80 -45.48 6.60
CA SER E 128 107.44 -45.83 5.23
C SER E 128 108.53 -46.67 4.56
N THR E 129 109.80 -46.32 4.80
CA THR E 129 110.90 -47.10 4.27
C THR E 129 110.91 -48.51 4.85
N ILE E 130 110.66 -48.63 6.16
CA ILE E 130 110.61 -49.96 6.78
C ILE E 130 109.50 -50.80 6.15
N ILE E 131 108.32 -50.20 5.98
CA ILE E 131 107.19 -50.94 5.42
C ILE E 131 107.47 -51.34 3.98
N LYS E 132 108.08 -50.44 3.21
CA LYS E 132 108.42 -50.77 1.82
C LYS E 132 109.44 -51.90 1.77
N LYS E 133 110.41 -51.90 2.68
CA LYS E 133 111.38 -52.98 2.72
C LYS E 133 110.71 -54.32 3.04
N VAL E 134 109.78 -54.32 4.01
CA VAL E 134 109.08 -55.55 4.35
C VAL E 134 108.25 -56.05 3.17
N ARG E 135 107.55 -55.14 2.50
CA ARG E 135 106.76 -55.54 1.34
C ARG E 135 107.66 -56.09 0.23
N PHE E 136 108.81 -55.46 0.01
CA PHE E 136 109.74 -55.92 -1.02
C PHE E 136 110.25 -57.33 -0.70
N ILE E 137 110.62 -57.58 0.55
CA ILE E 137 111.15 -58.90 0.89
C ILE E 137 110.04 -59.95 0.78
N ARG E 138 108.82 -59.60 1.16
CA ARG E 138 107.70 -60.53 1.00
C ARG E 138 107.47 -60.85 -0.47
N GLY E 139 107.49 -59.82 -1.33
CA GLY E 139 107.27 -60.05 -2.74
C GLY E 139 108.37 -60.88 -3.38
N LYS E 140 109.62 -60.65 -2.96
CA LYS E 140 110.73 -61.42 -3.51
C LYS E 140 110.73 -62.85 -3.02
N GLY E 141 110.26 -63.10 -1.80
CA GLY E 141 110.33 -64.43 -1.24
C GLY E 141 109.26 -65.40 -1.68
N SER E 142 108.29 -64.98 -2.49
CA SER E 142 107.17 -65.82 -2.89
C SER E 142 107.32 -66.22 -4.36
N PHE E 143 107.56 -67.50 -4.59
CA PHE E 143 107.65 -68.04 -5.95
C PHE E 143 107.50 -69.55 -5.89
N ILE E 144 106.95 -70.11 -6.97
CA ILE E 144 106.71 -71.55 -7.07
C ILE E 144 107.33 -72.05 -8.37
N LEU E 145 108.10 -73.14 -8.26
CA LEU E 145 108.73 -73.74 -9.44
C LEU E 145 107.74 -74.67 -10.14
N HIS E 146 107.67 -74.57 -11.46
CA HIS E 146 106.73 -75.36 -12.25
C HIS E 146 107.41 -76.54 -12.95
N ASP E 147 108.42 -76.28 -13.76
CA ASP E 147 109.09 -77.34 -14.51
C ASP E 147 110.50 -76.88 -14.85
N ILE E 148 111.49 -77.48 -14.20
CA ILE E 148 112.88 -77.07 -14.37
C ILE E 148 113.47 -77.77 -15.58
N PRO E 149 114.40 -77.13 -16.30
CA PRO E 149 115.12 -77.84 -17.36
C PRO E 149 116.03 -78.91 -16.78
N THR E 150 116.27 -79.94 -17.57
CA THR E 150 117.07 -81.07 -17.10
C THR E 150 117.75 -81.74 -18.29
N ARG E 151 118.80 -82.50 -17.99
CA ARG E 151 119.59 -83.18 -19.01
C ARG E 151 120.07 -84.51 -18.46
N ASP E 152 119.97 -85.56 -19.27
CA ASP E 152 120.44 -86.88 -18.86
C ASP E 152 121.96 -86.97 -19.03
N HIS E 153 122.58 -87.81 -18.20
CA HIS E 153 124.02 -87.99 -18.25
C HIS E 153 124.38 -89.35 -17.66
N ARG E 154 124.92 -90.23 -18.51
CA ARG E 154 125.39 -91.56 -18.07
C ARG E 154 124.29 -92.33 -17.36
N GLY E 155 123.06 -92.25 -17.90
CA GLY E 155 121.93 -92.91 -17.30
C GLY E 155 121.32 -92.18 -16.12
N MET E 156 121.86 -91.03 -15.74
CA MET E 156 121.41 -90.26 -14.60
C MET E 156 120.85 -88.93 -15.06
N GLU E 157 119.83 -88.44 -14.34
CA GLU E 157 119.16 -87.20 -14.70
C GLU E 157 119.76 -86.06 -13.89
N VAL E 158 120.29 -85.05 -14.59
CA VAL E 158 120.99 -83.93 -13.97
C VAL E 158 120.32 -82.64 -14.41
N ALA E 159 120.00 -81.78 -13.43
CA ALA E 159 119.43 -80.47 -13.74
C ALA E 159 120.45 -79.60 -14.44
N GLU E 160 119.99 -78.82 -15.42
CA GLU E 160 120.87 -77.94 -16.16
C GLU E 160 121.37 -76.81 -15.28
N PRO E 161 122.56 -76.27 -15.56
CA PRO E 161 123.11 -75.20 -14.71
C PRO E 161 122.27 -73.93 -14.70
N GLU E 162 121.39 -73.74 -15.69
CA GLU E 162 120.62 -72.50 -15.77
C GLU E 162 119.65 -72.35 -14.61
N VAL E 163 119.09 -73.46 -14.12
CA VAL E 163 118.11 -73.39 -13.05
C VAL E 163 118.76 -73.01 -11.72
N LEU E 164 120.07 -73.19 -11.60
CA LEU E 164 120.76 -72.86 -10.36
C LEU E 164 120.75 -71.35 -10.12
N GLY E 165 120.97 -70.97 -8.87
CA GLY E 165 120.87 -69.59 -8.47
C GLY E 165 122.15 -68.79 -8.59
N VAL E 166 123.12 -69.31 -9.34
CA VAL E 166 124.40 -68.64 -9.55
C VAL E 166 124.69 -68.56 -11.04
N GLU E 167 125.35 -67.47 -11.44
CA GLU E 167 125.78 -67.28 -12.82
C GLU E 167 127.29 -67.04 -12.84
N PHE E 168 127.99 -67.74 -13.73
CA PHE E 168 129.44 -67.69 -13.83
C PHE E 168 129.88 -67.70 -15.30
N LYS E 169 129.14 -66.97 -16.15
CA LYS E 169 129.44 -66.99 -17.57
C LYS E 169 130.83 -66.44 -17.87
N ASN E 170 131.20 -65.33 -17.22
CA ASN E 170 132.50 -64.72 -17.47
C ASN E 170 133.65 -65.45 -16.81
N VAL E 171 133.36 -66.38 -15.89
CA VAL E 171 134.42 -67.09 -15.18
C VAL E 171 135.13 -68.07 -16.12
N LEU E 172 134.38 -68.74 -16.99
CA LEU E 172 134.94 -69.81 -17.81
C LEU E 172 136.09 -69.37 -18.71
N PRO E 173 136.01 -68.29 -19.50
CA PRO E 173 137.05 -68.03 -20.49
C PRO E 173 138.44 -67.71 -19.92
N VAL E 174 138.63 -67.77 -18.61
CA VAL E 174 139.93 -67.48 -18.02
C VAL E 174 140.53 -68.65 -17.27
N LEU E 175 139.73 -69.62 -16.82
CA LEU E 175 140.24 -70.73 -16.04
C LEU E 175 141.02 -71.72 -16.91
N THR E 176 141.94 -72.44 -16.26
CA THR E 176 142.72 -73.45 -16.94
C THR E 176 141.90 -74.73 -17.13
N ALA E 177 142.50 -75.68 -17.85
CA ALA E 177 141.81 -76.93 -18.16
C ALA E 177 141.49 -77.73 -16.91
N GLU E 178 142.40 -77.76 -15.93
CA GLU E 178 142.17 -78.52 -14.72
C GLU E 178 140.97 -78.00 -13.94
N HIS E 179 140.94 -76.68 -13.68
CA HIS E 179 139.82 -76.10 -12.95
C HIS E 179 138.54 -76.17 -13.77
N ARG E 180 138.63 -76.04 -15.10
CA ARG E 180 137.46 -76.19 -15.94
C ARG E 180 136.85 -77.58 -15.80
N ALA E 181 137.71 -78.61 -15.83
CA ALA E 181 137.22 -79.97 -15.65
C ALA E 181 136.63 -80.16 -14.25
N MET E 182 137.26 -79.59 -13.24
CA MET E 182 136.75 -79.71 -11.87
C MET E 182 135.36 -79.10 -11.74
N ILE E 183 135.17 -77.88 -12.26
CA ILE E 183 133.86 -77.25 -12.16
C ILE E 183 132.85 -77.94 -13.05
N GLN E 184 133.29 -78.51 -14.18
CA GLN E 184 132.37 -79.28 -15.01
C GLN E 184 131.87 -80.51 -14.28
N ASN E 185 132.76 -81.22 -13.57
CA ASN E 185 132.33 -82.35 -12.76
C ASN E 185 131.41 -81.90 -11.64
N ALA E 186 131.69 -80.75 -11.02
CA ALA E 186 130.82 -80.24 -9.98
C ALA E 186 129.42 -79.95 -10.52
N LEU E 187 129.32 -79.36 -11.71
CA LEU E 187 128.03 -79.15 -12.33
C LEU E 187 127.34 -80.47 -12.64
N ASP E 188 128.08 -81.43 -13.19
CA ASP E 188 127.51 -82.73 -13.53
C ASP E 188 127.08 -83.51 -12.31
N GLY E 189 127.56 -83.15 -11.12
CA GLY E 189 127.16 -83.81 -9.90
C GLY E 189 125.83 -83.38 -9.32
N SER E 190 125.13 -82.44 -9.97
CA SER E 190 123.84 -81.96 -9.48
C SER E 190 122.72 -82.92 -9.90
N ILE E 191 122.74 -84.10 -9.30
CA ILE E 191 121.82 -85.15 -9.66
C ILE E 191 120.50 -84.98 -8.89
N ILE E 192 119.40 -85.30 -9.55
CA ILE E 192 118.10 -85.33 -8.90
C ILE E 192 117.92 -86.69 -8.25
N GLU E 193 117.81 -86.71 -6.92
CA GLU E 193 117.95 -87.97 -6.18
C GLU E 193 116.85 -88.96 -6.53
N ASN E 194 115.66 -88.47 -6.90
CA ASN E 194 114.54 -89.33 -7.25
C ASN E 194 114.25 -89.33 -8.75
N GLY E 195 115.20 -88.86 -9.57
CA GLY E 195 114.94 -88.74 -10.99
C GLY E 195 114.63 -90.07 -11.66
N ASN E 196 115.34 -91.13 -11.26
CA ASN E 196 115.15 -92.44 -11.88
C ASN E 196 113.83 -93.10 -11.48
N VAL E 197 113.13 -92.56 -10.49
CA VAL E 197 111.88 -93.16 -10.04
C VAL E 197 110.81 -92.94 -11.10
N ALA E 198 110.15 -94.03 -11.50
CA ALA E 198 109.09 -93.94 -12.50
C ALA E 198 107.82 -93.36 -11.86
N THR E 199 106.93 -92.86 -12.74
CA THR E 199 105.60 -92.33 -12.42
C THR E 199 105.60 -91.44 -11.17
N ARG E 200 106.70 -90.75 -10.93
CA ARG E 200 106.80 -89.87 -9.78
C ARG E 200 106.01 -88.58 -10.04
N ASP E 201 105.82 -87.81 -8.98
CA ASP E 201 105.02 -86.58 -9.02
C ASP E 201 105.87 -85.31 -9.01
N VAL E 202 106.88 -85.24 -8.13
CA VAL E 202 107.68 -84.04 -7.96
C VAL E 202 109.15 -84.43 -8.02
N ASP E 203 110.00 -83.42 -8.20
CA ASP E 203 111.44 -83.58 -8.21
C ASP E 203 112.09 -82.63 -7.20
N VAL E 204 113.24 -83.03 -6.69
CA VAL E 204 113.97 -82.28 -5.68
C VAL E 204 115.43 -82.19 -6.09
N PHE E 205 116.01 -81.00 -5.93
CA PHE E 205 117.42 -80.81 -6.25
C PHE E 205 118.02 -79.80 -5.28
N ILE E 206 119.33 -79.89 -5.08
CA ILE E 206 120.05 -78.98 -4.21
C ILE E 206 120.35 -77.70 -4.97
N GLY E 207 120.25 -76.57 -4.28
CA GLY E 207 120.52 -75.28 -4.90
C GLY E 207 121.07 -74.25 -3.93
N ALA E 208 121.22 -73.02 -4.39
CA ALA E 208 121.71 -71.92 -3.57
C ALA E 208 120.68 -70.79 -3.56
N CYS E 209 120.39 -70.29 -2.36
CA CYS E 209 119.40 -69.24 -2.21
C CYS E 209 119.66 -68.50 -0.91
N SER E 210 119.35 -67.20 -0.90
CA SER E 210 119.53 -66.40 0.29
C SER E 210 118.54 -66.81 1.37
N GLU E 211 118.99 -66.76 2.62
CA GLU E 211 118.16 -67.18 3.76
C GLU E 211 116.87 -66.38 3.89
N PRO E 212 116.88 -65.03 3.83
CA PRO E 212 115.61 -64.31 4.02
C PRO E 212 114.52 -64.69 3.03
N VAL E 213 114.87 -64.95 1.77
CA VAL E 213 113.86 -65.35 0.81
C VAL E 213 113.60 -66.85 0.87
N TYR E 214 114.59 -67.64 1.26
CA TYR E 214 114.38 -69.07 1.41
C TYR E 214 113.39 -69.36 2.52
N ARG E 215 113.41 -68.56 3.59
CA ARG E 215 112.45 -68.74 4.67
C ARG E 215 111.02 -68.52 4.18
N ILE E 216 110.80 -67.47 3.38
CA ILE E 216 109.47 -67.18 2.87
C ILE E 216 109.04 -68.27 1.89
N TYR E 217 109.97 -68.73 1.05
CA TYR E 217 109.64 -69.82 0.13
C TYR E 217 109.24 -71.09 0.87
N ASN E 218 109.98 -71.43 1.93
CA ASN E 218 109.66 -72.60 2.73
C ASN E 218 108.31 -72.45 3.42
N ARG E 219 108.03 -71.24 3.93
CA ARG E 219 106.73 -71.01 4.56
C ARG E 219 105.58 -71.17 3.56
N LEU E 220 105.75 -70.61 2.36
CA LEU E 220 104.71 -70.77 1.34
C LEU E 220 104.50 -72.23 0.98
N GLN E 221 105.60 -72.97 0.81
CA GLN E 221 105.48 -74.40 0.52
C GLN E 221 104.74 -75.13 1.63
N GLY E 222 105.14 -74.87 2.89
CA GLY E 222 104.50 -75.51 4.03
C GLY E 222 103.01 -75.21 4.10
N TYR E 223 102.63 -73.98 3.76
CA TYR E 223 101.21 -73.68 3.63
C TYR E 223 100.59 -74.51 2.51
N ILE E 224 101.35 -74.75 1.44
CA ILE E 224 100.80 -75.47 0.29
C ILE E 224 100.44 -76.91 0.65
N GLU E 225 101.34 -77.65 1.32
CA GLU E 225 100.96 -79.07 1.41
C GLU E 225 99.82 -79.33 2.39
N ALA E 226 99.26 -78.30 3.02
CA ALA E 226 98.14 -78.45 3.95
C ALA E 226 96.84 -78.42 3.15
N VAL E 227 96.16 -79.57 3.11
CA VAL E 227 94.93 -79.69 2.32
C VAL E 227 93.77 -79.05 3.08
N GLN E 228 92.89 -78.38 2.34
CA GLN E 228 91.81 -77.58 2.92
C GLN E 228 90.48 -77.83 2.20
N LEU E 229 90.19 -79.11 1.95
CA LEU E 229 88.96 -79.46 1.24
C LEU E 229 87.71 -78.99 2.00
N GLN E 230 87.73 -79.14 3.32
CA GLN E 230 86.60 -78.70 4.13
C GLN E 230 86.37 -77.20 4.01
N GLU E 231 87.45 -76.43 3.88
CA GLU E 231 87.32 -74.98 3.70
C GLU E 231 86.57 -74.68 2.41
N LEU E 232 86.92 -75.36 1.32
CA LEU E 232 86.23 -75.17 0.05
C LEU E 232 84.77 -75.58 0.16
N ARG E 233 84.50 -76.70 0.85
CA ARG E 233 83.12 -77.15 1.03
C ARG E 233 82.29 -76.10 1.77
N ASN E 234 82.85 -75.56 2.86
CA ASN E 234 82.14 -74.54 3.63
C ASN E 234 81.95 -73.27 2.81
N SER E 235 82.94 -72.90 2.00
CA SER E 235 82.81 -71.72 1.16
C SER E 235 81.69 -71.90 0.15
N ILE E 236 81.60 -73.07 -0.48
CA ILE E 236 80.55 -73.32 -1.44
C ILE E 236 79.18 -73.32 -0.76
N GLY E 237 79.10 -73.89 0.44
CA GLY E 237 77.85 -73.84 1.18
C GLY E 237 77.41 -72.43 1.50
N TRP E 238 78.35 -71.59 1.92
CA TRP E 238 78.02 -70.19 2.19
C TRP E 238 77.62 -69.47 0.91
N LEU E 239 78.26 -69.79 -0.21
CA LEU E 239 77.86 -69.20 -1.48
C LEU E 239 76.43 -69.58 -1.84
N GLU E 240 76.05 -70.83 -1.60
CA GLU E 240 74.67 -71.25 -1.85
C GLU E 240 73.70 -70.53 -0.93
N ARG E 241 74.06 -70.38 0.34
CA ARG E 241 73.19 -69.65 1.27
C ARG E 241 73.03 -68.19 0.86
N LEU E 242 74.09 -67.58 0.34
CA LEU E 242 73.98 -66.21 -0.17
C LEU E 242 73.10 -66.15 -1.41
N GLY E 243 73.32 -67.07 -2.35
CA GLY E 243 72.51 -67.13 -3.56
C GLY E 243 71.05 -67.39 -3.29
N HIS E 244 70.73 -68.01 -2.15
CA HIS E 244 69.34 -68.13 -1.71
C HIS E 244 68.67 -66.76 -1.67
N ARG E 245 69.35 -65.79 -1.07
CA ARG E 245 68.80 -64.46 -0.87
C ARG E 245 68.94 -63.56 -2.10
N LYS E 246 69.96 -63.77 -2.92
CA LYS E 246 70.22 -62.92 -4.06
C LYS E 246 69.43 -63.31 -5.29
N ARG E 247 68.58 -64.34 -5.20
CA ARG E 247 67.75 -64.81 -6.32
C ARG E 247 68.62 -65.19 -7.53
N ILE E 248 69.62 -66.01 -7.27
CA ILE E 248 70.49 -66.52 -8.32
C ILE E 248 69.89 -67.82 -8.85
N THR E 249 69.95 -67.99 -10.18
CA THR E 249 69.41 -69.19 -10.79
C THR E 249 70.09 -70.43 -10.25
N TYR E 250 69.30 -71.49 -10.04
CA TYR E 250 69.79 -72.71 -9.40
C TYR E 250 70.24 -73.68 -10.48
N SER E 251 71.54 -73.98 -10.50
CA SER E 251 72.06 -74.95 -11.45
C SER E 251 71.54 -76.34 -11.13
N GLN E 252 71.25 -77.11 -12.18
CA GLN E 252 70.73 -78.46 -12.00
C GLN E 252 71.75 -79.40 -11.37
N GLU E 253 73.03 -79.07 -11.46
CA GLU E 253 74.11 -79.92 -10.99
C GLU E 253 74.33 -79.76 -9.49
N VAL E 254 74.82 -80.84 -8.87
CA VAL E 254 75.18 -80.85 -7.46
C VAL E 254 76.65 -81.24 -7.34
N LEU E 255 77.42 -80.44 -6.61
CA LEU E 255 78.86 -80.60 -6.56
C LEU E 255 79.26 -81.92 -5.91
N THR E 256 80.34 -82.51 -6.42
CA THR E 256 80.88 -83.77 -5.93
C THR E 256 82.28 -83.55 -5.35
N ASP E 257 82.63 -84.35 -4.36
CA ASP E 257 83.94 -84.29 -3.73
C ASP E 257 84.88 -85.21 -4.49
N PHE E 258 85.72 -84.62 -5.34
CA PHE E 258 86.68 -85.38 -6.14
C PHE E 258 88.01 -84.65 -6.17
N ARG E 259 89.08 -85.43 -6.33
CA ARG E 259 90.44 -84.90 -6.44
C ARG E 259 91.12 -85.58 -7.62
N ARG E 260 91.47 -84.80 -8.63
CA ARG E 260 92.19 -85.35 -9.77
C ARG E 260 93.62 -85.70 -9.37
N GLN E 261 94.11 -86.83 -9.90
CA GLN E 261 95.44 -87.29 -9.56
C GLN E 261 96.55 -86.42 -10.14
N ASP E 262 96.21 -85.51 -11.05
CA ASP E 262 97.21 -84.66 -11.71
C ASP E 262 97.01 -83.18 -11.39
N THR E 263 96.28 -82.85 -10.32
CA THR E 263 96.01 -81.48 -9.97
C THR E 263 96.38 -81.23 -8.51
N ILE E 264 96.90 -80.03 -8.24
CA ILE E 264 97.22 -79.59 -6.89
C ILE E 264 96.49 -78.27 -6.66
N TRP E 265 95.66 -78.22 -5.62
CA TRP E 265 94.83 -77.06 -5.37
C TRP E 265 95.55 -76.05 -4.48
N VAL E 266 95.27 -74.77 -4.72
CA VAL E 266 95.70 -73.68 -3.86
C VAL E 266 94.49 -72.79 -3.58
N LEU E 267 94.35 -72.37 -2.34
CA LEU E 267 93.23 -71.53 -1.91
C LEU E 267 93.79 -70.40 -1.06
N ALA E 268 94.00 -69.23 -1.69
CA ALA E 268 94.62 -68.11 -1.00
C ALA E 268 93.65 -67.42 -0.04
N LEU E 269 92.35 -67.49 -0.31
CA LEU E 269 91.36 -66.73 0.45
C LEU E 269 90.33 -67.68 1.07
N GLN E 270 89.88 -67.32 2.27
CA GLN E 270 88.77 -68.01 2.92
C GLN E 270 87.53 -67.14 2.80
N LEU E 271 86.43 -67.75 2.36
CA LEU E 271 85.25 -67.00 1.92
C LEU E 271 84.39 -66.42 3.05
N PRO E 272 84.08 -67.17 4.12
CA PRO E 272 83.17 -66.62 5.14
C PRO E 272 83.79 -65.46 5.91
N VAL E 273 83.80 -64.29 5.27
CA VAL E 273 84.42 -63.10 5.86
C VAL E 273 83.65 -62.64 7.09
N ASN E 274 84.37 -62.31 8.14
CA ASN E 274 83.77 -61.79 9.36
C ASN E 274 83.46 -60.30 9.21
N PRO E 275 82.24 -59.86 9.51
CA PRO E 275 81.91 -58.43 9.36
C PRO E 275 82.59 -57.53 10.38
N GLN E 276 83.03 -58.05 11.52
CA GLN E 276 83.69 -57.19 12.50
C GLN E 276 85.01 -56.65 11.95
N VAL E 277 85.69 -57.43 11.11
CA VAL E 277 86.96 -57.00 10.56
C VAL E 277 86.78 -55.73 9.73
N VAL E 278 85.68 -55.64 8.99
CA VAL E 278 85.46 -54.50 8.12
C VAL E 278 84.73 -53.37 8.85
N TRP E 279 83.95 -53.67 9.88
CA TRP E 279 83.20 -52.65 10.58
C TRP E 279 83.88 -52.14 11.86
N ASP E 280 85.06 -52.65 12.19
CA ASP E 280 85.78 -52.14 13.35
C ASP E 280 86.65 -50.93 13.02
N VAL E 281 86.85 -50.63 11.75
CA VAL E 281 87.70 -49.49 11.37
C VAL E 281 87.00 -48.20 11.76
N PRO E 282 87.64 -47.31 12.52
CA PRO E 282 86.98 -46.06 12.90
C PRO E 282 86.75 -45.16 11.70
N ARG E 283 85.63 -44.43 11.75
CA ARG E 283 85.25 -43.45 10.71
C ARG E 283 85.23 -44.10 9.34
N SER E 284 84.64 -45.29 9.25
CA SER E 284 84.55 -46.04 8.01
C SER E 284 83.14 -46.08 7.43
N SER E 285 82.23 -45.26 7.95
CA SER E 285 80.85 -45.28 7.46
C SER E 285 80.79 -44.82 6.01
N ILE E 286 81.44 -43.70 5.69
CA ILE E 286 81.45 -43.21 4.32
C ILE E 286 82.16 -44.19 3.40
N ALA E 287 83.27 -44.77 3.87
CA ALA E 287 84.01 -45.74 3.07
C ALA E 287 83.14 -46.95 2.74
N ASN E 288 82.46 -47.49 3.75
CA ASN E 288 81.60 -48.65 3.53
C ASN E 288 80.44 -48.31 2.60
N LEU E 289 79.85 -47.13 2.77
CA LEU E 289 78.76 -46.72 1.90
C LEU E 289 79.22 -46.62 0.45
N ILE E 290 80.39 -46.00 0.23
CA ILE E 290 80.90 -45.85 -1.13
C ILE E 290 81.19 -47.21 -1.75
N MET E 291 81.83 -48.10 -0.97
CA MET E 291 82.15 -49.42 -1.51
C MET E 291 80.89 -50.19 -1.85
N ASN E 292 79.89 -50.15 -0.96
CA ASN E 292 78.64 -50.87 -1.20
C ASN E 292 77.92 -50.32 -2.43
N ILE E 293 77.84 -49.00 -2.56
CA ILE E 293 77.09 -48.42 -3.67
C ILE E 293 77.85 -48.63 -4.99
N ALA E 294 79.17 -48.77 -4.91
CA ALA E 294 79.93 -49.09 -6.11
C ALA E 294 79.75 -50.55 -6.52
N THR E 295 79.66 -51.45 -5.54
CA THR E 295 79.67 -52.87 -5.86
C THR E 295 78.29 -53.49 -6.03
N CYS E 296 77.22 -52.82 -5.58
CA CYS E 296 75.91 -53.45 -5.57
C CYS E 296 74.81 -52.63 -6.24
N LEU E 297 74.88 -51.31 -6.19
CA LEU E 297 73.77 -50.49 -6.69
C LEU E 297 73.64 -50.63 -8.21
N PRO E 298 72.47 -51.02 -8.72
CA PRO E 298 72.30 -51.14 -10.17
C PRO E 298 71.79 -49.84 -10.80
N THR E 299 71.98 -49.76 -12.11
CA THR E 299 71.47 -48.63 -12.87
C THR E 299 69.97 -48.79 -13.11
N GLY E 300 69.36 -47.78 -13.71
CA GLY E 300 67.93 -47.82 -13.94
C GLY E 300 67.51 -46.75 -14.91
N GLU E 301 66.20 -46.63 -15.09
CA GLU E 301 65.64 -45.68 -16.04
C GLU E 301 64.35 -45.12 -15.44
N TYR E 302 63.97 -43.93 -15.89
CA TYR E 302 62.86 -43.19 -15.29
C TYR E 302 61.70 -43.08 -16.29
N ILE E 303 60.49 -43.35 -15.80
CA ILE E 303 59.29 -43.42 -16.62
C ILE E 303 58.19 -42.58 -15.98
N ALA E 304 57.50 -41.78 -16.81
CA ALA E 304 56.34 -41.01 -16.39
C ALA E 304 55.13 -41.92 -16.23
N PRO E 305 54.14 -41.52 -15.41
CA PRO E 305 52.98 -42.40 -15.22
C PRO E 305 52.21 -42.68 -16.50
N ASN E 306 52.15 -41.69 -17.40
CA ASN E 306 51.55 -41.87 -18.70
C ASN E 306 52.63 -41.78 -19.76
N PRO E 307 52.83 -42.82 -20.58
CA PRO E 307 53.86 -42.75 -21.61
C PRO E 307 53.48 -41.77 -22.72
N ARG E 308 54.51 -41.36 -23.47
CA ARG E 308 54.37 -40.57 -24.70
C ARG E 308 53.51 -39.32 -24.49
N ILE E 309 53.59 -38.71 -23.31
CA ILE E 309 52.89 -37.44 -23.08
C ILE E 309 53.48 -36.30 -23.89
N SER E 310 54.70 -36.46 -24.40
CA SER E 310 55.28 -35.44 -25.27
C SER E 310 54.54 -35.34 -26.59
N SER E 311 53.89 -36.41 -27.03
CA SER E 311 53.16 -36.38 -28.30
C SER E 311 51.84 -35.64 -28.17
N ILE E 312 51.18 -35.76 -27.02
CA ILE E 312 49.88 -35.13 -26.86
C ILE E 312 50.04 -33.62 -26.73
N THR E 313 49.02 -32.88 -27.18
CA THR E 313 49.07 -31.44 -27.17
C THR E 313 48.93 -30.90 -25.75
N LEU E 314 49.47 -29.70 -25.52
CA LEU E 314 49.47 -29.12 -24.18
C LEU E 314 48.05 -28.88 -23.67
N THR E 315 47.12 -28.55 -24.56
CA THR E 315 45.75 -28.25 -24.13
C THR E 315 45.09 -29.44 -23.44
N GLN E 316 45.41 -30.66 -23.87
CA GLN E 316 44.87 -31.83 -23.21
C GLN E 316 45.53 -32.13 -21.87
N ARG E 317 46.67 -31.51 -21.58
CA ARG E 317 47.33 -31.71 -20.29
C ARG E 317 46.92 -30.67 -19.26
N ILE E 318 46.72 -29.42 -19.68
CA ILE E 318 46.26 -28.36 -18.79
C ILE E 318 44.75 -28.24 -18.97
N THR E 319 44.00 -28.60 -17.93
CA THR E 319 42.55 -28.69 -18.02
C THR E 319 41.80 -27.72 -17.12
N THR E 320 42.40 -27.30 -16.01
CA THR E 320 41.70 -26.49 -15.02
C THR E 320 42.65 -25.39 -14.54
N THR E 321 42.29 -24.75 -13.43
CA THR E 321 43.10 -23.72 -12.82
C THR E 321 43.55 -24.17 -11.43
N GLY E 322 44.60 -23.51 -10.92
CA GLY E 322 45.14 -23.84 -9.63
C GLY E 322 46.62 -24.20 -9.71
N PRO E 323 47.26 -24.31 -8.54
CA PRO E 323 48.69 -24.65 -8.55
C PRO E 323 48.99 -25.99 -9.21
N PHE E 324 48.14 -27.00 -9.00
CA PHE E 324 48.39 -28.30 -9.62
C PHE E 324 48.23 -28.23 -11.13
N ALA E 325 47.26 -27.44 -11.60
CA ALA E 325 47.09 -27.28 -13.05
C ALA E 325 48.31 -26.62 -13.68
N ILE E 326 48.87 -25.61 -13.01
CA ILE E 326 50.09 -24.99 -13.51
C ILE E 326 51.24 -25.99 -13.50
N LEU E 327 51.36 -26.76 -12.41
CA LEU E 327 52.43 -27.76 -12.32
C LEU E 327 52.29 -28.83 -13.39
N THR E 328 51.08 -29.31 -13.61
CA THR E 328 50.86 -30.33 -14.62
C THR E 328 51.07 -29.78 -16.02
N GLY E 329 51.69 -30.58 -16.88
CA GLY E 329 51.95 -30.19 -18.24
C GLY E 329 53.31 -29.60 -18.50
N SER E 330 54.01 -29.15 -17.47
CA SER E 330 55.35 -28.59 -17.63
C SER E 330 56.37 -29.71 -17.77
N THR E 331 57.32 -29.51 -18.67
CA THR E 331 58.32 -30.56 -18.79
C THR E 331 59.56 -30.23 -17.96
N PRO E 332 60.15 -31.23 -17.30
CA PRO E 332 61.32 -30.97 -16.46
C PRO E 332 62.54 -30.63 -17.29
N THR E 333 63.42 -29.81 -16.71
CA THR E 333 64.70 -29.51 -17.31
C THR E 333 65.68 -30.66 -17.04
N ALA E 334 66.78 -30.65 -17.79
CA ALA E 334 67.78 -31.70 -17.63
C ALA E 334 68.42 -31.67 -16.25
N GLN E 335 68.67 -30.46 -15.71
CA GLN E 335 69.34 -30.34 -14.43
C GLN E 335 68.51 -30.94 -13.31
N GLN E 336 67.19 -30.72 -13.33
CA GLN E 336 66.33 -31.25 -12.27
C GLN E 336 66.27 -32.76 -12.26
N LEU E 337 66.60 -33.41 -13.39
CA LEU E 337 66.68 -34.87 -13.39
C LEU E 337 67.77 -35.35 -12.44
N ASN E 338 68.87 -34.61 -12.33
CA ASN E 338 69.91 -34.97 -11.38
C ASN E 338 69.41 -34.92 -9.96
N ASP E 339 68.61 -33.91 -9.63
CA ASP E 339 68.03 -33.84 -8.28
C ASP E 339 67.03 -34.96 -8.05
N VAL E 340 66.28 -35.34 -9.08
CA VAL E 340 65.40 -36.51 -8.95
C VAL E 340 66.23 -37.76 -8.67
N ARG E 341 67.37 -37.89 -9.35
CA ARG E 341 68.28 -39.01 -9.08
C ARG E 341 68.77 -38.97 -7.64
N LYS E 342 69.10 -37.78 -7.13
CA LYS E 342 69.53 -37.66 -5.75
C LYS E 342 68.43 -38.10 -4.79
N ILE E 343 67.19 -37.70 -5.06
CA ILE E 343 66.06 -38.07 -4.20
C ILE E 343 65.90 -39.59 -4.18
N TYR E 344 65.94 -40.22 -5.35
CA TYR E 344 65.84 -41.67 -5.39
C TYR E 344 67.01 -42.34 -4.68
N LEU E 345 68.22 -41.80 -4.86
CA LEU E 345 69.39 -42.33 -4.17
C LEU E 345 69.18 -42.30 -2.66
N ALA E 346 68.65 -41.21 -2.14
CA ALA E 346 68.32 -41.16 -0.73
C ALA E 346 67.22 -42.15 -0.39
N LEU E 347 66.33 -42.44 -1.33
CA LEU E 347 65.27 -43.41 -1.07
C LEU E 347 65.83 -44.81 -0.86
N MET E 348 66.80 -45.23 -1.69
CA MET E 348 67.37 -46.55 -1.50
C MET E 348 68.12 -46.70 -0.17
N PHE E 349 68.81 -45.64 0.27
CA PHE E 349 69.55 -45.72 1.53
C PHE E 349 68.82 -44.91 2.60
N PRO E 350 68.11 -45.57 3.52
CA PRO E 350 67.24 -44.83 4.45
C PRO E 350 67.99 -43.94 5.43
N GLY E 351 68.94 -44.50 6.16
CA GLY E 351 69.58 -43.78 7.25
C GLY E 351 70.93 -43.17 6.92
N GLN E 352 71.44 -43.43 5.73
CA GLN E 352 72.77 -42.96 5.35
C GLN E 352 72.74 -41.74 4.44
N ILE E 353 71.63 -41.48 3.76
CA ILE E 353 71.49 -40.32 2.88
C ILE E 353 70.30 -39.50 3.39
N ILE E 354 70.52 -38.20 3.57
CA ILE E 354 69.50 -37.30 4.08
C ILE E 354 69.39 -36.10 3.14
N LEU E 355 68.17 -35.58 3.02
CA LEU E 355 67.89 -34.49 2.09
C LEU E 355 67.89 -33.14 2.81
N ASP E 356 68.09 -32.09 2.02
CA ASP E 356 67.94 -30.71 2.48
C ASP E 356 67.57 -29.84 1.29
N LEU E 357 67.01 -28.68 1.58
CA LEU E 357 66.52 -27.78 0.54
C LEU E 357 67.59 -26.78 0.13
N LYS E 358 67.71 -26.57 -1.18
CA LYS E 358 68.63 -25.59 -1.73
C LYS E 358 67.90 -24.26 -1.91
N ILE E 359 68.27 -23.27 -1.11
CA ILE E 359 67.68 -21.93 -1.17
C ILE E 359 68.78 -20.95 -1.54
N ASP E 360 68.61 -20.28 -2.67
CA ASP E 360 69.53 -19.22 -3.05
C ASP E 360 68.99 -17.88 -2.58
N PRO E 361 69.79 -17.07 -1.88
CA PRO E 361 69.27 -15.79 -1.36
C PRO E 361 68.81 -14.84 -2.45
N GLY E 362 69.31 -14.98 -3.67
CA GLY E 362 68.92 -14.10 -4.75
C GLY E 362 68.11 -14.78 -5.83
N GLU E 363 67.19 -15.66 -5.45
CA GLU E 363 66.34 -16.37 -6.40
C GLU E 363 64.89 -16.26 -5.96
N ARG E 364 64.00 -16.59 -6.89
CA ARG E 364 62.56 -16.52 -6.64
C ARG E 364 61.87 -17.54 -7.55
N MET E 365 60.56 -17.68 -7.37
CA MET E 365 59.82 -18.71 -8.08
C MET E 365 58.32 -18.40 -7.94
N ASP E 366 57.53 -19.07 -8.77
CA ASP E 366 56.09 -19.02 -8.65
C ASP E 366 55.70 -19.81 -7.40
N PRO E 367 54.95 -19.23 -6.47
CA PRO E 367 54.65 -19.95 -5.21
C PRO E 367 53.90 -21.26 -5.42
N ALA E 368 53.29 -21.47 -6.59
CA ALA E 368 52.56 -22.71 -6.83
C ALA E 368 53.47 -23.91 -6.73
N VAL E 369 54.71 -23.79 -7.22
CA VAL E 369 55.62 -24.93 -7.16
C VAL E 369 56.00 -25.24 -5.70
N ARG E 370 56.18 -24.21 -4.88
CA ARG E 370 56.45 -24.44 -3.47
C ARG E 370 55.25 -25.11 -2.79
N MET E 371 54.03 -24.66 -3.13
CA MET E 371 52.83 -25.25 -2.56
C MET E 371 52.75 -26.73 -2.89
N VAL E 372 52.96 -27.06 -4.17
CA VAL E 372 52.85 -28.44 -4.62
C VAL E 372 53.94 -29.30 -4.00
N ALA E 373 55.16 -28.77 -3.91
CA ALA E 373 56.24 -29.52 -3.28
C ALA E 373 55.93 -29.80 -1.81
N GLY E 374 55.38 -28.81 -1.11
CA GLY E 374 55.00 -29.02 0.28
C GLY E 374 53.93 -30.08 0.43
N VAL E 375 52.96 -30.09 -0.47
CA VAL E 375 51.92 -31.12 -0.42
C VAL E 375 52.51 -32.50 -0.69
N VAL E 376 53.38 -32.59 -1.69
CA VAL E 376 53.90 -33.89 -2.12
C VAL E 376 54.84 -34.49 -1.08
N GLY E 377 55.67 -33.65 -0.45
CA GLY E 377 56.74 -34.17 0.39
C GLY E 377 56.24 -35.05 1.53
N HIS E 378 55.07 -34.73 2.06
CA HIS E 378 54.52 -35.53 3.16
C HIS E 378 54.25 -36.97 2.73
N LEU E 379 53.69 -37.15 1.53
CA LEU E 379 53.43 -38.49 1.04
C LEU E 379 54.69 -39.18 0.53
N LEU E 380 55.61 -38.42 -0.07
CA LEU E 380 56.75 -39.02 -0.73
C LEU E 380 57.79 -39.54 0.24
N PHE E 381 58.00 -38.87 1.37
CA PHE E 381 59.07 -39.20 2.29
C PHE E 381 58.51 -39.77 3.59
N THR E 382 59.42 -40.25 4.44
CA THR E 382 59.09 -40.73 5.76
C THR E 382 60.04 -40.08 6.77
N ALA E 383 59.57 -39.93 8.00
CA ALA E 383 60.36 -39.30 9.05
C ALA E 383 59.77 -39.69 10.40
N GLY E 384 60.64 -40.13 11.31
CA GLY E 384 60.22 -40.48 12.65
C GLY E 384 59.85 -41.95 12.79
N GLY E 385 59.68 -42.36 14.04
CA GLY E 385 59.34 -43.74 14.35
C GLY E 385 60.54 -44.65 14.41
N ARG E 386 61.09 -44.99 13.25
CA ARG E 386 62.26 -45.86 13.17
C ARG E 386 63.46 -45.20 12.52
N PHE E 387 63.24 -44.44 11.44
CA PHE E 387 64.33 -43.75 10.77
C PHE E 387 63.75 -42.56 10.03
N THR E 388 64.64 -41.73 9.48
CA THR E 388 64.24 -40.54 8.77
C THR E 388 65.05 -40.41 7.47
N ASN E 389 64.47 -39.70 6.51
CA ASN E 389 65.13 -39.41 5.25
C ASN E 389 65.42 -37.93 5.06
N LEU E 390 64.95 -37.07 5.95
CA LEU E 390 65.09 -35.63 5.78
C LEU E 390 65.36 -34.99 7.13
N THR E 391 66.06 -33.85 7.10
CA THR E 391 66.44 -33.16 8.32
C THR E 391 65.22 -32.48 8.94
N GLN E 392 65.39 -32.05 10.19
CA GLN E 392 64.30 -31.36 10.90
C GLN E 392 63.94 -30.06 10.21
N ASN E 393 64.94 -29.33 9.71
CA ASN E 393 64.66 -28.07 9.02
C ASN E 393 63.81 -28.30 7.77
N MET E 394 64.11 -29.33 7.00
CA MET E 394 63.31 -29.64 5.82
C MET E 394 61.88 -29.99 6.21
N ALA E 395 61.72 -30.74 7.31
CA ALA E 395 60.37 -31.04 7.79
C ALA E 395 59.62 -29.77 8.14
N ARG E 396 60.29 -28.82 8.81
CA ARG E 396 59.63 -27.57 9.16
C ARG E 396 59.22 -26.78 7.92
N GLN E 397 60.11 -26.70 6.92
CA GLN E 397 59.76 -25.99 5.70
C GLN E 397 58.60 -26.65 4.97
N LEU E 398 58.58 -27.99 4.93
CA LEU E 398 57.47 -28.68 4.28
C LEU E 398 56.17 -28.44 5.02
N ASP E 399 56.22 -28.43 6.36
CA ASP E 399 55.01 -28.14 7.14
C ASP E 399 54.52 -26.73 6.86
N ILE E 400 55.43 -25.76 6.78
CA ILE E 400 55.03 -24.38 6.49
C ILE E 400 54.40 -24.29 5.09
N ALA E 401 54.99 -24.97 4.11
CA ALA E 401 54.43 -24.96 2.77
C ALA E 401 53.05 -25.59 2.74
N LEU E 402 52.86 -26.70 3.45
CA LEU E 402 51.55 -27.32 3.51
C LEU E 402 50.53 -26.41 4.17
N ASN E 403 50.93 -25.72 5.24
CA ASN E 403 50.05 -24.74 5.88
C ASN E 403 49.62 -23.66 4.90
N ASP E 404 50.60 -23.10 4.17
CA ASP E 404 50.29 -22.05 3.20
C ASP E 404 49.35 -22.55 2.12
N TYR E 405 49.56 -23.78 1.65
CA TYR E 405 48.65 -24.34 0.65
C TYR E 405 47.25 -24.52 1.20
N LEU E 406 47.14 -25.00 2.44
CA LEU E 406 45.83 -25.22 3.04
C LEU E 406 45.07 -23.92 3.23
N LEU E 407 45.77 -22.82 3.51
CA LEU E 407 45.13 -21.52 3.60
C LEU E 407 45.18 -20.74 2.29
N TYR E 408 45.16 -21.43 1.15
CA TYR E 408 45.11 -20.79 -0.16
C TYR E 408 43.72 -21.01 -0.74
N MET E 409 42.87 -19.97 -0.64
CA MET E 409 41.49 -20.05 -1.10
C MET E 409 41.41 -19.60 -2.56
N TYR E 410 41.90 -20.47 -3.45
CA TYR E 410 42.01 -20.13 -4.85
C TYR E 410 40.73 -20.39 -5.64
N ASN E 411 39.89 -21.33 -5.20
CA ASN E 411 38.69 -21.66 -5.93
C ASN E 411 37.42 -21.58 -5.09
N THR E 412 37.49 -21.96 -3.82
CA THR E 412 36.33 -21.93 -2.95
C THR E 412 36.78 -21.59 -1.53
N ARG E 413 35.83 -21.14 -0.72
CA ARG E 413 36.10 -20.72 0.65
C ARG E 413 35.39 -21.63 1.64
N VAL E 414 36.11 -22.00 2.70
CA VAL E 414 35.56 -22.81 3.79
C VAL E 414 35.95 -22.16 5.11
N GLN E 415 35.16 -22.44 6.14
CA GLN E 415 35.41 -21.88 7.45
C GLN E 415 36.59 -22.57 8.11
N VAL E 416 37.36 -21.80 8.87
CA VAL E 416 38.55 -22.29 9.57
C VAL E 416 38.61 -21.67 10.96
N ASN E 417 38.97 -22.48 11.95
CA ASN E 417 39.14 -22.03 13.32
C ASN E 417 40.60 -22.17 13.71
N TYR E 418 41.21 -21.07 14.14
CA TYR E 418 42.63 -21.06 14.46
C TYR E 418 42.85 -21.47 15.91
N GLY E 419 44.03 -22.02 16.18
CA GLY E 419 44.38 -22.47 17.51
C GLY E 419 45.04 -21.38 18.33
N PRO E 420 45.12 -21.59 19.64
CA PRO E 420 45.75 -20.58 20.51
C PRO E 420 47.21 -20.33 20.19
N THR E 421 47.95 -21.36 19.78
CA THR E 421 49.37 -21.23 19.51
C THR E 421 49.62 -20.80 18.07
N GLY E 422 50.79 -20.23 17.84
CA GLY E 422 51.19 -19.75 16.53
C GLY E 422 51.90 -20.76 15.66
N GLU E 423 52.02 -22.01 16.10
CA GLU E 423 52.69 -23.01 15.30
C GLU E 423 51.87 -23.32 14.04
N PRO E 424 52.55 -23.67 12.94
CA PRO E 424 51.82 -23.98 11.70
C PRO E 424 50.95 -25.23 11.85
N LEU E 425 49.89 -25.28 11.04
CA LEU E 425 48.95 -26.40 10.99
C LEU E 425 48.18 -26.56 12.30
N ASP E 426 48.11 -25.52 13.11
CA ASP E 426 47.34 -25.57 14.36
C ASP E 426 45.98 -24.91 14.15
N PHE E 427 45.14 -25.60 13.38
CA PHE E 427 43.81 -25.09 13.07
C PHE E 427 42.92 -26.25 12.66
N GLN E 428 41.61 -25.99 12.69
CA GLN E 428 40.60 -26.93 12.22
C GLN E 428 39.89 -26.34 11.02
N ILE E 429 39.70 -27.16 9.98
CA ILE E 429 39.19 -26.69 8.71
C ILE E 429 38.03 -27.59 8.27
N GLY E 430 37.17 -27.02 7.42
CA GLY E 430 36.06 -27.76 6.83
C GLY E 430 34.81 -27.72 7.70
N ARG E 431 33.68 -28.06 7.07
CA ARG E 431 32.44 -28.16 7.81
C ARG E 431 32.52 -29.24 8.88
N ASN E 432 33.11 -30.39 8.55
CA ASN E 432 33.47 -31.38 9.54
C ASN E 432 34.84 -31.03 10.10
N GLN E 433 34.91 -30.82 11.41
CA GLN E 433 36.12 -30.30 12.05
C GLN E 433 37.22 -31.35 11.98
N TYR E 434 38.18 -31.14 11.09
CA TYR E 434 39.35 -32.01 10.96
C TYR E 434 40.55 -31.32 11.57
N ASP E 435 41.25 -32.03 12.45
CA ASP E 435 42.42 -31.48 13.14
C ASP E 435 43.66 -31.67 12.26
N CYS E 436 44.30 -30.58 11.89
CA CYS E 436 45.48 -30.61 11.06
C CYS E 436 46.77 -30.68 11.87
N ASN E 437 46.67 -30.68 13.20
CA ASN E 437 47.88 -30.75 14.04
C ASN E 437 48.60 -32.08 13.90
N VAL E 438 47.92 -33.13 13.47
CA VAL E 438 48.57 -34.43 13.31
C VAL E 438 49.59 -34.43 12.19
N PHE E 439 49.48 -33.51 11.24
CA PHE E 439 50.41 -33.47 10.12
C PHE E 439 51.70 -32.71 10.42
N ARG E 440 51.82 -32.09 11.58
CA ARG E 440 53.06 -31.46 11.96
C ARG E 440 54.11 -32.52 12.29
N ALA E 441 55.35 -32.27 11.87
CA ALA E 441 56.40 -33.26 12.01
C ALA E 441 56.74 -33.51 13.48
N ASP E 442 56.98 -34.77 13.81
CA ASP E 442 57.38 -35.16 15.16
C ASP E 442 58.18 -36.45 15.05
N PHE E 443 59.50 -36.35 15.19
CA PHE E 443 60.37 -37.51 15.00
C PHE E 443 60.20 -38.56 16.09
N ALA E 444 59.58 -38.21 17.22
CA ALA E 444 59.35 -39.20 18.26
C ALA E 444 58.39 -40.29 17.80
N THR E 445 57.34 -39.90 17.07
CA THR E 445 56.34 -40.85 16.61
C THR E 445 56.13 -40.87 15.10
N GLY E 446 56.58 -39.86 14.37
CA GLY E 446 56.44 -39.84 12.93
C GLY E 446 55.02 -39.82 12.42
N THR E 447 54.20 -38.93 13.01
CA THR E 447 52.79 -38.87 12.62
C THR E 447 52.61 -38.26 11.23
N GLY E 448 53.44 -37.29 10.85
CA GLY E 448 53.17 -36.53 9.66
C GLY E 448 53.60 -37.17 8.35
N TYR E 449 54.24 -38.33 8.37
CA TYR E 449 54.83 -38.90 7.16
C TYR E 449 54.52 -40.40 7.11
N ASN E 450 55.22 -41.09 6.19
CA ASN E 450 54.89 -42.48 5.87
C ASN E 450 55.07 -43.42 7.04
N GLY E 451 55.79 -43.01 8.09
CA GLY E 451 55.95 -43.84 9.26
C GLY E 451 54.80 -43.80 10.23
N TRP E 452 53.68 -43.21 9.84
CA TRP E 452 52.54 -43.03 10.73
C TRP E 452 51.78 -44.34 10.89
N ALA E 453 51.75 -44.86 12.12
CA ALA E 453 50.91 -45.99 12.50
C ALA E 453 51.23 -47.27 11.74
N THR E 454 52.35 -47.29 11.03
CA THR E 454 52.78 -48.47 10.29
C THR E 454 54.17 -48.90 10.75
N ILE E 455 54.44 -50.20 10.65
CA ILE E 455 55.73 -50.78 10.98
C ILE E 455 56.43 -51.14 9.68
N ASP E 456 57.68 -50.70 9.53
CA ASP E 456 58.42 -50.87 8.30
C ASP E 456 59.68 -51.72 8.42
N VAL E 457 60.20 -51.90 9.63
CA VAL E 457 61.40 -52.70 9.86
C VAL E 457 61.03 -53.90 10.71
N GLU E 458 61.50 -55.07 10.31
CA GLU E 458 61.15 -56.32 10.98
C GLU E 458 62.27 -57.33 10.81
N TYR E 459 62.17 -58.43 11.55
CA TYR E 459 63.13 -59.52 11.49
C TYR E 459 62.36 -60.81 11.26
N ARG E 460 62.84 -61.62 10.30
CA ARG E 460 62.14 -62.84 9.92
C ARG E 460 62.94 -64.09 10.26
N GLU E 461 64.17 -64.20 9.76
CA GLU E 461 64.96 -65.41 9.92
C GLU E 461 66.42 -65.05 9.68
N PRO E 462 67.36 -65.86 10.17
CA PRO E 462 68.78 -65.50 10.06
C PRO E 462 69.21 -65.26 8.61
N ALA E 463 70.04 -64.24 8.43
CA ALA E 463 70.51 -63.79 7.14
C ALA E 463 71.90 -64.36 6.86
N PRO E 464 72.31 -64.38 5.59
CA PRO E 464 73.69 -64.80 5.29
C PRO E 464 74.74 -63.96 5.97
N TYR E 465 74.47 -62.67 6.17
CA TYR E 465 75.34 -61.80 6.96
C TYR E 465 74.74 -61.64 8.35
N VAL E 466 75.48 -62.07 9.37
CA VAL E 466 74.94 -62.06 10.73
C VAL E 466 74.79 -60.64 11.26
N HIS E 467 75.63 -59.71 10.79
CA HIS E 467 75.60 -58.36 11.34
C HIS E 467 74.36 -57.59 10.91
N ALA E 468 73.77 -57.94 9.76
CA ALA E 468 72.60 -57.25 9.23
C ALA E 468 71.52 -58.28 8.91
N GLN E 469 70.44 -58.27 9.70
CA GLN E 469 69.34 -59.21 9.50
C GLN E 469 68.00 -58.53 9.32
N ARG E 470 67.96 -57.20 9.26
CA ARG E 470 66.70 -56.48 9.20
C ARG E 470 66.10 -56.52 7.79
N TYR E 471 64.81 -56.24 7.73
CA TYR E 471 64.08 -56.12 6.47
C TYR E 471 63.45 -54.73 6.40
N ILE E 472 63.45 -54.14 5.21
CA ILE E 472 62.89 -52.81 4.99
C ILE E 472 61.63 -52.96 4.15
N ARG E 473 60.53 -52.37 4.63
CA ARG E 473 59.24 -52.44 3.95
C ARG E 473 58.61 -51.05 3.96
N TYR E 474 58.89 -50.27 2.93
CA TYR E 474 58.24 -48.98 2.77
C TYR E 474 56.74 -49.19 2.57
N CYS E 475 55.94 -48.39 3.29
CA CYS E 475 54.48 -48.42 3.23
C CYS E 475 53.89 -49.77 3.63
N GLY E 476 54.70 -50.66 4.20
CA GLY E 476 54.20 -51.93 4.68
C GLY E 476 53.92 -52.97 3.62
N ILE E 477 54.32 -52.73 2.37
CA ILE E 477 54.06 -53.67 1.29
C ILE E 477 55.24 -54.60 1.13
N ASP E 478 54.96 -55.84 0.71
CA ASP E 478 55.98 -56.85 0.49
C ASP E 478 55.70 -57.58 -0.81
N SER E 479 56.75 -58.17 -1.37
CA SER E 479 56.64 -58.88 -2.65
C SER E 479 56.07 -60.29 -2.49
N ARG E 480 55.90 -60.77 -1.27
CA ARG E 480 55.37 -62.11 -1.04
C ARG E 480 54.10 -62.06 -0.20
N GLY E 489 49.25 -54.67 -7.37
CA GLY E 489 49.38 -53.39 -6.69
C GLY E 489 48.09 -52.59 -6.71
N ILE E 490 46.97 -53.29 -6.78
CA ILE E 490 45.65 -52.65 -6.83
C ILE E 490 44.94 -52.86 -5.50
N GLY E 491 44.50 -51.75 -4.88
CA GLY E 491 43.71 -51.78 -3.68
C GLY E 491 44.49 -51.54 -2.40
N MET E 492 45.79 -51.79 -2.41
CA MET E 492 46.59 -51.59 -1.20
C MET E 492 46.75 -50.09 -0.93
N THR E 493 46.55 -49.71 0.33
CA THR E 493 46.73 -48.33 0.77
C THR E 493 47.43 -48.35 2.13
N TYR E 494 47.63 -47.16 2.69
CA TYR E 494 48.20 -47.03 4.03
C TYR E 494 47.57 -45.83 4.73
N HIS E 495 47.78 -45.79 6.05
CA HIS E 495 47.03 -44.85 6.89
C HIS E 495 47.32 -43.40 6.52
N CYS E 496 48.58 -43.07 6.26
CA CYS E 496 48.96 -41.68 5.98
C CYS E 496 48.26 -41.17 4.72
N TYR E 497 48.20 -41.99 3.67
CA TYR E 497 47.60 -41.54 2.43
C TYR E 497 46.09 -41.38 2.59
N ASN E 498 45.46 -42.27 3.34
CA ASN E 498 44.02 -42.14 3.61
C ASN E 498 43.74 -40.85 4.38
N GLU E 499 44.57 -40.53 5.38
CA GLU E 499 44.37 -39.29 6.12
C GLU E 499 44.60 -38.08 5.22
N MET E 500 45.59 -38.17 4.33
CA MET E 500 45.81 -37.11 3.35
C MET E 500 44.57 -36.86 2.51
N LEU E 501 43.97 -37.95 2.00
CA LEU E 501 42.75 -37.82 1.20
C LEU E 501 41.61 -37.24 2.02
N ARG E 502 41.46 -37.70 3.26
CA ARG E 502 40.38 -37.20 4.11
C ARG E 502 40.51 -35.70 4.34
N MET E 503 41.72 -35.24 4.66
CA MET E 503 41.90 -33.82 4.92
C MET E 503 41.73 -33.00 3.64
N LEU E 504 42.20 -33.52 2.51
CA LEU E 504 42.01 -32.81 1.25
C LEU E 504 40.52 -32.68 0.91
N VAL E 505 39.74 -33.73 1.14
CA VAL E 505 38.32 -33.67 0.86
C VAL E 505 37.62 -32.73 1.83
N ALA E 506 38.01 -32.75 3.11
CA ALA E 506 37.39 -31.86 4.09
C ALA E 506 37.71 -30.40 3.82
N ALA E 507 38.91 -30.12 3.31
CA ALA E 507 39.32 -28.74 3.04
C ALA E 507 38.66 -28.17 1.79
N GLY E 508 37.93 -28.98 1.03
CA GLY E 508 37.29 -28.51 -0.18
C GLY E 508 38.15 -28.55 -1.43
N LYS E 509 39.33 -29.15 -1.36
CA LYS E 509 40.21 -29.30 -2.52
C LYS E 509 39.81 -30.54 -3.32
N ASP E 510 38.62 -30.46 -3.92
CA ASP E 510 38.04 -31.63 -4.57
C ASP E 510 38.76 -31.97 -5.87
N SER E 511 39.27 -30.96 -6.58
CA SER E 511 39.85 -31.20 -7.90
C SER E 511 41.08 -32.11 -7.81
N GLU E 512 42.01 -31.77 -6.91
CA GLU E 512 43.24 -32.56 -6.78
C GLU E 512 43.04 -33.87 -6.03
N ALA E 513 41.92 -34.02 -5.31
CA ALA E 513 41.66 -35.29 -4.63
C ALA E 513 41.54 -36.43 -5.64
N ALA E 514 40.83 -36.19 -6.74
CA ALA E 514 40.70 -37.22 -7.78
C ALA E 514 42.05 -37.53 -8.41
N TYR E 515 42.86 -36.50 -8.65
CA TYR E 515 44.18 -36.70 -9.23
C TYR E 515 45.04 -37.57 -8.32
N PHE E 516 45.01 -37.29 -7.02
CA PHE E 516 45.74 -38.13 -6.07
C PHE E 516 45.19 -39.55 -6.03
N ARG E 517 43.87 -39.69 -6.11
CA ARG E 517 43.25 -41.01 -6.06
C ARG E 517 43.67 -41.86 -7.26
N SER E 518 43.79 -41.23 -8.44
CA SER E 518 44.13 -41.97 -9.65
C SER E 518 45.61 -42.40 -9.69
N MET E 519 46.43 -41.92 -8.75
CA MET E 519 47.86 -42.14 -8.80
C MET E 519 48.33 -43.30 -7.94
N LEU E 520 47.44 -43.91 -7.17
CA LEU E 520 47.84 -44.95 -6.21
C LEU E 520 48.58 -46.13 -6.83
N PRO E 521 48.11 -46.76 -7.92
CA PRO E 521 48.86 -47.92 -8.44
C PRO E 521 50.28 -47.59 -8.84
N PHE E 522 50.50 -46.42 -9.47
CA PHE E 522 51.85 -46.03 -9.86
C PHE E 522 52.75 -45.83 -8.64
N HIS E 523 52.23 -45.17 -7.61
CA HIS E 523 52.98 -44.93 -6.39
C HIS E 523 53.35 -46.25 -5.71
N MET E 524 52.39 -47.17 -5.62
CA MET E 524 52.65 -48.45 -4.96
C MET E 524 53.63 -49.30 -5.76
N VAL E 525 53.54 -49.26 -7.09
CA VAL E 525 54.51 -50.00 -7.91
C VAL E 525 55.91 -49.43 -7.70
N ARG E 526 56.03 -48.10 -7.67
CA ARG E 526 57.35 -47.49 -7.44
C ARG E 526 57.92 -47.91 -6.10
N PHE E 527 57.10 -47.87 -5.04
CA PHE E 527 57.63 -48.21 -3.73
C PHE E 527 57.90 -49.70 -3.59
N ALA E 528 57.13 -50.54 -4.28
CA ALA E 528 57.44 -51.97 -4.30
C ALA E 528 58.78 -52.22 -4.98
N ARG E 529 59.05 -51.52 -6.08
CA ARG E 529 60.36 -51.64 -6.73
C ARG E 529 61.48 -51.18 -5.81
N ILE E 530 61.25 -50.08 -5.08
CA ILE E 530 62.26 -49.59 -4.14
C ILE E 530 62.54 -50.62 -3.06
N ASN E 531 61.48 -51.21 -2.50
CA ASN E 531 61.66 -52.24 -1.48
C ASN E 531 62.41 -53.45 -2.05
N GLN E 532 62.06 -53.86 -3.27
CA GLN E 532 62.75 -54.98 -3.90
C GLN E 532 64.23 -54.70 -4.04
N ILE E 533 64.59 -53.52 -4.53
CA ILE E 533 65.99 -53.16 -4.72
C ILE E 533 66.71 -53.12 -3.38
N ILE E 534 66.08 -52.53 -2.36
CA ILE E 534 66.74 -52.40 -1.07
C ILE E 534 66.99 -53.77 -0.44
N ASN E 535 65.96 -54.62 -0.42
CA ASN E 535 66.07 -55.88 0.30
C ASN E 535 66.85 -56.94 -0.47
N GLU E 536 66.89 -56.86 -1.80
CA GLU E 536 67.43 -57.94 -2.61
C GLU E 536 68.82 -57.66 -3.15
N ASP E 537 69.10 -56.44 -3.59
CA ASP E 537 70.34 -56.13 -4.30
C ASP E 537 71.40 -55.48 -3.41
N LEU E 538 71.00 -54.64 -2.47
CA LEU E 538 71.93 -53.87 -1.67
C LEU E 538 72.38 -54.60 -0.41
N HIS E 539 72.29 -55.93 -0.38
CA HIS E 539 72.69 -56.71 0.77
C HIS E 539 74.15 -57.14 0.62
N SER E 540 75.00 -56.70 1.54
CA SER E 540 76.41 -57.03 1.54
C SER E 540 76.97 -56.79 2.93
N VAL E 541 78.26 -57.12 3.11
CA VAL E 541 78.89 -56.89 4.41
C VAL E 541 79.01 -55.40 4.69
N PHE E 542 79.05 -54.58 3.64
CA PHE E 542 79.16 -53.13 3.82
C PHE E 542 77.87 -52.48 4.27
N SER E 543 76.77 -53.23 4.31
CA SER E 543 75.52 -52.69 4.83
C SER E 543 75.66 -52.36 6.31
N LEU E 544 74.96 -51.31 6.74
CA LEU E 544 75.07 -50.85 8.11
C LEU E 544 74.51 -51.88 9.07
N PRO E 545 75.20 -52.15 10.19
CA PRO E 545 74.67 -53.11 11.17
C PRO E 545 73.39 -52.59 11.83
N ASP E 546 72.63 -53.53 12.38
CA ASP E 546 71.32 -53.19 12.93
C ASP E 546 71.42 -52.21 14.09
N ASP E 547 72.39 -52.41 14.98
CA ASP E 547 72.49 -51.57 16.18
C ASP E 547 72.76 -50.11 15.81
N MET E 548 73.69 -49.87 14.88
CA MET E 548 73.97 -48.51 14.46
C MET E 548 72.79 -47.91 13.70
N PHE E 549 72.07 -48.76 12.96
CA PHE E 549 70.86 -48.29 12.27
C PHE E 549 69.81 -47.81 13.26
N ASN E 550 69.61 -48.56 14.35
CA ASN E 550 68.65 -48.14 15.36
C ASN E 550 69.16 -46.94 16.14
N ALA E 551 70.48 -46.78 16.25
CA ALA E 551 71.05 -45.69 17.03
C ALA E 551 71.11 -44.37 16.26
N LEU E 552 70.82 -44.36 14.96
CA LEU E 552 70.95 -43.14 14.18
C LEU E 552 69.93 -42.08 14.60
N LEU E 553 68.66 -42.47 14.68
CA LEU E 553 67.61 -41.49 14.98
C LEU E 553 67.76 -40.86 16.37
N PRO E 554 67.97 -41.62 17.46
CA PRO E 554 68.26 -40.95 18.73
C PRO E 554 69.50 -40.07 18.68
N ASP E 555 70.51 -40.48 17.93
CA ASP E 555 71.70 -39.65 17.76
C ASP E 555 71.36 -38.34 17.05
N LEU E 556 70.53 -38.42 16.01
CA LEU E 556 70.12 -37.21 15.30
C LEU E 556 69.30 -36.29 16.19
N ILE E 557 68.43 -36.87 17.03
CA ILE E 557 67.66 -36.06 17.97
C ILE E 557 68.58 -35.37 18.96
N ALA E 558 69.57 -36.11 19.48
CA ALA E 558 70.50 -35.52 20.45
C ALA E 558 71.30 -34.39 19.83
N GLY E 559 71.78 -34.57 18.60
CA GLY E 559 72.50 -33.55 17.87
C GLY E 559 74.00 -33.74 17.84
N ALA E 560 74.56 -34.44 18.83
CA ALA E 560 75.99 -34.70 18.90
C ALA E 560 76.26 -36.11 18.38
N HIS E 561 76.82 -36.19 17.17
CA HIS E 561 77.01 -37.47 16.52
C HIS E 561 78.04 -38.32 17.27
N GLN E 562 77.89 -39.63 17.17
CA GLN E 562 78.78 -40.58 17.81
C GLN E 562 78.80 -41.87 17.01
N ASN E 563 80.00 -42.34 16.66
CA ASN E 563 80.27 -43.63 16.02
C ASN E 563 79.57 -43.78 14.67
N ALA E 564 78.91 -42.72 14.19
CA ALA E 564 78.24 -42.77 12.90
C ALA E 564 78.02 -41.35 12.41
N ASP E 565 78.17 -41.15 11.11
CA ASP E 565 78.00 -39.84 10.51
C ASP E 565 77.26 -39.95 9.19
N PRO E 566 76.05 -39.40 9.07
CA PRO E 566 75.34 -39.41 7.80
C PRO E 566 75.84 -38.30 6.88
N VAL E 567 75.49 -38.43 5.60
CA VAL E 567 75.84 -37.46 4.58
C VAL E 567 74.55 -36.84 4.05
N VAL E 568 74.57 -35.53 3.84
CA VAL E 568 73.39 -34.77 3.46
C VAL E 568 73.52 -34.35 2.01
N LEU E 569 72.51 -34.65 1.21
CA LEU E 569 72.41 -34.19 -0.17
C LEU E 569 71.37 -33.10 -0.28
N ASP E 570 71.56 -32.21 -1.25
CA ASP E 570 70.75 -30.99 -1.36
C ASP E 570 69.96 -31.02 -2.66
N VAL E 571 68.66 -30.69 -2.56
CA VAL E 571 67.75 -30.75 -3.69
C VAL E 571 66.98 -29.44 -3.76
N SER E 572 66.20 -29.29 -4.83
CA SER E 572 65.42 -28.09 -5.08
C SER E 572 63.93 -28.35 -4.84
N TRP E 573 63.14 -27.27 -4.91
CA TRP E 573 61.72 -27.37 -4.63
C TRP E 573 60.98 -28.19 -5.68
N ILE E 574 61.19 -27.88 -6.96
CA ILE E 574 60.46 -28.54 -8.04
C ILE E 574 60.84 -30.02 -8.14
N SER E 575 62.00 -30.38 -7.59
CA SER E 575 62.47 -31.76 -7.68
C SER E 575 61.53 -32.72 -6.98
N LEU E 576 60.89 -32.29 -5.89
CA LEU E 576 59.95 -33.16 -5.20
C LEU E 576 58.78 -33.53 -6.10
N TRP E 577 58.17 -32.52 -6.75
CA TRP E 577 57.06 -32.78 -7.64
C TRP E 577 57.48 -33.64 -8.82
N PHE E 578 58.65 -33.35 -9.41
CA PHE E 578 59.07 -34.15 -10.56
C PHE E 578 59.45 -35.57 -10.17
N ALA E 579 59.89 -35.78 -8.93
CA ALA E 579 60.19 -37.13 -8.47
C ALA E 579 58.91 -37.89 -8.15
N PHE E 580 57.88 -37.19 -7.69
CA PHE E 580 56.60 -37.85 -7.43
C PHE E 580 55.98 -38.43 -8.69
N ASN E 581 56.32 -37.89 -9.86
CA ASN E 581 55.74 -38.35 -11.11
C ASN E 581 56.62 -39.33 -11.86
N ARG E 582 57.93 -39.32 -11.65
CA ARG E 582 58.84 -40.18 -12.39
C ARG E 582 59.20 -41.40 -11.55
N SER E 583 59.02 -42.58 -12.13
CA SER E 583 59.34 -43.83 -11.45
C SER E 583 60.78 -44.22 -11.73
N PHE E 584 61.17 -45.41 -11.25
CA PHE E 584 62.51 -45.95 -11.45
C PHE E 584 62.39 -47.38 -11.92
N GLU E 585 62.94 -47.67 -13.10
CA GLU E 585 62.86 -49.00 -13.69
C GLU E 585 64.26 -49.62 -13.75
N PRO E 586 64.51 -50.71 -13.03
CA PRO E 586 65.85 -51.31 -13.05
C PRO E 586 66.15 -52.05 -14.34
N THR E 587 66.57 -51.32 -15.36
CA THR E 587 66.82 -51.93 -16.67
C THR E 587 67.95 -52.94 -16.61
N HIS E 588 69.05 -52.60 -15.93
CA HIS E 588 70.22 -53.47 -15.86
C HIS E 588 70.68 -53.62 -14.42
N ARG E 589 71.22 -54.79 -14.13
CA ARG E 589 71.83 -55.06 -12.84
C ARG E 589 73.30 -54.64 -12.86
N ASN E 590 73.88 -54.54 -11.67
CA ASN E 590 75.28 -54.14 -11.56
C ASN E 590 76.18 -55.22 -12.14
N GLU E 591 77.19 -54.78 -12.90
CA GLU E 591 78.10 -55.73 -13.54
C GLU E 591 78.92 -56.49 -12.52
N MET E 592 79.36 -55.81 -11.46
CA MET E 592 80.23 -56.41 -10.46
C MET E 592 79.46 -57.14 -9.37
N LEU E 593 78.15 -57.30 -9.52
CA LEU E 593 77.35 -58.00 -8.52
C LEU E 593 77.75 -59.45 -8.37
N GLU E 594 78.30 -60.06 -9.42
CA GLU E 594 78.65 -61.47 -9.37
C GLU E 594 79.92 -61.74 -8.55
N VAL E 595 80.77 -60.73 -8.37
CA VAL E 595 82.09 -60.93 -7.79
C VAL E 595 82.25 -60.17 -6.48
N ALA E 596 81.14 -59.87 -5.79
CA ALA E 596 81.23 -59.14 -4.52
C ALA E 596 82.01 -59.88 -3.44
N PRO E 597 81.78 -61.17 -3.18
CA PRO E 597 82.50 -61.81 -2.05
C PRO E 597 84.01 -61.78 -2.19
N LEU E 598 84.54 -61.89 -3.41
CA LEU E 598 85.99 -61.90 -3.58
C LEU E 598 86.60 -60.56 -3.17
N ILE E 599 86.03 -59.46 -3.65
CA ILE E 599 86.56 -58.15 -3.28
C ILE E 599 86.33 -57.87 -1.80
N GLU E 600 85.21 -58.34 -1.25
CA GLU E 600 84.97 -58.19 0.19
C GLU E 600 86.07 -58.87 0.99
N SER E 601 86.38 -60.12 0.63
CA SER E 601 87.42 -60.86 1.35
C SER E 601 88.78 -60.20 1.17
N VAL E 602 89.08 -59.71 -0.03
CA VAL E 602 90.35 -59.05 -0.28
C VAL E 602 90.47 -57.80 0.59
N TYR E 603 89.41 -57.00 0.67
CA TYR E 603 89.43 -55.79 1.48
C TYR E 603 89.62 -56.12 2.95
N ALA E 604 88.92 -57.14 3.45
CA ALA E 604 89.08 -57.53 4.84
C ALA E 604 90.49 -58.02 5.13
N SER E 605 91.05 -58.82 4.22
CA SER E 605 92.41 -59.31 4.40
C SER E 605 93.42 -58.17 4.41
N GLU E 606 93.22 -57.18 3.53
CA GLU E 606 94.12 -56.02 3.52
C GLU E 606 94.03 -55.25 4.82
N LEU E 607 92.82 -55.08 5.36
CA LEU E 607 92.69 -54.40 6.65
C LEU E 607 93.40 -55.17 7.75
N SER E 608 93.26 -56.50 7.76
CA SER E 608 93.94 -57.30 8.77
C SER E 608 95.45 -57.19 8.64
N VAL E 609 95.96 -57.19 7.40
CA VAL E 609 97.39 -57.05 7.18
C VAL E 609 97.89 -55.71 7.70
N MET E 610 97.14 -54.64 7.44
CA MET E 610 97.54 -53.32 7.92
C MET E 610 97.56 -53.29 9.45
N LYS E 611 96.55 -53.89 10.08
CA LYS E 611 96.51 -53.93 11.55
C LYS E 611 97.71 -54.69 12.10
N VAL E 612 98.05 -55.82 11.49
CA VAL E 612 99.20 -56.61 11.96
C VAL E 612 100.49 -55.83 11.78
N ASP E 613 100.63 -55.13 10.65
CA ASP E 613 101.82 -54.33 10.42
C ASP E 613 101.96 -53.22 11.46
N MET E 614 100.86 -52.56 11.80
CA MET E 614 100.93 -51.51 12.81
C MET E 614 101.25 -52.08 14.19
N ARG E 615 100.72 -53.26 14.51
CA ARG E 615 101.07 -53.91 15.77
C ARG E 615 102.56 -54.24 15.81
N HIS E 616 103.11 -54.73 14.70
CA HIS E 616 104.54 -55.00 14.64
C HIS E 616 105.37 -53.72 14.79
N LEU E 617 104.90 -52.62 14.22
CA LEU E 617 105.59 -51.35 14.40
C LEU E 617 105.58 -50.92 15.86
N SER E 618 104.44 -51.10 16.54
CA SER E 618 104.38 -50.79 17.96
C SER E 618 105.35 -51.65 18.76
N LEU E 619 105.43 -52.94 18.44
CA LEU E 619 106.39 -53.81 19.12
C LEU E 619 107.82 -53.38 18.86
N MET E 620 108.12 -52.96 17.63
CA MET E 620 109.46 -52.48 17.30
C MET E 620 109.80 -51.23 18.11
N GLN E 621 108.85 -50.32 18.26
CA GLN E 621 109.07 -49.16 19.13
C GLN E 621 109.28 -49.59 20.57
N ARG E 622 108.56 -50.63 21.02
CA ARG E 622 108.74 -51.12 22.38
C ARG E 622 110.14 -51.66 22.61
N ARG E 623 110.68 -52.41 21.64
CA ARG E 623 111.93 -53.11 21.87
C ARG E 623 113.12 -52.17 21.93
N PHE E 624 113.14 -51.14 21.08
CA PHE E 624 114.32 -50.29 20.91
C PHE E 624 113.96 -48.83 21.13
N PRO E 625 113.88 -48.40 22.39
CA PRO E 625 113.65 -46.96 22.65
C PRO E 625 114.92 -46.12 22.53
N ASP E 626 116.09 -46.73 22.69
CA ASP E 626 117.35 -45.98 22.75
C ASP E 626 117.99 -45.77 21.38
N VAL E 627 117.44 -46.35 20.31
CA VAL E 627 118.05 -46.21 18.99
C VAL E 627 116.99 -45.74 18.00
N LEU E 628 115.72 -45.79 18.41
CA LEU E 628 114.62 -45.29 17.61
C LEU E 628 114.24 -43.90 18.10
N ILE E 629 114.00 -42.99 17.15
CA ILE E 629 113.90 -41.56 17.48
C ILE E 629 112.67 -41.29 18.34
N GLN E 630 111.50 -41.79 17.91
CA GLN E 630 110.25 -41.45 18.59
C GLN E 630 109.17 -42.40 18.10
N ALA E 631 108.03 -42.36 18.78
CA ALA E 631 106.86 -43.16 18.42
C ALA E 631 105.64 -42.26 18.27
N ARG E 632 104.83 -42.53 17.26
CA ARG E 632 103.61 -41.75 17.03
C ARG E 632 102.59 -42.59 16.26
N PRO E 633 101.42 -42.86 16.86
CA PRO E 633 100.42 -43.69 16.16
C PRO E 633 99.94 -43.10 14.84
N SER E 634 99.80 -41.78 14.76
CA SER E 634 99.38 -41.16 13.50
C SER E 634 100.40 -41.40 12.41
N HIS E 635 101.68 -41.29 12.74
CA HIS E 635 102.72 -41.58 11.76
C HIS E 635 102.67 -43.05 11.34
N PHE E 636 102.40 -43.94 12.29
CA PHE E 636 102.24 -45.35 11.96
C PHE E 636 101.13 -45.56 10.94
N TRP E 637 99.98 -44.95 11.19
CA TRP E 637 98.84 -45.11 10.29
C TRP E 637 99.14 -44.53 8.91
N LYS E 638 99.75 -43.34 8.87
CA LYS E 638 100.08 -42.74 7.59
C LYS E 638 101.07 -43.59 6.81
N ALA E 639 102.10 -44.12 7.48
CA ALA E 639 103.09 -44.94 6.80
C ALA E 639 102.48 -46.23 6.29
N VAL E 640 101.64 -46.89 7.08
CA VAL E 640 101.07 -48.15 6.63
C VAL E 640 100.05 -47.92 5.52
N LEU E 641 99.36 -46.78 5.52
CA LEU E 641 98.42 -46.48 4.46
C LEU E 641 99.12 -45.99 3.19
N ASN E 642 100.36 -45.51 3.31
CA ASN E 642 101.07 -45.02 2.13
C ASN E 642 101.27 -46.12 1.09
N ASP E 643 101.66 -47.31 1.54
CA ASP E 643 101.87 -48.46 0.67
C ASP E 643 100.68 -49.39 0.82
N SER E 644 99.72 -49.25 -0.10
CA SER E 644 98.48 -50.02 -0.05
C SER E 644 97.87 -50.00 -1.44
N PRO E 645 96.90 -50.89 -1.71
CA PRO E 645 96.19 -50.82 -3.00
C PRO E 645 95.54 -49.46 -3.18
N GLU E 646 95.60 -48.96 -4.42
CA GLU E 646 95.23 -47.57 -4.69
C GLU E 646 93.76 -47.30 -4.39
N ALA E 647 92.88 -48.24 -4.73
CA ALA E 647 91.47 -48.05 -4.44
C ALA E 647 91.22 -47.91 -2.94
N VAL E 648 91.85 -48.77 -2.13
CA VAL E 648 91.73 -48.67 -0.69
C VAL E 648 92.28 -47.34 -0.19
N LYS E 649 93.41 -46.91 -0.75
CA LYS E 649 93.99 -45.63 -0.36
C LYS E 649 93.02 -44.50 -0.61
N ALA E 650 92.43 -44.44 -1.81
CA ALA E 650 91.52 -43.35 -2.14
C ALA E 650 90.27 -43.39 -1.27
N VAL E 651 89.71 -44.58 -1.05
CA VAL E 651 88.50 -44.70 -0.26
C VAL E 651 88.75 -44.25 1.18
N MET E 652 89.85 -44.70 1.77
CA MET E 652 90.18 -44.31 3.14
C MET E 652 90.48 -42.82 3.23
N ASN E 653 91.15 -42.26 2.21
CA ASN E 653 91.42 -40.82 2.21
C ASN E 653 90.13 -40.03 2.18
N LEU E 654 89.17 -40.44 1.34
CA LEU E 654 87.88 -39.76 1.32
C LEU E 654 87.16 -39.86 2.66
N SER E 655 87.16 -41.07 3.24
CA SER E 655 86.45 -41.28 4.49
C SER E 655 87.05 -40.45 5.61
N HIS E 656 88.38 -40.39 5.70
CA HIS E 656 89.04 -39.60 6.74
C HIS E 656 89.09 -38.11 6.40
N SER E 657 88.81 -37.74 5.15
CA SER E 657 88.62 -36.32 4.85
C SER E 657 87.25 -35.84 5.29
N HIS E 658 86.23 -36.70 5.18
CA HIS E 658 84.91 -36.30 5.67
C HIS E 658 84.90 -36.16 7.18
N ASN E 659 85.49 -37.11 7.90
CA ASN E 659 85.52 -37.08 9.37
C ASN E 659 86.93 -37.35 9.85
N PHE E 660 87.28 -36.71 10.96
CA PHE E 660 88.64 -36.75 11.49
C PHE E 660 88.83 -37.94 12.43
N ILE E 661 90.10 -38.25 12.69
CA ILE E 661 90.50 -39.34 13.58
C ILE E 661 91.46 -38.79 14.63
N ASN E 662 91.66 -39.56 15.68
CA ASN E 662 92.53 -39.17 16.79
C ASN E 662 93.33 -40.37 17.26
N ILE E 663 94.20 -40.13 18.23
CA ILE E 663 95.07 -41.20 18.76
C ILE E 663 94.25 -42.26 19.47
N ARG E 664 93.17 -41.84 20.15
CA ARG E 664 92.34 -42.78 20.90
C ARG E 664 91.73 -43.84 19.98
N ASP E 665 91.26 -43.41 18.80
CA ASP E 665 90.70 -44.36 17.85
C ASP E 665 91.75 -45.37 17.38
N MET E 666 92.97 -44.89 17.11
CA MET E 666 94.04 -45.80 16.71
C MET E 666 94.36 -46.80 17.81
N MET E 667 94.43 -46.32 19.05
CA MET E 667 94.72 -47.21 20.18
C MET E 667 93.62 -48.25 20.36
N ARG E 668 92.37 -47.85 20.19
CA ARG E 668 91.26 -48.80 20.28
C ARG E 668 91.31 -49.82 19.14
N TRP E 669 91.67 -49.37 17.94
CA TRP E 669 91.65 -50.26 16.78
C TRP E 669 92.81 -51.25 16.78
N VAL E 670 93.99 -50.85 17.29
CA VAL E 670 95.15 -51.74 17.23
C VAL E 670 95.08 -52.88 18.24
N MET E 671 94.03 -52.96 19.04
CA MET E 671 93.92 -53.98 20.08
C MET E 671 92.76 -54.95 19.88
N LEU E 672 91.88 -54.71 18.91
CA LEU E 672 90.77 -55.62 18.69
C LEU E 672 91.28 -56.95 18.15
N PRO E 673 90.76 -58.08 18.65
CA PRO E 673 91.32 -59.38 18.27
C PRO E 673 90.84 -59.91 16.92
N SER E 674 89.79 -59.34 16.35
CA SER E 674 89.23 -59.89 15.11
C SER E 674 90.23 -59.79 13.98
N LEU E 675 90.37 -60.89 13.23
CA LEU E 675 91.27 -60.97 12.09
C LEU E 675 90.66 -61.86 11.02
N GLN E 676 91.08 -61.65 9.78
CA GLN E 676 90.62 -62.44 8.65
C GLN E 676 91.78 -63.29 8.13
N PRO E 677 91.79 -64.60 8.39
CA PRO E 677 92.92 -65.43 7.96
C PRO E 677 93.01 -65.51 6.44
N SER E 678 94.25 -65.59 5.95
CA SER E 678 94.52 -65.70 4.52
C SER E 678 95.99 -66.01 4.34
N LEU E 679 96.37 -66.31 3.09
CA LEU E 679 97.78 -66.51 2.77
C LEU E 679 98.59 -65.26 2.98
N LYS E 680 98.01 -64.09 2.69
CA LYS E 680 98.72 -62.84 2.86
C LYS E 680 99.16 -62.66 4.31
N LEU E 681 98.28 -63.00 5.25
CA LEU E 681 98.61 -62.84 6.67
C LEU E 681 99.77 -63.73 7.07
N ALA E 682 99.75 -65.00 6.66
CA ALA E 682 100.84 -65.92 7.02
C ALA E 682 102.16 -65.46 6.40
N LEU E 683 102.12 -65.03 5.14
CA LEU E 683 103.33 -64.55 4.50
C LEU E 683 103.86 -63.30 5.20
N GLU E 684 102.96 -62.40 5.62
CA GLU E 684 103.39 -61.20 6.33
C GLU E 684 104.01 -61.54 7.68
N GLU E 685 103.42 -62.48 8.42
CA GLU E 685 104.01 -62.87 9.70
C GLU E 685 105.39 -63.49 9.50
N GLU E 686 105.54 -64.36 8.50
CA GLU E 686 106.86 -64.94 8.26
C GLU E 686 107.87 -63.89 7.83
N ALA E 687 107.45 -62.93 6.99
CA ALA E 687 108.36 -61.86 6.58
C ALA E 687 108.78 -61.02 7.76
N TRP E 688 107.84 -60.70 8.67
CA TRP E 688 108.17 -59.93 9.85
C TRP E 688 109.14 -60.69 10.75
N ALA E 689 108.92 -62.01 10.91
CA ALA E 689 109.82 -62.81 11.72
C ALA E 689 111.22 -62.84 11.11
N ALA E 690 111.31 -62.94 9.79
CA ALA E 690 112.61 -62.94 9.13
C ALA E 690 113.28 -61.57 9.24
N ALA E 691 112.50 -60.49 9.19
CA ALA E 691 113.02 -59.14 9.23
C ALA E 691 113.12 -58.57 10.65
N ASN E 692 112.88 -59.39 11.66
CA ASN E 692 113.05 -58.95 13.05
C ASN E 692 114.45 -58.39 13.27
N ASP E 693 115.47 -59.06 12.73
CA ASP E 693 116.83 -58.54 12.76
C ASP E 693 116.95 -57.42 11.74
N PHE E 694 117.04 -56.17 12.22
CA PHE E 694 117.06 -55.01 11.34
C PHE E 694 118.33 -54.93 10.48
N GLU E 695 119.36 -55.71 10.80
CA GLU E 695 120.55 -55.72 9.95
C GLU E 695 120.25 -56.26 8.57
N ASP E 696 119.26 -57.16 8.45
CA ASP E 696 118.84 -57.64 7.14
C ASP E 696 118.20 -56.52 6.32
N LEU E 697 117.64 -55.51 6.98
CA LEU E 697 117.00 -54.39 6.30
C LEU E 697 117.99 -53.34 5.83
N MET E 698 119.29 -53.66 5.83
CA MET E 698 120.34 -52.74 5.39
C MET E 698 120.36 -51.45 6.20
N LEU E 699 120.02 -51.53 7.47
CA LEU E 699 120.10 -50.41 8.39
C LEU E 699 121.10 -50.75 9.49
N THR E 700 122.11 -49.90 9.67
CA THR E 700 123.17 -50.17 10.62
C THR E 700 123.54 -48.88 11.34
N ASP E 701 123.71 -48.99 12.65
CA ASP E 701 124.16 -47.87 13.48
C ASP E 701 125.64 -47.94 13.81
N GLN E 702 126.33 -49.01 13.40
CA GLN E 702 127.75 -49.18 13.71
C GLN E 702 128.62 -48.50 12.66
N VAL E 703 128.44 -47.19 12.52
CA VAL E 703 129.23 -46.36 11.62
C VAL E 703 130.35 -45.72 12.43
N TYR E 704 131.59 -45.92 11.99
CA TYR E 704 132.76 -45.44 12.70
C TYR E 704 133.55 -44.48 11.82
N MET E 705 134.40 -43.68 12.46
CA MET E 705 135.26 -42.74 11.77
C MET E 705 136.69 -42.93 12.27
N HIS E 706 137.64 -43.05 11.35
CA HIS E 706 139.04 -43.21 11.72
C HIS E 706 139.91 -42.89 10.53
N ARG E 707 140.95 -42.09 10.74
CA ARG E 707 141.86 -41.74 9.67
C ARG E 707 142.67 -42.97 9.27
N ASP E 708 142.53 -43.40 8.02
CA ASP E 708 143.21 -44.60 7.53
C ASP E 708 143.96 -44.26 6.26
N MET E 709 144.96 -45.08 5.96
CA MET E 709 145.83 -44.87 4.81
C MET E 709 145.30 -45.65 3.61
N LEU E 710 145.30 -45.01 2.45
CA LEU E 710 144.98 -45.71 1.21
C LEU E 710 146.22 -46.47 0.74
N PRO E 711 146.19 -47.79 0.71
CA PRO E 711 147.41 -48.56 0.44
C PRO E 711 147.93 -48.34 -0.98
N GLU E 712 149.25 -48.37 -1.10
CA GLU E 712 149.93 -48.33 -2.39
C GLU E 712 150.96 -49.45 -2.40
N PRO E 713 150.67 -50.58 -3.03
CA PRO E 713 151.56 -51.75 -2.95
C PRO E 713 152.76 -51.66 -3.87
N ARG E 714 153.77 -52.45 -3.54
CA ARG E 714 154.95 -52.56 -4.39
C ARG E 714 154.63 -53.35 -5.66
N LEU E 715 155.39 -53.08 -6.70
CA LEU E 715 155.22 -53.74 -8.00
C LEU E 715 156.54 -54.31 -8.50
N ASP E 716 157.26 -54.99 -7.60
CA ASP E 716 158.51 -55.62 -8.00
C ASP E 716 158.28 -56.71 -9.05
N ASP E 717 157.24 -57.52 -8.86
CA ASP E 717 156.83 -58.53 -9.83
C ASP E 717 155.36 -58.33 -10.15
N ILE E 718 155.07 -58.00 -11.42
CA ILE E 718 153.70 -57.69 -11.79
C ILE E 718 152.81 -58.92 -11.70
N GLU E 719 153.30 -60.07 -12.17
CA GLU E 719 152.47 -61.27 -12.18
C GLU E 719 152.27 -61.84 -10.77
N ARG E 720 153.29 -61.77 -9.91
CA ARG E 720 153.13 -62.25 -8.54
C ARG E 720 152.08 -61.44 -7.80
N PHE E 721 152.08 -60.13 -7.98
CA PHE E 721 151.04 -59.29 -7.38
C PHE E 721 149.70 -59.53 -8.06
N ARG E 722 149.70 -59.85 -9.36
CA ARG E 722 148.47 -60.08 -10.09
C ARG E 722 147.75 -61.32 -9.59
N GLN E 723 148.51 -62.39 -9.32
CA GLN E 723 147.89 -63.68 -9.03
C GLN E 723 147.27 -63.75 -7.64
N GLU E 724 147.68 -62.87 -6.73
CA GLU E 724 147.15 -62.90 -5.36
C GLU E 724 145.87 -62.08 -5.19
N GLY E 725 145.45 -61.36 -6.22
CA GLY E 725 144.18 -60.66 -6.19
C GLY E 725 144.03 -59.64 -5.08
N PHE E 726 144.78 -58.55 -5.15
CA PHE E 726 144.71 -57.51 -4.13
C PHE E 726 143.50 -56.62 -4.36
N TYR E 727 142.84 -56.23 -3.26
CA TYR E 727 141.73 -55.30 -3.32
C TYR E 727 141.63 -54.60 -1.97
N TYR E 728 140.97 -53.44 -1.97
CA TYR E 728 140.83 -52.64 -0.76
C TYR E 728 139.40 -52.15 -0.65
N THR E 729 138.94 -51.98 0.59
CA THR E 729 137.62 -51.45 0.87
C THR E 729 137.62 -50.88 2.28
N ASN E 730 136.59 -50.09 2.57
CA ASN E 730 136.41 -49.51 3.90
C ASN E 730 135.72 -50.47 4.87
N MET E 731 135.43 -51.69 4.44
CA MET E 731 134.76 -52.66 5.29
C MET E 731 135.66 -53.09 6.45
N LEU E 732 135.03 -53.31 7.60
CA LEU E 732 135.68 -53.85 8.79
C LEU E 732 135.19 -55.26 9.01
N GLU E 733 136.08 -56.24 8.88
CA GLU E 733 135.69 -57.64 9.07
C GLU E 733 135.52 -57.99 10.55
N ALA E 734 136.10 -57.21 11.45
CA ALA E 734 135.96 -57.46 12.88
C ALA E 734 135.71 -56.14 13.59
N PRO E 735 134.92 -56.15 14.67
CA PRO E 735 134.69 -54.92 15.41
C PRO E 735 135.96 -54.47 16.12
N PRO E 736 136.16 -53.16 16.29
CA PRO E 736 137.33 -52.68 17.03
C PRO E 736 137.22 -53.03 18.50
N GLU E 737 138.34 -52.83 19.21
CA GLU E 737 138.39 -53.13 20.63
C GLU E 737 137.45 -52.20 21.40
N ILE E 738 137.02 -52.68 22.58
CA ILE E 738 136.05 -51.93 23.38
C ILE E 738 136.63 -50.60 23.84
N ASP E 739 137.95 -50.52 24.00
CA ASP E 739 138.60 -49.28 24.38
C ASP E 739 139.11 -48.55 23.13
N ARG E 740 139.73 -47.39 23.36
CA ARG E 740 140.31 -46.55 22.32
C ARG E 740 139.22 -45.95 21.43
N VAL E 741 137.96 -46.31 21.69
CA VAL E 741 136.82 -45.79 20.95
C VAL E 741 135.95 -44.99 21.90
N VAL E 742 135.50 -43.82 21.45
CA VAL E 742 134.64 -42.93 22.23
C VAL E 742 133.23 -43.02 21.68
N GLN E 743 132.25 -43.15 22.57
CA GLN E 743 130.85 -43.30 22.19
C GLN E 743 130.19 -41.93 22.15
N TYR E 744 129.77 -41.51 20.96
CA TYR E 744 129.08 -40.23 20.79
C TYR E 744 127.57 -40.42 20.76
N THR E 745 126.86 -39.34 21.08
CA THR E 745 125.42 -39.36 21.19
C THR E 745 124.86 -38.13 20.48
N TYR E 746 123.62 -38.23 20.03
CA TYR E 746 122.99 -37.12 19.30
C TYR E 746 122.97 -35.84 20.13
N GLU E 747 122.63 -35.96 21.42
CA GLU E 747 122.60 -34.78 22.28
C GLU E 747 123.99 -34.19 22.45
N ILE E 748 125.01 -35.04 22.65
CA ILE E 748 126.37 -34.55 22.81
C ILE E 748 126.83 -33.88 21.53
N ALA E 749 126.54 -34.49 20.38
CA ALA E 749 126.92 -33.89 19.10
C ALA E 749 126.23 -32.55 18.88
N ARG E 750 124.95 -32.45 19.22
CA ARG E 750 124.24 -31.19 19.08
C ARG E 750 124.82 -30.11 19.98
N LEU E 751 125.14 -30.47 21.23
CA LEU E 751 125.73 -29.50 22.14
C LEU E 751 127.09 -29.03 21.64
N GLN E 752 127.92 -29.97 21.15
CA GLN E 752 129.23 -29.59 20.63
C GLN E 752 129.11 -28.71 19.39
N ALA E 753 128.15 -29.02 18.52
CA ALA E 753 127.93 -28.19 17.33
C ALA E 753 127.47 -26.79 17.71
N ASN E 754 126.59 -26.67 18.70
CA ASN E 754 126.16 -25.36 19.16
C ASN E 754 127.30 -24.60 19.83
N MET E 755 128.21 -25.31 20.49
CA MET E 755 129.40 -24.65 21.04
C MET E 755 130.30 -24.11 19.93
N GLY E 756 130.26 -24.74 18.75
CA GLY E 756 131.20 -24.43 17.70
C GLY E 756 132.52 -25.16 17.80
N GLN E 757 132.70 -26.01 18.82
CA GLN E 757 133.93 -26.76 19.04
C GLN E 757 133.86 -28.17 18.46
N PHE E 758 132.81 -28.49 17.70
CA PHE E 758 132.66 -29.83 17.15
C PHE E 758 133.83 -30.19 16.24
N ARG E 759 134.13 -29.32 15.27
CA ARG E 759 135.21 -29.59 14.33
C ARG E 759 136.54 -29.71 15.04
N ALA E 760 136.82 -28.81 15.98
CA ALA E 760 138.09 -28.86 16.71
C ALA E 760 138.19 -30.13 17.54
N ALA E 761 137.09 -30.52 18.20
CA ALA E 761 137.12 -31.73 19.02
C ALA E 761 137.38 -32.96 18.16
N LEU E 762 136.71 -33.07 17.01
CA LEU E 762 136.96 -34.21 16.14
C LEU E 762 138.38 -34.20 15.58
N ARG E 763 138.88 -33.02 15.20
CA ARG E 763 140.25 -32.94 14.69
C ARG E 763 141.25 -33.38 15.73
N ARG E 764 141.06 -32.94 16.98
CA ARG E 764 141.96 -33.35 18.06
C ARG E 764 141.88 -34.85 18.31
N ILE E 765 140.66 -35.40 18.36
CA ILE E 765 140.52 -36.82 18.66
C ILE E 765 141.08 -37.67 17.54
N MET E 766 141.05 -37.17 16.29
CA MET E 766 141.66 -37.92 15.20
C MET E 766 143.17 -37.78 15.20
N ASP E 767 143.68 -36.62 15.61
CA ASP E 767 145.12 -36.50 15.82
C ASP E 767 145.60 -37.35 16.98
N ASP E 768 144.69 -37.76 17.87
CA ASP E 768 145.02 -38.63 18.99
C ASP E 768 144.96 -40.11 18.62
N ASP E 769 144.69 -40.43 17.35
CA ASP E 769 144.63 -41.81 16.86
C ASP E 769 143.57 -42.64 17.57
N ASP E 770 142.46 -42.03 17.94
CA ASP E 770 141.37 -42.72 18.63
C ASP E 770 140.17 -42.88 17.71
N TRP E 771 139.41 -43.93 17.94
CA TRP E 771 138.20 -44.21 17.16
C TRP E 771 136.99 -43.56 17.81
N VAL E 772 135.95 -43.38 16.99
CA VAL E 772 134.70 -42.76 17.45
C VAL E 772 133.53 -43.52 16.84
N ARG E 773 132.46 -43.67 17.62
CA ARG E 773 131.25 -44.36 17.19
C ARG E 773 130.12 -43.35 17.10
N PHE E 774 129.50 -43.25 15.94
CA PHE E 774 128.36 -42.35 15.73
C PHE E 774 127.05 -43.12 15.86
N GLY E 775 126.81 -43.65 17.06
CA GLY E 775 125.61 -44.41 17.32
C GLY E 775 124.44 -43.54 17.73
N GLY E 776 123.30 -44.20 17.94
CA GLY E 776 122.09 -43.54 18.40
C GLY E 776 121.00 -43.41 17.37
N VAL E 777 121.26 -43.71 16.10
CA VAL E 777 120.25 -43.58 15.06
C VAL E 777 120.64 -44.50 13.90
N LEU E 778 119.64 -45.02 13.22
CA LEU E 778 119.86 -45.89 12.06
C LEU E 778 120.14 -45.05 10.83
N ARG E 779 121.08 -45.53 10.00
CA ARG E 779 121.50 -44.83 8.79
C ARG E 779 121.34 -45.73 7.58
N THR E 780 120.91 -45.15 6.46
CA THR E 780 120.83 -45.89 5.22
C THR E 780 122.22 -46.16 4.66
N VAL E 781 122.43 -47.38 4.18
CA VAL E 781 123.73 -47.83 3.68
C VAL E 781 123.57 -48.27 2.23
N ARG E 782 124.47 -47.80 1.37
CA ARG E 782 124.49 -48.18 -0.04
C ARG E 782 125.82 -48.83 -0.38
N VAL E 783 125.81 -49.61 -1.46
CA VAL E 783 126.98 -50.38 -1.89
C VAL E 783 127.37 -49.93 -3.29
N LYS E 784 128.66 -49.72 -3.50
CA LYS E 784 129.19 -49.31 -4.78
C LYS E 784 130.46 -50.09 -5.10
N PHE E 785 130.78 -50.19 -6.38
CA PHE E 785 131.97 -50.87 -6.86
C PHE E 785 132.75 -49.94 -7.76
N TYR E 786 134.08 -50.02 -7.66
CA TYR E 786 134.96 -49.16 -8.47
C TYR E 786 136.21 -49.94 -8.84
N ASP E 787 136.76 -49.59 -10.01
CA ASP E 787 138.04 -50.11 -10.46
C ASP E 787 139.12 -49.04 -10.56
N ALA E 788 138.77 -47.85 -11.02
CA ALA E 788 139.67 -46.71 -10.98
C ALA E 788 139.54 -45.99 -9.65
N ARG E 789 140.19 -44.85 -9.52
CA ARG E 789 140.10 -44.07 -8.30
C ARG E 789 138.69 -43.53 -8.14
N PRO E 790 138.01 -43.80 -7.03
CA PRO E 790 136.61 -43.36 -6.88
C PRO E 790 136.51 -41.85 -6.77
N PRO E 791 135.33 -41.28 -7.05
CA PRO E 791 135.19 -39.83 -6.95
C PRO E 791 135.48 -39.33 -5.54
N ASP E 792 136.01 -38.10 -5.47
CA ASP E 792 136.48 -37.57 -4.20
C ASP E 792 135.35 -37.46 -3.18
N ASP E 793 134.14 -37.12 -3.62
CA ASP E 793 133.03 -36.97 -2.70
C ASP E 793 132.68 -38.28 -2.00
N VAL E 794 133.03 -39.42 -2.59
CA VAL E 794 132.76 -40.72 -1.98
C VAL E 794 133.87 -41.14 -1.04
N LEU E 795 135.12 -41.05 -1.50
CA LEU E 795 136.26 -41.46 -0.68
C LEU E 795 136.39 -40.55 0.55
N GLN E 796 136.18 -39.25 0.38
CA GLN E 796 136.29 -38.29 1.46
C GLN E 796 134.94 -37.93 2.07
N GLY E 797 133.91 -38.73 1.80
CA GLY E 797 132.59 -38.40 2.31
C GLY E 797 132.52 -38.48 3.83
N LEU E 798 131.58 -37.73 4.39
CA LEU E 798 131.38 -37.67 5.82
C LEU E 798 130.01 -38.24 6.20
N PRO E 799 129.90 -38.88 7.37
CA PRO E 799 128.60 -39.37 7.82
C PRO E 799 127.66 -38.28 8.30
N PHE E 800 128.13 -37.05 8.44
CA PHE E 800 127.31 -35.93 8.86
C PHE E 800 127.61 -34.74 7.96
N SER E 801 126.85 -33.66 8.16
CA SER E 801 127.05 -32.41 7.44
C SER E 801 127.09 -31.27 8.45
N TYR E 802 128.17 -30.49 8.41
CA TYR E 802 128.37 -29.37 9.33
C TYR E 802 128.76 -28.15 8.51
N ASP E 803 127.87 -27.17 8.44
CA ASP E 803 128.09 -25.94 7.67
C ASP E 803 128.24 -24.77 8.61
N THR E 804 129.32 -24.01 8.43
CA THR E 804 129.61 -22.85 9.27
C THR E 804 129.67 -21.53 8.51
N ASN E 805 129.56 -21.56 7.19
CA ASN E 805 129.62 -20.35 6.36
C ASN E 805 128.20 -19.96 5.98
N GLU E 806 127.62 -19.03 6.74
CA GLU E 806 126.27 -18.56 6.47
C GLU E 806 126.13 -17.14 6.99
N ARG E 807 125.14 -16.43 6.45
CA ARG E 807 124.83 -15.08 6.88
C ARG E 807 123.40 -14.92 7.36
N GLY E 808 122.61 -16.00 7.40
CA GLY E 808 121.26 -15.91 7.92
C GLY E 808 121.20 -15.65 9.41
N GLY E 809 122.29 -15.92 10.13
CA GLY E 809 122.36 -15.62 11.55
C GLY E 809 121.84 -16.73 12.44
N LEU E 810 120.52 -16.94 12.43
CA LEU E 810 119.89 -17.85 13.37
C LEU E 810 120.39 -19.28 13.18
N ALA E 811 120.19 -20.07 14.23
CA ALA E 811 120.51 -21.51 14.27
C ALA E 811 122.02 -21.76 14.27
N TYR E 812 122.82 -20.70 14.18
CA TYR E 812 124.28 -20.78 14.21
C TYR E 812 124.71 -21.77 13.11
N ALA E 813 125.49 -22.79 13.43
CA ALA E 813 125.90 -23.79 12.45
C ALA E 813 124.94 -24.97 12.49
N THR E 814 124.46 -25.37 11.31
CA THR E 814 123.48 -26.44 11.19
C THR E 814 124.21 -27.78 11.13
N ILE E 815 123.76 -28.74 11.95
CA ILE E 815 124.31 -30.08 11.99
C ILE E 815 123.23 -31.07 11.57
N LYS E 816 123.59 -32.01 10.70
CA LYS E 816 122.74 -33.12 10.30
C LYS E 816 123.44 -34.40 10.73
N TYR E 817 122.98 -34.98 11.84
CA TYR E 817 123.68 -36.12 12.44
C TYR E 817 123.55 -37.38 11.59
N ALA E 818 122.43 -37.54 10.88
CA ALA E 818 122.15 -38.74 10.11
C ALA E 818 122.14 -38.42 8.63
N THR E 819 123.10 -38.97 7.88
CA THR E 819 123.14 -38.83 6.43
C THR E 819 123.45 -40.20 5.82
N GLU E 820 123.39 -40.25 4.49
CA GLU E 820 123.64 -41.48 3.76
C GLU E 820 125.11 -41.86 3.80
N THR E 821 125.39 -43.14 3.97
CA THR E 821 126.75 -43.67 3.96
C THR E 821 126.86 -44.76 2.91
N THR E 822 128.05 -44.88 2.31
CA THR E 822 128.23 -45.68 1.11
C THR E 822 129.32 -46.72 1.33
N ILE E 823 129.05 -47.95 0.88
CA ILE E 823 130.05 -49.02 0.85
C ILE E 823 130.69 -49.03 -0.53
N PHE E 824 132.02 -49.03 -0.57
CA PHE E 824 132.75 -49.05 -1.82
C PHE E 824 133.82 -50.12 -1.78
N TYR E 825 133.97 -50.82 -2.90
CA TYR E 825 135.03 -51.81 -3.08
C TYR E 825 135.91 -51.38 -4.24
N LEU E 826 137.22 -51.50 -4.05
CA LEU E 826 138.20 -51.06 -5.03
C LEU E 826 138.96 -52.25 -5.58
N ILE E 827 139.07 -52.31 -6.90
CA ILE E 827 139.83 -53.35 -7.60
C ILE E 827 141.01 -52.68 -8.28
N TYR E 828 142.22 -53.09 -7.92
CA TYR E 828 143.44 -52.48 -8.43
C TYR E 828 143.80 -53.14 -9.77
N ASN E 829 143.83 -52.35 -10.83
CA ASN E 829 144.19 -52.82 -12.15
C ASN E 829 145.61 -52.36 -12.48
N VAL E 830 146.44 -53.30 -12.93
CA VAL E 830 147.85 -53.02 -13.20
C VAL E 830 148.18 -53.46 -14.63
N GLU E 831 148.96 -52.65 -15.31
CA GLU E 831 149.43 -52.94 -16.66
C GLU E 831 150.95 -53.08 -16.66
N PHE E 832 151.46 -53.73 -17.70
CA PHE E 832 152.89 -53.99 -17.80
C PHE E 832 153.73 -52.73 -17.97
N SER E 833 153.11 -51.60 -18.29
CA SER E 833 153.84 -50.35 -18.43
C SER E 833 154.09 -49.66 -17.09
N ASN E 834 153.56 -50.20 -16.00
CA ASN E 834 153.70 -49.57 -14.69
C ASN E 834 155.08 -49.84 -14.11
N THR E 835 155.74 -48.78 -13.64
CA THR E 835 157.00 -48.93 -12.93
C THR E 835 156.74 -49.48 -11.54
N PRO E 836 157.75 -50.11 -10.91
CA PRO E 836 157.54 -50.68 -9.57
C PRO E 836 157.12 -49.65 -8.54
N ASP E 837 157.54 -48.40 -8.68
CA ASP E 837 157.17 -47.32 -7.76
C ASP E 837 156.26 -46.30 -8.42
N SER E 838 155.35 -46.76 -9.29
CA SER E 838 154.46 -45.86 -10.00
C SER E 838 153.35 -45.31 -9.12
N LEU E 839 152.95 -46.03 -8.08
CA LEU E 839 151.81 -45.68 -7.26
C LEU E 839 152.19 -44.88 -6.03
N VAL E 840 153.46 -44.49 -5.89
CA VAL E 840 153.91 -43.75 -4.72
C VAL E 840 153.54 -42.28 -4.89
N LEU E 841 152.81 -41.75 -3.92
CA LEU E 841 152.43 -40.34 -3.93
C LEU E 841 153.35 -39.53 -3.04
N ILE E 842 153.49 -38.25 -3.37
CA ILE E 842 154.36 -37.36 -2.60
C ILE E 842 153.84 -37.20 -1.18
N ASN E 843 152.52 -37.00 -1.04
CA ASN E 843 151.91 -36.84 0.26
C ASN E 843 150.80 -37.87 0.46
N PRO E 844 150.62 -38.35 1.69
CA PRO E 844 149.59 -39.38 1.92
C PRO E 844 148.19 -38.84 1.71
N THR E 845 147.30 -39.74 1.30
CA THR E 845 145.87 -39.45 1.15
C THR E 845 145.11 -40.34 2.12
N TYR E 846 144.16 -39.75 2.85
CA TYR E 846 143.49 -40.43 3.95
C TYR E 846 142.04 -40.73 3.60
N THR E 847 141.47 -41.68 4.34
CA THR E 847 140.06 -42.00 4.29
C THR E 847 139.52 -42.03 5.72
N MET E 848 138.22 -41.78 5.85
CA MET E 848 137.64 -41.49 7.17
C MET E 848 136.64 -42.55 7.62
N THR E 849 135.62 -42.85 6.82
CA THR E 849 134.46 -43.61 7.29
C THR E 849 134.75 -45.11 7.28
N LYS E 850 134.39 -45.78 8.38
CA LYS E 850 134.44 -47.23 8.50
C LYS E 850 133.13 -47.71 9.11
N VAL E 851 132.79 -48.97 8.86
CA VAL E 851 131.51 -49.51 9.29
C VAL E 851 131.62 -51.03 9.38
N PHE E 852 130.87 -51.61 10.31
CA PHE E 852 130.82 -53.05 10.54
C PHE E 852 129.38 -53.51 10.48
N ILE E 853 129.12 -54.60 9.73
CA ILE E 853 127.75 -55.03 9.49
C ILE E 853 127.60 -56.48 9.94
N ASN E 854 128.72 -57.16 10.17
CA ASN E 854 128.74 -58.54 10.66
C ASN E 854 128.08 -59.51 9.67
N LYS E 855 128.12 -59.20 8.38
CA LYS E 855 127.60 -60.10 7.36
C LYS E 855 128.52 -60.08 6.16
N ARG E 856 128.84 -61.27 5.62
CA ARG E 856 129.76 -61.40 4.51
C ARG E 856 129.02 -61.13 3.20
N ILE E 857 128.78 -59.84 2.95
CA ILE E 857 128.09 -59.44 1.72
C ILE E 857 128.98 -59.71 0.51
N VAL E 858 130.29 -59.47 0.66
CA VAL E 858 131.26 -59.70 -0.40
C VAL E 858 132.37 -60.58 0.15
N GLU E 859 132.70 -61.65 -0.57
CA GLU E 859 133.70 -62.61 -0.13
C GLU E 859 134.75 -62.78 -1.21
N ARG E 860 135.99 -63.00 -0.78
CA ARG E 860 137.06 -63.41 -1.68
C ARG E 860 137.16 -64.93 -1.60
N VAL E 861 136.89 -65.60 -2.72
CA VAL E 861 136.76 -67.05 -2.76
C VAL E 861 137.63 -67.58 -3.89
N ARG E 862 138.36 -68.65 -3.61
CA ARG E 862 139.16 -69.31 -4.62
C ARG E 862 138.26 -70.04 -5.61
N VAL E 863 138.83 -70.35 -6.79
CA VAL E 863 138.06 -71.01 -7.84
C VAL E 863 137.60 -72.39 -7.39
N GLY E 864 138.34 -73.02 -6.48
CA GLY E 864 137.97 -74.35 -6.01
C GLY E 864 136.74 -74.38 -5.12
N GLN E 865 136.40 -73.25 -4.50
CA GLN E 865 135.27 -73.20 -3.57
C GLN E 865 134.09 -72.41 -4.12
N ILE E 866 134.04 -72.19 -5.44
CA ILE E 866 132.95 -71.43 -6.03
C ILE E 866 131.62 -72.17 -5.88
N LEU E 867 131.62 -73.48 -6.14
CA LEU E 867 130.40 -74.26 -6.19
C LEU E 867 129.92 -74.72 -4.81
N ALA E 868 130.63 -74.38 -3.74
CA ALA E 868 130.23 -74.79 -2.40
C ALA E 868 128.95 -74.09 -1.93
N VAL E 869 128.50 -73.05 -2.64
CA VAL E 869 127.32 -72.31 -2.21
C VAL E 869 126.04 -73.14 -2.32
N LEU E 870 126.04 -74.18 -3.16
CA LEU E 870 124.84 -74.98 -3.38
C LEU E 870 124.57 -75.84 -2.15
N ASN E 871 123.72 -75.35 -1.26
CA ASN E 871 123.37 -76.10 -0.05
C ASN E 871 121.88 -76.10 0.28
N ARG E 872 121.06 -75.31 -0.40
CA ARG E 872 119.63 -75.26 -0.11
C ARG E 872 118.88 -76.34 -0.87
N ARG E 873 117.78 -76.79 -0.29
CA ARG E 873 116.94 -77.82 -0.87
C ARG E 873 115.75 -77.20 -1.58
N PHE E 874 115.52 -77.61 -2.82
CA PHE E 874 114.43 -77.08 -3.64
C PHE E 874 113.54 -78.22 -4.11
N VAL E 875 112.25 -77.94 -4.20
CA VAL E 875 111.26 -78.89 -4.68
C VAL E 875 110.47 -78.23 -5.81
N ALA E 876 110.23 -78.98 -6.88
CA ALA E 876 109.52 -78.48 -8.05
C ALA E 876 108.54 -79.53 -8.55
N TYR E 877 107.59 -79.07 -9.35
CA TYR E 877 106.57 -79.93 -9.92
C TYR E 877 106.98 -80.36 -11.33
N LYS E 878 106.07 -80.99 -12.05
CA LYS E 878 106.32 -81.48 -13.40
C LYS E 878 105.31 -80.90 -14.37
N GLY E 879 105.59 -81.05 -15.66
CA GLY E 879 104.68 -80.59 -16.69
C GLY E 879 103.36 -81.31 -16.67
N LYS E 880 103.37 -82.60 -16.32
CA LYS E 880 102.12 -83.36 -16.25
C LYS E 880 101.21 -82.81 -15.16
N MET E 881 101.78 -82.42 -14.02
CA MET E 881 101.01 -81.76 -12.99
C MET E 881 100.57 -80.37 -13.44
N ARG E 882 99.33 -80.02 -13.13
CA ARG E 882 98.78 -78.70 -13.39
C ARG E 882 98.34 -78.07 -12.09
N ILE E 883 98.70 -76.81 -11.88
CA ILE E 883 98.38 -76.08 -10.67
C ILE E 883 97.49 -74.89 -11.05
N MET E 884 96.37 -74.75 -10.35
CA MET E 884 95.44 -73.67 -10.61
C MET E 884 94.81 -73.24 -9.29
N ASP E 885 94.28 -72.02 -9.29
CA ASP E 885 93.72 -71.41 -8.09
C ASP E 885 92.23 -71.69 -8.02
N ILE E 886 91.78 -72.36 -6.96
CA ILE E 886 90.35 -72.73 -6.83
C ILE E 886 89.55 -71.45 -6.57
N THR E 887 90.24 -70.36 -6.22
CA THR E 887 89.50 -69.13 -5.84
C THR E 887 88.63 -68.69 -7.01
N GLN E 888 89.17 -68.70 -8.23
CA GLN E 888 88.37 -68.18 -9.37
C GLN E 888 87.12 -69.04 -9.51
N SER E 889 87.26 -70.35 -9.29
CA SER E 889 86.09 -71.25 -9.45
C SER E 889 85.05 -70.96 -8.37
N LEU E 890 85.39 -70.08 -7.43
CA LEU E 890 84.42 -69.68 -6.39
C LEU E 890 83.60 -68.50 -6.91
N LYS E 891 83.82 -68.12 -8.17
CA LYS E 891 83.11 -66.95 -8.76
C LYS E 891 81.60 -67.18 -8.70
N MET E 892 80.84 -66.19 -8.21
CA MET E 892 79.35 -66.27 -8.15
C MET E 892 78.93 -67.37 -7.17
N GLY E 893 79.30 -68.63 -7.44
CA GLY E 893 78.98 -69.71 -6.51
C GLY E 893 77.73 -70.49 -6.90
N THR E 894 77.18 -70.26 -8.10
CA THR E 894 76.04 -71.09 -8.54
C THR E 894 76.47 -72.55 -8.51
N LYS E 895 75.68 -73.43 -7.88
CA LYS E 895 76.01 -74.87 -7.84
C LYS E 895 75.09 -75.57 -6.83
N LEU E 896 75.57 -76.66 -6.23
CA LEU E 896 74.85 -77.33 -5.11
C LEU E 896 75.94 -77.95 -4.25
N ALA E 897 75.66 -79.03 -3.52
CA ALA E 897 76.73 -79.71 -2.75
C ALA E 897 76.18 -81.01 -2.17
N ALA E 898 76.93 -82.10 -2.31
CA ALA E 898 76.47 -83.35 -1.65
C ALA E 898 76.13 -83.00 -0.20
N PRO E 899 75.03 -83.50 0.38
CA PRO E 899 74.61 -83.08 1.71
C PRO E 899 75.76 -83.08 2.72
N THR E 900 75.91 -81.98 3.46
CA THR E 900 76.95 -81.90 4.52
C THR E 900 76.39 -81.07 5.67
N VAL E 901 76.87 -81.30 6.90
CA VAL E 901 76.31 -80.58 8.08
C VAL E 901 77.36 -79.60 8.61
N ALA F 4 55.08 -13.66 -12.23
CA ALA F 4 54.85 -14.58 -13.34
C ALA F 4 55.36 -13.98 -14.64
N MET F 5 56.65 -14.18 -14.90
CA MET F 5 57.33 -13.62 -16.07
C MET F 5 57.77 -14.74 -17.00
N LEU F 6 57.50 -14.57 -18.29
CA LEU F 6 57.65 -15.61 -19.29
C LEU F 6 58.61 -15.17 -20.39
N LEU F 7 59.34 -16.13 -20.94
CA LEU F 7 60.23 -15.92 -22.07
C LEU F 7 59.73 -16.73 -23.27
N ALA F 8 59.65 -16.09 -24.42
CA ALA F 8 59.08 -16.70 -25.61
C ALA F 8 59.86 -16.25 -26.84
N PRO F 9 59.80 -17.01 -27.93
CA PRO F 9 60.43 -16.58 -29.17
C PRO F 9 59.84 -15.27 -29.67
N GLY F 10 60.69 -14.46 -30.32
CA GLY F 10 60.27 -13.12 -30.73
C GLY F 10 59.17 -13.12 -31.76
N ASP F 11 59.16 -14.09 -32.68
CA ASP F 11 58.10 -14.13 -33.68
C ASP F 11 56.74 -14.40 -33.07
N VAL F 12 56.69 -15.19 -31.99
CA VAL F 12 55.42 -15.48 -31.33
C VAL F 12 54.81 -14.20 -30.76
N ILE F 13 55.61 -13.43 -30.03
CA ILE F 13 55.12 -12.18 -29.46
C ILE F 13 54.81 -11.18 -30.58
N LYS F 14 55.60 -11.22 -31.67
CA LYS F 14 55.32 -10.35 -32.81
C LYS F 14 53.95 -10.65 -33.40
N ARG F 15 53.61 -11.94 -33.52
CA ARG F 15 52.33 -12.34 -34.09
C ARG F 15 51.17 -12.16 -33.12
N SER F 16 51.42 -12.18 -31.81
CA SER F 16 50.35 -12.09 -30.82
C SER F 16 50.37 -10.77 -30.05
N SER F 17 51.07 -9.75 -30.57
CA SER F 17 51.11 -8.45 -29.91
C SER F 17 49.72 -7.87 -29.70
N GLU F 18 48.82 -8.04 -30.68
CA GLU F 18 47.48 -7.47 -30.54
C GLU F 18 46.74 -8.09 -29.36
N GLU F 19 46.76 -9.43 -29.26
CA GLU F 19 46.11 -10.09 -28.14
C GLU F 19 46.77 -9.73 -26.82
N LEU F 20 48.11 -9.65 -26.81
CA LEU F 20 48.81 -9.30 -25.58
C LEU F 20 48.44 -7.90 -25.11
N LYS F 21 48.34 -6.95 -26.04
CA LYS F 21 47.89 -5.60 -25.68
C LYS F 21 46.45 -5.61 -25.19
N GLN F 22 45.59 -6.40 -25.85
CA GLN F 22 44.19 -6.48 -25.43
C GLN F 22 44.05 -7.08 -24.04
N ARG F 23 44.97 -7.96 -23.63
CA ARG F 23 44.92 -8.57 -22.31
C ARG F 23 45.82 -7.87 -21.30
N GLN F 24 46.44 -6.75 -21.68
CA GLN F 24 47.14 -5.84 -20.78
C GLN F 24 48.44 -6.40 -20.22
N ILE F 25 49.11 -7.29 -20.96
CA ILE F 25 50.46 -7.69 -20.58
C ILE F 25 51.46 -6.85 -21.36
N GLN F 26 52.40 -6.23 -20.65
CA GLN F 26 53.34 -5.30 -21.28
C GLN F 26 54.38 -6.06 -22.08
N ILE F 27 54.74 -5.50 -23.23
CA ILE F 27 55.60 -6.18 -24.21
C ILE F 27 56.98 -5.55 -24.19
N ASN F 28 58.01 -6.39 -24.05
CA ASN F 28 59.41 -5.98 -24.17
C ASN F 28 60.03 -6.86 -25.25
N LEU F 29 60.31 -6.26 -26.42
CA LEU F 29 60.79 -7.00 -27.56
C LEU F 29 61.97 -6.26 -28.20
N ILE F 30 62.91 -7.03 -28.73
CA ILE F 30 64.06 -6.49 -29.44
C ILE F 30 64.03 -7.00 -30.87
N ASP F 31 64.09 -6.08 -31.83
CA ASP F 31 64.05 -6.45 -33.24
C ASP F 31 65.44 -6.77 -33.75
N TRP F 32 65.50 -7.44 -34.90
CA TRP F 32 66.76 -7.87 -35.47
C TRP F 32 66.89 -7.61 -36.97
N THR F 33 65.86 -7.07 -37.61
CA THR F 33 65.85 -6.82 -39.05
C THR F 33 66.19 -8.09 -39.86
N GLY F 130 42.97 5.80 -44.07
CA GLY F 130 42.30 7.00 -43.57
C GLY F 130 41.29 6.70 -42.48
N ARG F 131 41.31 7.51 -41.43
CA ARG F 131 40.40 7.35 -40.31
C ARG F 131 39.26 8.34 -40.39
N TRP F 132 38.26 8.14 -39.54
CA TRP F 132 37.08 8.98 -39.49
C TRP F 132 37.04 9.74 -38.17
N VAL F 133 36.24 10.81 -38.14
CA VAL F 133 36.17 11.72 -37.01
C VAL F 133 34.71 12.01 -36.69
N VAL F 134 34.45 12.39 -35.44
CA VAL F 134 33.12 12.67 -34.93
C VAL F 134 32.89 14.17 -34.92
N LEU F 135 31.63 14.58 -35.11
CA LEU F 135 31.30 15.99 -35.23
C LEU F 135 31.72 16.77 -33.99
N THR F 136 31.42 16.25 -32.80
CA THR F 136 31.68 16.95 -31.56
C THR F 136 32.37 16.03 -30.57
N GLU F 137 33.08 16.64 -29.61
CA GLU F 137 33.91 15.87 -28.68
C GLU F 137 33.07 15.06 -27.71
N GLU F 138 31.83 15.50 -27.42
CA GLU F 138 31.02 14.80 -26.44
C GLU F 138 30.64 13.40 -26.91
N ILE F 139 30.25 13.27 -28.18
CA ILE F 139 29.89 11.95 -28.71
C ILE F 139 31.11 11.03 -28.74
N ALA F 140 32.26 11.57 -29.13
CA ALA F 140 33.48 10.77 -29.14
C ALA F 140 33.84 10.31 -27.73
N ARG F 141 33.71 11.20 -26.75
CA ARG F 141 33.98 10.82 -25.37
C ARG F 141 33.03 9.74 -24.89
N ALA F 142 31.74 9.86 -25.23
CA ALA F 142 30.76 8.86 -24.82
C ALA F 142 31.07 7.51 -25.44
N ILE F 143 31.38 7.49 -26.74
CA ILE F 143 31.65 6.22 -27.41
C ILE F 143 32.95 5.61 -26.90
N GLU F 144 33.95 6.44 -26.58
CA GLU F 144 35.19 5.94 -26.01
C GLU F 144 34.94 5.35 -24.62
N SER F 145 34.09 5.98 -23.81
CA SER F 145 33.77 5.43 -22.51
C SER F 145 33.01 4.11 -22.66
N LYS F 146 32.12 4.03 -23.65
CA LYS F 146 31.30 2.82 -23.79
C LYS F 146 32.11 1.64 -24.32
N TYR F 147 32.99 1.89 -25.29
CA TYR F 147 33.69 0.80 -25.97
C TYR F 147 35.20 0.80 -25.79
N GLY F 148 35.76 1.81 -25.13
CA GLY F 148 37.20 1.86 -24.97
C GLY F 148 37.96 2.11 -26.26
N THR F 149 37.33 2.77 -27.22
CA THR F 149 37.94 3.04 -28.53
C THR F 149 38.22 4.53 -28.65
N LYS F 150 39.48 4.88 -28.91
CA LYS F 150 39.84 6.28 -29.10
C LYS F 150 39.30 6.78 -30.44
N ILE F 151 38.71 7.97 -30.41
CA ILE F 151 38.10 8.58 -31.60
C ILE F 151 38.60 10.01 -31.71
N ASP F 152 38.91 10.42 -32.94
CA ASP F 152 39.38 11.77 -33.22
C ASP F 152 38.20 12.70 -33.47
N VAL F 153 38.48 14.00 -33.47
CA VAL F 153 37.47 15.04 -33.59
C VAL F 153 37.73 15.85 -34.85
N TYR F 154 36.66 16.14 -35.59
CA TYR F 154 36.76 16.91 -36.82
C TYR F 154 37.07 18.36 -36.51
N ARG F 155 38.10 18.91 -37.18
CA ARG F 155 38.56 20.27 -36.91
C ARG F 155 38.85 21.02 -38.20
N ASP F 156 37.97 20.89 -39.19
CA ASP F 156 38.05 21.67 -40.43
C ASP F 156 39.41 21.51 -41.11
N GLU F 157 39.94 20.29 -41.13
CA GLU F 157 41.31 20.08 -41.61
C GLU F 157 41.37 20.02 -43.14
N VAL F 158 40.77 18.99 -43.72
CA VAL F 158 40.87 18.70 -45.14
C VAL F 158 39.58 18.02 -45.58
N PRO F 159 39.34 17.82 -46.89
CA PRO F 159 38.24 16.93 -47.29
C PRO F 159 38.44 15.53 -46.71
N ALA F 160 37.56 15.14 -45.79
CA ALA F 160 37.72 13.90 -45.05
C ALA F 160 36.38 13.17 -45.03
N GLN F 161 36.34 12.09 -44.25
CA GLN F 161 35.16 11.26 -44.11
C GLN F 161 34.61 11.41 -42.69
N ILE F 162 33.32 11.76 -42.60
CA ILE F 162 32.70 12.09 -41.34
C ILE F 162 31.71 11.00 -40.96
N ILE F 163 31.67 10.68 -39.67
CA ILE F 163 30.72 9.71 -39.13
C ILE F 163 29.55 10.50 -38.53
N GLU F 164 28.35 10.19 -38.97
CA GLU F 164 27.15 10.88 -38.51
C GLU F 164 26.34 9.90 -37.67
N VAL F 165 26.46 10.01 -36.34
CA VAL F 165 25.70 9.14 -35.46
C VAL F 165 24.22 9.51 -35.55
N GLU F 166 23.37 8.51 -35.72
CA GLU F 166 21.97 8.70 -36.02
C GLU F 166 21.11 8.51 -34.78
N ARG F 167 19.85 8.97 -34.87
CA ARG F 167 18.89 8.91 -33.78
C ARG F 167 18.87 7.56 -33.07
N SER F 168 18.99 6.47 -33.84
CA SER F 168 18.97 5.14 -33.25
C SER F 168 20.14 4.94 -32.28
N LEU F 169 21.37 5.22 -32.74
CA LEU F 169 22.52 5.13 -31.84
C LEU F 169 22.51 6.25 -30.81
N GLN F 170 21.88 7.38 -31.12
CA GLN F 170 21.74 8.43 -30.12
C GLN F 170 20.93 7.94 -28.92
N LYS F 171 19.85 7.19 -29.18
CA LYS F 171 19.08 6.61 -28.08
C LYS F 171 19.81 5.43 -27.46
N GLU F 172 20.52 4.65 -28.27
CA GLU F 172 21.22 3.47 -27.77
C GLU F 172 22.33 3.86 -26.79
N LEU F 173 23.06 4.92 -27.08
CA LEU F 173 24.17 5.35 -26.25
C LEU F 173 23.75 6.21 -25.06
N GLY F 174 22.45 6.48 -24.92
CA GLY F 174 21.98 7.33 -23.84
C GLY F 174 22.47 8.76 -23.94
N ILE F 175 22.50 9.31 -25.14
CA ILE F 175 23.00 10.67 -25.35
C ILE F 175 21.91 11.66 -24.96
N SER F 176 22.32 12.74 -24.29
CA SER F 176 21.37 13.75 -23.82
C SER F 176 20.86 14.57 -24.99
N ARG F 177 19.84 15.40 -24.69
CA ARG F 177 19.24 16.25 -25.71
C ARG F 177 20.24 17.28 -26.24
N GLU F 178 21.07 17.84 -25.35
CA GLU F 178 22.04 18.84 -25.77
C GLU F 178 23.06 18.26 -26.74
N GLY F 179 23.46 17.01 -26.53
CA GLY F 179 24.38 16.37 -27.47
C GLY F 179 23.80 16.26 -28.86
N VAL F 180 22.53 15.84 -28.95
CA VAL F 180 21.87 15.76 -30.25
C VAL F 180 21.75 17.14 -30.87
N ALA F 181 21.41 18.15 -30.06
CA ALA F 181 21.27 19.51 -30.58
C ALA F 181 22.58 20.02 -31.15
N GLU F 182 23.69 19.82 -30.43
CA GLU F 182 24.97 20.30 -30.92
C GLU F 182 25.44 19.48 -32.13
N GLN F 183 25.14 18.19 -32.16
CA GLN F 183 25.46 17.37 -33.33
C GLN F 183 24.77 17.91 -34.57
N THR F 184 23.47 18.15 -34.48
CA THR F 184 22.75 18.66 -35.65
C THR F 184 23.09 20.11 -35.97
N GLU F 185 23.53 20.89 -34.97
CA GLU F 185 24.04 22.23 -35.27
C GLU F 185 25.31 22.15 -36.10
N ARG F 186 26.25 21.27 -35.71
CA ARG F 186 27.45 21.07 -36.51
C ARG F 186 27.11 20.53 -37.88
N LEU F 187 26.08 19.68 -37.96
CA LEU F 187 25.62 19.17 -39.25
C LEU F 187 25.14 20.31 -40.14
N ARG F 188 24.34 21.24 -39.58
CA ARG F 188 23.89 22.39 -40.35
C ARG F 188 25.07 23.25 -40.80
N ASP F 189 26.07 23.41 -39.93
CA ASP F 189 27.26 24.16 -40.31
C ASP F 189 27.96 23.49 -41.50
N LEU F 190 28.06 22.17 -41.47
CA LEU F 190 28.66 21.45 -42.59
C LEU F 190 27.84 21.60 -43.86
N ARG F 191 26.51 21.55 -43.75
CA ARG F 191 25.65 21.77 -44.91
C ARG F 191 25.94 23.13 -45.53
N ARG F 192 25.99 24.18 -44.70
CA ARG F 192 26.27 25.51 -45.22
C ARG F 192 27.67 25.59 -45.85
N LYS F 193 28.65 24.96 -45.19
CA LYS F 193 30.02 25.02 -45.69
C LYS F 193 30.14 24.37 -47.07
N GLU F 194 29.52 23.20 -47.25
CA GLU F 194 29.63 22.55 -48.56
C GLU F 194 28.65 23.09 -49.58
N LYS F 195 27.62 23.82 -49.15
CA LYS F 195 26.77 24.54 -50.10
C LYS F 195 27.44 25.80 -50.62
N SER F 196 28.28 26.44 -49.80
CA SER F 196 29.01 27.63 -50.22
C SER F 196 30.28 27.22 -50.99
N GLY F 197 30.05 26.58 -52.13
CA GLY F 197 31.13 26.11 -52.97
C GLY F 197 31.74 27.20 -53.84
N ILE F 237 34.66 16.35 -48.75
CA ILE F 237 34.08 15.97 -47.47
C ILE F 237 32.89 15.04 -47.69
N THR F 238 32.95 13.86 -47.08
CA THR F 238 31.87 12.88 -47.17
C THR F 238 31.38 12.54 -45.78
N ILE F 239 30.06 12.46 -45.62
CA ILE F 239 29.42 12.13 -44.36
C ILE F 239 28.64 10.83 -44.52
N GLU F 240 28.74 9.97 -43.52
CA GLU F 240 28.03 8.68 -43.52
C GLU F 240 27.11 8.63 -42.32
N GLY F 241 25.83 8.36 -42.57
CA GLY F 241 24.85 8.28 -41.51
C GLY F 241 24.70 6.87 -40.97
N VAL F 242 25.74 6.38 -40.29
CA VAL F 242 25.67 5.03 -39.72
C VAL F 242 24.60 4.99 -38.64
N MET F 243 23.72 4.00 -38.75
CA MET F 243 22.55 3.90 -37.87
C MET F 243 22.25 2.49 -37.40
N SER F 244 23.19 1.55 -37.52
CA SER F 244 23.09 0.23 -36.91
C SER F 244 24.33 -0.03 -36.08
N GLN F 245 24.17 -0.76 -34.99
CA GLN F 245 25.28 -1.02 -34.08
C GLN F 245 26.36 -1.87 -34.77
N LYS F 246 25.93 -2.88 -35.52
CA LYS F 246 26.86 -3.77 -36.20
C LYS F 246 27.68 -3.06 -37.26
N LYS F 247 27.08 -2.09 -37.96
CA LYS F 247 27.84 -1.32 -38.93
C LYS F 247 28.98 -0.57 -38.26
N LEU F 248 28.70 0.04 -37.10
CA LEU F 248 29.74 0.76 -36.39
C LEU F 248 30.84 -0.19 -35.91
N LEU F 249 30.46 -1.36 -35.38
CA LEU F 249 31.46 -2.31 -34.92
C LEU F 249 32.34 -2.81 -36.08
N SER F 250 31.70 -3.26 -37.17
CA SER F 250 32.45 -3.79 -38.31
C SER F 250 33.26 -2.70 -39.00
N MET F 251 32.90 -1.43 -38.80
CA MET F 251 33.63 -0.33 -39.45
C MET F 251 34.91 -0.01 -38.69
N ILE F 252 34.79 0.48 -37.47
CA ILE F 252 35.93 0.84 -36.62
C ILE F 252 35.55 0.59 -35.17
N GLY F 253 36.56 0.34 -34.35
CA GLY F 253 36.37 0.23 -32.92
C GLY F 253 36.58 -1.18 -32.40
N GLY F 254 36.51 -1.30 -31.08
CA GLY F 254 36.70 -2.56 -30.40
C GLY F 254 35.38 -3.26 -30.11
N VAL F 255 35.45 -4.60 -30.02
CA VAL F 255 34.25 -5.39 -29.79
C VAL F 255 33.65 -5.05 -28.42
N GLU F 256 32.33 -5.21 -28.31
CA GLU F 256 31.60 -4.84 -27.12
C GLU F 256 32.04 -5.71 -25.93
N ARG F 257 31.51 -5.39 -24.74
CA ARG F 257 32.00 -6.11 -23.52
C ARG F 257 31.16 -7.35 -23.23
N LYS F 258 31.80 -8.43 -22.79
CA LYS F 258 31.06 -9.67 -22.40
C LYS F 258 30.44 -9.45 -21.02
N MET F 259 29.48 -10.31 -20.62
CA MET F 259 28.77 -10.09 -19.33
C MET F 259 29.29 -11.06 -18.26
N ALA F 260 30.44 -10.79 -17.65
CA ALA F 260 30.93 -11.61 -16.55
C ALA F 260 31.34 -10.68 -15.41
N PRO F 261 31.48 -11.21 -14.19
CA PRO F 261 32.05 -10.41 -13.10
C PRO F 261 33.45 -9.95 -13.44
N ILE F 262 33.77 -8.73 -13.06
CA ILE F 262 35.05 -8.11 -13.40
C ILE F 262 36.04 -8.37 -12.27
N GLY F 263 37.12 -9.09 -12.59
CA GLY F 263 38.16 -9.34 -11.62
C GLY F 263 39.10 -8.15 -11.47
N ALA F 264 39.96 -8.23 -10.45
CA ALA F 264 40.93 -7.17 -10.23
C ALA F 264 41.93 -7.06 -11.37
N ARG F 265 42.26 -8.18 -12.02
CA ARG F 265 43.22 -8.18 -13.09
C ARG F 265 42.84 -9.24 -14.11
N GLU F 266 43.11 -8.96 -15.39
CA GLU F 266 42.73 -9.89 -16.45
C GLU F 266 43.60 -11.14 -16.42
N SER F 267 44.91 -10.97 -16.23
CA SER F 267 45.84 -12.09 -16.26
C SER F 267 46.79 -11.99 -15.06
N ALA F 268 47.33 -13.14 -14.66
CA ALA F 268 48.25 -13.21 -13.54
C ALA F 268 49.69 -12.93 -13.93
N VAL F 269 49.97 -12.75 -15.22
CA VAL F 269 51.32 -12.47 -15.68
C VAL F 269 51.46 -10.99 -15.98
N MET F 270 52.63 -10.44 -15.70
CA MET F 270 52.91 -9.03 -15.93
C MET F 270 53.74 -8.77 -17.17
N LEU F 271 54.81 -9.54 -17.37
CA LEU F 271 55.76 -9.25 -18.43
C LEU F 271 56.11 -10.52 -19.19
N VAL F 272 56.11 -10.41 -20.51
CA VAL F 272 56.74 -11.39 -21.38
C VAL F 272 57.78 -10.66 -22.23
N SER F 273 59.01 -11.17 -22.22
CA SER F 273 60.13 -10.45 -22.80
C SER F 273 60.98 -11.41 -23.63
N ASN F 274 61.91 -10.84 -24.39
CA ASN F 274 62.83 -11.60 -25.23
C ASN F 274 64.23 -11.00 -25.12
N SER F 275 64.63 -10.62 -23.91
CA SER F 275 65.91 -9.98 -23.66
C SER F 275 66.75 -10.83 -22.71
N ILE F 276 68.06 -10.88 -22.98
CA ILE F 276 68.98 -11.52 -22.07
C ILE F 276 69.25 -10.62 -20.85
N LYS F 277 68.94 -9.33 -20.96
CA LYS F 277 69.17 -8.39 -19.87
C LYS F 277 68.29 -8.69 -18.65
N ASP F 278 67.18 -9.38 -18.84
CA ASP F 278 66.28 -9.73 -17.74
C ASP F 278 65.99 -11.23 -17.74
N VAL F 279 67.02 -12.04 -17.99
CA VAL F 279 66.85 -13.49 -17.90
C VAL F 279 66.63 -13.92 -16.46
N VAL F 280 67.29 -13.26 -15.50
CA VAL F 280 67.07 -13.54 -14.09
C VAL F 280 65.70 -13.05 -13.64
N ARG F 281 65.08 -12.16 -14.42
CA ARG F 281 63.75 -11.66 -14.08
C ARG F 281 62.69 -12.73 -14.26
N ALA F 282 62.89 -13.65 -15.20
CA ALA F 282 61.87 -14.61 -15.59
C ALA F 282 61.71 -15.73 -14.56
N THR F 283 60.49 -16.26 -14.49
CA THR F 283 60.17 -17.43 -13.69
C THR F 283 59.83 -18.66 -14.52
N ALA F 284 59.49 -18.48 -15.79
CA ALA F 284 59.18 -19.59 -16.70
C ALA F 284 59.48 -19.13 -18.12
N TYR F 285 59.56 -20.10 -19.03
CA TYR F 285 59.84 -19.79 -20.43
C TYR F 285 59.09 -20.76 -21.33
N PHE F 286 58.87 -20.32 -22.56
CA PHE F 286 58.13 -21.07 -23.56
C PHE F 286 58.97 -21.22 -24.81
N THR F 287 58.91 -22.40 -25.43
CA THR F 287 59.73 -22.71 -26.59
C THR F 287 58.84 -23.15 -27.75
N ALA F 288 59.38 -23.02 -28.95
CA ALA F 288 58.68 -23.38 -30.17
C ALA F 288 59.70 -23.77 -31.23
N PRO F 289 59.31 -24.56 -32.23
CA PRO F 289 60.26 -24.91 -33.30
C PRO F 289 60.76 -23.71 -34.06
N THR F 290 60.02 -22.61 -34.07
CA THR F 290 60.51 -21.38 -34.67
C THR F 290 61.75 -20.86 -33.95
N GLY F 291 62.57 -20.12 -34.68
CA GLY F 291 63.87 -19.72 -34.19
C GLY F 291 64.11 -18.23 -34.31
N ASP F 292 64.99 -17.73 -33.44
CA ASP F 292 65.47 -16.37 -33.40
C ASP F 292 67.00 -16.38 -33.33
N PRO F 293 67.68 -15.38 -33.88
CA PRO F 293 69.16 -15.37 -33.79
C PRO F 293 69.69 -15.32 -32.37
N HIS F 294 68.90 -14.83 -31.41
CA HIS F 294 69.32 -14.76 -30.01
C HIS F 294 68.63 -15.78 -29.12
N TRP F 295 67.74 -16.62 -29.66
CA TRP F 295 66.93 -17.47 -28.80
C TRP F 295 67.72 -18.63 -28.22
N LYS F 296 68.73 -19.14 -28.93
CA LYS F 296 69.50 -20.28 -28.42
C LYS F 296 70.26 -19.90 -27.16
N GLU F 297 70.92 -18.74 -27.18
CA GLU F 297 71.68 -18.29 -26.02
C GLU F 297 70.75 -18.02 -24.83
N VAL F 298 69.59 -17.42 -25.09
CA VAL F 298 68.62 -17.17 -24.04
C VAL F 298 68.10 -18.48 -23.45
N ALA F 299 67.85 -19.48 -24.31
CA ALA F 299 67.40 -20.77 -23.82
C ALA F 299 68.45 -21.43 -22.94
N ARG F 300 69.72 -21.36 -23.37
CA ARG F 300 70.79 -21.92 -22.54
C ARG F 300 70.89 -21.20 -21.21
N GLU F 301 70.81 -19.87 -21.21
CA GLU F 301 70.93 -19.10 -19.98
C GLU F 301 69.72 -19.25 -19.08
N ALA F 302 68.56 -19.64 -19.61
CA ALA F 302 67.35 -19.83 -18.81
C ALA F 302 67.24 -21.25 -18.27
N SER F 303 67.72 -22.25 -19.03
CA SER F 303 67.69 -23.62 -18.54
C SER F 303 68.62 -23.83 -17.35
N LYS F 304 69.61 -22.96 -17.16
CA LYS F 304 70.53 -23.08 -16.05
C LYS F 304 69.88 -22.75 -14.71
N LYS F 305 68.68 -22.17 -14.71
CA LYS F 305 68.01 -21.84 -13.47
C LYS F 305 67.62 -23.10 -12.72
N LYS F 306 67.82 -23.08 -11.39
CA LYS F 306 67.57 -24.27 -10.59
C LYS F 306 66.08 -24.63 -10.57
N ASN F 307 65.21 -23.64 -10.42
CA ASN F 307 63.76 -23.86 -10.32
C ASN F 307 63.06 -22.94 -11.31
N ILE F 308 62.78 -23.46 -12.50
CA ILE F 308 62.08 -22.72 -13.55
C ILE F 308 61.12 -23.66 -14.26
N LEU F 309 59.92 -23.16 -14.56
CA LEU F 309 58.94 -23.95 -15.28
C LEU F 309 59.21 -23.89 -16.78
N ALA F 310 59.20 -25.05 -17.44
CA ALA F 310 59.49 -25.15 -18.86
C ALA F 310 58.28 -25.73 -19.59
N TYR F 311 57.86 -25.06 -20.65
CA TYR F 311 56.78 -25.52 -21.50
C TYR F 311 57.23 -25.51 -22.96
N THR F 312 56.85 -26.53 -23.71
CA THR F 312 57.18 -26.63 -25.11
C THR F 312 55.94 -27.02 -25.91
N SER F 313 55.83 -26.46 -27.11
CA SER F 313 54.73 -26.75 -28.02
C SER F 313 55.25 -27.55 -29.21
N THR F 314 54.57 -28.64 -29.53
CA THR F 314 55.00 -29.53 -30.60
C THR F 314 54.03 -29.60 -31.77
N GLY F 315 52.73 -29.47 -31.53
CA GLY F 315 51.73 -29.58 -32.57
C GLY F 315 50.72 -28.44 -32.50
N GLY F 316 49.77 -28.49 -33.42
CA GLY F 316 48.74 -27.47 -33.48
C GLY F 316 49.28 -26.12 -33.88
N ASP F 317 48.63 -25.07 -33.38
CA ASP F 317 49.02 -23.69 -33.65
C ASP F 317 49.81 -23.15 -32.47
N VAL F 318 50.96 -22.52 -32.76
CA VAL F 318 51.81 -22.00 -31.70
C VAL F 318 51.11 -20.88 -30.94
N LYS F 319 50.45 -19.97 -31.66
CA LYS F 319 49.82 -18.83 -31.02
C LYS F 319 48.67 -19.27 -30.11
N THR F 320 47.87 -20.23 -30.54
CA THR F 320 46.77 -20.71 -29.71
C THR F 320 47.29 -21.36 -28.43
N GLU F 321 48.34 -22.17 -28.54
CA GLU F 321 48.93 -22.78 -27.36
C GLU F 321 49.49 -21.73 -26.41
N PHE F 322 50.16 -20.72 -26.96
CA PHE F 322 50.72 -19.66 -26.14
C PHE F 322 49.61 -18.90 -25.41
N LEU F 323 48.52 -18.60 -26.11
CA LEU F 323 47.41 -17.88 -25.48
C LEU F 323 46.75 -18.73 -24.40
N HIS F 324 46.57 -20.03 -24.65
CA HIS F 324 46.00 -20.90 -23.62
C HIS F 324 46.91 -20.96 -22.40
N LEU F 325 48.22 -21.04 -22.62
CA LEU F 325 49.16 -21.06 -21.51
C LEU F 325 49.09 -19.77 -20.71
N ILE F 326 49.09 -18.63 -21.41
CA ILE F 326 49.06 -17.35 -20.70
C ILE F 326 47.73 -17.16 -19.99
N ASP F 327 46.67 -17.81 -20.46
CA ASP F 327 45.40 -17.75 -19.76
C ASP F 327 45.43 -18.60 -18.48
N HIS F 328 45.97 -19.82 -18.58
CA HIS F 328 45.93 -20.74 -17.45
C HIS F 328 47.08 -20.53 -16.47
N LEU F 329 48.14 -19.82 -16.86
CA LEU F 329 49.27 -19.61 -15.96
C LEU F 329 48.94 -18.53 -14.94
N SER G 24 17.27 54.62 -0.78
CA SER G 24 18.20 53.52 -0.52
C SER G 24 18.81 53.65 0.87
N SER G 25 19.39 54.81 1.15
CA SER G 25 20.03 55.04 2.43
C SER G 25 19.00 55.42 3.50
N ASP G 26 19.35 55.15 4.75
CA ASP G 26 18.52 55.52 5.89
C ASP G 26 19.42 56.00 7.02
N SER G 27 18.80 56.74 7.95
CA SER G 27 19.52 57.27 9.10
C SER G 27 18.52 57.50 10.22
N GLY G 28 19.05 57.69 11.42
CA GLY G 28 18.24 57.98 12.58
C GLY G 28 17.33 59.17 12.39
N PRO G 29 17.92 60.35 12.15
CA PRO G 29 17.07 61.55 11.95
C PRO G 29 16.09 61.43 10.80
N LEU G 30 16.47 60.80 9.69
CA LEU G 30 15.58 60.72 8.54
C LEU G 30 14.37 59.85 8.85
N LEU G 31 14.60 58.68 9.43
CA LEU G 31 13.48 57.82 9.81
C LEU G 31 12.64 58.48 10.89
N SER G 32 13.26 59.26 11.78
CA SER G 32 12.49 59.99 12.79
C SER G 32 11.57 61.01 12.13
N VAL G 33 12.08 61.76 11.15
CA VAL G 33 11.25 62.73 10.45
C VAL G 33 10.11 62.03 9.73
N PHE G 34 10.39 60.88 9.11
CA PHE G 34 9.35 60.11 8.45
C PHE G 34 8.27 59.67 9.45
N ALA G 35 8.70 59.23 10.64
CA ALA G 35 7.74 58.81 11.66
C ALA G 35 6.88 59.97 12.12
N LEU G 36 7.48 61.14 12.33
CA LEU G 36 6.70 62.33 12.67
C LEU G 36 5.69 62.65 11.58
N GLN G 37 6.12 62.59 10.32
CA GLN G 37 5.20 62.91 9.23
C GLN G 37 4.01 61.96 9.23
N GLU G 38 4.28 60.66 9.38
CA GLU G 38 3.19 59.67 9.37
C GLU G 38 2.24 59.87 10.55
N ILE G 39 2.80 60.01 11.75
CA ILE G 39 1.95 60.15 12.93
C ILE G 39 1.14 61.43 12.89
N MET G 40 1.77 62.54 12.48
CA MET G 40 1.06 63.80 12.40
C MET G 40 -0.03 63.75 11.34
N GLN G 41 0.24 63.14 10.18
CA GLN G 41 -0.80 63.02 9.16
C GLN G 41 -1.95 62.16 9.65
N LYS G 42 -1.66 61.12 10.43
CA LYS G 42 -2.72 60.29 11.00
C LYS G 42 -3.56 61.08 11.99
N VAL G 43 -2.91 61.88 12.85
CA VAL G 43 -3.64 62.54 13.93
C VAL G 43 -4.36 63.80 13.47
N ARG G 44 -3.92 64.43 12.39
CA ARG G 44 -4.59 65.63 11.90
C ARG G 44 -5.97 65.37 11.32
N GLN G 45 -6.36 64.11 11.13
CA GLN G 45 -7.64 63.81 10.53
C GLN G 45 -8.82 64.31 11.34
N VAL G 46 -8.67 64.48 12.65
CA VAL G 46 -9.73 64.96 13.51
C VAL G 46 -9.20 66.12 14.34
N GLN G 47 -9.85 67.28 14.22
CA GLN G 47 -9.51 68.47 14.98
C GLN G 47 -10.79 69.24 15.29
N ALA G 48 -10.70 70.13 16.28
CA ALA G 48 -11.86 70.87 16.76
C ALA G 48 -11.54 72.36 16.82
N ASP G 49 -12.57 73.14 17.16
CA ASP G 49 -12.50 74.57 17.44
C ASP G 49 -12.31 75.41 16.17
N TYR G 50 -12.06 74.75 15.04
CA TYR G 50 -11.99 75.37 13.72
C TYR G 50 -11.22 76.70 13.78
N MET G 51 -9.96 76.61 14.17
CA MET G 51 -9.11 77.79 14.26
C MET G 51 -8.44 78.08 12.92
N PHE G 59 0.53 73.93 9.50
CA PHE G 59 1.22 72.94 10.32
C PHE G 59 2.74 73.01 10.07
N THR G 60 3.50 72.26 10.86
CA THR G 60 4.94 72.22 10.70
C THR G 60 5.47 70.90 11.26
N VAL G 61 6.51 70.38 10.61
CA VAL G 61 7.22 69.19 11.09
C VAL G 61 8.58 69.65 11.58
N PRO G 62 8.86 69.59 12.88
CA PRO G 62 10.14 70.11 13.39
C PRO G 62 11.33 69.32 12.86
N ASP G 63 12.43 70.03 12.66
CA ASP G 63 13.67 69.43 12.18
C ASP G 63 14.38 68.77 13.36
N VAL G 64 14.47 67.44 13.34
CA VAL G 64 15.10 66.73 14.44
C VAL G 64 16.58 67.06 14.54
N GLN G 65 17.21 67.46 13.43
CA GLN G 65 18.60 67.89 13.49
C GLN G 65 18.78 69.07 14.42
N LYS G 66 17.91 70.08 14.29
CA LYS G 66 18.01 71.25 15.15
C LYS G 66 17.76 70.89 16.60
N ILE G 67 16.77 70.02 16.86
CA ILE G 67 16.46 69.62 18.23
C ILE G 67 17.65 68.90 18.86
N LEU G 68 18.25 67.96 18.11
CA LEU G 68 19.40 67.22 18.62
C LEU G 68 20.57 68.15 18.86
N ASP G 69 20.84 69.08 17.94
CA ASP G 69 21.94 70.00 18.13
C ASP G 69 21.72 70.88 19.36
N ASP G 70 20.50 71.38 19.54
CA ASP G 70 20.20 72.24 20.67
C ASP G 70 20.33 71.47 21.99
N ILE G 71 19.83 70.24 22.03
CA ILE G 71 19.90 69.48 23.28
C ILE G 71 21.35 69.10 23.59
N LYS G 72 22.13 68.77 22.57
CA LYS G 72 23.54 68.49 22.80
C LYS G 72 24.29 69.72 23.30
N ALA G 73 24.01 70.88 22.72
CA ALA G 73 24.63 72.11 23.18
C ALA G 73 24.24 72.42 24.62
N LEU G 74 22.96 72.22 24.96
CA LEU G 74 22.51 72.45 26.33
C LEU G 74 23.20 71.50 27.30
N ALA G 75 23.37 70.24 26.91
CA ALA G 75 24.09 69.30 27.75
C ALA G 75 25.55 69.74 27.92
N ALA G 76 26.15 70.28 26.86
CA ALA G 76 27.53 70.76 26.93
C ALA G 76 27.67 72.04 27.73
N GLU G 77 26.58 72.72 28.05
CA GLU G 77 26.66 73.96 28.80
C GLU G 77 27.08 73.71 30.24
N GLN G 78 27.71 74.73 30.83
CA GLN G 78 28.16 74.67 32.22
C GLN G 78 27.30 75.60 33.06
N VAL G 79 26.71 75.07 34.13
CA VAL G 79 25.91 75.89 35.02
C VAL G 79 26.77 76.94 35.72
N TYR G 80 27.95 76.53 36.19
CA TYR G 80 28.86 77.43 36.88
C TYR G 80 29.72 78.17 35.86
N LYS G 81 30.72 78.90 36.35
CA LYS G 81 31.69 79.56 35.48
C LYS G 81 32.97 79.78 36.27
N ILE G 82 34.10 79.70 35.58
CA ILE G 82 35.41 79.83 36.19
C ILE G 82 35.92 81.25 35.95
N VAL G 83 36.28 81.95 37.04
CA VAL G 83 36.79 83.31 36.97
C VAL G 83 38.05 83.41 37.83
N LYS G 84 38.89 84.38 37.48
CA LYS G 84 40.09 84.67 38.27
C LYS G 84 39.83 85.67 39.38
N VAL G 85 38.86 86.57 39.18
CA VAL G 85 38.54 87.61 40.17
C VAL G 85 37.03 87.64 40.38
N PRO G 86 36.55 87.64 41.62
CA PRO G 86 35.10 87.74 41.85
C PRO G 86 34.57 89.09 41.41
N SER G 87 33.29 89.10 41.06
CA SER G 87 32.63 90.33 40.63
C SER G 87 32.59 91.34 41.77
N ILE G 88 32.61 92.63 41.41
CA ILE G 88 32.63 93.69 42.40
C ILE G 88 31.33 93.68 43.18
N SER G 89 31.43 93.67 44.50
CA SER G 89 30.27 93.68 45.38
C SER G 89 29.95 95.05 45.93
N PHE G 90 30.97 95.85 46.26
CA PHE G 90 30.78 97.18 46.83
C PHE G 90 31.55 98.19 45.99
N ARG G 91 30.89 99.30 45.65
CA ARG G 91 31.51 100.41 44.96
C ARG G 91 31.29 101.69 45.74
N HIS G 92 32.16 102.66 45.51
CA HIS G 92 32.13 103.91 46.26
C HIS G 92 31.97 105.08 45.30
N ILE G 93 31.20 106.08 45.74
CA ILE G 93 31.03 107.33 45.01
C ILE G 93 31.68 108.43 45.84
N VAL G 94 32.66 109.10 45.25
CA VAL G 94 33.40 110.14 45.97
C VAL G 94 32.63 111.45 45.89
N MET G 95 32.42 112.08 47.04
CA MET G 95 31.78 113.37 47.12
C MET G 95 32.83 114.47 47.25
N GLN G 96 32.36 115.71 47.42
CA GLN G 96 33.29 116.82 47.56
C GLN G 96 34.08 116.74 48.85
N SER G 97 33.54 116.06 49.86
CA SER G 97 34.24 115.94 51.14
C SER G 97 35.47 115.06 51.01
N ARG G 98 36.56 115.48 51.66
CA ARG G 98 37.78 114.70 51.69
C ARG G 98 37.79 113.65 52.79
N ASP G 99 36.87 113.74 53.75
CA ASP G 99 36.85 112.85 54.90
C ASP G 99 35.65 111.90 54.92
N ARG G 100 34.69 112.06 54.01
CA ARG G 100 33.49 111.24 54.00
C ARG G 100 33.26 110.69 52.59
N VAL G 101 32.61 109.53 52.54
CA VAL G 101 32.33 108.86 51.27
C VAL G 101 31.16 107.91 51.49
N LEU G 102 30.46 107.57 50.41
CA LEU G 102 29.31 106.70 50.46
C LEU G 102 29.67 105.31 49.97
N ARG G 103 29.19 104.29 50.68
CA ARG G 103 29.37 102.90 50.30
C ARG G 103 28.07 102.38 49.68
N VAL G 104 28.17 101.84 48.47
CA VAL G 104 27.01 101.39 47.72
C VAL G 104 27.14 99.88 47.50
N ASP G 105 26.08 99.15 47.84
CA ASP G 105 26.02 97.72 47.59
C ASP G 105 25.59 97.51 46.14
N THR G 106 26.49 96.95 45.33
CA THR G 106 26.21 96.79 43.90
C THR G 106 25.09 95.80 43.64
N TYR G 107 24.90 94.83 44.55
CA TYR G 107 23.92 93.77 44.32
C TYR G 107 22.51 94.33 44.18
N TYR G 108 22.13 95.25 45.05
CA TYR G 108 20.77 95.79 45.03
C TYR G 108 20.57 96.79 43.90
N GLU G 109 21.60 97.58 43.58
CA GLU G 109 21.42 98.64 42.59
C GLU G 109 21.23 98.06 41.19
N GLU G 110 21.67 96.84 40.94
CA GLU G 110 21.60 96.28 39.59
C GLU G 110 20.45 95.30 39.40
N MET G 111 20.08 94.54 40.43
CA MET G 111 19.04 93.53 40.27
C MET G 111 17.66 94.16 40.12
N SER G 112 17.51 95.43 40.50
CA SER G 112 16.23 96.13 40.28
C SER G 112 15.85 96.19 38.81
N GLN G 113 16.82 96.09 37.91
CA GLN G 113 16.54 96.05 36.48
C GLN G 113 16.12 94.67 36.00
N VAL G 114 16.18 93.65 36.87
CA VAL G 114 15.77 92.30 36.48
C VAL G 114 14.25 92.22 36.56
N GLY G 115 13.63 91.86 35.45
CA GLY G 115 12.18 91.78 35.37
C GLY G 115 11.54 93.12 35.04
N ASP G 116 10.36 93.04 34.45
CA ASP G 116 9.62 94.24 34.04
C ASP G 116 8.82 94.77 35.23
N VAL G 117 7.97 95.78 34.98
CA VAL G 117 7.16 96.33 36.05
C VAL G 117 6.05 95.35 36.43
N ILE G 118 5.52 95.53 37.63
CA ILE G 118 4.49 94.65 38.17
C ILE G 118 3.14 95.34 38.04
N THR G 119 2.12 94.54 37.73
CA THR G 119 0.75 95.01 37.68
C THR G 119 -0.15 93.94 38.29
N GLU G 120 -1.20 94.39 38.98
CA GLU G 120 -2.04 93.47 39.75
C GLU G 120 -3.11 92.78 38.92
N ASP G 121 -3.36 93.23 37.69
CA ASP G 121 -4.42 92.63 36.89
C ASP G 121 -4.03 91.28 36.31
N GLU G 122 -2.75 91.09 36.00
CA GLU G 122 -2.27 89.86 35.37
C GLU G 122 -1.34 89.11 36.32
N PRO G 123 -1.81 88.07 37.00
CA PRO G 123 -0.92 87.29 37.88
C PRO G 123 0.21 86.59 37.14
N GLU G 124 -0.01 86.21 35.87
CA GLU G 124 0.98 85.42 35.16
C GLU G 124 2.28 86.20 34.97
N LYS G 125 2.17 87.47 34.58
CA LYS G 125 3.38 88.29 34.42
C LYS G 125 4.08 88.52 35.75
N PHE G 126 3.30 88.69 36.83
CA PHE G 126 3.89 88.85 38.16
C PHE G 126 4.70 87.63 38.55
N TYR G 127 4.14 86.43 38.33
CA TYR G 127 4.86 85.23 38.71
C TYR G 127 6.04 84.94 37.77
N SER G 128 5.93 85.35 36.50
CA SER G 128 7.08 85.27 35.61
C SER G 128 8.21 86.16 36.09
N THR G 129 7.87 87.36 36.55
CA THR G 129 8.88 88.26 37.12
C THR G 129 9.51 87.64 38.37
N ILE G 130 8.69 87.00 39.21
CA ILE G 130 9.22 86.32 40.39
C ILE G 130 10.19 85.22 39.99
N ILE G 131 9.84 84.43 38.98
CA ILE G 131 10.70 83.36 38.51
C ILE G 131 12.01 83.92 37.97
N LYS G 132 11.95 85.00 37.19
CA LYS G 132 13.18 85.60 36.69
C LYS G 132 14.05 86.12 37.83
N LYS G 133 13.43 86.76 38.82
CA LYS G 133 14.20 87.28 39.95
C LYS G 133 14.89 86.16 40.73
N VAL G 134 14.18 85.05 40.97
CA VAL G 134 14.80 83.95 41.70
C VAL G 134 15.84 83.25 40.84
N ARG G 135 15.67 83.25 39.52
CA ARG G 135 16.69 82.71 38.63
C ARG G 135 17.97 83.52 38.69
N PHE G 136 17.83 84.84 38.80
CA PHE G 136 19.00 85.72 38.75
C PHE G 136 19.94 85.48 39.93
N ILE G 137 19.39 85.23 41.12
CA ILE G 137 20.23 84.97 42.29
C ILE G 137 21.06 83.72 42.09
N ARG G 138 20.42 82.64 41.60
CA ARG G 138 21.14 81.40 41.35
C ARG G 138 22.20 81.60 40.27
N GLY G 139 21.87 82.38 39.23
CA GLY G 139 22.85 82.64 38.19
C GLY G 139 24.06 83.41 38.70
N LYS G 140 23.84 84.40 39.56
CA LYS G 140 24.93 85.20 40.07
C LYS G 140 25.78 84.44 41.08
N GLY G 141 25.16 83.58 41.88
CA GLY G 141 25.86 82.95 42.97
C GLY G 141 26.74 81.77 42.63
N SER G 142 26.78 81.35 41.36
CA SER G 142 27.54 80.18 40.95
C SER G 142 28.80 80.62 40.23
N PHE G 143 29.95 80.53 40.91
CA PHE G 143 31.24 80.84 40.31
C PHE G 143 32.33 80.12 41.09
N ILE G 144 33.45 79.90 40.43
CA ILE G 144 34.59 79.19 41.01
C ILE G 144 35.84 80.03 40.80
N LEU G 145 36.61 80.22 41.87
CA LEU G 145 37.87 80.94 41.79
C LEU G 145 39.00 80.00 41.42
N HIS G 146 39.86 80.45 40.51
CA HIS G 146 40.96 79.63 40.04
C HIS G 146 42.06 80.52 39.49
N ASP G 147 43.29 80.27 39.92
CA ASP G 147 44.47 81.00 39.45
C ASP G 147 44.34 82.51 39.71
N ILE G 148 44.23 82.85 40.98
CA ILE G 148 44.15 84.24 41.40
C ILE G 148 45.53 84.89 41.23
N PRO G 149 45.61 86.12 40.73
CA PRO G 149 46.92 86.77 40.58
C PRO G 149 47.39 87.34 41.91
N THR G 150 48.58 86.93 42.33
CA THR G 150 49.14 87.32 43.62
C THR G 150 50.59 87.71 43.45
N ARG G 151 51.14 88.36 44.48
CA ARG G 151 52.54 88.78 44.48
C ARG G 151 53.16 88.43 45.83
N ASP G 152 54.48 88.26 45.81
CA ASP G 152 55.22 87.87 47.00
C ASP G 152 55.74 89.10 47.74
N HIS G 153 55.86 88.96 49.06
CA HIS G 153 56.37 90.04 49.90
C HIS G 153 56.97 89.43 51.16
N ARG G 154 58.26 89.68 51.38
CA ARG G 154 58.98 89.19 52.56
C ARG G 154 58.90 87.68 52.69
N GLY G 155 58.86 86.98 51.57
CA GLY G 155 58.74 85.53 51.57
C GLY G 155 57.34 85.01 51.81
N MET G 156 56.35 85.89 51.97
CA MET G 156 54.97 85.51 52.18
C MET G 156 54.11 86.04 51.06
N GLU G 157 53.23 85.19 50.52
CA GLU G 157 52.41 85.57 49.39
C GLU G 157 51.29 86.50 49.85
N VAL G 158 51.10 87.59 49.13
CA VAL G 158 50.11 88.61 49.46
C VAL G 158 49.19 88.80 48.26
N ALA G 159 47.89 88.79 48.50
CA ALA G 159 46.92 88.91 47.41
C ALA G 159 46.97 90.31 46.81
N GLU G 160 46.81 90.38 45.49
CA GLU G 160 46.86 91.64 44.79
C GLU G 160 45.56 92.43 45.02
N PRO G 161 45.61 93.75 44.86
CA PRO G 161 44.46 94.59 45.24
C PRO G 161 43.21 94.39 44.37
N GLU G 162 43.21 93.50 43.38
CA GLU G 162 42.01 93.33 42.57
C GLU G 162 41.21 92.08 42.91
N VAL G 163 41.82 91.08 43.55
CA VAL G 163 41.10 89.85 43.85
C VAL G 163 39.98 90.11 44.85
N LEU G 164 40.23 90.92 45.87
CA LEU G 164 39.20 91.24 46.85
C LEU G 164 38.14 92.15 46.20
N GLY G 165 36.88 91.89 46.55
CA GLY G 165 35.77 92.52 45.88
C GLY G 165 35.42 93.92 46.36
N VAL G 166 36.33 94.87 46.16
CA VAL G 166 36.09 96.27 46.48
C VAL G 166 36.59 97.13 45.32
N GLU G 167 36.12 98.38 45.29
CA GLU G 167 36.42 99.30 44.21
C GLU G 167 36.86 100.65 44.79
N PHE G 168 37.83 100.60 45.70
CA PHE G 168 38.25 101.78 46.44
C PHE G 168 39.23 102.66 45.68
N LYS G 169 39.58 102.32 44.44
CA LYS G 169 40.61 103.08 43.74
C LYS G 169 40.14 104.49 43.37
N ASN G 170 38.82 104.68 43.24
CA ASN G 170 38.32 105.98 42.81
C ASN G 170 38.44 107.03 43.92
N VAL G 171 38.36 106.62 45.18
CA VAL G 171 38.43 107.58 46.29
C VAL G 171 39.88 107.85 46.72
N LEU G 172 40.83 107.05 46.25
CA LEU G 172 42.23 107.22 46.66
C LEU G 172 42.81 108.60 46.35
N PRO G 173 42.62 109.19 45.16
CA PRO G 173 43.36 110.43 44.84
C PRO G 173 43.07 111.59 45.78
N VAL G 174 41.94 111.60 46.48
CA VAL G 174 41.62 112.70 47.38
C VAL G 174 42.04 112.42 48.82
N LEU G 175 42.32 111.18 49.17
CA LEU G 175 42.60 110.82 50.56
C LEU G 175 43.89 111.44 51.05
N THR G 176 43.92 111.76 52.35
CA THR G 176 45.11 112.32 52.98
C THR G 176 46.16 111.24 53.21
N ALA G 177 47.37 111.68 53.54
CA ALA G 177 48.51 110.77 53.64
C ALA G 177 48.33 109.77 54.78
N GLU G 178 47.83 110.22 55.92
CA GLU G 178 47.82 109.36 57.10
C GLU G 178 46.73 108.30 57.03
N HIS G 179 45.57 108.62 56.44
CA HIS G 179 44.58 107.57 56.16
C HIS G 179 45.03 106.65 55.03
N ARG G 180 45.73 107.21 54.04
CA ARG G 180 46.22 106.41 52.94
C ARG G 180 47.26 105.39 53.42
N ALA G 181 48.08 105.76 54.40
CA ALA G 181 49.02 104.82 54.97
C ALA G 181 48.32 103.67 55.68
N MET G 182 47.23 103.98 56.40
CA MET G 182 46.44 102.93 57.03
C MET G 182 45.83 102.00 55.98
N ILE G 183 45.35 102.57 54.87
CA ILE G 183 44.81 101.76 53.79
C ILE G 183 45.89 100.84 53.23
N GLN G 184 47.09 101.38 53.02
CA GLN G 184 48.19 100.57 52.50
C GLN G 184 48.56 99.46 53.48
N ASN G 185 48.57 99.76 54.78
CA ASN G 185 48.85 98.74 55.77
C ASN G 185 47.79 97.64 55.75
N ALA G 186 46.52 98.03 55.58
CA ALA G 186 45.46 97.03 55.47
C ALA G 186 45.64 96.17 54.24
N LEU G 187 46.09 96.76 53.13
CA LEU G 187 46.45 95.96 51.96
C LEU G 187 47.58 94.99 52.27
N ASP G 188 48.58 95.45 53.03
CA ASP G 188 49.71 94.59 53.37
C ASP G 188 49.30 93.38 54.22
N GLY G 189 48.18 93.47 54.93
CA GLY G 189 47.72 92.39 55.77
C GLY G 189 46.98 91.27 55.07
N SER G 190 46.82 91.36 53.75
CA SER G 190 46.10 90.35 52.99
C SER G 190 47.03 89.19 52.62
N ILE G 191 47.48 88.48 53.65
CA ILE G 191 48.32 87.31 53.46
C ILE G 191 47.46 86.10 53.13
N ILE G 192 48.06 85.12 52.46
CA ILE G 192 47.36 83.93 51.99
C ILE G 192 47.87 82.72 52.73
N GLU G 193 46.95 81.91 53.24
CA GLU G 193 47.26 80.68 53.95
C GLU G 193 46.93 79.48 53.07
N ASN G 194 47.08 78.29 53.65
CA ASN G 194 46.82 77.04 52.95
C ASN G 194 45.80 76.21 53.70
N GLY G 195 45.00 75.47 52.94
CA GLY G 195 43.97 74.62 53.52
C GLY G 195 43.77 73.39 52.66
N ASN G 196 43.39 72.29 53.31
CA ASN G 196 43.21 71.01 52.62
C ASN G 196 41.75 70.79 52.29
N VAL G 197 41.47 70.50 51.02
CA VAL G 197 40.14 70.16 50.54
C VAL G 197 40.26 68.94 49.65
N ALA G 198 39.52 67.88 49.99
CA ALA G 198 39.53 66.62 49.23
C ALA G 198 40.95 66.10 49.04
N THR G 199 41.71 66.12 50.14
CA THR G 199 43.10 65.68 50.16
C THR G 199 43.92 66.46 49.12
N ARG G 200 43.63 67.75 49.02
CA ARG G 200 44.36 68.66 48.14
C ARG G 200 44.47 70.01 48.82
N ASP G 201 45.65 70.63 48.69
CA ASP G 201 45.89 71.92 49.30
C ASP G 201 45.37 73.03 48.37
N VAL G 202 44.63 73.97 48.95
CA VAL G 202 44.08 75.10 48.22
C VAL G 202 44.43 76.39 48.96
N ASP G 203 44.43 77.50 48.22
CA ASP G 203 44.73 78.79 48.82
C ASP G 203 43.48 79.38 49.44
N VAL G 204 43.60 79.85 50.68
CA VAL G 204 42.49 80.41 51.43
C VAL G 204 42.83 81.83 51.83
N PHE G 205 41.86 82.73 51.70
CA PHE G 205 42.04 84.14 52.06
C PHE G 205 40.68 84.73 52.40
N ILE G 206 40.69 85.97 52.85
CA ILE G 206 39.48 86.67 53.26
C ILE G 206 39.15 87.74 52.23
N GLY G 207 37.86 87.99 52.05
CA GLY G 207 37.39 88.99 51.10
C GLY G 207 36.05 89.58 51.49
N ALA G 208 35.38 90.20 50.52
CA ALA G 208 34.10 90.84 50.74
C ALA G 208 33.10 90.38 49.68
N CYS G 209 31.89 90.04 50.12
CA CYS G 209 30.84 89.61 49.22
C CYS G 209 29.49 89.80 49.89
N SER G 210 28.45 89.82 49.08
CA SER G 210 27.09 89.97 49.58
C SER G 210 26.59 88.65 50.13
N GLU G 211 25.66 88.74 51.10
CA GLU G 211 25.14 87.55 51.76
C GLU G 211 24.44 86.59 50.80
N PRO G 212 23.49 87.01 49.96
CA PRO G 212 22.84 86.04 49.06
C PRO G 212 23.80 85.35 48.11
N VAL G 213 24.80 86.06 47.59
CA VAL G 213 25.78 85.44 46.71
C VAL G 213 26.69 84.50 47.48
N TYR G 214 27.11 84.91 48.67
CA TYR G 214 27.97 84.07 49.50
C TYR G 214 27.28 82.78 49.89
N ARG G 215 25.96 82.82 50.13
CA ARG G 215 25.22 81.61 50.45
C ARG G 215 25.30 80.60 49.32
N ILE G 216 25.09 81.05 48.08
CA ILE G 216 25.13 80.15 46.94
C ILE G 216 26.56 79.65 46.71
N TYR G 217 27.54 80.52 46.93
CA TYR G 217 28.93 80.10 46.77
C TYR G 217 29.28 79.00 47.78
N ASN G 218 28.87 79.17 49.03
CA ASN G 218 29.12 78.15 50.04
C ASN G 218 28.39 76.85 49.71
N ARG G 219 27.16 76.96 49.21
CA ARG G 219 26.42 75.75 48.84
C ARG G 219 27.12 75.01 47.71
N LEU G 220 27.60 75.74 46.70
CA LEU G 220 28.33 75.11 45.60
C LEU G 220 29.60 74.43 46.11
N GLN G 221 30.35 75.11 46.97
CA GLN G 221 31.57 74.51 47.51
C GLN G 221 31.26 73.24 48.28
N GLY G 222 30.25 73.29 49.14
CA GLY G 222 29.87 72.11 49.92
C GLY G 222 29.44 70.96 49.04
N TYR G 223 28.72 71.25 47.96
CA TYR G 223 28.38 70.22 46.99
C TYR G 223 29.64 69.63 46.37
N ILE G 224 30.63 70.46 46.07
CA ILE G 224 31.87 69.97 45.49
C ILE G 224 32.56 68.98 46.44
N GLU G 225 32.63 69.34 47.73
CA GLU G 225 33.26 68.40 48.66
C GLU G 225 32.39 67.15 48.83
N ALA G 226 31.07 67.29 48.81
CA ALA G 226 30.20 66.16 49.07
C ALA G 226 30.28 65.12 47.96
N VAL G 227 30.38 65.57 46.71
CA VAL G 227 30.36 64.63 45.58
C VAL G 227 31.57 63.71 45.59
N GLN G 228 32.73 64.22 46.04
CA GLN G 228 33.98 63.50 45.87
C GLN G 228 34.03 62.18 46.63
N LEU G 229 33.07 61.94 47.53
CA LEU G 229 33.13 60.74 48.37
C LEU G 229 32.83 59.47 47.57
N GLN G 230 31.61 59.35 47.03
CA GLN G 230 31.19 58.07 46.47
C GLN G 230 30.53 58.22 45.10
N GLU G 231 29.92 59.37 44.82
CA GLU G 231 29.08 59.50 43.64
C GLU G 231 29.88 59.31 42.35
N LEU G 232 31.08 59.90 42.29
CA LEU G 232 31.87 59.85 41.05
C LEU G 232 32.25 58.42 40.68
N ARG G 233 32.69 57.64 41.66
CA ARG G 233 33.09 56.26 41.38
C ARG G 233 31.91 55.43 40.90
N ASN G 234 30.75 55.59 41.53
CA ASN G 234 29.56 54.87 41.10
C ASN G 234 29.15 55.26 39.69
N SER G 235 29.21 56.56 39.38
CA SER G 235 28.86 57.01 38.03
C SER G 235 29.81 56.42 36.99
N ILE G 236 31.11 56.42 37.28
CA ILE G 236 32.07 55.85 36.34
C ILE G 236 31.85 54.35 36.18
N GLY G 237 31.55 53.65 37.27
CA GLY G 237 31.27 52.23 37.16
C GLY G 237 30.05 51.93 36.32
N TRP G 238 28.99 52.73 36.50
CA TRP G 238 27.78 52.54 35.69
C TRP G 238 28.07 52.82 34.22
N LEU G 239 28.86 53.86 33.94
CA LEU G 239 29.23 54.13 32.55
C LEU G 239 30.03 52.98 31.96
N GLU G 240 30.93 52.40 32.75
CA GLU G 240 31.69 51.24 32.28
C GLU G 240 30.77 50.07 31.97
N ARG G 241 29.79 49.82 32.84
CA ARG G 241 28.85 48.73 32.60
C ARG G 241 28.04 48.96 31.33
N LEU G 242 27.56 50.20 31.14
CA LEU G 242 26.79 50.52 29.95
C LEU G 242 27.62 50.34 28.69
N GLY G 243 28.87 50.79 28.71
CA GLY G 243 29.76 50.55 27.58
C GLY G 243 30.00 49.08 27.35
N HIS G 244 30.06 48.30 28.43
CA HIS G 244 30.22 46.84 28.30
C HIS G 244 29.04 46.22 27.57
N ARG G 245 27.82 46.59 27.95
CA ARG G 245 26.66 45.99 27.31
C ARG G 245 26.51 46.46 25.86
N LYS G 246 26.60 47.77 25.63
CA LYS G 246 26.30 48.33 24.31
C LYS G 246 27.46 48.24 23.34
N ARG G 247 28.48 47.43 23.64
CA ARG G 247 29.63 47.25 22.75
C ARG G 247 30.33 48.58 22.45
N ILE G 248 30.45 49.42 23.47
CA ILE G 248 31.08 50.73 23.35
C ILE G 248 32.38 50.72 24.14
N THR G 249 33.46 51.14 23.50
CA THR G 249 34.77 51.23 24.14
C THR G 249 35.10 52.71 24.36
N TYR G 250 35.30 53.08 25.62
CA TYR G 250 35.63 54.45 25.97
C TYR G 250 37.13 54.60 26.22
N SER G 251 37.62 55.81 25.99
CA SER G 251 39.03 56.09 26.24
C SER G 251 39.31 56.13 27.74
N GLN G 252 40.60 55.99 28.07
CA GLN G 252 41.01 56.03 29.48
C GLN G 252 40.79 57.40 30.10
N GLU G 253 40.63 58.45 29.28
CA GLU G 253 40.35 59.78 29.82
C GLU G 253 38.97 59.86 30.47
N VAL G 254 38.11 58.88 30.22
CA VAL G 254 36.75 58.89 30.76
C VAL G 254 36.66 57.91 31.92
N LEU G 255 37.48 56.86 31.88
CA LEU G 255 37.37 55.76 32.82
C LEU G 255 38.29 55.88 34.03
N THR G 256 39.55 56.28 33.84
CA THR G 256 40.51 56.30 34.92
C THR G 256 41.13 57.67 35.17
N ASP G 257 40.69 58.71 34.47
CA ASP G 257 41.30 60.02 34.63
C ASP G 257 40.93 60.69 35.95
N PHE G 258 39.85 60.23 36.60
CA PHE G 258 39.40 60.87 37.83
C PHE G 258 40.24 60.50 39.05
N ARG G 259 41.12 59.50 38.94
CA ARG G 259 41.94 59.07 40.06
C ARG G 259 43.23 59.88 40.19
N ARG G 260 43.46 60.85 39.32
CA ARG G 260 44.63 61.70 39.44
C ARG G 260 44.51 62.62 40.65
N GLN G 261 45.67 63.01 41.18
CA GLN G 261 45.72 63.91 42.34
C GLN G 261 45.75 65.38 41.95
N ASP G 262 45.83 65.70 40.66
CA ASP G 262 45.86 67.08 40.20
C ASP G 262 44.59 67.49 39.47
N THR G 263 43.48 66.79 39.71
CA THR G 263 42.23 67.08 39.01
C THR G 263 41.06 66.97 39.96
N ILE G 264 40.16 67.95 39.91
CA ILE G 264 38.88 67.91 40.61
C ILE G 264 37.79 67.75 39.58
N TRP G 265 36.94 66.74 39.76
CA TRP G 265 35.77 66.53 38.92
C TRP G 265 34.54 67.05 39.66
N VAL G 266 33.96 68.12 39.16
CA VAL G 266 32.69 68.64 39.67
C VAL G 266 31.57 67.94 38.90
N LEU G 267 30.83 67.09 39.59
CA LEU G 267 29.82 66.26 38.95
C LEU G 267 28.50 67.04 38.89
N ALA G 268 28.39 67.88 37.88
CA ALA G 268 27.15 68.64 37.68
C ALA G 268 26.00 67.70 37.35
N LEU G 269 26.26 66.65 36.58
CA LEU G 269 25.24 65.70 36.16
C LEU G 269 25.62 64.31 36.65
N GLN G 270 24.66 63.61 37.24
CA GLN G 270 24.88 62.26 37.75
C GLN G 270 24.36 61.24 36.75
N LEU G 271 25.16 60.23 36.46
CA LEU G 271 24.88 59.26 35.40
C LEU G 271 23.74 58.29 35.73
N PRO G 272 23.75 57.58 36.88
CA PRO G 272 22.71 56.56 37.09
C PRO G 272 21.34 57.18 37.31
N VAL G 273 20.74 57.69 36.22
CA VAL G 273 19.44 58.33 36.31
C VAL G 273 18.35 57.27 36.40
N ASN G 274 17.43 57.45 37.33
CA ASN G 274 16.30 56.53 37.43
C ASN G 274 15.32 56.81 36.29
N PRO G 275 14.89 55.78 35.56
CA PRO G 275 13.99 56.01 34.41
C PRO G 275 12.60 56.48 34.80
N GLN G 276 12.23 56.40 36.07
CA GLN G 276 10.89 56.80 36.48
C GLN G 276 10.62 58.28 36.20
N VAL G 277 11.66 59.12 36.32
CA VAL G 277 11.48 60.54 36.08
C VAL G 277 11.08 60.80 34.64
N VAL G 278 11.72 60.10 33.69
CA VAL G 278 11.42 60.31 32.28
C VAL G 278 10.01 59.83 31.96
N TRP G 279 9.60 58.70 32.51
CA TRP G 279 8.31 58.09 32.17
C TRP G 279 7.16 58.62 32.99
N ASP G 280 7.40 59.42 34.03
CA ASP G 280 6.31 59.93 34.85
C ASP G 280 5.60 61.12 34.23
N VAL G 281 6.20 61.76 33.23
CA VAL G 281 5.52 62.87 32.57
C VAL G 281 4.33 62.33 31.77
N PRO G 282 3.14 62.92 31.91
CA PRO G 282 1.95 62.30 31.32
C PRO G 282 1.94 62.38 29.80
N ARG G 283 1.51 61.28 29.18
CA ARG G 283 1.25 61.20 27.74
C ARG G 283 2.48 61.61 26.94
N SER G 284 3.55 60.82 27.09
CA SER G 284 4.80 61.08 26.39
C SER G 284 5.34 59.85 25.67
N SER G 285 4.49 58.85 25.42
CA SER G 285 4.96 57.64 24.76
C SER G 285 5.47 57.94 23.36
N ILE G 286 4.75 58.79 22.61
CA ILE G 286 5.18 59.13 21.26
C ILE G 286 6.51 59.86 21.28
N ALA G 287 6.66 60.83 22.19
CA ALA G 287 7.91 61.57 22.28
C ALA G 287 9.07 60.66 22.67
N ASN G 288 8.84 59.76 23.62
CA ASN G 288 9.88 58.82 24.04
C ASN G 288 10.31 57.93 22.89
N LEU G 289 9.34 57.41 22.13
CA LEU G 289 9.66 56.56 20.99
C LEU G 289 10.43 57.33 19.92
N ILE G 290 10.02 58.57 19.65
CA ILE G 290 10.71 59.38 18.65
C ILE G 290 12.14 59.65 19.08
N MET G 291 12.34 60.02 20.34
CA MET G 291 13.69 60.30 20.80
C MET G 291 14.55 59.04 20.79
N ASN G 292 13.94 57.89 21.11
CA ASN G 292 14.67 56.62 21.04
C ASN G 292 15.12 56.34 19.61
N ILE G 293 14.26 56.58 18.62
CA ILE G 293 14.66 56.40 17.23
C ILE G 293 15.77 57.38 16.88
N ALA G 294 15.65 58.63 17.31
CA ALA G 294 16.56 59.67 16.84
C ALA G 294 17.96 59.50 17.44
N THR G 295 18.04 59.13 18.72
CA THR G 295 19.31 59.26 19.43
C THR G 295 20.27 58.09 19.19
N CYS G 296 19.76 56.88 18.92
CA CYS G 296 20.62 55.71 18.91
C CYS G 296 20.36 54.75 17.76
N LEU G 297 19.59 55.13 16.76
CA LEU G 297 19.39 54.25 15.62
C LEU G 297 20.59 54.33 14.68
N PRO G 298 21.19 53.20 14.31
CA PRO G 298 22.30 53.23 13.35
C PRO G 298 21.79 53.54 11.95
N THR G 299 22.73 53.97 11.11
CA THR G 299 22.45 54.27 9.72
C THR G 299 22.93 53.13 8.83
N GLY G 300 22.23 52.92 7.73
CA GLY G 300 22.58 51.82 6.86
C GLY G 300 21.88 51.92 5.52
N GLU G 301 21.96 50.82 4.77
CA GLU G 301 21.44 50.74 3.41
C GLU G 301 20.52 49.55 3.27
N TYR G 302 19.63 49.62 2.28
CA TYR G 302 18.81 48.48 1.88
C TYR G 302 19.47 47.82 0.68
N ILE G 303 19.74 46.51 0.80
CA ILE G 303 20.39 45.75 -0.26
C ILE G 303 19.46 44.62 -0.69
N ALA G 304 19.41 44.40 -2.00
CA ALA G 304 18.68 43.27 -2.54
C ALA G 304 19.39 41.97 -2.18
N PRO G 305 18.67 40.85 -2.20
CA PRO G 305 19.32 39.56 -1.94
C PRO G 305 20.35 39.24 -3.01
N ASN G 306 21.02 38.12 -2.82
CA ASN G 306 22.06 37.69 -3.75
C ASN G 306 21.45 37.50 -5.13
N PRO G 307 22.01 38.12 -6.17
CA PRO G 307 21.48 37.91 -7.54
C PRO G 307 21.58 36.47 -8.00
N ARG G 308 22.25 35.61 -7.25
CA ARG G 308 22.28 34.18 -7.50
C ARG G 308 20.95 33.50 -7.22
N ILE G 309 19.92 34.26 -6.82
CA ILE G 309 18.58 33.72 -6.62
C ILE G 309 17.70 34.31 -7.71
N SER G 310 17.15 33.45 -8.56
CA SER G 310 16.36 33.90 -9.70
C SER G 310 14.97 34.33 -9.24
N SER G 311 14.24 34.95 -10.15
CA SER G 311 12.88 35.37 -9.87
C SER G 311 11.98 34.15 -9.63
N ILE G 312 11.05 34.30 -8.69
CA ILE G 312 10.15 33.19 -8.37
C ILE G 312 9.14 33.00 -9.49
N THR G 313 9.00 31.76 -9.95
CA THR G 313 8.06 31.41 -11.00
C THR G 313 6.86 30.69 -10.38
N LEU G 314 5.66 31.14 -10.73
CA LEU G 314 4.43 30.60 -10.17
C LEU G 314 3.94 29.42 -10.97
N THR G 315 3.55 28.35 -10.27
CA THR G 315 3.04 27.13 -10.91
C THR G 315 1.53 27.27 -11.13
N GLN G 316 1.20 28.12 -12.10
CA GLN G 316 -0.20 28.40 -12.44
C GLN G 316 -0.37 28.32 -13.96
N ARG G 317 -1.52 27.84 -14.39
CA ARG G 317 -1.82 27.80 -15.82
C ARG G 317 -1.92 29.21 -16.38
N ILE G 318 -1.44 29.36 -17.62
CA ILE G 318 -1.14 30.68 -18.14
C ILE G 318 -2.42 31.42 -18.50
N THR G 319 -2.58 32.61 -17.93
CA THR G 319 -3.56 33.57 -18.41
C THR G 319 -2.85 34.61 -19.27
N THR G 320 -3.61 35.20 -20.20
CA THR G 320 -3.00 35.97 -21.29
C THR G 320 -2.28 37.24 -20.81
N THR G 321 -2.57 37.73 -19.60
CA THR G 321 -1.98 38.98 -19.14
C THR G 321 -1.32 38.86 -17.77
N GLY G 322 -1.32 37.67 -17.17
CA GLY G 322 -0.75 37.48 -15.86
C GLY G 322 0.77 37.50 -15.88
N PRO G 323 1.38 37.70 -14.71
CA PRO G 323 2.85 37.69 -14.63
C PRO G 323 3.38 36.27 -14.49
N PHE G 324 4.27 35.87 -15.40
CA PHE G 324 4.93 34.58 -15.29
C PHE G 324 5.75 34.51 -14.01
N ALA G 325 6.48 35.58 -13.69
CA ALA G 325 7.33 35.63 -12.53
C ALA G 325 7.29 37.03 -11.94
N ILE G 326 7.69 37.14 -10.67
CA ILE G 326 7.78 38.43 -9.99
C ILE G 326 9.25 38.70 -9.71
N LEU G 327 9.76 39.78 -10.29
CA LEU G 327 11.18 40.08 -10.19
C LEU G 327 11.56 40.48 -8.77
N THR G 328 12.82 40.26 -8.42
CA THR G 328 13.36 40.64 -7.13
C THR G 328 14.34 41.80 -7.20
N GLY G 329 14.99 42.02 -8.35
CA GLY G 329 15.90 43.13 -8.50
C GLY G 329 15.25 44.43 -8.94
N SER G 330 13.95 44.43 -9.17
CA SER G 330 13.25 45.64 -9.59
C SER G 330 13.25 46.68 -8.48
N THR G 331 13.41 47.94 -8.88
CA THR G 331 13.46 49.03 -7.92
C THR G 331 12.07 49.53 -7.62
N PRO G 332 11.65 49.55 -6.36
CA PRO G 332 10.32 50.05 -6.02
C PRO G 332 10.21 51.56 -6.13
N THR G 333 8.97 52.03 -6.22
CA THR G 333 8.70 53.45 -6.24
C THR G 333 8.95 54.06 -4.87
N ALA G 334 8.93 55.40 -4.83
CA ALA G 334 9.20 56.10 -3.57
C ALA G 334 8.14 55.77 -2.52
N GLN G 335 6.87 55.67 -2.94
CA GLN G 335 5.82 55.32 -1.99
C GLN G 335 6.01 53.92 -1.42
N GLN G 336 6.38 52.97 -2.27
CA GLN G 336 6.70 51.63 -1.79
C GLN G 336 7.94 51.63 -0.89
N LEU G 337 8.89 52.53 -1.17
CA LEU G 337 10.04 52.67 -0.26
C LEU G 337 9.59 53.17 1.11
N ASN G 338 8.65 54.13 1.13
CA ASN G 338 8.11 54.59 2.40
C ASN G 338 7.39 53.45 3.13
N ASP G 339 6.64 52.63 2.38
CA ASP G 339 5.92 51.53 2.99
C ASP G 339 6.87 50.49 3.58
N VAL G 340 7.95 50.16 2.87
CA VAL G 340 8.90 49.20 3.41
C VAL G 340 9.66 49.79 4.60
N ARG G 341 9.89 51.11 4.57
CA ARG G 341 10.43 51.78 5.76
C ARG G 341 9.49 51.60 6.95
N LYS G 342 8.19 51.76 6.72
CA LYS G 342 7.21 51.54 7.78
C LYS G 342 7.29 50.11 8.30
N ILE G 343 7.38 49.15 7.39
CA ILE G 343 7.43 47.75 7.79
C ILE G 343 8.64 47.50 8.68
N TYR G 344 9.81 47.97 8.26
CA TYR G 344 11.02 47.73 9.04
C TYR G 344 10.98 48.47 10.38
N LEU G 345 10.46 49.71 10.37
CA LEU G 345 10.38 50.47 11.62
C LEU G 345 9.47 49.79 12.63
N ALA G 346 8.35 49.23 12.17
CA ALA G 346 7.47 48.52 13.08
C ALA G 346 8.06 47.18 13.50
N LEU G 347 8.85 46.53 12.61
CA LEU G 347 9.50 45.28 13.00
C LEU G 347 10.53 45.51 14.10
N MET G 348 11.29 46.60 14.00
CA MET G 348 12.32 46.88 15.00
C MET G 348 11.77 47.34 16.33
N PHE G 349 10.48 47.66 16.42
CA PHE G 349 9.83 48.03 17.68
C PHE G 349 8.65 47.09 17.87
N PRO G 350 8.82 46.03 18.66
CA PRO G 350 7.85 44.92 18.65
C PRO G 350 6.42 45.30 18.98
N GLY G 351 6.19 45.87 20.15
CA GLY G 351 4.83 46.09 20.61
C GLY G 351 4.30 47.49 20.48
N GLN G 352 5.16 48.43 20.08
CA GLN G 352 4.76 49.84 20.07
C GLN G 352 4.18 50.29 18.74
N ILE G 353 4.52 49.64 17.63
CA ILE G 353 4.04 50.02 16.30
C ILE G 353 3.45 48.79 15.62
N ILE G 354 2.29 48.96 14.98
CA ILE G 354 1.54 47.87 14.39
C ILE G 354 1.17 48.24 12.95
N LEU G 355 1.21 47.26 12.05
CA LEU G 355 0.87 47.48 10.66
C LEU G 355 -0.64 47.46 10.46
N ASP G 356 -1.05 47.80 9.23
CA ASP G 356 -2.43 47.73 8.80
C ASP G 356 -2.48 47.84 7.28
N LEU G 357 -3.38 47.08 6.66
CA LEU G 357 -3.50 47.12 5.20
C LEU G 357 -4.17 48.42 4.74
N LYS G 358 -3.87 48.79 3.50
CA LYS G 358 -4.53 49.90 2.84
C LYS G 358 -4.60 49.59 1.36
N ILE G 359 -5.77 49.80 0.75
CA ILE G 359 -6.00 49.50 -0.66
C ILE G 359 -6.30 50.80 -1.39
N ASP G 360 -5.53 51.09 -2.41
CA ASP G 360 -5.77 52.29 -3.20
C ASP G 360 -6.87 52.04 -4.22
N PRO G 361 -7.67 53.07 -4.54
CA PRO G 361 -8.72 52.89 -5.55
C PRO G 361 -8.16 52.49 -6.91
N GLY G 362 -7.01 53.02 -7.29
CA GLY G 362 -6.37 52.65 -8.54
C GLY G 362 -5.26 51.64 -8.33
N GLU G 363 -4.13 51.85 -8.99
CA GLU G 363 -2.96 50.98 -8.89
C GLU G 363 -3.33 49.52 -9.14
N ARG G 364 -3.76 49.29 -10.38
CA ARG G 364 -4.22 47.96 -10.79
C ARG G 364 -3.11 46.93 -10.60
N MET G 365 -3.40 45.93 -9.77
CA MET G 365 -2.45 44.89 -9.42
C MET G 365 -3.03 43.53 -9.77
N ASP G 366 -2.18 42.64 -10.27
CA ASP G 366 -2.62 41.28 -10.55
C ASP G 366 -2.90 40.57 -9.22
N PRO G 367 -3.78 39.56 -9.22
CA PRO G 367 -4.02 38.81 -7.98
C PRO G 367 -2.80 38.06 -7.47
N ALA G 368 -1.80 37.82 -8.33
CA ALA G 368 -0.64 37.03 -7.93
C ALA G 368 0.18 37.73 -6.85
N VAL G 369 0.36 39.04 -6.96
CA VAL G 369 1.20 39.74 -5.99
C VAL G 369 0.57 39.71 -4.61
N ARG G 370 -0.74 39.96 -4.52
CA ARG G 370 -1.43 39.82 -3.25
C ARG G 370 -1.40 38.38 -2.76
N MET G 371 -1.57 37.44 -3.68
CA MET G 371 -1.67 36.03 -3.31
C MET G 371 -0.35 35.47 -2.80
N VAL G 372 0.78 36.08 -3.18
CA VAL G 372 2.07 35.70 -2.63
C VAL G 372 2.49 36.58 -1.45
N ALA G 373 1.98 37.80 -1.36
CA ALA G 373 2.18 38.58 -0.14
C ALA G 373 1.49 37.93 1.04
N GLY G 374 0.33 37.31 0.78
CA GLY G 374 -0.31 36.52 1.83
C GLY G 374 0.55 35.36 2.28
N VAL G 375 1.42 34.86 1.40
CA VAL G 375 2.36 33.81 1.78
C VAL G 375 3.49 34.37 2.62
N VAL G 376 4.09 35.48 2.17
CA VAL G 376 5.25 36.03 2.88
C VAL G 376 4.87 36.64 4.22
N GLY G 377 3.60 37.04 4.39
CA GLY G 377 3.19 37.65 5.65
C GLY G 377 3.28 36.70 6.82
N HIS G 378 2.98 35.42 6.59
CA HIS G 378 3.07 34.42 7.65
C HIS G 378 4.50 34.17 8.09
N LEU G 379 5.49 34.64 7.34
CA LEU G 379 6.89 34.49 7.70
C LEU G 379 7.55 35.77 8.19
N LEU G 380 7.08 36.93 7.74
CA LEU G 380 7.70 38.18 8.16
C LEU G 380 7.33 38.58 9.59
N PHE G 381 6.15 38.17 10.07
CA PHE G 381 5.61 38.72 11.30
C PHE G 381 5.23 37.62 12.29
N THR G 382 5.16 38.01 13.56
CA THR G 382 4.70 37.15 14.64
C THR G 382 3.37 37.65 15.17
N ALA G 383 2.47 36.73 15.51
CA ALA G 383 1.09 37.08 15.83
C ALA G 383 0.61 36.36 17.08
N GLY G 384 1.40 36.43 18.15
CA GLY G 384 0.95 35.89 19.41
C GLY G 384 2.11 35.53 20.31
N GLY G 385 1.78 34.82 21.38
CA GLY G 385 2.75 34.39 22.37
C GLY G 385 3.06 35.45 23.42
N ARG G 386 3.84 36.45 23.03
CA ARG G 386 4.25 37.53 23.93
C ARG G 386 3.83 38.91 23.44
N PHE G 387 3.82 39.13 22.13
CA PHE G 387 3.49 40.42 21.56
C PHE G 387 3.01 40.19 20.14
N THR G 388 2.58 41.27 19.49
CA THR G 388 2.11 41.21 18.12
C THR G 388 2.69 42.36 17.32
N ASN G 389 2.92 42.10 16.04
CA ASN G 389 3.35 43.13 15.09
C ASN G 389 2.25 43.54 14.14
N LEU G 390 1.11 42.86 14.15
CA LEU G 390 0.05 43.11 13.19
C LEU G 390 -1.30 43.03 13.90
N THR G 391 -2.27 43.78 13.39
CA THR G 391 -3.61 43.79 13.96
C THR G 391 -4.39 42.55 13.49
N GLN G 392 -5.54 42.33 14.15
CA GLN G 392 -6.35 41.16 13.84
C GLN G 392 -6.90 41.21 12.43
N ASN G 393 -7.22 42.42 11.93
CA ASN G 393 -7.70 42.55 10.56
C ASN G 393 -6.64 42.07 9.57
N MET G 394 -5.38 42.43 9.80
CA MET G 394 -4.31 41.96 8.94
C MET G 394 -4.18 40.45 9.00
N ALA G 395 -4.33 39.88 10.21
CA ALA G 395 -4.27 38.42 10.33
C ALA G 395 -5.36 37.75 9.52
N ARG G 396 -6.59 38.27 9.61
CA ARG G 396 -7.69 37.69 8.83
C ARG G 396 -7.44 37.83 7.34
N GLN G 397 -6.98 38.99 6.90
CA GLN G 397 -6.73 39.20 5.47
C GLN G 397 -5.65 38.25 4.96
N LEU G 398 -4.57 38.10 5.73
CA LEU G 398 -3.49 37.20 5.32
C LEU G 398 -3.97 35.75 5.30
N ASP G 399 -4.78 35.35 6.27
CA ASP G 399 -5.32 33.99 6.27
C ASP G 399 -6.21 33.75 5.06
N ILE G 400 -7.04 34.72 4.70
CA ILE G 400 -7.90 34.58 3.53
C ILE G 400 -7.06 34.48 2.26
N ALA G 401 -6.01 35.32 2.16
CA ALA G 401 -5.15 35.27 0.99
C ALA G 401 -4.44 33.92 0.88
N LEU G 402 -3.96 33.38 2.00
CA LEU G 402 -3.32 32.07 1.97
C LEU G 402 -4.30 30.98 1.59
N ASN G 403 -5.55 31.08 2.09
CA ASN G 403 -6.57 30.12 1.72
C ASN G 403 -6.81 30.13 0.21
N ASP G 404 -6.94 31.33 -0.36
CA ASP G 404 -7.14 31.46 -1.81
C ASP G 404 -5.95 30.89 -2.57
N TYR G 405 -4.73 31.18 -2.10
CA TYR G 405 -3.54 30.67 -2.77
C TYR G 405 -3.52 29.14 -2.75
N LEU G 406 -3.86 28.54 -1.62
CA LEU G 406 -3.73 27.09 -1.49
C LEU G 406 -4.81 26.35 -2.27
N LEU G 407 -6.02 26.90 -2.32
CA LEU G 407 -7.08 26.19 -3.04
C LEU G 407 -7.16 26.53 -4.53
N TYR G 408 -6.99 27.79 -4.89
CA TYR G 408 -7.36 28.26 -6.21
C TYR G 408 -6.22 28.22 -7.21
N MET G 409 -4.98 28.03 -6.77
CA MET G 409 -3.83 27.94 -7.66
C MET G 409 -3.44 26.49 -7.89
N TYR G 410 -3.41 26.08 -9.16
CA TYR G 410 -2.92 24.77 -9.56
C TYR G 410 -2.67 24.70 -11.05
N ASN G 411 -1.50 24.22 -11.45
CA ASN G 411 -1.23 23.91 -12.84
C ASN G 411 -1.73 22.52 -13.23
N THR G 412 -2.11 21.70 -12.25
CA THR G 412 -2.65 20.38 -12.48
C THR G 412 -3.54 20.03 -11.31
N ARG G 413 -4.38 19.01 -11.50
CA ARG G 413 -5.32 18.60 -10.46
C ARG G 413 -4.58 18.16 -9.20
N VAL G 414 -5.05 18.64 -8.05
CA VAL G 414 -4.45 18.34 -6.77
C VAL G 414 -5.54 17.83 -5.82
N GLN G 415 -5.19 16.82 -5.04
CA GLN G 415 -6.13 16.26 -4.06
C GLN G 415 -6.40 17.28 -2.95
N VAL G 416 -7.64 17.32 -2.49
CA VAL G 416 -8.04 18.26 -1.44
C VAL G 416 -9.21 17.66 -0.66
N ASN G 417 -9.23 17.94 0.64
CA ASN G 417 -10.32 17.54 1.52
C ASN G 417 -10.78 18.75 2.31
N TYR G 418 -12.06 18.75 2.69
CA TYR G 418 -12.67 19.92 3.32
C TYR G 418 -13.21 19.56 4.71
N GLY G 419 -13.27 20.58 5.57
CA GLY G 419 -13.74 20.40 6.93
C GLY G 419 -15.15 20.92 7.11
N PRO G 420 -15.75 20.58 8.27
CA PRO G 420 -17.15 20.97 8.48
C PRO G 420 -17.33 22.46 8.79
N THR G 421 -16.48 23.03 9.62
CA THR G 421 -16.70 24.39 10.09
C THR G 421 -16.52 25.40 8.97
N GLY G 422 -17.24 26.51 9.07
CA GLY G 422 -17.21 27.56 8.07
C GLY G 422 -16.21 28.67 8.35
N GLU G 423 -14.93 28.32 8.37
CA GLU G 423 -13.84 29.26 8.60
C GLU G 423 -12.76 29.04 7.55
N PRO G 424 -11.94 30.06 7.29
CA PRO G 424 -10.83 29.86 6.35
C PRO G 424 -9.83 28.86 6.90
N LEU G 425 -9.18 28.15 5.98
CA LEU G 425 -8.13 27.17 6.30
C LEU G 425 -8.66 26.05 7.19
N ASP G 426 -9.82 25.51 6.82
CA ASP G 426 -10.39 24.33 7.45
C ASP G 426 -10.20 23.07 6.62
N PHE G 427 -9.34 23.12 5.60
CA PHE G 427 -9.19 22.06 4.63
C PHE G 427 -7.93 21.26 4.89
N GLN G 428 -7.85 20.09 4.24
CA GLN G 428 -6.66 19.26 4.21
C GLN G 428 -6.27 19.05 2.77
N ILE G 429 -5.00 19.32 2.44
CA ILE G 429 -4.54 19.35 1.07
C ILE G 429 -3.41 18.33 0.89
N GLY G 430 -3.23 17.90 -0.35
CA GLY G 430 -2.16 16.99 -0.70
C GLY G 430 -2.54 15.54 -0.52
N ARG G 431 -1.66 14.66 -1.01
CA ARG G 431 -1.87 13.23 -0.83
C ARG G 431 -1.85 12.87 0.65
N ASN G 432 -0.92 13.43 1.40
CA ASN G 432 -0.91 13.28 2.85
C ASN G 432 -1.94 14.22 3.47
N GLN G 433 -2.46 13.82 4.63
CA GLN G 433 -3.48 14.60 5.33
C GLN G 433 -2.80 15.67 6.17
N TYR G 434 -2.42 16.76 5.51
CA TYR G 434 -1.80 17.90 6.17
C TYR G 434 -2.89 18.92 6.47
N ASP G 435 -3.35 18.94 7.73
CA ASP G 435 -4.35 19.90 8.14
C ASP G 435 -3.75 21.30 8.18
N CYS G 436 -4.48 22.28 7.63
CA CYS G 436 -4.04 23.66 7.59
C CYS G 436 -4.69 24.51 8.68
N ASN G 437 -5.31 23.89 9.68
CA ASN G 437 -5.94 24.65 10.74
C ASN G 437 -4.91 25.43 11.56
N VAL G 438 -3.69 24.90 11.69
CA VAL G 438 -2.67 25.53 12.52
C VAL G 438 -2.26 26.88 11.96
N PHE G 439 -2.38 27.08 10.66
CA PHE G 439 -1.96 28.33 10.05
C PHE G 439 -2.96 29.47 10.24
N ARG G 440 -4.15 29.18 10.79
CA ARG G 440 -5.09 30.25 11.11
C ARG G 440 -4.59 31.01 12.33
N ALA G 441 -4.61 32.34 12.25
CA ALA G 441 -4.05 33.17 13.31
C ALA G 441 -4.85 33.02 14.60
N ASP G 442 -4.13 32.95 15.72
CA ASP G 442 -4.76 32.89 17.04
C ASP G 442 -3.82 33.58 18.01
N PHE G 443 -4.18 34.79 18.45
CA PHE G 443 -3.29 35.59 19.28
C PHE G 443 -3.07 34.98 20.66
N ALA G 444 -3.97 34.12 21.13
CA ALA G 444 -3.80 33.52 22.44
C ALA G 444 -2.63 32.55 22.48
N THR G 445 -2.30 31.95 21.34
CA THR G 445 -1.21 30.98 21.27
C THR G 445 -0.17 31.27 20.20
N GLY G 446 -0.48 32.10 19.20
CA GLY G 446 0.49 32.48 18.19
C GLY G 446 0.96 31.36 17.29
N THR G 447 0.05 30.52 16.82
CA THR G 447 0.41 29.48 15.88
C THR G 447 0.38 30.01 14.45
N GLY G 448 1.21 29.41 13.60
CA GLY G 448 1.27 29.78 12.20
C GLY G 448 2.12 30.99 11.88
N TYR G 449 2.77 31.59 12.88
CA TYR G 449 3.63 32.75 12.66
C TYR G 449 4.97 32.51 13.36
N ASN G 450 5.79 33.57 13.41
CA ASN G 450 7.15 33.43 13.93
C ASN G 450 7.16 33.00 15.40
N GLY G 451 6.15 33.40 16.17
CA GLY G 451 6.10 33.06 17.57
C GLY G 451 5.57 31.67 17.85
N TRP G 452 5.77 30.75 16.92
CA TRP G 452 5.24 29.38 17.04
C TRP G 452 6.23 28.56 17.86
N ALA G 453 5.86 28.28 19.11
CA ALA G 453 6.63 27.39 19.99
C ALA G 453 8.07 27.87 20.17
N THR G 454 8.27 29.17 20.21
CA THR G 454 9.60 29.75 20.41
C THR G 454 9.59 30.69 21.60
N ILE G 455 10.73 30.77 22.29
CA ILE G 455 10.88 31.63 23.47
C ILE G 455 11.37 32.98 22.96
N ASP G 456 10.43 33.89 22.71
CA ASP G 456 10.76 35.19 22.15
C ASP G 456 11.35 36.14 23.19
N VAL G 457 10.91 36.04 24.44
CA VAL G 457 11.30 36.98 25.49
C VAL G 457 11.90 36.20 26.66
N GLU G 458 13.04 36.68 27.15
CA GLU G 458 13.70 36.05 28.29
C GLU G 458 14.47 37.09 29.07
N TYR G 459 14.73 36.79 30.34
CA TYR G 459 15.49 37.65 31.23
C TYR G 459 16.72 36.89 31.72
N ARG G 460 17.90 37.49 31.59
CA ARG G 460 19.15 36.80 31.89
C ARG G 460 19.90 37.41 33.08
N GLU G 461 20.25 38.68 33.02
CA GLU G 461 20.93 39.33 34.13
C GLU G 461 20.41 40.76 34.23
N PRO G 462 20.63 41.43 35.36
CA PRO G 462 20.26 42.84 35.46
C PRO G 462 20.95 43.68 34.39
N ALA G 463 20.21 44.63 33.85
CA ALA G 463 20.63 45.52 32.77
C ALA G 463 21.12 46.84 33.33
N PRO G 464 21.84 47.63 32.53
CA PRO G 464 22.22 48.99 32.99
C PRO G 464 21.03 49.84 33.38
N TYR G 465 19.91 49.72 32.66
CA TYR G 465 18.67 50.36 33.04
C TYR G 465 17.76 49.32 33.67
N VAL G 466 17.32 49.58 34.90
CA VAL G 466 16.59 48.57 35.66
C VAL G 466 15.17 48.36 35.14
N HIS G 467 14.66 49.27 34.32
CA HIS G 467 13.29 49.18 33.84
C HIS G 467 13.15 48.32 32.59
N ALA G 468 14.25 47.94 31.94
CA ALA G 468 14.21 47.16 30.71
C ALA G 468 15.15 45.97 30.86
N GLN G 469 14.62 44.85 31.37
CA GLN G 469 15.41 43.65 31.56
C GLN G 469 15.21 42.62 30.46
N ARG G 470 14.18 42.78 29.64
CA ARG G 470 13.83 41.76 28.66
C ARG G 470 14.85 41.72 27.52
N TYR G 471 15.06 40.52 26.98
CA TYR G 471 15.84 40.31 25.78
C TYR G 471 14.94 39.73 24.71
N ILE G 472 14.87 40.40 23.57
CA ILE G 472 14.06 39.95 22.44
C ILE G 472 14.93 39.11 21.53
N ARG G 473 14.35 38.04 20.99
CA ARG G 473 15.08 37.15 20.09
C ARG G 473 14.09 36.58 19.07
N TYR G 474 14.16 37.10 17.85
CA TYR G 474 13.33 36.56 16.76
C TYR G 474 13.88 35.20 16.31
N CYS G 475 12.98 34.26 16.10
CA CYS G 475 13.30 32.92 15.60
C CYS G 475 14.28 32.18 16.51
N GLY G 476 14.38 32.58 17.78
CA GLY G 476 15.28 31.90 18.70
C GLY G 476 16.74 32.20 18.50
N ILE G 477 17.09 33.16 17.64
CA ILE G 477 18.49 33.48 17.39
C ILE G 477 19.05 34.27 18.56
N ASP G 478 20.20 33.81 19.06
CA ASP G 478 20.85 34.47 20.18
C ASP G 478 21.72 35.62 19.68
N SER G 479 21.60 36.77 20.33
CA SER G 479 22.34 37.96 19.94
C SER G 479 23.72 38.06 20.59
N ARG G 480 24.10 37.08 21.41
CA ARG G 480 25.39 37.11 22.07
C ARG G 480 26.54 36.67 21.17
N GLU G 481 26.24 36.07 20.01
CA GLU G 481 27.27 35.54 19.12
C GLU G 481 27.29 36.33 17.83
N LEU G 482 28.47 36.77 17.41
CA LEU G 482 28.63 37.46 16.15
C LEU G 482 28.56 36.47 14.99
N ILE G 483 28.20 36.98 13.81
CA ILE G 483 28.02 36.17 12.62
C ILE G 483 28.73 36.82 11.45
N ASN G 484 28.94 36.02 10.41
CA ASN G 484 29.50 36.50 9.15
C ASN G 484 28.45 36.35 8.05
N PRO G 485 28.16 37.40 7.29
CA PRO G 485 27.09 37.30 6.28
C PRO G 485 27.35 36.27 5.20
N THR G 486 28.61 35.95 4.91
CA THR G 486 28.91 35.08 3.78
C THR G 486 28.39 33.66 3.99
N THR G 487 28.52 33.12 5.21
CA THR G 487 28.21 31.72 5.44
C THR G 487 27.12 31.47 6.48
N TYR G 488 26.68 32.48 7.21
CA TYR G 488 25.67 32.27 8.23
C TYR G 488 24.31 31.95 7.61
N GLY G 489 23.52 31.16 8.33
CA GLY G 489 22.18 30.84 7.92
C GLY G 489 22.03 29.63 7.02
N ILE G 490 23.13 28.98 6.65
CA ILE G 490 23.07 27.83 5.78
C ILE G 490 22.69 26.60 6.60
N GLY G 491 21.60 25.94 6.21
CA GLY G 491 21.19 24.72 6.87
C GLY G 491 20.73 24.87 8.31
N MET G 492 19.95 25.90 8.60
CA MET G 492 19.35 26.07 9.92
C MET G 492 17.95 26.65 9.76
N THR G 493 16.98 26.08 10.47
CA THR G 493 15.59 26.45 10.31
C THR G 493 14.93 26.56 11.67
N TYR G 494 13.81 27.29 11.71
CA TYR G 494 12.93 27.31 12.86
C TYR G 494 11.60 26.66 12.50
N HIS G 495 10.74 26.50 13.52
CA HIS G 495 9.57 25.65 13.39
C HIS G 495 8.61 26.15 12.32
N CYS G 496 8.28 27.44 12.36
CA CYS G 496 7.27 27.97 11.45
C CYS G 496 7.71 27.85 10.00
N TYR G 497 8.98 28.20 9.71
CA TYR G 497 9.47 28.11 8.34
C TYR G 497 9.46 26.68 7.83
N ASN G 498 9.90 25.73 8.66
CA ASN G 498 9.91 24.33 8.25
C ASN G 498 8.51 23.82 7.98
N GLU G 499 7.56 24.13 8.87
CA GLU G 499 6.19 23.70 8.67
C GLU G 499 5.59 24.32 7.41
N MET G 500 5.88 25.60 7.17
CA MET G 500 5.34 26.24 5.98
C MET G 500 5.92 25.63 4.71
N LEU G 501 7.22 25.31 4.71
CA LEU G 501 7.82 24.65 3.56
C LEU G 501 7.21 23.28 3.33
N ARG G 502 6.99 22.52 4.41
CA ARG G 502 6.38 21.20 4.28
C ARG G 502 4.97 21.31 3.70
N MET G 503 4.20 22.27 4.19
CA MET G 503 2.85 22.49 3.67
C MET G 503 2.88 22.90 2.20
N LEU G 504 3.79 23.79 1.84
CA LEU G 504 3.85 24.26 0.45
C LEU G 504 4.26 23.13 -0.50
N VAL G 505 5.25 22.32 -0.11
CA VAL G 505 5.67 21.23 -0.98
C VAL G 505 4.60 20.14 -1.04
N ALA G 506 3.81 19.98 0.04
CA ALA G 506 2.75 18.99 0.02
C ALA G 506 1.67 19.35 -0.98
N ALA G 507 1.40 20.64 -1.19
CA ALA G 507 0.39 21.07 -2.13
C ALA G 507 0.80 20.89 -3.58
N GLY G 508 2.06 20.58 -3.84
CA GLY G 508 2.53 20.37 -5.20
C GLY G 508 3.13 21.59 -5.87
N LYS G 509 3.41 22.66 -5.12
CA LYS G 509 4.01 23.86 -5.67
C LYS G 509 5.53 23.78 -5.48
N ASP G 510 6.18 23.12 -6.43
CA ASP G 510 7.61 22.82 -6.30
C ASP G 510 8.46 24.07 -6.48
N SER G 511 8.14 24.89 -7.47
CA SER G 511 8.96 26.07 -7.76
C SER G 511 8.96 27.05 -6.59
N GLU G 512 7.79 27.30 -6.01
CA GLU G 512 7.70 28.22 -4.88
C GLU G 512 8.45 27.67 -3.68
N ALA G 513 8.33 26.36 -3.43
CA ALA G 513 9.05 25.75 -2.32
C ALA G 513 10.56 25.87 -2.51
N ALA G 514 11.04 25.63 -3.74
CA ALA G 514 12.47 25.77 -4.01
C ALA G 514 12.93 27.21 -3.82
N TYR G 515 12.13 28.17 -4.29
CA TYR G 515 12.51 29.57 -4.13
C TYR G 515 12.58 29.95 -2.65
N PHE G 516 11.59 29.52 -1.87
CA PHE G 516 11.59 29.87 -0.45
C PHE G 516 12.72 29.15 0.30
N ARG G 517 13.08 27.95 -0.14
CA ARG G 517 14.23 27.27 0.44
C ARG G 517 15.53 28.01 0.11
N SER G 518 15.65 28.54 -1.10
CA SER G 518 16.86 29.23 -1.50
C SER G 518 17.05 30.55 -0.74
N MET G 519 15.95 31.21 -0.38
CA MET G 519 16.01 32.52 0.25
C MET G 519 16.26 32.45 1.75
N LEU G 520 16.32 31.24 2.32
CA LEU G 520 16.40 31.09 3.77
C LEU G 520 17.62 31.75 4.40
N PRO G 521 18.85 31.58 3.89
CA PRO G 521 19.99 32.26 4.54
C PRO G 521 19.86 33.76 4.59
N PHE G 522 19.31 34.38 3.54
CA PHE G 522 19.09 35.82 3.54
C PHE G 522 18.10 36.22 4.64
N HIS G 523 17.04 35.43 4.80
CA HIS G 523 16.06 35.65 5.85
C HIS G 523 16.70 35.56 7.24
N MET G 524 17.52 34.53 7.45
CA MET G 524 18.18 34.35 8.73
C MET G 524 19.13 35.50 9.03
N VAL G 525 19.89 35.94 8.03
CA VAL G 525 20.83 37.04 8.24
C VAL G 525 20.07 38.32 8.55
N ARG G 526 18.95 38.57 7.86
CA ARG G 526 18.19 39.79 8.11
C ARG G 526 17.66 39.81 9.54
N PHE G 527 17.06 38.71 9.99
CA PHE G 527 16.60 38.72 11.38
C PHE G 527 17.75 38.70 12.37
N ALA G 528 18.92 38.17 12.01
CA ALA G 528 20.06 38.29 12.89
C ALA G 528 20.47 39.75 13.08
N ARG G 529 20.53 40.51 11.98
CA ARG G 529 20.86 41.92 12.07
C ARG G 529 19.81 42.67 12.89
N ILE G 530 18.53 42.37 12.66
CA ILE G 530 17.47 43.06 13.39
C ILE G 530 17.56 42.75 14.89
N ASN G 531 17.82 41.47 15.22
CA ASN G 531 17.95 41.09 16.63
C ASN G 531 19.12 41.80 17.28
N GLN G 532 20.26 41.88 16.58
CA GLN G 532 21.42 42.58 17.12
C GLN G 532 21.09 44.05 17.37
N ILE G 533 20.41 44.69 16.41
CA ILE G 533 20.07 46.10 16.55
C ILE G 533 19.15 46.32 17.74
N ILE G 534 18.13 45.47 17.89
CA ILE G 534 17.19 45.65 19.00
C ILE G 534 17.88 45.43 20.33
N ASN G 535 18.66 44.36 20.45
CA ASN G 535 19.22 44.00 21.76
C ASN G 535 20.40 44.90 22.16
N GLU G 536 21.16 45.42 21.20
CA GLU G 536 22.41 46.09 21.51
C GLU G 536 22.29 47.61 21.52
N ASP G 537 21.70 48.19 20.47
CA ASP G 537 21.74 49.64 20.28
C ASP G 537 20.58 50.36 20.96
N LEU G 538 19.36 49.86 20.80
CA LEU G 538 18.17 50.58 21.26
C LEU G 538 17.95 50.50 22.77
N HIS G 539 18.91 50.04 23.57
CA HIS G 539 18.72 49.98 25.02
C HIS G 539 18.90 51.37 25.61
N SER G 540 17.80 51.97 26.07
CA SER G 540 17.84 53.31 26.65
C SER G 540 16.62 53.49 27.53
N VAL G 541 16.59 54.62 28.25
CA VAL G 541 15.44 54.93 29.10
C VAL G 541 14.19 55.13 28.27
N PHE G 542 14.35 55.58 27.02
CA PHE G 542 13.21 55.82 26.15
C PHE G 542 12.54 54.54 25.67
N SER G 543 13.17 53.39 25.91
CA SER G 543 12.51 52.12 25.60
C SER G 543 11.37 51.87 26.58
N LEU G 544 10.35 51.17 26.11
CA LEU G 544 9.17 50.92 26.92
C LEU G 544 9.52 50.03 28.10
N PRO G 545 9.05 50.35 29.30
CA PRO G 545 9.33 49.51 30.47
C PRO G 545 8.63 48.16 30.36
N ASP G 546 9.13 47.21 31.15
CA ASP G 546 8.66 45.83 31.06
C ASP G 546 7.19 45.70 31.45
N ASP G 547 6.75 46.43 32.49
CA ASP G 547 5.38 46.29 32.95
C ASP G 547 4.39 46.74 31.89
N MET G 548 4.66 47.85 31.20
CA MET G 548 3.78 48.29 30.13
C MET G 548 3.92 47.39 28.90
N PHE G 549 5.10 46.86 28.65
CA PHE G 549 5.30 45.96 27.51
C PHE G 549 4.49 44.69 27.66
N ASN G 550 4.46 44.13 28.87
CA ASN G 550 3.75 42.87 29.07
C ASN G 550 2.25 43.01 28.89
N ALA G 551 1.70 44.19 29.16
CA ALA G 551 0.26 44.41 29.12
C ALA G 551 -0.24 44.88 27.76
N LEU G 552 0.64 45.01 26.76
CA LEU G 552 0.19 45.49 25.46
C LEU G 552 -0.73 44.49 24.78
N LEU G 553 -0.31 43.21 24.70
CA LEU G 553 -1.13 42.21 24.02
C LEU G 553 -2.45 41.96 24.73
N PRO G 554 -2.49 41.72 26.05
CA PRO G 554 -3.81 41.51 26.70
C PRO G 554 -4.75 42.69 26.55
N ASP G 555 -4.22 43.91 26.58
CA ASP G 555 -5.08 45.08 26.38
C ASP G 555 -5.68 45.10 24.99
N LEU G 556 -4.89 44.75 23.97
CA LEU G 556 -5.42 44.68 22.61
C LEU G 556 -6.45 43.57 22.48
N ILE G 557 -6.23 42.43 23.16
CA ILE G 557 -7.19 41.34 23.10
C ILE G 557 -8.51 41.76 23.74
N ALA G 558 -8.44 42.36 24.93
CA ALA G 558 -9.66 42.77 25.61
C ALA G 558 -10.28 44.03 25.00
N GLY G 559 -9.45 44.92 24.45
CA GLY G 559 -9.95 46.14 23.86
C GLY G 559 -10.21 47.27 24.84
N ALA G 560 -9.94 47.06 26.13
CA ALA G 560 -10.15 48.10 27.14
C ALA G 560 -8.89 48.96 27.29
N HIS G 561 -8.60 49.71 26.22
CA HIS G 561 -7.40 50.53 26.18
C HIS G 561 -7.47 51.64 27.22
N GLN G 562 -6.56 51.59 28.18
CA GLN G 562 -6.43 52.65 29.18
C GLN G 562 -5.06 53.32 29.16
N ASN G 563 -4.01 52.60 28.80
CA ASN G 563 -2.69 53.20 28.63
C ASN G 563 -2.58 53.82 27.24
N ALA G 564 -1.37 54.23 26.87
CA ALA G 564 -1.15 54.79 25.55
C ALA G 564 -1.34 53.72 24.48
N ASP G 565 -2.15 54.04 23.48
CA ASP G 565 -2.44 53.08 22.42
C ASP G 565 -1.25 52.98 21.45
N PRO G 566 -0.99 51.79 20.93
CA PRO G 566 0.09 51.64 19.95
C PRO G 566 -0.24 52.35 18.65
N VAL G 567 0.81 52.79 17.96
CA VAL G 567 0.65 53.50 16.70
C VAL G 567 0.40 52.49 15.59
N VAL G 568 -0.61 52.75 14.77
CA VAL G 568 -0.96 51.90 13.64
C VAL G 568 -0.53 52.59 12.35
N LEU G 569 0.08 51.81 11.45
CA LEU G 569 0.56 52.33 10.18
C LEU G 569 -0.03 51.54 9.02
N ASP G 570 -0.22 52.24 7.90
CA ASP G 570 -0.80 51.64 6.71
C ASP G 570 0.29 51.03 5.83
N VAL G 571 -0.07 49.97 5.11
CA VAL G 571 0.85 49.28 4.22
C VAL G 571 0.06 48.63 3.10
N SER G 572 0.71 48.43 1.96
CA SER G 572 0.09 47.87 0.78
C SER G 572 0.55 46.43 0.56
N TRP G 573 -0.02 45.79 -0.47
CA TRP G 573 0.29 44.40 -0.75
C TRP G 573 1.70 44.23 -1.30
N ILE G 574 2.07 45.05 -2.28
CA ILE G 574 3.39 44.95 -2.91
C ILE G 574 4.49 45.25 -1.91
N SER G 575 4.20 46.05 -0.89
CA SER G 575 5.20 46.38 0.11
C SER G 575 5.66 45.16 0.89
N LEU G 576 4.77 44.19 1.12
CA LEU G 576 5.17 42.97 1.81
C LEU G 576 6.22 42.20 1.01
N TRP G 577 5.98 42.06 -0.30
CA TRP G 577 6.95 41.40 -1.16
C TRP G 577 8.27 42.16 -1.19
N PHE G 578 8.21 43.49 -1.32
CA PHE G 578 9.44 44.26 -1.38
C PHE G 578 10.22 44.17 -0.08
N ALA G 579 9.52 44.17 1.06
CA ALA G 579 10.19 44.02 2.34
C ALA G 579 10.82 42.64 2.47
N PHE G 580 10.11 41.59 2.04
CA PHE G 580 10.69 40.26 2.07
C PHE G 580 11.88 40.14 1.13
N ASN G 581 11.96 40.98 0.11
CA ASN G 581 13.07 40.94 -0.84
C ASN G 581 14.07 42.07 -0.61
N ARG G 582 14.17 42.55 0.63
CA ARG G 582 15.16 43.56 1.00
C ARG G 582 15.62 43.30 2.43
N SER G 583 16.80 43.85 2.76
CA SER G 583 17.36 43.71 4.09
C SER G 583 17.99 45.02 4.52
N PHE G 584 18.14 45.17 5.84
CA PHE G 584 18.74 46.35 6.43
C PHE G 584 20.15 46.00 6.92
N GLU G 585 21.14 46.72 6.44
CA GLU G 585 22.53 46.50 6.83
C GLU G 585 23.11 47.75 7.47
N PRO G 586 23.43 47.74 8.76
CA PRO G 586 23.98 48.94 9.39
C PRO G 586 25.40 49.24 8.93
N THR G 587 25.57 50.34 8.18
CA THR G 587 26.90 50.70 7.70
C THR G 587 27.81 51.10 8.86
N HIS G 588 27.34 51.99 9.72
CA HIS G 588 28.09 52.39 10.90
C HIS G 588 27.13 52.96 11.93
N ARG G 589 27.60 53.03 13.17
CA ARG G 589 26.74 53.40 14.28
C ARG G 589 26.39 54.88 14.25
N ASN G 590 25.42 55.25 15.07
CA ASN G 590 24.96 56.62 15.14
C ASN G 590 26.03 57.53 15.74
N GLU G 591 26.04 58.79 15.30
CA GLU G 591 27.02 59.75 15.78
C GLU G 591 26.82 60.05 17.26
N MET G 592 25.56 60.10 17.70
CA MET G 592 25.23 60.49 19.06
C MET G 592 24.99 59.30 19.97
N LEU G 593 25.35 58.09 19.53
CA LEU G 593 25.18 56.91 20.36
C LEU G 593 26.04 56.98 21.62
N GLU G 594 27.24 57.54 21.51
CA GLU G 594 28.18 57.53 22.63
C GLU G 594 27.80 58.55 23.70
N VAL G 595 27.02 59.57 23.35
CA VAL G 595 26.77 60.70 24.24
C VAL G 595 25.31 60.75 24.70
N ALA G 596 24.55 59.67 24.51
CA ALA G 596 23.16 59.66 24.93
C ALA G 596 22.96 59.84 26.44
N PRO G 597 23.69 59.14 27.32
CA PRO G 597 23.37 59.23 28.76
C PRO G 597 23.45 60.65 29.31
N LEU G 598 24.38 61.48 28.85
CA LEU G 598 24.43 62.85 29.34
C LEU G 598 23.17 63.63 28.95
N ILE G 599 22.69 63.42 27.73
CA ILE G 599 21.46 64.07 27.29
C ILE G 599 20.28 63.61 28.14
N GLU G 600 20.19 62.31 28.39
CA GLU G 600 19.11 61.79 29.22
C GLU G 600 19.16 62.37 30.62
N SER G 601 20.37 62.45 31.20
CA SER G 601 20.52 62.99 32.54
C SER G 601 20.13 64.46 32.61
N VAL G 602 20.55 65.24 31.62
CA VAL G 602 20.22 66.67 31.64
C VAL G 602 18.72 66.88 31.45
N TYR G 603 18.08 66.04 30.62
CA TYR G 603 16.64 66.14 30.45
C TYR G 603 15.91 65.84 31.74
N ALA G 604 16.32 64.77 32.42
CA ALA G 604 15.69 64.43 33.70
C ALA G 604 15.93 65.52 34.74
N SER G 605 17.14 66.09 34.77
CA SER G 605 17.45 67.15 35.71
C SER G 605 16.58 68.37 35.46
N GLU G 606 16.38 68.74 34.19
CA GLU G 606 15.53 69.88 33.90
C GLU G 606 14.09 69.62 34.31
N LEU G 607 13.58 68.41 34.08
CA LEU G 607 12.24 68.08 34.53
C LEU G 607 12.12 68.20 36.04
N SER G 608 13.11 67.69 36.76
CA SER G 608 13.09 67.78 38.22
C SER G 608 13.14 69.23 38.70
N VAL G 609 13.94 70.06 38.01
CA VAL G 609 14.02 71.48 38.36
C VAL G 609 12.67 72.16 38.17
N MET G 610 11.99 71.88 37.06
CA MET G 610 10.68 72.48 36.85
C MET G 610 9.69 72.02 37.92
N LYS G 611 9.73 70.73 38.29
CA LYS G 611 8.83 70.23 39.33
C LYS G 611 9.06 70.94 40.66
N VAL G 612 10.33 71.08 41.06
CA VAL G 612 10.61 71.72 42.34
C VAL G 612 10.27 73.20 42.29
N ASP G 613 10.43 73.84 41.12
CA ASP G 613 10.01 75.23 40.99
C ASP G 613 8.51 75.38 41.17
N MET G 614 7.73 74.45 40.59
CA MET G 614 6.28 74.48 40.80
C MET G 614 5.93 74.32 42.27
N ARG G 615 6.58 73.37 42.95
CA ARG G 615 6.29 73.14 44.36
C ARG G 615 6.61 74.38 45.19
N HIS G 616 7.76 75.01 44.93
CA HIS G 616 8.14 76.19 45.70
C HIS G 616 7.22 77.36 45.41
N LEU G 617 6.77 77.50 44.16
CA LEU G 617 5.80 78.56 43.85
C LEU G 617 4.51 78.36 44.61
N SER G 618 4.01 77.12 44.66
CA SER G 618 2.78 76.85 45.40
C SER G 618 2.96 77.17 46.88
N LEU G 619 4.09 76.73 47.46
CA LEU G 619 4.34 77.01 48.87
C LEU G 619 4.44 78.49 49.15
N MET G 620 5.13 79.24 48.28
CA MET G 620 5.27 80.68 48.47
C MET G 620 3.92 81.38 48.37
N GLN G 621 3.09 80.97 47.40
CA GLN G 621 1.76 81.56 47.28
C GLN G 621 0.93 81.28 48.52
N ARG G 622 1.04 80.07 49.07
CA ARG G 622 0.32 79.77 50.30
C ARG G 622 0.85 80.56 51.48
N ARG G 623 2.15 80.90 51.47
CA ARG G 623 2.77 81.51 52.64
C ARG G 623 2.23 82.90 52.93
N PHE G 624 2.07 83.73 51.89
CA PHE G 624 1.64 85.12 52.04
C PHE G 624 0.42 85.40 51.16
N PRO G 625 -0.75 84.92 51.58
CA PRO G 625 -1.96 85.21 50.79
C PRO G 625 -2.42 86.65 50.86
N ASP G 626 -1.98 87.41 51.87
CA ASP G 626 -2.49 88.76 52.05
C ASP G 626 -2.03 89.71 50.95
N VAL G 627 -0.78 89.58 50.49
CA VAL G 627 -0.24 90.49 49.51
C VAL G 627 -0.03 89.85 48.15
N LEU G 628 0.22 88.54 48.09
CA LEU G 628 0.42 87.87 46.82
C LEU G 628 -0.90 87.70 46.09
N ILE G 629 -0.86 87.88 44.77
CA ILE G 629 -2.07 87.80 43.96
C ILE G 629 -2.49 86.35 43.80
N GLN G 630 -3.76 86.07 44.09
CA GLN G 630 -4.30 84.73 43.91
C GLN G 630 -4.30 84.35 42.43
N ALA G 631 -3.86 83.13 42.14
CA ALA G 631 -3.78 82.67 40.77
C ALA G 631 -3.97 81.17 40.71
N ARG G 632 -4.33 80.68 39.52
CA ARG G 632 -4.55 79.28 39.24
C ARG G 632 -3.25 78.63 38.74
N PRO G 633 -3.14 77.31 38.87
CA PRO G 633 -1.90 76.64 38.45
C PRO G 633 -1.53 76.87 36.98
N SER G 634 -2.52 77.00 36.11
CA SER G 634 -2.23 77.23 34.70
C SER G 634 -1.52 78.56 34.46
N HIS G 635 -1.57 79.47 35.44
CA HIS G 635 -0.87 80.75 35.31
C HIS G 635 0.63 80.60 35.58
N PHE G 636 0.99 80.18 36.80
CA PHE G 636 2.41 80.11 37.11
C PHE G 636 3.10 78.91 36.49
N TRP G 637 2.37 77.87 36.09
CA TRP G 637 3.02 76.83 35.28
C TRP G 637 3.45 77.39 33.94
N LYS G 638 2.59 78.19 33.30
CA LYS G 638 2.97 78.87 32.07
C LYS G 638 4.12 79.83 32.31
N ALA G 639 4.10 80.51 33.46
CA ALA G 639 5.20 81.43 33.79
C ALA G 639 6.52 80.67 33.89
N VAL G 640 6.52 79.50 34.52
CA VAL G 640 7.73 78.69 34.61
C VAL G 640 8.16 78.22 33.23
N LEU G 641 7.20 77.75 32.43
CA LEU G 641 7.54 77.25 31.10
C LEU G 641 8.10 78.34 30.21
N ASN G 642 7.72 79.59 30.47
CA ASN G 642 8.25 80.71 29.70
C ASN G 642 9.75 80.88 29.88
N ASP G 643 10.29 80.46 31.03
CA ASP G 643 11.72 80.63 31.33
C ASP G 643 12.53 79.35 31.11
N SER G 644 11.87 78.21 30.89
CA SER G 644 12.59 76.96 30.70
C SER G 644 13.40 77.02 29.40
N PRO G 645 14.50 76.27 29.33
CA PRO G 645 15.29 76.24 28.09
C PRO G 645 14.47 75.74 26.92
N GLU G 646 14.75 76.31 25.75
CA GLU G 646 13.95 76.02 24.56
C GLU G 646 14.12 74.58 24.10
N ALA G 647 15.32 74.00 24.28
CA ALA G 647 15.55 72.64 23.80
C ALA G 647 14.65 71.63 24.51
N VAL G 648 14.51 71.78 25.83
CA VAL G 648 13.66 70.86 26.59
C VAL G 648 12.21 71.02 26.18
N LYS G 649 11.76 72.26 25.97
CA LYS G 649 10.39 72.49 25.53
C LYS G 649 10.13 71.85 24.18
N ALA G 650 11.08 72.00 23.25
CA ALA G 650 10.93 71.40 21.93
C ALA G 650 10.92 69.89 22.01
N VAL G 651 11.75 69.32 22.88
CA VAL G 651 11.78 67.87 23.05
C VAL G 651 10.44 67.37 23.58
N MET G 652 9.90 68.05 24.59
CA MET G 652 8.70 67.61 25.27
C MET G 652 7.42 67.94 24.50
N ASN G 653 7.49 68.86 23.53
CA ASN G 653 6.31 69.28 22.78
C ASN G 653 6.20 68.59 21.43
N LEU G 654 6.76 67.37 21.32
CA LEU G 654 6.69 66.63 20.07
C LEU G 654 5.37 65.89 19.90
N SER G 655 4.56 65.78 20.95
CA SER G 655 3.28 65.09 20.86
C SER G 655 2.22 65.99 20.25
N ASN G 662 -3.78 68.86 30.28
CA ASN G 662 -4.86 69.41 31.09
C ASN G 662 -4.32 69.93 32.42
N ILE G 663 -5.19 69.96 33.43
CA ILE G 663 -4.82 70.47 34.75
C ILE G 663 -4.78 69.31 35.74
N ARG G 664 -5.70 68.36 35.59
CA ARG G 664 -5.72 67.20 36.48
C ARG G 664 -4.43 66.39 36.36
N ASP G 665 -4.01 66.10 35.13
CA ASP G 665 -2.76 65.38 34.92
C ASP G 665 -1.57 66.20 35.39
N MET G 666 -1.62 67.52 35.22
CA MET G 666 -0.53 68.36 35.71
C MET G 666 -0.41 68.26 37.22
N MET G 667 -1.53 68.32 37.94
CA MET G 667 -1.48 68.18 39.40
C MET G 667 -1.00 66.79 39.80
N ARG G 668 -1.44 65.76 39.09
CA ARG G 668 -0.99 64.41 39.38
C ARG G 668 0.52 64.29 39.20
N TRP G 669 1.05 64.87 38.13
CA TRP G 669 2.49 64.84 37.90
C TRP G 669 3.24 65.63 38.96
N VAL G 670 2.70 66.77 39.39
CA VAL G 670 3.36 67.56 40.42
C VAL G 670 3.42 66.80 41.73
N MET G 671 2.33 66.11 42.08
CA MET G 671 2.27 65.40 43.36
C MET G 671 3.17 64.17 43.42
N LEU G 672 3.75 63.75 42.30
CA LEU G 672 4.61 62.56 42.31
C LEU G 672 5.88 62.84 43.11
N PRO G 673 6.38 61.85 43.84
CA PRO G 673 7.55 62.07 44.71
C PRO G 673 8.90 61.72 44.11
N SER G 674 8.97 61.35 42.83
CA SER G 674 10.22 60.96 42.21
C SER G 674 10.99 62.21 41.78
N LEU G 675 12.22 62.34 42.27
CA LEU G 675 13.07 63.48 41.98
C LEU G 675 14.42 63.00 41.46
N GLN G 676 15.09 63.86 40.69
CA GLN G 676 16.40 63.55 40.13
C GLN G 676 17.45 64.50 40.70
N PRO G 677 18.36 64.01 41.54
CA PRO G 677 19.40 64.89 42.10
C PRO G 677 20.30 65.46 41.00
N SER G 678 20.72 66.71 41.22
CA SER G 678 21.62 67.39 40.30
C SER G 678 22.16 68.64 40.98
N LEU G 679 23.26 69.16 40.43
CA LEU G 679 23.83 70.41 40.95
C LEU G 679 22.86 71.57 40.77
N LYS G 680 22.18 71.63 39.62
CA LYS G 680 21.25 72.70 39.37
C LYS G 680 20.12 72.71 40.39
N LEU G 681 19.61 71.52 40.73
CA LEU G 681 18.58 71.44 41.77
C LEU G 681 19.13 71.86 43.13
N ALA G 682 20.38 71.48 43.43
CA ALA G 682 20.97 71.84 44.71
C ALA G 682 21.12 73.36 44.85
N LEU G 683 21.47 74.04 43.75
CA LEU G 683 21.53 75.49 43.80
C LEU G 683 20.13 76.12 43.81
N GLU G 684 19.19 75.53 43.08
CA GLU G 684 17.86 76.10 42.98
C GLU G 684 17.11 76.05 44.31
N GLU G 685 17.25 74.96 45.05
CA GLU G 685 16.58 74.87 46.34
C GLU G 685 17.12 75.92 47.30
N GLU G 686 18.45 76.13 47.29
CA GLU G 686 19.03 77.16 48.15
C GLU G 686 18.58 78.55 47.72
N ALA G 687 18.48 78.80 46.41
CA ALA G 687 17.98 80.09 45.93
C ALA G 687 16.54 80.32 46.38
N TRP G 688 15.70 79.28 46.29
CA TRP G 688 14.33 79.40 46.74
C TRP G 688 14.26 79.67 48.24
N ALA G 689 15.11 78.99 49.02
CA ALA G 689 15.15 79.24 50.45
C ALA G 689 15.57 80.68 50.75
N ALA G 690 16.56 81.19 50.02
CA ALA G 690 16.98 82.57 50.20
C ALA G 690 15.94 83.57 49.70
N ALA G 691 15.01 83.12 48.85
CA ALA G 691 13.97 84.00 48.33
C ALA G 691 12.83 84.23 49.33
N ASN G 692 12.90 83.64 50.52
CA ASN G 692 11.84 83.83 51.51
C ASN G 692 11.72 85.27 51.98
N ASP G 693 12.77 86.07 51.81
CA ASP G 693 12.75 87.48 52.18
C ASP G 693 12.47 88.31 50.94
N PHE G 694 11.34 89.04 50.97
CA PHE G 694 10.99 89.88 49.83
C PHE G 694 11.96 91.04 49.66
N GLU G 695 12.62 91.46 50.74
CA GLU G 695 13.59 92.54 50.63
C GLU G 695 14.79 92.11 49.80
N ASP G 696 15.18 90.83 49.90
CA ASP G 696 16.23 90.32 49.02
C ASP G 696 15.81 90.41 47.56
N LEU G 697 14.52 90.33 47.29
CA LEU G 697 13.98 90.58 45.95
C LEU G 697 13.60 92.04 45.74
N MET G 698 13.68 92.87 46.78
CA MET G 698 13.29 94.28 46.73
C MET G 698 11.85 94.45 46.24
N LEU G 699 10.95 93.62 46.75
CA LEU G 699 9.52 93.84 46.60
C LEU G 699 8.94 94.14 47.97
N THR G 700 8.34 95.31 48.12
CA THR G 700 7.91 95.78 49.42
C THR G 700 6.50 96.33 49.35
N ASP G 701 5.82 96.33 50.50
CA ASP G 701 4.51 96.92 50.64
C ASP G 701 4.48 98.02 51.70
N GLN G 702 5.62 98.32 52.33
CA GLN G 702 5.68 99.33 53.39
C GLN G 702 6.04 100.68 52.78
N VAL G 703 5.06 101.26 52.09
CA VAL G 703 5.18 102.57 51.47
C VAL G 703 4.35 103.55 52.28
N TYR G 704 5.01 104.61 52.77
CA TYR G 704 4.37 105.60 53.62
C TYR G 704 4.35 106.95 52.91
N MET G 705 3.46 107.81 53.37
CA MET G 705 3.32 109.17 52.85
C MET G 705 3.36 110.14 54.02
N HIS G 706 4.23 111.13 53.94
CA HIS G 706 4.38 112.10 55.03
C HIS G 706 5.02 113.35 54.49
N ARG G 707 4.38 114.50 54.70
CA ARG G 707 4.88 115.76 54.14
C ARG G 707 6.19 116.15 54.81
N ASP G 708 7.20 116.46 54.00
CA ASP G 708 8.53 116.78 54.49
C ASP G 708 9.15 117.87 53.64
N MET G 709 10.25 118.42 54.15
CA MET G 709 10.96 119.54 53.55
C MET G 709 12.21 119.07 52.82
N LEU G 710 12.47 119.69 51.67
CA LEU G 710 13.79 119.59 51.07
C LEU G 710 14.75 120.49 51.83
N PRO G 711 15.87 119.96 52.33
CA PRO G 711 16.74 120.78 53.19
C PRO G 711 17.32 121.97 52.45
N GLU G 712 17.45 123.08 53.17
CA GLU G 712 18.06 124.30 52.65
C GLU G 712 19.30 124.61 53.48
N PRO G 713 20.49 124.29 52.99
CA PRO G 713 21.70 124.47 53.81
C PRO G 713 22.00 125.94 54.07
N ARG G 714 22.69 126.16 55.20
CA ARG G 714 23.09 127.51 55.57
C ARG G 714 24.04 128.11 54.53
N LEU G 715 25.09 127.36 54.18
CA LEU G 715 26.05 127.76 53.14
C LEU G 715 26.70 129.11 53.45
N ASP G 716 26.93 129.36 54.74
CA ASP G 716 27.63 130.59 55.13
C ASP G 716 29.14 130.41 55.16
N ASP G 717 29.61 129.22 55.52
CA ASP G 717 31.03 128.84 55.46
C ASP G 717 31.09 127.64 54.52
N ILE G 718 31.39 127.91 53.25
CA ILE G 718 31.27 126.87 52.23
C ILE G 718 32.28 125.75 52.46
N GLU G 719 33.48 126.09 52.92
CA GLU G 719 34.48 125.05 53.18
C GLU G 719 34.02 124.10 54.27
N ARG G 720 33.45 124.64 55.36
CA ARG G 720 32.97 123.81 56.44
C ARG G 720 31.83 122.90 55.98
N PHE G 721 30.90 123.43 55.19
CA PHE G 721 29.82 122.61 54.67
C PHE G 721 30.35 121.54 53.72
N ARG G 722 31.34 121.88 52.90
CA ARG G 722 31.89 120.92 51.96
C ARG G 722 32.61 119.79 52.68
N GLN G 723 33.30 120.11 53.77
CA GLN G 723 34.04 119.08 54.50
C GLN G 723 33.09 118.05 55.10
N GLU G 724 31.94 118.48 55.62
CA GLU G 724 30.97 117.59 56.22
C GLU G 724 30.00 117.10 55.14
N GLY G 725 30.06 115.82 54.84
CA GLY G 725 29.17 115.27 53.82
C GLY G 725 27.71 115.42 54.20
N PHE G 726 26.90 115.83 53.24
CA PHE G 726 25.48 116.04 53.45
C PHE G 726 24.71 115.42 52.29
N TYR G 727 23.58 114.79 52.61
CA TYR G 727 22.76 114.13 51.59
C TYR G 727 21.36 113.93 52.15
N TYR G 728 20.40 113.73 51.24
CA TYR G 728 19.01 113.52 51.59
C TYR G 728 18.46 112.34 50.81
N THR G 729 17.67 111.50 51.49
CA THR G 729 17.14 110.28 50.89
C THR G 729 15.67 110.14 51.23
N ASN G 730 14.97 109.32 50.45
CA ASN G 730 13.63 108.89 50.79
C ASN G 730 13.61 107.75 51.79
N MET G 731 14.78 107.15 52.07
CA MET G 731 14.85 106.01 52.96
C MET G 731 14.50 106.42 54.39
N LEU G 732 13.93 105.48 55.14
CA LEU G 732 13.62 105.68 56.55
C LEU G 732 14.56 104.84 57.39
N GLU G 733 15.24 105.48 58.33
CA GLU G 733 16.14 104.75 59.23
C GLU G 733 15.38 103.74 60.06
N ALA G 734 14.21 104.12 60.57
CA ALA G 734 13.35 103.25 61.35
C ALA G 734 11.92 103.42 60.88
N PRO G 735 11.08 102.40 61.02
CA PRO G 735 9.68 102.55 60.66
C PRO G 735 9.02 103.59 61.55
N PRO G 736 8.01 104.30 61.04
CA PRO G 736 7.36 105.33 61.84
C PRO G 736 6.73 104.75 63.10
N GLU G 737 6.74 105.55 64.16
CA GLU G 737 6.24 105.09 65.45
C GLU G 737 4.76 104.76 65.37
N ILE G 738 4.35 103.72 66.09
CA ILE G 738 2.95 103.33 66.11
C ILE G 738 2.12 104.39 66.84
N ASP G 739 0.82 104.42 66.54
CA ASP G 739 -0.17 105.37 67.02
C ASP G 739 0.00 106.74 66.39
N ARG G 740 1.06 106.96 65.61
CA ARG G 740 1.23 108.17 64.83
C ARG G 740 0.89 107.96 63.36
N VAL G 741 0.46 106.75 62.99
CA VAL G 741 0.20 106.40 61.60
C VAL G 741 -1.20 105.80 61.52
N VAL G 742 -1.87 106.05 60.39
CA VAL G 742 -3.19 105.51 60.10
C VAL G 742 -3.07 104.52 58.95
N GLN G 743 -3.87 103.46 59.00
CA GLN G 743 -3.80 102.38 58.04
C GLN G 743 -4.95 102.50 57.05
N TYR G 744 -4.64 102.40 55.76
CA TYR G 744 -5.61 102.49 54.69
C TYR G 744 -5.53 101.27 53.79
N THR G 745 -6.61 101.06 53.04
CA THR G 745 -6.68 99.98 52.05
C THR G 745 -7.67 100.40 50.98
N TYR G 746 -7.99 99.47 50.07
CA TYR G 746 -8.90 99.78 48.97
C TYR G 746 -10.30 100.07 49.50
N GLU G 747 -10.81 99.24 50.40
CA GLU G 747 -12.19 99.38 50.85
C GLU G 747 -12.37 100.62 51.73
N ILE G 748 -11.37 100.95 52.54
CA ILE G 748 -11.44 102.17 53.34
C ILE G 748 -11.49 103.40 52.44
N ALA G 749 -10.64 103.42 51.40
CA ALA G 749 -10.63 104.54 50.48
C ALA G 749 -11.95 104.64 49.72
N ARG G 750 -12.51 103.49 49.31
CA ARG G 750 -13.79 103.50 48.62
C ARG G 750 -14.91 104.00 49.52
N LEU G 751 -14.91 103.59 50.79
CA LEU G 751 -15.92 104.08 51.72
C LEU G 751 -15.80 105.58 51.94
N GLN G 752 -14.56 106.07 52.05
CA GLN G 752 -14.36 107.51 52.20
C GLN G 752 -14.82 108.27 50.95
N ALA G 753 -14.53 107.73 49.77
CA ALA G 753 -14.96 108.37 48.53
C ALA G 753 -16.47 108.29 48.34
N ASN G 754 -17.14 107.34 48.99
CA ASN G 754 -18.59 107.26 48.89
C ASN G 754 -19.27 108.48 49.48
N MET G 755 -18.60 109.19 50.38
CA MET G 755 -19.13 110.42 50.96
C MET G 755 -18.32 111.65 50.57
N GLY G 756 -17.30 111.49 49.73
CA GLY G 756 -16.48 112.62 49.33
C GLY G 756 -15.48 113.10 50.35
N GLN G 757 -15.22 112.30 51.38
CA GLN G 757 -14.32 112.69 52.46
C GLN G 757 -12.90 112.16 52.24
N PHE G 758 -12.63 111.48 51.13
CA PHE G 758 -11.30 110.91 50.89
C PHE G 758 -10.24 112.00 50.83
N ARG G 759 -10.38 112.94 49.90
CA ARG G 759 -9.42 114.04 49.78
C ARG G 759 -9.43 114.90 51.03
N ALA G 760 -10.62 115.14 51.60
CA ALA G 760 -10.70 115.94 52.81
C ALA G 760 -9.97 115.27 53.97
N ALA G 761 -10.15 113.96 54.14
CA ALA G 761 -9.45 113.25 55.21
C ALA G 761 -7.95 113.26 54.99
N LEU G 762 -7.51 113.07 53.74
CA LEU G 762 -6.07 113.12 53.46
C LEU G 762 -5.50 114.49 53.79
N ARG G 763 -6.20 115.56 53.40
CA ARG G 763 -5.72 116.91 53.68
C ARG G 763 -5.69 117.17 55.18
N ARG G 764 -6.70 116.70 55.91
CA ARG G 764 -6.71 116.87 57.36
C ARG G 764 -5.54 116.14 58.00
N ILE G 765 -5.27 114.91 57.55
CA ILE G 765 -4.16 114.14 58.11
C ILE G 765 -2.83 114.84 57.82
N MET G 766 -2.67 115.36 56.61
CA MET G 766 -1.42 116.03 56.27
C MET G 766 -1.25 117.33 57.06
N ASP G 767 -2.35 118.05 57.29
CA ASP G 767 -2.30 119.22 58.16
C ASP G 767 -1.99 118.85 59.60
N ASP G 768 -2.22 117.59 59.98
CA ASP G 768 -1.90 117.08 61.30
C ASP G 768 -0.53 116.42 61.34
N ASP G 769 0.25 116.51 60.26
CA ASP G 769 1.61 115.97 60.15
C ASP G 769 1.69 114.52 60.62
N ASP G 770 0.60 113.78 60.49
CA ASP G 770 0.58 112.37 60.83
C ASP G 770 0.97 111.53 59.61
N TRP G 771 1.26 110.26 59.87
CA TRP G 771 1.69 109.33 58.84
C TRP G 771 0.51 108.51 58.33
N VAL G 772 0.58 108.12 57.07
CA VAL G 772 -0.42 107.26 56.43
C VAL G 772 0.30 106.18 55.63
N ARG G 773 -0.21 104.96 55.72
CA ARG G 773 0.39 103.81 55.06
C ARG G 773 -0.62 103.13 54.16
N PHE G 774 -0.19 102.81 52.94
CA PHE G 774 -0.96 101.98 52.02
C PHE G 774 -0.50 100.54 52.11
N GLY G 775 -1.39 99.62 51.71
CA GLY G 775 -1.09 98.22 51.79
C GLY G 775 -1.78 97.43 50.70
N GLY G 776 -1.61 96.11 50.75
CA GLY G 776 -2.23 95.22 49.79
C GLY G 776 -1.37 94.93 48.58
N VAL G 777 -1.13 95.95 47.76
CA VAL G 777 -0.39 95.77 46.52
C VAL G 777 1.10 95.77 46.81
N LEU G 778 1.80 94.77 46.25
CA LEU G 778 3.26 94.71 46.34
C LEU G 778 3.87 95.56 45.24
N ARG G 779 4.73 96.49 45.62
CA ARG G 779 5.33 97.45 44.72
C ARG G 779 6.79 97.10 44.43
N THR G 780 7.31 97.72 43.38
CA THR G 780 8.71 97.57 43.00
C THR G 780 9.44 98.88 43.30
N VAL G 781 10.73 98.76 43.63
CA VAL G 781 11.55 99.90 44.03
C VAL G 781 12.65 100.10 43.00
N ARG G 782 12.93 101.36 42.68
CA ARG G 782 13.99 101.73 41.76
C ARG G 782 14.94 102.69 42.47
N VAL G 783 16.23 102.51 42.21
CA VAL G 783 17.27 103.32 42.85
C VAL G 783 17.89 104.23 41.80
N LYS G 784 18.04 105.51 42.14
CA LYS G 784 18.63 106.49 41.25
C LYS G 784 19.46 107.47 42.08
N PHE G 785 20.44 108.08 41.43
CA PHE G 785 21.32 109.04 42.08
C PHE G 785 21.32 110.34 41.29
N TYR G 786 21.05 111.45 41.97
CA TYR G 786 20.95 112.76 41.36
C TYR G 786 22.00 113.69 41.94
N ASP G 787 22.27 114.79 41.22
CA ASP G 787 23.30 115.76 41.67
C ASP G 787 22.70 117.17 41.65
N ALA G 788 21.40 117.27 41.39
CA ALA G 788 20.71 118.57 41.33
C ALA G 788 19.21 118.33 41.57
N ARG G 789 18.41 119.40 41.58
CA ARG G 789 16.95 119.26 41.83
C ARG G 789 16.40 118.14 40.92
N PRO G 790 15.73 117.10 41.47
CA PRO G 790 15.25 116.00 40.64
C PRO G 790 14.06 116.39 39.75
N PRO G 791 13.68 115.58 38.74
CA PRO G 791 12.50 115.87 37.94
C PRO G 791 11.23 116.01 38.77
N ASP G 792 10.23 116.74 38.27
CA ASP G 792 9.01 117.02 39.02
C ASP G 792 8.19 115.75 39.28
N ASP G 793 8.22 114.79 38.36
CA ASP G 793 7.39 113.60 38.50
C ASP G 793 7.77 112.80 39.73
N VAL G 794 9.08 112.67 40.02
CA VAL G 794 9.50 112.00 41.23
C VAL G 794 9.60 112.96 42.40
N LEU G 795 9.73 114.26 42.14
CA LEU G 795 9.79 115.24 43.22
C LEU G 795 8.46 115.33 43.96
N GLN G 796 7.34 115.33 43.23
CA GLN G 796 6.03 115.52 43.83
C GLN G 796 5.03 114.46 43.38
N GLY G 797 5.50 113.28 43.02
CA GLY G 797 4.61 112.23 42.57
C GLY G 797 3.80 111.64 43.71
N LEU G 798 2.69 110.98 43.33
CA LEU G 798 1.79 110.36 44.29
C LEU G 798 1.69 108.87 44.04
N PRO G 799 1.82 108.04 45.07
CA PRO G 799 1.67 106.59 44.89
C PRO G 799 0.25 106.14 44.59
N PHE G 800 -0.73 107.04 44.65
CA PHE G 800 -2.12 106.70 44.36
C PHE G 800 -2.68 107.68 43.33
N SER G 801 -3.72 107.25 42.64
CA SER G 801 -4.40 108.07 41.65
C SER G 801 -5.90 108.06 41.91
N TYR G 802 -6.53 109.20 41.69
CA TYR G 802 -7.96 109.36 41.93
C TYR G 802 -8.60 110.01 40.72
N ASP G 803 -9.78 109.53 40.35
CA ASP G 803 -10.52 110.10 39.22
C ASP G 803 -12.00 109.83 39.43
N THR G 804 -12.83 110.64 38.76
CA THR G 804 -14.27 110.51 38.86
C THR G 804 -14.90 111.02 37.57
N ASN G 805 -16.05 110.44 37.23
CA ASN G 805 -16.78 110.81 36.03
C ASN G 805 -18.25 110.44 36.21
N GLU G 806 -19.08 110.94 35.30
CA GLU G 806 -20.52 110.71 35.36
C GLU G 806 -21.02 110.20 34.01
N ARG G 807 -21.82 109.14 34.06
CA ARG G 807 -22.54 108.64 32.89
C ARG G 807 -24.00 108.45 33.27
N GLY G 808 -24.90 108.75 32.34
CA GLY G 808 -26.31 108.69 32.65
C GLY G 808 -26.66 109.66 33.76
N GLY G 809 -27.42 109.17 34.73
CA GLY G 809 -27.80 109.97 35.89
C GLY G 809 -27.10 109.63 37.18
N LEU G 810 -26.04 108.82 37.14
CA LEU G 810 -25.34 108.39 38.34
C LEU G 810 -23.90 108.88 38.32
N ALA G 811 -23.37 109.16 39.50
CA ALA G 811 -21.99 109.59 39.65
C ALA G 811 -21.08 108.38 39.85
N TYR G 812 -19.84 108.52 39.37
CA TYR G 812 -18.89 107.42 39.38
C TYR G 812 -17.49 107.94 39.73
N ALA G 813 -16.67 107.07 40.31
CA ALA G 813 -15.32 107.46 40.72
C ALA G 813 -14.41 106.23 40.73
N THR G 814 -13.12 106.48 40.53
CA THR G 814 -12.12 105.42 40.48
C THR G 814 -10.94 105.77 41.38
N ILE G 815 -10.32 104.73 41.95
CA ILE G 815 -9.11 104.87 42.75
C ILE G 815 -8.13 103.79 42.35
N LYS G 816 -6.84 104.13 42.31
CA LYS G 816 -5.80 103.17 41.96
C LYS G 816 -4.53 103.51 42.74
N TYR G 817 -3.66 102.51 42.89
CA TYR G 817 -2.37 102.68 43.53
C TYR G 817 -1.26 102.44 42.51
N ALA G 818 -0.31 103.37 42.44
CA ALA G 818 0.84 103.20 41.56
C ALA G 818 1.69 102.04 42.06
N THR G 819 2.12 101.18 41.13
CA THR G 819 2.87 99.99 41.49
C THR G 819 4.38 100.19 41.44
N GLU G 820 4.85 101.27 40.81
CA GLU G 820 6.27 101.56 40.69
C GLU G 820 6.63 102.74 41.58
N THR G 821 7.60 102.54 42.46
CA THR G 821 8.08 103.58 43.35
C THR G 821 9.59 103.72 43.19
N THR G 822 10.10 104.93 43.42
CA THR G 822 11.51 105.22 43.21
C THR G 822 12.14 105.74 44.50
N ILE G 823 13.40 105.37 44.70
CA ILE G 823 14.22 105.86 45.80
C ILE G 823 15.40 106.59 45.20
N PHE G 824 15.57 107.86 45.55
CA PHE G 824 16.64 108.68 44.98
C PHE G 824 17.55 109.20 46.08
N TYR G 825 18.80 109.48 45.70
CA TYR G 825 19.81 110.02 46.59
C TYR G 825 20.30 111.34 46.03
N LEU G 826 20.38 112.36 46.88
CA LEU G 826 20.78 113.70 46.48
C LEU G 826 22.16 114.01 47.05
N ILE G 827 23.08 114.43 46.19
CA ILE G 827 24.42 114.85 46.59
C ILE G 827 24.53 116.33 46.26
N TYR G 828 24.80 117.14 47.28
CA TYR G 828 24.81 118.60 47.13
C TYR G 828 26.23 119.05 46.79
N ASN G 829 26.39 119.58 45.57
CA ASN G 829 27.67 120.12 45.12
C ASN G 829 27.65 121.63 45.23
N VAL G 830 28.72 122.19 45.80
CA VAL G 830 28.83 123.62 46.02
C VAL G 830 30.15 124.12 45.45
N GLU G 831 30.16 125.39 45.06
CA GLU G 831 31.35 126.04 44.52
C GLU G 831 31.45 127.45 45.11
N PHE G 832 32.67 127.98 45.10
CA PHE G 832 32.94 129.23 45.82
C PHE G 832 32.08 130.39 45.31
N SER G 833 31.64 130.33 44.06
CA SER G 833 31.01 131.49 43.43
C SER G 833 29.68 131.85 44.07
N ASN G 834 28.84 130.86 44.38
CA ASN G 834 27.46 131.13 44.72
C ASN G 834 27.34 131.82 46.08
N THR G 835 26.30 132.64 46.21
CA THR G 835 26.00 133.33 47.45
C THR G 835 25.32 132.38 48.43
N PRO G 836 25.43 132.66 49.74
CA PRO G 836 24.75 131.80 50.73
C PRO G 836 23.24 131.71 50.52
N ASP G 837 22.61 132.77 50.04
CA ASP G 837 21.17 132.79 49.82
C ASP G 837 20.75 132.12 48.51
N SER G 838 21.72 131.66 47.70
CA SER G 838 21.37 131.03 46.43
C SER G 838 20.59 129.74 46.64
N LEU G 839 20.95 128.96 47.65
CA LEU G 839 20.32 127.68 47.90
C LEU G 839 19.18 127.76 48.91
N VAL G 840 18.48 128.89 48.98
CA VAL G 840 17.34 129.08 49.84
C VAL G 840 16.19 129.60 48.99
N LEU G 841 15.21 128.75 48.72
CA LEU G 841 14.06 129.16 47.94
C LEU G 841 13.11 130.01 48.77
N ILE G 842 12.34 130.85 48.07
CA ILE G 842 11.41 131.75 48.75
C ILE G 842 10.29 130.99 49.42
N ASN G 843 9.83 129.90 48.80
CA ASN G 843 8.72 129.12 49.31
C ASN G 843 9.08 127.64 49.34
N PRO G 844 8.47 126.88 50.23
CA PRO G 844 8.86 125.47 50.39
C PRO G 844 8.48 124.62 49.19
N THR G 845 9.27 123.56 49.01
CA THR G 845 8.97 122.49 48.04
C THR G 845 8.76 121.20 48.83
N TYR G 846 7.63 120.54 48.59
CA TYR G 846 7.21 119.42 49.41
C TYR G 846 7.36 118.10 48.66
N THR G 847 7.86 117.08 49.37
CA THR G 847 7.95 115.73 48.86
C THR G 847 7.10 114.82 49.74
N MET G 848 6.41 113.86 49.11
CA MET G 848 5.41 113.06 49.78
C MET G 848 5.88 111.64 50.10
N THR G 849 6.34 110.90 49.09
CA THR G 849 6.54 109.47 49.22
C THR G 849 7.73 109.16 50.12
N LYS G 850 7.60 108.11 50.93
CA LYS G 850 8.68 107.56 51.73
C LYS G 850 8.64 106.05 51.67
N VAL G 851 9.82 105.43 51.77
CA VAL G 851 9.96 103.99 51.67
C VAL G 851 10.92 103.51 52.76
N PHE G 852 10.59 102.40 53.39
CA PHE G 852 11.42 101.80 54.44
C PHE G 852 11.90 100.43 54.00
N ILE G 853 13.19 100.18 54.18
CA ILE G 853 13.81 98.88 53.91
C ILE G 853 14.68 98.52 55.11
N ASN G 854 14.66 97.26 55.51
CA ASN G 854 15.33 96.80 56.72
C ASN G 854 16.75 96.30 56.46
N LYS G 855 17.43 96.83 55.43
CA LYS G 855 18.81 96.47 55.20
C LYS G 855 19.53 97.66 54.57
N ARG G 856 20.86 97.64 54.69
CA ARG G 856 21.70 98.77 54.27
C ARG G 856 21.90 98.71 52.76
N ILE G 857 21.40 99.72 52.06
CA ILE G 857 21.66 99.85 50.63
C ILE G 857 22.82 100.80 50.37
N VAL G 858 22.75 102.01 50.93
CA VAL G 858 23.82 102.98 50.86
C VAL G 858 24.09 103.49 52.27
N GLU G 859 25.36 103.51 52.66
CA GLU G 859 25.77 103.94 53.99
C GLU G 859 26.83 105.01 53.90
N ARG G 860 26.72 106.01 54.77
CA ARG G 860 27.70 107.10 54.86
C ARG G 860 28.71 106.74 55.95
N VAL G 861 29.93 106.40 55.52
CA VAL G 861 30.99 106.01 56.45
C VAL G 861 32.22 106.85 56.16
N ARG G 862 33.08 106.96 57.17
CA ARG G 862 34.34 107.65 57.00
C ARG G 862 35.35 106.74 56.31
N VAL G 863 36.46 107.34 55.88
CA VAL G 863 37.47 106.61 55.14
C VAL G 863 38.18 105.55 55.96
N GLY G 864 37.95 105.53 57.28
CA GLY G 864 38.60 104.52 58.11
C GLY G 864 38.11 103.12 57.83
N GLN G 865 36.80 102.95 57.63
CA GLN G 865 36.19 101.64 57.46
C GLN G 865 35.93 101.28 56.00
N ILE G 866 36.77 101.77 55.09
CA ILE G 866 36.64 101.38 53.69
C ILE G 866 36.91 99.89 53.52
N LEU G 867 37.94 99.38 54.18
CA LEU G 867 38.33 97.98 54.07
C LEU G 867 37.84 97.13 55.23
N ALA G 868 36.99 97.70 56.10
CA ALA G 868 36.43 96.92 57.20
C ALA G 868 35.38 95.91 56.73
N VAL G 869 34.97 95.98 55.47
CA VAL G 869 33.99 95.04 54.93
C VAL G 869 34.56 93.65 54.74
N LEU G 870 35.88 93.51 54.67
CA LEU G 870 36.51 92.22 54.40
C LEU G 870 36.36 91.28 55.59
N ASN G 871 35.32 90.44 55.57
CA ASN G 871 35.08 89.52 56.68
C ASN G 871 34.58 88.16 56.22
N ARG G 872 34.68 87.83 54.94
CA ARG G 872 34.18 86.56 54.42
C ARG G 872 35.33 85.74 53.86
N ARG G 873 35.24 84.43 54.03
CA ARG G 873 36.31 83.50 53.73
C ARG G 873 36.14 82.94 52.32
N PHE G 874 37.22 82.99 51.54
CA PHE G 874 37.22 82.48 50.17
C PHE G 874 38.27 81.37 50.03
N VAL G 875 38.02 80.46 49.10
CA VAL G 875 38.96 79.39 48.77
C VAL G 875 39.19 79.40 47.26
N ALA G 876 40.46 79.35 46.86
CA ALA G 876 40.83 79.41 45.45
C ALA G 876 41.79 78.29 45.11
N TYR G 877 41.60 77.69 43.94
CA TYR G 877 42.48 76.63 43.47
C TYR G 877 43.73 77.21 42.81
N LYS G 878 44.80 76.43 42.84
CA LYS G 878 46.09 76.89 42.33
C LYS G 878 46.09 76.91 40.80
N GLY G 879 47.08 77.61 40.25
CA GLY G 879 47.18 77.70 38.80
C GLY G 879 47.47 76.37 38.15
N LYS G 880 48.34 75.56 38.77
CA LYS G 880 48.64 74.23 38.25
C LYS G 880 47.46 73.28 38.39
N MET G 881 46.44 73.65 39.16
CA MET G 881 45.31 72.77 39.41
C MET G 881 44.38 72.76 38.20
N ARG G 882 43.69 71.64 37.99
CA ARG G 882 42.83 71.46 36.84
C ARG G 882 41.39 71.18 37.27
N ILE G 883 40.44 71.79 36.58
CA ILE G 883 39.02 71.56 36.79
C ILE G 883 38.47 70.85 35.57
N MET G 884 37.80 69.72 35.78
CA MET G 884 37.31 68.89 34.68
C MET G 884 35.89 68.44 34.94
N ASP G 885 35.18 68.16 33.86
CA ASP G 885 33.83 67.61 33.91
C ASP G 885 33.71 66.50 32.88
N ILE G 886 32.73 65.62 33.07
CA ILE G 886 32.58 64.46 32.19
C ILE G 886 32.29 64.92 30.76
N THR G 887 31.44 65.93 30.59
CA THR G 887 31.12 66.41 29.25
C THR G 887 32.37 66.94 28.55
N GLN G 888 33.28 67.57 29.29
CA GLN G 888 34.52 68.05 28.68
C GLN G 888 35.36 66.89 28.17
N SER G 889 35.42 65.79 28.92
CA SER G 889 36.23 64.65 28.52
C SER G 889 35.69 64.02 27.23
N LEU G 890 34.36 63.92 27.11
CA LEU G 890 33.76 63.36 25.91
C LEU G 890 33.85 64.28 24.71
N LYS G 891 34.29 65.53 24.91
CA LYS G 891 34.49 66.49 23.83
C LYS G 891 33.18 66.78 23.10
N MET G 892 32.22 67.31 23.86
CA MET G 892 30.92 67.66 23.31
C MET G 892 31.04 68.82 22.33
N ILE H 12 72.92 41.45 9.06
CA ILE H 12 71.58 41.24 9.60
C ILE H 12 70.71 42.45 9.29
N LYS H 13 69.55 42.19 8.65
CA LYS H 13 68.61 43.24 8.30
C LYS H 13 67.20 42.79 8.64
N THR H 14 66.34 43.76 8.94
CA THR H 14 64.96 43.45 9.27
C THR H 14 64.19 43.00 8.04
N THR H 15 63.08 42.31 8.27
CA THR H 15 62.17 42.00 7.20
C THR H 15 61.51 43.29 6.69
N PRO H 16 61.24 43.36 5.39
CA PRO H 16 60.75 44.63 4.82
C PRO H 16 59.42 45.05 5.43
N TYR H 17 59.27 46.36 5.58
CA TYR H 17 58.02 46.97 6.04
C TYR H 17 57.59 48.02 5.03
N LEU H 18 56.28 48.25 4.97
CA LEU H 18 55.71 49.09 3.92
C LEU H 18 55.72 50.55 4.35
N GLU H 19 56.28 51.40 3.50
CA GLU H 19 56.32 52.85 3.70
C GLU H 19 55.32 53.48 2.73
N GLY H 20 54.06 53.53 3.15
CA GLY H 20 53.02 54.11 2.33
C GLY H 20 52.66 53.24 1.14
N ASP H 21 53.56 53.15 0.17
CA ASP H 21 53.37 52.28 -0.97
C ASP H 21 54.65 51.59 -1.44
N VAL H 22 55.76 51.77 -0.74
CA VAL H 22 57.04 51.19 -1.14
C VAL H 22 57.64 50.44 0.05
N LEU H 23 58.27 49.31 -0.23
CA LEU H 23 58.90 48.52 0.81
C LEU H 23 60.26 49.09 1.18
N SER H 24 60.64 48.91 2.44
CA SER H 24 61.92 49.38 2.94
C SER H 24 62.39 48.47 4.05
N SER H 25 63.70 48.49 4.30
CA SER H 25 64.28 47.64 5.34
C SER H 25 65.32 48.36 6.18
N ASP H 26 65.27 49.69 6.24
CA ASP H 26 66.23 50.44 7.05
C ASP H 26 65.99 50.18 8.53
N SER H 27 67.09 50.07 9.29
CA SER H 27 66.97 49.79 10.72
C SER H 27 66.28 50.92 11.45
N GLY H 28 66.59 52.17 11.09
CA GLY H 28 66.00 53.32 11.73
C GLY H 28 66.79 53.78 12.94
N PRO H 29 66.15 54.55 13.82
CA PRO H 29 66.85 55.06 15.01
C PRO H 29 67.18 53.94 15.99
N LEU H 30 68.23 54.19 16.77
CA LEU H 30 68.64 53.25 17.80
C LEU H 30 67.57 53.14 18.89
N LEU H 31 67.46 51.95 19.48
CA LEU H 31 66.47 51.75 20.52
C LEU H 31 66.77 52.60 21.75
N SER H 32 68.04 52.92 21.99
CA SER H 32 68.38 53.79 23.11
C SER H 32 67.90 55.22 22.89
N VAL H 33 67.77 55.62 21.63
CA VAL H 33 67.32 56.97 21.31
C VAL H 33 65.79 57.03 21.21
N PHE H 34 65.17 55.98 20.67
CA PHE H 34 63.72 55.96 20.52
C PHE H 34 63.03 55.99 21.88
N ALA H 35 63.57 55.29 22.87
CA ALA H 35 62.95 55.22 24.19
C ALA H 35 62.89 56.58 24.85
N LEU H 36 64.00 57.32 24.79
CA LEU H 36 64.04 58.63 25.44
C LEU H 36 63.03 59.58 24.83
N GLN H 37 62.88 59.54 23.50
CA GLN H 37 61.90 60.39 22.84
C GLN H 37 60.48 60.06 23.30
N GLU H 38 60.15 58.78 23.42
CA GLU H 38 58.81 58.40 23.87
C GLU H 38 58.57 58.83 25.31
N ILE H 39 59.55 58.64 26.18
CA ILE H 39 59.38 59.05 27.58
C ILE H 39 59.20 60.56 27.68
N MET H 40 60.02 61.31 26.94
CA MET H 40 59.90 62.76 26.97
C MET H 40 58.57 63.23 26.40
N GLN H 41 58.07 62.54 25.37
CA GLN H 41 56.77 62.91 24.81
C GLN H 41 55.65 62.65 25.80
N LYS H 42 55.71 61.53 26.52
CA LYS H 42 54.71 61.26 27.55
C LYS H 42 54.76 62.30 28.65
N VAL H 43 55.97 62.67 29.09
CA VAL H 43 56.11 63.71 30.11
C VAL H 43 55.54 65.03 29.59
N ARG H 44 55.87 65.39 28.36
CA ARG H 44 55.33 66.61 27.76
C ARG H 44 53.81 66.59 27.74
N GLN H 45 53.23 65.42 27.45
CA GLN H 45 51.79 65.26 27.55
C GLN H 45 51.30 65.46 28.99
N VAL H 46 52.12 65.16 29.99
CA VAL H 46 51.69 65.36 31.37
C VAL H 46 51.48 66.84 31.68
N GLN H 47 52.45 67.69 31.35
CA GLN H 47 52.31 69.13 31.58
C GLN H 47 51.81 69.88 30.35
N ALA H 48 51.06 69.21 29.46
CA ALA H 48 50.51 69.90 28.30
C ALA H 48 49.54 71.00 28.72
N ASP H 49 48.73 70.75 29.75
CA ASP H 49 47.77 71.73 30.24
C ASP H 49 48.48 72.87 30.97
N ASP H 63 67.15 66.76 19.89
CA ASP H 63 67.29 67.14 21.29
C ASP H 63 67.72 65.95 22.14
N VAL H 64 67.39 64.74 21.68
CA VAL H 64 67.76 63.54 22.41
C VAL H 64 69.27 63.38 22.44
N GLN H 65 69.94 63.63 21.31
CA GLN H 65 71.40 63.56 21.29
C GLN H 65 72.02 64.62 22.20
N LYS H 66 71.40 65.80 22.26
CA LYS H 66 71.88 66.86 23.13
C LYS H 66 71.94 66.41 24.58
N ILE H 67 71.06 65.48 24.97
CA ILE H 67 71.08 64.93 26.32
C ILE H 67 72.03 63.74 26.41
N LEU H 68 72.02 62.87 25.40
CA LEU H 68 72.81 61.65 25.44
C LEU H 68 74.30 61.96 25.52
N ASP H 69 74.77 62.88 24.68
CA ASP H 69 76.18 63.28 24.77
C ASP H 69 76.47 63.99 26.09
N ASP H 70 75.45 64.64 26.66
CA ASP H 70 75.65 65.31 27.95
C ASP H 70 75.93 64.29 29.06
N ILE H 71 75.16 63.20 29.12
CA ILE H 71 75.52 62.12 30.05
C ILE H 71 76.87 61.52 29.69
N LYS H 72 77.12 61.29 28.39
CA LYS H 72 78.37 60.66 28.00
C LYS H 72 79.59 61.49 28.42
N ALA H 73 79.44 62.81 28.47
CA ALA H 73 80.56 63.67 28.84
C ALA H 73 80.95 63.53 30.31
N LEU H 74 80.12 62.89 31.13
CA LEU H 74 80.44 62.73 32.55
C LEU H 74 81.58 61.76 32.79
N ALA H 75 81.99 60.99 31.77
CA ALA H 75 83.08 60.04 31.93
C ALA H 75 84.45 60.70 31.88
N ALA H 76 84.54 61.97 31.49
CA ALA H 76 85.81 62.67 31.40
C ALA H 76 85.82 63.89 32.30
N GLU H 77 85.31 63.74 33.52
CA GLU H 77 85.21 64.87 34.45
C GLU H 77 86.55 65.13 35.13
N GLN H 78 86.80 66.41 35.42
CA GLN H 78 87.98 66.83 36.17
C GLN H 78 87.57 67.87 37.19
N VAL H 79 88.24 67.85 38.34
CA VAL H 79 87.97 68.81 39.40
C VAL H 79 89.28 69.47 39.81
N TYR H 80 90.27 69.42 38.94
CA TYR H 80 91.56 70.03 39.17
C TYR H 80 92.21 70.30 37.81
N LYS H 81 93.33 71.01 37.82
CA LYS H 81 94.01 71.33 36.58
C LYS H 81 95.49 71.48 36.86
N ILE H 82 96.32 70.86 36.02
CA ILE H 82 97.76 71.00 36.13
C ILE H 82 98.17 72.29 35.43
N VAL H 83 98.78 73.20 36.18
CA VAL H 83 99.10 74.54 35.69
C VAL H 83 100.61 74.75 35.73
N LYS H 84 101.12 75.42 34.69
CA LYS H 84 102.55 75.69 34.63
C LYS H 84 102.96 76.78 35.63
N VAL H 85 102.18 77.86 35.69
CA VAL H 85 102.49 79.00 36.55
C VAL H 85 101.23 79.39 37.33
N PRO H 86 101.32 79.59 38.64
CA PRO H 86 100.14 80.01 39.39
C PRO H 86 99.65 81.38 38.96
N SER H 87 98.34 81.58 39.06
CA SER H 87 97.74 82.86 38.69
C SER H 87 98.23 83.96 39.63
N ILE H 88 98.47 85.14 39.06
CA ILE H 88 98.94 86.26 39.85
C ILE H 88 97.84 86.72 40.79
N SER H 89 98.18 86.91 42.07
CA SER H 89 97.21 87.32 43.07
C SER H 89 97.29 88.79 43.42
N PHE H 90 98.37 89.48 43.05
CA PHE H 90 98.53 90.89 43.38
C PHE H 90 99.03 91.63 42.15
N ARG H 91 98.70 92.92 42.08
CA ARG H 91 99.17 93.78 41.02
C ARG H 91 99.30 95.20 41.56
N HIS H 92 100.10 96.01 40.88
CA HIS H 92 100.42 97.35 41.33
C HIS H 92 99.94 98.39 40.34
N ILE H 93 99.54 99.56 40.86
CA ILE H 93 99.02 100.65 40.08
C ILE H 93 99.93 101.86 40.27
N VAL H 94 100.27 102.53 39.17
CA VAL H 94 101.13 103.70 39.23
C VAL H 94 100.27 104.95 39.35
N MET H 95 100.60 105.80 40.32
CA MET H 95 99.86 107.03 40.57
C MET H 95 100.68 108.27 40.20
N GLN H 96 101.39 108.21 39.08
CA GLN H 96 102.23 109.31 38.60
C GLN H 96 103.28 109.68 39.65
N SER H 97 103.86 108.67 40.29
CA SER H 97 104.86 108.89 41.32
C SER H 97 105.82 107.71 41.33
N ARG H 98 107.01 107.95 41.85
CA ARG H 98 108.06 106.93 41.90
C ARG H 98 108.45 106.55 43.32
N ASP H 99 107.76 107.06 44.33
CA ASP H 99 108.10 106.76 45.72
C ASP H 99 107.22 105.67 46.32
N ARG H 100 105.97 105.55 45.91
CA ARG H 100 105.07 104.54 46.44
C ARG H 100 104.00 104.23 45.41
N VAL H 101 103.44 103.03 45.52
CA VAL H 101 102.41 102.53 44.60
C VAL H 101 101.30 101.88 45.41
N LEU H 102 100.22 101.55 44.72
CA LEU H 102 99.07 100.87 45.31
C LEU H 102 99.19 99.37 45.07
N ARG H 103 98.95 98.59 46.11
CA ARG H 103 98.92 97.13 46.01
C ARG H 103 97.48 96.66 46.06
N VAL H 104 97.03 95.98 45.02
CA VAL H 104 95.65 95.56 44.86
C VAL H 104 95.60 94.04 44.77
N ASP H 105 94.74 93.43 45.57
CA ASP H 105 94.53 91.99 45.54
C ASP H 105 93.47 91.67 44.49
N THR H 106 93.87 90.96 43.43
CA THR H 106 92.95 90.65 42.34
C THR H 106 91.91 89.61 42.73
N TYR H 107 92.07 88.96 43.88
CA TYR H 107 91.07 87.97 44.31
C TYR H 107 89.71 88.62 44.50
N TYR H 108 89.65 89.70 45.28
CA TYR H 108 88.39 90.41 45.42
C TYR H 108 87.95 91.06 44.12
N GLU H 109 88.90 91.46 43.27
CA GLU H 109 88.56 92.04 41.99
C GLU H 109 87.76 91.07 41.13
N GLU H 110 88.20 89.82 41.08
CA GLU H 110 87.43 88.79 40.37
C GLU H 110 86.20 88.34 41.16
N MET H 111 86.26 88.45 42.49
CA MET H 111 85.20 87.95 43.35
C MET H 111 83.96 88.83 43.32
N SER H 112 84.14 90.14 43.15
CA SER H 112 83.01 91.07 43.24
C SER H 112 82.04 90.92 42.08
N GLN H 113 82.45 90.34 40.96
CA GLN H 113 81.61 90.23 39.78
C GLN H 113 81.09 88.82 39.54
N VAL H 114 81.28 87.91 40.50
CA VAL H 114 80.82 86.54 40.32
C VAL H 114 79.30 86.47 40.29
N GLY H 115 78.65 87.14 41.25
CA GLY H 115 77.21 87.07 41.38
C GLY H 115 76.50 88.28 40.77
N ASP H 116 75.17 88.20 40.78
CA ASP H 116 74.32 89.26 40.26
C ASP H 116 73.91 90.19 41.40
N VAL H 117 73.07 91.18 41.06
CA VAL H 117 72.59 92.12 42.07
C VAL H 117 71.64 91.41 43.01
N ILE H 118 71.79 91.66 44.31
CA ILE H 118 70.99 91.02 45.34
C ILE H 118 69.87 91.97 45.72
N THR H 119 68.63 91.49 45.64
CA THR H 119 67.45 92.27 46.00
C THR H 119 66.96 91.86 47.38
N GLU H 120 65.99 92.63 47.88
CA GLU H 120 65.46 92.43 49.23
C GLU H 120 64.29 91.45 49.28
N ASP H 121 63.79 91.00 48.12
CA ASP H 121 62.61 90.14 48.13
C ASP H 121 62.72 88.98 47.15
N GLU H 122 63.92 88.61 46.73
CA GLU H 122 64.14 87.47 45.83
C GLU H 122 65.17 86.54 46.46
N PRO H 123 64.75 85.69 47.39
CA PRO H 123 65.70 84.76 48.03
C PRO H 123 66.36 83.81 47.05
N GLU H 124 65.67 83.44 45.97
CA GLU H 124 66.24 82.50 45.01
C GLU H 124 67.52 83.04 44.40
N LYS H 125 67.50 84.31 43.98
CA LYS H 125 68.70 84.93 43.44
C LYS H 125 69.80 85.01 44.49
N PHE H 126 69.43 85.30 45.73
CA PHE H 126 70.42 85.39 46.81
C PHE H 126 71.15 84.07 47.01
N TYR H 127 70.39 82.97 47.12
CA TYR H 127 71.02 81.67 47.36
C TYR H 127 71.76 81.19 46.13
N SER H 128 71.25 81.48 44.93
CA SER H 128 71.97 81.12 43.71
C SER H 128 73.30 81.86 43.63
N THR H 129 73.31 83.15 44.00
CA THR H 129 74.55 83.91 44.03
C THR H 129 75.54 83.32 45.02
N ILE H 130 75.05 82.94 46.21
CA ILE H 130 75.94 82.35 47.21
C ILE H 130 76.55 81.06 46.69
N ILE H 131 75.72 80.20 46.07
CA ILE H 131 76.21 78.93 45.56
C ILE H 131 77.22 79.16 44.43
N LYS H 132 76.93 80.11 43.55
CA LYS H 132 77.87 80.42 42.47
C LYS H 132 79.20 80.92 43.02
N LYS H 133 79.15 81.75 44.08
CA LYS H 133 80.38 82.22 44.69
C LYS H 133 81.19 81.08 45.28
N VAL H 134 80.51 80.15 45.96
CA VAL H 134 81.21 79.00 46.54
C VAL H 134 81.84 78.14 45.45
N ARG H 135 81.10 77.90 44.37
CA ARG H 135 81.65 77.11 43.27
C ARG H 135 82.83 77.82 42.63
N PHE H 136 82.75 79.15 42.47
CA PHE H 136 83.86 79.89 41.90
C PHE H 136 85.11 79.81 42.76
N ILE H 137 84.95 79.96 44.08
CA ILE H 137 86.12 79.91 44.95
C ILE H 137 86.72 78.50 44.97
N ARG H 138 85.87 77.47 44.92
CA ARG H 138 86.37 76.11 44.84
C ARG H 138 87.16 75.89 43.55
N GLY H 139 86.61 76.37 42.43
CA GLY H 139 87.30 76.20 41.16
C GLY H 139 88.62 76.95 41.10
N LYS H 140 88.66 78.15 41.68
CA LYS H 140 89.89 78.93 41.67
C LYS H 140 90.94 78.34 42.61
N GLY H 141 90.51 77.71 43.71
CA GLY H 141 91.46 77.22 44.68
C GLY H 141 92.12 75.90 44.37
N SER H 142 91.77 75.24 43.26
CA SER H 142 92.29 73.92 42.95
C SER H 142 93.26 74.02 41.77
N PHE H 143 94.54 73.77 42.03
CA PHE H 143 95.56 73.76 40.99
C PHE H 143 96.79 73.04 41.51
N ILE H 144 97.53 72.41 40.60
CA ILE H 144 98.73 71.65 40.94
C ILE H 144 99.87 72.14 40.07
N LEU H 145 101.01 72.43 40.68
CA LEU H 145 102.19 72.86 39.95
C LEU H 145 102.95 71.65 39.41
N HIS H 146 103.35 71.73 38.13
CA HIS H 146 104.04 70.63 37.47
C HIS H 146 105.55 70.86 37.39
N ASP H 147 105.97 71.97 36.78
CA ASP H 147 107.40 72.24 36.59
C ASP H 147 107.59 73.73 36.43
N ILE H 148 108.16 74.37 37.45
CA ILE H 148 108.33 75.82 37.47
C ILE H 148 109.60 76.21 36.72
N PRO H 149 109.62 77.35 36.05
CA PRO H 149 110.89 77.84 35.48
C PRO H 149 111.87 78.21 36.57
N THR H 150 113.15 78.10 36.24
CA THR H 150 114.20 78.38 37.22
C THR H 150 115.46 78.84 36.50
N ARG H 151 116.33 79.51 37.26
CA ARG H 151 117.58 80.04 36.73
C ARG H 151 118.66 79.95 37.79
N ASP H 152 119.85 79.52 37.38
CA ASP H 152 120.98 79.43 38.30
C ASP H 152 121.61 80.79 38.51
N HIS H 153 122.21 80.98 39.68
CA HIS H 153 122.84 82.25 40.02
C HIS H 153 123.90 82.01 41.09
N ARG H 154 125.16 82.24 40.73
CA ARG H 154 126.29 82.13 41.68
C ARG H 154 126.32 80.77 42.34
N GLY H 155 126.06 79.72 41.56
CA GLY H 155 126.03 78.37 42.08
C GLY H 155 124.75 78.00 42.79
N MET H 156 123.78 78.90 42.87
CA MET H 156 122.52 78.68 43.56
C MET H 156 121.38 78.71 42.56
N GLU H 157 120.36 77.91 42.83
CA GLU H 157 119.20 77.78 41.94
C GLU H 157 118.09 78.69 42.42
N VAL H 158 117.68 79.63 41.56
CA VAL H 158 116.69 80.65 41.91
C VAL H 158 115.53 80.55 40.93
N ALA H 159 114.31 80.51 41.46
CA ALA H 159 113.13 80.51 40.61
C ALA H 159 112.98 81.84 39.90
N GLU H 160 112.53 81.79 38.64
CA GLU H 160 112.36 82.99 37.86
C GLU H 160 111.19 83.82 38.41
N PRO H 161 111.22 85.14 38.21
CA PRO H 161 110.14 85.98 38.75
C PRO H 161 108.77 85.68 38.16
N GLU H 162 108.71 85.04 37.00
CA GLU H 162 107.43 84.81 36.34
C GLU H 162 106.54 83.87 37.14
N VAL H 163 107.12 82.89 37.84
CA VAL H 163 106.32 81.93 38.57
C VAL H 163 105.68 82.57 39.80
N LEU H 164 106.22 83.70 40.28
CA LEU H 164 105.66 84.35 41.45
C LEU H 164 104.27 84.90 41.16
N GLY H 165 103.52 85.15 42.22
CA GLY H 165 102.13 85.56 42.10
C GLY H 165 101.91 87.05 41.99
N VAL H 166 102.96 87.80 41.70
CA VAL H 166 102.88 89.25 41.56
C VAL H 166 103.48 89.67 40.24
N GLU H 167 102.92 90.73 39.65
CA GLU H 167 103.44 91.31 38.41
C GLU H 167 103.72 92.79 38.64
N PHE H 168 104.89 93.24 38.22
CA PHE H 168 105.36 94.61 38.42
C PHE H 168 106.08 95.12 37.19
N LYS H 169 105.57 94.79 36.00
CA LYS H 169 106.22 95.16 34.76
C LYS H 169 106.32 96.69 34.61
N ASN H 170 105.23 97.40 34.91
CA ASN H 170 105.22 98.84 34.76
C ASN H 170 105.96 99.57 35.87
N VAL H 171 106.31 98.88 36.95
CA VAL H 171 106.98 99.52 38.07
C VAL H 171 108.42 99.89 37.70
N LEU H 172 109.09 99.01 36.96
CA LEU H 172 110.52 99.19 36.69
C LEU H 172 110.87 100.48 35.97
N PRO H 173 110.21 100.88 34.88
CA PRO H 173 110.72 102.02 34.10
C PRO H 173 110.68 103.37 34.82
N VAL H 174 110.26 103.43 36.08
CA VAL H 174 110.20 104.69 36.81
C VAL H 174 111.11 104.73 38.03
N LEU H 175 111.52 103.59 38.58
CA LEU H 175 112.32 103.58 39.79
C LEU H 175 113.76 103.99 39.49
N THR H 176 114.43 104.51 40.53
CA THR H 176 115.82 104.91 40.43
C THR H 176 116.73 103.68 40.50
N ALA H 177 118.03 103.92 40.29
CA ALA H 177 118.99 102.83 40.27
C ALA H 177 119.09 102.13 41.63
N GLU H 178 119.03 102.88 42.72
CA GLU H 178 119.14 102.28 44.04
C GLU H 178 117.99 101.31 44.31
N HIS H 179 116.75 101.76 44.11
CA HIS H 179 115.60 100.90 44.33
C HIS H 179 115.56 99.75 43.32
N ARG H 180 116.02 100.00 42.08
CA ARG H 180 116.09 98.92 41.11
C ARG H 180 117.04 97.84 41.56
N ALA H 181 118.21 98.23 42.08
CA ALA H 181 119.15 97.24 42.59
C ALA H 181 118.59 96.51 43.81
N MET H 182 117.88 97.23 44.68
CA MET H 182 117.30 96.60 45.86
C MET H 182 116.29 95.54 45.47
N ILE H 183 115.38 95.88 44.55
CA ILE H 183 114.37 94.91 44.14
C ILE H 183 114.99 93.78 43.34
N GLN H 184 116.05 94.05 42.59
CA GLN H 184 116.75 92.98 41.88
C GLN H 184 117.37 92.00 42.86
N ASN H 185 117.98 92.50 43.93
CA ASN H 185 118.50 91.61 44.97
C ASN H 185 117.37 90.83 45.64
N ALA H 186 116.24 91.49 45.88
CA ALA H 186 115.09 90.79 46.46
C ALA H 186 114.62 89.65 45.58
N LEU H 187 114.55 89.89 44.27
CA LEU H 187 114.19 88.82 43.34
C LEU H 187 115.23 87.71 43.34
N ASP H 188 116.51 88.07 43.34
CA ASP H 188 117.57 87.07 43.34
C ASP H 188 117.63 86.28 44.63
N GLY H 189 117.00 86.77 45.69
CA GLY H 189 116.97 86.05 46.95
C GLY H 189 115.95 84.95 47.05
N SER H 190 115.16 84.71 45.99
CA SER H 190 114.14 83.66 45.98
C SER H 190 114.77 82.31 45.67
N ILE H 191 115.57 81.83 46.62
CA ILE H 191 116.32 80.59 46.46
C ILE H 191 115.44 79.40 46.81
N ILE H 192 115.62 78.31 46.06
CA ILE H 192 114.97 77.04 46.39
C ILE H 192 115.84 76.32 47.41
N GLU H 193 115.29 76.10 48.61
CA GLU H 193 116.13 75.68 49.74
C GLU H 193 116.77 74.32 49.50
N ASN H 194 116.11 73.45 48.75
CA ASN H 194 116.63 72.11 48.47
C ASN H 194 117.12 71.96 47.04
N GLY H 195 117.35 73.08 46.33
CA GLY H 195 117.72 73.00 44.93
C GLY H 195 119.03 72.27 44.70
N ASN H 196 120.01 72.49 45.57
CA ASN H 196 121.32 71.87 45.41
C ASN H 196 121.31 70.37 45.71
N VAL H 197 120.22 69.84 46.28
CA VAL H 197 120.18 68.43 46.61
C VAL H 197 120.06 67.61 45.33
N ALA H 198 120.94 66.62 45.19
CA ALA H 198 120.90 65.76 44.02
C ALA H 198 119.76 64.76 44.12
N THR H 199 119.38 64.20 42.96
CA THR H 199 118.37 63.15 42.78
C THR H 199 117.12 63.38 43.62
N ARG H 200 116.78 64.65 43.87
CA ARG H 200 115.59 64.99 44.63
C ARG H 200 114.33 64.76 43.79
N ASP H 201 113.19 64.80 44.47
CA ASP H 201 111.90 64.54 43.83
C ASP H 201 111.07 65.79 43.61
N VAL H 202 110.99 66.67 44.60
CA VAL H 202 110.15 67.86 44.53
C VAL H 202 110.97 69.08 44.94
N ASP H 203 110.44 70.26 44.61
CA ASP H 203 111.06 71.52 44.98
C ASP H 203 110.05 72.40 45.72
N VAL H 204 110.56 73.27 46.57
CA VAL H 204 109.75 74.14 47.41
C VAL H 204 110.30 75.56 47.32
N PHE H 205 109.41 76.54 47.21
CA PHE H 205 109.82 77.92 47.16
C PHE H 205 108.76 78.79 47.82
N ILE H 206 109.19 79.94 48.32
CA ILE H 206 108.29 80.88 48.98
C ILE H 206 107.58 81.71 47.91
N GLY H 207 106.30 81.99 48.14
CA GLY H 207 105.52 82.78 47.20
C GLY H 207 104.43 83.59 47.87
N ALA H 208 103.60 84.24 47.05
CA ALA H 208 102.49 85.04 47.55
C ALA H 208 101.19 84.53 46.97
N CYS H 209 100.19 84.35 47.82
CA CYS H 209 98.91 83.83 47.39
C CYS H 209 97.83 84.25 48.39
N SER H 210 96.62 84.46 47.89
CA SER H 210 95.51 84.82 48.76
C SER H 210 95.13 83.67 49.67
N GLU H 211 94.73 84.01 50.90
CA GLU H 211 94.39 82.99 51.89
C GLU H 211 93.23 82.10 51.47
N PRO H 212 92.10 82.62 50.96
CA PRO H 212 90.99 81.71 50.61
C PRO H 212 91.36 80.64 49.59
N VAL H 213 92.18 80.97 48.61
CA VAL H 213 92.58 79.96 47.63
C VAL H 213 93.77 79.14 48.13
N TYR H 214 94.62 79.73 48.98
CA TYR H 214 95.73 78.98 49.56
C TYR H 214 95.21 77.86 50.45
N ARG H 215 94.11 78.10 51.17
CA ARG H 215 93.53 77.06 52.00
C ARG H 215 93.08 75.87 51.16
N ILE H 216 92.41 76.13 50.04
CA ILE H 216 91.94 75.06 49.18
C ILE H 216 93.12 74.32 48.55
N TYR H 217 94.15 75.07 48.14
CA TYR H 217 95.35 74.44 47.59
C TYR H 217 96.01 73.52 48.62
N ASN H 218 96.13 73.99 49.86
CA ASN H 218 96.72 73.18 50.92
C ASN H 218 95.88 71.94 51.20
N ARG H 219 94.56 72.09 51.19
CA ARG H 219 93.69 70.93 51.42
C ARG H 219 93.85 69.90 50.31
N LEU H 220 93.90 70.36 49.05
CA LEU H 220 94.10 69.43 47.94
C LEU H 220 95.43 68.72 48.06
N GLN H 221 96.49 69.45 48.39
CA GLN H 221 97.80 68.82 48.57
C GLN H 221 97.75 67.78 49.68
N GLY H 222 97.16 68.13 50.83
CA GLY H 222 97.06 67.21 51.95
C GLY H 222 96.29 65.95 51.60
N TYR H 223 95.25 66.09 50.78
CA TYR H 223 94.59 64.91 50.25
C TYR H 223 95.54 64.12 49.37
N ILE H 224 96.42 64.81 48.64
CA ILE H 224 97.31 64.12 47.70
C ILE H 224 98.29 63.21 48.44
N GLU H 225 98.96 63.70 49.50
CA GLU H 225 100.02 62.81 49.98
C GLU H 225 99.49 61.58 50.71
N ALA H 226 98.17 61.40 50.82
CA ALA H 226 97.57 60.25 51.47
C ALA H 226 97.46 59.13 50.46
N VAL H 227 98.24 58.05 50.65
CA VAL H 227 98.25 56.95 49.71
C VAL H 227 97.04 56.05 49.92
N GLN H 228 96.47 55.56 48.83
CA GLN H 228 95.20 54.83 48.85
C GLN H 228 95.28 53.57 47.99
N LEU H 229 96.38 52.83 48.12
CA LEU H 229 96.56 51.62 47.31
C LEU H 229 95.47 50.60 47.59
N GLN H 230 95.08 50.43 48.86
CA GLN H 230 94.02 49.50 49.20
C GLN H 230 92.69 49.88 48.54
N GLU H 231 92.43 51.18 48.39
CA GLU H 231 91.22 51.60 47.71
C GLU H 231 91.21 51.14 46.26
N LEU H 232 92.35 51.29 45.57
CA LEU H 232 92.45 50.83 44.20
C LEU H 232 92.30 49.32 44.12
N ARG H 233 92.90 48.58 45.06
CA ARG H 233 92.78 47.13 45.07
C ARG H 233 91.32 46.71 45.23
N ASN H 234 90.61 47.34 46.16
CA ASN H 234 89.20 47.03 46.36
C ASN H 234 88.36 47.38 45.15
N SER H 235 88.68 48.51 44.51
CA SER H 235 87.95 48.90 43.30
C SER H 235 88.14 47.89 42.19
N ILE H 236 89.37 47.41 42.00
CA ILE H 236 89.62 46.42 40.96
C ILE H 236 88.92 45.11 41.28
N GLY H 237 88.92 44.72 42.56
CA GLY H 237 88.19 43.52 42.95
C GLY H 237 86.69 43.64 42.67
N TRP H 238 86.10 44.79 42.99
CA TRP H 238 84.69 44.99 42.68
C TRP H 238 84.43 45.00 41.18
N LEU H 239 85.36 45.56 40.40
CA LEU H 239 85.22 45.51 38.96
C LEU H 239 85.23 44.08 38.44
N GLU H 240 86.10 43.24 38.99
CA GLU H 240 86.10 41.83 38.60
C GLU H 240 84.82 41.13 38.99
N ARG H 241 84.30 41.42 40.19
CA ARG H 241 83.03 40.82 40.60
C ARG H 241 81.89 41.27 39.70
N LEU H 242 81.90 42.52 39.24
CA LEU H 242 80.88 42.97 38.30
C LEU H 242 81.04 42.29 36.95
N GLY H 243 82.28 42.21 36.45
CA GLY H 243 82.53 41.54 35.18
C GLY H 243 82.19 40.07 35.20
N HIS H 244 82.18 39.45 36.38
CA HIS H 244 81.67 38.10 36.52
C HIS H 244 80.25 38.00 35.95
N ARG H 245 79.39 38.94 36.33
CA ARG H 245 77.99 38.92 35.93
C ARG H 245 77.75 39.49 34.53
N LYS H 246 78.58 40.43 34.09
CA LYS H 246 78.37 41.08 32.80
C LYS H 246 78.94 40.30 31.63
N ARG H 247 79.52 39.11 31.88
CA ARG H 247 80.09 38.27 30.83
C ARG H 247 81.17 39.02 30.05
N ILE H 248 82.10 39.61 30.77
CA ILE H 248 83.24 40.30 30.17
C ILE H 248 84.36 39.30 29.99
N THR H 249 85.06 39.39 28.85
CA THR H 249 86.17 38.48 28.57
C THR H 249 87.23 38.59 29.64
N TYR H 250 87.81 37.45 30.01
CA TYR H 250 88.77 37.38 31.12
C TYR H 250 90.17 37.52 30.55
N SER H 251 90.86 38.60 30.92
CA SER H 251 92.23 38.79 30.49
C SER H 251 93.14 37.76 31.13
N GLN H 252 94.12 37.28 30.36
CA GLN H 252 95.05 36.27 30.86
C GLN H 252 95.93 36.81 31.98
N GLU H 253 96.10 38.12 32.07
CA GLU H 253 97.00 38.74 33.02
C GLU H 253 96.34 38.88 34.40
N VAL H 254 97.18 38.88 35.43
CA VAL H 254 96.75 39.09 36.81
C VAL H 254 97.52 40.29 37.38
N LEU H 255 96.79 41.25 37.94
CA LEU H 255 97.36 42.51 38.35
C LEU H 255 98.38 42.32 39.48
N THR H 256 99.44 43.13 39.45
CA THR H 256 100.50 43.11 40.44
C THR H 256 100.53 44.44 41.20
N ASP H 257 100.95 44.37 42.45
CA ASP H 257 101.06 45.56 43.30
C ASP H 257 102.46 46.13 43.11
N PHE H 258 102.56 47.20 42.32
CA PHE H 258 103.83 47.86 42.05
C PHE H 258 103.65 49.36 42.08
N ARG H 259 104.73 50.07 42.42
CA ARG H 259 104.74 51.53 42.44
C ARG H 259 106.01 51.99 41.75
N ARG H 260 105.86 52.70 40.63
CA ARG H 260 107.01 53.23 39.93
C ARG H 260 107.61 54.39 40.72
N GLN H 261 108.94 54.45 40.72
CA GLN H 261 109.64 55.48 41.49
C GLN H 261 109.47 56.87 40.90
N ASP H 262 108.93 56.99 39.68
CA ASP H 262 108.78 58.28 39.02
C ASP H 262 107.32 58.64 38.77
N THR H 263 106.39 58.00 39.47
CA THR H 263 104.97 58.24 39.28
C THR H 263 104.30 58.57 40.60
N ILE H 264 103.34 59.48 40.57
CA ILE H 264 102.52 59.83 41.73
C ILE H 264 101.07 59.65 41.33
N TRP H 265 100.35 58.82 42.08
CA TRP H 265 98.97 58.47 41.76
C TRP H 265 97.98 59.45 42.39
N VAL H 266 96.90 59.69 41.66
CA VAL H 266 95.76 60.43 42.18
C VAL H 266 94.49 59.64 41.87
N LEU H 267 93.59 59.57 42.84
CA LEU H 267 92.34 58.82 42.71
C LEU H 267 91.21 59.71 43.23
N ALA H 268 90.53 60.39 42.31
CA ALA H 268 89.48 61.32 42.70
C ALA H 268 88.20 60.62 43.13
N LEU H 269 87.95 59.43 42.62
CA LEU H 269 86.68 58.73 42.85
C LEU H 269 86.92 57.38 43.51
N GLN H 270 86.00 57.00 44.39
CA GLN H 270 85.97 55.67 44.97
C GLN H 270 84.88 54.86 44.29
N LEU H 271 85.21 53.65 43.86
CA LEU H 271 84.37 52.89 42.95
C LEU H 271 83.16 52.23 43.60
N PRO H 272 83.28 51.56 44.77
CA PRO H 272 82.11 50.86 45.31
C PRO H 272 81.00 51.81 45.76
N VAL H 273 80.24 52.31 44.79
CA VAL H 273 79.20 53.29 45.06
C VAL H 273 78.08 52.65 45.86
N ASN H 274 77.60 53.36 46.88
CA ASN H 274 76.48 52.91 47.70
C ASN H 274 75.17 53.20 46.98
N PRO H 275 74.27 52.22 46.85
CA PRO H 275 72.99 52.47 46.15
C PRO H 275 72.02 53.36 46.92
N GLN H 276 72.17 53.47 48.24
CA GLN H 276 71.27 54.33 49.00
C GLN H 276 71.44 55.79 48.60
N VAL H 277 72.66 56.19 48.25
CA VAL H 277 72.92 57.58 47.87
C VAL H 277 72.09 57.96 46.64
N VAL H 278 71.95 57.04 45.70
CA VAL H 278 71.22 57.33 44.47
C VAL H 278 69.74 57.04 44.60
N TRP H 279 69.34 56.12 45.48
CA TRP H 279 67.94 55.77 45.60
C TRP H 279 67.23 56.47 46.75
N ASP H 280 67.91 57.34 47.49
CA ASP H 280 67.25 58.10 48.53
C ASP H 280 66.62 59.40 48.02
N VAL H 281 66.93 59.80 46.80
CA VAL H 281 66.36 61.05 46.26
C VAL H 281 64.87 60.86 46.02
N PRO H 282 64.01 61.73 46.56
CA PRO H 282 62.57 61.57 46.34
C PRO H 282 62.19 61.79 44.89
N ARG H 283 61.18 61.03 44.44
CA ARG H 283 60.63 61.14 43.08
C ARG H 283 61.72 60.98 42.04
N SER H 284 62.60 59.99 42.23
CA SER H 284 63.69 59.73 41.33
C SER H 284 63.51 58.46 40.50
N SER H 285 62.30 57.88 40.50
CA SER H 285 62.07 56.66 39.75
C SER H 285 62.23 56.88 38.26
N ILE H 286 61.60 57.94 37.73
CA ILE H 286 61.71 58.24 36.30
C ILE H 286 63.15 58.60 35.95
N ALA H 287 63.81 59.36 36.83
CA ALA H 287 65.20 59.73 36.58
C ALA H 287 66.10 58.50 36.50
N ASN H 288 65.95 57.58 37.46
CA ASN H 288 66.76 56.38 37.45
C ASN H 288 66.46 55.52 36.23
N LEU H 289 65.18 55.41 35.86
CA LEU H 289 64.82 54.63 34.69
C LEU H 289 65.45 55.21 33.43
N ILE H 290 65.38 56.54 33.27
CA ILE H 290 65.96 57.17 32.09
C ILE H 290 67.46 56.97 32.05
N MET H 291 68.13 57.16 33.19
CA MET H 291 69.58 57.00 33.22
C MET H 291 69.97 55.57 32.89
N ASN H 292 69.26 54.59 33.47
CA ASN H 292 69.58 53.19 33.21
C ASN H 292 69.36 52.83 31.75
N ILE H 293 68.24 53.27 31.16
CA ILE H 293 67.94 52.89 29.79
C ILE H 293 68.87 53.60 28.83
N ALA H 294 69.40 54.76 29.23
CA ALA H 294 70.38 55.45 28.41
C ALA H 294 71.75 54.76 28.48
N THR H 295 72.11 54.25 29.66
CA THR H 295 73.47 53.75 29.85
C THR H 295 73.62 52.26 29.59
N CYS H 296 72.52 51.49 29.55
CA CYS H 296 72.64 50.04 29.48
C CYS H 296 71.85 49.40 28.36
N LEU H 297 70.70 49.95 27.96
CA LEU H 297 69.84 49.28 26.99
C LEU H 297 70.52 49.24 25.62
N PRO H 298 70.67 48.06 25.03
CA PRO H 298 71.29 47.96 23.70
C PRO H 298 70.26 48.04 22.58
N THR H 299 70.77 48.35 21.39
CA THR H 299 69.93 48.38 20.21
C THR H 299 69.69 46.95 19.71
N GLY H 300 68.86 46.82 18.69
CA GLY H 300 68.52 45.51 18.18
C GLY H 300 67.83 45.61 16.84
N GLU H 301 67.38 44.45 16.35
CA GLU H 301 66.76 44.38 15.04
C GLU H 301 65.62 43.36 15.11
N TYR H 302 64.65 43.50 14.22
CA TYR H 302 63.43 42.70 14.26
C TYR H 302 63.35 41.76 13.07
N ILE H 303 62.99 40.51 13.35
CA ILE H 303 63.00 39.44 12.35
C ILE H 303 61.67 38.70 12.41
N ALA H 304 61.09 38.43 11.23
CA ALA H 304 59.89 37.63 11.10
C ALA H 304 60.22 36.14 11.30
N PRO H 305 59.24 35.32 11.69
CA PRO H 305 59.55 33.89 11.92
C PRO H 305 60.04 33.20 10.66
N ASN H 306 59.52 33.58 9.50
CA ASN H 306 60.00 33.06 8.23
C ASN H 306 60.68 34.18 7.46
N PRO H 307 61.96 34.03 7.10
CA PRO H 307 62.64 35.10 6.36
C PRO H 307 62.11 35.20 4.93
N ARG H 308 62.39 36.37 4.34
CA ARG H 308 62.13 36.64 2.91
C ARG H 308 60.70 36.30 2.49
N ILE H 309 59.73 36.52 3.39
CA ILE H 309 58.33 36.34 3.02
C ILE H 309 57.86 37.38 2.03
N SER H 310 58.58 38.49 1.88
CA SER H 310 58.23 39.48 0.87
C SER H 310 58.43 38.95 -0.54
N SER H 311 59.33 37.97 -0.73
CA SER H 311 59.57 37.42 -2.05
C SER H 311 58.45 36.46 -2.47
N ILE H 312 57.88 35.71 -1.53
CA ILE H 312 56.86 34.74 -1.87
C ILE H 312 55.55 35.46 -2.24
N THR H 313 54.77 34.84 -3.12
CA THR H 313 53.54 35.43 -3.58
C THR H 313 52.47 35.38 -2.49
N LEU H 314 51.53 36.32 -2.55
CA LEU H 314 50.49 36.43 -1.53
C LEU H 314 49.63 35.18 -1.45
N THR H 315 49.40 34.52 -2.58
CA THR H 315 48.53 33.35 -2.60
C THR H 315 49.07 32.23 -1.71
N GLN H 316 50.39 32.09 -1.61
CA GLN H 316 50.97 31.09 -0.73
C GLN H 316 50.90 31.48 0.74
N ARG H 317 50.63 32.74 1.05
CA ARG H 317 50.51 33.18 2.43
C ARG H 317 49.08 33.11 2.95
N ILE H 318 48.10 33.42 2.09
CA ILE H 318 46.69 33.34 2.45
C ILE H 318 46.17 32.01 1.91
N THR H 319 45.84 31.10 2.82
CA THR H 319 45.48 29.73 2.44
C THR H 319 44.05 29.34 2.79
N THR H 320 43.44 29.96 3.79
CA THR H 320 42.13 29.55 4.27
C THR H 320 41.30 30.80 4.56
N THR H 321 40.20 30.63 5.27
CA THR H 321 39.33 31.72 5.67
C THR H 321 39.31 31.85 7.18
N GLY H 322 38.89 33.01 7.66
CA GLY H 322 38.83 33.29 9.07
C GLY H 322 39.64 34.52 9.44
N PRO H 323 39.50 34.98 10.69
CA PRO H 323 40.25 36.16 11.12
C PRO H 323 41.76 35.99 11.02
N PHE H 324 42.27 34.80 11.36
CA PHE H 324 43.72 34.58 11.29
C PHE H 324 44.19 34.58 9.86
N ALA H 325 43.40 34.03 8.93
CA ALA H 325 43.77 34.05 7.53
C ALA H 325 43.85 35.47 7.00
N ILE H 326 42.89 36.33 7.39
CA ILE H 326 42.94 37.73 6.99
C ILE H 326 44.17 38.40 7.59
N LEU H 327 44.45 38.13 8.87
CA LEU H 327 45.61 38.73 9.52
C LEU H 327 46.90 38.28 8.87
N THR H 328 47.02 37.00 8.56
CA THR H 328 48.23 36.49 7.94
C THR H 328 48.36 37.00 6.52
N GLY H 329 49.59 37.34 6.13
CA GLY H 329 49.88 37.83 4.80
C GLY H 329 49.91 39.34 4.67
N SER H 330 49.34 40.07 5.62
CA SER H 330 49.36 41.52 5.58
C SER H 330 50.70 42.05 6.05
N THR H 331 51.20 43.08 5.36
CA THR H 331 52.46 43.61 5.82
C THR H 331 52.26 44.81 6.75
N PRO H 332 53.03 44.91 7.82
CA PRO H 332 52.86 46.03 8.75
C PRO H 332 53.29 47.35 8.14
N THR H 333 52.63 48.42 8.60
CA THR H 333 53.04 49.76 8.22
C THR H 333 54.23 50.21 9.07
N ALA H 334 54.87 51.30 8.64
CA ALA H 334 56.03 51.80 9.34
C ALA H 334 55.65 52.29 10.73
N GLN H 335 54.49 52.93 10.87
CA GLN H 335 54.10 53.50 12.16
C GLN H 335 53.91 52.41 13.22
N GLN H 336 53.31 51.28 12.82
CA GLN H 336 53.06 50.21 13.78
C GLN H 336 54.35 49.57 14.29
N LEU H 337 55.45 49.72 13.55
CA LEU H 337 56.73 49.24 14.05
C LEU H 337 57.14 49.98 15.32
N ASN H 338 56.80 51.27 15.41
CA ASN H 338 57.08 52.02 16.63
C ASN H 338 56.30 51.46 17.82
N ASP H 339 55.05 51.08 17.60
CA ASP H 339 54.28 50.47 18.68
C ASP H 339 54.83 49.10 19.06
N VAL H 340 55.31 48.33 18.08
CA VAL H 340 56.00 47.08 18.39
C VAL H 340 57.23 47.35 19.25
N ARG H 341 57.97 48.40 18.92
CA ARG H 341 59.12 48.78 19.74
C ARG H 341 58.69 49.14 21.16
N LYS H 342 57.57 49.85 21.29
CA LYS H 342 57.05 50.19 22.62
C LYS H 342 56.70 48.92 23.41
N ILE H 343 56.07 47.95 22.74
CA ILE H 343 55.69 46.72 23.41
C ILE H 343 56.93 45.98 23.90
N TYR H 344 57.95 45.88 23.06
CA TYR H 344 59.18 45.23 23.48
C TYR H 344 59.86 46.00 24.62
N LEU H 345 59.85 47.33 24.53
CA LEU H 345 60.40 48.15 25.60
C LEU H 345 59.74 47.85 26.93
N ALA H 346 58.41 47.75 26.92
CA ALA H 346 57.71 47.34 28.13
C ALA H 346 58.07 45.92 28.53
N LEU H 347 58.40 45.06 27.57
CA LEU H 347 58.80 43.70 27.90
C LEU H 347 60.11 43.67 28.69
N MET H 348 61.10 44.48 28.28
CA MET H 348 62.36 44.48 29.02
C MET H 348 62.19 45.00 30.45
N PHE H 349 61.34 46.01 30.66
CA PHE H 349 61.14 46.56 32.00
C PHE H 349 59.80 46.11 32.54
N PRO H 350 59.77 45.12 33.45
CA PRO H 350 58.50 44.53 33.87
C PRO H 350 57.58 45.48 34.62
N GLY H 351 58.08 46.08 35.69
CA GLY H 351 57.23 46.85 36.58
C GLY H 351 57.28 48.36 36.38
N GLN H 352 58.13 48.83 35.48
CA GLN H 352 58.29 50.26 35.28
C GLN H 352 57.59 50.77 34.02
N ILE H 353 57.29 49.91 33.06
CA ILE H 353 56.58 50.28 31.85
C ILE H 353 55.30 49.46 31.78
N ILE H 354 54.17 50.14 31.55
CA ILE H 354 52.87 49.50 31.50
C ILE H 354 52.17 49.92 30.21
N LEU H 355 51.38 49.02 29.64
CA LEU H 355 50.71 49.25 28.37
C LEU H 355 49.28 49.71 28.57
N ASP H 356 48.74 50.35 27.54
CA ASP H 356 47.32 50.70 27.47
C ASP H 356 46.93 50.79 26.00
N LEU H 357 45.62 50.69 25.76
CA LEU H 357 45.11 50.66 24.39
C LEU H 357 44.74 52.06 23.92
N LYS H 358 45.11 52.36 22.68
CA LYS H 358 44.79 53.63 22.04
C LYS H 358 43.48 53.47 21.27
N ILE H 359 42.43 54.13 21.75
CA ILE H 359 41.12 54.10 21.12
C ILE H 359 40.76 55.52 20.69
N ASP H 360 40.56 55.71 19.40
CA ASP H 360 40.10 56.99 18.89
C ASP H 360 38.60 56.96 18.75
N PRO H 361 37.88 57.94 19.30
CA PRO H 361 36.41 57.91 19.23
C PRO H 361 35.86 57.95 17.81
N GLY H 362 36.63 58.44 16.84
CA GLY H 362 36.17 58.50 15.47
C GLY H 362 36.92 57.59 14.53
N GLU H 363 37.23 56.38 14.98
CA GLU H 363 37.94 55.41 14.16
C GLU H 363 37.21 54.07 14.22
N ARG H 364 37.57 53.20 13.27
CA ARG H 364 36.96 51.88 13.16
C ARG H 364 37.97 50.93 12.52
N MET H 365 37.60 49.66 12.45
CA MET H 365 38.52 48.63 11.98
C MET H 365 37.73 47.37 11.67
N ASP H 366 38.37 46.46 10.97
CA ASP H 366 37.82 45.13 10.75
C ASP H 366 37.88 44.38 12.06
N PRO H 367 36.77 43.83 12.57
CA PRO H 367 36.80 43.17 13.89
C PRO H 367 37.77 42.01 13.98
N ALA H 368 38.21 41.46 12.85
CA ALA H 368 39.14 40.33 12.87
C ALA H 368 40.44 40.71 13.58
N VAL H 369 40.93 41.93 13.37
CA VAL H 369 42.18 42.33 14.01
C VAL H 369 41.99 42.44 15.51
N ARG H 370 40.84 42.93 15.96
CA ARG H 370 40.57 42.98 17.40
C ARG H 370 40.49 41.57 17.97
N MET H 371 39.84 40.65 17.25
CA MET H 371 39.74 39.27 17.72
C MET H 371 41.12 38.66 17.89
N VAL H 372 41.97 38.83 16.87
CA VAL H 372 43.31 38.23 16.89
C VAL H 372 44.15 38.87 17.99
N ALA H 373 44.06 40.18 18.17
CA ALA H 373 44.80 40.83 19.24
C ALA H 373 44.36 40.33 20.60
N GLY H 374 43.05 40.15 20.79
CA GLY H 374 42.57 39.61 22.05
C GLY H 374 43.08 38.20 22.31
N VAL H 375 43.13 37.38 21.27
CA VAL H 375 43.66 36.01 21.43
C VAL H 375 45.14 36.06 21.78
N VAL H 376 45.90 36.91 21.09
CA VAL H 376 47.36 36.92 21.25
C VAL H 376 47.76 37.49 22.61
N GLY H 377 47.07 38.52 23.08
CA GLY H 377 47.53 39.23 24.26
C GLY H 377 47.67 38.36 25.49
N HIS H 378 46.81 37.34 25.62
CA HIS H 378 46.90 36.46 26.78
C HIS H 378 48.22 35.70 26.80
N LEU H 379 48.66 35.20 25.64
CA LEU H 379 49.93 34.48 25.59
C LEU H 379 51.13 35.43 25.63
N LEU H 380 50.99 36.61 25.02
CA LEU H 380 52.15 37.49 24.87
C LEU H 380 52.56 38.17 26.16
N PHE H 381 51.59 38.53 27.01
CA PHE H 381 51.87 39.32 28.21
C PHE H 381 51.67 38.48 29.46
N THR H 382 52.04 39.06 30.60
CA THR H 382 51.81 38.48 31.90
C THR H 382 51.17 39.51 32.82
N ALA H 383 50.41 39.03 33.79
CA ALA H 383 49.70 39.91 34.71
C ALA H 383 49.32 39.13 35.95
N GLY H 384 49.62 39.68 37.12
CA GLY H 384 49.26 39.05 38.38
C GLY H 384 50.35 38.15 38.92
N GLY H 385 50.16 37.73 40.17
CA GLY H 385 51.12 36.87 40.83
C GLY H 385 52.26 37.62 41.46
N ARG H 386 53.19 38.10 40.64
CA ARG H 386 54.35 38.84 41.11
C ARG H 386 54.42 40.26 40.55
N PHE H 387 54.12 40.43 39.27
CA PHE H 387 54.14 41.75 38.65
C PHE H 387 53.21 41.73 37.45
N THR H 388 52.99 42.91 36.87
CA THR H 388 52.13 43.05 35.72
C THR H 388 52.78 43.95 34.68
N ASN H 389 52.37 43.76 33.42
CA ASN H 389 52.83 44.58 32.32
C ASN H 389 51.73 45.44 31.71
N LEU H 390 50.48 45.25 32.14
CA LEU H 390 49.36 45.94 31.53
C LEU H 390 48.34 46.32 32.60
N THR H 391 47.62 47.41 32.35
CA THR H 391 46.66 47.92 33.30
C THR H 391 45.43 47.01 33.38
N GLN H 392 44.63 47.22 34.42
CA GLN H 392 43.41 46.43 34.59
C GLN H 392 42.44 46.64 33.45
N ASN H 393 42.33 47.87 32.96
CA ASN H 393 41.43 48.16 31.85
C ASN H 393 41.83 47.39 30.60
N MET H 394 43.14 47.35 30.31
CA MET H 394 43.61 46.57 29.16
C MET H 394 43.29 45.10 29.32
N ALA H 395 43.44 44.57 30.53
CA ALA H 395 43.09 43.18 30.78
C ALA H 395 41.60 42.94 30.51
N ARG H 396 40.75 43.86 30.95
CA ARG H 396 39.32 43.70 30.71
C ARG H 396 39.00 43.73 29.22
N GLN H 397 39.61 44.65 28.48
CA GLN H 397 39.37 44.72 27.03
C GLN H 397 39.85 43.44 26.35
N LEU H 398 41.01 42.93 26.74
CA LEU H 398 41.50 41.69 26.14
C LEU H 398 40.59 40.51 26.46
N ASP H 399 40.07 40.45 27.69
CA ASP H 399 39.12 39.40 28.04
C ASP H 399 37.86 39.50 27.20
N ILE H 400 37.35 40.71 26.99
CA ILE H 400 36.16 40.90 26.18
C ILE H 400 36.41 40.46 24.74
N ALA H 401 37.57 40.83 24.19
CA ALA H 401 37.91 40.43 22.83
C ALA H 401 38.02 38.91 22.71
N LEU H 402 38.63 38.26 23.70
CA LEU H 402 38.74 36.80 23.68
C LEU H 402 37.35 36.16 23.76
N ASN H 403 36.47 36.72 24.59
CA ASN H 403 35.09 36.23 24.66
C ASN H 403 34.41 36.32 23.30
N ASP H 404 34.53 37.49 22.65
CA ASP H 404 33.90 37.68 21.36
C ASP H 404 34.45 36.71 20.32
N TYR H 405 35.77 36.47 20.35
CA TYR H 405 36.35 35.50 19.42
C TYR H 405 35.84 34.10 19.68
N LEU H 406 35.74 33.72 20.96
CA LEU H 406 35.27 32.37 21.29
C LEU H 406 33.83 32.16 20.87
N LEU H 407 33.00 33.20 20.91
CA LEU H 407 31.63 33.10 20.41
C LEU H 407 31.49 33.54 18.96
N TYR H 408 32.53 33.36 18.15
CA TYR H 408 32.48 33.66 16.72
C TYR H 408 32.43 32.34 15.96
N MET H 409 31.24 31.95 15.51
CA MET H 409 31.05 30.68 14.81
C MET H 409 31.20 30.91 13.31
N TYR H 410 32.45 31.09 12.89
CA TYR H 410 32.75 31.43 11.51
C TYR H 410 32.87 30.21 10.60
N ASN H 411 33.24 29.06 11.14
CA ASN H 411 33.43 27.87 10.31
C ASN H 411 32.62 26.67 10.78
N THR H 412 32.47 26.49 12.09
CA THR H 412 31.72 25.36 12.62
C THR H 412 31.03 25.79 13.91
N ARG H 413 30.02 25.03 14.29
CA ARG H 413 29.20 25.32 15.46
C ARG H 413 29.36 24.25 16.52
N VAL H 414 29.51 24.68 17.78
CA VAL H 414 29.59 23.77 18.92
C VAL H 414 28.64 24.28 20.00
N GLN H 415 28.22 23.35 20.86
CA GLN H 415 27.30 23.69 21.93
C GLN H 415 28.02 24.47 23.03
N VAL H 416 27.30 25.41 23.63
CA VAL H 416 27.83 26.26 24.69
C VAL H 416 26.78 26.44 25.77
N ASN H 417 27.21 26.39 27.03
CA ASN H 417 26.32 26.60 28.18
C ASN H 417 26.76 27.86 28.89
N TYR H 418 25.84 28.81 29.05
CA TYR H 418 26.16 30.09 29.66
C TYR H 418 26.01 30.02 31.18
N GLY H 419 26.76 30.88 31.85
CA GLY H 419 26.75 30.93 33.30
C GLY H 419 25.69 31.88 33.84
N PRO H 420 25.38 31.77 35.13
CA PRO H 420 24.38 32.66 35.72
C PRO H 420 24.76 34.14 35.66
N THR H 421 26.04 34.45 35.78
CA THR H 421 26.49 35.83 35.81
C THR H 421 26.77 36.34 34.40
N GLY H 422 26.75 37.66 34.26
CA GLY H 422 26.98 38.31 32.99
C GLY H 422 28.41 38.65 32.68
N GLU H 423 29.36 38.26 33.52
CA GLU H 423 30.76 38.55 33.28
C GLU H 423 31.25 37.79 32.05
N PRO H 424 32.20 38.36 31.31
CA PRO H 424 32.72 37.67 30.13
C PRO H 424 33.44 36.38 30.49
N LEU H 425 33.48 35.46 29.53
CA LEU H 425 34.15 34.17 29.66
C LEU H 425 33.54 33.28 30.74
N ASP H 426 32.29 33.55 31.13
CA ASP H 426 31.59 32.74 32.11
C ASP H 426 30.68 31.74 31.39
N PHE H 427 31.31 30.77 30.73
CA PHE H 427 30.57 29.76 29.99
C PHE H 427 31.43 28.53 29.81
N GLN H 428 30.77 27.43 29.47
CA GLN H 428 31.45 26.18 29.13
C GLN H 428 31.18 25.84 27.68
N ILE H 429 32.24 25.44 26.97
CA ILE H 429 32.17 25.24 25.52
C ILE H 429 32.74 23.87 25.17
N GLY H 430 32.32 23.36 24.01
CA GLY H 430 32.82 22.11 23.49
C GLY H 430 32.04 20.90 23.98
N ARG H 431 32.22 19.79 23.28
CA ARG H 431 31.62 18.53 23.72
C ARG H 431 32.15 18.12 25.08
N ASN H 432 33.46 18.25 25.28
CA ASN H 432 34.04 18.12 26.61
C ASN H 432 33.96 19.48 27.31
N GLN H 433 33.28 19.51 28.46
CA GLN H 433 32.99 20.78 29.12
C GLN H 433 34.27 21.39 29.66
N TYR H 434 34.74 22.43 28.98
CA TYR H 434 35.91 23.19 29.41
C TYR H 434 35.47 24.51 30.00
N ASP H 435 35.96 24.81 31.20
CA ASP H 435 35.60 26.04 31.90
C ASP H 435 36.50 27.17 31.43
N CYS H 436 35.91 28.21 30.86
CA CYS H 436 36.65 29.36 30.38
C CYS H 436 36.81 30.45 31.43
N ASN H 437 36.25 30.26 32.63
CA ASN H 437 36.36 31.27 33.67
C ASN H 437 37.80 31.45 34.15
N VAL H 438 38.65 30.45 33.96
CA VAL H 438 40.04 30.57 34.40
C VAL H 438 40.82 31.61 33.59
N PHE H 439 40.35 31.94 32.39
CA PHE H 439 41.06 32.89 31.55
C PHE H 439 40.71 34.34 31.86
N ARG H 440 39.75 34.59 32.75
CA ARG H 440 39.46 35.96 33.15
C ARG H 440 40.58 36.48 34.04
N ALA H 441 40.93 37.75 33.83
CA ALA H 441 42.07 38.34 34.53
C ALA H 441 41.81 38.43 36.03
N ASP H 442 42.85 38.14 36.81
CA ASP H 442 42.78 38.26 38.26
C ASP H 442 44.19 38.51 38.78
N PHE H 443 44.47 39.76 39.15
CA PHE H 443 45.83 40.13 39.56
C PHE H 443 46.24 39.50 40.87
N ALA H 444 45.30 38.96 41.65
CA ALA H 444 45.68 38.29 42.90
C ALA H 444 46.48 37.03 42.63
N THR H 445 46.10 36.27 41.60
CA THR H 445 46.77 35.02 41.28
C THR H 445 47.32 34.94 39.86
N GLY H 446 46.88 35.79 38.95
CA GLY H 446 47.39 35.80 37.59
C GLY H 446 47.10 34.54 36.81
N THR H 447 45.85 34.07 36.87
CA THR H 447 45.50 32.82 36.18
C THR H 447 45.46 33.00 34.67
N GLY H 448 45.05 34.16 34.17
CA GLY H 448 44.78 34.30 32.76
C GLY H 448 45.98 34.55 31.87
N TYR H 449 47.17 34.71 32.43
CA TYR H 449 48.32 35.13 31.64
C TYR H 449 49.53 34.29 32.02
N ASN H 450 50.72 34.73 31.57
CA ASN H 450 51.92 33.93 31.67
C ASN H 450 52.34 33.64 33.10
N GLY H 451 51.81 34.38 34.07
CA GLY H 451 52.12 34.12 35.46
C GLY H 451 51.33 33.00 36.09
N TRP H 452 50.62 32.21 35.29
CA TRP H 452 49.74 31.16 35.79
C TRP H 452 50.55 29.95 36.21
N ALA H 453 50.52 29.63 37.50
CA ALA H 453 51.07 28.40 38.06
C ALA H 453 52.57 28.26 37.85
N THR H 454 53.23 29.35 37.47
CA THR H 454 54.68 29.35 37.28
C THR H 454 55.32 30.43 38.15
N ILE H 455 56.56 30.19 38.54
CA ILE H 455 57.34 31.14 39.32
C ILE H 455 58.40 31.75 38.42
N ASP H 456 58.47 33.08 38.40
CA ASP H 456 59.35 33.80 37.48
C ASP H 456 60.43 34.61 38.16
N VAL H 457 60.28 34.94 39.45
CA VAL H 457 61.27 35.72 40.19
C VAL H 457 61.84 34.85 41.29
N GLU H 458 63.17 34.88 41.42
CA GLU H 458 63.86 34.02 42.38
C GLU H 458 65.16 34.68 42.80
N TYR H 459 65.78 34.11 43.83
CA TYR H 459 67.05 34.58 44.36
C TYR H 459 68.01 33.41 44.41
N ARG H 460 69.23 33.61 43.90
CA ARG H 460 70.22 32.54 43.81
C ARG H 460 71.41 32.77 44.71
N GLU H 461 72.10 33.89 44.57
CA GLU H 461 73.33 34.16 45.30
C GLU H 461 73.59 35.66 45.28
N PRO H 462 74.40 36.18 46.21
CA PRO H 462 74.59 37.64 46.30
C PRO H 462 75.08 38.24 44.99
N ALA H 463 74.54 39.40 44.66
CA ALA H 463 74.81 40.11 43.43
C ALA H 463 75.87 41.19 43.66
N PRO H 464 76.52 41.67 42.59
CA PRO H 464 77.44 42.81 42.76
C PRO H 464 76.77 44.04 43.34
N TYR H 465 75.50 44.27 43.03
CA TYR H 465 74.73 45.34 43.65
C TYR H 465 73.85 44.73 44.73
N VAL H 466 74.05 45.15 45.97
CA VAL H 466 73.33 44.56 47.10
C VAL H 466 71.85 44.92 47.07
N HIS H 467 71.51 46.08 46.51
CA HIS H 467 70.12 46.52 46.55
C HIS H 467 69.23 45.70 45.63
N ALA H 468 69.79 45.13 44.56
CA ALA H 468 69.03 44.36 43.59
C ALA H 468 69.69 43.00 43.41
N GLN H 469 69.04 41.95 43.89
CA GLN H 469 69.56 40.59 43.79
C GLN H 469 68.62 39.63 43.09
N ARG H 470 67.48 40.10 42.59
CA ARG H 470 66.48 39.21 42.01
C ARG H 470 66.88 38.76 40.61
N TYR H 471 66.25 37.68 40.16
CA TYR H 471 66.40 37.17 38.81
C TYR H 471 65.03 37.10 38.16
N ILE H 472 64.99 37.43 36.86
CA ILE H 472 63.75 37.44 36.09
C ILE H 472 63.80 36.29 35.10
N ARG H 473 62.76 35.46 35.10
CA ARG H 473 62.67 34.30 34.22
C ARG H 473 61.26 34.25 33.62
N TYR H 474 61.08 34.89 32.47
CA TYR H 474 59.82 34.79 31.76
C TYR H 474 59.60 33.35 31.31
N CYS H 475 58.38 32.85 31.52
CA CYS H 475 57.96 31.51 31.15
C CYS H 475 58.77 30.42 31.86
N GLY H 476 59.57 30.77 32.85
CA GLY H 476 60.32 29.79 33.61
C GLY H 476 61.54 29.23 32.92
N ILE H 477 61.96 29.78 31.80
CA ILE H 477 63.11 29.28 31.05
C ILE H 477 64.36 30.02 31.48
N ASP H 478 65.49 29.32 31.46
CA ASP H 478 66.78 29.90 31.82
C ASP H 478 67.83 29.46 30.80
N SER H 479 68.89 30.25 30.72
CA SER H 479 69.97 29.98 29.77
C SER H 479 70.94 28.91 30.26
N ARG H 480 70.82 28.48 31.50
CA ARG H 480 71.71 27.46 32.05
C ARG H 480 70.94 26.25 32.53
N GLY H 489 65.83 25.16 22.41
CA GLY H 489 64.50 25.71 22.62
C GLY H 489 63.40 24.84 22.06
N ILE H 490 63.67 23.54 21.98
CA ILE H 490 62.71 22.57 21.44
C ILE H 490 62.15 21.73 22.57
N GLY H 491 60.81 21.70 22.67
CA GLY H 491 60.11 20.85 23.60
C GLY H 491 59.65 21.56 24.87
N MET H 492 60.29 22.67 25.23
CA MET H 492 59.89 23.38 26.44
C MET H 492 58.55 24.08 26.22
N THR H 493 57.65 23.94 27.20
CA THR H 493 56.35 24.59 27.19
C THR H 493 56.07 25.13 28.58
N TYR H 494 54.88 25.71 28.75
CA TYR H 494 54.43 26.19 30.04
C TYR H 494 52.92 26.00 30.15
N HIS H 495 52.42 26.10 31.39
CA HIS H 495 51.04 25.70 31.68
C HIS H 495 50.03 26.55 30.92
N CYS H 496 50.27 27.87 30.84
CA CYS H 496 49.30 28.75 30.21
C CYS H 496 49.13 28.41 28.73
N TYR H 497 50.23 28.14 28.03
CA TYR H 497 50.13 27.84 26.60
C TYR H 497 49.45 26.51 26.36
N ASN H 498 49.72 25.52 27.23
CA ASN H 498 49.03 24.24 27.11
C ASN H 498 47.53 24.39 27.32
N GLU H 499 47.14 25.20 28.31
CA GLU H 499 45.71 25.44 28.53
C GLU H 499 45.09 26.17 27.35
N MET H 500 45.83 27.12 26.77
CA MET H 500 45.38 27.81 25.57
C MET H 500 45.10 26.82 24.45
N LEU H 501 46.04 25.90 24.21
CA LEU H 501 45.85 24.90 23.17
C LEU H 501 44.67 23.99 23.47
N ARG H 502 44.52 23.59 24.74
CA ARG H 502 43.42 22.71 25.10
C ARG H 502 42.08 23.38 24.85
N MET H 503 41.94 24.65 25.24
CA MET H 503 40.68 25.34 25.04
C MET H 503 40.41 25.60 23.57
N LEU H 504 41.46 25.92 22.80
CA LEU H 504 41.29 26.11 21.36
C LEU H 504 40.82 24.82 20.69
N VAL H 505 41.39 23.69 21.08
CA VAL H 505 40.98 22.42 20.49
C VAL H 505 39.56 22.05 20.91
N ALA H 506 39.21 22.32 22.17
CA ALA H 506 37.86 21.99 22.64
C ALA H 506 36.82 22.86 21.96
N ALA H 507 37.16 24.12 21.67
CA ALA H 507 36.21 25.04 21.05
C ALA H 507 35.99 24.74 19.57
N GLY H 508 36.76 23.83 18.99
CA GLY H 508 36.62 23.52 17.58
C GLY H 508 37.42 24.40 16.64
N LYS H 509 38.29 25.25 17.17
CA LYS H 509 39.15 26.09 16.33
C LYS H 509 40.41 25.33 15.93
N ASP H 510 40.20 24.30 15.10
CA ASP H 510 41.28 23.38 14.77
C ASP H 510 42.31 24.02 13.85
N SER H 511 41.89 24.93 12.97
CA SER H 511 42.79 25.47 11.98
C SER H 511 43.93 26.26 12.64
N GLU H 512 43.59 27.17 13.55
CA GLU H 512 44.61 28.00 14.20
C GLU H 512 45.39 27.25 15.28
N ALA H 513 44.88 26.11 15.74
CA ALA H 513 45.62 25.33 16.74
C ALA H 513 46.95 24.86 16.18
N ALA H 514 46.96 24.38 14.93
CA ALA H 514 48.20 23.95 14.30
C ALA H 514 49.16 25.14 14.12
N TYR H 515 48.62 26.29 13.72
CA TYR H 515 49.45 27.48 13.55
C TYR H 515 50.11 27.87 14.87
N PHE H 516 49.36 27.83 15.97
CA PHE H 516 49.94 28.12 17.27
C PHE H 516 50.97 27.07 17.65
N ARG H 517 50.69 25.80 17.35
CA ARG H 517 51.62 24.73 17.70
C ARG H 517 52.95 24.89 16.98
N SER H 518 52.92 25.32 15.72
CA SER H 518 54.14 25.46 14.94
C SER H 518 54.99 26.66 15.36
N MET H 519 54.48 27.53 16.23
CA MET H 519 55.15 28.77 16.58
C MET H 519 55.96 28.69 17.87
N LEU H 520 55.90 27.56 18.59
CA LEU H 520 56.54 27.47 19.90
C LEU H 520 58.04 27.76 19.89
N PRO H 521 58.86 27.17 18.99
CA PRO H 521 60.31 27.46 19.07
C PRO H 521 60.63 28.93 18.91
N PHE H 522 59.95 29.62 18.00
CA PHE H 522 60.20 31.05 17.80
C PHE H 522 59.85 31.85 19.05
N HIS H 523 58.69 31.54 19.64
CA HIS H 523 58.26 32.23 20.86
C HIS H 523 59.25 32.01 21.99
N MET H 524 59.70 30.77 22.17
CA MET H 524 60.61 30.48 23.26
C MET H 524 61.98 31.11 23.04
N VAL H 525 62.44 31.15 21.78
CA VAL H 525 63.70 31.83 21.49
C VAL H 525 63.58 33.32 21.81
N ARG H 526 62.46 33.94 21.41
CA ARG H 526 62.27 35.35 21.70
C ARG H 526 62.30 35.62 23.20
N PHE H 527 61.57 34.80 23.97
CA PHE H 527 61.51 35.05 25.41
C PHE H 527 62.84 34.72 26.08
N ALA H 528 63.59 33.74 25.58
CA ALA H 528 64.93 33.49 26.10
C ALA H 528 65.84 34.68 25.87
N ARG H 529 65.76 35.29 24.67
CA ARG H 529 66.54 36.49 24.41
C ARG H 529 66.14 37.63 25.34
N ILE H 530 64.83 37.78 25.60
CA ILE H 530 64.37 38.82 26.50
C ILE H 530 64.91 38.60 27.90
N ASN H 531 64.87 37.36 28.38
CA ASN H 531 65.41 37.05 29.70
C ASN H 531 66.91 37.31 29.76
N GLN H 532 67.64 36.94 28.70
CA GLN H 532 69.07 37.20 28.64
C GLN H 532 69.36 38.69 28.75
N ILE H 533 68.64 39.50 27.97
CA ILE H 533 68.86 40.94 27.99
C ILE H 533 68.54 41.52 29.36
N ILE H 534 67.43 41.08 29.97
CA ILE H 534 67.02 41.63 31.25
C ILE H 534 68.03 41.30 32.33
N ASN H 535 68.42 40.02 32.42
CA ASN H 535 69.27 39.58 33.52
C ASN H 535 70.73 39.96 33.34
N GLU H 536 71.19 40.13 32.11
CA GLU H 536 72.62 40.28 31.86
C GLU H 536 73.04 41.71 31.57
N ASP H 537 72.24 42.47 30.80
CA ASP H 537 72.67 43.79 30.34
C ASP H 537 72.09 44.93 31.16
N LEU H 538 70.86 44.81 31.64
CA LEU H 538 70.19 45.91 32.33
C LEU H 538 70.46 45.93 33.83
N HIS H 539 71.57 45.34 34.28
CA HIS H 539 71.92 45.32 35.68
C HIS H 539 72.82 46.51 36.01
N SER H 540 72.35 47.39 36.89
CA SER H 540 73.09 48.57 37.31
C SER H 540 72.51 49.06 38.62
N VAL H 541 73.14 50.11 39.18
CA VAL H 541 72.65 50.67 40.43
C VAL H 541 71.28 51.33 40.22
N PHE H 542 70.99 51.77 38.99
CA PHE H 542 69.72 52.41 38.70
C PHE H 542 68.57 51.42 38.60
N SER H 543 68.84 50.12 38.66
CA SER H 543 67.77 49.13 38.67
C SER H 543 66.95 49.27 39.95
N LEU H 544 65.65 48.99 39.83
CA LEU H 544 64.75 49.16 40.95
C LEU H 544 65.08 48.17 42.07
N PRO H 545 65.10 48.61 43.32
CA PRO H 545 65.36 47.68 44.43
C PRO H 545 64.25 46.65 44.57
N ASP H 546 64.60 45.54 45.24
CA ASP H 546 63.66 44.42 45.34
C ASP H 546 62.40 44.80 46.10
N ASP H 547 62.54 45.55 47.19
CA ASP H 547 61.38 45.87 48.02
C ASP H 547 60.35 46.69 47.25
N MET H 548 60.81 47.72 46.53
CA MET H 548 59.88 48.52 45.75
C MET H 548 59.30 47.72 44.59
N PHE H 549 60.08 46.79 44.05
CA PHE H 549 59.56 45.92 42.99
C PHE H 549 58.42 45.06 43.50
N ASN H 550 58.57 44.49 44.70
CA ASN H 550 57.50 43.69 45.28
C ASN H 550 56.33 44.55 45.71
N ALA H 551 56.57 45.83 46.04
CA ALA H 551 55.51 46.70 46.50
C ALA H 551 54.70 47.32 45.38
N LEU H 552 55.10 47.16 44.13
CA LEU H 552 54.40 47.80 43.02
C LEU H 552 52.99 47.24 42.84
N LEU H 553 52.88 45.90 42.76
CA LEU H 553 51.59 45.29 42.48
C LEU H 553 50.55 45.55 43.56
N PRO H 554 50.84 45.38 44.86
CA PRO H 554 49.85 45.80 45.87
C PRO H 554 49.51 47.27 45.79
N ASP H 555 50.49 48.11 45.46
CA ASP H 555 50.22 49.54 45.29
C ASP H 555 49.27 49.77 44.13
N LEU H 556 49.47 49.07 43.01
CA LEU H 556 48.59 49.21 41.86
C LEU H 556 47.17 48.73 42.20
N ILE H 557 47.06 47.64 42.97
CA ILE H 557 45.75 47.16 43.39
C ILE H 557 45.07 48.19 44.28
N ALA H 558 45.81 48.78 45.21
CA ALA H 558 45.23 49.78 46.10
C ALA H 558 44.75 51.00 45.33
N GLY H 559 45.55 51.47 44.37
CA GLY H 559 45.18 52.58 43.52
C GLY H 559 45.85 53.90 43.88
N ALA H 560 46.24 54.06 45.15
CA ALA H 560 46.89 55.28 45.61
C ALA H 560 48.39 55.04 45.66
N HIS H 561 49.12 55.61 44.70
CA HIS H 561 50.55 55.36 44.59
C HIS H 561 51.31 55.92 45.78
N GLN H 562 52.43 55.29 46.10
CA GLN H 562 53.28 55.71 47.20
C GLN H 562 54.72 55.29 46.90
N ASN H 563 55.64 56.25 47.01
CA ASN H 563 57.09 56.05 46.91
C ASN H 563 57.54 55.46 45.58
N ALA H 564 56.60 55.30 44.64
CA ALA H 564 56.93 54.76 43.32
C ALA H 564 55.82 55.13 42.35
N ASP H 565 56.21 55.46 41.12
CA ASP H 565 55.27 55.85 40.09
C ASP H 565 55.64 55.23 38.75
N PRO H 566 54.82 54.34 38.21
CA PRO H 566 55.10 53.79 36.88
C PRO H 566 54.67 54.74 35.78
N VAL H 567 55.18 54.47 34.58
CA VAL H 567 54.85 55.24 33.39
C VAL H 567 54.12 54.34 32.42
N VAL H 568 53.07 54.87 31.79
CA VAL H 568 52.18 54.10 30.93
C VAL H 568 52.44 54.51 29.48
N LEU H 569 52.67 53.52 28.62
CA LEU H 569 52.80 53.71 27.19
C LEU H 569 51.57 53.17 26.50
N ASP H 570 51.24 53.76 25.35
CA ASP H 570 49.98 53.50 24.66
C ASP H 570 50.26 52.87 23.31
N VAL H 571 49.53 51.78 23.01
CA VAL H 571 49.72 51.01 21.79
C VAL H 571 48.37 50.80 21.11
N SER H 572 48.41 50.23 19.91
CA SER H 572 47.23 49.98 19.10
C SER H 572 46.87 48.49 19.09
N TRP H 573 45.73 48.19 18.48
CA TRP H 573 45.24 46.82 18.46
C TRP H 573 46.13 45.91 17.62
N ILE H 574 46.43 46.33 16.39
CA ILE H 574 47.18 45.49 15.47
C ILE H 574 48.62 45.28 15.95
N SER H 575 49.09 46.17 16.83
CA SER H 575 50.46 46.09 17.31
C SER H 575 50.72 44.79 18.08
N LEU H 576 49.72 44.28 18.79
CA LEU H 576 49.90 43.03 19.51
C LEU H 576 50.18 41.88 18.55
N TRP H 577 49.37 41.76 17.48
CA TRP H 577 49.59 40.70 16.51
C TRP H 577 50.93 40.87 15.81
N PHE H 578 51.29 42.10 15.43
CA PHE H 578 52.55 42.27 14.73
C PHE H 578 53.75 42.05 15.65
N ALA H 579 53.59 42.28 16.96
CA ALA H 579 54.66 42.00 17.90
C ALA H 579 54.79 40.51 18.15
N PHE H 580 53.67 39.78 18.13
CA PHE H 580 53.73 38.34 18.31
C PHE H 580 54.52 37.64 17.22
N ASN H 581 54.62 38.26 16.03
CA ASN H 581 55.33 37.64 14.91
C ASN H 581 56.75 38.15 14.76
N ARG H 582 57.07 39.35 15.22
CA ARG H 582 58.40 39.91 15.04
C ARG H 582 59.23 39.71 16.29
N SER H 583 60.43 39.14 16.13
CA SER H 583 61.34 38.91 17.22
C SER H 583 62.25 40.11 17.43
N PHE H 584 63.21 39.98 18.35
CA PHE H 584 64.17 41.02 18.65
C PHE H 584 65.56 40.40 18.66
N GLU H 585 66.45 40.90 17.81
CA GLU H 585 67.81 40.37 17.70
C GLU H 585 68.80 41.41 18.15
N PRO H 586 69.55 41.18 19.24
CA PRO H 586 70.50 42.19 19.71
C PRO H 586 71.74 42.28 18.85
N THR H 587 71.65 43.04 17.75
CA THR H 587 72.77 43.13 16.82
C THR H 587 73.98 43.80 17.46
N HIS H 588 73.77 44.87 18.21
CA HIS H 588 74.86 45.63 18.81
C HIS H 588 74.59 45.88 20.29
N ARG H 589 75.66 45.90 21.08
CA ARG H 589 75.57 46.25 22.48
C ARG H 589 75.69 47.77 22.64
N ASN H 590 75.32 48.25 23.82
CA ASN H 590 75.38 49.67 24.09
C ASN H 590 76.83 50.15 24.11
N GLU H 591 77.08 51.31 23.50
CA GLU H 591 78.44 51.83 23.43
C GLU H 591 78.96 52.22 24.80
N MET H 592 78.10 52.80 25.63
CA MET H 592 78.50 53.29 26.95
C MET H 592 78.46 52.22 28.02
N LEU H 593 78.22 50.95 27.64
CA LEU H 593 78.18 49.87 28.62
C LEU H 593 79.51 49.67 29.34
N GLU H 594 80.62 50.05 28.70
CA GLU H 594 81.93 49.82 29.30
C GLU H 594 82.24 50.82 30.41
N VAL H 595 81.57 51.97 30.43
CA VAL H 595 81.94 53.07 31.31
C VAL H 595 80.82 53.40 32.30
N ALA H 596 79.95 52.43 32.59
CA ALA H 596 78.84 52.69 33.52
C ALA H 596 79.30 53.04 34.94
N PRO H 597 80.24 52.32 35.56
CA PRO H 597 80.58 52.64 36.96
C PRO H 597 81.09 54.06 37.15
N LEU H 598 81.83 54.60 36.19
CA LEU H 598 82.37 55.95 36.36
C LEU H 598 81.25 56.99 36.41
N ILE H 599 80.31 56.93 35.48
CA ILE H 599 79.22 57.89 35.49
C ILE H 599 78.31 57.66 36.70
N GLU H 600 78.14 56.40 37.12
CA GLU H 600 77.37 56.12 38.33
C GLU H 600 78.00 56.80 39.54
N SER H 601 79.31 56.65 39.71
CA SER H 601 80.00 57.27 40.83
C SER H 601 79.95 58.78 40.75
N VAL H 602 80.09 59.34 39.54
CA VAL H 602 80.02 60.79 39.38
C VAL H 602 78.65 61.31 39.78
N TYR H 603 77.59 60.62 39.35
CA TYR H 603 76.24 61.04 39.69
C TYR H 603 75.99 60.98 41.20
N ALA H 604 76.45 59.90 41.83
CA ALA H 604 76.29 59.78 43.28
C ALA H 604 77.06 60.87 44.01
N SER H 605 78.28 61.16 43.57
CA SER H 605 79.07 62.21 44.20
C SER H 605 78.42 63.57 44.05
N GLU H 606 77.84 63.84 42.86
CA GLU H 606 77.14 65.10 42.66
C GLU H 606 75.94 65.22 43.58
N LEU H 607 75.19 64.13 43.74
CA LEU H 607 74.05 64.15 44.66
C LEU H 607 74.51 64.43 46.10
N SER H 608 75.60 63.79 46.52
CA SER H 608 76.12 64.03 47.86
C SER H 608 76.56 65.48 48.03
N VAL H 609 77.20 66.04 47.01
CA VAL H 609 77.64 67.43 47.07
C VAL H 609 76.43 68.36 47.21
N MET H 610 75.37 68.11 46.44
CA MET H 610 74.18 68.92 46.54
C MET H 610 73.55 68.84 47.93
N LYS H 611 73.49 67.62 48.49
CA LYS H 611 72.95 67.46 49.83
C LYS H 611 73.77 68.24 50.86
N VAL H 612 75.10 68.16 50.76
CA VAL H 612 75.95 68.88 51.70
C VAL H 612 75.78 70.39 51.56
N ASP H 613 75.65 70.87 50.32
CA ASP H 613 75.43 72.30 50.10
C ASP H 613 74.12 72.76 50.71
N MET H 614 73.06 71.97 50.55
CA MET H 614 71.79 72.35 51.15
C MET H 614 71.84 72.31 52.67
N ARG H 615 72.56 71.35 53.25
CA ARG H 615 72.74 71.34 54.70
C ARG H 615 73.49 72.58 55.17
N HIS H 616 74.53 72.98 54.43
CA HIS H 616 75.24 74.21 54.79
C HIS H 616 74.34 75.43 54.68
N LEU H 617 73.46 75.47 53.67
CA LEU H 617 72.52 76.57 53.56
C LEU H 617 71.57 76.60 54.76
N SER H 618 71.10 75.43 55.20
CA SER H 618 70.25 75.38 56.38
C SER H 618 70.99 75.89 57.61
N LEU H 619 72.26 75.50 57.77
CA LEU H 619 73.04 75.99 58.89
C LEU H 619 73.24 77.51 58.82
N MET H 620 73.46 78.04 57.62
CA MET H 620 73.60 79.48 57.44
C MET H 620 72.31 80.21 57.85
N GLN H 621 71.17 79.66 57.47
CA GLN H 621 69.90 80.22 57.93
C GLN H 621 69.77 80.15 59.44
N ARG H 622 70.25 79.05 60.04
CA ARG H 622 70.19 78.92 61.49
C ARG H 622 71.02 79.99 62.19
N ARG H 623 72.22 80.27 61.67
CA ARG H 623 73.15 81.14 62.39
C ARG H 623 72.69 82.60 62.39
N PHE H 624 72.15 83.07 61.27
CA PHE H 624 71.86 84.50 61.07
C PHE H 624 70.40 84.70 60.72
N PRO H 625 69.50 84.70 61.71
CA PRO H 625 68.09 85.01 61.41
C PRO H 625 67.83 86.51 61.30
N ASP H 626 68.66 87.34 61.91
CA ASP H 626 68.40 88.78 61.98
C ASP H 626 68.96 89.56 60.79
N VAL H 627 69.70 88.92 59.89
CA VAL H 627 70.29 89.63 58.77
C VAL H 627 69.93 88.92 57.47
N LEU H 628 69.41 87.71 57.59
CA LEU H 628 68.94 86.94 56.44
C LEU H 628 67.43 87.08 56.34
N ILE H 629 66.94 87.29 55.11
CA ILE H 629 65.55 87.71 54.92
C ILE H 629 64.58 86.61 55.34
N GLN H 630 64.80 85.39 54.87
CA GLN H 630 63.85 84.30 55.10
C GLN H 630 64.51 82.99 54.73
N ALA H 631 63.84 81.89 55.09
CA ALA H 631 64.29 80.54 54.78
C ALA H 631 63.18 79.78 54.07
N ARG H 632 63.55 78.99 53.06
CA ARG H 632 62.58 78.19 52.31
C ARG H 632 63.27 77.00 51.67
N PRO H 633 62.90 75.76 52.05
CA PRO H 633 63.56 74.59 51.47
C PRO H 633 63.44 74.47 49.97
N SER H 634 62.28 74.86 49.41
CA SER H 634 62.10 74.80 47.96
C SER H 634 63.06 75.74 47.25
N HIS H 635 63.26 76.95 47.80
CA HIS H 635 64.22 77.87 47.24
C HIS H 635 65.64 77.29 47.33
N PHE H 636 65.95 76.63 48.45
CA PHE H 636 67.24 75.97 48.59
C PHE H 636 67.45 74.96 47.48
N TRP H 637 66.47 74.10 47.25
CA TRP H 637 66.59 73.07 46.22
C TRP H 637 66.73 73.67 44.84
N LYS H 638 65.93 74.69 44.54
CA LYS H 638 66.02 75.32 43.22
C LYS H 638 67.38 75.98 43.01
N ALA H 639 67.89 76.66 44.04
CA ALA H 639 69.18 77.33 43.91
C ALA H 639 70.31 76.31 43.73
N VAL H 640 70.28 75.23 44.51
CA VAL H 640 71.36 74.25 44.39
C VAL H 640 71.27 73.50 43.07
N LEU H 641 70.06 73.29 42.54
CA LEU H 641 69.93 72.63 41.25
C LEU H 641 70.22 73.55 40.08
N ASN H 642 70.18 74.87 40.30
CA ASN H 642 70.43 75.81 39.20
C ASN H 642 71.85 75.66 38.68
N ASP H 643 72.83 75.52 39.58
CA ASP H 643 74.23 75.36 39.20
C ASP H 643 74.60 73.89 39.39
N SER H 644 74.53 73.13 38.30
CA SER H 644 74.76 71.69 38.33
C SER H 644 75.11 71.25 36.91
N PRO H 645 75.66 70.05 36.75
CA PRO H 645 75.87 69.52 35.39
C PRO H 645 74.57 69.46 34.62
N GLU H 646 74.64 69.79 33.33
CA GLU H 646 73.43 70.01 32.54
C GLU H 646 72.62 68.74 32.41
N ALA H 647 73.27 67.59 32.22
CA ALA H 647 72.55 66.33 32.11
C ALA H 647 71.76 66.05 33.39
N VAL H 648 72.39 66.23 34.55
CA VAL H 648 71.69 66.04 35.82
C VAL H 648 70.52 67.01 35.93
N LYS H 649 70.74 68.26 35.54
CA LYS H 649 69.67 69.25 35.58
C LYS H 649 68.47 68.81 34.76
N ALA H 650 68.71 68.39 33.52
CA ALA H 650 67.61 67.99 32.64
C ALA H 650 66.90 66.76 33.19
N VAL H 651 67.67 65.77 33.67
CA VAL H 651 67.06 64.54 34.17
C VAL H 651 66.19 64.83 35.39
N MET H 652 66.71 65.63 36.32
CA MET H 652 65.93 65.96 37.51
C MET H 652 64.71 66.80 37.15
N ASN H 653 64.84 67.72 36.18
CA ASN H 653 63.70 68.50 35.76
C ASN H 653 62.60 67.62 35.18
N LEU H 654 62.97 66.65 34.34
CA LEU H 654 61.98 65.73 33.81
C LEU H 654 61.32 64.92 34.92
N SER H 655 62.13 64.40 35.85
CA SER H 655 61.59 63.57 36.92
C SER H 655 60.63 64.35 37.80
N HIS H 656 60.96 65.59 38.14
CA HIS H 656 60.09 66.41 38.97
C HIS H 656 58.96 67.05 38.18
N SER H 657 59.03 67.04 36.85
CA SER H 657 57.88 67.44 36.05
C SER H 657 56.84 66.32 35.99
N HIS H 658 57.29 65.06 35.96
CA HIS H 658 56.34 63.96 35.99
C HIS H 658 55.61 63.88 37.32
N ASN H 659 56.34 63.99 38.43
CA ASN H 659 55.76 63.92 39.76
C ASN H 659 56.25 65.08 40.62
N PHE H 660 55.37 65.56 41.50
CA PHE H 660 55.65 66.74 42.28
C PHE H 660 56.36 66.40 43.58
N ILE H 661 56.93 67.43 44.21
CA ILE H 661 57.64 67.31 45.48
C ILE H 661 57.06 68.32 46.46
N ASN H 662 57.39 68.13 47.74
CA ASN H 662 56.89 68.99 48.80
C ASN H 662 58.01 69.24 49.81
N ILE H 663 57.69 70.04 50.82
CA ILE H 663 58.67 70.39 51.84
C ILE H 663 59.04 69.18 52.68
N ARG H 664 58.07 68.29 52.92
CA ARG H 664 58.33 67.10 53.74
C ARG H 664 59.40 66.22 53.11
N ASP H 665 59.35 66.05 51.79
CA ASP H 665 60.35 65.25 51.11
C ASP H 665 61.75 65.86 51.26
N MET H 666 61.84 67.18 51.13
CA MET H 666 63.13 67.86 51.29
C MET H 666 63.65 67.69 52.70
N MET H 667 62.78 67.83 53.70
CA MET H 667 63.20 67.67 55.09
C MET H 667 63.66 66.25 55.36
N ARG H 668 62.98 65.27 54.79
CA ARG H 668 63.41 63.88 54.96
C ARG H 668 64.75 63.63 54.27
N TRP H 669 64.95 64.22 53.10
CA TRP H 669 66.16 63.96 52.33
C TRP H 669 67.39 64.64 52.91
N VAL H 670 67.22 65.84 53.50
CA VAL H 670 68.38 66.58 54.01
C VAL H 670 68.95 66.00 55.30
N MET H 671 68.35 64.94 55.83
CA MET H 671 68.80 64.37 57.10
C MET H 671 69.35 62.96 56.99
N LEU H 672 69.23 62.31 55.83
CA LEU H 672 69.75 60.95 55.69
C LEU H 672 71.28 60.96 55.75
N PRO H 673 71.88 60.01 56.47
CA PRO H 673 73.33 60.06 56.69
C PRO H 673 74.16 59.53 55.53
N SER H 674 73.56 58.82 54.57
CA SER H 674 74.33 58.20 53.51
C SER H 674 75.03 59.25 52.65
N LEU H 675 76.31 59.02 52.37
CA LEU H 675 77.11 59.91 51.54
C LEU H 675 78.10 59.10 50.73
N GLN H 676 78.54 59.67 49.62
CA GLN H 676 79.53 59.03 48.75
C GLN H 676 80.83 59.81 48.81
N PRO H 677 81.86 59.30 49.50
CA PRO H 677 83.11 60.06 49.62
C PRO H 677 83.81 60.24 48.29
N SER H 678 84.47 61.39 48.14
CA SER H 678 85.21 61.72 46.92
C SER H 678 86.03 62.97 47.19
N LEU H 679 86.89 63.30 46.22
CA LEU H 679 87.65 64.53 46.30
C LEU H 679 86.74 65.75 46.25
N LYS H 680 85.66 65.68 45.46
CA LYS H 680 84.74 66.81 45.36
C LYS H 680 84.15 67.16 46.71
N LEU H 681 83.80 66.14 47.51
CA LEU H 681 83.22 66.39 48.81
C LEU H 681 84.20 67.10 49.74
N ALA H 682 85.45 66.62 49.79
CA ALA H 682 86.43 67.25 50.67
C ALA H 682 86.72 68.69 50.24
N LEU H 683 86.84 68.91 48.93
CA LEU H 683 87.05 70.27 48.43
C LEU H 683 85.88 71.18 48.79
N GLU H 684 84.65 70.66 48.67
CA GLU H 684 83.47 71.45 49.01
C GLU H 684 83.43 71.79 50.49
N GLU H 685 83.76 70.82 51.36
CA GLU H 685 83.79 71.11 52.79
C GLU H 685 84.84 72.17 53.12
N GLU H 686 86.03 72.06 52.53
CA GLU H 686 87.06 73.07 52.79
C GLU H 686 86.65 74.43 52.27
N ALA H 687 86.02 74.49 51.09
CA ALA H 687 85.55 75.75 50.55
C ALA H 687 84.48 76.37 51.45
N TRP H 688 83.55 75.55 51.95
CA TRP H 688 82.53 76.06 52.85
C TRP H 688 83.14 76.58 54.14
N ALA H 689 84.14 75.87 54.68
CA ALA H 689 84.81 76.33 55.89
C ALA H 689 85.51 77.66 55.65
N ALA H 690 86.16 77.81 54.49
CA ALA H 690 86.84 79.06 54.17
C ALA H 690 85.84 80.20 53.96
N ALA H 691 84.67 79.88 53.38
CA ALA H 691 83.65 80.87 53.08
C ALA H 691 82.64 81.07 54.20
N ASN H 692 82.88 80.44 55.37
CA ASN H 692 81.99 80.66 56.51
C ASN H 692 81.88 82.15 56.84
N ASP H 693 82.99 82.88 56.79
CA ASP H 693 82.96 84.32 56.95
C ASP H 693 82.45 84.95 55.66
N PHE H 694 81.21 85.47 55.70
CA PHE H 694 80.58 86.00 54.50
C PHE H 694 81.25 87.26 53.97
N GLU H 695 82.12 87.89 54.75
CA GLU H 695 82.84 89.06 54.24
C GLU H 695 83.76 88.68 53.08
N ASP H 696 84.26 87.44 53.07
CA ASP H 696 85.05 86.97 51.94
C ASP H 696 84.21 86.86 50.67
N LEU H 697 82.89 86.69 50.81
CA LEU H 697 82.00 86.58 49.68
C LEU H 697 81.59 87.94 49.10
N MET H 698 82.28 89.02 49.49
CA MET H 698 82.00 90.37 49.00
C MET H 698 80.57 90.81 49.32
N LEU H 699 80.04 90.36 50.45
CA LEU H 699 78.74 90.79 50.93
C LEU H 699 78.93 91.49 52.27
N THR H 700 78.44 92.72 52.36
CA THR H 700 78.64 93.53 53.55
C THR H 700 77.37 94.30 53.87
N ASP H 701 77.00 94.30 55.14
CA ASP H 701 75.86 95.08 55.62
C ASP H 701 76.26 96.39 56.27
N GLN H 702 77.56 96.66 56.41
CA GLN H 702 78.04 97.87 57.06
C GLN H 702 78.16 99.02 56.05
N VAL H 703 77.02 99.35 55.46
CA VAL H 703 76.92 100.47 54.53
C VAL H 703 76.40 101.69 55.29
N TYR H 704 77.14 102.78 55.23
CA TYR H 704 76.83 103.99 55.98
C TYR H 704 76.61 105.15 55.02
N MET H 705 75.94 106.19 55.52
CA MET H 705 75.68 107.40 54.76
C MET H 705 76.10 108.60 55.60
N HIS H 706 76.87 109.50 55.00
CA HIS H 706 77.31 110.70 55.70
C HIS H 706 77.79 111.72 54.69
N ARG H 707 77.35 112.97 54.84
CA ARG H 707 77.76 114.03 53.94
C ARG H 707 79.24 114.35 54.17
N ASP H 708 80.06 114.15 53.14
CA ASP H 708 81.49 114.35 53.24
C ASP H 708 81.95 115.28 52.13
N MET H 709 83.09 115.91 52.35
CA MET H 709 83.65 116.89 51.42
C MET H 709 84.62 116.20 50.47
N LEU H 710 84.53 116.54 49.18
CA LEU H 710 85.52 116.07 48.22
C LEU H 710 86.74 116.97 48.31
N PRO H 711 87.89 116.43 48.73
CA PRO H 711 89.04 117.30 49.00
C PRO H 711 89.59 117.97 47.75
N GLU H 712 90.08 119.18 47.94
CA GLU H 712 90.77 119.93 46.88
C GLU H 712 92.08 120.45 47.47
N PRO H 713 93.21 119.80 47.21
CA PRO H 713 94.46 120.16 47.88
C PRO H 713 95.13 121.39 47.26
N ARG H 714 96.02 121.99 48.06
CA ARG H 714 96.82 123.10 47.57
C ARG H 714 97.89 122.61 46.61
N LEU H 715 98.32 123.50 45.72
CA LEU H 715 99.34 123.18 44.72
C LEU H 715 100.44 124.23 44.75
N ASP H 716 100.92 124.56 45.95
CA ASP H 716 102.02 125.51 46.07
C ASP H 716 103.30 124.96 45.43
N ASP H 717 103.59 123.68 45.65
CA ASP H 717 104.71 123.01 45.02
C ASP H 717 104.19 121.76 44.33
N ILE H 718 104.30 121.71 43.00
CA ILE H 718 103.75 120.60 42.24
C ILE H 718 104.49 119.31 42.55
N GLU H 719 105.81 119.35 42.61
CA GLU H 719 106.59 118.13 42.83
C GLU H 719 106.46 117.61 44.26
N ARG H 720 106.39 118.51 45.24
CA ARG H 720 106.22 118.07 46.62
C ARG H 720 104.89 117.35 46.80
N PHE H 721 103.82 117.87 46.21
CA PHE H 721 102.53 117.18 46.23
C PHE H 721 102.57 115.91 45.40
N ARG H 722 103.36 115.90 44.32
CA ARG H 722 103.45 114.72 43.46
C ARG H 722 104.09 113.55 44.19
N GLN H 723 105.15 113.82 44.95
CA GLN H 723 105.95 112.74 45.51
C GLN H 723 105.27 112.03 46.68
N GLU H 724 104.28 112.66 47.30
CA GLU H 724 103.61 112.06 48.45
C GLU H 724 102.42 111.18 48.05
N GLY H 725 102.06 111.16 46.78
CA GLY H 725 101.03 110.25 46.28
C GLY H 725 99.68 110.40 46.93
N PHE H 726 99.01 111.52 46.66
CA PHE H 726 97.69 111.76 47.23
C PHE H 726 96.62 111.01 46.46
N TYR H 727 95.65 110.46 47.18
CA TYR H 727 94.50 109.80 46.58
C TYR H 727 93.34 109.86 47.56
N TYR H 728 92.14 109.69 47.02
CA TYR H 728 90.93 109.77 47.82
C TYR H 728 89.99 108.63 47.45
N THR H 729 89.22 108.18 48.43
CA THR H 729 88.22 107.14 48.22
C THR H 729 87.18 107.24 49.32
N ASN H 730 86.05 106.56 49.11
CA ASN H 730 84.97 106.51 50.07
C ASN H 730 85.19 105.44 51.13
N MET H 731 86.32 104.74 51.09
CA MET H 731 86.60 103.69 52.05
C MET H 731 86.81 104.25 53.46
N LEU H 732 86.34 103.49 54.44
CA LEU H 732 86.55 103.80 55.86
C LEU H 732 87.53 102.78 56.42
N GLU H 733 88.70 103.25 56.83
CA GLU H 733 89.70 102.35 57.39
C GLU H 733 89.39 101.94 58.83
N ALA H 734 88.54 102.69 59.52
CA ALA H 734 88.14 102.36 60.88
C ALA H 734 86.64 102.56 61.03
N PRO H 735 85.98 101.76 61.85
CA PRO H 735 84.55 101.95 62.07
C PRO H 735 84.30 103.23 62.85
N PRO H 736 83.18 103.89 62.60
CA PRO H 736 82.84 105.09 63.38
C PRO H 736 82.53 104.75 64.82
N GLU H 737 82.43 105.79 65.64
CA GLU H 737 82.15 105.61 67.05
C GLU H 737 80.75 105.04 67.25
N ILE H 738 80.55 104.36 68.39
CA ILE H 738 79.29 103.69 68.66
C ILE H 738 78.15 104.69 68.76
N ASP H 739 78.43 105.92 69.16
CA ASP H 739 77.43 106.98 69.23
C ASP H 739 77.46 107.82 67.97
N ARG H 740 76.56 108.81 67.92
CA ARG H 740 76.44 109.75 66.80
C ARG H 740 75.92 109.04 65.55
N VAL H 741 75.72 107.73 65.63
CA VAL H 741 75.20 106.93 64.54
C VAL H 741 73.84 106.36 64.95
N VAL H 742 72.88 106.41 64.04
CA VAL H 742 71.54 105.91 64.27
C VAL H 742 71.37 104.62 63.48
N GLN H 743 70.81 103.60 64.13
CA GLN H 743 70.65 102.28 63.51
C GLN H 743 69.26 102.20 62.88
N TYR H 744 69.23 102.06 61.56
CA TYR H 744 67.98 101.94 60.83
C TYR H 744 67.67 100.48 60.54
N THR H 745 66.39 100.21 60.30
CA THR H 745 65.90 98.86 60.10
C THR H 745 64.95 98.88 58.91
N TYR H 746 64.80 97.72 58.26
CA TYR H 746 63.93 97.63 57.08
C TYR H 746 62.49 98.02 57.41
N GLU H 747 61.98 97.56 58.55
CA GLU H 747 60.62 97.92 58.94
C GLU H 747 60.49 99.41 59.20
N ILE H 748 61.47 100.00 59.90
CA ILE H 748 61.43 101.44 60.17
C ILE H 748 61.50 102.22 58.87
N ALA H 749 62.37 101.80 57.96
CA ALA H 749 62.49 102.49 56.67
C ALA H 749 61.20 102.39 55.88
N ARG H 750 60.57 101.21 55.87
CA ARG H 750 59.31 101.04 55.16
C ARG H 750 58.22 101.93 55.76
N LEU H 751 58.14 101.98 57.08
CA LEU H 751 57.13 102.83 57.73
C LEU H 751 57.36 104.29 57.40
N GLN H 752 58.63 104.74 57.44
CA GLN H 752 58.93 106.14 57.13
C GLN H 752 58.61 106.46 55.67
N ALA H 753 58.91 105.53 54.77
CA ALA H 753 58.60 105.73 53.35
C ALA H 753 57.10 105.82 53.13
N ASN H 754 56.32 104.96 53.81
CA ASN H 754 54.88 105.04 53.70
C ASN H 754 54.32 106.32 54.29
N MET H 755 54.96 106.84 55.35
CA MET H 755 54.57 108.13 55.88
C MET H 755 54.82 109.26 54.88
N GLY H 756 55.81 109.09 54.01
CA GLY H 756 56.27 110.16 53.15
C GLY H 756 57.29 111.08 53.77
N GLN H 757 57.66 110.84 55.02
CA GLN H 757 58.62 111.67 55.74
C GLN H 757 60.04 111.11 55.68
N PHE H 758 60.28 110.08 54.86
CA PHE H 758 61.60 109.48 54.78
C PHE H 758 62.64 110.50 54.32
N ARG H 759 62.37 111.18 53.21
CA ARG H 759 63.32 112.14 52.67
C ARG H 759 63.58 113.28 53.66
N ALA H 760 62.52 113.80 54.27
CA ALA H 760 62.68 114.88 55.23
C ALA H 760 63.48 114.42 56.45
N ALA H 761 63.21 113.22 56.95
CA ALA H 761 63.94 112.71 58.10
C ALA H 761 65.43 112.57 57.80
N LEU H 762 65.76 111.99 56.64
CA LEU H 762 67.16 111.86 56.27
C LEU H 762 67.82 113.22 56.05
N ARG H 763 67.11 114.16 55.42
CA ARG H 763 67.70 115.49 55.22
C ARG H 763 67.98 116.16 56.56
N ARG H 764 67.05 116.05 57.51
CA ARG H 764 67.27 116.64 58.83
C ARG H 764 68.44 115.97 59.54
N ILE H 765 68.49 114.63 59.51
CA ILE H 765 69.55 113.94 60.23
C ILE H 765 70.91 114.23 59.61
N MET H 766 70.96 114.48 58.31
CA MET H 766 72.23 114.85 57.69
C MET H 766 72.60 116.30 57.97
N ASP H 767 71.60 117.18 58.06
CA ASP H 767 71.88 118.54 58.53
C ASP H 767 72.30 118.55 59.99
N ASP H 768 72.01 117.49 60.74
CA ASP H 768 72.44 117.38 62.13
C ASP H 768 73.83 116.78 62.27
N ASP H 769 74.53 116.51 61.17
CA ASP H 769 75.89 115.98 61.16
C ASP H 769 75.99 114.63 61.86
N ASP H 770 74.95 113.79 61.75
CA ASP H 770 74.92 112.48 62.37
C ASP H 770 75.03 111.38 61.32
N TRP H 771 75.61 110.26 61.72
CA TRP H 771 75.77 109.12 60.84
C TRP H 771 74.56 108.19 60.94
N VAL H 772 74.39 107.37 59.91
CA VAL H 772 73.29 106.42 59.85
C VAL H 772 73.80 105.10 59.29
N ARG H 773 73.29 104.00 59.82
CA ARG H 773 73.66 102.65 59.38
C ARG H 773 72.45 102.00 58.73
N PHE H 774 72.63 101.55 57.48
CA PHE H 774 71.57 100.86 56.75
C PHE H 774 71.75 99.35 56.83
N GLY H 775 71.67 98.84 58.06
CA GLY H 775 71.83 97.43 58.30
C GLY H 775 70.55 96.64 58.12
N GLY H 776 70.66 95.33 58.28
CA GLY H 776 69.53 94.42 58.22
C GLY H 776 69.47 93.55 56.99
N VAL H 777 70.31 93.79 55.98
CA VAL H 777 70.29 92.99 54.77
C VAL H 777 71.66 93.09 54.11
N LEU H 778 72.05 92.02 53.43
CA LEU H 778 73.32 91.99 52.72
C LEU H 778 73.19 92.67 51.36
N ARG H 779 74.21 93.42 50.97
CA ARG H 779 74.22 94.16 49.72
C ARG H 779 75.42 93.78 48.88
N THR H 780 75.23 93.69 47.57
CA THR H 780 76.33 93.43 46.65
C THR H 780 77.22 94.66 46.54
N VAL H 781 78.54 94.42 46.56
CA VAL H 781 79.53 95.49 46.53
C VAL H 781 80.43 95.29 45.32
N ARG H 782 80.65 96.37 44.57
CA ARG H 782 81.53 96.36 43.41
C ARG H 782 82.67 97.35 43.62
N VAL H 783 83.76 97.15 42.89
CA VAL H 783 84.96 97.96 43.01
C VAL H 783 85.25 98.60 41.66
N LYS H 784 85.57 99.90 41.68
CA LYS H 784 85.89 100.65 40.48
C LYS H 784 87.10 101.53 40.73
N PHE H 785 87.78 101.89 39.65
CA PHE H 785 88.95 102.76 39.71
C PHE H 785 88.75 103.93 38.74
N TYR H 786 89.21 105.11 39.15
CA TYR H 786 89.07 106.30 38.31
C TYR H 786 90.28 107.19 38.50
N ASP H 787 90.62 107.93 37.45
CA ASP H 787 91.66 108.95 37.48
C ASP H 787 91.12 110.35 37.28
N ALA H 788 90.15 110.53 36.37
CA ALA H 788 89.46 111.78 36.21
C ALA H 788 88.27 111.83 37.17
N ARG H 789 87.44 112.85 37.04
CA ARG H 789 86.27 112.96 37.89
C ARG H 789 85.29 111.85 37.54
N PRO H 790 84.86 111.04 38.50
CA PRO H 790 83.98 109.90 38.18
C PRO H 790 82.61 110.38 37.75
N PRO H 791 81.84 109.54 37.05
CA PRO H 791 80.50 109.94 36.62
C PRO H 791 79.61 110.29 37.81
N ASP H 792 78.70 111.24 37.57
CA ASP H 792 77.88 111.77 38.65
C ASP H 792 77.03 110.70 39.31
N ASP H 793 76.52 109.75 38.53
CA ASP H 793 75.67 108.70 39.08
C ASP H 793 76.42 107.82 40.08
N VAL H 794 77.74 107.76 40.00
CA VAL H 794 78.54 106.96 40.94
C VAL H 794 78.89 107.76 42.18
N LEU H 795 79.39 108.99 42.00
CA LEU H 795 79.77 109.80 43.15
C LEU H 795 78.57 110.18 44.00
N GLN H 796 77.44 110.50 43.36
CA GLN H 796 76.22 110.87 44.04
C GLN H 796 75.25 109.72 44.19
N GLY H 797 75.70 108.49 43.99
CA GLY H 797 74.80 107.35 44.05
C GLY H 797 74.26 107.12 45.46
N LEU H 798 73.08 106.51 45.51
CA LEU H 798 72.39 106.23 46.76
C LEU H 798 72.30 104.72 47.00
N PRO H 799 72.37 104.28 48.26
CA PRO H 799 72.19 102.85 48.56
C PRO H 799 70.76 102.37 48.42
N PHE H 800 69.80 103.27 48.24
CA PHE H 800 68.40 102.90 48.07
C PHE H 800 67.82 103.70 46.91
N SER H 801 66.57 103.39 46.56
CA SER H 801 65.84 104.11 45.53
C SER H 801 64.48 104.51 46.07
N TYR H 802 64.16 105.80 46.01
CA TYR H 802 62.90 106.33 46.51
C TYR H 802 62.30 107.22 45.44
N ASP H 803 61.19 106.79 44.86
CA ASP H 803 60.52 107.51 43.78
C ASP H 803 59.18 108.03 44.29
N THR H 804 58.94 109.32 44.11
CA THR H 804 57.71 109.96 44.55
C THR H 804 56.89 110.58 43.42
N ASN H 805 57.40 110.57 42.19
CA ASN H 805 56.71 111.15 41.05
C ASN H 805 56.06 110.03 40.25
N GLU H 806 54.77 109.79 40.50
CA GLU H 806 54.04 108.75 39.81
C GLU H 806 52.56 109.11 39.78
N ARG H 807 51.83 108.53 38.83
CA ARG H 807 50.37 108.80 38.73
C ARG H 807 49.62 107.47 38.93
N GLY H 808 50.32 106.44 39.41
CA GLY H 808 49.68 105.12 39.61
C GLY H 808 48.53 105.20 40.60
N GLY H 809 48.69 106.01 41.66
CA GLY H 809 47.64 106.13 42.69
C GLY H 809 47.59 104.90 43.60
N LEU H 810 48.69 104.13 43.64
CA LEU H 810 48.75 102.92 44.50
C LEU H 810 50.17 102.76 45.06
N ALA H 811 50.34 101.94 46.10
CA ALA H 811 51.66 101.69 46.69
C ALA H 811 52.37 102.98 47.09
N TYR H 812 51.74 104.13 46.83
CA TYR H 812 52.27 105.45 47.20
C TYR H 812 53.69 105.55 46.64
N ALA H 813 54.71 105.86 47.43
CA ALA H 813 56.08 105.93 46.96
C ALA H 813 56.77 104.60 47.18
N THR H 814 57.42 104.09 46.13
CA THR H 814 58.08 102.80 46.17
C THR H 814 59.50 102.96 46.72
N ILE H 815 59.84 102.12 47.70
CA ILE H 815 61.17 102.11 48.30
C ILE H 815 61.84 100.77 48.01
N LYS H 816 63.11 100.83 47.62
CA LYS H 816 63.94 99.64 47.44
C LYS H 816 65.10 99.77 48.42
N TYR H 817 65.01 99.03 49.53
CA TYR H 817 65.99 99.19 50.60
C TYR H 817 67.36 98.67 50.22
N ALA H 818 67.42 97.63 49.39
CA ALA H 818 68.67 96.98 49.03
C ALA H 818 68.97 97.20 47.55
N THR H 819 70.05 97.94 47.28
CA THR H 819 70.52 98.15 45.91
C THR H 819 72.03 97.96 45.86
N GLU H 820 72.57 98.00 44.65
CA GLU H 820 74.00 97.82 44.45
C GLU H 820 74.78 99.03 44.94
N THR H 821 75.93 98.78 45.59
CA THR H 821 76.81 99.83 46.05
C THR H 821 78.20 99.60 45.49
N THR H 822 78.92 100.70 45.23
CA THR H 822 80.14 100.66 44.45
C THR H 822 81.30 101.25 45.23
N ILE H 823 82.45 100.57 45.18
CA ILE H 823 83.70 101.08 45.72
C ILE H 823 84.46 101.78 44.61
N PHE H 824 84.90 103.01 44.86
CA PHE H 824 85.64 103.78 43.88
C PHE H 824 86.90 104.36 44.51
N TYR H 825 87.99 104.32 43.76
CA TYR H 825 89.26 104.93 44.15
C TYR H 825 89.62 106.00 43.14
N LEU H 826 90.08 107.15 43.64
CA LEU H 826 90.39 108.30 42.81
C LEU H 826 91.89 108.59 42.87
N ILE H 827 92.50 108.77 41.71
CA ILE H 827 93.90 109.13 41.59
C ILE H 827 93.97 110.53 40.99
N TYR H 828 94.57 111.46 41.74
CA TYR H 828 94.64 112.85 41.32
C TYR H 828 95.85 113.04 40.40
N ASN H 829 95.59 113.46 39.17
CA ASN H 829 96.64 113.72 38.19
C ASN H 829 96.82 115.22 38.04
N VAL H 830 98.07 115.68 38.13
CA VAL H 830 98.40 117.10 38.10
C VAL H 830 99.44 117.34 37.02
N GLU H 831 99.26 118.44 36.28
CA GLU H 831 100.19 118.86 35.26
C GLU H 831 100.81 120.20 35.64
N PHE H 832 101.93 120.52 35.00
CA PHE H 832 102.66 121.73 35.32
C PHE H 832 101.91 123.00 34.92
N SER H 833 100.86 122.90 34.11
CA SER H 833 100.07 124.05 33.73
C SER H 833 99.03 124.43 34.78
N ASN H 834 98.91 123.66 35.85
CA ASN H 834 97.89 123.92 36.86
C ASN H 834 98.33 125.04 37.79
N THR H 835 97.46 126.01 37.99
CA THR H 835 97.71 127.05 38.97
C THR H 835 97.56 126.50 40.38
N PRO H 836 98.17 127.15 41.38
CA PRO H 836 98.06 126.63 42.75
C PRO H 836 96.64 126.54 43.26
N ASP H 837 95.74 127.41 42.80
CA ASP H 837 94.35 127.41 43.21
C ASP H 837 93.42 127.01 42.06
N SER H 838 93.88 126.07 41.22
CA SER H 838 93.09 125.66 40.07
C SER H 838 91.91 124.77 40.45
N LEU H 839 92.01 124.05 41.56
CA LEU H 839 91.01 123.06 41.94
C LEU H 839 89.96 123.62 42.89
N VAL H 840 89.97 124.92 43.16
CA VAL H 840 89.02 125.53 44.08
C VAL H 840 87.70 125.75 43.35
N LEU H 841 86.62 125.20 43.89
CA LEU H 841 85.29 125.39 43.33
C LEU H 841 84.55 126.48 44.07
N ILE H 842 83.62 127.12 43.37
CA ILE H 842 82.83 128.20 43.97
C ILE H 842 81.97 127.66 45.11
N ASN H 843 81.32 126.52 44.88
CA ASN H 843 80.47 125.91 45.88
C ASN H 843 80.92 124.49 46.16
N PRO H 844 80.80 124.02 47.41
CA PRO H 844 81.26 122.67 47.75
C PRO H 844 80.43 121.60 47.08
N THR H 845 81.07 120.47 46.79
CA THR H 845 80.42 119.29 46.26
C THR H 845 80.57 118.16 47.27
N TYR H 846 79.47 117.46 47.54
CA TYR H 846 79.41 116.49 48.62
C TYR H 846 79.33 115.06 48.08
N THR H 847 79.68 114.12 48.96
CA THR H 847 79.53 112.69 48.71
C THR H 847 78.81 112.09 49.92
N MET H 848 78.13 110.96 49.67
CA MET H 848 77.18 110.44 50.65
C MET H 848 77.58 109.08 51.20
N THR H 849 77.83 108.09 50.35
CA THR H 849 77.94 106.69 50.78
C THR H 849 79.31 106.39 51.33
N LYS H 850 79.35 105.72 52.48
CA LYS H 850 80.56 105.20 53.10
C LYS H 850 80.32 103.76 53.53
N VAL H 851 81.40 102.99 53.65
CA VAL H 851 81.28 101.57 53.95
C VAL H 851 82.59 101.09 54.56
N PHE H 852 82.48 100.09 55.44
CA PHE H 852 83.62 99.49 56.13
C PHE H 852 83.57 97.98 55.91
N ILE H 853 84.72 97.40 55.53
CA ILE H 853 84.75 95.98 55.16
C ILE H 853 85.77 95.26 56.02
N ASN H 854 86.62 96.02 56.71
CA ASN H 854 87.63 95.46 57.62
C ASN H 854 88.64 94.57 56.91
N LYS H 855 88.89 94.83 55.62
CA LYS H 855 89.90 94.09 54.89
C LYS H 855 90.65 95.05 53.97
N ARG H 856 91.99 94.92 53.96
CA ARG H 856 92.84 95.82 53.18
C ARG H 856 92.89 95.35 51.72
N ILE H 857 91.80 95.63 51.01
CA ILE H 857 91.72 95.25 49.60
C ILE H 857 92.70 96.07 48.78
N VAL H 858 92.86 97.34 49.12
CA VAL H 858 93.79 98.24 48.43
C VAL H 858 94.68 98.88 49.48
N GLU H 859 96.00 98.83 49.26
CA GLU H 859 96.96 99.35 50.20
C GLU H 859 97.87 100.35 49.50
N ARG H 860 98.29 101.37 50.23
CA ARG H 860 99.35 102.27 49.78
C ARG H 860 100.66 101.78 50.39
N VAL H 861 101.59 101.37 49.53
CA VAL H 861 102.81 100.70 49.95
C VAL H 861 104.00 101.39 49.28
N ARG H 862 105.04 101.64 50.07
CA ARG H 862 106.26 102.21 49.53
C ARG H 862 106.99 101.18 48.67
N VAL H 863 107.89 101.67 47.83
CA VAL H 863 108.64 100.80 46.92
C VAL H 863 109.50 99.81 47.69
N GLY H 864 109.92 100.18 48.90
CA GLY H 864 110.77 99.30 49.69
C GLY H 864 110.05 98.08 50.25
N GLN H 865 108.72 98.14 50.36
CA GLN H 865 107.95 97.06 50.96
C GLN H 865 107.12 96.31 49.92
N ILE H 866 107.42 96.45 48.64
CA ILE H 866 106.65 95.78 47.59
C ILE H 866 106.80 94.27 47.69
N LEU H 867 108.03 93.79 47.90
CA LEU H 867 108.33 92.36 47.84
C LEU H 867 108.03 91.65 49.15
N ALA H 868 107.55 92.34 50.18
CA ALA H 868 107.23 91.70 51.45
C ALA H 868 106.04 90.76 51.37
N VAL H 869 105.28 90.80 50.28
CA VAL H 869 104.09 89.96 50.15
C VAL H 869 104.44 88.47 50.06
N LEU H 870 105.66 88.15 49.64
CA LEU H 870 106.06 86.75 49.44
C LEU H 870 106.23 86.08 50.81
N ASN H 871 105.18 85.40 51.26
CA ASN H 871 105.24 84.70 52.55
C ASN H 871 104.63 83.30 52.52
N ARG H 872 103.95 82.90 51.46
CA ARG H 872 103.33 81.58 51.39
C ARG H 872 104.33 80.54 50.89
N ARG H 873 104.13 79.31 51.34
CA ARG H 873 104.99 78.19 50.97
C ARG H 873 104.33 77.39 49.85
N PHE H 874 105.10 77.12 48.80
CA PHE H 874 104.62 76.38 47.64
C PHE H 874 105.50 75.16 47.39
N VAL H 875 104.88 74.09 46.92
CA VAL H 875 105.57 72.85 46.59
C VAL H 875 105.19 72.47 45.16
N ALA H 876 106.19 72.05 44.38
CA ALA H 876 105.98 71.68 42.99
C ALA H 876 106.77 70.42 42.67
N TYR H 877 106.38 69.78 41.57
CA TYR H 877 107.02 68.55 41.11
C TYR H 877 108.08 68.89 40.06
N LYS H 878 108.61 67.86 39.41
CA LYS H 878 109.63 68.03 38.40
C LYS H 878 109.19 67.39 37.09
N GLY H 879 109.93 67.70 36.02
CA GLY H 879 109.63 67.12 34.72
C GLY H 879 109.83 65.62 34.70
N LYS H 880 110.81 65.11 35.44
CA LYS H 880 111.04 63.66 35.50
C LYS H 880 109.84 62.94 36.12
N MET H 881 109.24 63.53 37.14
CA MET H 881 108.01 62.99 37.70
C MET H 881 106.85 63.15 36.73
N ARG H 882 106.03 62.11 36.63
CA ARG H 882 104.82 62.14 35.81
C ARG H 882 103.62 61.86 36.71
N ILE H 883 102.57 62.66 36.55
CA ILE H 883 101.36 62.54 37.34
C ILE H 883 100.20 62.21 36.41
N MET H 884 99.44 61.18 36.76
CA MET H 884 98.32 60.74 35.94
C MET H 884 97.22 60.22 36.87
N ASP H 885 96.00 60.20 36.34
CA ASP H 885 94.83 59.82 37.12
C ASP H 885 94.57 58.34 36.94
N ILE H 886 94.50 57.61 38.05
CA ILE H 886 94.20 56.18 38.02
C ILE H 886 92.77 55.92 37.58
N THR H 887 91.89 56.92 37.73
CA THR H 887 90.47 56.72 37.40
C THR H 887 90.29 56.34 35.93
N GLN H 888 91.06 56.95 35.04
CA GLN H 888 90.98 56.57 33.63
C GLN H 888 91.46 55.15 33.40
N SER H 889 92.33 54.68 34.29
CA SER H 889 92.90 53.31 34.16
C SER H 889 91.83 52.28 34.55
N LEU H 890 91.03 52.57 35.57
CA LEU H 890 89.93 51.64 35.90
C LEU H 890 88.75 51.92 34.96
N LYS H 891 89.04 52.04 33.66
CA LYS H 891 87.96 52.25 32.66
C LYS H 891 86.99 51.07 32.73
N MET H 892 87.52 49.84 32.62
CA MET H 892 86.67 48.63 32.71
C MET H 892 87.38 47.59 33.58
N GLY H 893 86.63 46.66 34.17
CA GLY H 893 87.25 45.62 35.02
C GLY H 893 87.61 44.39 34.21
N THR H 894 88.89 44.26 33.86
CA THR H 894 89.33 43.10 33.03
C THR H 894 90.54 42.42 33.67
N LYS H 895 91.09 42.95 34.76
CA LYS H 895 92.34 42.37 35.33
C LYS H 895 92.14 41.88 36.76
N LEU H 896 92.33 40.58 37.02
CA LEU H 896 92.26 40.06 38.42
C LEU H 896 93.50 40.55 39.16
N ALA H 897 93.45 40.64 40.50
CA ALA H 897 94.60 41.25 41.20
C ALA H 897 95.10 40.42 42.37
N ALA H 898 95.72 39.26 42.10
CA ALA H 898 96.28 38.37 43.15
C ALA H 898 95.17 37.76 44.01
N PRO H 899 95.41 36.66 44.75
CA PRO H 899 94.41 36.08 45.63
C PRO H 899 94.07 37.05 46.78
N THR H 900 92.81 37.09 47.20
CA THR H 900 92.39 37.99 48.30
C THR H 900 93.13 37.58 49.58
N VAL H 901 93.27 36.28 49.82
CA VAL H 901 93.99 35.77 51.02
C VAL H 901 94.17 36.91 52.03
N ALA I 4 34.26 46.54 5.45
CA ALA I 4 35.41 46.06 4.70
C ALA I 4 35.57 46.87 3.41
N MET I 5 36.26 48.00 3.53
CA MET I 5 36.46 48.93 2.41
C MET I 5 37.93 48.98 2.03
N LEU I 6 38.21 48.90 0.73
CA LEU I 6 39.55 48.71 0.21
C LEU I 6 39.92 49.85 -0.74
N LEU I 7 41.20 50.20 -0.76
CA LEU I 7 41.74 51.19 -1.69
C LEU I 7 42.74 50.52 -2.61
N ALA I 8 42.63 50.78 -3.90
CA ALA I 8 43.44 50.11 -4.91
C ALA I 8 43.79 51.10 -6.01
N PRO I 9 44.85 50.84 -6.77
CA PRO I 9 45.17 51.69 -7.93
C PRO I 9 44.04 51.68 -8.95
N GLY I 10 43.88 52.81 -9.64
CA GLY I 10 42.77 52.97 -10.54
C GLY I 10 42.80 52.04 -11.73
N ASP I 11 43.99 51.74 -12.25
CA ASP I 11 44.09 50.83 -13.38
C ASP I 11 43.64 49.41 -13.01
N VAL I 12 43.87 48.99 -11.77
CA VAL I 12 43.46 47.65 -11.35
C VAL I 12 41.94 47.53 -11.39
N ILE I 13 41.24 48.51 -10.81
CA ILE I 13 39.79 48.48 -10.83
C ILE I 13 39.26 48.68 -12.25
N LYS I 14 39.98 49.46 -13.06
CA LYS I 14 39.59 49.62 -14.46
C LYS I 14 39.65 48.29 -15.19
N ARG I 15 40.69 47.50 -14.95
CA ARG I 15 40.85 46.21 -15.61
C ARG I 15 39.93 45.14 -15.04
N SER I 16 39.51 45.27 -13.77
CA SER I 16 38.70 44.23 -13.13
C SER I 16 37.27 44.70 -12.87
N SER I 17 36.82 45.76 -13.53
CA SER I 17 35.45 46.25 -13.36
C SER I 17 34.43 45.17 -13.67
N GLU I 18 34.67 44.36 -14.70
CA GLU I 18 33.70 43.33 -15.06
C GLU I 18 33.53 42.31 -13.93
N GLU I 19 34.64 41.82 -13.38
CA GLU I 19 34.56 40.88 -12.28
C GLU I 19 33.95 41.52 -11.04
N LEU I 20 34.29 42.78 -10.78
CA LEU I 20 33.74 43.47 -9.62
C LEU I 20 32.23 43.63 -9.73
N LYS I 21 31.75 43.96 -10.93
CA LYS I 21 30.31 44.03 -11.16
C LYS I 21 29.66 42.67 -11.02
N GLN I 22 30.31 41.63 -11.53
CA GLN I 22 29.77 40.27 -11.43
C GLN I 22 29.68 39.81 -9.99
N ARG I 23 30.57 40.29 -9.12
CA ARG I 23 30.57 39.91 -7.71
C ARG I 23 29.86 40.93 -6.82
N GLN I 24 29.25 41.95 -7.41
CA GLN I 24 28.33 42.88 -6.75
C GLN I 24 29.01 43.81 -5.76
N ILE I 25 30.29 44.15 -5.99
CA ILE I 25 30.93 45.21 -5.21
C ILE I 25 30.83 46.52 -6.00
N GLN I 26 30.31 47.56 -5.36
CA GLN I 26 30.05 48.82 -6.03
C GLN I 26 31.37 49.56 -6.29
N ILE I 27 31.47 50.20 -7.44
CA ILE I 27 32.70 50.81 -7.93
C ILE I 27 32.59 52.33 -7.82
N ASN I 28 33.60 52.94 -7.19
CA ASN I 28 33.76 54.38 -7.14
C ASN I 28 35.13 54.71 -7.70
N LEU I 29 35.16 55.29 -8.90
CA LEU I 29 36.42 55.54 -9.60
C LEU I 29 36.40 56.95 -10.17
N ILE I 30 37.57 57.57 -10.20
CA ILE I 30 37.76 58.90 -10.79
C ILE I 30 38.76 58.77 -11.92
N ASP I 31 38.36 59.25 -13.11
CA ASP I 31 39.22 59.19 -14.27
C ASP I 31 40.15 60.40 -14.33
N TRP I 32 41.19 60.28 -15.14
CA TRP I 32 42.20 61.32 -15.25
C TRP I 32 42.61 61.65 -16.68
N THR I 33 42.06 60.96 -17.68
CA THR I 33 42.42 61.18 -19.09
C THR I 33 43.93 61.06 -19.31
N GLY I 130 26.14 45.29 -32.92
CA GLY I 130 24.70 45.09 -33.01
C GLY I 130 24.20 43.96 -32.12
N ARG I 131 23.09 44.20 -31.43
CA ARG I 131 22.50 43.22 -30.54
C ARG I 131 21.30 42.55 -31.21
N TRP I 132 20.82 41.48 -30.57
CA TRP I 132 19.70 40.71 -31.07
C TRP I 132 18.51 40.86 -30.12
N VAL I 133 17.32 40.53 -30.64
CA VAL I 133 16.07 40.72 -29.92
C VAL I 133 15.22 39.46 -30.05
N VAL I 134 14.32 39.28 -29.08
CA VAL I 134 13.46 38.11 -28.99
C VAL I 134 12.08 38.49 -29.55
N LEU I 135 11.41 37.49 -30.13
CA LEU I 135 10.12 37.73 -30.79
C LEU I 135 9.09 38.31 -29.82
N THR I 136 8.98 37.75 -28.62
CA THR I 136 7.97 38.16 -27.67
C THR I 136 8.59 38.37 -26.30
N GLU I 137 7.92 39.18 -25.48
CA GLU I 137 8.48 39.57 -24.19
C GLU I 137 8.53 38.41 -23.21
N GLU I 138 7.66 37.42 -23.36
CA GLU I 138 7.60 36.33 -22.40
C GLU I 138 8.87 35.49 -22.44
N ILE I 139 9.35 35.16 -23.64
CA ILE I 139 10.57 34.38 -23.77
C ILE I 139 11.77 35.15 -23.21
N ALA I 140 11.84 36.45 -23.50
CA ALA I 140 12.92 37.27 -22.97
C ALA I 140 12.88 37.32 -21.45
N ARG I 141 11.68 37.45 -20.88
CA ARG I 141 11.56 37.47 -19.43
C ARG I 141 11.99 36.13 -18.83
N ALA I 142 11.60 35.02 -19.46
CA ALA I 142 11.98 33.70 -18.96
C ALA I 142 13.50 33.51 -19.01
N ILE I 143 14.12 33.90 -20.13
CA ILE I 143 15.56 33.71 -20.26
C ILE I 143 16.32 34.64 -19.30
N GLU I 144 15.79 35.85 -19.07
CA GLU I 144 16.40 36.76 -18.10
C GLU I 144 16.28 36.20 -16.69
N SER I 145 15.14 35.60 -16.35
CA SER I 145 15.01 34.97 -15.04
C SER I 145 15.95 33.79 -14.89
N LYS I 146 16.13 33.02 -15.97
CA LYS I 146 16.95 31.82 -15.87
C LYS I 146 18.44 32.16 -15.78
N TYR I 147 18.90 33.14 -16.56
CA TYR I 147 20.33 33.41 -16.66
C TYR I 147 20.73 34.79 -16.17
N GLY I 148 19.80 35.65 -15.78
CA GLY I 148 20.16 36.98 -15.34
C GLY I 148 20.69 37.88 -16.44
N THR I 149 20.30 37.62 -17.68
CA THR I 149 20.77 38.39 -18.83
C THR I 149 19.63 39.22 -19.39
N LYS I 150 19.84 40.52 -19.47
CA LYS I 150 18.83 41.42 -20.05
C LYS I 150 18.74 41.21 -21.56
N ILE I 151 17.52 41.12 -22.06
CA ILE I 151 17.27 40.89 -23.47
C ILE I 151 16.24 41.89 -23.97
N ASP I 152 16.48 42.44 -25.15
CA ASP I 152 15.58 43.40 -25.76
C ASP I 152 14.49 42.69 -26.57
N VAL I 153 13.47 43.46 -26.95
CA VAL I 153 12.28 42.93 -27.63
C VAL I 153 12.18 43.57 -29.00
N TYR I 154 11.86 42.75 -30.00
CA TYR I 154 11.73 43.23 -31.37
C TYR I 154 10.44 44.05 -31.51
N ARG I 155 10.57 45.25 -32.08
CA ARG I 155 9.44 46.18 -32.19
C ARG I 155 9.40 46.84 -33.56
N ASP I 156 9.62 46.05 -34.62
CA ASP I 156 9.47 46.53 -36.01
C ASP I 156 10.30 47.77 -36.28
N GLU I 157 11.53 47.79 -35.77
CA GLU I 157 12.34 49.01 -35.84
C GLU I 157 13.02 49.16 -37.19
N VAL I 158 13.94 48.26 -37.52
CA VAL I 158 14.79 48.35 -38.71
C VAL I 158 15.13 46.93 -39.15
N PRO I 159 15.74 46.74 -40.34
CA PRO I 159 16.31 45.42 -40.64
C PRO I 159 17.34 45.03 -39.60
N ALA I 160 17.03 44.00 -38.82
CA ALA I 160 17.86 43.61 -37.68
C ALA I 160 18.06 42.10 -37.70
N GLN I 161 18.66 41.59 -36.63
CA GLN I 161 18.94 40.17 -36.48
C GLN I 161 18.07 39.61 -35.36
N ILE I 162 17.33 38.56 -35.67
CA ILE I 162 16.33 38.01 -34.76
C ILE I 162 16.80 36.66 -34.26
N ILE I 163 16.56 36.39 -32.98
CA ILE I 163 16.87 35.12 -32.37
C ILE I 163 15.59 34.29 -32.34
N GLU I 164 15.64 33.09 -32.90
CA GLU I 164 14.47 32.21 -32.97
C GLU I 164 14.73 31.03 -32.05
N VAL I 165 14.16 31.08 -30.85
CA VAL I 165 14.30 29.98 -29.91
C VAL I 165 13.53 28.77 -30.43
N GLU I 166 14.20 27.62 -30.43
CA GLU I 166 13.70 26.42 -31.09
C GLU I 166 13.10 25.45 -30.06
N ARG I 167 12.33 24.48 -30.58
CA ARG I 167 11.64 23.49 -29.76
C ARG I 167 12.52 22.90 -28.67
N SER I 168 13.80 22.65 -28.98
CA SER I 168 14.71 22.09 -27.99
C SER I 168 14.87 23.01 -26.78
N LEU I 169 15.21 24.28 -27.03
CA LEU I 169 15.30 25.24 -25.94
C LEU I 169 13.94 25.57 -25.36
N GLN I 170 12.87 25.45 -26.16
CA GLN I 170 11.52 25.63 -25.64
C GLN I 170 11.22 24.62 -24.55
N LYS I 171 11.62 23.36 -24.76
CA LYS I 171 11.44 22.34 -23.73
C LYS I 171 12.45 22.51 -22.61
N GLU I 172 13.67 22.94 -22.94
CA GLU I 172 14.72 23.09 -21.92
C GLU I 172 14.35 24.17 -20.91
N LEU I 173 13.78 25.28 -21.38
CA LEU I 173 13.44 26.40 -20.52
C LEU I 173 12.11 26.24 -19.82
N GLY I 174 11.40 25.15 -20.06
CA GLY I 174 10.09 24.95 -19.46
C GLY I 174 9.05 25.96 -19.92
N ILE I 175 9.05 26.29 -21.20
CA ILE I 175 8.13 27.27 -21.75
C ILE I 175 6.78 26.64 -21.96
N SER I 176 5.72 27.36 -21.63
CA SER I 176 4.36 26.83 -21.73
C SER I 176 3.95 26.76 -23.21
N ARG I 177 2.79 26.12 -23.43
CA ARG I 177 2.27 25.97 -24.79
C ARG I 177 1.91 27.32 -25.40
N GLU I 178 1.35 28.24 -24.59
CA GLU I 178 0.96 29.54 -25.10
C GLU I 178 2.17 30.34 -25.57
N GLY I 179 3.30 30.21 -24.87
CA GLY I 179 4.50 30.90 -25.31
C GLY I 179 4.97 30.42 -26.68
N VAL I 180 4.95 29.11 -26.90
CA VAL I 180 5.31 28.56 -28.20
C VAL I 180 4.33 29.04 -29.26
N ALA I 181 3.04 29.03 -28.94
CA ALA I 181 2.03 29.47 -29.90
C ALA I 181 2.24 30.91 -30.31
N GLU I 182 2.49 31.79 -29.34
CA GLU I 182 2.69 33.21 -29.68
C GLU I 182 4.00 33.43 -30.40
N GLN I 183 5.04 32.65 -30.05
CA GLN I 183 6.30 32.73 -30.79
C GLN I 183 6.10 32.40 -32.25
N THR I 184 5.44 31.28 -32.53
CA THR I 184 5.24 30.90 -33.92
C THR I 184 4.22 31.80 -34.64
N GLU I 185 3.29 32.42 -33.89
CA GLU I 185 2.42 33.42 -34.51
C GLU I 185 3.24 34.63 -34.97
N ARG I 186 4.13 35.12 -34.11
CA ARG I 186 5.01 36.22 -34.51
C ARG I 186 5.91 35.80 -35.67
N LEU I 187 6.34 34.53 -35.67
CA LEU I 187 7.13 34.03 -36.78
C LEU I 187 6.34 34.08 -38.09
N ARG I 188 5.07 33.66 -38.06
CA ARG I 188 4.24 33.74 -39.25
C ARG I 188 4.07 35.19 -39.69
N ASP I 189 3.89 36.10 -38.74
CA ASP I 189 3.79 37.52 -39.08
C ASP I 189 5.05 38.00 -39.78
N LEU I 190 6.22 37.58 -39.30
CA LEU I 190 7.48 37.96 -39.95
C LEU I 190 7.58 37.35 -41.35
N ARG I 191 7.15 36.10 -41.51
CA ARG I 191 7.14 35.48 -42.83
C ARG I 191 6.31 36.31 -43.80
N ARG I 192 5.09 36.70 -43.38
CA ARG I 192 4.24 37.52 -44.25
C ARG I 192 4.88 38.87 -44.54
N LYS I 193 5.48 39.49 -43.52
CA LYS I 193 6.07 40.81 -43.70
C LYS I 193 7.20 40.77 -44.72
N GLU I 194 8.07 39.77 -44.63
CA GLU I 194 9.19 39.74 -45.57
C GLU I 194 8.80 39.12 -46.91
N LYS I 195 7.67 38.41 -46.99
CA LYS I 195 7.17 37.98 -48.28
C LYS I 195 6.50 39.12 -49.04
N SER I 196 5.88 40.06 -48.31
CA SER I 196 5.27 41.23 -48.94
C SER I 196 6.33 42.30 -49.24
N GLY I 197 7.26 41.93 -50.11
CA GLY I 197 8.35 42.81 -50.49
C GLY I 197 7.95 43.86 -51.52
N ILE I 237 16.22 42.03 -42.57
CA ILE I 237 15.87 41.24 -41.38
C ILE I 237 16.36 39.81 -41.53
N THR I 238 17.16 39.36 -40.57
CA THR I 238 17.69 38.00 -40.56
C THR I 238 17.27 37.31 -39.27
N ILE I 239 16.86 36.05 -39.39
CA ILE I 239 16.44 35.24 -38.25
C ILE I 239 17.36 34.04 -38.14
N GLU I 240 17.75 33.72 -36.91
CA GLU I 240 18.62 32.59 -36.63
C GLU I 240 17.90 31.62 -35.71
N GLY I 241 17.81 30.35 -36.13
CA GLY I 241 17.15 29.34 -35.34
C GLY I 241 18.10 28.62 -34.40
N VAL I 242 18.60 29.33 -33.38
CA VAL I 242 19.51 28.72 -32.43
C VAL I 242 18.77 27.63 -31.66
N MET I 243 19.38 26.45 -31.61
CA MET I 243 18.74 25.27 -31.03
C MET I 243 19.68 24.41 -30.19
N SER I 244 20.84 24.93 -29.78
CA SER I 244 21.70 24.29 -28.80
C SER I 244 22.00 25.28 -27.68
N GLN I 245 22.15 24.76 -26.46
CA GLN I 245 22.37 25.61 -25.30
C GLN I 245 23.71 26.34 -25.41
N LYS I 246 24.75 25.61 -25.86
CA LYS I 246 26.09 26.19 -25.97
C LYS I 246 26.15 27.29 -27.01
N LYS I 247 25.40 27.16 -28.10
CA LYS I 247 25.37 28.23 -29.10
C LYS I 247 24.82 29.51 -28.48
N LEU I 248 23.75 29.41 -27.69
CA LEU I 248 23.19 30.59 -27.04
C LEU I 248 24.17 31.19 -26.04
N LEU I 249 24.84 30.35 -25.25
CA LEU I 249 25.82 30.88 -24.30
C LEU I 249 26.98 31.58 -24.99
N SER I 250 27.59 30.92 -25.97
CA SER I 250 28.72 31.51 -26.68
C SER I 250 28.33 32.71 -27.51
N MET I 251 27.04 32.85 -27.83
CA MET I 251 26.59 33.98 -28.64
C MET I 251 26.43 35.23 -27.78
N ILE I 252 25.47 35.21 -26.84
CA ILE I 252 25.20 36.33 -25.94
C ILE I 252 24.73 35.77 -24.61
N GLY I 253 24.94 36.53 -23.55
CA GLY I 253 24.41 36.21 -22.25
C GLY I 253 25.50 35.83 -21.26
N GLY I 254 25.05 35.62 -20.02
CA GLY I 254 25.93 35.25 -18.93
C GLY I 254 25.99 33.75 -18.71
N VAL I 255 27.13 33.30 -18.17
CA VAL I 255 27.34 31.87 -17.95
C VAL I 255 26.31 31.35 -16.94
N GLU I 256 25.98 30.06 -17.08
CA GLU I 256 24.96 29.43 -16.27
C GLU I 256 25.38 29.42 -14.79
N ARG I 257 24.46 28.97 -13.91
CA ARG I 257 24.75 29.06 -12.46
C ARG I 257 25.39 27.76 -11.93
N LYS I 258 26.30 27.87 -10.97
CA LYS I 258 26.94 26.68 -10.34
C LYS I 258 25.98 26.09 -9.31
N MET I 259 26.24 24.86 -8.84
CA MET I 259 25.29 24.19 -7.90
C MET I 259 25.86 24.19 -6.48
N ALA I 260 25.98 25.36 -5.84
CA ALA I 260 26.40 25.41 -4.44
C ALA I 260 25.29 26.06 -3.62
N PRO I 261 25.32 25.88 -2.30
CA PRO I 261 24.37 26.62 -1.45
C PRO I 261 24.58 28.12 -1.61
N ILE I 262 23.47 28.85 -1.61
CA ILE I 262 23.49 30.30 -1.85
C ILE I 262 23.58 31.01 -0.51
N GLY I 263 24.68 31.75 -0.32
CA GLY I 263 24.84 32.55 0.88
C GLY I 263 24.06 33.85 0.82
N ALA I 264 24.02 34.54 1.95
CA ALA I 264 23.32 35.82 2.02
C ALA I 264 24.00 36.87 1.15
N ARG I 265 25.32 36.79 1.02
CA ARG I 265 26.06 37.77 0.23
C ARG I 265 27.26 37.09 -0.42
N GLU I 266 27.59 37.54 -1.63
CA GLU I 266 28.69 36.92 -2.37
C GLU I 266 30.04 37.25 -1.73
N SER I 267 30.25 38.50 -1.33
CA SER I 267 31.51 38.94 -0.77
C SER I 267 31.27 39.76 0.49
N ALA I 268 32.27 39.78 1.36
CA ALA I 268 32.18 40.52 2.62
C ALA I 268 32.56 41.98 2.48
N VAL I 269 33.01 42.41 1.31
CA VAL I 269 33.39 43.81 1.08
C VAL I 269 32.27 44.51 0.33
N MET I 270 32.07 45.79 0.66
CA MET I 270 31.03 46.59 0.03
C MET I 270 31.57 47.56 -1.01
N LEU I 271 32.65 48.26 -0.71
CA LEU I 271 33.13 49.33 -1.57
C LEU I 271 34.63 49.24 -1.76
N VAL I 272 35.05 49.38 -3.00
CA VAL I 272 36.44 49.65 -3.34
C VAL I 272 36.49 50.95 -4.13
N SER I 273 37.31 51.89 -3.67
CA SER I 273 37.30 53.24 -4.21
C SER I 273 38.72 53.72 -4.46
N ASN I 274 38.83 54.86 -5.15
CA ASN I 274 40.10 55.49 -5.46
C ASN I 274 39.99 56.99 -5.26
N SER I 275 39.32 57.40 -4.19
CA SER I 275 39.09 58.81 -3.90
C SER I 275 39.72 59.19 -2.57
N ILE I 276 40.29 60.39 -2.51
CA ILE I 276 40.77 60.93 -1.26
C ILE I 276 39.61 61.43 -0.39
N LYS I 277 38.44 61.64 -1.00
CA LYS I 277 37.28 62.11 -0.25
C LYS I 277 36.77 61.11 0.76
N ASP I 278 37.09 59.83 0.59
CA ASP I 278 36.66 58.79 1.51
C ASP I 278 37.85 57.95 1.95
N VAL I 279 38.99 58.61 2.22
CA VAL I 279 40.14 57.89 2.75
C VAL I 279 39.88 57.41 4.18
N VAL I 280 39.15 58.20 4.98
CA VAL I 280 38.76 57.77 6.31
C VAL I 280 37.72 56.66 6.26
N ARG I 281 37.05 56.50 5.11
CA ARG I 281 36.06 55.43 4.96
C ARG I 281 36.71 54.06 4.93
N ALA I 282 37.94 53.97 4.43
CA ALA I 282 38.59 52.69 4.17
C ALA I 282 39.10 52.03 5.46
N THR I 283 39.13 50.70 5.43
CA THR I 283 39.73 49.91 6.49
C THR I 283 41.00 49.18 6.07
N ALA I 284 41.24 49.05 4.77
CA ALA I 284 42.44 48.42 4.26
C ALA I 284 42.70 48.96 2.86
N TYR I 285 43.92 48.74 2.37
CA TYR I 285 44.29 49.23 1.05
C TYR I 285 45.25 48.24 0.39
N PHE I 286 45.28 48.30 -0.94
CA PHE I 286 46.09 47.41 -1.76
C PHE I 286 46.98 48.23 -2.66
N THR I 287 48.22 47.77 -2.86
CA THR I 287 49.21 48.50 -3.64
C THR I 287 49.75 47.60 -4.74
N ALA I 288 50.29 48.24 -5.77
CA ALA I 288 50.85 47.55 -6.92
C ALA I 288 51.93 48.43 -7.53
N PRO I 289 52.88 47.84 -8.25
CA PRO I 289 53.91 48.66 -8.91
C PRO I 289 53.34 49.66 -9.91
N THR I 290 52.16 49.40 -10.45
CA THR I 290 51.50 50.34 -11.32
C THR I 290 51.16 51.64 -10.56
N GLY I 291 51.08 52.73 -11.31
CA GLY I 291 50.95 54.04 -10.71
C GLY I 291 49.80 54.84 -11.27
N ASP I 292 49.31 55.76 -10.44
CA ASP I 292 48.27 56.74 -10.76
C ASP I 292 48.76 58.13 -10.35
N PRO I 293 48.33 59.19 -11.05
CA PRO I 293 48.76 60.54 -10.66
C PRO I 293 48.33 60.94 -9.26
N HIS I 294 47.28 60.32 -8.71
CA HIS I 294 46.80 60.63 -7.37
C HIS I 294 47.09 59.53 -6.36
N TRP I 295 47.76 58.44 -6.76
CA TRP I 295 47.89 57.29 -5.87
C TRP I 295 48.91 57.54 -4.76
N LYS I 296 49.95 58.34 -5.03
CA LYS I 296 50.98 58.56 -4.02
C LYS I 296 50.41 59.31 -2.81
N GLU I 297 49.63 60.37 -3.08
CA GLU I 297 49.03 61.14 -2.00
C GLU I 297 48.04 60.30 -1.22
N VAL I 298 47.25 59.48 -1.91
CA VAL I 298 46.30 58.59 -1.23
C VAL I 298 47.03 57.58 -0.37
N ALA I 299 48.14 57.03 -0.87
CA ALA I 299 48.92 56.07 -0.09
C ALA I 299 49.48 56.74 1.17
N ARG I 300 50.00 57.97 1.04
CA ARG I 300 50.50 58.67 2.20
C ARG I 300 49.38 58.94 3.21
N GLU I 301 48.22 59.37 2.74
CA GLU I 301 47.11 59.67 3.64
C GLU I 301 46.48 58.43 4.25
N ALA I 302 46.66 57.26 3.64
CA ALA I 302 46.13 56.01 4.19
C ALA I 302 47.10 55.31 5.12
N SER I 303 48.41 55.44 4.87
CA SER I 303 49.39 54.86 5.77
C SER I 303 49.39 55.53 7.14
N LYS I 304 48.90 56.76 7.22
CA LYS I 304 48.85 57.48 8.50
C LYS I 304 47.83 56.91 9.47
N LYS I 305 46.95 56.01 9.01
CA LYS I 305 45.96 55.43 9.88
C LYS I 305 46.63 54.53 10.92
N LYS I 306 46.15 54.62 12.16
CA LYS I 306 46.76 53.86 13.25
C LYS I 306 46.60 52.36 13.06
N ASN I 307 45.40 51.92 12.67
CA ASN I 307 45.09 50.49 12.53
C ASN I 307 44.46 50.28 11.15
N ILE I 308 45.30 49.91 10.19
CA ILE I 308 44.84 49.64 8.82
C ILE I 308 45.62 48.45 8.28
N LEU I 309 44.93 47.57 7.57
CA LEU I 309 45.57 46.41 6.97
C LEU I 309 46.20 46.81 5.63
N ALA I 310 47.44 46.40 5.42
CA ALA I 310 48.19 46.74 4.22
C ALA I 310 48.59 45.47 3.49
N TYR I 311 48.29 45.41 2.19
CA TYR I 311 48.67 44.31 1.33
C TYR I 311 49.38 44.85 0.10
N THR I 312 50.43 44.16 -0.32
CA THR I 312 51.18 44.54 -1.51
C THR I 312 51.42 43.31 -2.38
N SER I 313 51.38 43.52 -3.70
CA SER I 313 51.63 42.46 -4.67
C SER I 313 52.95 42.74 -5.38
N THR I 314 53.80 41.71 -5.44
CA THR I 314 55.13 41.85 -6.04
C THR I 314 55.33 41.03 -7.30
N GLY I 315 54.71 39.85 -7.39
CA GLY I 315 54.88 38.98 -8.53
C GLY I 315 53.56 38.47 -9.07
N GLY I 316 53.66 37.65 -10.12
CA GLY I 316 52.47 37.09 -10.72
C GLY I 316 51.63 38.14 -11.43
N ASP I 317 50.33 37.91 -11.47
CA ASP I 317 49.39 38.81 -12.09
C ASP I 317 48.70 39.65 -11.03
N VAL I 318 48.64 40.97 -11.26
CA VAL I 318 48.05 41.88 -10.28
C VAL I 318 46.56 41.59 -10.10
N LYS I 319 45.86 41.39 -11.22
CA LYS I 319 44.41 41.19 -11.15
C LYS I 319 44.06 39.90 -10.41
N THR I 320 44.81 38.82 -10.67
CA THR I 320 44.54 37.56 -9.99
C THR I 320 44.75 37.69 -8.48
N GLU I 321 45.84 38.36 -8.08
CA GLU I 321 46.09 38.58 -6.66
C GLU I 321 45.00 39.42 -6.03
N PHE I 322 44.55 40.47 -6.73
CA PHE I 322 43.50 41.32 -6.21
C PHE I 322 42.19 40.55 -6.04
N LEU I 323 41.86 39.70 -7.02
CA LEU I 323 40.64 38.91 -6.92
C LEU I 323 40.73 37.89 -5.79
N HIS I 324 41.89 37.24 -5.62
CA HIS I 324 42.04 36.31 -4.52
C HIS I 324 41.91 37.02 -3.18
N LEU I 325 42.50 38.22 -3.06
CA LEU I 325 42.38 38.99 -1.82
C LEU I 325 40.93 39.36 -1.56
N ILE I 326 40.21 39.84 -2.57
CA ILE I 326 38.83 40.25 -2.37
C ILE I 326 37.96 39.05 -2.07
N ASP I 327 38.36 37.85 -2.52
CA ASP I 327 37.62 36.64 -2.16
C ASP I 327 37.87 36.26 -0.71
N HIS I 328 39.13 36.30 -0.27
CA HIS I 328 39.45 35.82 1.07
C HIS I 328 39.26 36.89 2.15
N LEU I 329 39.15 38.16 1.79
CA LEU I 329 38.97 39.21 2.78
C LEU I 329 37.53 39.23 3.28
N SER J 24 -41.19 36.75 -15.31
CA SER J 24 -40.05 37.17 -14.51
C SER J 24 -40.50 37.67 -13.14
N SER J 25 -41.43 38.62 -13.14
CA SER J 25 -41.92 39.19 -11.91
C SER J 25 -43.00 38.31 -11.29
N ASP J 26 -43.14 38.42 -9.97
CA ASP J 26 -44.18 37.72 -9.24
C ASP J 26 -44.75 38.63 -8.17
N SER J 27 -45.95 38.28 -7.69
CA SER J 27 -46.63 39.05 -6.67
C SER J 27 -47.59 38.13 -5.94
N GLY J 28 -48.06 38.59 -4.78
CA GLY J 28 -49.02 37.86 -4.00
C GLY J 28 -50.28 37.48 -4.76
N PRO J 29 -51.00 38.49 -5.26
CA PRO J 29 -52.23 38.19 -6.03
C PRO J 29 -52.00 37.33 -7.26
N LEU J 30 -50.88 37.54 -7.98
CA LEU J 30 -50.65 36.77 -9.20
C LEU J 30 -50.41 35.30 -8.89
N LEU J 31 -49.55 35.02 -7.92
CA LEU J 31 -49.33 33.64 -7.51
C LEU J 31 -50.59 33.02 -6.93
N SER J 32 -51.41 33.82 -6.24
CA SER J 32 -52.68 33.31 -5.74
C SER J 32 -53.60 32.90 -6.88
N VAL J 33 -53.69 33.73 -7.92
CA VAL J 33 -54.52 33.39 -9.07
C VAL J 33 -54.00 32.14 -9.75
N PHE J 34 -52.68 32.01 -9.86
CA PHE J 34 -52.10 30.80 -10.44
C PHE J 34 -52.46 29.58 -9.61
N ALA J 35 -52.41 29.69 -8.28
CA ALA J 35 -52.75 28.57 -7.41
C ALA J 35 -54.22 28.18 -7.56
N LEU J 36 -55.11 29.18 -7.64
CA LEU J 36 -56.51 28.87 -7.89
C LEU J 36 -56.70 28.15 -9.22
N GLN J 37 -56.01 28.62 -10.26
CA GLN J 37 -56.15 27.99 -11.57
C GLN J 37 -55.70 26.53 -11.50
N GLU J 38 -54.56 26.27 -10.87
CA GLU J 38 -54.05 24.90 -10.80
C GLU J 38 -54.99 24.01 -9.99
N ILE J 39 -55.41 24.46 -8.81
CA ILE J 39 -56.26 23.65 -7.95
C ILE J 39 -57.61 23.39 -8.61
N MET J 40 -58.20 24.42 -9.21
CA MET J 40 -59.49 24.26 -9.88
C MET J 40 -59.38 23.31 -11.07
N GLN J 41 -58.32 23.43 -11.86
CA GLN J 41 -58.14 22.51 -12.98
C GLN J 41 -57.96 21.08 -12.49
N LYS J 42 -57.28 20.89 -11.36
CA LYS J 42 -57.13 19.55 -10.80
C LYS J 42 -58.47 19.00 -10.34
N VAL J 43 -59.29 19.83 -9.68
CA VAL J 43 -60.52 19.33 -9.07
C VAL J 43 -61.65 19.18 -10.07
N ARG J 44 -61.62 19.90 -11.18
CA ARG J 44 -62.69 19.80 -12.19
C ARG J 44 -62.68 18.46 -12.93
N GLN J 45 -61.64 17.64 -12.75
CA GLN J 45 -61.55 16.40 -13.50
C GLN J 45 -62.68 15.43 -13.17
N VAL J 46 -63.30 15.53 -12.00
CA VAL J 46 -64.40 14.67 -11.60
C VAL J 46 -65.55 15.53 -11.12
N GLN J 47 -66.71 15.38 -11.76
CA GLN J 47 -67.93 16.08 -11.39
C GLN J 47 -69.13 15.18 -11.64
N ALA J 48 -70.25 15.52 -11.02
CA ALA J 48 -71.45 14.69 -11.08
C ALA J 48 -72.65 15.55 -11.46
N ASP J 49 -73.78 14.87 -11.63
CA ASP J 49 -75.11 15.46 -11.85
C ASP J 49 -75.27 16.06 -13.24
N TYR J 50 -74.18 16.12 -14.00
CA TYR J 50 -74.18 16.53 -15.41
C TYR J 50 -75.09 17.75 -15.64
N MET J 51 -74.76 18.84 -14.97
CA MET J 51 -75.55 20.06 -15.10
C MET J 51 -75.06 20.90 -16.28
N PHE J 59 -67.24 27.86 -16.05
CA PHE J 59 -66.48 28.05 -14.83
C PHE J 59 -65.96 29.48 -14.74
N THR J 60 -65.39 29.85 -13.60
CA THR J 60 -64.82 31.17 -13.41
C THR J 60 -63.74 31.12 -12.34
N VAL J 61 -62.70 31.91 -12.53
CA VAL J 61 -61.64 32.08 -11.54
C VAL J 61 -61.78 33.48 -10.94
N PRO J 62 -62.16 33.60 -9.67
CA PRO J 62 -62.39 34.95 -9.11
C PRO J 62 -61.12 35.77 -9.07
N ASP J 63 -61.30 37.09 -9.25
CA ASP J 63 -60.19 38.03 -9.20
C ASP J 63 -59.87 38.34 -7.76
N VAL J 64 -58.68 37.92 -7.31
CA VAL J 64 -58.30 38.15 -5.92
C VAL J 64 -58.15 39.63 -5.62
N GLN J 65 -57.86 40.45 -6.63
CA GLN J 65 -57.80 41.89 -6.42
C GLN J 65 -59.12 42.43 -5.92
N LYS J 66 -60.22 42.03 -6.58
CA LYS J 66 -61.54 42.49 -6.16
C LYS J 66 -61.89 42.00 -4.76
N ILE J 67 -61.55 40.75 -4.44
CA ILE J 67 -61.85 40.21 -3.13
C ILE J 67 -61.08 40.97 -2.05
N LEU J 68 -59.80 41.22 -2.29
CA LEU J 68 -58.99 41.96 -1.32
C LEU J 68 -59.51 43.38 -1.14
N ASP J 69 -59.85 44.04 -2.25
CA ASP J 69 -60.37 45.40 -2.15
C ASP J 69 -61.69 45.43 -1.37
N ASP J 70 -62.58 44.48 -1.65
CA ASP J 70 -63.86 44.44 -0.95
C ASP J 70 -63.68 44.17 0.53
N ILE J 71 -62.79 43.22 0.89
CA ILE J 71 -62.60 42.91 2.30
C ILE J 71 -61.94 44.07 3.03
N LYS J 72 -61.00 44.76 2.37
CA LYS J 72 -60.39 45.93 2.99
C LYS J 72 -61.41 47.05 3.19
N ALA J 73 -62.27 47.27 2.20
CA ALA J 73 -63.32 48.28 2.36
C ALA J 73 -64.27 47.92 3.48
N LEU J 74 -64.64 46.64 3.58
CA LEU J 74 -65.53 46.21 4.66
C LEU J 74 -64.86 46.39 6.02
N ALA J 75 -63.57 46.10 6.12
CA ALA J 75 -62.85 46.36 7.37
C ALA J 75 -62.83 47.84 7.69
N ALA J 76 -62.69 48.68 6.66
CA ALA J 76 -62.68 50.12 6.87
C ALA J 76 -64.06 50.68 7.20
N GLU J 77 -65.13 49.91 7.03
CA GLU J 77 -66.47 50.40 7.32
C GLU J 77 -66.68 50.58 8.81
N GLN J 78 -67.58 51.49 9.16
CA GLN J 78 -67.94 51.78 10.54
C GLN J 78 -69.35 51.27 10.81
N VAL J 79 -69.49 50.44 11.85
CA VAL J 79 -70.82 49.94 12.21
C VAL J 79 -71.70 51.09 12.69
N TYR J 80 -71.17 51.98 13.51
CA TYR J 80 -71.91 53.10 14.04
C TYR J 80 -71.88 54.26 13.04
N LYS J 81 -72.38 55.42 13.46
CA LYS J 81 -72.29 56.62 12.66
C LYS J 81 -72.39 57.83 13.58
N ILE J 82 -71.68 58.90 13.22
CA ILE J 82 -71.62 60.11 14.03
C ILE J 82 -72.58 61.14 13.44
N VAL J 83 -73.48 61.64 14.28
CA VAL J 83 -74.46 62.64 13.87
C VAL J 83 -74.49 63.76 14.90
N LYS J 84 -74.92 64.94 14.44
CA LYS J 84 -75.09 66.08 15.32
C LYS J 84 -76.48 66.14 15.94
N VAL J 85 -77.48 65.60 15.26
CA VAL J 85 -78.86 65.63 15.73
C VAL J 85 -79.46 64.24 15.58
N PRO J 86 -80.10 63.70 16.62
CA PRO J 86 -80.75 62.38 16.48
C PRO J 86 -81.91 62.43 15.50
N SER J 87 -82.20 61.28 14.90
CA SER J 87 -83.29 61.19 13.95
C SER J 87 -84.63 61.44 14.65
N ILE J 88 -85.58 61.98 13.88
CA ILE J 88 -86.88 62.32 14.43
C ILE J 88 -87.60 61.05 14.87
N SER J 89 -88.08 61.04 16.11
CA SER J 89 -88.81 59.89 16.65
C SER J 89 -90.31 60.08 16.63
N PHE J 90 -90.79 61.31 16.88
CA PHE J 90 -92.22 61.58 16.91
C PHE J 90 -92.52 62.75 15.98
N ARG J 91 -93.55 62.59 15.15
CA ARG J 91 -94.03 63.64 14.27
C ARG J 91 -95.52 63.86 14.52
N HIS J 92 -95.99 65.05 14.17
CA HIS J 92 -97.37 65.45 14.42
C HIS J 92 -98.05 65.81 13.12
N ILE J 93 -99.32 65.45 13.01
CA ILE J 93 -100.16 65.82 11.89
C ILE J 93 -101.24 66.77 12.41
N VAL J 94 -101.27 67.98 11.87
CA VAL J 94 -102.21 69.00 12.33
C VAL J 94 -103.55 68.79 11.65
N MET J 95 -104.61 68.75 12.46
CA MET J 95 -105.97 68.65 11.96
C MET J 95 -106.63 70.02 11.93
N GLN J 96 -107.91 70.05 11.56
CA GLN J 96 -108.64 71.31 11.52
C GLN J 96 -108.81 71.91 12.90
N SER J 97 -108.79 71.07 13.94
CA SER J 97 -108.97 71.57 15.30
C SER J 97 -107.76 72.37 15.75
N ARG J 98 -108.02 73.49 16.44
CA ARG J 98 -106.97 74.32 17.01
C ARG J 98 -106.50 73.84 18.37
N ASP J 99 -107.26 72.95 19.01
CA ASP J 99 -106.94 72.49 20.36
C ASP J 99 -106.52 71.04 20.44
N ARG J 100 -106.61 70.28 19.34
CA ARG J 100 -106.28 68.86 19.34
C ARG J 100 -105.33 68.55 18.20
N VAL J 101 -104.51 67.52 18.38
CA VAL J 101 -103.53 67.11 17.39
C VAL J 101 -103.19 65.65 17.66
N LEU J 102 -102.68 64.96 16.63
CA LEU J 102 -102.32 63.56 16.72
C LEU J 102 -100.81 63.41 16.81
N ARG J 103 -100.37 62.53 17.71
CA ARG J 103 -98.97 62.19 17.85
C ARG J 103 -98.70 60.85 17.19
N VAL J 104 -97.72 60.82 16.28
CA VAL J 104 -97.41 59.65 15.49
C VAL J 104 -95.99 59.20 15.82
N ASP J 105 -95.84 57.93 16.15
CA ASP J 105 -94.52 57.35 16.39
C ASP J 105 -93.90 56.99 15.04
N THR J 106 -92.81 57.67 14.68
CA THR J 106 -92.21 57.47 13.37
C THR J 106 -91.62 56.07 13.23
N TYR J 107 -91.19 55.46 14.33
CA TYR J 107 -90.50 54.17 14.26
C TYR J 107 -91.38 53.09 13.64
N TYR J 108 -92.65 53.03 14.05
CA TYR J 108 -93.53 51.98 13.56
C TYR J 108 -94.01 52.27 12.13
N GLU J 109 -94.25 53.54 11.80
CA GLU J 109 -94.82 53.86 10.49
C GLU J 109 -93.85 53.58 9.36
N GLU J 110 -92.54 53.52 9.65
CA GLU J 110 -91.55 53.37 8.59
C GLU J 110 -91.00 51.95 8.49
N MET J 111 -90.88 51.24 9.62
CA MET J 111 -90.28 49.91 9.57
C MET J 111 -91.21 48.89 8.92
N SER J 112 -92.49 49.19 8.81
CA SER J 112 -93.42 48.31 8.11
C SER J 112 -93.02 48.10 6.65
N GLN J 113 -92.27 49.03 6.06
CA GLN J 113 -91.76 48.87 4.71
C GLN J 113 -90.51 48.00 4.65
N VAL J 114 -89.97 47.59 5.78
CA VAL J 114 -88.79 46.73 5.80
C VAL J 114 -89.23 45.30 5.57
N GLY J 115 -88.69 44.67 4.54
CA GLY J 115 -89.06 43.32 4.17
C GLY J 115 -90.27 43.27 3.28
N ASP J 116 -90.36 42.19 2.51
CA ASP J 116 -91.46 41.99 1.58
C ASP J 116 -92.65 41.37 2.31
N VAL J 117 -93.68 40.99 1.56
CA VAL J 117 -94.85 40.36 2.17
C VAL J 117 -94.51 38.94 2.60
N ILE J 118 -95.31 38.42 3.52
CA ILE J 118 -95.10 37.10 4.10
C ILE J 118 -96.08 36.13 3.46
N THR J 119 -95.58 34.91 3.20
CA THR J 119 -96.42 33.83 2.70
C THR J 119 -96.02 32.54 3.42
N GLU J 120 -97.02 31.69 3.69
CA GLU J 120 -96.79 30.51 4.51
C GLU J 120 -96.23 29.32 3.74
N ASP J 121 -96.21 29.36 2.42
CA ASP J 121 -95.72 28.22 1.66
C ASP J 121 -94.20 28.12 1.67
N GLU J 122 -93.50 29.24 1.72
CA GLU J 122 -92.04 29.26 1.67
C GLU J 122 -91.46 29.76 2.98
N PRO J 123 -90.99 28.88 3.87
CA PRO J 123 -90.38 29.34 5.13
C PRO J 123 -89.13 30.18 4.92
N GLU J 124 -88.36 29.92 3.85
CA GLU J 124 -87.08 30.59 3.67
C GLU J 124 -87.26 32.10 3.52
N LYS J 125 -88.24 32.52 2.72
CA LYS J 125 -88.50 33.95 2.55
C LYS J 125 -88.99 34.57 3.86
N PHE J 126 -89.82 33.84 4.61
CA PHE J 126 -90.28 34.33 5.89
C PHE J 126 -89.12 34.59 6.85
N TYR J 127 -88.19 33.63 6.94
CA TYR J 127 -87.07 33.81 7.84
C TYR J 127 -86.09 34.86 7.33
N SER J 128 -85.97 35.01 6.01
CA SER J 128 -85.17 36.12 5.47
C SER J 128 -85.77 37.46 5.86
N THR J 129 -87.10 37.57 5.80
CA THR J 129 -87.76 38.79 6.25
C THR J 129 -87.52 39.03 7.74
N ILE J 130 -87.56 37.97 8.54
CA ILE J 130 -87.27 38.10 9.97
C ILE J 130 -85.85 38.62 10.18
N ILE J 131 -84.89 38.06 9.43
CA ILE J 131 -83.50 38.50 9.57
C ILE J 131 -83.35 39.96 9.17
N LYS J 132 -84.00 40.38 8.08
CA LYS J 132 -83.92 41.77 7.68
C LYS J 132 -84.53 42.69 8.74
N LYS J 133 -85.67 42.28 9.31
CA LYS J 133 -86.32 43.10 10.33
C LYS J 133 -85.44 43.24 11.57
N VAL J 134 -84.81 42.15 12.00
CA VAL J 134 -83.95 42.24 13.18
C VAL J 134 -82.67 43.01 12.86
N ARG J 135 -82.22 42.95 11.61
CA ARG J 135 -81.07 43.75 11.19
C ARG J 135 -81.38 45.23 11.26
N PHE J 136 -82.61 45.61 10.88
CA PHE J 136 -82.97 47.02 10.80
C PHE J 136 -82.91 47.69 12.17
N ILE J 137 -83.34 47.00 13.23
CA ILE J 137 -83.32 47.59 14.56
C ILE J 137 -81.88 47.89 14.98
N ARG J 138 -80.98 46.93 14.76
CA ARG J 138 -79.58 47.15 15.10
C ARG J 138 -78.98 48.28 14.27
N GLY J 139 -79.36 48.36 13.00
CA GLY J 139 -78.85 49.45 12.16
C GLY J 139 -79.33 50.81 12.64
N LYS J 140 -80.60 50.90 13.04
CA LYS J 140 -81.13 52.19 13.48
C LYS J 140 -80.60 52.59 14.85
N GLY J 141 -80.38 51.63 15.73
CA GLY J 141 -80.04 51.95 17.11
C GLY J 141 -78.60 52.34 17.38
N SER J 142 -77.73 52.32 16.37
CA SER J 142 -76.30 52.61 16.55
C SER J 142 -76.00 53.99 16.01
N PHE J 143 -75.83 54.95 16.92
CA PHE J 143 -75.44 56.30 16.54
C PHE J 143 -74.79 56.98 17.73
N ILE J 144 -73.96 57.99 17.45
CA ILE J 144 -73.22 58.72 18.47
C ILE J 144 -73.45 60.21 18.28
N LEU J 145 -73.80 60.91 19.35
CA LEU J 145 -73.98 62.35 19.32
C LEU J 145 -72.65 63.06 19.54
N HIS J 146 -72.41 64.09 18.75
CA HIS J 146 -71.16 64.84 18.83
C HIS J 146 -71.37 66.23 18.26
N ASP J 147 -70.92 67.24 19.02
CA ASP J 147 -70.98 68.64 18.60
C ASP J 147 -72.42 69.06 18.30
N ILE J 148 -73.26 69.00 19.34
CA ILE J 148 -74.65 69.42 19.22
C ILE J 148 -74.69 70.95 19.15
N PRO J 149 -75.54 71.53 18.29
CA PRO J 149 -75.63 73.00 18.22
C PRO J 149 -76.49 73.54 19.35
N THR J 150 -75.90 74.45 20.14
CA THR J 150 -76.58 75.01 21.31
C THR J 150 -76.37 76.52 21.34
N ARG J 151 -77.17 77.18 22.18
CA ARG J 151 -77.08 78.63 22.35
C ARG J 151 -77.10 78.96 23.84
N ASP J 152 -76.52 80.11 24.17
CA ASP J 152 -76.42 80.55 25.55
C ASP J 152 -77.59 81.44 25.93
N HIS J 153 -77.96 81.39 27.20
CA HIS J 153 -79.06 82.21 27.72
C HIS J 153 -78.84 82.42 29.21
N ARG J 154 -78.72 83.70 29.61
CA ARG J 154 -78.54 84.07 31.02
C ARG J 154 -77.31 83.41 31.63
N GLY J 155 -76.27 83.20 30.82
CA GLY J 155 -75.07 82.54 31.29
C GLY J 155 -75.17 81.03 31.38
N MET J 156 -76.30 80.44 31.01
CA MET J 156 -76.49 79.01 31.04
C MET J 156 -76.79 78.51 29.63
N GLU J 157 -76.13 77.42 29.24
CA GLU J 157 -76.28 76.89 27.90
C GLU J 157 -77.62 76.18 27.76
N VAL J 158 -78.34 76.48 26.68
CA VAL J 158 -79.67 75.92 26.44
C VAL J 158 -79.65 75.25 25.07
N ALA J 159 -80.15 74.02 25.01
CA ALA J 159 -80.15 73.27 23.76
C ALA J 159 -81.10 73.89 22.75
N GLU J 160 -80.68 73.88 21.48
CA GLU J 160 -81.49 74.46 20.42
C GLU J 160 -82.66 73.54 20.09
N PRO J 161 -83.74 74.10 19.52
CA PRO J 161 -84.97 73.33 19.32
C PRO J 161 -84.87 72.17 18.33
N GLU J 162 -83.71 71.92 17.72
CA GLU J 162 -83.62 70.82 16.76
C GLU J 162 -82.94 69.58 17.32
N VAL J 163 -82.12 69.70 18.38
CA VAL J 163 -81.42 68.54 18.90
C VAL J 163 -82.40 67.52 19.49
N LEU J 164 -83.42 67.99 20.21
CA LEU J 164 -84.42 67.09 20.77
C LEU J 164 -85.28 66.50 19.65
N GLY J 165 -85.59 65.21 19.77
CA GLY J 165 -86.24 64.48 18.70
C GLY J 165 -87.74 64.66 18.60
N VAL J 166 -88.19 65.88 18.29
CA VAL J 166 -89.60 66.16 18.06
C VAL J 166 -89.72 67.05 16.82
N GLU J 167 -90.93 67.09 16.27
CA GLU J 167 -91.22 67.80 15.03
C GLU J 167 -92.46 68.67 15.20
N PHE J 168 -92.46 69.47 16.27
CA PHE J 168 -93.64 70.26 16.64
C PHE J 168 -93.79 71.56 15.86
N LYS J 169 -92.88 71.84 14.93
CA LYS J 169 -92.93 73.14 14.25
C LYS J 169 -94.15 73.27 13.34
N ASN J 170 -94.69 72.14 12.86
CA ASN J 170 -95.80 72.20 11.92
C ASN J 170 -97.11 72.63 12.61
N VAL J 171 -97.28 72.30 13.89
CA VAL J 171 -98.51 72.64 14.59
C VAL J 171 -98.45 74.03 15.21
N LEU J 172 -97.27 74.65 15.26
CA LEU J 172 -97.13 75.97 15.88
C LEU J 172 -98.01 77.06 15.26
N PRO J 173 -98.11 77.20 13.94
CA PRO J 173 -98.81 78.38 13.38
C PRO J 173 -100.28 78.49 13.79
N VAL J 174 -100.92 77.38 14.18
CA VAL J 174 -102.33 77.43 14.56
C VAL J 174 -102.53 77.60 16.07
N LEU J 175 -101.49 77.36 16.87
CA LEU J 175 -101.65 77.36 18.32
C LEU J 175 -101.95 78.76 18.84
N THR J 176 -102.73 78.80 19.93
CA THR J 176 -103.08 80.06 20.58
C THR J 176 -101.91 80.59 21.39
N ALA J 177 -102.03 81.85 21.81
CA ALA J 177 -100.91 82.55 22.45
C ALA J 177 -100.55 81.91 23.79
N GLU J 178 -101.55 81.53 24.58
CA GLU J 178 -101.27 81.10 25.95
C GLU J 178 -100.68 79.69 25.99
N HIS J 179 -101.10 78.80 25.10
CA HIS J 179 -100.41 77.51 24.98
C HIS J 179 -99.03 77.67 24.35
N ARG J 180 -98.90 78.60 23.41
CA ARG J 180 -97.61 78.83 22.78
C ARG J 180 -96.59 79.36 23.78
N ALA J 181 -97.03 80.18 24.74
CA ALA J 181 -96.14 80.65 25.79
C ALA J 181 -95.67 79.50 26.66
N MET J 182 -96.56 78.56 26.98
CA MET J 182 -96.14 77.38 27.75
C MET J 182 -95.14 76.56 26.97
N ILE J 183 -95.35 76.42 25.65
CA ILE J 183 -94.40 75.70 24.82
C ILE J 183 -93.04 76.39 24.84
N GLN J 184 -93.03 77.71 24.73
CA GLN J 184 -91.79 78.47 24.78
C GLN J 184 -91.09 78.30 26.12
N ASN J 185 -91.85 78.32 27.21
CA ASN J 185 -91.28 78.12 28.53
C ASN J 185 -90.67 76.72 28.65
N ALA J 186 -91.33 75.72 28.09
CA ALA J 186 -90.79 74.37 28.09
C ALA J 186 -89.48 74.31 27.30
N LEU J 187 -89.42 75.03 26.18
CA LEU J 187 -88.15 75.14 25.45
C LEU J 187 -87.09 75.80 26.31
N ASP J 188 -87.45 76.83 27.07
CA ASP J 188 -86.48 77.52 27.92
C ASP J 188 -85.91 76.61 29.01
N GLY J 189 -86.62 75.56 29.39
CA GLY J 189 -86.17 74.66 30.42
C GLY J 189 -85.17 73.61 29.99
N SER J 190 -84.78 73.60 28.72
CA SER J 190 -83.83 72.61 28.21
C SER J 190 -82.40 73.06 28.46
N ILE J 191 -82.04 73.12 29.74
CA ILE J 191 -80.69 73.47 30.15
C ILE J 191 -79.80 72.24 30.06
N ILE J 192 -78.50 72.47 29.91
CA ILE J 192 -77.52 71.41 29.72
C ILE J 192 -76.60 71.36 30.93
N GLU J 193 -76.39 70.17 31.46
CA GLU J 193 -75.51 69.92 32.59
C GLU J 193 -74.24 69.23 32.12
N ASN J 194 -73.39 68.87 33.08
CA ASN J 194 -72.13 68.22 32.81
C ASN J 194 -72.03 66.89 33.54
N GLY J 195 -71.37 65.94 32.92
CA GLY J 195 -71.18 64.63 33.52
C GLY J 195 -69.85 64.04 33.11
N ASN J 196 -69.29 63.22 33.99
CA ASN J 196 -67.97 62.63 33.75
C ASN J 196 -68.11 61.22 33.20
N VAL J 197 -67.45 60.96 32.08
CA VAL J 197 -67.41 59.64 31.47
C VAL J 197 -65.96 59.34 31.07
N ALA J 198 -65.41 58.24 31.58
CA ALA J 198 -64.04 57.83 31.31
C ALA J 198 -63.06 58.96 31.64
N THR J 199 -63.26 59.57 32.79
CA THR J 199 -62.43 60.69 33.27
C THR J 199 -62.44 61.82 32.23
N ARG J 200 -63.60 62.06 31.64
CA ARG J 200 -63.81 63.14 30.69
C ARG J 200 -65.20 63.70 30.88
N ASP J 201 -65.30 65.03 30.81
CA ASP J 201 -66.59 65.70 30.98
C ASP J 201 -67.35 65.72 29.65
N VAL J 202 -68.62 65.35 29.70
CA VAL J 202 -69.48 65.33 28.53
C VAL J 202 -70.77 66.08 28.85
N ASP J 203 -71.43 66.57 27.80
CA ASP J 203 -72.69 67.29 27.98
C ASP J 203 -73.84 66.31 28.07
N VAL J 204 -74.69 66.50 29.08
CA VAL J 204 -75.83 65.62 29.33
C VAL J 204 -77.10 66.46 29.30
N PHE J 205 -78.14 65.91 28.66
CA PHE J 205 -79.43 66.58 28.56
C PHE J 205 -80.50 65.52 28.37
N ILE J 206 -81.75 65.97 28.37
CA ILE J 206 -82.91 65.09 28.25
C ILE J 206 -83.53 65.27 26.87
N GLY J 207 -84.10 64.20 26.34
CA GLY J 207 -84.72 64.21 25.04
C GLY J 207 -85.82 63.18 24.89
N ALA J 208 -86.19 62.88 23.65
CA ALA J 208 -87.24 61.91 23.36
C ALA J 208 -86.75 60.91 22.32
N CYS J 209 -87.02 59.63 22.58
CA CYS J 209 -86.63 58.57 21.67
C CYS J 209 -87.49 57.35 21.92
N SER J 210 -87.53 56.46 20.94
CA SER J 210 -88.29 55.23 21.06
C SER J 210 -87.53 54.21 21.91
N GLU J 211 -88.29 53.32 22.55
CA GLU J 211 -87.68 52.33 23.44
C GLU J 211 -86.70 51.40 22.74
N PRO J 212 -87.04 50.75 21.61
CA PRO J 212 -86.06 49.85 20.98
C PRO J 212 -84.78 50.55 20.55
N VAL J 213 -84.87 51.79 20.06
CA VAL J 213 -83.67 52.52 19.66
C VAL J 213 -82.88 52.94 20.88
N TYR J 214 -83.56 53.39 21.94
CA TYR J 214 -82.89 53.80 23.16
C TYR J 214 -82.16 52.64 23.80
N ARG J 215 -82.71 51.43 23.71
CA ARG J 215 -82.03 50.25 24.26
C ARG J 215 -80.68 50.04 23.58
N ILE J 216 -80.66 50.10 22.25
CA ILE J 216 -79.41 49.90 21.52
C ILE J 216 -78.44 51.04 21.78
N TYR J 217 -78.95 52.26 21.91
CA TYR J 217 -78.09 53.39 22.22
C TYR J 217 -77.41 53.21 23.57
N ASN J 218 -78.19 52.80 24.58
CA ASN J 218 -77.63 52.56 25.90
C ASN J 218 -76.61 51.42 25.87
N ARG J 219 -76.91 50.36 25.12
CA ARG J 219 -75.97 49.26 25.02
C ARG J 219 -74.65 49.71 24.39
N LEU J 220 -74.73 50.51 23.32
CA LEU J 220 -73.53 51.03 22.69
C LEU J 220 -72.73 51.90 23.65
N GLN J 221 -73.41 52.78 24.39
CA GLN J 221 -72.72 53.63 25.35
C GLN J 221 -72.01 52.80 26.41
N GLY J 222 -72.73 51.82 26.97
CA GLY J 222 -72.14 50.98 27.99
C GLY J 222 -70.95 50.20 27.48
N TYR J 223 -71.01 49.73 26.23
CA TYR J 223 -69.84 49.11 25.62
C TYR J 223 -68.68 50.09 25.52
N ILE J 224 -68.97 51.35 25.19
CA ILE J 224 -67.90 52.35 25.09
C ILE J 224 -67.22 52.53 26.44
N GLU J 225 -68.00 52.64 27.52
CA GLU J 225 -67.36 52.77 28.82
C GLU J 225 -66.62 51.49 29.22
N ALA J 226 -67.17 50.33 28.85
CA ALA J 226 -66.58 49.07 29.28
C ALA J 226 -65.21 48.84 28.63
N VAL J 227 -65.08 49.20 27.36
CA VAL J 227 -63.83 48.91 26.65
C VAL J 227 -62.66 49.69 27.23
N GLN J 228 -62.90 50.90 27.72
CA GLN J 228 -61.81 51.81 28.08
C GLN J 228 -60.95 51.27 29.23
N LEU J 229 -61.41 50.24 29.93
CA LEU J 229 -60.69 49.77 31.11
C LEU J 229 -59.38 49.07 30.73
N GLN J 230 -59.46 47.95 30.03
CA GLN J 230 -58.27 47.11 29.84
C GLN J 230 -58.06 46.67 28.39
N GLU J 231 -59.14 46.57 27.63
CA GLU J 231 -59.07 45.95 26.30
C GLU J 231 -58.13 46.71 25.37
N LEU J 232 -58.22 48.04 25.37
CA LEU J 232 -57.45 48.85 24.43
C LEU J 232 -55.96 48.68 24.65
N ARG J 233 -55.52 48.71 25.91
CA ARG J 233 -54.10 48.59 26.21
C ARG J 233 -53.58 47.22 25.78
N ASN J 234 -54.33 46.16 26.05
CA ASN J 234 -53.91 44.82 25.65
C ASN J 234 -53.83 44.70 24.13
N SER J 235 -54.81 45.28 23.42
CA SER J 235 -54.77 45.23 21.96
C SER J 235 -53.55 45.97 21.42
N ILE J 236 -53.25 47.14 21.97
CA ILE J 236 -52.09 47.89 21.50
C ILE J 236 -50.80 47.13 21.81
N GLY J 237 -50.73 46.50 22.98
CA GLY J 237 -49.54 45.71 23.30
C GLY J 237 -49.35 44.53 22.36
N TRP J 238 -50.45 43.84 22.03
CA TRP J 238 -50.35 42.74 21.09
C TRP J 238 -49.93 43.21 19.71
N LEU J 239 -50.46 44.37 19.28
CA LEU J 239 -50.03 44.92 18.00
C LEU J 239 -48.55 45.27 18.01
N GLU J 240 -48.06 45.82 19.13
CA GLU J 240 -46.64 46.11 19.25
C GLU J 240 -45.80 44.84 19.16
N ARG J 241 -46.24 43.77 19.84
CA ARG J 241 -45.51 42.52 19.78
C ARG J 241 -45.48 41.95 18.36
N LEU J 242 -46.63 42.00 17.66
CA LEU J 242 -46.68 41.51 16.30
C LEU J 242 -45.76 42.30 15.38
N GLY J 243 -45.76 43.63 15.52
CA GLY J 243 -44.83 44.44 14.76
C GLY J 243 -43.38 44.13 15.10
N HIS J 244 -43.12 43.79 16.37
CA HIS J 244 -41.76 43.40 16.77
C HIS J 244 -41.31 42.14 16.05
N ARG J 245 -42.19 41.12 16.01
CA ARG J 245 -41.78 39.87 15.37
C ARG J 245 -41.66 40.03 13.86
N LYS J 246 -42.67 40.63 13.21
CA LYS J 246 -42.74 40.67 11.77
C LYS J 246 -41.91 41.79 11.15
N ARG J 247 -41.00 42.40 11.92
CA ARG J 247 -40.12 43.45 11.42
C ARG J 247 -40.92 44.62 10.86
N ILE J 248 -42.01 44.99 11.53
CA ILE J 248 -42.88 46.07 11.11
C ILE J 248 -42.77 47.20 12.13
N THR J 249 -42.54 48.41 11.64
CA THR J 249 -42.45 49.60 12.47
C THR J 249 -43.69 50.45 12.25
N TYR J 250 -44.45 50.67 13.32
CA TYR J 250 -45.66 51.47 13.27
C TYR J 250 -45.40 52.88 13.76
N SER J 251 -46.20 53.82 13.26
CA SER J 251 -46.09 55.20 13.69
C SER J 251 -46.61 55.36 15.12
N GLN J 252 -46.21 56.47 15.76
CA GLN J 252 -46.67 56.75 17.11
C GLN J 252 -48.16 57.02 17.17
N GLU J 253 -48.80 57.32 16.03
CA GLU J 253 -50.24 57.53 16.03
C GLU J 253 -51.01 56.25 16.29
N VAL J 254 -50.35 55.09 16.20
CA VAL J 254 -51.01 53.81 16.40
C VAL J 254 -50.64 53.25 17.76
N LEU J 255 -49.46 53.62 18.26
CA LEU J 255 -48.92 53.02 19.47
C LEU J 255 -49.20 53.81 20.74
N THR J 256 -49.07 55.14 20.71
CA THR J 256 -49.20 55.96 21.90
C THR J 256 -50.28 57.02 21.80
N ASP J 257 -51.04 57.07 20.71
CA ASP J 257 -52.04 58.12 20.56
C ASP J 257 -53.25 57.93 21.46
N PHE J 258 -53.46 56.70 21.98
CA PHE J 258 -54.64 56.44 22.79
C PHE J 258 -54.52 56.97 24.21
N ARG J 259 -53.34 57.41 24.63
CA ARG J 259 -53.15 57.92 25.98
C ARG J 259 -53.48 59.40 26.12
N ARG J 260 -53.90 60.05 25.04
CA ARG J 260 -54.31 61.45 25.12
C ARG J 260 -55.61 61.58 25.91
N GLN J 261 -55.79 62.76 26.50
CA GLN J 261 -56.99 63.06 27.27
C GLN J 261 -58.11 63.66 26.43
N ASP J 262 -57.85 63.96 25.15
CA ASP J 262 -58.85 64.56 24.28
C ASP J 262 -59.32 63.61 23.19
N THR J 263 -59.16 62.30 23.40
CA THR J 263 -59.54 61.32 22.39
C THR J 263 -60.19 60.12 23.05
N ILE J 264 -61.31 59.67 22.48
CA ILE J 264 -61.96 58.42 22.85
C ILE J 264 -61.78 57.43 21.71
N TRP J 265 -61.25 56.25 22.05
CA TRP J 265 -61.11 55.16 21.08
C TRP J 265 -62.24 54.17 21.32
N VAL J 266 -63.16 54.08 20.37
CA VAL J 266 -64.21 53.06 20.39
C VAL J 266 -63.68 51.83 19.67
N LEU J 267 -63.44 50.76 20.42
CA LEU J 267 -62.80 49.56 19.90
C LEU J 267 -63.87 48.65 19.31
N ALA J 268 -64.24 48.96 18.06
CA ALA J 268 -65.20 48.12 17.35
C ALA J 268 -64.64 46.73 17.13
N LEU J 269 -63.36 46.63 16.82
CA LEU J 269 -62.70 45.36 16.53
C LEU J 269 -61.57 45.14 17.53
N GLN J 270 -61.50 43.94 18.11
CA GLN J 270 -60.48 43.59 19.06
C GLN J 270 -59.38 42.80 18.37
N LEU J 271 -58.12 43.17 18.64
CA LEU J 271 -56.96 42.63 17.94
C LEU J 271 -56.63 41.19 18.31
N PRO J 272 -56.46 40.84 19.60
CA PRO J 272 -56.00 39.47 19.91
C PRO J 272 -57.07 38.44 19.60
N VAL J 273 -57.27 38.16 18.31
CA VAL J 273 -58.27 37.20 17.88
C VAL J 273 -57.74 35.79 18.08
N ASN J 274 -58.55 34.92 18.68
CA ASN J 274 -58.18 33.53 18.83
C ASN J 274 -58.28 32.82 17.49
N PRO J 275 -57.25 32.09 17.05
CA PRO J 275 -57.28 31.45 15.74
C PRO J 275 -58.27 30.31 15.63
N GLN J 276 -58.84 29.84 16.74
CA GLN J 276 -59.77 28.72 16.68
C GLN J 276 -61.02 29.07 15.88
N VAL J 277 -61.46 30.33 15.94
CA VAL J 277 -62.65 30.73 15.19
C VAL J 277 -62.43 30.57 13.69
N VAL J 278 -61.25 30.97 13.21
CA VAL J 278 -60.97 30.88 11.78
C VAL J 278 -60.89 29.43 11.32
N TRP J 279 -60.26 28.57 12.13
CA TRP J 279 -60.02 27.20 11.74
C TRP J 279 -61.17 26.25 12.07
N ASP J 280 -62.18 26.71 12.80
CA ASP J 280 -63.29 25.82 13.14
C ASP J 280 -64.30 25.67 12.01
N VAL J 281 -64.28 26.55 11.02
CA VAL J 281 -65.20 26.40 9.89
C VAL J 281 -64.80 25.16 9.08
N PRO J 282 -65.74 24.28 8.75
CA PRO J 282 -65.35 23.00 8.15
C PRO J 282 -64.83 23.13 6.74
N ARG J 283 -63.77 22.37 6.45
CA ARG J 283 -63.22 22.22 5.10
C ARG J 283 -62.86 23.57 4.48
N SER J 284 -61.89 24.24 5.12
CA SER J 284 -61.44 25.55 4.67
C SER J 284 -59.93 25.64 4.55
N SER J 285 -59.24 24.49 4.47
CA SER J 285 -57.78 24.52 4.38
C SER J 285 -57.34 25.22 3.10
N ILE J 286 -57.99 24.93 1.98
CA ILE J 286 -57.63 25.57 0.71
C ILE J 286 -57.83 27.07 0.78
N ALA J 287 -58.98 27.51 1.32
CA ALA J 287 -59.25 28.94 1.42
C ALA J 287 -58.25 29.62 2.35
N ASN J 288 -57.92 28.98 3.47
CA ASN J 288 -56.95 29.56 4.38
C ASN J 288 -55.58 29.71 3.72
N LEU J 289 -55.15 28.67 3.00
CA LEU J 289 -53.86 28.74 2.31
C LEU J 289 -53.86 29.83 1.25
N ILE J 290 -54.95 29.94 0.48
CA ILE J 290 -55.03 30.96 -0.56
C ILE J 290 -54.98 32.35 0.05
N MET J 291 -55.73 32.58 1.13
CA MET J 291 -55.72 33.90 1.76
C MET J 291 -54.35 34.20 2.37
N ASN J 292 -53.68 33.18 2.90
CA ASN J 292 -52.33 33.38 3.42
C ASN J 292 -51.38 33.80 2.32
N ILE J 293 -51.48 33.17 1.15
CA ILE J 293 -50.64 33.59 0.01
C ILE J 293 -50.99 35.01 -0.40
N ALA J 294 -52.28 35.34 -0.45
CA ALA J 294 -52.68 36.62 -1.02
C ALA J 294 -52.34 37.78 -0.11
N THR J 295 -52.49 37.62 1.20
CA THR J 295 -52.47 38.78 2.08
C THR J 295 -51.06 39.24 2.46
N CYS J 296 -50.08 38.33 2.51
CA CYS J 296 -48.79 38.69 3.09
C CYS J 296 -47.60 38.16 2.30
N LEU J 297 -47.78 37.68 1.08
CA LEU J 297 -46.63 37.26 0.29
C LEU J 297 -45.95 38.47 -0.32
N PRO J 298 -44.64 38.61 -0.15
CA PRO J 298 -43.93 39.73 -0.79
C PRO J 298 -43.81 39.50 -2.30
N THR J 299 -43.55 40.59 -3.01
CA THR J 299 -43.35 40.56 -4.45
C THR J 299 -41.86 40.64 -4.76
N GLY J 300 -41.47 39.99 -5.87
CA GLY J 300 -40.07 39.97 -6.21
C GLY J 300 -39.85 39.47 -7.62
N GLU J 301 -38.59 39.18 -7.92
CA GLU J 301 -38.16 38.78 -9.25
C GLU J 301 -37.37 37.48 -9.18
N TYR J 302 -37.32 36.78 -10.30
CA TYR J 302 -36.45 35.63 -10.47
C TYR J 302 -35.19 36.07 -11.20
N ILE J 303 -34.03 35.82 -10.59
CA ILE J 303 -32.76 36.21 -11.16
C ILE J 303 -31.90 34.97 -11.39
N ALA J 304 -31.22 34.93 -12.52
CA ALA J 304 -30.27 33.87 -12.80
C ALA J 304 -29.06 34.01 -11.88
N PRO J 305 -28.32 32.92 -11.66
CA PRO J 305 -27.10 33.00 -10.86
C PRO J 305 -26.07 33.93 -11.51
N ASN J 306 -24.96 34.10 -10.80
CA ASN J 306 -23.89 34.96 -11.29
C ASN J 306 -23.38 34.44 -12.62
N PRO J 307 -23.33 35.28 -13.67
CA PRO J 307 -22.78 34.82 -14.95
C PRO J 307 -21.33 34.40 -14.88
N ARG J 308 -20.66 34.63 -13.75
CA ARG J 308 -19.32 34.13 -13.49
C ARG J 308 -19.28 32.62 -13.30
N ILE J 309 -20.41 31.93 -13.40
CA ILE J 309 -20.47 30.48 -13.35
C ILE J 309 -20.83 29.97 -14.73
N SER J 310 -19.93 29.22 -15.34
CA SER J 310 -20.13 28.74 -16.70
C SER J 310 -21.12 27.59 -16.73
N SER J 311 -21.53 27.23 -17.94
CA SER J 311 -22.45 26.10 -18.12
C SER J 311 -21.77 24.81 -17.69
N ILE J 312 -22.57 23.92 -17.07
CA ILE J 312 -22.03 22.65 -16.60
C ILE J 312 -21.75 21.73 -17.78
N THR J 313 -20.55 21.16 -17.82
CA THR J 313 -20.14 20.25 -18.87
C THR J 313 -20.13 18.83 -18.33
N LEU J 314 -20.77 17.92 -19.06
CA LEU J 314 -20.94 16.54 -18.62
C LEU J 314 -19.75 15.71 -19.07
N THR J 315 -19.24 14.88 -18.16
CA THR J 315 -18.11 14.00 -18.44
C THR J 315 -18.62 12.68 -19.03
N GLN J 316 -19.08 12.76 -20.27
CA GLN J 316 -19.63 11.61 -20.98
C GLN J 316 -19.02 11.55 -22.38
N ARG J 317 -18.81 10.33 -22.87
CA ARG J 317 -18.30 10.16 -24.22
C ARG J 317 -19.33 10.66 -25.23
N ILE J 318 -18.83 11.25 -26.32
CA ILE J 318 -19.66 12.08 -27.17
C ILE J 318 -20.56 11.20 -28.03
N THR J 319 -21.86 11.46 -27.95
CA THR J 319 -22.82 10.96 -28.93
C THR J 319 -23.15 12.08 -29.91
N THR J 320 -23.54 11.68 -31.12
CA THR J 320 -23.57 12.63 -32.24
C THR J 320 -24.62 13.73 -32.07
N THR J 321 -25.61 13.55 -31.21
CA THR J 321 -26.68 14.53 -31.07
C THR J 321 -26.90 14.99 -29.63
N GLY J 322 -26.12 14.49 -28.68
CA GLY J 322 -26.29 14.84 -27.29
C GLY J 322 -25.81 16.23 -26.98
N PRO J 323 -26.24 16.79 -25.85
CA PRO J 323 -25.80 18.13 -25.45
C PRO J 323 -24.46 18.06 -24.72
N PHE J 324 -23.47 18.80 -25.23
CA PHE J 324 -22.19 18.92 -24.55
C PHE J 324 -22.35 19.55 -23.17
N ALA J 325 -23.18 20.60 -23.09
CA ALA J 325 -23.41 21.31 -21.85
C ALA J 325 -24.86 21.77 -21.79
N ILE J 326 -25.33 22.07 -20.58
CA ILE J 326 -26.67 22.58 -20.36
C ILE J 326 -26.54 24.01 -19.88
N LEU J 327 -27.07 24.95 -20.67
CA LEU J 327 -26.91 26.36 -20.36
C LEU J 327 -27.71 26.74 -19.12
N THR J 328 -27.24 27.79 -18.44
CA THR J 328 -27.90 28.34 -17.27
C THR J 328 -28.56 29.69 -17.51
N GLY J 329 -28.08 30.46 -18.49
CA GLY J 329 -28.69 31.74 -18.82
C GLY J 329 -29.85 31.67 -19.79
N SER J 330 -30.18 30.48 -20.29
CA SER J 330 -31.27 30.34 -21.25
C SER J 330 -32.60 30.65 -20.57
N THR J 331 -33.49 31.31 -21.32
CA THR J 331 -34.79 31.70 -20.80
C THR J 331 -35.79 30.57 -21.00
N PRO J 332 -36.43 30.10 -19.94
CA PRO J 332 -37.42 29.02 -20.08
C PRO J 332 -38.71 29.52 -20.73
N THR J 333 -39.48 28.55 -21.24
CA THR J 333 -40.78 28.86 -21.80
C THR J 333 -41.77 29.21 -20.69
N ALA J 334 -42.94 29.70 -21.10
CA ALA J 334 -43.96 30.10 -20.13
C ALA J 334 -44.42 28.92 -19.29
N GLN J 335 -44.58 27.74 -19.91
CA GLN J 335 -45.00 26.56 -19.16
C GLN J 335 -43.95 26.17 -18.13
N GLN J 336 -42.67 26.22 -18.50
CA GLN J 336 -41.62 25.97 -17.54
C GLN J 336 -41.57 27.03 -16.46
N LEU J 337 -41.93 28.28 -16.78
CA LEU J 337 -42.03 29.30 -15.77
C LEU J 337 -43.15 28.97 -14.77
N ASN J 338 -44.29 28.48 -15.27
CA ASN J 338 -45.35 28.04 -14.38
C ASN J 338 -44.90 26.89 -13.50
N ASP J 339 -44.14 25.96 -14.07
CA ASP J 339 -43.65 24.81 -13.30
C ASP J 339 -42.69 25.25 -12.20
N VAL J 340 -41.78 26.18 -12.50
CA VAL J 340 -40.84 26.65 -11.47
C VAL J 340 -41.59 27.47 -10.42
N ARG J 341 -42.64 28.19 -10.83
CA ARG J 341 -43.50 28.85 -9.86
C ARG J 341 -44.13 27.83 -8.92
N LYS J 342 -44.60 26.70 -9.47
CA LYS J 342 -45.13 25.63 -8.64
C LYS J 342 -44.09 25.11 -7.66
N ILE J 343 -42.87 24.90 -8.14
CA ILE J 343 -41.80 24.38 -7.29
C ILE J 343 -41.54 25.33 -6.13
N TYR J 344 -41.41 26.63 -6.42
CA TYR J 344 -41.13 27.59 -5.36
C TYR J 344 -42.30 27.73 -4.40
N LEU J 345 -43.53 27.72 -4.93
CA LEU J 345 -44.71 27.83 -4.08
C LEU J 345 -44.80 26.66 -3.12
N ALA J 346 -44.50 25.45 -3.59
CA ALA J 346 -44.53 24.29 -2.70
C ALA J 346 -43.34 24.30 -1.74
N LEU J 347 -42.20 24.84 -2.16
CA LEU J 347 -41.06 24.94 -1.24
C LEU J 347 -41.36 25.89 -0.10
N MET J 348 -42.03 27.01 -0.37
CA MET J 348 -42.32 27.99 0.66
C MET J 348 -43.42 27.55 1.61
N PHE J 349 -44.14 26.48 1.31
CA PHE J 349 -45.16 25.91 2.18
C PHE J 349 -44.80 24.46 2.42
N PRO J 350 -44.14 24.15 3.53
CA PRO J 350 -43.50 22.84 3.69
C PRO J 350 -44.42 21.63 3.55
N GLY J 351 -45.45 21.55 4.38
CA GLY J 351 -46.24 20.33 4.44
C GLY J 351 -47.58 20.40 3.73
N GLN J 352 -47.95 21.57 3.23
CA GLN J 352 -49.28 21.75 2.66
C GLN J 352 -49.34 21.48 1.17
N ILE J 353 -48.24 21.64 0.44
CA ILE J 353 -48.20 21.45 -1.01
C ILE J 353 -47.07 20.50 -1.34
N ILE J 354 -47.33 19.54 -2.24
CA ILE J 354 -46.39 18.48 -2.59
C ILE J 354 -46.27 18.40 -4.10
N LEU J 355 -45.06 18.14 -4.58
CA LEU J 355 -44.81 18.01 -6.01
C LEU J 355 -45.20 16.63 -6.53
N ASP J 356 -45.14 16.49 -7.85
CA ASP J 356 -45.36 15.21 -8.52
C ASP J 356 -44.86 15.34 -9.95
N LEU J 357 -44.26 14.27 -10.48
CA LEU J 357 -43.77 14.28 -11.84
C LEU J 357 -44.91 14.20 -12.85
N LYS J 358 -44.64 14.71 -14.04
CA LYS J 358 -45.55 14.58 -15.17
C LYS J 358 -44.72 14.52 -16.45
N ILE J 359 -45.05 13.57 -17.32
CA ILE J 359 -44.31 13.36 -18.56
C ILE J 359 -45.24 13.63 -19.73
N ASP J 360 -44.83 14.54 -20.60
CA ASP J 360 -45.64 14.83 -21.78
C ASP J 360 -45.37 13.81 -22.87
N PRO J 361 -46.39 13.49 -23.68
CA PRO J 361 -46.17 12.53 -24.78
C PRO J 361 -45.12 13.00 -25.76
N GLY J 362 -45.06 14.29 -26.04
CA GLY J 362 -44.04 14.84 -26.92
C GLY J 362 -42.89 15.46 -26.15
N GLU J 363 -42.45 16.64 -26.57
CA GLU J 363 -41.37 17.38 -25.93
C GLU J 363 -40.13 16.50 -25.76
N ARG J 364 -39.58 16.11 -26.91
CA ARG J 364 -38.42 15.22 -26.94
C ARG J 364 -37.26 15.83 -26.17
N MET J 365 -36.81 15.12 -25.13
CA MET J 365 -35.75 15.58 -24.25
C MET J 365 -34.63 14.55 -24.25
N ASP J 366 -33.39 15.03 -24.22
CA ASP J 366 -32.25 14.14 -24.11
C ASP J 366 -32.24 13.50 -22.71
N PRO J 367 -31.66 12.31 -22.57
CA PRO J 367 -31.57 11.70 -21.24
C PRO J 367 -30.73 12.50 -20.26
N ALA J 368 -29.88 13.40 -20.74
CA ALA J 368 -28.99 14.14 -19.85
C ALA J 368 -29.75 15.06 -18.92
N VAL J 369 -30.77 15.74 -19.43
CA VAL J 369 -31.49 16.71 -18.59
C VAL J 369 -32.21 16.00 -17.44
N ARG J 370 -32.88 14.88 -17.73
CA ARG J 370 -33.48 14.09 -16.67
C ARG J 370 -32.43 13.52 -15.73
N MET J 371 -31.31 13.09 -16.30
CA MET J 371 -30.27 12.43 -15.51
C MET J 371 -29.56 13.40 -14.56
N VAL J 372 -29.58 14.69 -14.87
CA VAL J 372 -29.05 15.70 -13.96
C VAL J 372 -30.13 16.32 -13.08
N ALA J 373 -31.39 16.31 -13.52
CA ALA J 373 -32.48 16.70 -12.63
C ALA J 373 -32.60 15.72 -11.47
N GLY J 374 -32.33 14.44 -11.75
CA GLY J 374 -32.27 13.46 -10.66
C GLY J 374 -31.17 13.78 -9.67
N VAL J 375 -30.12 14.46 -10.12
CA VAL J 375 -29.06 14.90 -9.22
C VAL J 375 -29.52 16.08 -8.38
N VAL J 376 -30.09 17.10 -9.04
CA VAL J 376 -30.47 18.31 -8.32
C VAL J 376 -31.66 18.09 -7.40
N GLY J 377 -32.47 17.05 -7.65
CA GLY J 377 -33.62 16.81 -6.80
C GLY J 377 -33.23 16.44 -5.37
N HIS J 378 -32.14 15.69 -5.23
CA HIS J 378 -31.67 15.31 -3.89
C HIS J 378 -31.16 16.50 -3.09
N LEU J 379 -30.95 17.65 -3.73
CA LEU J 379 -30.51 18.85 -3.04
C LEU J 379 -31.60 19.91 -2.88
N LEU J 380 -32.57 19.95 -3.78
CA LEU J 380 -33.62 20.96 -3.67
C LEU J 380 -34.64 20.67 -2.59
N PHE J 381 -34.86 19.39 -2.26
CA PHE J 381 -35.99 19.00 -1.43
C PHE J 381 -35.56 18.14 -0.25
N THR J 382 -36.41 18.13 0.78
CA THR J 382 -36.24 17.29 1.95
C THR J 382 -37.32 16.22 1.97
N ALA J 383 -36.95 15.01 2.40
CA ALA J 383 -37.81 13.84 2.26
C ALA J 383 -37.84 13.04 3.56
N GLY J 384 -38.07 13.69 4.68
CA GLY J 384 -38.24 12.97 5.92
C GLY J 384 -37.91 13.84 7.12
N GLY J 385 -37.83 13.17 8.27
CA GLY J 385 -37.54 13.83 9.53
C GLY J 385 -38.76 14.44 10.20
N ARG J 386 -39.22 15.57 9.68
CA ARG J 386 -40.37 16.28 10.23
C ARG J 386 -41.50 16.45 9.23
N PHE J 387 -41.17 16.63 7.96
CA PHE J 387 -42.17 16.87 6.92
C PHE J 387 -41.57 16.45 5.58
N THR J 388 -42.39 16.52 4.54
CA THR J 388 -41.94 16.17 3.20
C THR J 388 -42.44 17.21 2.21
N ASN J 389 -41.63 17.43 1.16
CA ASN J 389 -42.01 18.29 0.06
C ASN J 389 -42.35 17.51 -1.21
N LEU J 390 -42.13 16.20 -1.22
CA LEU J 390 -42.31 15.38 -2.40
C LEU J 390 -42.95 14.06 -2.02
N THR J 391 -43.69 13.49 -2.95
CA THR J 391 -44.35 12.21 -2.73
C THR J 391 -43.37 11.07 -2.90
N GLN J 392 -43.80 9.88 -2.48
CA GLN J 392 -42.93 8.70 -2.54
C GLN J 392 -42.61 8.33 -3.98
N ASN J 393 -43.55 8.53 -4.91
CA ASN J 393 -43.28 8.25 -6.31
C ASN J 393 -42.13 9.12 -6.83
N MET J 394 -42.14 10.40 -6.47
CA MET J 394 -41.04 11.28 -6.86
C MET J 394 -39.72 10.82 -6.26
N ALA J 395 -39.75 10.37 -5.01
CA ALA J 395 -38.54 9.86 -4.38
C ALA J 395 -37.98 8.66 -5.14
N ARG J 396 -38.86 7.72 -5.50
CA ARG J 396 -38.42 6.55 -6.26
C ARG J 396 -37.86 6.94 -7.62
N GLN J 397 -38.55 7.86 -8.31
CA GLN J 397 -38.07 8.28 -9.64
C GLN J 397 -36.71 8.96 -9.55
N LEU J 398 -36.53 9.83 -8.55
CA LEU J 398 -35.25 10.51 -8.39
C LEU J 398 -34.15 9.53 -8.04
N ASP J 399 -34.45 8.54 -7.18
CA ASP J 399 -33.45 7.54 -6.85
C ASP J 399 -33.05 6.72 -8.07
N ILE J 400 -34.03 6.35 -8.91
CA ILE J 400 -33.71 5.60 -10.12
C ILE J 400 -32.86 6.44 -11.06
N ALA J 401 -33.20 7.72 -11.21
CA ALA J 401 -32.42 8.60 -12.08
C ALA J 401 -30.99 8.74 -11.57
N LEU J 402 -30.81 8.89 -10.25
CA LEU J 402 -29.47 8.99 -9.69
C LEU J 402 -28.69 7.69 -9.90
N ASN J 403 -29.37 6.55 -9.75
CA ASN J 403 -28.73 5.27 -9.99
C ASN J 403 -28.23 5.17 -11.42
N ASP J 404 -29.08 5.55 -12.37
CA ASP J 404 -28.68 5.54 -13.78
C ASP J 404 -27.51 6.49 -14.04
N TYR J 405 -27.55 7.67 -13.43
CA TYR J 405 -26.46 8.62 -13.61
C TYR J 405 -25.15 8.06 -13.08
N LEU J 406 -25.18 7.44 -11.91
CA LEU J 406 -23.94 6.99 -11.28
C LEU J 406 -23.35 5.78 -11.99
N LEU J 407 -24.20 4.87 -12.48
CA LEU J 407 -23.64 3.68 -13.13
C LEU J 407 -23.37 3.86 -14.62
N TYR J 408 -24.26 4.53 -15.34
CA TYR J 408 -24.26 4.47 -16.79
C TYR J 408 -23.46 5.59 -17.44
N MET J 409 -23.08 6.62 -16.71
CA MET J 409 -22.28 7.71 -17.24
C MET J 409 -20.82 7.53 -16.88
N TYR J 410 -19.96 7.52 -17.90
CA TYR J 410 -18.51 7.50 -17.71
C TYR J 410 -17.78 7.81 -19.00
N ASN J 411 -16.84 8.75 -18.95
CA ASN J 411 -15.93 8.98 -20.07
C ASN J 411 -14.75 8.03 -20.06
N THR J 412 -14.55 7.30 -18.97
CA THR J 412 -13.50 6.31 -18.85
C THR J 412 -13.95 5.26 -17.85
N ARG J 413 -13.26 4.11 -17.87
CA ARG J 413 -13.63 3.01 -16.99
C ARG J 413 -13.49 3.42 -15.53
N VAL J 414 -14.52 3.07 -14.74
CA VAL J 414 -14.57 3.42 -13.32
C VAL J 414 -14.85 2.15 -12.53
N GLN J 415 -14.17 2.01 -11.39
CA GLN J 415 -14.38 0.86 -10.52
C GLN J 415 -15.78 0.91 -9.91
N VAL J 416 -16.39 -0.25 -9.76
CA VAL J 416 -17.75 -0.35 -9.20
C VAL J 416 -17.91 -1.71 -8.54
N ASN J 417 -18.67 -1.73 -7.45
CA ASN J 417 -19.02 -2.96 -6.75
C ASN J 417 -20.53 -2.99 -6.53
N TYR J 418 -21.09 -4.19 -6.46
CA TYR J 418 -22.53 -4.36 -6.42
C TYR J 418 -22.95 -5.10 -5.15
N GLY J 419 -24.17 -4.84 -4.71
CA GLY J 419 -24.71 -5.45 -3.52
C GLY J 419 -25.68 -6.57 -3.82
N PRO J 420 -26.05 -7.35 -2.78
CA PRO J 420 -26.92 -8.50 -3.02
C PRO J 420 -28.37 -8.13 -3.28
N THR J 421 -28.92 -7.19 -2.52
CA THR J 421 -30.35 -6.91 -2.60
C THR J 421 -30.72 -6.27 -3.93
N GLY J 422 -31.95 -6.52 -4.36
CA GLY J 422 -32.45 -6.01 -5.63
C GLY J 422 -33.18 -4.69 -5.52
N GLU J 423 -32.48 -3.64 -5.11
CA GLU J 423 -33.04 -2.31 -4.97
C GLU J 423 -32.08 -1.31 -5.62
N PRO J 424 -32.59 -0.15 -6.03
CA PRO J 424 -31.70 0.88 -6.58
C PRO J 424 -30.73 1.38 -5.52
N LEU J 425 -29.55 1.78 -5.99
CA LEU J 425 -28.50 2.34 -5.14
C LEU J 425 -28.06 1.35 -4.06
N ASP J 426 -27.81 0.11 -4.47
CA ASP J 426 -27.22 -0.91 -3.61
C ASP J 426 -25.75 -1.14 -3.91
N PHE J 427 -25.13 -0.26 -4.68
CA PHE J 427 -23.78 -0.44 -5.18
C PHE J 427 -22.77 0.39 -4.39
N GLN J 428 -21.50 0.07 -4.58
CA GLN J 428 -20.39 0.86 -4.06
C GLN J 428 -19.51 1.25 -5.23
N ILE J 429 -19.21 2.55 -5.34
CA ILE J 429 -18.54 3.09 -6.51
C ILE J 429 -17.24 3.76 -6.08
N GLY J 430 -16.32 3.86 -7.03
CA GLY J 430 -15.05 4.52 -6.81
C GLY J 430 -13.99 3.61 -6.24
N ARG J 431 -12.76 4.13 -6.21
CA ARG J 431 -11.67 3.37 -5.60
C ARG J 431 -11.93 3.14 -4.12
N ASN J 432 -12.42 4.15 -3.41
CA ASN J 432 -12.86 3.98 -2.04
C ASN J 432 -14.24 3.35 -2.01
N GLN J 433 -14.51 2.62 -0.92
CA GLN J 433 -15.79 1.92 -0.78
C GLN J 433 -16.82 2.89 -0.21
N TYR J 434 -17.38 3.71 -1.10
CA TYR J 434 -18.42 4.66 -0.74
C TYR J 434 -19.77 4.02 -1.05
N ASP J 435 -20.42 3.51 -0.01
CA ASP J 435 -21.74 2.91 -0.19
C ASP J 435 -22.78 3.98 -0.48
N CYS J 436 -23.63 3.74 -1.47
CA CYS J 436 -24.66 4.67 -1.87
C CYS J 436 -26.04 4.32 -1.32
N ASN J 437 -26.10 3.42 -0.32
CA ASN J 437 -27.37 3.05 0.26
C ASN J 437 -28.03 4.22 0.98
N VAL J 438 -27.22 5.14 1.54
CA VAL J 438 -27.77 6.25 2.31
C VAL J 438 -28.59 7.19 1.43
N PHE J 439 -28.29 7.25 0.14
CA PHE J 439 -28.99 8.17 -0.75
C PHE J 439 -30.36 7.67 -1.16
N ARG J 440 -30.71 6.42 -0.84
CA ARG J 440 -32.06 5.94 -1.10
C ARG J 440 -33.04 6.59 -0.13
N ALA J 441 -34.15 7.07 -0.65
CA ALA J 441 -35.10 7.82 0.16
C ALA J 441 -35.75 6.93 1.21
N ASP J 442 -35.90 7.47 2.42
CA ASP J 442 -36.56 6.77 3.51
C ASP J 442 -37.24 7.82 4.37
N PHE J 443 -38.56 7.90 4.29
CA PHE J 443 -39.30 8.96 4.97
C PHE J 443 -39.24 8.82 6.49
N ALA J 444 -38.98 7.63 7.02
CA ALA J 444 -38.92 7.45 8.46
C ALA J 444 -37.72 8.16 9.08
N THR J 445 -36.65 8.33 8.31
CA THR J 445 -35.44 8.97 8.81
C THR J 445 -34.94 10.13 7.94
N GLY J 446 -35.35 10.22 6.69
CA GLY J 446 -34.97 11.35 5.85
C GLY J 446 -33.50 11.43 5.50
N THR J 447 -32.89 10.31 5.15
CA THR J 447 -31.49 10.32 4.73
C THR J 447 -31.40 10.61 3.23
N GLY J 448 -30.29 11.22 2.83
CA GLY J 448 -30.04 11.53 1.45
C GLY J 448 -30.68 12.79 0.93
N TYR J 449 -31.38 13.54 1.77
CA TYR J 449 -32.02 14.79 1.38
C TYR J 449 -31.66 15.88 2.38
N ASN J 450 -32.32 17.02 2.27
CA ASN J 450 -31.98 18.18 3.09
C ASN J 450 -32.18 17.91 4.57
N GLY J 451 -33.15 17.07 4.92
CA GLY J 451 -33.43 16.79 6.32
C GLY J 451 -32.51 15.75 6.93
N TRP J 452 -31.28 15.66 6.42
CA TRP J 452 -30.33 14.65 6.87
C TRP J 452 -29.61 15.17 8.11
N ALA J 453 -29.99 14.63 9.28
CA ALA J 453 -29.33 14.93 10.55
C ALA J 453 -29.34 16.42 10.87
N THR J 454 -30.42 17.11 10.52
CA THR J 454 -30.57 18.53 10.79
C THR J 454 -31.85 18.79 11.57
N ILE J 455 -31.81 19.82 12.41
CA ILE J 455 -32.97 20.19 13.24
C ILE J 455 -33.78 21.19 12.43
N ASP J 456 -34.77 20.68 11.68
CA ASP J 456 -35.56 21.53 10.82
C ASP J 456 -36.59 22.35 11.58
N VAL J 457 -37.15 21.81 12.66
CA VAL J 457 -38.24 22.45 13.38
C VAL J 457 -37.84 22.61 14.84
N GLU J 458 -38.08 23.80 15.39
CA GLU J 458 -37.77 24.07 16.79
C GLU J 458 -38.73 25.12 17.33
N TYR J 459 -38.88 25.14 18.64
CA TYR J 459 -39.73 26.10 19.34
C TYR J 459 -38.87 26.90 20.32
N ARG J 460 -38.96 28.23 20.25
CA ARG J 460 -38.09 29.09 21.02
C ARG J 460 -38.83 29.92 22.06
N GLU J 461 -39.79 30.73 21.66
CA GLU J 461 -40.58 31.52 22.61
C GLU J 461 -42.01 31.57 22.11
N PRO J 462 -42.96 31.95 22.96
CA PRO J 462 -44.34 32.13 22.50
C PRO J 462 -44.41 33.17 21.39
N ALA J 463 -45.26 32.90 20.41
CA ALA J 463 -45.46 33.71 19.22
C ALA J 463 -46.67 34.62 19.39
N PRO J 464 -46.80 35.64 18.55
CA PRO J 464 -48.02 36.47 18.60
C PRO J 464 -49.29 35.66 18.41
N TYR J 465 -49.27 34.65 17.55
CA TYR J 465 -50.38 33.72 17.40
C TYR J 465 -50.01 32.43 18.13
N VAL J 466 -50.86 32.03 19.08
CA VAL J 466 -50.52 30.91 19.95
C VAL J 466 -50.60 29.57 19.23
N HIS J 467 -51.22 29.51 18.07
CA HIS J 467 -51.40 28.25 17.36
C HIS J 467 -50.21 27.89 16.47
N ALA J 468 -49.28 28.81 16.25
CA ALA J 468 -48.12 28.58 15.37
C ALA J 468 -46.86 28.99 16.13
N GLN J 469 -46.27 28.04 16.84
CA GLN J 469 -45.06 28.28 17.60
C GLN J 469 -43.81 27.80 16.89
N ARG J 470 -43.95 26.97 15.86
CA ARG J 470 -42.80 26.34 15.23
C ARG J 470 -41.98 27.35 14.42
N TYR J 471 -40.68 27.13 14.38
CA TYR J 471 -39.76 27.87 13.52
C TYR J 471 -39.14 26.91 12.53
N ILE J 472 -39.29 27.19 11.25
CA ILE J 472 -38.72 26.36 10.20
C ILE J 472 -37.35 26.91 9.82
N ARG J 473 -36.40 26.01 9.57
CA ARG J 473 -35.05 26.43 9.20
C ARG J 473 -34.47 25.38 8.25
N TYR J 474 -34.41 25.74 6.96
CA TYR J 474 -33.79 24.86 5.98
C TYR J 474 -32.27 24.88 6.14
N CYS J 475 -31.66 23.70 6.07
CA CYS J 475 -30.21 23.53 6.14
C CYS J 475 -29.61 24.07 7.42
N GLY J 476 -30.43 24.23 8.48
CA GLY J 476 -29.92 24.72 9.74
C GLY J 476 -29.63 26.20 9.78
N ILE J 477 -30.01 26.95 8.74
CA ILE J 477 -29.74 28.38 8.70
C ILE J 477 -30.68 29.10 9.65
N ASP J 478 -30.13 29.95 10.51
CA ASP J 478 -30.92 30.72 11.46
C ASP J 478 -31.44 31.99 10.79
N SER J 479 -32.72 32.27 10.99
CA SER J 479 -33.36 33.43 10.39
C SER J 479 -33.24 34.68 11.24
N ARG J 480 -32.60 34.60 12.41
CA ARG J 480 -32.48 35.75 13.28
C ARG J 480 -31.38 36.71 12.86
N GLU J 481 -30.51 36.30 11.94
CA GLU J 481 -29.36 37.11 11.52
C GLU J 481 -29.53 37.54 10.07
N LEU J 482 -29.36 38.83 9.82
CA LEU J 482 -29.41 39.34 8.45
C LEU J 482 -28.12 38.99 7.71
N ILE J 483 -28.22 38.95 6.38
CA ILE J 483 -27.11 38.56 5.52
C ILE J 483 -26.97 39.56 4.38
N ASN J 484 -25.81 39.54 3.74
CA ASN J 484 -25.56 40.33 2.56
C ASN J 484 -25.32 39.40 1.38
N PRO J 485 -26.02 39.59 0.25
CA PRO J 485 -25.89 38.65 -0.87
C PRO J 485 -24.49 38.57 -1.45
N THR J 486 -23.69 39.64 -1.33
CA THR J 486 -22.41 39.68 -2.00
C THR J 486 -21.43 38.64 -1.45
N THR J 487 -21.40 38.46 -0.13
CA THR J 487 -20.39 37.62 0.49
C THR J 487 -20.93 36.44 1.29
N TYR J 488 -22.24 36.37 1.51
CA TYR J 488 -22.78 35.27 2.31
C TYR J 488 -22.69 33.96 1.55
N GLY J 489 -22.56 32.87 2.29
CA GLY J 489 -22.55 31.54 1.73
C GLY J 489 -21.20 31.01 1.30
N ILE J 490 -20.15 31.81 1.40
CA ILE J 490 -18.82 31.38 0.98
C ILE J 490 -18.21 30.50 2.07
N GLY J 491 -17.84 29.28 1.70
CA GLY J 491 -17.18 28.37 2.62
C GLY J 491 -18.02 27.90 3.78
N MET J 492 -19.28 27.54 3.53
CA MET J 492 -20.13 26.95 4.55
C MET J 492 -21.02 25.90 3.90
N THR J 493 -21.11 24.74 4.53
CA THR J 493 -21.83 23.60 3.96
C THR J 493 -22.67 22.92 5.03
N TYR J 494 -23.66 22.17 4.58
CA TYR J 494 -24.42 21.27 5.43
C TYR J 494 -24.14 19.83 5.04
N HIS J 495 -24.69 18.90 5.82
CA HIS J 495 -24.28 17.50 5.75
C HIS J 495 -24.60 16.90 4.38
N CYS J 496 -25.83 17.08 3.92
CA CYS J 496 -26.26 16.42 2.68
C CYS J 496 -25.44 16.90 1.48
N TYR J 497 -25.21 18.21 1.38
CA TYR J 497 -24.45 18.76 0.26
C TYR J 497 -23.01 18.24 0.28
N ASN J 498 -22.38 18.21 1.45
CA ASN J 498 -21.01 17.73 1.55
C ASN J 498 -20.92 16.26 1.17
N GLU J 499 -21.85 15.44 1.67
CA GLU J 499 -21.83 14.03 1.33
C GLU J 499 -22.06 13.81 -0.16
N MET J 500 -22.98 14.59 -0.76
CA MET J 500 -23.25 14.43 -2.18
C MET J 500 -22.02 14.83 -3.01
N LEU J 501 -21.34 15.90 -2.61
CA LEU J 501 -20.12 16.30 -3.31
C LEU J 501 -19.04 15.24 -3.19
N ARG J 502 -18.88 14.65 -1.99
CA ARG J 502 -17.89 13.60 -1.80
C ARG J 502 -18.21 12.39 -2.69
N MET J 503 -19.49 11.99 -2.72
CA MET J 503 -19.89 10.89 -3.57
C MET J 503 -19.66 11.18 -5.04
N LEU J 504 -19.99 12.40 -5.48
CA LEU J 504 -19.83 12.75 -6.89
C LEU J 504 -18.36 12.76 -7.29
N VAL J 505 -17.50 13.33 -6.45
CA VAL J 505 -16.07 13.37 -6.79
C VAL J 505 -15.46 11.99 -6.70
N ALA J 506 -15.99 11.12 -5.84
CA ALA J 506 -15.48 9.75 -5.75
C ALA J 506 -15.74 8.97 -7.04
N ALA J 507 -16.86 9.25 -7.70
CA ALA J 507 -17.19 8.55 -8.94
C ALA J 507 -16.32 8.97 -10.12
N GLY J 508 -15.54 10.04 -9.99
CA GLY J 508 -14.69 10.50 -11.05
C GLY J 508 -15.28 11.56 -11.94
N LYS J 509 -16.40 12.18 -11.55
CA LYS J 509 -17.03 13.23 -12.34
C LYS J 509 -16.55 14.58 -11.79
N ASP J 510 -15.39 15.01 -12.31
CA ASP J 510 -14.73 16.19 -11.77
C ASP J 510 -15.46 17.47 -12.17
N SER J 511 -15.89 17.57 -13.44
CA SER J 511 -16.52 18.79 -13.91
C SER J 511 -17.82 19.07 -13.17
N GLU J 512 -18.65 18.04 -12.99
CA GLU J 512 -19.90 18.23 -12.27
C GLU J 512 -19.67 18.61 -10.82
N ALA J 513 -18.68 17.97 -10.18
CA ALA J 513 -18.35 18.32 -8.80
C ALA J 513 -17.89 19.77 -8.69
N ALA J 514 -17.05 20.22 -9.62
CA ALA J 514 -16.61 21.61 -9.60
C ALA J 514 -17.77 22.56 -9.82
N TYR J 515 -18.67 22.24 -10.75
CA TYR J 515 -19.83 23.10 -10.98
C TYR J 515 -20.70 23.19 -9.75
N PHE J 516 -20.97 22.06 -9.09
CA PHE J 516 -21.82 22.08 -7.91
C PHE J 516 -21.13 22.78 -6.75
N ARG J 517 -19.81 22.69 -6.66
CA ARG J 517 -19.08 23.46 -5.65
C ARG J 517 -19.17 24.95 -5.91
N SER J 518 -19.11 25.36 -7.18
CA SER J 518 -19.17 26.78 -7.50
C SER J 518 -20.54 27.39 -7.22
N MET J 519 -21.60 26.60 -7.35
CA MET J 519 -22.97 27.10 -7.21
C MET J 519 -23.41 27.19 -5.75
N LEU J 520 -22.58 26.73 -4.81
CA LEU J 520 -23.00 26.63 -3.42
C LEU J 520 -23.41 27.97 -2.80
N PRO J 521 -22.67 29.08 -2.94
CA PRO J 521 -23.14 30.32 -2.31
C PRO J 521 -24.50 30.78 -2.80
N PHE J 522 -24.79 30.60 -4.09
CA PHE J 522 -26.11 30.93 -4.62
C PHE J 522 -27.19 30.09 -3.97
N HIS J 523 -26.92 28.79 -3.80
CA HIS J 523 -27.84 27.89 -3.11
C HIS J 523 -28.10 28.34 -1.68
N MET J 524 -27.03 28.67 -0.96
CA MET J 524 -27.17 29.12 0.43
C MET J 524 -27.98 30.40 0.52
N VAL J 525 -27.72 31.35 -0.38
CA VAL J 525 -28.44 32.61 -0.35
C VAL J 525 -29.92 32.40 -0.67
N ARG J 526 -30.21 31.51 -1.62
CA ARG J 526 -31.60 31.24 -1.97
C ARG J 526 -32.37 30.65 -0.80
N PHE J 527 -31.79 29.65 -0.14
CA PHE J 527 -32.48 29.11 1.03
C PHE J 527 -32.50 30.08 2.19
N ALA J 528 -31.52 31.00 2.29
CA ALA J 528 -31.60 32.03 3.32
C ALA J 528 -32.80 32.93 3.09
N ARG J 529 -33.00 33.36 1.85
CA ARG J 529 -34.16 34.20 1.52
C ARG J 529 -35.46 33.45 1.79
N ILE J 530 -35.51 32.18 1.40
CA ILE J 530 -36.74 31.41 1.61
C ILE J 530 -37.02 31.26 3.10
N ASN J 531 -35.98 30.98 3.90
CA ASN J 531 -36.16 30.84 5.33
C ASN J 531 -36.65 32.14 5.95
N GLN J 532 -36.08 33.26 5.53
CA GLN J 532 -36.53 34.56 6.05
C GLN J 532 -37.99 34.81 5.70
N ILE J 533 -38.38 34.49 4.46
CA ILE J 533 -39.76 34.71 4.04
C ILE J 533 -40.72 33.85 4.86
N ILE J 534 -40.38 32.58 5.06
CA ILE J 534 -41.26 31.69 5.80
C ILE J 534 -41.38 32.13 7.26
N ASN J 535 -40.25 32.43 7.90
CA ASN J 535 -40.27 32.71 9.33
C ASN J 535 -40.83 34.10 9.66
N GLU J 536 -40.65 35.08 8.77
CA GLU J 536 -40.96 36.47 9.10
C GLU J 536 -42.30 36.93 8.56
N ASP J 537 -42.59 36.69 7.28
CA ASP J 537 -43.75 37.29 6.64
C ASP J 537 -45.01 36.44 6.77
N LEU J 538 -44.90 35.15 6.51
CA LEU J 538 -46.08 34.29 6.44
C LEU J 538 -46.68 33.93 7.79
N HIS J 539 -46.29 34.57 8.90
CA HIS J 539 -46.86 34.27 10.20
C HIS J 539 -48.24 34.91 10.30
N SER J 540 -49.29 34.09 10.29
CA SER J 540 -50.66 34.58 10.37
C SER J 540 -51.56 33.46 10.86
N VAL J 541 -52.82 33.81 11.13
CA VAL J 541 -53.79 32.81 11.55
C VAL J 541 -54.04 31.80 10.44
N PHE J 542 -53.89 32.21 9.19
CA PHE J 542 -54.12 31.32 8.06
C PHE J 542 -53.04 30.26 7.91
N SER J 543 -51.95 30.37 8.65
CA SER J 543 -50.95 29.31 8.66
C SER J 543 -51.47 28.08 9.39
N LEU J 544 -51.01 26.92 8.96
CA LEU J 544 -51.50 25.67 9.53
C LEU J 544 -51.08 25.55 10.99
N PRO J 545 -51.98 25.15 11.88
CA PRO J 545 -51.62 25.00 13.29
C PRO J 545 -50.65 23.85 13.51
N ASP J 546 -49.98 23.88 14.66
CA ASP J 546 -48.91 22.93 14.94
C ASP J 546 -49.42 21.50 15.01
N ASP J 547 -50.59 21.29 15.62
CA ASP J 547 -51.11 19.94 15.79
C ASP J 547 -51.38 19.27 14.44
N MET J 548 -52.00 20.01 13.51
CA MET J 548 -52.23 19.45 12.19
C MET J 548 -50.93 19.33 11.39
N PHE J 549 -49.98 20.24 11.60
CA PHE J 549 -48.71 20.17 10.89
C PHE J 549 -47.93 18.93 11.28
N ASN J 550 -47.93 18.59 12.57
CA ASN J 550 -47.15 17.44 13.04
C ASN J 550 -47.69 16.12 12.49
N ALA J 551 -48.99 16.05 12.22
CA ALA J 551 -49.62 14.81 11.79
C ALA J 551 -49.65 14.63 10.28
N LEU J 552 -49.09 15.57 9.51
CA LEU J 552 -49.13 15.45 8.06
C LEU J 552 -48.29 14.27 7.58
N LEU J 553 -47.04 14.18 8.02
CA LEU J 553 -46.17 13.10 7.56
C LEU J 553 -46.66 11.72 8.01
N PRO J 554 -46.99 11.49 9.29
CA PRO J 554 -47.48 10.15 9.67
C PRO J 554 -48.74 9.74 8.93
N ASP J 555 -49.64 10.70 8.65
CA ASP J 555 -50.84 10.37 7.89
C ASP J 555 -50.50 9.93 6.49
N LEU J 556 -49.55 10.60 5.84
CA LEU J 556 -49.12 10.20 4.51
C LEU J 556 -48.45 8.84 4.53
N ILE J 557 -47.66 8.55 5.58
CA ILE J 557 -47.01 7.26 5.69
C ILE J 557 -48.04 6.14 5.84
N ALA J 558 -49.01 6.35 6.73
CA ALA J 558 -50.02 5.32 6.96
C ALA J 558 -51.06 5.29 5.85
N GLY J 559 -51.35 6.43 5.22
CA GLY J 559 -52.34 6.49 4.17
C GLY J 559 -53.77 6.60 4.63
N ALA J 560 -54.02 6.67 5.94
CA ALA J 560 -55.37 6.78 6.47
C ALA J 560 -55.77 8.25 6.59
N HIS J 561 -55.89 8.89 5.42
CA HIS J 561 -56.20 10.31 5.36
C HIS J 561 -57.58 10.60 5.92
N GLN J 562 -57.63 11.33 7.03
CA GLN J 562 -58.89 11.78 7.62
C GLN J 562 -59.03 13.29 7.67
N ASN J 563 -57.92 14.02 7.82
CA ASN J 563 -57.94 15.47 7.74
C ASN J 563 -57.90 15.92 6.28
N ALA J 564 -57.72 17.22 6.07
CA ALA J 564 -57.61 17.75 4.72
C ALA J 564 -56.33 17.25 4.06
N ASP J 565 -56.46 16.70 2.86
CA ASP J 565 -55.32 16.16 2.15
C ASP J 565 -54.48 17.28 1.56
N PRO J 566 -53.15 17.12 1.54
CA PRO J 566 -52.30 18.14 0.93
C PRO J 566 -52.50 18.20 -0.57
N VAL J 567 -52.28 19.39 -1.13
CA VAL J 567 -52.44 19.62 -2.55
C VAL J 567 -51.21 19.09 -3.28
N VAL J 568 -51.44 18.33 -4.35
CA VAL J 568 -50.37 17.77 -5.17
C VAL J 568 -50.32 18.53 -6.48
N LEU J 569 -49.10 18.87 -6.92
CA LEU J 569 -48.91 19.62 -8.15
C LEU J 569 -47.95 18.87 -9.08
N ASP J 570 -48.17 19.04 -10.38
CA ASP J 570 -47.37 18.37 -11.40
C ASP J 570 -46.15 19.22 -11.76
N VAL J 571 -45.08 18.54 -12.15
CA VAL J 571 -43.83 19.20 -12.51
C VAL J 571 -43.08 18.31 -13.50
N SER J 572 -42.26 18.92 -14.33
CA SER J 572 -41.51 18.23 -15.37
C SER J 572 -40.03 18.12 -14.98
N TRP J 573 -39.26 17.44 -15.83
CA TRP J 573 -37.85 17.21 -15.56
C TRP J 573 -37.04 18.50 -15.69
N ILE J 574 -37.25 19.23 -16.79
CA ILE J 574 -36.47 20.45 -17.04
C ILE J 574 -36.78 21.51 -15.99
N SER J 575 -37.96 21.46 -15.37
CA SER J 575 -38.31 22.43 -14.36
C SER J 575 -37.42 22.32 -13.13
N LEU J 576 -36.97 21.11 -12.80
CA LEU J 576 -36.07 20.97 -11.66
C LEU J 576 -34.76 21.71 -11.92
N TRP J 577 -34.19 21.54 -13.12
CA TRP J 577 -32.96 22.25 -13.46
C TRP J 577 -33.18 23.76 -13.45
N PHE J 578 -34.29 24.21 -14.03
CA PHE J 578 -34.55 25.65 -14.09
C PHE J 578 -34.74 26.22 -12.69
N ALA J 579 -35.41 25.49 -11.81
CA ALA J 579 -35.57 25.95 -10.43
C ALA J 579 -34.23 25.99 -9.71
N PHE J 580 -33.38 24.97 -9.90
CA PHE J 580 -32.05 25.00 -9.30
C PHE J 580 -31.19 26.12 -9.86
N ASN J 581 -31.49 26.61 -11.07
CA ASN J 581 -30.73 27.69 -11.68
C ASN J 581 -31.47 29.02 -11.63
N ARG J 582 -32.34 29.20 -10.64
CA ARG J 582 -33.04 30.45 -10.42
C ARG J 582 -33.23 30.67 -8.93
N SER J 583 -33.45 31.94 -8.55
CA SER J 583 -33.66 32.31 -7.16
C SER J 583 -34.77 33.34 -7.07
N PHE J 584 -35.36 33.44 -5.88
CA PHE J 584 -36.43 34.39 -5.60
C PHE J 584 -35.86 35.51 -4.72
N GLU J 585 -35.98 36.74 -5.19
CA GLU J 585 -35.49 37.91 -4.45
C GLU J 585 -36.64 38.87 -4.17
N PRO J 586 -37.03 39.05 -2.92
CA PRO J 586 -38.14 39.97 -2.62
C PRO J 586 -37.75 41.43 -2.84
N THR J 587 -38.35 42.05 -3.85
CA THR J 587 -38.04 43.46 -4.12
C THR J 587 -38.55 44.35 -2.99
N HIS J 588 -39.82 44.19 -2.61
CA HIS J 588 -40.38 44.95 -1.50
C HIS J 588 -41.59 44.19 -0.97
N ARG J 589 -41.99 44.55 0.25
CA ARG J 589 -43.01 43.81 0.97
C ARG J 589 -44.39 44.06 0.37
N ASN J 590 -45.35 43.22 0.78
CA ASN J 590 -46.71 43.33 0.27
C ASN J 590 -47.37 44.61 0.75
N GLU J 591 -48.27 45.13 -0.08
CA GLU J 591 -48.98 46.37 0.26
C GLU J 591 -49.88 46.17 1.47
N MET J 592 -50.51 45.00 1.58
CA MET J 592 -51.49 44.73 2.62
C MET J 592 -50.90 43.99 3.81
N LEU J 593 -49.56 43.89 3.89
CA LEU J 593 -48.94 43.22 5.01
C LEU J 593 -49.21 43.94 6.32
N GLU J 594 -49.25 45.27 6.29
CA GLU J 594 -49.39 46.04 7.53
C GLU J 594 -50.81 45.99 8.09
N VAL J 595 -51.81 45.69 7.26
CA VAL J 595 -53.21 45.81 7.64
C VAL J 595 -53.90 44.46 7.73
N ALA J 596 -53.14 43.36 7.74
CA ALA J 596 -53.75 42.04 7.82
C ALA J 596 -54.56 41.80 9.10
N PRO J 597 -54.06 42.15 10.30
CA PRO J 597 -54.81 41.78 11.52
C PRO J 597 -56.23 42.32 11.58
N LEU J 598 -56.46 43.54 11.07
CA LEU J 598 -57.82 44.08 11.06
C LEU J 598 -58.73 43.24 10.19
N ILE J 599 -58.23 42.82 9.02
CA ILE J 599 -59.02 41.97 8.13
C ILE J 599 -59.33 40.63 8.81
N GLU J 600 -58.34 40.04 9.46
CA GLU J 600 -58.56 38.78 10.15
C GLU J 600 -59.61 38.94 11.25
N SER J 601 -59.51 40.03 12.02
CA SER J 601 -60.46 40.25 13.11
C SER J 601 -61.87 40.47 12.58
N VAL J 602 -62.03 41.24 11.50
CA VAL J 602 -63.37 41.46 10.97
C VAL J 602 -63.95 40.18 10.40
N TYR J 603 -63.11 39.34 9.78
CA TYR J 603 -63.59 38.07 9.27
C TYR J 603 -64.08 37.16 10.40
N ALA J 604 -63.29 37.08 11.48
CA ALA J 604 -63.70 36.27 12.63
C ALA J 604 -64.98 36.82 13.26
N SER J 605 -65.08 38.16 13.35
CA SER J 605 -66.28 38.76 13.93
C SER J 605 -67.51 38.45 13.11
N GLU J 606 -67.39 38.51 11.78
CA GLU J 606 -68.53 38.19 10.93
C GLU J 606 -68.93 36.72 11.08
N LEU J 607 -67.96 35.82 11.17
CA LEU J 607 -68.28 34.42 11.40
C LEU J 607 -69.03 34.23 12.72
N SER J 608 -68.55 34.89 13.77
CA SER J 608 -69.21 34.79 15.07
C SER J 608 -70.62 35.36 15.02
N VAL J 609 -70.82 36.45 14.29
CA VAL J 609 -72.15 37.04 14.15
C VAL J 609 -73.10 36.08 13.46
N MET J 610 -72.63 35.44 12.39
CA MET J 610 -73.49 34.46 11.71
C MET J 610 -73.83 33.29 12.62
N LYS J 611 -72.86 32.81 13.40
CA LYS J 611 -73.13 31.71 14.31
C LYS J 611 -74.18 32.09 15.35
N VAL J 612 -74.04 33.27 15.96
CA VAL J 612 -75.01 33.67 16.98
C VAL J 612 -76.37 33.93 16.36
N ASP J 613 -76.42 34.41 15.11
CA ASP J 613 -77.69 34.57 14.43
C ASP J 613 -78.38 33.22 14.22
N MET J 614 -77.61 32.20 13.82
CA MET J 614 -78.19 30.86 13.69
C MET J 614 -78.74 30.36 15.02
N ARG J 615 -77.96 30.54 16.10
CA ARG J 615 -78.42 30.08 17.40
C ARG J 615 -79.71 30.78 17.81
N HIS J 616 -79.79 32.10 17.61
CA HIS J 616 -80.97 32.84 18.00
C HIS J 616 -82.17 32.46 17.13
N LEU J 617 -81.95 32.19 15.85
CA LEU J 617 -83.04 31.73 15.00
C LEU J 617 -83.59 30.40 15.48
N SER J 618 -82.70 29.47 15.83
CA SER J 618 -83.17 28.17 16.33
C SER J 618 -83.95 28.34 17.63
N LEU J 619 -83.45 29.17 18.54
CA LEU J 619 -84.15 29.38 19.80
C LEU J 619 -85.51 30.03 19.57
N MET J 620 -85.59 31.01 18.67
CA MET J 620 -86.86 31.67 18.39
C MET J 620 -87.86 30.70 17.77
N GLN J 621 -87.39 29.86 16.84
CA GLN J 621 -88.28 28.87 16.25
C GLN J 621 -88.79 27.89 17.30
N ARG J 622 -87.94 27.50 18.24
CA ARG J 622 -88.39 26.62 19.31
C ARG J 622 -89.36 27.32 20.25
N ARG J 623 -89.24 28.64 20.40
CA ARG J 623 -90.02 29.35 21.40
C ARG J 623 -91.51 29.36 21.06
N PHE J 624 -91.86 29.61 19.81
CA PHE J 624 -93.26 29.74 19.38
C PHE J 624 -93.54 28.79 18.23
N PRO J 625 -93.68 27.49 18.51
CA PRO J 625 -93.99 26.55 17.42
C PRO J 625 -95.41 26.67 16.90
N ASP J 626 -96.32 27.28 17.66
CA ASP J 626 -97.73 27.31 17.25
C ASP J 626 -97.96 28.19 16.03
N VAL J 627 -97.28 29.32 15.94
CA VAL J 627 -97.49 30.25 14.85
C VAL J 627 -96.34 30.30 13.86
N LEU J 628 -95.11 30.05 14.30
CA LEU J 628 -93.96 30.07 13.41
C LEU J 628 -93.96 28.85 12.50
N ILE J 629 -93.57 29.06 11.25
CA ILE J 629 -93.58 27.98 10.27
C ILE J 629 -92.40 27.05 10.53
N GLN J 630 -92.69 25.76 10.61
CA GLN J 630 -91.63 24.76 10.77
C GLN J 630 -90.73 24.74 9.55
N ALA J 631 -89.42 24.69 9.78
CA ALA J 631 -88.45 24.72 8.69
C ALA J 631 -87.20 23.96 9.11
N ARG J 632 -86.44 23.55 8.10
CA ARG J 632 -85.18 22.84 8.27
C ARG J 632 -84.01 23.82 8.32
N PRO J 633 -82.88 23.40 8.91
CA PRO J 633 -81.74 24.34 9.02
C PRO J 633 -81.25 24.88 7.68
N SER J 634 -81.33 24.08 6.61
CA SER J 634 -80.88 24.55 5.31
C SER J 634 -81.71 25.74 4.81
N HIS J 635 -82.89 25.96 5.39
CA HIS J 635 -83.72 27.10 4.99
C HIS J 635 -83.21 28.39 5.61
N PHE J 636 -83.21 28.47 6.94
CA PHE J 636 -82.82 29.73 7.56
C PHE J 636 -81.32 29.96 7.54
N TRP J 637 -80.49 28.92 7.38
CA TRP J 637 -79.08 29.19 7.13
C TRP J 637 -78.89 29.91 5.79
N LYS J 638 -79.61 29.47 4.76
CA LYS J 638 -79.58 30.18 3.49
C LYS J 638 -80.15 31.58 3.64
N ALA J 639 -81.19 31.74 4.44
CA ALA J 639 -81.75 33.06 4.69
C ALA J 639 -80.71 33.99 5.32
N VAL J 640 -79.96 33.49 6.30
CA VAL J 640 -78.90 34.29 6.92
C VAL J 640 -77.82 34.62 5.90
N LEU J 641 -77.40 33.62 5.13
CA LEU J 641 -76.34 33.84 4.15
C LEU J 641 -76.76 34.86 3.09
N ASN J 642 -78.06 34.95 2.81
CA ASN J 642 -78.55 35.94 1.85
C ASN J 642 -78.28 37.36 2.29
N ASP J 643 -78.19 37.62 3.60
CA ASP J 643 -78.00 38.96 4.12
C ASP J 643 -76.56 39.25 4.54
N SER J 644 -75.71 38.22 4.57
CA SER J 644 -74.32 38.43 4.98
C SER J 644 -73.59 39.29 3.95
N PRO J 645 -72.57 40.04 4.37
CA PRO J 645 -71.80 40.84 3.43
C PRO J 645 -71.17 40.00 2.33
N GLU J 646 -71.11 40.56 1.13
CA GLU J 646 -70.65 39.82 -0.04
C GLU J 646 -69.17 39.46 0.07
N ALA J 647 -68.36 40.32 0.68
CA ALA J 647 -66.92 40.07 0.76
C ALA J 647 -66.63 38.79 1.56
N VAL J 648 -67.32 38.61 2.69
CA VAL J 648 -67.10 37.41 3.50
C VAL J 648 -67.54 36.17 2.75
N LYS J 649 -68.68 36.24 2.05
CA LYS J 649 -69.14 35.11 1.28
C LYS J 649 -68.14 34.74 0.18
N ALA J 650 -67.60 35.75 -0.50
CA ALA J 650 -66.62 35.48 -1.55
C ALA J 650 -65.34 34.88 -0.96
N VAL J 651 -64.92 35.37 0.20
CA VAL J 651 -63.73 34.83 0.85
C VAL J 651 -63.95 33.36 1.22
N MET J 652 -65.10 33.05 1.80
CA MET J 652 -65.38 31.71 2.31
C MET J 652 -65.77 30.73 1.21
N ASN J 653 -66.16 31.21 0.02
CA ASN J 653 -66.60 30.34 -1.06
C ASN J 653 -65.50 30.10 -2.09
N LEU J 654 -64.24 30.16 -1.66
CA LEU J 654 -63.13 29.91 -2.57
C LEU J 654 -62.85 28.42 -2.76
N SER J 655 -63.43 27.55 -1.94
CA SER J 655 -63.21 26.12 -2.07
C SER J 655 -64.09 25.52 -3.17
N ASN J 662 -72.43 20.29 3.74
CA ASN J 662 -73.58 19.45 4.07
C ASN J 662 -74.38 20.03 5.22
N ILE J 663 -75.08 19.16 5.95
CA ILE J 663 -75.91 19.59 7.06
C ILE J 663 -75.29 19.11 8.38
N ARG J 664 -74.70 17.92 8.35
CA ARG J 664 -74.07 17.38 9.55
C ARG J 664 -72.91 18.27 10.00
N ASP J 665 -72.04 18.64 9.07
CA ASP J 665 -70.93 19.53 9.39
C ASP J 665 -71.44 20.91 9.80
N MET J 666 -72.53 21.38 9.20
CA MET J 666 -73.10 22.66 9.60
C MET J 666 -73.57 22.62 11.05
N MET J 667 -74.26 21.55 11.44
CA MET J 667 -74.69 21.43 12.83
C MET J 667 -73.50 21.31 13.76
N ARG J 668 -72.47 20.56 13.37
CA ARG J 668 -71.28 20.45 14.19
C ARG J 668 -70.62 21.80 14.40
N TRP J 669 -70.53 22.60 13.33
CA TRP J 669 -69.96 23.93 13.43
C TRP J 669 -70.80 24.84 14.32
N VAL J 670 -72.13 24.74 14.20
CA VAL J 670 -73.02 25.56 15.03
C VAL J 670 -72.85 25.22 16.50
N MET J 671 -72.74 23.93 16.82
CA MET J 671 -72.66 23.51 18.21
C MET J 671 -71.33 23.86 18.88
N LEU J 672 -70.34 24.33 18.11
CA LEU J 672 -69.05 24.66 18.71
C LEU J 672 -69.20 25.88 19.63
N PRO J 673 -68.47 25.91 20.75
CA PRO J 673 -68.62 26.99 21.73
C PRO J 673 -67.65 28.15 21.58
N SER J 674 -66.81 28.18 20.55
CA SER J 674 -65.82 29.24 20.39
C SER J 674 -66.47 30.45 19.74
N LEU J 675 -66.40 31.60 20.42
CA LEU J 675 -66.99 32.84 19.95
C LEU J 675 -65.94 33.94 19.94
N GLN J 676 -66.16 34.94 19.09
CA GLN J 676 -65.25 36.08 18.96
C GLN J 676 -65.95 37.35 19.40
N PRO J 677 -65.57 37.95 20.52
CA PRO J 677 -66.22 39.20 20.96
C PRO J 677 -65.99 40.33 19.97
N SER J 678 -67.01 41.18 19.84
CA SER J 678 -66.95 42.33 18.96
C SER J 678 -68.12 43.25 19.29
N LEU J 679 -67.99 44.51 18.85
CA LEU J 679 -69.09 45.47 19.03
C LEU J 679 -70.33 45.03 18.26
N LYS J 680 -70.14 44.52 17.04
CA LYS J 680 -71.29 44.09 16.24
C LYS J 680 -72.04 42.97 16.94
N LEU J 681 -71.32 42.02 17.54
CA LEU J 681 -71.99 40.96 18.29
C LEU J 681 -72.71 41.52 19.50
N ALA J 682 -72.11 42.49 20.18
CA ALA J 682 -72.72 43.09 21.36
C ALA J 682 -74.03 43.77 21.01
N LEU J 683 -74.08 44.44 19.86
CA LEU J 683 -75.33 45.05 19.43
C LEU J 683 -76.32 44.01 18.92
N GLU J 684 -75.83 42.96 18.25
CA GLU J 684 -76.71 41.97 17.66
C GLU J 684 -77.43 41.16 18.73
N GLU J 685 -76.73 40.81 19.81
CA GLU J 685 -77.39 40.06 20.88
C GLU J 685 -78.49 40.88 21.54
N GLU J 686 -78.25 42.18 21.74
CA GLU J 686 -79.28 43.04 22.30
C GLU J 686 -80.46 43.20 21.34
N ALA J 687 -80.18 43.29 20.04
CA ALA J 687 -81.26 43.37 19.06
C ALA J 687 -82.10 42.09 19.07
N TRP J 688 -81.44 40.93 19.15
CA TRP J 688 -82.17 39.66 19.23
C TRP J 688 -83.01 39.59 20.49
N ALA J 689 -82.46 40.06 21.63
CA ALA J 689 -83.23 40.07 22.87
C ALA J 689 -84.45 40.98 22.75
N ALA J 690 -84.29 42.15 22.13
CA ALA J 690 -85.41 43.05 21.91
C ALA J 690 -86.40 42.51 20.88
N ALA J 691 -85.98 41.54 20.06
CA ALA J 691 -86.87 40.95 19.06
C ALA J 691 -87.82 39.93 19.64
N ASN J 692 -87.77 39.67 20.96
CA ASN J 692 -88.65 38.68 21.56
C ASN J 692 -90.12 39.09 21.49
N ASP J 693 -90.41 40.37 21.28
CA ASP J 693 -91.77 40.85 21.15
C ASP J 693 -92.10 41.01 19.66
N PHE J 694 -93.09 40.25 19.20
CA PHE J 694 -93.48 40.34 17.79
C PHE J 694 -94.10 41.69 17.46
N GLU J 695 -94.69 42.37 18.45
CA GLU J 695 -95.25 43.68 18.21
C GLU J 695 -94.17 44.69 17.85
N ASP J 696 -92.98 44.56 18.46
CA ASP J 696 -91.85 45.40 18.06
C ASP J 696 -91.49 45.17 16.60
N LEU J 697 -91.73 43.95 16.08
CA LEU J 697 -91.60 43.66 14.67
C LEU J 697 -92.89 43.89 13.90
N MET J 698 -93.99 44.20 14.59
CA MET J 698 -95.31 44.37 13.98
C MET J 698 -95.74 43.16 13.16
N LEU J 699 -95.51 41.97 13.71
CA LEU J 699 -96.09 40.75 13.18
C LEU J 699 -97.08 40.22 14.21
N THR J 700 -98.34 40.10 13.82
CA THR J 700 -99.39 39.78 14.77
C THR J 700 -100.30 38.70 14.20
N ASP J 701 -100.96 37.98 15.11
CA ASP J 701 -101.96 36.99 14.75
C ASP J 701 -103.32 37.29 15.34
N GLN J 702 -103.46 38.39 16.07
CA GLN J 702 -104.72 38.75 16.72
C GLN J 702 -105.54 39.65 15.78
N VAL J 703 -106.08 39.01 14.74
CA VAL J 703 -106.93 39.68 13.76
C VAL J 703 -108.36 39.23 13.99
N TYR J 704 -109.25 40.19 14.23
CA TYR J 704 -110.64 39.92 14.53
C TYR J 704 -111.53 40.47 13.42
N MET J 705 -112.75 39.94 13.36
CA MET J 705 -113.75 40.37 12.39
C MET J 705 -115.03 40.68 13.14
N HIS J 706 -115.58 41.87 12.93
CA HIS J 706 -116.79 42.27 13.64
C HIS J 706 -117.44 43.40 12.85
N ARG J 707 -118.73 43.23 12.52
CA ARG J 707 -119.43 44.21 11.70
C ARG J 707 -119.62 45.51 12.46
N ASP J 708 -119.23 46.62 11.84
CA ASP J 708 -119.27 47.93 12.47
C ASP J 708 -119.68 48.99 11.46
N MET J 709 -120.00 50.17 11.99
CA MET J 709 -120.50 51.29 11.21
C MET J 709 -119.41 52.32 10.97
N LEU J 710 -119.41 52.89 9.78
CA LEU J 710 -118.66 54.12 9.54
C LEU J 710 -119.42 55.29 10.14
N PRO J 711 -118.81 56.07 11.03
CA PRO J 711 -119.57 57.12 11.73
C PRO J 711 -120.12 58.16 10.78
N GLU J 712 -121.33 58.64 11.09
CA GLU J 712 -121.97 59.72 10.34
C GLU J 712 -122.16 60.91 11.27
N PRO J 713 -121.31 61.93 11.18
CA PRO J 713 -121.39 63.04 12.13
C PRO J 713 -122.66 63.85 11.95
N ARG J 714 -123.08 64.49 13.05
CA ARG J 714 -124.26 65.35 13.03
C ARG J 714 -124.07 66.53 12.08
N LEU J 715 -122.95 67.24 12.24
CA LEU J 715 -122.57 68.35 11.37
C LEU J 715 -123.65 69.44 11.34
N ASP J 716 -124.30 69.65 12.48
CA ASP J 716 -125.28 70.73 12.59
C ASP J 716 -124.65 72.04 13.01
N ASP J 717 -123.62 72.00 13.83
CA ASP J 717 -122.82 73.17 14.21
C ASP J 717 -121.39 72.85 13.77
N ILE J 718 -121.03 73.31 12.58
CA ILE J 718 -119.77 72.90 11.98
C ILE J 718 -118.57 73.39 12.77
N GLU J 719 -118.65 74.59 13.36
CA GLU J 719 -117.54 75.10 14.16
C GLU J 719 -117.30 74.22 15.39
N ARG J 720 -118.38 73.81 16.06
CA ARG J 720 -118.24 72.96 17.23
C ARG J 720 -117.63 71.61 16.88
N PHE J 721 -118.09 71.02 15.77
CA PHE J 721 -117.52 69.75 15.33
C PHE J 721 -116.06 69.90 14.94
N ARG J 722 -115.71 71.01 14.28
CA ARG J 722 -114.33 71.22 13.86
C ARG J 722 -113.41 71.41 15.06
N GLN J 723 -113.90 72.08 16.10
CA GLN J 723 -113.06 72.31 17.28
C GLN J 723 -112.71 71.00 17.97
N GLU J 724 -113.66 70.07 18.05
CA GLU J 724 -113.44 68.78 18.68
C GLU J 724 -112.91 67.79 17.65
N GLY J 725 -111.66 67.37 17.82
CA GLY J 725 -111.08 66.44 16.88
C GLY J 725 -111.82 65.12 16.86
N PHE J 726 -112.06 64.60 15.66
CA PHE J 726 -112.77 63.34 15.46
C PHE J 726 -112.04 62.50 14.45
N TYR J 727 -111.98 61.19 14.70
CA TYR J 727 -111.28 60.28 13.81
C TYR J 727 -111.77 58.85 14.09
N TYR J 728 -111.54 57.97 13.12
CA TYR J 728 -111.96 56.58 13.21
C TYR J 728 -110.82 55.69 12.77
N THR J 729 -110.61 54.59 13.50
CA THR J 729 -109.50 53.68 13.24
C THR J 729 -109.98 52.24 13.28
N ASN J 730 -109.19 51.36 12.69
CA ASN J 730 -109.38 49.92 12.85
C ASN J 730 -108.80 49.40 14.15
N MET J 731 -108.02 50.22 14.85
CA MET J 731 -107.37 49.78 16.08
C MET J 731 -108.40 49.51 17.17
N LEU J 732 -108.06 48.56 18.05
CA LEU J 732 -108.88 48.23 19.20
C LEU J 732 -108.18 48.72 20.46
N GLU J 733 -108.90 49.50 21.27
CA GLU J 733 -108.33 49.99 22.52
C GLU J 733 -108.03 48.83 23.47
N ALA J 734 -108.93 47.86 23.55
CA ALA J 734 -108.77 46.68 24.36
C ALA J 734 -109.20 45.46 23.56
N PRO J 735 -108.63 44.29 23.85
CA PRO J 735 -109.08 43.08 23.17
C PRO J 735 -110.53 42.80 23.49
N PRO J 736 -111.27 42.18 22.56
CA PRO J 736 -112.68 41.91 22.81
C PRO J 736 -112.88 41.01 24.01
N GLU J 737 -113.98 41.24 24.73
CA GLU J 737 -114.25 40.50 25.96
C GLU J 737 -114.42 39.02 25.67
N ILE J 738 -113.94 38.18 26.59
CA ILE J 738 -114.06 36.74 26.43
C ILE J 738 -115.53 36.33 26.56
N ASP J 739 -115.84 35.17 25.99
CA ASP J 739 -117.18 34.57 25.89
C ASP J 739 -118.05 35.30 24.88
N ARG J 740 -117.60 36.42 24.33
CA ARG J 740 -118.27 37.11 23.24
C ARG J 740 -117.62 36.82 21.89
N VAL J 741 -116.57 36.01 21.87
CA VAL J 741 -115.81 35.73 20.67
C VAL J 741 -115.71 34.23 20.48
N VAL J 742 -115.69 33.81 19.21
CA VAL J 742 -115.55 32.40 18.85
C VAL J 742 -114.20 32.23 18.15
N GLN J 743 -113.57 31.08 18.38
CA GLN J 743 -112.22 30.81 17.87
C GLN J 743 -112.31 29.87 16.67
N TYR J 744 -111.62 30.24 15.60
CA TYR J 744 -111.60 29.45 14.37
C TYR J 744 -110.16 29.13 13.98
N THR J 745 -110.03 28.12 13.13
CA THR J 745 -108.74 27.73 12.58
C THR J 745 -108.99 27.06 11.23
N TYR J 746 -107.94 26.48 10.64
CA TYR J 746 -108.07 25.85 9.34
C TYR J 746 -108.97 24.62 9.41
N GLU J 747 -108.78 23.76 10.41
CA GLU J 747 -109.52 22.51 10.47
C GLU J 747 -110.98 22.75 10.81
N ILE J 748 -111.27 23.73 11.68
CA ILE J 748 -112.67 24.07 11.98
C ILE J 748 -113.38 24.56 10.72
N ALA J 749 -112.72 25.43 9.96
CA ALA J 749 -113.32 25.93 8.73
C ALA J 749 -113.53 24.82 7.72
N ARG J 750 -112.55 23.91 7.61
CA ARG J 750 -112.70 22.79 6.68
C ARG J 750 -113.85 21.87 7.10
N LEU J 751 -113.99 21.61 8.40
CA LEU J 751 -115.11 20.79 8.88
C LEU J 751 -116.44 21.47 8.60
N GLN J 752 -116.51 22.78 8.79
CA GLN J 752 -117.75 23.51 8.50
C GLN J 752 -118.06 23.47 7.00
N ALA J 753 -117.04 23.62 6.15
CA ALA J 753 -117.24 23.57 4.72
C ALA J 753 -117.58 22.16 4.23
N ASN J 754 -117.23 21.13 4.99
CA ASN J 754 -117.59 19.77 4.63
C ASN J 754 -119.09 19.56 4.61
N MET J 755 -119.85 20.38 5.33
CA MET J 755 -121.31 20.31 5.33
C MET J 755 -121.95 21.55 4.75
N GLY J 756 -121.15 22.51 4.25
CA GLY J 756 -121.71 23.72 3.67
C GLY J 756 -122.19 24.73 4.67
N GLN J 757 -121.83 24.59 5.95
CA GLN J 757 -122.29 25.49 6.99
C GLN J 757 -121.31 26.61 7.28
N PHE J 758 -120.19 26.69 6.55
CA PHE J 758 -119.19 27.71 6.82
C PHE J 758 -119.76 29.11 6.64
N ARG J 759 -120.24 29.42 5.42
CA ARG J 759 -120.83 30.72 5.16
C ARG J 759 -122.07 30.94 6.01
N ALA J 760 -122.89 29.90 6.20
CA ALA J 760 -124.08 30.03 7.02
C ALA J 760 -123.72 30.36 8.47
N ALA J 761 -122.72 29.68 9.03
CA ALA J 761 -122.30 29.97 10.39
C ALA J 761 -121.74 31.37 10.52
N LEU J 762 -120.94 31.80 9.53
CA LEU J 762 -120.41 33.17 9.56
C LEU J 762 -121.54 34.19 9.53
N ARG J 763 -122.53 33.98 8.66
CA ARG J 763 -123.65 34.92 8.58
C ARG J 763 -124.46 34.93 9.87
N ARG J 764 -124.67 33.75 10.48
CA ARG J 764 -125.38 33.69 11.75
C ARG J 764 -124.62 34.45 12.84
N ILE J 765 -123.30 34.26 12.89
CA ILE J 765 -122.51 34.95 13.91
C ILE J 765 -122.58 36.46 13.70
N MET J 766 -122.49 36.90 12.45
CA MET J 766 -122.53 38.34 12.18
C MET J 766 -123.91 38.92 12.50
N ASP J 767 -124.97 38.16 12.23
CA ASP J 767 -126.29 38.59 12.65
C ASP J 767 -126.44 38.62 14.16
N ASP J 768 -125.59 37.89 14.88
CA ASP J 768 -125.56 37.89 16.33
C ASP J 768 -124.57 38.90 16.90
N ASP J 769 -123.98 39.74 16.04
CA ASP J 769 -123.04 40.80 16.42
C ASP J 769 -121.93 40.29 17.35
N ASP J 770 -121.60 39.01 17.25
CA ASP J 770 -120.53 38.43 18.02
C ASP J 770 -119.20 38.56 17.28
N TRP J 771 -118.11 38.32 18.00
CA TRP J 771 -116.77 38.45 17.46
C TRP J 771 -116.24 37.09 17.03
N VAL J 772 -115.38 37.11 16.01
CA VAL J 772 -114.72 35.91 15.51
C VAL J 772 -113.25 36.22 15.30
N ARG J 773 -112.38 35.28 15.67
CA ARG J 773 -110.95 35.46 15.58
C ARG J 773 -110.32 34.34 14.76
N PHE J 774 -109.42 34.71 13.85
CA PHE J 774 -108.61 33.75 13.12
C PHE J 774 -107.25 33.62 13.78
N GLY J 775 -106.59 32.49 13.53
CA GLY J 775 -105.31 32.22 14.16
C GLY J 775 -104.44 31.37 13.26
N GLY J 776 -103.26 31.03 13.80
CA GLY J 776 -102.32 30.19 13.08
C GLY J 776 -101.31 30.97 12.25
N VAL J 777 -101.79 31.65 11.21
CA VAL J 777 -100.91 32.36 10.29
C VAL J 777 -100.54 33.71 10.89
N LEU J 778 -99.24 34.02 10.87
CA LEU J 778 -98.75 35.32 11.28
C LEU J 778 -98.85 36.30 10.12
N ARG J 779 -99.53 37.42 10.36
CA ARG J 779 -99.81 38.41 9.33
C ARG J 779 -98.93 39.64 9.50
N THR J 780 -98.88 40.44 8.45
CA THR J 780 -98.16 41.71 8.46
C THR J 780 -99.16 42.85 8.45
N VAL J 781 -98.78 43.97 9.08
CA VAL J 781 -99.65 45.12 9.23
C VAL J 781 -99.06 46.30 8.46
N ARG J 782 -99.94 47.06 7.81
CA ARG J 782 -99.56 48.25 7.07
C ARG J 782 -100.34 49.43 7.60
N VAL J 783 -99.68 50.58 7.72
CA VAL J 783 -100.29 51.79 8.25
C VAL J 783 -100.47 52.81 7.12
N LYS J 784 -101.65 53.39 7.03
CA LYS J 784 -101.96 54.38 6.02
C LYS J 784 -102.86 55.44 6.63
N PHE J 785 -102.82 56.64 6.04
CA PHE J 785 -103.61 57.76 6.50
C PHE J 785 -104.41 58.33 5.34
N TYR J 786 -105.73 58.44 5.53
CA TYR J 786 -106.66 58.89 4.51
C TYR J 786 -107.35 60.17 4.96
N ASP J 787 -107.93 60.89 4.00
CA ASP J 787 -108.63 62.17 4.30
C ASP J 787 -110.04 62.12 3.71
N ALA J 788 -110.41 60.97 3.14
CA ALA J 788 -111.75 60.79 2.53
C ALA J 788 -112.06 59.30 2.49
N ARG J 789 -113.22 58.91 1.96
CA ARG J 789 -113.59 57.47 1.98
C ARG J 789 -112.42 56.66 1.40
N PRO J 790 -111.93 55.62 2.09
CA PRO J 790 -110.80 54.81 1.61
C PRO J 790 -111.21 54.04 0.34
N PRO J 791 -110.30 53.32 -0.35
CA PRO J 791 -110.74 52.53 -1.51
C PRO J 791 -111.53 51.30 -1.06
N ASP J 792 -112.32 50.78 -1.99
CA ASP J 792 -113.24 49.69 -1.67
C ASP J 792 -112.51 48.44 -1.18
N ASP J 793 -111.32 48.18 -1.71
CA ASP J 793 -110.61 46.95 -1.36
C ASP J 793 -110.29 46.90 0.14
N VAL J 794 -109.87 48.03 0.71
CA VAL J 794 -109.63 48.07 2.15
C VAL J 794 -110.89 48.43 2.92
N LEU J 795 -111.87 49.07 2.27
CA LEU J 795 -113.12 49.40 2.95
C LEU J 795 -113.91 48.16 3.30
N GLN J 796 -113.99 47.19 2.38
CA GLN J 796 -114.80 46.00 2.58
C GLN J 796 -114.04 44.71 2.31
N GLY J 797 -112.72 44.72 2.48
CA GLY J 797 -111.93 43.53 2.23
C GLY J 797 -112.13 42.47 3.29
N LEU J 798 -111.77 41.25 2.93
CA LEU J 798 -111.91 40.10 3.81
C LEU J 798 -110.55 39.46 4.06
N PRO J 799 -110.21 39.17 5.33
CA PRO J 799 -108.92 38.50 5.61
C PRO J 799 -108.88 37.04 5.18
N PHE J 800 -110.00 36.48 4.71
CA PHE J 800 -110.03 35.10 4.25
C PHE J 800 -110.66 35.04 2.87
N SER J 801 -110.34 33.97 2.14
CA SER J 801 -110.88 33.73 0.81
C SER J 801 -111.45 32.32 0.74
N TYR J 802 -112.55 32.19 0.00
CA TYR J 802 -113.25 30.92 -0.14
C TYR J 802 -113.54 30.68 -1.61
N ASP J 803 -113.37 29.43 -2.05
CA ASP J 803 -113.63 29.05 -3.42
C ASP J 803 -113.97 27.58 -3.47
N THR J 804 -114.67 27.18 -4.53
CA THR J 804 -115.06 25.79 -4.71
C THR J 804 -115.19 25.50 -6.21
N ASN J 805 -114.94 24.25 -6.57
CA ASN J 805 -115.01 23.82 -7.95
C ASN J 805 -115.24 22.31 -7.99
N GLU J 806 -115.57 21.80 -9.17
CA GLU J 806 -115.86 20.39 -9.35
C GLU J 806 -115.05 19.84 -10.52
N ARG J 807 -114.42 18.70 -10.30
CA ARG J 807 -113.76 17.94 -11.36
C ARG J 807 -114.21 16.49 -11.26
N GLY J 808 -114.39 15.85 -12.41
CA GLY J 808 -114.92 14.50 -12.42
C GLY J 808 -116.30 14.46 -11.80
N GLY J 809 -116.51 13.49 -10.92
CA GLY J 809 -117.78 13.35 -10.21
C GLY J 809 -117.76 13.77 -8.76
N LEU J 810 -116.71 14.44 -8.29
CA LEU J 810 -116.59 14.82 -6.90
C LEU J 810 -116.54 16.34 -6.76
N ALA J 811 -117.08 16.84 -5.65
CA ALA J 811 -117.06 18.26 -5.37
C ALA J 811 -115.80 18.63 -4.59
N TYR J 812 -115.33 19.86 -4.79
CA TYR J 812 -114.09 20.32 -4.20
C TYR J 812 -114.23 21.77 -3.76
N ALA J 813 -113.44 22.15 -2.75
CA ALA J 813 -113.49 23.50 -2.21
C ALA J 813 -112.16 23.88 -1.59
N THR J 814 -111.87 25.18 -1.57
CA THR J 814 -110.62 25.71 -1.04
C THR J 814 -110.90 26.85 -0.08
N ILE J 815 -110.02 26.99 0.92
CA ILE J 815 -110.07 28.09 1.87
C ILE J 815 -108.66 28.60 2.09
N LYS J 816 -108.53 29.93 2.22
CA LYS J 816 -107.24 30.56 2.46
C LYS J 816 -107.43 31.79 3.33
N TYR J 817 -106.34 32.20 3.98
CA TYR J 817 -106.32 33.40 4.80
C TYR J 817 -105.36 34.41 4.18
N ALA J 818 -105.83 35.64 4.02
CA ALA J 818 -104.97 36.71 3.53
C ALA J 818 -103.88 37.02 4.56
N THR J 819 -102.64 37.16 4.08
CA THR J 819 -101.52 37.37 4.99
C THR J 819 -101.19 38.85 5.19
N GLU J 820 -101.71 39.74 4.35
CA GLU J 820 -101.47 41.17 4.46
C GLU J 820 -102.72 41.87 4.96
N THR J 821 -102.58 42.62 6.04
CA THR J 821 -103.67 43.39 6.61
C THR J 821 -103.24 44.84 6.76
N THR J 822 -104.21 45.75 6.67
CA THR J 822 -103.93 47.18 6.69
C THR J 822 -104.67 47.85 7.83
N ILE J 823 -104.02 48.86 8.41
CA ILE J 823 -104.63 49.70 9.44
C ILE J 823 -104.63 51.13 8.89
N PHE J 824 -105.81 51.74 8.82
CA PHE J 824 -105.95 53.07 8.27
C PHE J 824 -106.54 54.03 9.29
N TYR J 825 -106.23 55.31 9.11
CA TYR J 825 -106.73 56.38 9.98
C TYR J 825 -107.48 57.38 9.12
N LEU J 826 -108.66 57.78 9.58
CA LEU J 826 -109.52 58.69 8.85
C LEU J 826 -109.59 60.03 9.57
N ILE J 827 -109.30 61.10 8.85
CA ILE J 827 -109.40 62.47 9.35
C ILE J 827 -110.51 63.17 8.58
N TYR J 828 -111.52 63.64 9.30
CA TYR J 828 -112.71 64.21 8.69
C TYR J 828 -112.52 65.71 8.51
N ASN J 829 -112.43 66.16 7.26
CA ASN J 829 -112.31 67.58 6.95
C ASN J 829 -113.67 68.13 6.53
N VAL J 830 -114.02 69.29 7.10
CA VAL J 830 -115.31 69.91 6.84
C VAL J 830 -115.09 71.37 6.45
N GLU J 831 -116.03 71.89 5.66
CA GLU J 831 -115.99 73.28 5.21
C GLU J 831 -117.40 73.86 5.29
N PHE J 832 -117.47 75.19 5.38
CA PHE J 832 -118.74 75.85 5.67
C PHE J 832 -119.81 75.55 4.63
N SER J 833 -119.41 75.21 3.41
CA SER J 833 -120.36 75.12 2.30
C SER J 833 -121.36 73.98 2.47
N ASN J 834 -120.89 72.81 2.91
CA ASN J 834 -121.71 71.60 2.83
C ASN J 834 -122.88 71.66 3.82
N THR J 835 -123.97 71.00 3.43
CA THR J 835 -125.15 70.88 4.27
C THR J 835 -124.94 69.82 5.35
N PRO J 836 -125.65 69.92 6.48
CA PRO J 836 -125.52 68.89 7.51
C PRO J 836 -125.84 67.48 7.02
N ASP J 837 -126.78 67.34 6.08
CA ASP J 837 -127.16 66.04 5.57
C ASP J 837 -126.21 65.51 4.50
N SER J 838 -125.18 66.28 4.13
CA SER J 838 -124.26 65.84 3.10
C SER J 838 -123.47 64.60 3.55
N LEU J 839 -123.08 64.55 4.82
CA LEU J 839 -122.28 63.46 5.36
C LEU J 839 -123.12 62.37 5.99
N VAL J 840 -124.34 62.15 5.51
CA VAL J 840 -125.21 61.09 6.01
C VAL J 840 -125.69 60.31 4.79
N LEU J 841 -125.17 59.09 4.61
CA LEU J 841 -125.58 58.25 3.51
C LEU J 841 -126.95 57.64 3.78
N ILE J 842 -127.64 57.31 2.69
CA ILE J 842 -128.99 56.75 2.81
C ILE J 842 -128.95 55.36 3.44
N ASN J 843 -127.92 54.58 3.13
CA ASN J 843 -127.82 53.21 3.62
C ASN J 843 -126.44 52.98 4.21
N PRO J 844 -126.32 52.06 5.17
CA PRO J 844 -125.05 51.87 5.86
C PRO J 844 -123.96 51.29 4.97
N THR J 845 -122.72 51.62 5.33
CA THR J 845 -121.52 51.02 4.75
C THR J 845 -120.79 50.27 5.85
N TYR J 846 -120.48 49.00 5.61
CA TYR J 846 -119.98 48.12 6.65
C TYR J 846 -118.50 47.82 6.44
N THR J 847 -117.74 47.85 7.53
CA THR J 847 -116.34 47.45 7.54
C THR J 847 -116.18 46.25 8.47
N MET J 848 -115.32 45.31 8.06
CA MET J 848 -115.22 44.01 8.73
C MET J 848 -113.98 43.88 9.60
N THR J 849 -112.80 44.10 9.02
CA THR J 849 -111.55 43.74 9.68
C THR J 849 -111.25 44.64 10.87
N LYS J 850 -110.70 44.05 11.92
CA LYS J 850 -110.20 44.78 13.08
C LYS J 850 -108.88 44.18 13.53
N VAL J 851 -108.02 45.02 14.08
CA VAL J 851 -106.68 44.61 14.51
C VAL J 851 -106.40 45.23 15.87
N PHE J 852 -105.79 44.45 16.77
CA PHE J 852 -105.43 44.89 18.10
C PHE J 852 -103.92 44.86 18.26
N ILE J 853 -103.36 45.94 18.80
CA ILE J 853 -101.94 46.04 19.13
C ILE J 853 -101.82 46.61 20.53
N ASN J 854 -100.89 46.07 21.32
CA ASN J 854 -100.75 46.42 22.73
C ASN J 854 -99.77 47.55 22.97
N LYS J 855 -99.60 48.46 22.00
CA LYS J 855 -98.76 49.62 22.20
C LYS J 855 -99.31 50.79 21.39
N ARG J 856 -98.91 51.99 21.79
CA ARG J 856 -99.44 53.22 21.21
C ARG J 856 -98.73 53.52 19.90
N ILE J 857 -99.48 53.49 18.80
CA ILE J 857 -98.95 53.90 17.50
C ILE J 857 -99.30 55.36 17.20
N VAL J 858 -100.58 55.70 17.29
CA VAL J 858 -101.05 57.07 17.13
C VAL J 858 -101.96 57.40 18.31
N GLU J 859 -101.71 58.54 18.94
CA GLU J 859 -102.47 58.97 20.11
C GLU J 859 -103.02 60.37 19.89
N ARG J 860 -104.26 60.58 20.33
CA ARG J 860 -104.91 61.88 20.26
C ARG J 860 -104.70 62.58 21.59
N VAL J 861 -103.86 63.62 21.60
CA VAL J 861 -103.55 64.37 22.80
C VAL J 861 -103.76 65.86 22.52
N ARG J 862 -103.98 66.60 23.60
CA ARG J 862 -104.11 68.04 23.49
C ARG J 862 -102.72 68.68 23.38
N VAL J 863 -102.71 69.96 23.03
CA VAL J 863 -101.46 70.68 22.81
C VAL J 863 -100.65 70.86 24.08
N GLY J 864 -101.22 70.54 25.24
CA GLY J 864 -100.48 70.68 26.49
C GLY J 864 -99.31 69.72 26.60
N GLN J 865 -99.51 68.47 26.17
CA GLN J 865 -98.51 67.41 26.34
C GLN J 865 -97.71 67.16 25.07
N ILE J 866 -97.50 68.20 24.25
CA ILE J 866 -96.65 68.03 23.07
C ILE J 866 -95.22 67.72 23.47
N LEU J 867 -94.71 68.44 24.48
CA LEU J 867 -93.33 68.28 24.93
C LEU J 867 -93.23 67.40 26.17
N ALA J 868 -94.32 66.76 26.59
CA ALA J 868 -94.26 65.86 27.74
C ALA J 868 -93.55 64.56 27.42
N VAL J 869 -93.24 64.30 26.15
CA VAL J 869 -92.53 63.08 25.76
C VAL J 869 -91.08 63.09 26.17
N LEU J 870 -90.51 64.27 26.45
CA LEU J 870 -89.09 64.38 26.77
C LEU J 870 -88.80 63.79 28.15
N ASN J 871 -88.41 62.51 28.18
CA ASN J 871 -88.12 61.85 29.46
C ASN J 871 -86.93 60.91 29.39
N ARG J 872 -86.11 60.98 28.34
CA ARG J 872 -84.98 60.08 28.18
C ARG J 872 -83.68 60.87 28.21
N ARG J 873 -82.64 60.26 28.79
CA ARG J 873 -81.38 60.93 29.05
C ARG J 873 -80.39 60.67 27.91
N PHE J 874 -79.79 61.74 27.41
CA PHE J 874 -78.80 61.67 26.33
C PHE J 874 -77.47 62.22 26.81
N VAL J 875 -76.39 61.72 26.21
CA VAL J 875 -75.03 62.20 26.47
C VAL J 875 -74.39 62.54 25.13
N ALA J 876 -73.76 63.71 25.06
CA ALA J 876 -73.15 64.19 23.83
C ALA J 876 -71.74 64.68 24.11
N TYR J 877 -70.82 64.38 23.19
CA TYR J 877 -69.45 64.81 23.32
C TYR J 877 -69.28 66.24 22.78
N LYS J 878 -68.28 66.93 23.31
CA LYS J 878 -68.06 68.33 22.97
C LYS J 878 -67.48 68.47 21.57
N GLY J 879 -67.54 69.69 21.04
CA GLY J 879 -67.02 69.94 19.71
C GLY J 879 -65.52 69.74 19.62
N LYS J 880 -64.79 70.19 20.63
CA LYS J 880 -63.35 70.00 20.69
C LYS J 880 -62.96 68.54 20.88
N MET J 881 -63.91 67.68 21.23
CA MET J 881 -63.62 66.28 21.51
C MET J 881 -63.42 65.52 20.20
N ARG J 882 -62.60 64.47 20.25
CA ARG J 882 -62.27 63.70 19.06
C ARG J 882 -62.66 62.24 19.25
N ILE J 883 -63.21 61.65 18.19
CA ILE J 883 -63.56 60.23 18.14
C ILE J 883 -62.65 59.55 17.14
N MET J 884 -61.96 58.49 17.58
CA MET J 884 -60.97 57.81 16.74
C MET J 884 -61.16 56.31 16.83
N ASP J 885 -60.71 55.63 15.77
CA ASP J 885 -60.69 54.17 15.71
C ASP J 885 -59.37 53.73 15.10
N ILE J 886 -59.01 52.48 15.37
CA ILE J 886 -57.71 51.97 14.91
C ILE J 886 -57.63 52.00 13.39
N THR J 887 -58.70 51.60 12.71
CA THR J 887 -58.71 51.61 11.26
C THR J 887 -58.49 53.01 10.69
N GLN J 888 -59.02 54.03 11.36
CA GLN J 888 -58.79 55.40 10.92
C GLN J 888 -57.32 55.78 11.02
N SER J 889 -56.66 55.36 12.11
CA SER J 889 -55.25 55.70 12.28
C SER J 889 -54.38 55.06 11.21
N LEU J 890 -54.67 53.81 10.84
CA LEU J 890 -53.91 53.13 9.80
C LEU J 890 -54.21 53.67 8.41
N LYS J 891 -55.21 54.54 8.27
CA LYS J 891 -55.56 55.18 6.99
C LYS J 891 -55.93 54.13 5.94
N MET J 892 -57.00 53.38 6.25
CA MET J 892 -57.50 52.36 5.34
C MET J 892 -58.08 52.99 4.08
N ILE K 12 -15.80 82.22 10.28
CA ILE K 12 -16.27 80.87 10.54
C ILE K 12 -17.46 80.54 9.67
N LYS K 13 -17.36 79.44 8.92
CA LYS K 13 -18.42 79.00 8.03
C LYS K 13 -18.63 77.50 8.19
N THR K 14 -19.85 77.05 7.96
CA THR K 14 -20.16 75.63 8.06
C THR K 14 -19.54 74.85 6.92
N THR K 15 -19.40 73.55 7.12
CA THR K 15 -19.00 72.67 6.04
C THR K 15 -20.11 72.60 5.00
N PRO K 16 -19.77 72.49 3.72
CA PRO K 16 -20.78 72.56 2.67
C PRO K 16 -21.82 71.44 2.79
N TYR K 17 -23.06 71.79 2.45
CA TYR K 17 -24.16 70.84 2.40
C TYR K 17 -24.82 70.92 1.03
N LEU K 18 -25.39 69.81 0.60
CA LEU K 18 -25.90 69.67 -0.76
C LEU K 18 -27.32 70.21 -0.85
N GLU K 19 -27.54 71.13 -1.81
CA GLU K 19 -28.85 71.70 -2.09
C GLU K 19 -29.33 71.09 -3.41
N GLY K 20 -29.95 69.92 -3.33
CA GLY K 20 -30.46 69.24 -4.50
C GLY K 20 -29.36 68.67 -5.37
N ASP K 21 -28.61 69.55 -6.03
CA ASP K 21 -27.47 69.13 -6.84
C ASP K 21 -26.28 70.08 -6.75
N VAL K 22 -26.35 71.12 -5.93
CA VAL K 22 -25.29 72.11 -5.82
C VAL K 22 -24.92 72.28 -4.34
N LEU K 23 -23.63 72.46 -4.08
CA LEU K 23 -23.16 72.65 -2.72
C LEU K 23 -23.35 74.10 -2.28
N SER K 24 -23.57 74.27 -0.98
CA SER K 24 -23.76 75.60 -0.41
C SER K 24 -23.27 75.59 1.03
N SER K 25 -22.96 76.79 1.54
CA SER K 25 -22.45 76.91 2.90
C SER K 25 -23.07 78.08 3.66
N ASP K 26 -24.25 78.54 3.25
CA ASP K 26 -24.90 79.64 3.95
C ASP K 26 -25.34 79.20 5.35
N SER K 27 -25.19 80.11 6.31
CA SER K 27 -25.56 79.78 7.69
C SER K 27 -27.05 79.52 7.82
N GLY K 28 -27.87 80.31 7.15
CA GLY K 28 -29.31 80.15 7.22
C GLY K 28 -29.92 80.96 8.35
N PRO K 29 -31.13 80.59 8.76
CA PRO K 29 -31.81 81.33 9.82
C PRO K 29 -31.13 81.14 11.17
N LEU K 30 -31.31 82.13 12.02
CA LEU K 30 -30.77 82.06 13.38
C LEU K 30 -31.46 80.96 14.17
N LEU K 31 -30.70 80.35 15.09
CA LEU K 31 -31.26 79.28 15.91
C LEU K 31 -32.38 79.78 16.80
N SER K 32 -32.34 81.05 17.19
CA SER K 32 -33.43 81.61 18.01
C SER K 32 -34.72 81.73 17.21
N VAL K 33 -34.61 81.87 15.89
CA VAL K 33 -35.79 81.98 15.04
C VAL K 33 -36.29 80.62 14.60
N PHE K 34 -35.37 79.69 14.32
CA PHE K 34 -35.76 78.35 13.88
C PHE K 34 -36.55 77.62 14.96
N ALA K 35 -36.16 77.77 16.22
CA ALA K 35 -36.81 77.07 17.31
C ALA K 35 -38.28 77.48 17.45
N LEU K 36 -38.54 78.78 17.40
CA LEU K 36 -39.90 79.27 17.56
C LEU K 36 -40.80 78.75 16.45
N GLN K 37 -40.29 78.70 15.22
CA GLN K 37 -41.08 78.17 14.11
C GLN K 37 -41.44 76.70 14.33
N GLU K 38 -40.48 75.91 14.81
CA GLU K 38 -40.76 74.49 15.05
C GLU K 38 -41.78 74.31 16.16
N ILE K 39 -41.64 75.08 17.25
CA ILE K 39 -42.60 74.96 18.35
C ILE K 39 -43.99 75.37 17.91
N MET K 40 -44.09 76.46 17.15
CA MET K 40 -45.39 76.92 16.66
C MET K 40 -45.99 75.90 15.69
N GLN K 41 -45.16 75.27 14.87
CA GLN K 41 -45.67 74.25 13.94
C GLN K 41 -46.19 73.05 14.70
N LYS K 42 -45.50 72.61 15.75
CA LYS K 42 -46.00 71.50 16.56
C LYS K 42 -47.32 71.87 17.23
N VAL K 43 -47.40 73.08 17.77
CA VAL K 43 -48.65 73.52 18.38
C VAL K 43 -49.78 73.55 17.34
N ARG K 44 -49.50 74.08 16.16
CA ARG K 44 -50.49 74.10 15.09
C ARG K 44 -50.95 72.69 14.75
N GLN K 45 -50.02 71.73 14.75
CA GLN K 45 -50.39 70.33 14.58
C GLN K 45 -51.28 69.84 15.72
N VAL K 46 -51.14 70.41 16.91
CA VAL K 46 -52.00 69.99 18.02
C VAL K 46 -53.46 70.32 17.76
N GLN K 47 -53.76 71.57 17.38
CA GLN K 47 -55.13 71.97 17.08
C GLN K 47 -55.45 71.90 15.59
N ALA K 48 -54.77 71.02 14.84
CA ALA K 48 -55.09 70.86 13.42
C ALA K 48 -56.51 70.36 13.23
N ASP K 49 -56.95 69.44 14.08
CA ASP K 49 -58.30 68.89 13.98
C ASP K 49 -59.35 69.91 14.42
N ASP K 63 -43.72 85.69 10.41
CA ASP K 63 -44.55 85.83 11.60
C ASP K 63 -43.72 85.71 12.87
N VAL K 64 -42.61 84.98 12.78
CA VAL K 64 -41.73 84.81 13.94
C VAL K 64 -41.12 86.13 14.35
N GLN K 65 -40.68 86.94 13.38
CA GLN K 65 -40.14 88.25 13.70
C GLN K 65 -41.21 89.15 14.31
N LYS K 66 -42.45 89.04 13.82
CA LYS K 66 -43.55 89.81 14.38
C LYS K 66 -43.72 89.57 15.87
N ILE K 67 -43.36 88.39 16.35
CA ILE K 67 -43.41 88.08 17.78
C ILE K 67 -42.11 88.49 18.47
N LEU K 68 -40.97 88.24 17.83
CA LEU K 68 -39.69 88.50 18.47
C LEU K 68 -39.49 89.98 18.75
N ASP K 69 -39.81 90.84 17.77
CA ASP K 69 -39.73 92.28 18.03
C ASP K 69 -40.77 92.70 19.06
N ASP K 70 -41.90 91.99 19.14
CA ASP K 70 -42.90 92.31 20.14
C ASP K 70 -42.38 92.09 21.55
N ILE K 71 -41.70 90.97 21.81
CA ILE K 71 -41.03 90.81 23.11
C ILE K 71 -39.93 91.85 23.27
N LYS K 72 -39.15 92.10 22.21
CA LYS K 72 -38.04 93.04 22.34
C LYS K 72 -38.53 94.44 22.72
N ALA K 73 -39.74 94.80 22.29
CA ALA K 73 -40.27 96.14 22.58
C ALA K 73 -40.59 96.32 24.06
N LEU K 74 -40.65 95.25 24.84
CA LEU K 74 -40.95 95.36 26.26
C LEU K 74 -39.84 96.05 27.05
N ALA K 75 -38.65 96.20 26.48
CA ALA K 75 -37.55 96.83 27.18
C ALA K 75 -37.65 98.36 27.21
N ALA K 76 -38.56 98.94 26.45
CA ALA K 76 -38.72 100.39 26.41
C ALA K 76 -40.13 100.79 26.82
N GLU K 77 -40.65 100.17 27.88
CA GLU K 77 -42.01 100.43 28.33
C GLU K 77 -42.07 101.72 29.15
N GLN K 78 -43.20 102.41 29.04
CA GLN K 78 -43.48 103.59 29.85
C GLN K 78 -44.91 103.52 30.34
N VAL K 79 -45.14 104.05 31.54
CA VAL K 79 -46.47 104.08 32.14
C VAL K 79 -46.77 105.50 32.59
N TYR K 80 -46.06 106.46 32.00
CA TYR K 80 -46.27 107.87 32.30
C TYR K 80 -45.75 108.66 31.11
N LYS K 81 -46.02 109.97 31.12
CA LYS K 81 -45.58 110.82 30.03
C LYS K 81 -45.35 112.23 30.56
N ILE K 82 -44.22 112.82 30.19
CA ILE K 82 -43.91 114.19 30.54
C ILE K 82 -44.62 115.11 29.56
N VAL K 83 -45.50 115.98 30.07
CA VAL K 83 -46.35 116.80 29.24
C VAL K 83 -46.07 118.27 29.54
N LYS K 84 -46.07 119.08 28.47
CA LYS K 84 -45.82 120.52 28.64
C LYS K 84 -47.02 121.22 29.27
N VAL K 85 -48.23 120.91 28.80
CA VAL K 85 -49.45 121.55 29.27
C VAL K 85 -50.49 120.48 29.57
N PRO K 86 -51.16 120.54 30.73
CA PRO K 86 -52.20 119.55 31.01
C PRO K 86 -53.36 119.66 30.05
N SER K 87 -53.99 118.52 29.79
CA SER K 87 -55.13 118.48 28.89
C SER K 87 -56.30 119.27 29.49
N ILE K 88 -57.01 119.99 28.62
CA ILE K 88 -58.14 120.79 29.06
C ILE K 88 -59.26 119.87 29.53
N SER K 89 -59.81 120.15 30.71
CA SER K 89 -60.86 119.35 31.29
C SER K 89 -62.26 119.94 31.12
N PHE K 90 -62.35 121.23 30.79
CA PHE K 90 -63.64 121.89 30.65
C PHE K 90 -63.64 122.74 29.38
N ARG K 91 -64.83 122.92 28.82
CA ARG K 91 -65.01 123.77 27.65
C ARG K 91 -66.40 124.38 27.71
N HIS K 92 -66.57 125.48 26.97
CA HIS K 92 -67.80 126.26 27.02
C HIS K 92 -68.46 126.28 25.65
N ILE K 93 -69.79 126.32 25.65
CA ILE K 93 -70.60 126.32 24.44
C ILE K 93 -71.42 127.60 24.42
N VAL K 94 -71.46 128.25 23.26
CA VAL K 94 -72.20 129.50 23.10
C VAL K 94 -73.61 129.16 22.60
N MET K 95 -74.63 129.72 23.28
CA MET K 95 -76.02 129.48 22.94
C MET K 95 -76.67 130.73 22.36
N GLN K 96 -75.95 131.47 21.51
CA GLN K 96 -76.44 132.69 20.88
C GLN K 96 -76.84 133.72 21.94
N SER K 97 -76.04 133.81 23.00
CA SER K 97 -76.31 134.73 24.08
C SER K 97 -74.98 135.17 24.70
N ARG K 98 -75.01 136.32 25.37
CA ARG K 98 -73.81 136.89 25.97
C ARG K 98 -73.91 137.00 27.49
N ASP K 99 -74.98 136.47 28.09
CA ASP K 99 -75.16 136.56 29.54
C ASP K 99 -74.73 135.29 30.27
N ARG K 100 -74.89 134.12 29.65
CA ARG K 100 -74.50 132.87 30.29
C ARG K 100 -74.18 131.84 29.21
N VAL K 101 -73.36 130.86 29.60
CA VAL K 101 -72.92 129.80 28.69
C VAL K 101 -73.02 128.46 29.41
N LEU K 102 -72.81 127.39 28.65
CA LEU K 102 -72.83 126.04 29.18
C LEU K 102 -71.41 125.59 29.49
N ARG K 103 -71.21 124.99 30.66
CA ARG K 103 -69.93 124.42 31.05
C ARG K 103 -70.02 122.90 30.93
N VAL K 104 -69.15 122.32 30.11
CA VAL K 104 -69.18 120.89 29.81
C VAL K 104 -67.85 120.29 30.23
N ASP K 105 -67.91 119.20 30.98
CA ASP K 105 -66.73 118.45 31.39
C ASP K 105 -66.39 117.44 30.30
N THR K 106 -65.23 117.63 29.66
CA THR K 106 -64.83 116.75 28.57
C THR K 106 -64.43 115.36 29.05
N TYR K 107 -64.26 115.16 30.35
CA TYR K 107 -63.89 113.84 30.86
C TYR K 107 -64.97 112.81 30.51
N TYR K 108 -66.23 113.10 30.85
CA TYR K 108 -67.30 112.20 30.47
C TYR K 108 -67.49 112.14 28.96
N GLU K 109 -67.19 113.25 28.26
CA GLU K 109 -67.30 113.26 26.81
C GLU K 109 -66.38 112.21 26.18
N GLU K 110 -65.14 112.15 26.65
CA GLU K 110 -64.23 111.11 26.17
C GLU K 110 -64.54 109.75 26.78
N MET K 111 -65.14 109.73 27.98
CA MET K 111 -65.39 108.49 28.70
C MET K 111 -66.54 107.69 28.11
N SER K 112 -67.54 108.37 27.55
CA SER K 112 -68.73 107.67 27.08
C SER K 112 -68.48 106.82 25.85
N GLN K 113 -67.40 107.06 25.11
CA GLN K 113 -67.11 106.34 23.88
C GLN K 113 -65.96 105.35 24.02
N VAL K 114 -65.50 105.09 25.25
CA VAL K 114 -64.39 104.16 25.44
C VAL K 114 -64.81 102.74 25.10
N GLY K 115 -65.98 102.32 25.61
CA GLY K 115 -66.44 100.96 25.44
C GLY K 115 -67.46 100.81 24.33
N ASP K 116 -67.81 99.54 24.08
CA ASP K 116 -68.80 99.22 23.05
C ASP K 116 -70.18 99.10 23.69
N VAL K 117 -71.18 98.74 22.88
CA VAL K 117 -72.53 98.56 23.37
C VAL K 117 -72.59 97.34 24.26
N ILE K 118 -73.28 97.48 25.40
CA ILE K 118 -73.39 96.41 26.39
C ILE K 118 -74.72 95.70 26.18
N THR K 119 -74.67 94.39 25.98
CA THR K 119 -75.86 93.58 25.80
C THR K 119 -76.22 92.86 27.10
N GLU K 120 -77.39 92.22 27.09
CA GLU K 120 -77.91 91.54 28.26
C GLU K 120 -77.47 90.10 28.39
N ASP K 121 -76.78 89.55 27.38
CA ASP K 121 -76.43 88.13 27.40
C ASP K 121 -75.00 87.87 26.92
N GLU K 122 -74.13 88.87 26.94
CA GLU K 122 -72.73 88.71 26.53
C GLU K 122 -71.84 89.25 27.65
N PRO K 123 -71.61 88.46 28.70
CA PRO K 123 -70.76 88.94 29.80
C PRO K 123 -69.34 89.27 29.38
N GLU K 124 -68.81 88.58 28.36
CA GLU K 124 -67.44 88.81 27.93
C GLU K 124 -67.26 90.26 27.46
N LYS K 125 -68.19 90.75 26.65
CA LYS K 125 -68.14 92.14 26.19
C LYS K 125 -68.26 93.10 27.37
N PHE K 126 -69.12 92.77 28.34
CA PHE K 126 -69.30 93.62 29.51
C PHE K 126 -68.01 93.78 30.30
N TYR K 127 -67.36 92.65 30.60
CA TYR K 127 -66.13 92.71 31.39
C TYR K 127 -64.98 93.32 30.59
N SER K 128 -64.93 93.04 29.28
CA SER K 128 -63.91 93.68 28.45
C SER K 128 -64.08 95.18 28.41
N THR K 129 -65.33 95.65 28.32
CA THR K 129 -65.60 97.08 28.35
C THR K 129 -65.18 97.69 29.69
N ILE K 130 -65.48 97.01 30.80
CA ILE K 130 -65.07 97.51 32.11
C ILE K 130 -63.55 97.64 32.19
N ILE K 131 -62.84 96.60 31.73
CA ILE K 131 -61.39 96.60 31.80
C ILE K 131 -60.81 97.70 30.92
N LYS K 132 -61.38 97.88 29.71
CA LYS K 132 -60.92 98.94 28.83
C LYS K 132 -61.14 100.31 29.46
N LYS K 133 -62.28 100.50 30.13
CA LYS K 133 -62.54 101.76 30.80
C LYS K 133 -61.53 102.02 31.90
N VAL K 134 -61.21 101.00 32.70
CA VAL K 134 -60.23 101.16 33.77
C VAL K 134 -58.85 101.50 33.19
N ARG K 135 -58.46 100.81 32.12
CA ARG K 135 -57.17 101.10 31.50
C ARG K 135 -57.14 102.52 30.93
N PHE K 136 -58.25 102.96 30.33
CA PHE K 136 -58.31 104.31 29.79
C PHE K 136 -58.18 105.36 30.89
N ILE K 137 -58.88 105.17 32.01
CA ILE K 137 -58.80 106.15 33.08
C ILE K 137 -57.40 106.16 33.70
N ARG K 138 -56.77 104.99 33.81
CA ARG K 138 -55.40 104.95 34.31
C ARG K 138 -54.46 105.68 33.38
N GLY K 139 -54.60 105.46 32.07
CA GLY K 139 -53.74 106.13 31.12
C GLY K 139 -53.92 107.63 31.09
N LYS K 140 -55.18 108.08 31.23
CA LYS K 140 -55.45 109.51 31.23
C LYS K 140 -54.98 110.17 32.51
N GLY K 141 -55.01 109.46 33.63
CA GLY K 141 -54.66 110.07 34.90
C GLY K 141 -53.18 110.21 35.21
N SER K 142 -52.30 109.72 34.35
CA SER K 142 -50.86 109.72 34.61
C SER K 142 -50.19 110.75 33.70
N PHE K 143 -49.66 111.81 34.32
CA PHE K 143 -48.91 112.82 33.59
C PHE K 143 -48.10 113.65 34.58
N ILE K 144 -46.97 114.15 34.12
CA ILE K 144 -46.05 114.94 34.94
C ILE K 144 -45.76 116.26 34.23
N LEU K 145 -45.89 117.37 34.94
CA LEU K 145 -45.60 118.68 34.38
C LEU K 145 -44.10 118.95 34.45
N HIS K 146 -43.53 119.47 33.35
CA HIS K 146 -42.11 119.74 33.27
C HIS K 146 -41.79 121.22 33.45
N ASP K 147 -42.35 122.08 32.61
CA ASP K 147 -42.06 123.51 32.65
C ASP K 147 -43.23 124.26 32.05
N ILE K 148 -43.99 124.95 32.90
CA ILE K 148 -45.19 125.65 32.46
C ILE K 148 -44.82 127.03 31.91
N PRO K 149 -45.54 127.55 30.92
CA PRO K 149 -45.33 128.95 30.50
C PRO K 149 -45.76 129.90 31.60
N THR K 150 -45.12 131.07 31.62
CA THR K 150 -45.41 132.06 32.65
C THR K 150 -45.13 133.45 32.11
N ARG K 151 -45.71 134.45 32.77
CA ARG K 151 -45.57 135.84 32.38
C ARG K 151 -45.55 136.72 33.62
N ASP K 152 -44.64 137.68 33.64
CA ASP K 152 -44.56 138.61 34.76
C ASP K 152 -45.62 139.70 34.63
N HIS K 153 -46.04 140.23 35.78
CA HIS K 153 -47.07 141.27 35.80
C HIS K 153 -46.94 142.07 37.08
N ARG K 154 -46.59 143.36 36.96
CA ARG K 154 -46.50 144.27 38.10
C ARG K 154 -45.59 143.72 39.19
N GLY K 155 -44.46 143.16 38.77
CA GLY K 155 -43.51 142.57 39.69
C GLY K 155 -43.87 141.18 40.17
N MET K 156 -45.00 140.63 39.73
CA MET K 156 -45.48 139.33 40.17
C MET K 156 -45.49 138.38 38.99
N GLU K 157 -45.23 137.10 39.28
CA GLU K 157 -45.14 136.06 38.26
C GLU K 157 -46.48 135.35 38.16
N VAL K 158 -47.08 135.39 36.97
CA VAL K 158 -48.40 134.85 36.73
C VAL K 158 -48.31 133.81 35.61
N ALA K 159 -48.88 132.64 35.84
CA ALA K 159 -48.93 131.61 34.81
C ALA K 159 -49.84 132.03 33.67
N GLU K 160 -49.43 131.71 32.44
CA GLU K 160 -50.23 132.07 31.28
C GLU K 160 -51.52 131.27 31.24
N PRO K 161 -52.59 131.81 30.63
CA PRO K 161 -53.87 131.09 30.61
C PRO K 161 -53.82 129.76 29.86
N GLU K 162 -52.82 129.55 29.00
CA GLU K 162 -52.78 128.33 28.20
C GLU K 162 -52.57 127.10 29.05
N VAL K 163 -51.81 127.21 30.15
CA VAL K 163 -51.54 126.05 30.97
C VAL K 163 -52.78 125.60 31.74
N LEU K 164 -53.76 126.48 31.91
CA LEU K 164 -54.97 126.13 32.64
C LEU K 164 -55.77 125.08 31.89
N GLY K 165 -56.65 124.40 32.62
CA GLY K 165 -57.39 123.28 32.06
C GLY K 165 -58.71 123.66 31.41
N VAL K 166 -58.90 124.93 31.11
CA VAL K 166 -60.12 125.42 30.49
C VAL K 166 -59.77 126.24 29.27
N GLU K 167 -60.63 126.17 28.24
CA GLU K 167 -60.48 126.98 27.04
C GLU K 167 -61.76 127.77 26.81
N PHE K 168 -61.59 129.06 26.52
CA PHE K 168 -62.70 129.99 26.35
C PHE K 168 -62.42 130.95 25.20
N LYS K 169 -61.84 130.44 24.11
CA LYS K 169 -61.47 131.30 22.99
C LYS K 169 -62.68 131.97 22.37
N ASN K 170 -63.77 131.21 22.17
CA ASN K 170 -64.96 131.77 21.54
C ASN K 170 -65.78 132.64 22.47
N VAL K 171 -65.50 132.60 23.78
CA VAL K 171 -66.28 133.39 24.72
C VAL K 171 -65.98 134.88 24.58
N LEU K 172 -64.72 135.23 24.34
CA LEU K 172 -64.30 136.63 24.35
C LEU K 172 -65.03 137.51 23.34
N PRO K 173 -65.15 137.14 22.05
CA PRO K 173 -65.67 138.10 21.06
C PRO K 173 -67.12 138.51 21.26
N VAL K 174 -67.80 138.05 22.32
CA VAL K 174 -69.19 138.42 22.53
C VAL K 174 -69.41 139.17 23.84
N LEU K 175 -68.52 139.07 24.81
CA LEU K 175 -68.73 139.71 26.10
C LEU K 175 -68.51 141.22 26.01
N THR K 176 -69.14 141.94 26.93
CA THR K 176 -69.00 143.39 27.01
C THR K 176 -67.67 143.76 27.67
N ALA K 177 -67.38 145.06 27.70
CA ALA K 177 -66.13 145.54 28.25
C ALA K 177 -66.02 145.25 29.75
N GLU K 178 -67.13 145.39 30.48
CA GLU K 178 -67.09 145.15 31.93
C GLU K 178 -66.73 143.71 32.24
N HIS K 179 -67.44 142.76 31.63
CA HIS K 179 -67.15 141.35 31.88
C HIS K 179 -65.78 140.96 31.33
N ARG K 180 -65.36 141.56 30.22
CA ARG K 180 -64.02 141.31 29.70
C ARG K 180 -62.97 141.73 30.70
N ALA K 181 -63.12 142.92 31.30
CA ALA K 181 -62.18 143.37 32.30
C ALA K 181 -62.21 142.47 33.53
N MET K 182 -63.40 142.04 33.93
CA MET K 182 -63.51 141.16 35.10
C MET K 182 -62.77 139.85 34.87
N ILE K 183 -62.99 139.22 33.72
CA ILE K 183 -62.32 137.94 33.46
C ILE K 183 -60.82 138.15 33.24
N GLN K 184 -60.42 139.31 32.69
CA GLN K 184 -59.01 139.60 32.55
C GLN K 184 -58.34 139.71 33.93
N ASN K 185 -59.00 140.38 34.87
CA ASN K 185 -58.47 140.44 36.23
C ASN K 185 -58.43 139.05 36.85
N ALA K 186 -59.45 138.24 36.61
CA ALA K 186 -59.45 136.87 37.13
C ALA K 186 -58.27 136.07 36.60
N LEU K 187 -57.98 136.19 35.30
CA LEU K 187 -56.82 135.53 34.73
C LEU K 187 -55.52 136.06 35.34
N ASP K 188 -55.42 137.39 35.49
CA ASP K 188 -54.22 137.99 36.05
C ASP K 188 -54.03 137.64 37.53
N GLY K 189 -55.07 137.15 38.19
CA GLY K 189 -54.96 136.76 39.58
C GLY K 189 -54.37 135.39 39.81
N SER K 190 -54.00 134.66 38.75
CA SER K 190 -53.43 133.32 38.87
C SER K 190 -51.93 133.40 39.19
N ILE K 191 -51.64 133.88 40.40
CA ILE K 191 -50.27 134.12 40.82
C ILE K 191 -49.66 132.83 41.36
N ILE K 192 -48.37 132.63 41.08
CA ILE K 192 -47.62 131.53 41.67
C ILE K 192 -47.11 131.97 43.03
N GLU K 193 -47.57 131.29 44.09
CA GLU K 193 -47.40 131.81 45.45
C GLU K 193 -45.92 131.91 45.82
N ASN K 194 -45.08 131.02 45.28
CA ASN K 194 -43.66 131.02 45.59
C ASN K 194 -42.81 131.53 44.43
N GLY K 195 -43.41 132.22 43.47
CA GLY K 195 -42.68 132.64 42.29
C GLY K 195 -41.54 133.59 42.61
N ASN K 196 -41.75 134.50 43.55
CA ASN K 196 -40.73 135.49 43.89
C ASN K 196 -39.57 134.88 44.67
N VAL K 197 -39.68 133.65 45.14
CA VAL K 197 -38.61 133.03 45.91
C VAL K 197 -37.44 132.72 44.99
N ALA K 198 -36.25 133.16 45.38
CA ALA K 198 -35.06 132.89 44.59
C ALA K 198 -34.60 131.45 44.77
N THR K 199 -33.79 130.99 43.81
CA THR K 199 -33.14 129.67 43.79
C THR K 199 -34.07 128.53 44.20
N ARG K 200 -35.37 128.69 43.93
CA ARG K 200 -36.34 127.65 44.25
C ARG K 200 -36.23 126.48 43.28
N ASP K 201 -36.89 125.38 43.64
CA ASP K 201 -36.83 124.15 42.86
C ASP K 201 -38.09 123.88 42.06
N VAL K 202 -39.26 124.06 42.65
CA VAL K 202 -40.54 123.75 42.01
C VAL K 202 -41.47 124.93 42.14
N ASP K 203 -42.53 124.92 41.34
CA ASP K 203 -43.57 125.93 41.37
C ASP K 203 -44.93 125.27 41.54
N VAL K 204 -45.86 126.02 42.14
CA VAL K 204 -47.20 125.53 42.43
C VAL K 204 -48.20 126.59 42.00
N PHE K 205 -49.29 126.14 41.37
CA PHE K 205 -50.34 127.06 40.94
C PHE K 205 -51.68 126.35 41.03
N ILE K 206 -52.74 127.15 41.20
CA ILE K 206 -54.09 126.63 41.28
C ILE K 206 -54.62 126.38 39.87
N GLY K 207 -55.36 125.29 39.71
CA GLY K 207 -55.91 124.95 38.42
C GLY K 207 -57.24 124.20 38.50
N ALA K 208 -57.74 123.73 37.36
CA ALA K 208 -58.98 122.99 37.30
C ALA K 208 -58.73 121.63 36.66
N CYS K 209 -59.23 120.58 37.28
CA CYS K 209 -59.02 119.23 36.79
C CYS K 209 -60.12 118.32 37.33
N SER K 210 -60.50 117.32 36.53
CA SER K 210 -61.52 116.37 36.96
C SER K 210 -61.00 115.51 38.10
N GLU K 211 -61.91 115.18 39.02
CA GLU K 211 -61.53 114.39 40.20
C GLU K 211 -60.97 113.01 39.86
N PRO K 212 -61.58 112.21 38.97
CA PRO K 212 -61.01 110.87 38.72
C PRO K 212 -59.58 110.88 38.22
N VAL K 213 -59.21 111.85 37.39
CA VAL K 213 -57.83 111.91 36.93
C VAL K 213 -56.94 112.65 37.92
N TYR K 214 -57.50 113.59 38.69
CA TYR K 214 -56.72 114.28 39.71
C TYR K 214 -56.28 113.31 40.79
N ARG K 215 -57.12 112.34 41.13
CA ARG K 215 -56.74 111.34 42.12
C ARG K 215 -55.53 110.54 41.66
N ILE K 216 -55.53 110.11 40.39
CA ILE K 216 -54.41 109.34 39.86
C ILE K 216 -53.16 110.19 39.79
N TYR K 217 -53.30 111.46 39.39
CA TYR K 217 -52.16 112.37 39.37
C TYR K 217 -51.56 112.54 40.75
N ASN K 218 -52.42 112.73 41.76
CA ASN K 218 -51.94 112.89 43.13
C ASN K 218 -51.25 111.62 43.63
N ARG K 219 -51.81 110.45 43.28
CA ARG K 219 -51.18 109.20 43.68
C ARG K 219 -49.81 109.04 43.04
N LEU K 220 -49.69 109.36 41.75
CA LEU K 220 -48.38 109.28 41.09
C LEU K 220 -47.38 110.22 41.73
N GLN K 221 -47.81 111.46 42.01
CA GLN K 221 -46.93 112.40 42.68
C GLN K 221 -46.48 111.87 44.05
N GLY K 222 -47.43 111.38 44.84
CA GLY K 222 -47.10 110.85 46.15
C GLY K 222 -46.12 109.69 46.09
N TYR K 223 -46.26 108.84 45.06
CA TYR K 223 -45.24 107.82 44.83
C TYR K 223 -43.90 108.48 44.50
N ILE K 224 -43.93 109.60 43.79
CA ILE K 224 -42.69 110.24 43.37
C ILE K 224 -41.88 110.74 44.55
N GLU K 225 -42.51 111.45 45.52
CA GLU K 225 -41.58 112.06 46.48
C GLU K 225 -40.98 111.04 47.45
N ALA K 226 -41.30 109.76 47.32
CA ALA K 226 -40.75 108.71 48.18
C ALA K 226 -39.42 108.25 47.60
N VAL K 227 -38.33 108.55 48.31
CA VAL K 227 -36.99 108.22 47.83
C VAL K 227 -36.71 106.73 48.05
N GLN K 228 -36.02 106.12 47.10
CA GLN K 228 -35.81 104.66 47.09
C GLN K 228 -34.36 104.32 46.74
N LEU K 229 -33.42 105.05 47.35
CA LEU K 229 -32.01 104.81 47.06
C LEU K 229 -31.59 103.40 47.41
N GLN K 230 -32.08 102.89 48.54
CA GLN K 230 -31.74 101.52 48.94
C GLN K 230 -32.23 100.50 47.92
N GLU K 231 -33.38 100.76 47.29
CA GLU K 231 -33.87 99.86 46.25
C GLU K 231 -32.90 99.80 45.08
N LEU K 232 -32.40 100.96 44.65
CA LEU K 232 -31.42 100.99 43.58
C LEU K 232 -30.14 100.27 43.97
N ARG K 233 -29.69 100.48 45.22
CA ARG K 233 -28.47 99.81 45.69
C ARG K 233 -28.64 98.29 45.65
N ASN K 234 -29.79 97.80 46.13
CA ASN K 234 -30.04 96.36 46.12
C ASN K 234 -30.15 95.83 44.70
N SER K 235 -30.76 96.60 43.81
CA SER K 235 -30.86 96.18 42.41
C SER K 235 -29.49 96.06 41.78
N ILE K 236 -28.60 97.03 42.03
CA ILE K 236 -27.26 96.96 41.47
C ILE K 236 -26.49 95.78 42.05
N GLY K 237 -26.65 95.53 43.35
CA GLY K 237 -26.01 94.36 43.95
C GLY K 237 -26.48 93.06 43.34
N TRP K 238 -27.79 92.93 43.09
CA TRP K 238 -28.30 91.72 42.46
C TRP K 238 -27.79 91.62 41.02
N LEU K 239 -27.67 92.74 40.33
CA LEU K 239 -27.10 92.72 38.98
C LEU K 239 -25.67 92.22 38.99
N GLU K 240 -24.88 92.66 39.97
CA GLU K 240 -23.50 92.16 40.09
C GLU K 240 -23.48 90.66 40.40
N ARG K 241 -24.36 90.21 41.29
CA ARG K 241 -24.42 88.78 41.59
C ARG K 241 -24.81 87.97 40.37
N LEU K 242 -25.71 88.49 39.52
CA LEU K 242 -26.05 87.81 38.29
C LEU K 242 -24.88 87.80 37.31
N GLY K 243 -24.22 88.94 37.15
CA GLY K 243 -23.06 89.03 36.27
C GLY K 243 -21.91 88.15 36.71
N HIS K 244 -21.86 87.81 38.00
CA HIS K 244 -20.90 86.81 38.46
C HIS K 244 -21.05 85.52 37.67
N ARG K 245 -22.29 85.06 37.51
CA ARG K 245 -22.56 83.78 36.84
C ARG K 245 -22.58 83.89 35.33
N LYS K 246 -22.94 85.05 34.78
CA LYS K 246 -23.07 85.20 33.33
C LYS K 246 -21.75 85.54 32.65
N ARG K 247 -20.65 85.59 33.41
CA ARG K 247 -19.32 85.88 32.86
C ARG K 247 -19.30 87.22 32.12
N ILE K 248 -19.80 88.25 32.79
CA ILE K 248 -19.80 89.61 32.25
C ILE K 248 -18.50 90.28 32.67
N THR K 249 -17.91 91.04 31.75
CA THR K 249 -16.66 91.74 32.04
C THR K 249 -16.84 92.69 33.21
N TYR K 250 -15.82 92.75 34.06
CA TYR K 250 -15.87 93.52 35.31
C TYR K 250 -15.32 94.91 35.06
N SER K 251 -16.18 95.92 35.18
CA SER K 251 -15.73 97.30 35.02
C SER K 251 -14.80 97.69 36.15
N GLN K 252 -13.77 98.46 35.83
CA GLN K 252 -12.80 98.90 36.82
C GLN K 252 -13.42 99.82 37.86
N GLU K 253 -14.53 100.47 37.54
CA GLU K 253 -15.15 101.47 38.40
C GLU K 253 -16.03 100.80 39.46
N VAL K 254 -16.16 101.49 40.60
CA VAL K 254 -17.03 101.07 41.70
C VAL K 254 -18.03 102.18 41.98
N LEU K 255 -19.32 101.83 42.01
CA LEU K 255 -20.38 102.81 42.09
C LEU K 255 -20.34 103.59 43.41
N THR K 256 -20.68 104.87 43.33
CA THR K 256 -20.71 105.75 44.48
C THR K 256 -22.13 106.23 44.73
N ASP K 257 -22.45 106.49 46.00
CA ASP K 257 -23.76 106.99 46.41
C ASP K 257 -23.74 108.50 46.33
N PHE K 258 -24.31 109.06 45.28
CA PHE K 258 -24.36 110.50 45.10
C PHE K 258 -25.73 110.91 44.57
N ARG K 259 -26.11 112.14 44.87
CA ARG K 259 -27.38 112.71 44.41
C ARG K 259 -27.10 114.11 43.89
N ARG K 260 -27.31 114.32 42.60
CA ARG K 260 -27.14 115.65 42.02
C ARG K 260 -28.24 116.59 42.50
N GLN K 261 -27.87 117.83 42.77
CA GLN K 261 -28.84 118.81 43.28
C GLN K 261 -29.86 119.23 42.23
N ASP K 262 -29.65 118.87 40.96
CA ASP K 262 -30.55 119.27 39.88
C ASP K 262 -31.23 118.08 39.22
N THR K 263 -31.26 116.93 39.87
CA THR K 263 -31.85 115.72 39.30
C THR K 263 -32.87 115.14 40.26
N ILE K 264 -33.95 114.59 39.71
CA ILE K 264 -34.97 113.89 40.47
C ILE K 264 -35.12 112.50 39.86
N TRP K 265 -34.94 111.47 40.67
CA TRP K 265 -34.95 110.10 40.18
C TRP K 265 -36.35 109.50 40.22
N VAL K 266 -36.63 108.66 39.24
CA VAL K 266 -37.84 107.84 39.21
C VAL K 266 -37.44 106.40 38.91
N LEU K 267 -38.05 105.46 39.63
CA LEU K 267 -37.76 104.04 39.49
C LEU K 267 -39.09 103.30 39.41
N ALA K 268 -39.54 103.00 38.20
CA ALA K 268 -40.84 102.36 38.01
C ALA K 268 -40.80 100.88 38.36
N LEU K 269 -39.66 100.22 38.24
CA LEU K 269 -39.56 98.79 38.42
C LEU K 269 -38.58 98.43 39.51
N GLN K 270 -38.89 97.37 40.26
CA GLN K 270 -37.98 96.79 41.23
C GLN K 270 -37.36 95.53 40.63
N LEU K 271 -36.04 95.41 40.73
CA LEU K 271 -35.31 94.42 39.96
C LEU K 271 -35.38 93.00 40.51
N PRO K 272 -35.23 92.77 41.84
CA PRO K 272 -35.21 91.38 42.32
C PRO K 272 -36.55 90.68 42.17
N VAL K 273 -36.86 90.25 40.94
CA VAL K 273 -38.14 89.64 40.63
C VAL K 273 -38.27 88.30 41.34
N ASN K 274 -39.44 88.05 41.93
CA ASN K 274 -39.72 86.78 42.58
C ASN K 274 -40.12 85.73 41.54
N PRO K 275 -39.52 84.54 41.56
CA PRO K 275 -39.87 83.52 40.55
C PRO K 275 -41.24 82.90 40.75
N GLN K 276 -41.81 82.98 41.95
CA GLN K 276 -43.14 82.42 42.16
C GLN K 276 -44.19 83.16 41.34
N VAL K 277 -44.00 84.46 41.15
CA VAL K 277 -44.96 85.25 40.39
C VAL K 277 -45.07 84.74 38.96
N VAL K 278 -43.96 84.33 38.37
CA VAL K 278 -43.95 83.88 36.99
C VAL K 278 -44.24 82.39 36.88
N TRP K 279 -43.91 81.61 37.91
CA TRP K 279 -44.11 80.16 37.83
C TRP K 279 -45.40 79.69 38.50
N ASP K 280 -46.21 80.59 39.03
CA ASP K 280 -47.50 80.18 39.58
C ASP K 280 -48.62 80.14 38.54
N VAL K 281 -48.39 80.67 37.35
CA VAL K 281 -49.43 80.67 36.31
C VAL K 281 -49.65 79.25 35.84
N PRO K 282 -50.89 78.74 35.85
CA PRO K 282 -51.12 77.37 35.39
C PRO K 282 -50.87 77.22 33.90
N ARG K 283 -50.37 76.04 33.53
CA ARG K 283 -50.10 75.69 32.13
C ARG K 283 -49.19 76.71 31.46
N SER K 284 -48.14 77.11 32.15
CA SER K 284 -47.20 78.11 31.66
C SER K 284 -45.86 77.52 31.29
N SER K 285 -45.74 76.18 31.22
CA SER K 285 -44.46 75.56 30.89
C SER K 285 -44.02 75.91 29.48
N ILE K 286 -44.92 75.77 28.51
CA ILE K 286 -44.59 76.11 27.12
C ILE K 286 -44.30 77.60 27.00
N ALA K 287 -45.08 78.43 27.69
CA ALA K 287 -44.87 79.87 27.64
C ALA K 287 -43.49 80.23 28.17
N ASN K 288 -43.12 79.67 29.33
CA ASN K 288 -41.81 79.96 29.90
C ASN K 288 -40.69 79.45 29.02
N LEU K 289 -40.86 78.27 28.43
CA LEU K 289 -39.84 77.73 27.54
C LEU K 289 -39.64 78.63 26.33
N ILE K 290 -40.74 79.09 25.72
CA ILE K 290 -40.64 79.94 24.55
C ILE K 290 -39.97 81.26 24.91
N MET K 291 -40.37 81.86 26.03
CA MET K 291 -39.77 83.13 26.44
C MET K 291 -38.29 82.97 26.71
N ASN K 292 -37.90 81.91 27.41
CA ASN K 292 -36.49 81.68 27.71
C ASN K 292 -35.67 81.46 26.44
N ILE K 293 -36.19 80.64 25.52
CA ILE K 293 -35.41 80.33 24.32
C ILE K 293 -35.36 81.54 23.40
N ALA K 294 -36.34 82.44 23.49
CA ALA K 294 -36.29 83.67 22.73
C ALA K 294 -35.28 84.66 23.33
N THR K 295 -35.19 84.71 24.65
CA THR K 295 -34.40 85.75 25.29
C THR K 295 -32.96 85.34 25.59
N CYS K 296 -32.64 84.05 25.59
CA CYS K 296 -31.32 83.60 26.03
C CYS K 296 -30.58 82.72 25.04
N LEU K 297 -31.27 81.90 24.24
CA LEU K 297 -30.59 80.94 23.39
C LEU K 297 -29.80 81.65 22.31
N PRO K 298 -28.50 81.40 22.18
CA PRO K 298 -27.69 82.03 21.14
C PRO K 298 -27.65 81.21 19.86
N THR K 299 -27.29 81.88 18.78
CA THR K 299 -27.12 81.22 17.50
C THR K 299 -25.77 80.49 17.47
N GLY K 300 -25.53 79.75 16.40
CA GLY K 300 -24.30 78.98 16.30
C GLY K 300 -24.08 78.49 14.89
N GLU K 301 -23.03 77.69 14.73
CA GLU K 301 -22.65 77.18 13.43
C GLU K 301 -22.17 75.75 13.59
N TYR K 302 -22.26 74.97 12.51
CA TYR K 302 -21.98 73.54 12.55
C TYR K 302 -20.73 73.20 11.76
N ILE K 303 -19.87 72.38 12.36
CA ILE K 303 -18.55 72.05 11.81
C ILE K 303 -18.37 70.54 11.82
N ALA K 304 -17.86 70.00 10.70
CA ALA K 304 -17.50 68.60 10.59
C ALA K 304 -16.20 68.32 11.35
N PRO K 305 -15.96 67.07 11.76
CA PRO K 305 -14.72 66.79 12.52
C PRO K 305 -13.46 67.09 11.71
N ASN K 306 -13.51 66.85 10.41
CA ASN K 306 -12.41 67.19 9.52
C ASN K 306 -12.84 68.31 8.59
N PRO K 307 -12.18 69.45 8.59
CA PRO K 307 -12.57 70.55 7.70
C PRO K 307 -12.28 70.22 6.24
N ARG K 308 -12.95 70.95 5.37
CA ARG K 308 -12.71 70.95 3.91
C ARG K 308 -12.71 69.53 3.33
N ILE K 309 -13.57 68.65 3.87
CA ILE K 309 -13.71 67.32 3.28
C ILE K 309 -14.38 67.36 1.92
N SER K 310 -15.04 68.45 1.57
CA SER K 310 -15.61 68.59 0.23
C SER K 310 -14.53 68.69 -0.84
N SER K 311 -13.33 69.15 -0.48
CA SER K 311 -12.25 69.27 -1.45
C SER K 311 -11.62 67.91 -1.76
N ILE K 312 -11.53 67.03 -0.77
CA ILE K 312 -10.89 65.73 -0.98
C ILE K 312 -11.78 64.85 -1.84
N THR K 313 -11.16 63.96 -2.62
CA THR K 313 -11.89 63.08 -3.51
C THR K 313 -12.62 62.00 -2.72
N LEU K 314 -13.69 61.48 -3.31
CA LEU K 314 -14.53 60.50 -2.63
C LEU K 314 -13.75 59.22 -2.32
N THR K 315 -12.81 58.85 -3.19
CA THR K 315 -12.08 57.59 -2.99
C THR K 315 -11.29 57.60 -1.69
N GLN K 316 -10.79 58.76 -1.26
CA GLN K 316 -10.08 58.84 0.01
C GLN K 316 -11.02 58.81 1.21
N ARG K 317 -12.32 59.01 1.00
CA ARG K 317 -13.28 58.95 2.10
C ARG K 317 -13.88 57.56 2.28
N ILE K 318 -14.13 56.86 1.18
CA ILE K 318 -14.65 55.49 1.22
C ILE K 318 -13.46 54.56 1.07
N THR K 319 -13.14 53.83 2.13
CA THR K 319 -11.94 53.01 2.18
C THR K 319 -12.20 51.52 2.30
N THR K 320 -13.32 51.11 2.89
CA THR K 320 -13.58 49.70 3.18
C THR K 320 -15.02 49.40 2.83
N THR K 321 -15.51 48.26 3.31
CA THR K 321 -16.89 47.84 3.11
C THR K 321 -17.60 47.75 4.46
N GLY K 322 -18.93 47.77 4.40
CA GLY K 322 -19.74 47.71 5.58
C GLY K 322 -20.69 48.89 5.69
N PRO K 323 -21.62 48.83 6.65
CA PRO K 323 -22.57 49.95 6.81
C PRO K 323 -21.89 51.27 7.11
N PHE K 324 -20.85 51.28 7.94
CA PHE K 324 -20.16 52.52 8.27
C PHE K 324 -19.44 53.08 7.05
N ALA K 325 -18.86 52.20 6.22
CA ALA K 325 -18.20 52.67 5.00
C ALA K 325 -19.20 53.33 4.05
N ILE K 326 -20.39 52.74 3.91
CA ILE K 326 -21.42 53.35 3.10
C ILE K 326 -21.84 54.69 3.68
N LEU K 327 -22.02 54.74 5.00
CA LEU K 327 -22.43 55.98 5.65
C LEU K 327 -21.37 57.07 5.49
N THR K 328 -20.11 56.70 5.66
CA THR K 328 -19.03 57.68 5.53
C THR K 328 -18.87 58.11 4.08
N GLY K 329 -18.62 59.40 3.88
CA GLY K 329 -18.42 59.96 2.57
C GLY K 329 -19.66 60.57 1.95
N SER K 330 -20.85 60.24 2.44
CA SER K 330 -22.07 60.81 1.92
C SER K 330 -22.28 62.22 2.47
N THR K 331 -22.75 63.12 1.60
CA THR K 331 -22.97 64.46 2.12
C THR K 331 -24.43 64.65 2.52
N PRO K 332 -24.70 65.32 3.63
CA PRO K 332 -26.08 65.50 4.07
C PRO K 332 -26.84 66.46 3.17
N THR K 333 -28.15 66.22 3.08
CA THR K 333 -29.03 67.13 2.37
C THR K 333 -29.36 68.33 3.26
N ALA K 334 -29.92 69.36 2.62
CA ALA K 334 -30.27 70.58 3.36
C ALA K 334 -31.35 70.31 4.40
N GLN K 335 -32.33 69.47 4.05
CA GLN K 335 -33.45 69.23 4.95
C GLN K 335 -32.99 68.55 6.23
N GLN K 336 -32.06 67.59 6.13
CA GLN K 336 -31.59 66.88 7.31
C GLN K 336 -30.82 67.79 8.28
N LEU K 337 -30.31 68.92 7.79
CA LEU K 337 -29.68 69.88 8.69
C LEU K 337 -30.69 70.42 9.69
N ASN K 338 -31.94 70.60 9.26
CA ASN K 338 -32.98 71.04 10.20
C ASN K 338 -33.21 70.03 11.30
N ASP K 339 -33.21 68.74 10.95
CA ASP K 339 -33.35 67.71 11.99
C ASP K 339 -32.14 67.67 12.90
N VAL K 340 -30.95 67.91 12.37
CA VAL K 340 -29.77 68.03 13.23
C VAL K 340 -29.94 69.20 14.20
N ARG K 341 -30.48 70.31 13.71
CA ARG K 341 -30.77 71.45 14.58
C ARG K 341 -31.76 71.07 15.66
N LYS K 342 -32.79 70.29 15.30
CA LYS K 342 -33.76 69.84 16.29
C LYS K 342 -33.10 68.98 17.35
N ILE K 343 -32.21 68.07 16.94
CA ILE K 343 -31.53 67.20 17.89
C ILE K 343 -30.69 68.03 18.86
N TYR K 344 -29.94 69.00 18.33
CA TYR K 344 -29.14 69.85 19.21
C TYR K 344 -30.04 70.67 20.14
N LEU K 345 -31.16 71.18 19.62
CA LEU K 345 -32.11 71.93 20.44
C LEU K 345 -32.59 71.09 21.61
N ALA K 346 -32.91 69.83 21.34
CA ALA K 346 -33.26 68.93 22.44
C ALA K 346 -32.08 68.69 23.37
N LEU K 347 -30.87 68.75 22.84
CA LEU K 347 -29.70 68.56 23.70
C LEU K 347 -29.55 69.70 24.71
N MET K 348 -29.77 70.95 24.28
CA MET K 348 -29.66 72.05 25.24
C MET K 348 -30.73 71.99 26.33
N PHE K 349 -31.95 71.57 26.00
CA PHE K 349 -33.01 71.48 27.00
C PHE K 349 -33.27 70.03 27.36
N PRO K 350 -32.78 69.56 28.51
CA PRO K 350 -32.86 68.12 28.81
C PRO K 350 -34.27 67.58 28.99
N GLY K 351 -35.05 68.19 29.87
CA GLY K 351 -36.33 67.62 30.23
C GLY K 351 -37.53 68.25 29.56
N GLN K 352 -37.31 69.30 28.77
CA GLN K 352 -38.41 70.01 28.13
C GLN K 352 -38.58 69.66 26.66
N ILE K 353 -37.56 69.12 26.00
CA ILE K 353 -37.63 68.71 24.60
C ILE K 353 -37.30 67.22 24.53
N ILE K 354 -38.17 66.47 23.85
CA ILE K 354 -38.02 65.02 23.73
C ILE K 354 -38.10 64.64 22.26
N LEU K 355 -37.35 63.61 21.88
CA LEU K 355 -37.27 63.19 20.49
C LEU K 355 -38.21 62.02 20.21
N ASP K 356 -38.52 61.86 18.92
CA ASP K 356 -39.24 60.70 18.44
C ASP K 356 -38.87 60.48 16.98
N LEU K 357 -39.11 59.26 16.49
CA LEU K 357 -38.71 58.87 15.15
C LEU K 357 -39.85 59.12 14.16
N LYS K 358 -39.50 59.67 13.00
CA LYS K 358 -40.45 59.91 11.91
C LYS K 358 -40.43 58.70 10.99
N ILE K 359 -41.52 57.94 10.98
CA ILE K 359 -41.66 56.77 10.12
C ILE K 359 -42.83 57.02 9.17
N ASP K 360 -42.55 57.01 7.87
CA ASP K 360 -43.60 57.12 6.87
C ASP K 360 -44.01 55.73 6.43
N PRO K 361 -45.31 55.40 6.44
CA PRO K 361 -45.73 54.04 6.06
C PRO K 361 -45.37 53.65 4.64
N GLY K 362 -45.17 54.64 3.76
CA GLY K 362 -44.83 54.34 2.38
C GLY K 362 -43.43 54.76 1.99
N GLU K 363 -42.47 54.55 2.88
CA GLU K 363 -41.08 54.89 2.61
C GLU K 363 -40.18 53.72 2.94
N ARG K 364 -38.94 53.78 2.46
CA ARG K 364 -37.96 52.72 2.67
C ARG K 364 -36.58 53.35 2.62
N MET K 365 -35.57 52.53 2.90
CA MET K 365 -34.20 53.03 3.02
C MET K 365 -33.25 51.84 2.99
N ASP K 366 -31.98 52.15 2.80
CA ASP K 366 -30.93 51.15 2.91
C ASP K 366 -30.77 50.81 4.39
N PRO K 367 -30.85 49.54 4.80
CA PRO K 367 -30.81 49.22 6.23
C PRO K 367 -29.52 49.65 6.93
N ALA K 368 -28.46 49.94 6.16
CA ALA K 368 -27.21 50.37 6.77
C ALA K 368 -27.38 51.65 7.58
N VAL K 369 -28.20 52.58 7.08
CA VAL K 369 -28.40 53.84 7.80
C VAL K 369 -29.14 53.59 9.10
N ARG K 370 -30.12 52.68 9.09
CA ARG K 370 -30.80 52.33 10.34
C ARG K 370 -29.84 51.68 11.32
N MET K 371 -28.97 50.79 10.83
CA MET K 371 -28.00 50.13 11.69
C MET K 371 -27.09 51.16 12.36
N VAL K 372 -26.57 52.09 11.56
CA VAL K 372 -25.64 53.09 12.07
C VAL K 372 -26.34 54.02 13.04
N ALA K 373 -27.57 54.41 12.75
CA ALA K 373 -28.32 55.27 13.67
C ALA K 373 -28.56 54.56 14.99
N GLY K 374 -28.90 53.27 14.94
CA GLY K 374 -29.09 52.52 16.17
C GLY K 374 -27.81 52.43 16.99
N VAL K 375 -26.67 52.25 16.33
CA VAL K 375 -25.40 52.22 17.05
C VAL K 375 -25.10 53.57 17.68
N VAL K 376 -25.33 54.65 16.93
CA VAL K 376 -24.93 55.97 17.38
C VAL K 376 -25.81 56.45 18.53
N GLY K 377 -27.11 56.17 18.46
CA GLY K 377 -28.05 56.77 19.40
C GLY K 377 -27.72 56.47 20.86
N HIS K 378 -27.17 55.29 21.13
CA HIS K 378 -26.84 54.94 22.51
C HIS K 378 -25.78 55.86 23.07
N LEU K 379 -24.75 56.17 22.27
CA LEU K 379 -23.70 57.07 22.74
C LEU K 379 -24.15 58.52 22.72
N LEU K 380 -24.97 58.91 21.74
CA LEU K 380 -25.28 60.32 21.55
C LEU K 380 -26.26 60.85 22.60
N PHE K 381 -27.21 60.03 23.05
CA PHE K 381 -28.28 60.48 23.94
C PHE K 381 -28.11 59.88 25.32
N THR K 382 -28.94 60.36 26.24
CA THR K 382 -29.01 59.82 27.59
C THR K 382 -30.48 59.55 27.94
N ALA K 383 -30.69 58.58 28.83
CA ALA K 383 -32.04 58.20 29.21
C ALA K 383 -31.97 57.45 30.54
N GLY K 384 -32.81 57.84 31.49
CA GLY K 384 -32.88 57.18 32.77
C GLY K 384 -31.96 57.79 33.81
N GLY K 385 -32.15 57.36 35.05
CA GLY K 385 -31.37 57.86 36.16
C GLY K 385 -31.90 59.15 36.73
N ARG K 386 -31.68 60.25 36.02
CA ARG K 386 -32.14 61.56 36.46
C ARG K 386 -33.11 62.21 35.49
N PHE K 387 -32.86 62.10 34.18
CA PHE K 387 -33.75 62.67 33.17
C PHE K 387 -33.55 61.90 31.88
N THR K 388 -34.40 62.20 30.90
CA THR K 388 -34.36 61.54 29.61
C THR K 388 -34.51 62.57 28.49
N ASN K 389 -33.99 62.22 27.33
CA ASN K 389 -34.11 63.05 26.13
C ASN K 389 -34.96 62.41 25.05
N LEU K 390 -35.37 61.16 25.24
CA LEU K 390 -36.08 60.43 24.19
C LEU K 390 -37.16 59.56 24.84
N THR K 391 -38.23 59.32 24.08
CA THR K 391 -39.36 58.55 24.57
C THR K 391 -39.00 57.07 24.68
N GLN K 392 -39.85 56.33 25.38
CA GLN K 392 -39.63 54.89 25.55
C GLN K 392 -39.67 54.17 24.20
N ASN K 393 -40.58 54.57 23.33
CA ASN K 393 -40.68 53.95 22.01
C ASN K 393 -39.39 54.13 21.22
N MET K 394 -38.82 55.33 21.25
CA MET K 394 -37.56 55.56 20.55
C MET K 394 -36.45 54.69 21.12
N ALA K 395 -36.42 54.53 22.45
CA ALA K 395 -35.43 53.66 23.07
C ALA K 395 -35.60 52.22 22.59
N ARG K 396 -36.84 51.75 22.49
CA ARG K 396 -37.07 50.39 22.01
C ARG K 396 -36.61 50.23 20.56
N GLN K 397 -36.92 51.21 19.71
CA GLN K 397 -36.48 51.12 18.31
C GLN K 397 -34.96 51.13 18.21
N LEU K 398 -34.29 51.97 19.01
CA LEU K 398 -32.84 52.01 18.98
C LEU K 398 -32.25 50.69 19.47
N ASP K 399 -32.84 50.09 20.50
CA ASP K 399 -32.37 48.80 20.97
C ASP K 399 -32.54 47.72 19.89
N ILE K 400 -33.67 47.74 19.18
CA ILE K 400 -33.89 46.77 18.11
C ILE K 400 -32.86 46.96 17.00
N ALA K 401 -32.59 48.22 16.63
CA ALA K 401 -31.60 48.48 15.59
C ALA K 401 -30.21 48.01 16.01
N LEU K 402 -29.85 48.26 17.28
CA LEU K 402 -28.56 47.80 17.77
C LEU K 402 -28.48 46.27 17.76
N ASN K 403 -29.56 45.60 18.13
CA ASN K 403 -29.60 44.14 18.06
C ASN K 403 -29.37 43.65 16.63
N ASP K 404 -30.08 44.26 15.69
CA ASP K 404 -29.95 43.86 14.29
C ASP K 404 -28.52 44.09 13.79
N TYR K 405 -27.90 45.20 14.18
CA TYR K 405 -26.52 45.44 13.77
C TYR K 405 -25.57 44.42 14.38
N LEU K 406 -25.78 44.08 15.67
CA LEU K 406 -24.90 43.11 16.31
C LEU K 406 -25.01 41.73 15.69
N LEU K 407 -26.20 41.35 15.19
CA LEU K 407 -26.35 40.10 14.47
C LEU K 407 -26.21 40.26 12.96
N TYR K 408 -25.40 41.21 12.50
CA TYR K 408 -25.11 41.39 11.08
C TYR K 408 -23.69 40.91 10.82
N MET K 409 -23.57 39.70 10.29
CA MET K 409 -22.26 39.09 10.02
C MET K 409 -21.81 39.43 8.60
N TYR K 410 -21.39 40.69 8.44
CA TYR K 410 -21.05 41.21 7.12
C TYR K 410 -19.60 40.93 6.73
N ASN K 411 -18.71 40.78 7.70
CA ASN K 411 -17.30 40.57 7.37
C ASN K 411 -16.72 39.33 8.03
N THR K 412 -17.12 39.02 9.25
CA THR K 412 -16.60 37.86 9.97
C THR K 412 -17.70 37.28 10.84
N ARG K 413 -17.51 36.03 11.23
CA ARG K 413 -18.49 35.29 12.02
C ARG K 413 -17.93 34.96 13.39
N VAL K 414 -18.75 35.15 14.42
CA VAL K 414 -18.39 34.78 15.79
C VAL K 414 -19.55 34.02 16.41
N GLN K 415 -19.24 33.21 17.41
CA GLN K 415 -20.25 32.41 18.09
C GLN K 415 -21.11 33.28 18.99
N VAL K 416 -22.40 32.93 19.07
CA VAL K 416 -23.37 33.66 19.86
C VAL K 416 -24.29 32.66 20.56
N ASN K 417 -24.60 32.94 21.83
CA ASN K 417 -25.51 32.11 22.61
C ASN K 417 -26.74 32.94 22.94
N TYR K 418 -27.92 32.45 22.56
CA TYR K 418 -29.16 33.17 22.76
C TYR K 418 -29.75 32.89 24.13
N GLY K 419 -30.52 33.86 24.64
CA GLY K 419 -31.14 33.74 25.93
C GLY K 419 -32.50 33.09 25.88
N PRO K 420 -33.00 32.66 27.03
CA PRO K 420 -34.34 32.03 27.05
C PRO K 420 -35.45 32.94 26.58
N THR K 421 -35.36 34.24 26.87
CA THR K 421 -36.41 35.18 26.53
C THR K 421 -36.21 35.74 25.13
N GLY K 422 -37.30 36.23 24.55
CA GLY K 422 -37.29 36.80 23.21
C GLY K 422 -37.01 38.27 23.13
N GLU K 423 -36.68 38.92 24.25
CA GLU K 423 -36.40 40.34 24.23
C GLU K 423 -35.09 40.60 23.46
N PRO K 424 -34.99 41.76 22.80
CA PRO K 424 -33.76 42.07 22.06
C PRO K 424 -32.56 42.21 22.99
N LEU K 425 -31.38 41.97 22.43
CA LEU K 425 -30.10 42.09 23.13
C LEU K 425 -29.97 41.10 24.28
N ASP K 426 -30.75 40.03 24.27
CA ASP K 426 -30.65 39.00 25.30
C ASP K 426 -29.82 37.83 24.77
N PHE K 427 -28.52 38.09 24.65
CA PHE K 427 -27.60 37.08 24.14
C PHE K 427 -26.18 37.43 24.58
N GLN K 428 -25.31 36.43 24.48
CA GLN K 428 -23.88 36.59 24.75
C GLN K 428 -23.10 36.34 23.47
N ILE K 429 -22.13 37.22 23.18
CA ILE K 429 -21.43 37.19 21.92
C ILE K 429 -19.93 37.22 22.18
N GLY K 430 -19.17 36.74 21.20
CA GLY K 430 -17.72 36.76 21.24
C GLY K 430 -17.12 35.55 21.94
N ARG K 431 -15.83 35.36 21.71
CA ARG K 431 -15.11 34.28 22.40
C ARG K 431 -15.12 34.50 23.91
N ASN K 432 -14.89 35.74 24.34
CA ASN K 432 -15.12 36.12 25.72
C ASN K 432 -16.59 36.51 25.88
N GLN K 433 -17.28 35.81 26.77
CA GLN K 433 -18.74 35.96 26.90
C GLN K 433 -19.06 37.33 27.45
N TYR K 434 -19.54 38.22 26.59
CA TYR K 434 -19.97 39.56 27.00
C TYR K 434 -21.50 39.60 26.99
N ASP K 435 -22.07 40.08 28.09
CA ASP K 435 -23.52 40.15 28.24
C ASP K 435 -24.03 41.45 27.63
N CYS K 436 -24.88 41.35 26.62
CA CYS K 436 -25.44 42.50 25.95
C CYS K 436 -26.75 42.98 26.58
N ASN K 437 -27.23 42.30 27.62
CA ASN K 437 -28.47 42.70 28.26
C ASN K 437 -28.36 44.06 28.96
N VAL K 438 -27.15 44.48 29.31
CA VAL K 438 -26.97 45.76 29.98
C VAL K 438 -27.30 46.94 29.05
N PHE K 439 -27.26 46.74 27.74
CA PHE K 439 -27.53 47.82 26.80
C PHE K 439 -29.01 48.02 26.52
N ARG K 440 -29.88 47.16 27.04
CA ARG K 440 -31.31 47.38 26.89
C ARG K 440 -31.76 48.55 27.77
N ALA K 441 -32.66 49.36 27.22
CA ALA K 441 -33.06 50.58 27.91
C ALA K 441 -33.82 50.26 29.20
N ASP K 442 -33.55 51.04 30.24
CA ASP K 442 -34.25 50.90 31.52
C ASP K 442 -34.20 52.26 32.21
N PHE K 443 -35.33 52.97 32.19
CA PHE K 443 -35.38 54.32 32.74
C PHE K 443 -35.22 54.36 34.25
N ALA K 444 -35.37 53.24 34.94
CA ALA K 444 -35.16 53.22 36.38
C ALA K 444 -33.71 53.50 36.74
N THR K 445 -32.77 52.95 35.97
CA THR K 445 -31.34 53.12 36.25
C THR K 445 -30.55 53.69 35.09
N GLY K 446 -31.07 53.69 33.87
CA GLY K 446 -30.37 54.27 32.74
C GLY K 446 -29.07 53.59 32.38
N THR K 447 -29.09 52.25 32.33
CA THR K 447 -27.86 51.51 32.03
C THR K 447 -27.43 51.67 30.58
N GLY K 448 -28.38 51.76 29.65
CA GLY K 448 -28.03 51.68 28.25
C GLY K 448 -27.50 52.96 27.61
N TYR K 449 -27.46 54.07 28.33
CA TYR K 449 -27.15 55.35 27.71
C TYR K 449 -26.19 56.12 28.61
N ASN K 450 -26.02 57.41 28.31
CA ASN K 450 -24.97 58.22 28.93
C ASN K 450 -25.16 58.37 30.44
N GLY K 451 -26.35 58.09 30.96
CA GLY K 451 -26.56 58.15 32.39
C GLY K 451 -26.10 56.95 33.16
N TRP K 452 -25.33 56.07 32.54
CA TRP K 452 -24.92 54.81 33.17
C TRP K 452 -23.77 55.07 34.13
N ALA K 453 -24.02 54.82 35.42
CA ALA K 453 -23.00 54.80 36.46
C ALA K 453 -22.32 56.16 36.65
N THR K 454 -22.88 57.22 36.08
CA THR K 454 -22.36 58.56 36.22
C THR K 454 -23.42 59.49 36.79
N ILE K 455 -22.97 60.51 37.50
CA ILE K 455 -23.85 61.53 38.07
C ILE K 455 -23.67 62.80 37.26
N ASP K 456 -24.79 63.39 36.81
CA ASP K 456 -24.76 64.54 35.93
C ASP K 456 -25.39 65.79 36.51
N VAL K 457 -26.22 65.67 37.55
CA VAL K 457 -26.86 66.82 38.18
C VAL K 457 -26.35 66.93 39.61
N GLU K 458 -26.00 68.16 40.00
CA GLU K 458 -25.42 68.39 41.32
C GLU K 458 -25.74 69.81 41.77
N TYR K 459 -25.46 70.08 43.03
CA TYR K 459 -25.66 71.39 43.64
C TYR K 459 -24.36 71.82 44.29
N ARG K 460 -23.95 73.06 44.03
CA ARG K 460 -22.66 73.57 44.52
C ARG K 460 -22.84 74.69 45.54
N GLU K 461 -23.53 75.76 45.17
CA GLU K 461 -23.65 76.94 46.02
C GLU K 461 -24.85 77.74 45.55
N PRO K 462 -25.40 78.61 46.40
CA PRO K 462 -26.63 79.33 46.03
C PRO K 462 -26.47 80.13 44.73
N ALA K 463 -27.52 80.09 43.92
CA ALA K 463 -27.56 80.72 42.62
C ALA K 463 -28.24 82.08 42.70
N PRO K 464 -28.03 82.94 41.70
CA PRO K 464 -28.77 84.21 41.68
C PRO K 464 -30.27 84.02 41.64
N TYR K 465 -30.77 82.97 41.01
CA TYR K 465 -32.18 82.60 41.04
C TYR K 465 -32.36 81.47 42.05
N VAL K 466 -33.16 81.73 43.09
CA VAL K 466 -33.31 80.76 44.16
C VAL K 466 -34.08 79.53 43.69
N HIS K 467 -34.98 79.70 42.71
CA HIS K 467 -35.82 78.58 42.29
C HIS K 467 -35.04 77.52 41.53
N ALA K 468 -33.95 77.90 40.87
CA ALA K 468 -33.15 76.99 40.07
C ALA K 468 -31.69 77.10 40.51
N GLN K 469 -31.18 76.05 41.16
CA GLN K 469 -29.81 76.03 41.64
C GLN K 469 -29.01 74.85 41.13
N ARG K 470 -29.58 74.01 40.26
CA ARG K 470 -28.92 72.81 39.81
C ARG K 470 -27.85 73.12 38.76
N TYR K 471 -26.94 72.16 38.58
CA TYR K 471 -25.91 72.21 37.55
C TYR K 471 -26.04 70.98 36.66
N ILE K 472 -25.83 71.16 35.37
CA ILE K 472 -25.93 70.09 34.38
C ILE K 472 -24.54 69.78 33.86
N ARG K 473 -24.16 68.50 33.93
CA ARG K 473 -22.83 68.05 33.49
C ARG K 473 -23.02 66.78 32.66
N TYR K 474 -23.18 66.96 31.35
CA TYR K 474 -23.20 65.81 30.45
C TYR K 474 -21.86 65.09 30.47
N CYS K 475 -21.92 63.77 30.57
CA CYS K 475 -20.74 62.89 30.60
C CYS K 475 -19.82 63.16 31.78
N GLY K 476 -20.26 63.97 32.75
CA GLY K 476 -19.47 64.22 33.93
C GLY K 476 -18.32 65.19 33.77
N ILE K 477 -18.22 65.87 32.63
CA ILE K 477 -17.13 66.79 32.38
C ILE K 477 -17.54 68.19 32.79
N ASP K 478 -16.57 68.97 33.25
CA ASP K 478 -16.79 70.35 33.67
C ASP K 478 -15.67 71.24 33.12
N SER K 479 -15.97 72.53 33.00
CA SER K 479 -15.02 73.49 32.46
C SER K 479 -13.98 73.93 33.48
N ARG K 480 -14.13 73.56 34.75
CA ARG K 480 -13.19 73.96 35.79
C ARG K 480 -12.57 72.74 36.46
N GLY K 489 -9.31 68.43 26.44
CA GLY K 489 -10.29 67.39 26.17
C GLY K 489 -9.67 66.09 25.70
N ILE K 490 -8.44 65.85 26.13
CA ILE K 490 -7.69 64.65 25.74
C ILE K 490 -7.60 63.72 26.93
N GLY K 491 -8.04 62.47 26.75
CA GLY K 491 -7.91 61.43 27.74
C GLY K 491 -9.16 61.17 28.55
N MET K 492 -10.05 62.14 28.66
CA MET K 492 -11.27 61.96 29.43
C MET K 492 -12.21 61.01 28.71
N THR K 493 -12.77 60.05 29.46
CA THR K 493 -13.74 59.10 28.95
C THR K 493 -14.85 58.92 29.97
N TYR K 494 -15.80 58.04 29.67
CA TYR K 494 -16.86 57.71 30.60
C TYR K 494 -17.24 56.24 30.43
N HIS K 495 -17.97 55.72 31.42
CA HIS K 495 -18.18 54.28 31.53
C HIS K 495 -18.93 53.73 30.32
N CYS K 496 -19.96 54.45 29.86
CA CYS K 496 -20.79 53.94 28.76
C CYS K 496 -19.97 53.76 27.49
N TYR K 497 -19.09 54.73 27.18
CA TYR K 497 -18.32 54.65 25.95
C TYR K 497 -17.29 53.53 26.03
N ASN K 498 -16.69 53.33 27.21
CA ASN K 498 -15.76 52.23 27.40
C ASN K 498 -16.46 50.88 27.21
N GLU K 499 -17.67 50.74 27.75
CA GLU K 499 -18.42 49.51 27.56
C GLU K 499 -18.80 49.31 26.10
N MET K 500 -19.14 50.41 25.41
CA MET K 500 -19.41 50.33 23.98
C MET K 500 -18.21 49.79 23.22
N LEU K 501 -17.02 50.33 23.52
CA LEU K 501 -15.80 49.86 22.86
C LEU K 501 -15.53 48.40 23.19
N ARG K 502 -15.72 48.01 24.45
CA ARG K 502 -15.46 46.62 24.84
C ARG K 502 -16.37 45.67 24.09
N MET K 503 -17.66 46.00 23.99
CA MET K 503 -18.59 45.11 23.31
C MET K 503 -18.31 45.08 21.80
N LEU K 504 -17.95 46.23 21.22
CA LEU K 504 -17.61 46.26 19.81
C LEU K 504 -16.38 45.39 19.52
N VAL K 505 -15.38 45.45 20.39
CA VAL K 505 -14.18 44.64 20.19
C VAL K 505 -14.49 43.17 20.38
N ALA K 506 -15.33 42.83 21.37
CA ALA K 506 -15.65 41.44 21.62
C ALA K 506 -16.48 40.85 20.47
N ALA K 507 -17.34 41.67 19.86
CA ALA K 507 -18.18 41.19 18.77
C ALA K 507 -17.43 41.00 17.47
N GLY K 508 -16.17 41.40 17.40
CA GLY K 508 -15.39 41.28 16.19
C GLY K 508 -15.51 42.43 15.21
N LYS K 509 -16.17 43.51 15.60
CA LYS K 509 -16.30 44.69 14.74
C LYS K 509 -15.07 45.58 14.91
N ASP K 510 -13.93 45.06 14.44
CA ASP K 510 -12.66 45.73 14.69
C ASP K 510 -12.52 47.01 13.86
N SER K 511 -13.09 47.02 12.66
CA SER K 511 -12.88 48.15 11.75
C SER K 511 -13.45 49.45 12.34
N GLU K 512 -14.70 49.41 12.80
CA GLU K 512 -15.34 50.61 13.33
C GLU K 512 -14.88 50.95 14.74
N ALA K 513 -14.23 50.01 15.45
CA ALA K 513 -13.71 50.32 16.77
C ALA K 513 -12.67 51.42 16.71
N ALA K 514 -11.76 51.34 15.73
CA ALA K 514 -10.74 52.38 15.57
C ALA K 514 -11.38 53.72 15.21
N TYR K 515 -12.40 53.69 14.34
CA TYR K 515 -13.09 54.93 13.97
C TYR K 515 -13.73 55.58 15.19
N PHE K 516 -14.37 54.78 16.04
CA PHE K 516 -14.94 55.32 17.27
C PHE K 516 -13.86 55.84 18.21
N ARG K 517 -12.73 55.13 18.29
CA ARG K 517 -11.65 55.55 19.17
C ARG K 517 -11.07 56.89 18.75
N SER K 518 -10.97 57.13 17.44
CA SER K 518 -10.39 58.37 16.95
C SER K 518 -11.31 59.57 17.12
N MET K 519 -12.57 59.36 17.51
CA MET K 519 -13.56 60.43 17.55
C MET K 519 -13.73 61.04 18.94
N LEU K 520 -13.06 60.50 19.96
CA LEU K 520 -13.29 60.95 21.34
C LEU K 520 -13.05 62.44 21.56
N PRO K 521 -11.94 63.04 21.11
CA PRO K 521 -11.75 64.47 21.40
C PRO K 521 -12.85 65.35 20.83
N PHE K 522 -13.31 65.06 19.61
CA PHE K 522 -14.37 65.84 19.01
C PHE K 522 -15.67 65.72 19.80
N HIS K 523 -16.01 64.50 20.20
CA HIS K 523 -17.21 64.26 20.99
C HIS K 523 -17.16 65.00 22.32
N MET K 524 -16.02 64.93 23.00
CA MET K 524 -15.89 65.58 24.30
C MET K 524 -15.91 67.08 24.17
N VAL K 525 -15.31 67.63 23.11
CA VAL K 525 -15.38 69.07 22.89
C VAL K 525 -16.82 69.51 22.64
N ARG K 526 -17.55 68.74 21.84
CA ARG K 526 -18.95 69.09 21.58
C ARG K 526 -19.76 69.08 22.87
N PHE K 527 -19.59 68.05 23.70
CA PHE K 527 -20.39 67.98 24.91
C PHE K 527 -19.95 69.02 25.94
N ALA K 528 -18.66 69.38 25.96
CA ALA K 528 -18.23 70.46 26.82
C ALA K 528 -18.86 71.79 26.40
N ARG K 529 -18.95 72.04 25.09
CA ARG K 529 -19.62 73.23 24.61
C ARG K 529 -21.10 73.22 25.00
N ILE K 530 -21.75 72.05 24.89
CA ILE K 530 -23.15 71.94 25.27
C ILE K 530 -23.34 72.26 26.75
N ASN K 531 -22.47 71.71 27.60
CA ASN K 531 -22.54 71.98 29.03
C ASN K 531 -22.31 73.46 29.31
N GLN K 532 -21.35 74.07 28.63
CA GLN K 532 -21.08 75.50 28.81
C GLN K 532 -22.31 76.32 28.47
N ILE K 533 -22.94 76.03 27.33
CA ILE K 533 -24.12 76.78 26.91
C ILE K 533 -25.26 76.60 27.89
N ILE K 534 -25.47 75.36 28.35
CA ILE K 534 -26.59 75.08 29.25
C ILE K 534 -26.40 75.79 30.58
N ASN K 535 -25.21 75.67 31.17
CA ASN K 535 -25.00 76.19 32.52
C ASN K 535 -24.78 77.69 32.55
N GLU K 536 -24.29 78.29 31.45
CA GLU K 536 -23.86 79.67 31.48
C GLU K 536 -24.85 80.64 30.82
N ASP K 537 -25.45 80.25 29.71
CA ASP K 537 -26.27 81.18 28.92
C ASP K 537 -27.76 81.02 29.16
N LEU K 538 -28.24 79.81 29.38
CA LEU K 538 -29.68 79.54 29.50
C LEU K 538 -30.19 79.69 30.92
N HIS K 539 -29.52 80.45 31.76
CA HIS K 539 -29.94 80.65 33.15
C HIS K 539 -30.80 81.90 33.23
N SER K 540 -32.05 81.74 33.64
CA SER K 540 -32.99 82.83 33.79
C SER K 540 -34.12 82.39 34.70
N VAL K 541 -35.03 83.32 35.00
CA VAL K 541 -36.18 82.97 35.84
C VAL K 541 -37.10 81.98 35.14
N PHE K 542 -37.09 81.99 33.81
CA PHE K 542 -37.92 81.09 33.03
C PHE K 542 -37.41 79.64 33.03
N SER K 543 -36.22 79.40 33.58
CA SER K 543 -35.73 78.04 33.69
C SER K 543 -36.62 77.23 34.63
N LEU K 544 -36.74 75.94 34.33
CA LEU K 544 -37.61 75.08 35.10
C LEU K 544 -37.09 74.93 36.54
N PRO K 545 -37.97 75.01 37.54
CA PRO K 545 -37.52 74.81 38.92
C PRO K 545 -37.05 73.39 39.16
N ASP K 546 -36.24 73.22 40.21
CA ASP K 546 -35.61 71.93 40.48
C ASP K 546 -36.64 70.84 40.78
N ASP K 547 -37.67 71.18 41.56
CA ASP K 547 -38.64 70.16 41.95
C ASP K 547 -39.38 69.59 40.74
N MET K 548 -39.83 70.45 39.84
CA MET K 548 -40.52 69.97 38.65
C MET K 548 -39.57 69.22 37.73
N PHE K 549 -38.29 69.63 37.71
CA PHE K 549 -37.30 68.91 36.92
C PHE K 549 -37.12 67.49 37.44
N ASN K 550 -37.06 67.32 38.76
CA ASN K 550 -36.94 65.98 39.33
C ASN K 550 -38.23 65.19 39.17
N ALA K 551 -39.37 65.88 39.10
CA ALA K 551 -40.66 65.18 39.00
C ALA K 551 -41.01 64.77 37.58
N LEU K 552 -40.24 65.18 36.58
CA LEU K 552 -40.60 64.86 35.20
C LEU K 552 -40.47 63.37 34.91
N LEU K 553 -39.34 62.77 35.26
CA LEU K 553 -39.12 61.36 34.92
C LEU K 553 -40.11 60.42 35.61
N PRO K 554 -40.38 60.52 36.92
CA PRO K 554 -41.44 59.68 37.49
C PRO K 554 -42.79 59.93 36.85
N ASP K 555 -43.07 61.19 36.47
CA ASP K 555 -44.32 61.50 35.78
C ASP K 555 -44.38 60.80 34.42
N LEU K 556 -43.26 60.80 33.69
CA LEU K 556 -43.22 60.13 32.40
C LEU K 556 -43.40 58.63 32.56
N ILE K 557 -42.79 58.06 33.60
CA ILE K 557 -42.97 56.62 33.85
C ILE K 557 -44.42 56.31 34.18
N ALA K 558 -45.06 57.15 35.00
CA ALA K 558 -46.46 56.92 35.35
C ALA K 558 -47.36 57.00 34.12
N GLY K 559 -47.13 57.99 33.26
CA GLY K 559 -47.87 58.16 32.02
C GLY K 559 -48.93 59.23 32.07
N ALA K 560 -49.45 59.56 33.25
CA ALA K 560 -50.47 60.59 33.41
C ALA K 560 -49.79 61.87 33.86
N HIS K 561 -49.68 62.84 32.96
CA HIS K 561 -48.95 64.07 33.24
C HIS K 561 -49.66 64.90 34.31
N GLN K 562 -48.88 65.65 35.07
CA GLN K 562 -49.41 66.51 36.12
C GLN K 562 -48.47 67.70 36.30
N ASN K 563 -49.03 68.91 36.27
CA ASN K 563 -48.36 70.17 36.57
C ASN K 563 -47.19 70.46 35.64
N ALA K 564 -46.97 69.62 34.64
CA ALA K 564 -45.90 69.83 33.68
C ALA K 564 -46.19 69.02 32.43
N ASP K 565 -45.85 69.60 31.28
CA ASP K 565 -46.09 68.95 29.99
C ASP K 565 -44.91 69.18 29.06
N PRO K 566 -44.19 68.13 28.67
CA PRO K 566 -43.11 68.27 27.71
C PRO K 566 -43.63 68.34 26.29
N VAL K 567 -42.76 68.79 25.39
CA VAL K 567 -43.07 68.87 23.97
C VAL K 567 -42.14 67.94 23.22
N VAL K 568 -42.68 67.23 22.24
CA VAL K 568 -41.97 66.19 21.51
C VAL K 568 -41.67 66.69 20.11
N LEU K 569 -40.40 66.60 19.71
CA LEU K 569 -39.97 66.91 18.36
C LEU K 569 -39.62 65.62 17.63
N ASP K 570 -39.79 65.63 16.32
CA ASP K 570 -39.70 64.43 15.50
C ASP K 570 -38.53 64.55 14.54
N VAL K 571 -37.71 63.49 14.47
CA VAL K 571 -36.50 63.47 13.65
C VAL K 571 -36.49 62.20 12.81
N SER K 572 -35.52 62.11 11.91
CA SER K 572 -35.36 60.99 10.99
C SER K 572 -34.19 60.11 11.40
N TRP K 573 -34.06 58.98 10.70
CA TRP K 573 -33.03 58.01 11.04
C TRP K 573 -31.63 58.55 10.76
N ILE K 574 -31.41 59.08 9.56
CA ILE K 574 -30.08 59.54 9.17
C ILE K 574 -29.63 60.74 9.99
N SER K 575 -30.59 61.44 10.60
CA SER K 575 -30.27 62.63 11.37
C SER K 575 -29.37 62.32 12.56
N LEU K 576 -29.53 61.15 13.16
CA LEU K 576 -28.67 60.77 14.29
C LEU K 576 -27.22 60.67 13.86
N TRP K 577 -26.96 59.98 12.75
CA TRP K 577 -25.59 59.85 12.26
C TRP K 577 -25.02 61.19 11.86
N PHE K 578 -25.82 62.03 11.17
CA PHE K 578 -25.29 63.32 10.75
C PHE K 578 -25.08 64.27 11.93
N ALA K 579 -25.84 64.09 13.01
CA ALA K 579 -25.62 64.91 14.20
C ALA K 579 -24.40 64.43 14.97
N PHE K 580 -24.12 63.13 14.93
CA PHE K 580 -22.93 62.61 15.61
C PHE K 580 -21.65 63.17 15.01
N ASN K 581 -21.68 63.59 13.75
CA ASN K 581 -20.49 64.10 13.08
C ASN K 581 -20.40 65.61 13.08
N ARG K 582 -21.51 66.33 13.17
CA ARG K 582 -21.50 67.78 13.10
C ARG K 582 -21.55 68.37 14.50
N SER K 583 -20.62 69.27 14.79
CA SER K 583 -20.55 69.93 16.08
C SER K 583 -21.37 71.21 16.06
N PHE K 584 -21.31 71.97 17.16
CA PHE K 584 -22.02 73.23 17.28
C PHE K 584 -21.04 74.27 17.82
N GLU K 585 -20.85 75.35 17.07
CA GLU K 585 -19.92 76.41 17.44
C GLU K 585 -20.67 77.69 17.72
N PRO K 586 -20.66 78.20 18.95
CA PRO K 586 -21.41 79.42 19.26
C PRO K 586 -20.75 80.68 18.70
N THR K 587 -21.00 80.97 17.43
CA THR K 587 -20.35 82.11 16.78
C THR K 587 -20.78 83.42 17.42
N HIS K 588 -22.08 83.58 17.69
CA HIS K 588 -22.61 84.82 18.23
C HIS K 588 -23.49 84.54 19.44
N ARG K 589 -23.47 85.47 20.38
CA ARG K 589 -24.37 85.42 21.53
C ARG K 589 -25.69 86.09 21.19
N ASN K 590 -26.69 85.84 22.03
CA ASN K 590 -28.01 86.43 21.81
C ASN K 590 -27.96 87.93 22.00
N GLU K 591 -28.63 88.66 21.09
CA GLU K 591 -28.62 90.11 21.15
C GLU K 591 -29.33 90.63 22.38
N MET K 592 -30.44 89.99 22.77
CA MET K 592 -31.24 90.44 23.89
C MET K 592 -30.75 89.91 25.23
N LEU K 593 -29.59 89.24 25.25
CA LEU K 593 -29.06 88.70 26.51
C LEU K 593 -28.75 89.80 27.52
N GLU K 594 -28.46 91.02 27.06
CA GLU K 594 -28.08 92.10 27.97
C GLU K 594 -29.27 92.66 28.71
N VAL K 595 -30.49 92.49 28.19
CA VAL K 595 -31.67 93.18 28.72
C VAL K 595 -32.71 92.20 29.27
N ALA K 596 -32.27 91.00 29.66
CA ALA K 596 -33.20 90.00 30.19
C ALA K 596 -33.91 90.45 31.47
N PRO K 597 -33.23 90.98 32.49
CA PRO K 597 -33.95 91.31 33.73
C PRO K 597 -35.09 92.31 33.55
N LEU K 598 -34.94 93.27 32.64
CA LEU K 598 -35.99 94.27 32.46
C LEU K 598 -37.27 93.64 31.92
N ILE K 599 -37.15 92.81 30.88
CA ILE K 599 -38.33 92.17 30.32
C ILE K 599 -38.90 91.15 31.31
N GLU K 600 -38.03 90.48 32.08
CA GLU K 600 -38.53 89.57 33.12
C GLU K 600 -39.39 90.31 34.13
N SER K 601 -38.90 91.45 34.62
CA SER K 601 -39.65 92.23 35.60
C SER K 601 -40.95 92.76 35.00
N VAL K 602 -40.90 93.20 33.73
CA VAL K 602 -42.11 93.71 33.08
C VAL K 602 -43.15 92.60 32.98
N TYR K 603 -42.73 91.40 32.58
CA TYR K 603 -43.66 90.29 32.45
C TYR K 603 -44.27 89.92 33.80
N ALA K 604 -43.45 89.88 34.85
CA ALA K 604 -43.97 89.57 36.19
C ALA K 604 -44.95 90.64 36.66
N SER K 605 -44.64 91.92 36.41
CA SER K 605 -45.53 92.99 36.82
C SER K 605 -46.85 92.91 36.06
N GLU K 606 -46.80 92.58 34.77
CA GLU K 606 -48.04 92.43 34.01
C GLU K 606 -48.88 91.28 34.54
N LEU K 607 -48.25 90.17 34.90
CA LEU K 607 -49.00 89.06 35.49
C LEU K 607 -49.65 89.47 36.81
N SER K 608 -48.91 90.21 37.65
CA SER K 608 -49.49 90.66 38.90
C SER K 608 -50.66 91.60 38.67
N VAL K 609 -50.54 92.50 37.69
CA VAL K 609 -51.62 93.42 37.38
C VAL K 609 -52.86 92.66 36.92
N MET K 610 -52.67 91.64 36.07
CA MET K 610 -53.81 90.84 35.62
C MET K 610 -54.47 90.13 36.80
N LYS K 611 -53.67 89.57 37.70
CA LYS K 611 -54.24 88.89 38.87
C LYS K 611 -55.04 89.86 39.73
N VAL K 612 -54.52 91.06 39.95
CA VAL K 612 -55.22 92.05 40.76
C VAL K 612 -56.53 92.47 40.08
N ASP K 613 -56.49 92.63 38.75
CA ASP K 613 -57.71 93.00 38.02
C ASP K 613 -58.77 91.92 38.14
N MET K 614 -58.37 90.65 38.03
CA MET K 614 -59.34 89.58 38.17
C MET K 614 -59.89 89.50 39.59
N ARG K 615 -59.06 89.75 40.59
CA ARG K 615 -59.56 89.79 41.97
C ARG K 615 -60.57 90.91 42.15
N HIS K 616 -60.30 92.07 41.57
CA HIS K 616 -61.26 93.18 41.64
C HIS K 616 -62.56 92.82 40.92
N LEU K 617 -62.48 92.11 39.80
CA LEU K 617 -63.69 91.67 39.11
C LEU K 617 -64.50 90.71 39.99
N SER K 618 -63.81 89.80 40.69
CA SER K 618 -64.51 88.90 41.60
C SER K 618 -65.18 89.68 42.72
N LEU K 619 -64.51 90.68 43.28
CA LEU K 619 -65.12 91.51 44.32
C LEU K 619 -66.34 92.26 43.78
N MET K 620 -66.24 92.76 42.55
CA MET K 620 -67.38 93.45 41.94
C MET K 620 -68.56 92.52 41.78
N GLN K 621 -68.32 91.28 41.36
CA GLN K 621 -69.40 90.29 41.31
C GLN K 621 -69.97 90.03 42.70
N ARG K 622 -69.11 90.00 43.72
CA ARG K 622 -69.58 89.78 45.09
C ARG K 622 -70.51 90.91 45.54
N ARG K 623 -70.16 92.16 45.23
CA ARG K 623 -70.90 93.28 45.80
C ARG K 623 -72.29 93.41 45.21
N PHE K 624 -72.45 93.18 43.91
CA PHE K 624 -73.69 93.47 43.19
C PHE K 624 -74.19 92.23 42.47
N PRO K 625 -74.86 91.33 43.18
CA PRO K 625 -75.47 90.18 42.50
C PRO K 625 -76.80 90.49 41.84
N ASP K 626 -77.49 91.54 42.29
CA ASP K 626 -78.84 91.85 41.82
C ASP K 626 -78.87 92.74 40.60
N VAL K 627 -77.73 93.26 40.15
CA VAL K 627 -77.70 94.17 39.00
C VAL K 627 -76.70 93.68 37.98
N LEU K 628 -75.86 92.72 38.38
CA LEU K 628 -74.91 92.08 37.48
C LEU K 628 -75.47 90.75 37.01
N ILE K 629 -75.33 90.48 35.72
CA ILE K 629 -76.06 89.38 35.10
C ILE K 629 -75.58 88.04 35.63
N GLN K 630 -74.27 87.80 35.67
CA GLN K 630 -73.75 86.49 36.03
C GLN K 630 -72.25 86.63 36.28
N ALA K 631 -71.66 85.57 36.82
CA ALA K 631 -70.23 85.50 37.09
C ALA K 631 -69.65 84.24 36.47
N ARG K 632 -68.46 84.37 35.88
CA ARG K 632 -67.79 83.23 35.26
C ARG K 632 -66.29 83.46 35.23
N PRO K 633 -65.50 82.61 35.91
CA PRO K 633 -64.03 82.83 35.92
C PRO K 633 -63.39 82.79 34.54
N SER K 634 -63.88 81.91 33.66
CA SER K 634 -63.31 81.84 32.32
C SER K 634 -63.54 83.14 31.56
N HIS K 635 -64.72 83.73 31.70
CA HIS K 635 -64.98 85.02 31.08
C HIS K 635 -64.08 86.09 31.67
N PHE K 636 -63.84 86.04 32.99
CA PHE K 636 -62.91 86.97 33.61
C PHE K 636 -61.53 86.87 32.99
N TRP K 637 -61.01 85.64 32.85
CA TRP K 637 -59.69 85.46 32.29
C TRP K 637 -59.62 85.93 30.85
N LYS K 638 -60.64 85.60 30.04
CA LYS K 638 -60.64 86.02 28.65
C LYS K 638 -60.69 87.54 28.54
N ALA K 639 -61.51 88.19 29.35
CA ALA K 639 -61.61 89.64 29.29
C ALA K 639 -60.31 90.31 29.72
N VAL K 640 -59.69 89.81 30.78
CA VAL K 640 -58.45 90.45 31.24
C VAL K 640 -57.31 90.19 30.27
N LEU K 641 -57.31 89.04 29.59
CA LEU K 641 -56.28 88.76 28.61
C LEU K 641 -56.53 89.48 27.28
N ASN K 642 -57.76 89.91 27.03
CA ASN K 642 -58.06 90.60 25.77
C ASN K 642 -57.26 91.89 25.65
N ASP K 643 -57.18 92.67 26.73
CA ASP K 643 -56.45 93.93 26.74
C ASP K 643 -55.14 93.70 27.49
N SER K 644 -54.07 93.42 26.74
CA SER K 644 -52.77 93.10 27.30
C SER K 644 -51.72 93.35 26.23
N PRO K 645 -50.44 93.42 26.61
CA PRO K 645 -49.39 93.53 25.59
C PRO K 645 -49.45 92.35 24.61
N GLU K 646 -49.21 92.66 23.34
CA GLU K 646 -49.47 91.69 22.28
C GLU K 646 -48.59 90.46 22.39
N ALA K 647 -47.32 90.65 22.77
CA ALA K 647 -46.43 89.50 22.93
C ALA K 647 -46.93 88.57 24.02
N VAL K 648 -47.35 89.13 25.15
CA VAL K 648 -47.90 88.32 26.24
C VAL K 648 -49.16 87.59 25.75
N LYS K 649 -50.02 88.30 25.02
CA LYS K 649 -51.23 87.69 24.50
C LYS K 649 -50.91 86.48 23.63
N ALA K 650 -49.98 86.64 22.68
CA ALA K 650 -49.64 85.55 21.78
C ALA K 650 -49.02 84.38 22.54
N VAL K 651 -48.13 84.67 23.48
CA VAL K 651 -47.44 83.61 24.22
C VAL K 651 -48.45 82.82 25.05
N MET K 652 -49.35 83.52 25.75
CA MET K 652 -50.36 82.83 26.55
C MET K 652 -51.33 82.06 25.68
N ASN K 653 -51.69 82.61 24.51
CA ASN K 653 -52.58 81.89 23.60
C ASN K 653 -51.94 80.59 23.13
N LEU K 654 -50.65 80.63 22.78
CA LEU K 654 -49.97 79.40 22.38
C LEU K 654 -49.92 78.40 23.52
N SER K 655 -49.58 78.88 24.73
CA SER K 655 -49.46 77.98 25.87
C SER K 655 -50.79 77.31 26.19
N HIS K 656 -51.89 78.08 26.17
CA HIS K 656 -53.19 77.52 26.46
C HIS K 656 -53.80 76.78 25.28
N SER K 657 -53.24 76.94 24.07
CA SER K 657 -53.64 76.10 22.96
C SER K 657 -52.99 74.73 23.07
N HIS K 658 -51.74 74.67 23.55
CA HIS K 658 -51.11 73.36 23.73
C HIS K 658 -51.81 72.56 24.83
N ASN K 659 -52.11 73.18 25.96
CA ASN K 659 -52.75 72.51 27.08
C ASN K 659 -53.93 73.33 27.58
N PHE K 660 -54.96 72.64 28.04
CA PHE K 660 -56.22 73.28 28.41
C PHE K 660 -56.20 73.71 29.88
N ILE K 661 -57.15 74.57 30.23
CA ILE K 661 -57.31 75.08 31.58
C ILE K 661 -58.76 74.85 32.01
N ASN K 662 -58.99 74.97 33.32
CA ASN K 662 -60.31 74.76 33.89
C ASN K 662 -60.56 75.80 34.98
N ILE K 663 -61.76 75.74 35.57
CA ILE K 663 -62.14 76.69 36.60
C ILE K 663 -61.30 76.50 37.86
N ARG K 664 -60.95 75.25 38.16
CA ARG K 664 -60.17 74.98 39.38
C ARG K 664 -58.81 75.67 39.33
N ASP K 665 -58.16 75.66 38.16
CA ASP K 665 -56.88 76.35 38.04
C ASP K 665 -57.02 77.85 38.26
N MET K 666 -58.08 78.45 37.72
CA MET K 666 -58.31 79.88 37.92
C MET K 666 -58.55 80.18 39.39
N MET K 667 -59.35 79.35 40.06
CA MET K 667 -59.63 79.57 41.48
C MET K 667 -58.35 79.43 42.31
N ARG K 668 -57.51 78.47 41.97
CA ARG K 668 -56.24 78.32 42.68
C ARG K 668 -55.32 79.52 42.43
N TRP K 669 -55.31 80.03 41.20
CA TRP K 669 -54.39 81.11 40.85
C TRP K 669 -54.81 82.45 41.42
N VAL K 670 -56.12 82.71 41.53
CA VAL K 670 -56.59 84.02 41.99
C VAL K 670 -56.41 84.21 43.48
N MET K 671 -55.90 83.22 44.21
CA MET K 671 -55.77 83.31 45.66
C MET K 671 -54.33 83.29 46.15
N LEU K 672 -53.36 83.03 45.29
CA LEU K 672 -51.97 83.00 45.72
C LEU K 672 -51.51 84.40 46.11
N PRO K 673 -50.78 84.54 47.22
CA PRO K 673 -50.44 85.88 47.72
C PRO K 673 -49.26 86.54 47.03
N SER K 674 -48.47 85.79 46.26
CA SER K 674 -47.26 86.35 45.66
C SER K 674 -47.60 87.45 44.67
N LEU K 675 -46.88 88.57 44.77
CA LEU K 675 -47.07 89.72 43.89
C LEU K 675 -45.73 90.38 43.64
N GLN K 676 -45.65 91.09 42.52
CA GLN K 676 -44.44 91.83 42.15
C GLN K 676 -44.72 93.32 42.23
N PRO K 677 -44.22 94.03 43.26
CA PRO K 677 -44.52 95.46 43.39
C PRO K 677 -43.91 96.27 42.25
N SER K 678 -44.62 97.33 41.87
CA SER K 678 -44.20 98.23 40.81
C SER K 678 -45.12 99.45 40.81
N LEU K 679 -44.75 100.44 40.01
CA LEU K 679 -45.60 101.61 39.83
C LEU K 679 -46.92 101.24 39.17
N LYS K 680 -46.90 100.27 38.24
CA LYS K 680 -48.12 99.86 37.56
C LYS K 680 -49.15 99.35 38.56
N LEU K 681 -48.69 98.58 39.55
CA LEU K 681 -49.62 98.03 40.54
C LEU K 681 -50.27 99.13 41.37
N ALA K 682 -49.48 100.10 41.85
CA ALA K 682 -50.05 101.18 42.64
C ALA K 682 -51.02 102.01 41.83
N LEU K 683 -50.67 102.32 40.58
CA LEU K 683 -51.57 103.07 39.72
C LEU K 683 -52.87 102.29 39.48
N GLU K 684 -52.77 100.98 39.28
CA GLU K 684 -53.96 100.17 39.07
C GLU K 684 -54.86 100.14 40.31
N GLU K 685 -54.26 100.01 41.49
CA GLU K 685 -55.06 100.03 42.72
C GLU K 685 -55.76 101.38 42.88
N GLU K 686 -55.05 102.48 42.64
CA GLU K 686 -55.69 103.78 42.77
C GLU K 686 -56.79 103.97 41.74
N ALA K 687 -56.57 103.50 40.51
CA ALA K 687 -57.61 103.59 39.48
C ALA K 687 -58.83 102.77 39.86
N TRP K 688 -58.63 101.58 40.40
CA TRP K 688 -59.75 100.76 40.83
C TRP K 688 -60.51 101.41 41.97
N ALA K 689 -59.79 102.02 42.92
CA ALA K 689 -60.44 102.71 44.02
C ALA K 689 -61.27 103.89 43.51
N ALA K 690 -60.73 104.64 42.53
CA ALA K 690 -61.47 105.75 41.96
C ALA K 690 -62.68 105.27 41.17
N ALA K 691 -62.56 104.13 40.50
CA ALA K 691 -63.62 103.60 39.66
C ALA K 691 -64.55 102.65 40.40
N ASN K 692 -64.41 102.54 41.73
CA ASN K 692 -65.33 101.72 42.51
C ASN K 692 -66.77 102.15 42.28
N ASP K 693 -67.02 103.45 42.24
CA ASP K 693 -68.34 103.96 41.89
C ASP K 693 -68.54 103.84 40.38
N PHE K 694 -69.40 102.90 39.98
CA PHE K 694 -69.59 102.60 38.57
C PHE K 694 -70.25 103.74 37.80
N GLU K 695 -70.82 104.73 38.50
CA GLU K 695 -71.39 105.88 37.79
C GLU K 695 -70.31 106.67 37.06
N ASP K 696 -69.08 106.66 37.57
CA ASP K 696 -67.98 107.30 36.86
C ASP K 696 -67.66 106.58 35.55
N LEU K 697 -67.99 105.30 35.46
CA LEU K 697 -67.74 104.52 34.26
C LEU K 697 -68.81 104.70 33.19
N MET K 698 -69.66 105.72 33.33
CA MET K 698 -70.73 106.01 32.37
C MET K 698 -71.68 104.84 32.20
N LEU K 699 -71.92 104.09 33.26
CA LEU K 699 -72.90 103.02 33.28
C LEU K 699 -73.97 103.34 34.31
N THR K 700 -75.23 103.36 33.87
CA THR K 700 -76.32 103.76 34.74
C THR K 700 -77.52 102.86 34.49
N ASP K 701 -78.15 102.41 35.58
CA ASP K 701 -79.36 101.62 35.50
C ASP K 701 -80.62 102.43 35.74
N GLN K 702 -80.48 103.73 36.07
CA GLN K 702 -81.64 104.59 36.36
C GLN K 702 -82.19 105.20 35.07
N VAL K 703 -82.60 104.33 34.15
CA VAL K 703 -83.24 104.74 32.91
C VAL K 703 -84.75 104.66 33.09
N TYR K 704 -85.43 105.77 32.83
CA TYR K 704 -86.87 105.88 33.04
C TYR K 704 -87.57 106.20 31.72
N MET K 705 -88.86 105.93 31.68
CA MET K 705 -89.70 106.21 30.51
C MET K 705 -90.92 106.99 30.98
N HIS K 706 -91.22 108.09 30.29
CA HIS K 706 -92.38 108.89 30.63
C HIS K 706 -92.71 109.80 29.46
N ARG K 707 -93.99 109.86 29.09
CA ARG K 707 -94.42 110.73 27.99
C ARG K 707 -94.31 112.19 28.41
N ASP K 708 -93.46 112.94 27.72
CA ASP K 708 -93.21 114.33 28.06
C ASP K 708 -93.43 115.20 26.82
N MET K 709 -93.70 116.48 27.07
CA MET K 709 -93.99 117.44 26.01
C MET K 709 -92.71 118.14 25.58
N LEU K 710 -92.53 118.29 24.27
CA LEU K 710 -91.42 119.10 23.76
C LEU K 710 -91.85 120.56 23.81
N PRO K 711 -91.17 121.38 24.61
CA PRO K 711 -91.65 122.75 24.83
C PRO K 711 -91.56 123.60 23.58
N GLU K 712 -92.52 124.52 23.45
CA GLU K 712 -92.53 125.51 22.39
C GLU K 712 -92.79 126.87 23.03
N PRO K 713 -91.77 127.68 23.26
CA PRO K 713 -91.95 128.92 24.02
C PRO K 713 -92.54 130.05 23.19
N ARG K 714 -93.07 131.03 23.91
CA ARG K 714 -93.59 132.24 23.27
C ARG K 714 -92.44 133.11 22.78
N LEU K 715 -92.72 133.92 21.77
CA LEU K 715 -91.73 134.81 21.17
C LEU K 715 -92.28 136.23 21.09
N ASP K 716 -92.89 136.70 22.19
CA ASP K 716 -93.40 138.07 22.22
C ASP K 716 -92.27 139.07 22.09
N ASP K 717 -91.16 138.84 22.79
CA ASP K 717 -89.97 139.67 22.68
C ASP K 717 -88.78 138.77 22.36
N ILE K 718 -88.19 138.98 21.18
CA ILE K 718 -87.11 138.09 20.74
C ILE K 718 -85.87 138.25 21.62
N GLU K 719 -85.52 139.50 21.96
CA GLU K 719 -84.31 139.73 22.73
C GLU K 719 -84.46 139.30 24.19
N ARG K 720 -85.64 139.49 24.78
CA ARG K 720 -85.87 139.05 26.15
C ARG K 720 -85.74 137.54 26.27
N PHE K 721 -86.29 136.80 25.31
CA PHE K 721 -86.13 135.36 25.28
C PHE K 721 -84.69 134.97 24.95
N ARG K 722 -84.01 135.78 24.15
CA ARG K 722 -82.63 135.49 23.77
C ARG K 722 -81.69 135.58 24.97
N GLN K 723 -81.88 136.60 25.81
CA GLN K 723 -80.92 136.88 26.87
C GLN K 723 -80.99 135.89 28.02
N GLU K 724 -82.10 135.16 28.17
CA GLU K 724 -82.24 134.22 29.27
C GLU K 724 -81.72 132.82 28.94
N GLY K 725 -81.29 132.59 27.71
CA GLY K 725 -80.66 131.33 27.35
C GLY K 725 -81.48 130.08 27.58
N PHE K 726 -82.56 129.92 26.82
CA PHE K 726 -83.41 128.75 26.97
C PHE K 726 -82.80 127.54 26.28
N TYR K 727 -82.93 126.38 26.92
CA TYR K 727 -82.48 125.12 26.34
C TYR K 727 -83.30 124.00 26.95
N TYR K 728 -83.33 122.86 26.26
CA TYR K 728 -84.10 121.72 26.71
C TYR K 728 -83.28 120.45 26.54
N THR K 729 -83.53 119.49 27.42
CA THR K 729 -82.86 118.19 27.36
C THR K 729 -83.71 117.18 28.11
N ASN K 730 -83.41 115.90 27.89
CA ASN K 730 -84.10 114.81 28.56
C ASN K 730 -83.52 114.52 29.94
N MET K 731 -82.54 115.30 30.38
CA MET K 731 -81.92 115.08 31.68
C MET K 731 -82.89 115.37 32.81
N LEU K 732 -82.78 114.57 33.88
CA LEU K 732 -83.53 114.77 35.12
C LEU K 732 -82.56 115.24 36.19
N GLU K 733 -82.74 116.47 36.67
CA GLU K 733 -81.87 117.01 37.70
C GLU K 733 -82.18 116.44 39.07
N ALA K 734 -83.37 115.89 39.28
CA ALA K 734 -83.76 115.28 40.54
C ALA K 734 -84.47 113.97 40.29
N PRO K 735 -84.31 112.99 41.17
CA PRO K 735 -85.02 111.73 40.99
C PRO K 735 -86.52 111.92 41.21
N PRO K 736 -87.35 111.16 40.52
CA PRO K 736 -88.80 111.24 40.75
C PRO K 736 -89.17 110.71 42.12
N GLU K 737 -90.42 110.95 42.50
CA GLU K 737 -90.91 110.52 43.80
C GLU K 737 -90.95 108.99 43.87
N ILE K 738 -90.88 108.47 45.10
CA ILE K 738 -90.81 107.02 45.28
C ILE K 738 -92.08 106.33 44.79
N ASP K 739 -93.21 107.04 44.81
CA ASP K 739 -94.46 106.51 44.30
C ASP K 739 -94.68 106.96 42.87
N ARG K 740 -95.80 106.51 42.30
CA ARG K 740 -96.22 106.84 40.93
C ARG K 740 -95.28 106.19 39.90
N VAL K 741 -94.25 105.50 40.38
CA VAL K 741 -93.30 104.80 39.52
C VAL K 741 -93.39 103.31 39.81
N VAL K 742 -93.41 102.52 38.74
CA VAL K 742 -93.49 101.07 38.83
C VAL K 742 -92.12 100.48 38.51
N GLN K 743 -91.67 99.53 39.32
CA GLN K 743 -90.36 98.93 39.17
C GLN K 743 -90.48 97.68 38.31
N TYR K 744 -89.85 97.70 37.14
CA TYR K 744 -89.85 96.56 36.24
C TYR K 744 -88.58 95.74 36.40
N THR K 745 -88.67 94.47 36.00
CA THR K 745 -87.58 93.52 36.15
C THR K 745 -87.44 92.74 34.85
N TYR K 746 -86.23 92.22 34.61
CA TYR K 746 -85.97 91.49 33.37
C TYR K 746 -86.90 90.29 33.23
N GLU K 747 -87.12 89.54 34.32
CA GLU K 747 -88.02 88.39 34.26
C GLU K 747 -89.45 88.82 33.96
N ILE K 748 -89.92 89.89 34.61
CA ILE K 748 -91.27 90.38 34.37
C ILE K 748 -91.42 90.85 32.93
N ALA K 749 -90.41 91.57 32.43
CA ALA K 749 -90.46 92.04 31.05
C ALA K 749 -90.47 90.87 30.07
N ARG K 750 -89.66 89.85 30.33
CA ARG K 750 -89.64 88.68 29.45
C ARG K 750 -90.99 87.97 29.46
N LEU K 751 -91.58 87.80 30.64
CA LEU K 751 -92.89 87.15 30.72
C LEU K 751 -93.95 87.95 29.98
N GLN K 752 -93.95 89.27 30.15
CA GLN K 752 -94.93 90.10 29.46
C GLN K 752 -94.73 90.06 27.95
N ALA K 753 -93.47 90.05 27.50
CA ALA K 753 -93.21 89.95 26.07
C ALA K 753 -93.67 88.62 25.50
N ASN K 754 -93.45 87.53 26.25
CA ASN K 754 -93.93 86.23 25.80
C ASN K 754 -95.45 86.16 25.80
N MET K 755 -96.11 86.87 26.73
CA MET K 755 -97.56 86.96 26.69
C MET K 755 -98.05 87.70 25.45
N GLY K 756 -97.24 88.61 24.92
CA GLY K 756 -97.68 89.50 23.87
C GLY K 756 -98.39 90.75 24.36
N GLN K 757 -98.56 90.90 25.68
CA GLN K 757 -99.25 92.04 26.26
C GLN K 757 -98.29 93.15 26.70
N PHE K 758 -97.01 93.03 26.35
CA PHE K 758 -96.02 94.03 26.77
C PHE K 758 -96.38 95.42 26.23
N ARG K 759 -96.62 95.51 24.93
CA ARG K 759 -96.93 96.80 24.31
C ARG K 759 -98.21 97.38 24.89
N ALA K 760 -99.24 96.56 25.05
CA ALA K 760 -100.51 97.04 25.60
C ALA K 760 -100.34 97.51 27.04
N ALA K 761 -99.58 96.76 27.84
CA ALA K 761 -99.36 97.16 29.23
C ALA K 761 -98.64 98.48 29.32
N LEU K 762 -97.57 98.66 28.53
CA LEU K 762 -96.87 99.94 28.54
C LEU K 762 -97.74 101.08 28.03
N ARG K 763 -98.53 100.85 26.98
CA ARG K 763 -99.41 101.89 26.48
C ARG K 763 -100.42 102.31 27.53
N ARG K 764 -101.00 101.34 28.25
CA ARG K 764 -101.96 101.65 29.30
C ARG K 764 -101.28 102.41 30.43
N ILE K 765 -100.10 101.97 30.87
CA ILE K 765 -99.46 102.62 32.00
C ILE K 765 -99.02 104.03 31.63
N MET K 766 -98.70 104.28 30.35
CA MET K 766 -98.36 105.64 29.93
C MET K 766 -99.61 106.50 29.80
N ASP K 767 -100.73 105.91 29.37
CA ASP K 767 -101.99 106.65 29.39
C ASP K 767 -102.45 106.93 30.81
N ASP K 768 -101.91 106.20 31.79
CA ASP K 768 -102.23 106.43 33.20
C ASP K 768 -101.33 107.49 33.84
N ASP K 769 -100.44 108.11 33.06
CA ASP K 769 -99.54 109.16 33.55
C ASP K 769 -98.61 108.67 34.66
N ASP K 770 -98.19 107.41 34.61
CA ASP K 770 -97.31 106.84 35.62
C ASP K 770 -95.92 106.61 35.05
N TRP K 771 -94.92 106.69 35.92
CA TRP K 771 -93.53 106.46 35.53
C TRP K 771 -93.17 104.99 35.68
N VAL K 772 -92.11 104.60 34.97
CA VAL K 772 -91.62 103.22 34.98
C VAL K 772 -90.11 103.25 35.04
N ARG K 773 -89.53 102.31 35.78
CA ARG K 773 -88.08 102.17 35.91
C ARG K 773 -87.64 100.87 35.27
N PHE K 774 -86.72 100.96 34.32
CA PHE K 774 -86.17 99.78 33.65
C PHE K 774 -84.84 99.37 34.27
N GLY K 775 -84.92 98.99 35.55
CA GLY K 775 -83.73 98.60 36.28
C GLY K 775 -83.40 97.12 36.10
N GLY K 776 -82.29 96.71 36.72
CA GLY K 776 -81.86 95.33 36.72
C GLY K 776 -80.64 95.04 35.88
N VAL K 777 -80.19 95.98 35.05
CA VAL K 777 -79.02 95.76 34.20
C VAL K 777 -78.41 97.11 33.87
N LEU K 778 -77.09 97.13 33.69
CA LEU K 778 -76.38 98.34 33.33
C LEU K 778 -76.47 98.58 31.83
N ARG K 779 -76.63 99.84 31.45
CA ARG K 779 -76.78 100.23 30.05
C ARG K 779 -75.72 101.26 29.67
N THR K 780 -75.20 101.16 28.45
CA THR K 780 -74.26 102.14 27.95
C THR K 780 -74.98 103.44 27.63
N VAL K 781 -74.37 104.56 28.00
CA VAL K 781 -74.96 105.88 27.84
C VAL K 781 -74.03 106.74 27.00
N ARG K 782 -74.58 107.41 26.00
CA ARG K 782 -73.84 108.31 25.13
C ARG K 782 -74.42 109.71 25.23
N VAL K 783 -73.59 110.70 24.87
CA VAL K 783 -73.96 112.11 24.97
C VAL K 783 -73.88 112.73 23.58
N LYS K 784 -74.91 113.51 23.23
CA LYS K 784 -74.98 114.19 21.95
C LYS K 784 -75.45 115.62 22.15
N PHE K 785 -75.11 116.48 21.19
CA PHE K 785 -75.52 117.87 21.19
C PHE K 785 -76.19 118.22 19.88
N TYR K 786 -77.24 119.05 19.95
CA TYR K 786 -77.97 119.44 18.75
C TYR K 786 -78.43 120.89 18.89
N ASP K 787 -78.53 121.56 17.74
CA ASP K 787 -79.09 122.91 17.67
C ASP K 787 -80.39 122.96 16.88
N ALA K 788 -80.50 122.21 15.79
CA ALA K 788 -81.75 122.06 15.07
C ALA K 788 -82.54 120.90 15.67
N ARG K 789 -83.64 120.54 15.03
CA ARG K 789 -84.45 119.43 15.50
C ARG K 789 -83.67 118.13 15.35
N PRO K 790 -83.48 117.35 16.41
CA PRO K 790 -82.66 116.14 16.31
C PRO K 790 -83.35 115.08 15.45
N PRO K 791 -82.58 114.12 14.93
CA PRO K 791 -83.20 113.07 14.11
C PRO K 791 -84.25 112.29 14.88
N ASP K 792 -85.27 111.83 14.15
CA ASP K 792 -86.42 111.20 14.78
C ASP K 792 -86.02 109.95 15.56
N ASP K 793 -85.07 109.18 15.05
CA ASP K 793 -84.65 107.96 15.73
C ASP K 793 -84.05 108.23 17.10
N VAL K 794 -83.54 109.43 17.33
CA VAL K 794 -82.97 109.77 18.63
C VAL K 794 -84.03 110.31 19.58
N LEU K 795 -84.84 111.25 19.11
CA LEU K 795 -85.88 111.83 19.98
C LEU K 795 -86.92 110.79 20.36
N GLN K 796 -87.30 109.92 19.42
CA GLN K 796 -88.29 108.89 19.65
C GLN K 796 -87.67 107.54 19.96
N GLY K 797 -86.39 107.51 20.30
CA GLY K 797 -85.73 106.24 20.54
C GLY K 797 -86.26 105.54 21.78
N LEU K 798 -86.13 104.21 21.78
CA LEU K 798 -86.60 103.38 22.87
C LEU K 798 -85.42 102.70 23.58
N PRO K 799 -85.52 102.49 24.90
CA PRO K 799 -84.46 101.77 25.61
C PRO K 799 -84.45 100.27 25.33
N PHE K 800 -85.47 99.74 24.65
CA PHE K 800 -85.53 98.33 24.32
C PHE K 800 -85.95 98.19 22.86
N SER K 801 -85.95 96.95 22.37
CA SER K 801 -86.40 96.64 21.02
C SER K 801 -87.39 95.49 21.09
N TYR K 802 -88.58 95.69 20.53
CA TYR K 802 -89.64 94.69 20.54
C TYR K 802 -90.19 94.56 19.12
N ASP K 803 -89.93 93.42 18.49
CA ASP K 803 -90.35 93.16 17.13
C ASP K 803 -91.42 92.08 17.11
N THR K 804 -92.55 92.37 16.46
CA THR K 804 -93.66 91.45 16.38
C THR K 804 -94.00 91.02 14.96
N ASN K 805 -93.36 91.58 13.94
CA ASN K 805 -93.64 91.26 12.55
C ASN K 805 -92.56 90.29 12.07
N GLU K 806 -92.86 89.00 12.09
CA GLU K 806 -91.93 87.98 11.64
C GLU K 806 -92.71 86.77 11.18
N ARG K 807 -92.05 85.95 10.35
CA ARG K 807 -92.63 84.71 9.85
C ARG K 807 -91.79 83.49 10.19
N GLY K 808 -90.69 83.65 10.91
CA GLY K 808 -89.90 82.51 11.33
C GLY K 808 -90.60 81.61 12.33
N GLY K 809 -91.61 82.13 13.01
CA GLY K 809 -92.40 81.33 13.92
C GLY K 809 -91.85 81.27 15.34
N LEU K 810 -90.72 80.58 15.51
CA LEU K 810 -90.20 80.31 16.84
C LEU K 810 -89.82 81.59 17.56
N ALA K 811 -89.74 81.49 18.89
CA ALA K 811 -89.32 82.55 19.80
C ALA K 811 -90.37 83.66 19.90
N TYR K 812 -91.46 83.55 19.13
CA TYR K 812 -92.57 84.51 19.14
C TYR K 812 -91.97 85.90 18.90
N ALA K 813 -92.24 86.88 19.76
CA ALA K 813 -91.67 88.21 19.59
C ALA K 813 -90.38 88.32 20.39
N THR K 814 -89.33 88.82 19.74
CA THR K 814 -88.01 88.94 20.36
C THR K 814 -87.92 90.24 21.13
N ILE K 815 -87.46 90.17 22.37
CA ILE K 815 -87.26 91.35 23.22
C ILE K 815 -85.78 91.48 23.55
N LYS K 816 -85.26 92.70 23.45
CA LYS K 816 -83.91 93.02 23.86
C LYS K 816 -84.03 94.07 24.98
N TYR K 817 -83.85 93.62 26.22
CA TYR K 817 -84.11 94.49 27.36
C TYR K 817 -83.06 95.59 27.49
N ALA K 818 -81.83 95.32 27.09
CA ALA K 818 -80.72 96.25 27.26
C ALA K 818 -80.24 96.73 25.89
N THR K 819 -80.41 98.02 25.62
CA THR K 819 -79.90 98.64 24.40
C THR K 819 -79.25 99.96 24.76
N GLU K 820 -78.62 100.58 23.75
CA GLU K 820 -77.92 101.84 23.94
C GLU K 820 -78.92 102.98 24.15
N THR K 821 -78.58 103.89 25.08
CA THR K 821 -79.38 105.07 25.34
C THR K 821 -78.52 106.31 25.21
N THR K 822 -79.14 107.41 24.76
CA THR K 822 -78.40 108.58 24.32
C THR K 822 -78.83 109.82 25.10
N ILE K 823 -77.87 110.62 25.52
CA ILE K 823 -78.12 111.92 26.12
C ILE K 823 -78.04 112.97 25.04
N PHE K 824 -79.06 113.83 24.95
CA PHE K 824 -79.09 114.88 23.95
C PHE K 824 -79.43 116.20 24.61
N TYR K 825 -78.75 117.26 24.18
CA TYR K 825 -79.03 118.62 24.61
C TYR K 825 -79.43 119.45 23.40
N LEU K 826 -80.48 120.26 23.57
CA LEU K 826 -81.04 121.06 22.50
C LEU K 826 -80.84 122.54 22.78
N ILE K 827 -80.34 123.27 21.79
CA ILE K 827 -80.15 124.71 21.86
C ILE K 827 -81.09 125.35 20.86
N TYR K 828 -81.98 126.20 21.35
CA TYR K 828 -83.01 126.83 20.51
C TYR K 828 -82.42 128.09 19.88
N ASN K 829 -82.38 128.10 18.55
CA ASN K 829 -81.88 129.25 17.79
C ASN K 829 -83.05 130.01 17.19
N VAL K 830 -83.07 131.32 17.40
CA VAL K 830 -84.18 132.16 16.96
C VAL K 830 -83.64 133.30 16.11
N GLU K 831 -84.35 133.61 15.04
CA GLU K 831 -84.00 134.72 14.16
C GLU K 831 -85.11 135.75 14.18
N PHE K 832 -84.77 136.97 13.74
CA PHE K 832 -85.72 138.08 13.78
C PHE K 832 -86.89 137.91 12.83
N SER K 833 -86.82 136.96 11.89
CA SER K 833 -87.92 136.70 10.97
C SER K 833 -89.00 135.81 11.58
N ASN K 834 -88.79 135.30 12.79
CA ASN K 834 -89.73 134.39 13.42
C ASN K 834 -90.93 135.16 13.98
N THR K 835 -92.12 134.69 13.66
CA THR K 835 -93.33 135.25 14.25
C THR K 835 -93.45 134.79 15.70
N PRO K 836 -94.19 135.51 16.54
CA PRO K 836 -94.33 135.11 17.95
C PRO K 836 -94.92 133.72 18.13
N ASP K 837 -95.77 133.27 17.21
CA ASP K 837 -96.38 131.95 17.28
C ASP K 837 -95.88 131.04 16.16
N SER K 838 -94.60 131.16 15.82
CA SER K 838 -94.03 130.38 14.72
C SER K 838 -93.81 128.93 15.11
N LEU K 839 -93.59 128.64 16.39
CA LEU K 839 -93.21 127.31 16.85
C LEU K 839 -94.41 126.48 17.31
N VAL K 840 -95.62 126.98 17.12
CA VAL K 840 -96.82 126.26 17.56
C VAL K 840 -97.15 125.18 16.52
N LEU K 841 -97.24 123.93 16.97
CA LEU K 841 -97.59 122.82 16.10
C LEU K 841 -99.07 122.49 16.25
N ILE K 842 -99.64 121.93 15.18
CA ILE K 842 -101.06 121.57 15.20
C ILE K 842 -101.32 120.48 16.23
N ASN K 843 -100.46 119.47 16.26
CA ASN K 843 -100.60 118.37 17.20
C ASN K 843 -99.34 118.23 18.05
N PRO K 844 -99.47 117.84 19.30
CA PRO K 844 -98.29 117.72 20.17
C PRO K 844 -97.37 116.60 19.73
N THR K 845 -96.08 116.80 20.00
CA THR K 845 -95.06 115.79 19.77
C THR K 845 -94.44 115.41 21.10
N TYR K 846 -94.30 114.11 21.35
CA TYR K 846 -93.91 113.60 22.65
C TYR K 846 -92.49 113.03 22.62
N THR K 847 -91.92 112.93 23.82
CA THR K 847 -90.64 112.25 24.04
C THR K 847 -90.81 111.27 25.19
N MET K 848 -89.97 110.23 25.19
CA MET K 848 -90.21 109.08 26.06
C MET K 848 -89.13 108.88 27.12
N THR K 849 -87.86 108.80 26.72
CA THR K 849 -86.80 108.33 27.60
C THR K 849 -86.30 109.45 28.52
N LYS K 850 -86.17 109.13 29.80
CA LYS K 850 -85.58 110.01 30.80
C LYS K 850 -84.58 109.20 31.64
N VAL K 851 -83.62 109.90 32.24
CA VAL K 851 -82.54 109.22 32.96
C VAL K 851 -81.95 110.19 33.98
N PHE K 852 -81.48 109.64 35.10
CA PHE K 852 -80.87 110.41 36.18
C PHE K 852 -79.49 109.82 36.47
N ILE K 853 -78.48 110.67 36.57
CA ILE K 853 -77.10 110.19 36.71
C ILE K 853 -76.48 110.79 37.97
N ASN K 854 -77.13 111.80 38.53
CA ASN K 854 -76.71 112.45 39.78
C ASN K 854 -75.32 113.09 39.64
N LYS K 855 -74.96 113.54 38.44
CA LYS K 855 -73.70 114.24 38.22
C LYS K 855 -73.92 115.37 37.23
N ARG K 856 -73.39 116.55 37.55
CA ARG K 856 -73.58 117.74 36.73
C ARG K 856 -72.58 117.71 35.56
N ILE K 857 -72.90 116.88 34.58
CA ILE K 857 -72.05 116.78 33.40
C ILE K 857 -72.11 118.06 32.58
N VAL K 858 -73.29 118.67 32.49
CA VAL K 858 -73.49 119.92 31.77
C VAL K 858 -74.17 120.90 32.71
N GLU K 859 -73.62 122.11 32.81
CA GLU K 859 -74.13 123.13 33.71
C GLU K 859 -74.41 124.40 32.93
N ARG K 860 -75.45 125.12 33.35
CA ARG K 860 -75.71 126.46 32.86
C ARG K 860 -75.11 127.45 33.86
N VAL K 861 -74.11 128.20 33.42
CA VAL K 861 -73.31 129.05 34.30
C VAL K 861 -73.26 130.45 33.72
N ARG K 862 -73.44 131.45 34.58
CA ARG K 862 -73.32 132.83 34.16
C ARG K 862 -71.87 133.18 33.89
N VAL K 863 -71.67 134.27 33.14
CA VAL K 863 -70.32 134.69 32.76
C VAL K 863 -69.50 135.05 33.98
N GLY K 864 -70.16 135.48 35.07
CA GLY K 864 -69.45 135.86 36.27
C GLY K 864 -68.85 134.70 37.04
N GLN K 865 -69.36 133.48 36.84
CA GLN K 865 -68.91 132.31 37.57
C GLN K 865 -68.12 131.33 36.69
N ILE K 866 -67.65 131.79 35.53
CA ILE K 866 -66.92 130.89 34.64
C ILE K 866 -65.60 130.45 35.27
N LEU K 867 -64.87 131.38 35.89
CA LEU K 867 -63.53 131.12 36.39
C LEU K 867 -63.52 130.47 37.76
N ALA K 868 -64.68 130.20 38.36
CA ALA K 868 -64.72 129.58 39.68
C ALA K 868 -64.27 128.13 39.66
N VAL K 869 -64.11 127.52 38.47
CA VAL K 869 -63.73 126.12 38.39
C VAL K 869 -62.29 125.89 38.88
N LEU K 870 -61.45 126.92 38.87
CA LEU K 870 -60.05 126.77 39.25
C LEU K 870 -59.94 126.56 40.75
N ASN K 871 -59.89 125.30 41.18
CA ASN K 871 -59.77 124.98 42.60
C ASN K 871 -58.75 123.90 42.91
N ARG K 872 -58.20 123.20 41.92
CA ARG K 872 -57.24 122.14 42.17
C ARG K 872 -55.83 122.70 42.29
N ARG K 873 -55.00 122.00 43.06
CA ARG K 873 -53.62 122.40 43.29
C ARG K 873 -52.69 121.59 42.39
N PHE K 874 -51.80 122.27 41.68
CA PHE K 874 -50.87 121.64 40.77
C PHE K 874 -49.44 122.01 41.14
N VAL K 875 -48.53 121.06 40.94
CA VAL K 875 -47.12 121.26 41.20
C VAL K 875 -46.34 120.87 39.94
N ALA K 876 -45.35 121.70 39.59
CA ALA K 876 -44.56 121.47 38.39
C ALA K 876 -43.09 121.75 38.69
N TYR K 877 -42.23 121.24 37.82
CA TYR K 877 -40.79 121.40 37.96
C TYR K 877 -40.33 122.58 37.12
N LYS K 878 -39.01 122.74 36.97
CA LYS K 878 -38.43 123.82 36.21
C LYS K 878 -37.50 123.27 35.13
N GLY K 879 -37.12 124.16 34.21
CA GLY K 879 -36.20 123.77 33.15
C GLY K 879 -34.83 123.38 33.68
N LYS K 880 -34.38 124.04 34.75
CA LYS K 880 -33.08 123.68 35.33
C LYS K 880 -33.09 122.26 35.88
N MET K 881 -34.19 121.84 36.50
CA MET K 881 -34.33 120.46 36.92
C MET K 881 -34.47 119.53 35.72
N ARG K 882 -33.80 118.39 35.79
CA ARG K 882 -33.89 117.35 34.78
C ARG K 882 -34.38 116.07 35.43
N ILE K 883 -35.35 115.42 34.79
CA ILE K 883 -35.95 114.19 35.29
C ILE K 883 -35.66 113.08 34.29
N MET K 884 -35.15 111.95 34.80
CA MET K 884 -34.83 110.82 33.95
C MET K 884 -35.09 109.54 34.73
N ASP K 885 -35.27 108.45 33.99
CA ASP K 885 -35.61 107.16 34.57
C ASP K 885 -34.35 106.36 34.85
N ILE K 886 -34.14 106.00 36.11
CA ILE K 886 -32.91 105.25 36.50
C ILE K 886 -33.03 103.82 35.96
N THR K 887 -34.23 103.43 35.53
CA THR K 887 -34.44 102.03 35.11
C THR K 887 -33.48 101.71 33.96
N GLN K 888 -33.37 102.63 33.00
CA GLN K 888 -32.51 102.35 31.82
C GLN K 888 -31.08 102.12 32.31
N SER K 889 -30.66 102.89 33.32
CA SER K 889 -29.28 102.76 33.84
C SER K 889 -29.09 101.33 34.36
N LEU K 890 -30.14 100.75 34.94
CA LEU K 890 -30.05 99.35 35.43
C LEU K 890 -30.17 98.42 34.24
N LYS K 891 -29.33 98.58 33.22
CA LYS K 891 -29.34 97.66 32.05
C LYS K 891 -28.05 96.83 32.07
N MET K 892 -28.15 95.54 32.39
CA MET K 892 -26.94 94.68 32.52
C MET K 892 -25.85 95.49 33.23
N GLY K 893 -26.03 95.76 34.53
CA GLY K 893 -25.07 96.61 35.25
C GLY K 893 -23.75 95.91 35.53
N THR K 894 -22.63 96.51 35.10
CA THR K 894 -21.29 95.94 35.38
C THR K 894 -20.62 96.83 36.44
N LYS K 895 -21.39 97.76 37.02
CA LYS K 895 -20.83 98.73 38.00
C LYS K 895 -20.94 98.19 39.43
N LEU K 896 -19.91 97.49 39.92
CA LEU K 896 -19.94 97.06 41.34
C LEU K 896 -20.14 98.29 42.24
N ALA K 897 -20.79 98.12 43.39
CA ALA K 897 -21.09 99.29 44.24
C ALA K 897 -20.17 99.30 45.46
N ALA K 898 -20.05 100.46 46.12
CA ALA K 898 -19.21 100.56 47.34
C ALA K 898 -19.78 99.58 48.39
N PRO K 899 -18.93 98.89 49.17
CA PRO K 899 -19.38 97.89 50.13
C PRO K 899 -20.73 98.18 50.81
N THR K 900 -21.66 97.23 50.76
CA THR K 900 -22.96 97.38 51.46
C THR K 900 -23.36 96.05 52.09
N VAL K 901 -24.23 96.08 53.11
CA VAL K 901 -24.66 94.83 53.80
C VAL K 901 -23.43 93.97 54.07
N ALA L 4 -31.18 48.86 -3.16
CA ALA L 4 -30.10 49.80 -3.44
C ALA L 4 -30.24 50.36 -4.85
N MET L 5 -31.04 51.42 -4.98
CA MET L 5 -31.34 52.05 -6.26
C MET L 5 -30.76 53.45 -6.30
N LEU L 6 -30.10 53.77 -7.42
CA LEU L 6 -29.30 54.98 -7.54
C LEU L 6 -29.80 55.83 -8.71
N LEU L 7 -29.68 57.14 -8.57
CA LEU L 7 -30.00 58.09 -9.62
C LEU L 7 -28.73 58.84 -10.03
N ALA L 8 -28.48 58.93 -11.33
CA ALA L 8 -27.25 59.50 -11.86
C ALA L 8 -27.57 60.29 -13.12
N PRO L 9 -26.69 61.23 -13.49
CA PRO L 9 -26.87 61.94 -14.77
C PRO L 9 -26.83 60.98 -15.94
N GLY L 10 -27.59 61.32 -16.99
CA GLY L 10 -27.74 60.42 -18.12
C GLY L 10 -26.44 60.20 -18.89
N ASP L 11 -25.61 61.22 -19.00
CA ASP L 11 -24.34 61.06 -19.72
C ASP L 11 -23.42 60.08 -19.00
N VAL L 12 -23.47 60.04 -17.67
CA VAL L 12 -22.60 59.11 -16.93
C VAL L 12 -22.97 57.67 -17.25
N ILE L 13 -24.27 57.35 -17.21
CA ILE L 13 -24.71 56.00 -17.53
C ILE L 13 -24.49 55.70 -19.01
N LYS L 14 -24.62 56.72 -19.86
CA LYS L 14 -24.33 56.55 -21.28
C LYS L 14 -22.87 56.14 -21.50
N ARG L 15 -21.96 56.79 -20.78
CA ARG L 15 -20.53 56.50 -20.92
C ARG L 15 -20.13 55.20 -20.23
N SER L 16 -20.86 54.76 -19.20
CA SER L 16 -20.49 53.57 -18.45
C SER L 16 -21.45 52.40 -18.68
N SER L 17 -22.26 52.46 -19.74
CA SER L 17 -23.17 51.36 -20.04
C SER L 17 -22.46 50.03 -20.19
N GLU L 18 -21.28 50.02 -20.81
CA GLU L 18 -20.56 48.77 -21.00
C GLU L 18 -20.19 48.14 -19.67
N GLU L 19 -19.62 48.93 -18.77
CA GLU L 19 -19.25 48.41 -17.44
C GLU L 19 -20.50 47.99 -16.66
N LEU L 20 -21.57 48.77 -16.76
CA LEU L 20 -22.80 48.43 -16.05
C LEU L 20 -23.37 47.10 -16.54
N LYS L 21 -23.36 46.88 -17.85
CA LYS L 21 -23.79 45.61 -18.40
C LYS L 21 -22.87 44.48 -17.96
N GLN L 22 -21.56 44.72 -17.94
CA GLN L 22 -20.62 43.70 -17.51
C GLN L 22 -20.80 43.33 -16.04
N ARG L 23 -21.27 44.26 -15.22
CA ARG L 23 -21.49 43.99 -13.81
C ARG L 23 -22.94 43.66 -13.49
N GLN L 24 -23.80 43.54 -14.51
CA GLN L 24 -25.15 42.98 -14.41
C GLN L 24 -26.12 43.90 -13.67
N ILE L 25 -25.91 45.21 -13.70
CA ILE L 25 -26.93 46.14 -13.22
C ILE L 25 -27.77 46.60 -14.40
N GLN L 26 -29.10 46.48 -14.27
CA GLN L 26 -30.01 46.78 -15.37
C GLN L 26 -30.11 48.28 -15.56
N ILE L 27 -30.18 48.71 -16.82
CA ILE L 27 -30.12 50.12 -17.19
C ILE L 27 -31.50 50.59 -17.62
N ASN L 28 -31.95 51.70 -17.03
CA ASN L 28 -33.18 52.39 -17.44
C ASN L 28 -32.80 53.83 -17.77
N LEU L 29 -32.81 54.16 -19.05
CA LEU L 29 -32.36 55.47 -19.49
C LEU L 29 -33.35 56.04 -20.50
N ILE L 30 -33.51 57.36 -20.47
CA ILE L 30 -34.35 58.08 -21.41
C ILE L 30 -33.48 59.05 -22.21
N ASP L 31 -33.55 58.96 -23.53
CA ASP L 31 -32.77 59.82 -24.40
C ASP L 31 -33.49 61.14 -24.65
N TRP L 32 -32.74 62.12 -25.13
CA TRP L 32 -33.27 63.45 -25.36
C TRP L 32 -32.87 64.07 -26.69
N THR L 33 -32.05 63.39 -27.49
CA THR L 33 -31.57 63.90 -28.77
C THR L 33 -30.90 65.27 -28.62
N GLY L 130 -17.69 43.99 -39.68
CA GLY L 130 -17.93 42.59 -40.00
C GLY L 130 -17.47 41.63 -38.93
N ARG L 131 -18.30 40.64 -38.62
CA ARG L 131 -18.00 39.65 -37.60
C ARG L 131 -17.54 38.35 -38.24
N TRP L 132 -17.03 37.45 -37.41
CA TRP L 132 -16.53 36.16 -37.85
C TRP L 132 -17.40 35.04 -37.30
N VAL L 133 -17.30 33.87 -37.91
CA VAL L 133 -18.15 32.73 -37.59
C VAL L 133 -17.29 31.48 -37.47
N VAL L 134 -17.80 30.50 -36.73
CA VAL L 134 -17.10 29.26 -36.44
C VAL L 134 -17.64 28.17 -37.38
N LEU L 135 -16.78 27.22 -37.72
CA LEU L 135 -17.14 26.19 -38.69
C LEU L 135 -18.35 25.38 -38.22
N THR L 136 -18.36 24.97 -36.96
CA THR L 136 -19.43 24.11 -36.44
C THR L 136 -19.94 24.66 -35.11
N GLU L 137 -21.18 24.28 -34.78
CA GLU L 137 -21.84 24.85 -33.62
C GLU L 137 -21.21 24.37 -32.31
N GLU L 138 -20.57 23.19 -32.32
CA GLU L 138 -20.03 22.65 -31.07
C GLU L 138 -18.87 23.51 -30.55
N ILE L 139 -17.97 23.92 -31.44
CA ILE L 139 -16.85 24.77 -31.03
C ILE L 139 -17.35 26.11 -30.52
N ALA L 140 -18.34 26.69 -31.21
CA ALA L 140 -18.90 27.96 -30.76
C ALA L 140 -19.56 27.81 -29.39
N ARG L 141 -20.28 26.72 -29.17
CA ARG L 141 -20.90 26.49 -27.87
C ARG L 141 -19.83 26.33 -26.79
N ALA L 142 -18.76 25.61 -27.08
CA ALA L 142 -17.70 25.41 -26.09
C ALA L 142 -17.04 26.74 -25.74
N ILE L 143 -16.73 27.56 -26.76
CA ILE L 143 -16.06 28.83 -26.50
C ILE L 143 -16.99 29.79 -25.77
N GLU L 144 -18.29 29.75 -26.09
CA GLU L 144 -19.25 30.57 -25.37
C GLU L 144 -19.36 30.15 -23.90
N SER L 145 -19.35 28.84 -23.65
CA SER L 145 -19.36 28.36 -22.27
C SER L 145 -18.10 28.78 -21.53
N LYS L 146 -16.96 28.74 -22.21
CA LYS L 146 -15.69 29.04 -21.54
C LYS L 146 -15.54 30.52 -21.25
N TYR L 147 -15.93 31.39 -22.19
CA TYR L 147 -15.68 32.82 -22.06
C TYR L 147 -16.92 33.68 -21.98
N GLY L 148 -18.11 33.10 -22.12
CA GLY L 148 -19.32 33.90 -22.09
C GLY L 148 -19.49 34.82 -23.28
N THR L 149 -18.91 34.46 -24.42
CA THR L 149 -18.96 35.29 -25.63
C THR L 149 -19.83 34.59 -26.66
N LYS L 150 -20.87 35.28 -27.13
CA LYS L 150 -21.73 34.74 -28.18
C LYS L 150 -21.00 34.71 -29.51
N ILE L 151 -21.11 33.59 -30.21
CA ILE L 151 -20.43 33.38 -31.49
C ILE L 151 -21.44 32.85 -32.50
N ASP L 152 -21.37 33.37 -33.72
CA ASP L 152 -22.25 32.96 -34.79
C ASP L 152 -21.67 31.75 -35.53
N VAL L 153 -22.51 31.12 -36.35
CA VAL L 153 -22.17 29.89 -37.05
C VAL L 153 -22.22 30.14 -38.55
N TYR L 154 -21.22 29.63 -39.27
CA TYR L 154 -21.14 29.79 -40.72
C TYR L 154 -22.21 28.94 -41.40
N ARG L 155 -22.98 29.55 -42.30
CA ARG L 155 -24.09 28.87 -42.95
C ARG L 155 -24.14 29.19 -44.44
N ASP L 156 -22.98 29.18 -45.11
CA ASP L 156 -22.89 29.33 -46.56
C ASP L 156 -23.59 30.61 -47.04
N GLU L 157 -23.41 31.70 -46.31
CA GLU L 157 -24.17 32.92 -46.61
C GLU L 157 -23.55 33.70 -47.77
N VAL L 158 -22.36 34.24 -47.55
CA VAL L 158 -21.70 35.15 -48.49
C VAL L 158 -20.20 34.96 -48.35
N PRO L 159 -19.37 35.54 -49.23
CA PRO L 159 -17.93 35.60 -48.94
C PRO L 159 -17.67 36.31 -47.64
N ALA L 160 -17.19 35.58 -46.64
CA ALA L 160 -17.03 36.10 -45.29
C ALA L 160 -15.65 35.71 -44.76
N GLN L 161 -15.44 35.99 -43.48
CA GLN L 161 -14.19 35.70 -42.80
C GLN L 161 -14.43 34.59 -41.77
N ILE L 162 -13.63 33.53 -41.86
CA ILE L 162 -13.83 32.33 -41.07
C ILE L 162 -12.70 32.21 -40.06
N ILE L 163 -13.06 31.78 -38.85
CA ILE L 163 -12.10 31.54 -37.78
C ILE L 163 -11.81 30.04 -37.76
N GLU L 164 -10.54 29.68 -37.86
CA GLU L 164 -10.13 28.27 -37.88
C GLU L 164 -9.38 27.98 -36.59
N VAL L 165 -10.09 27.38 -35.63
CA VAL L 165 -9.46 27.01 -34.37
C VAL L 165 -8.45 25.90 -34.61
N GLU L 166 -7.25 26.07 -34.08
CA GLU L 166 -6.12 25.20 -34.39
C GLU L 166 -5.88 24.20 -33.26
N ARG L 167 -5.09 23.17 -33.57
CA ARG L 167 -4.77 22.10 -32.65
C ARG L 167 -4.41 22.60 -31.25
N SER L 168 -3.67 23.70 -31.17
CA SER L 168 -3.28 24.25 -29.87
C SER L 168 -4.50 24.65 -29.05
N LEU L 169 -5.38 25.46 -29.63
CA LEU L 169 -6.61 25.82 -28.92
C LEU L 169 -7.56 24.64 -28.80
N GLN L 170 -7.48 23.69 -29.73
CA GLN L 170 -8.28 22.46 -29.60
C GLN L 170 -7.92 21.71 -28.32
N LYS L 171 -6.62 21.62 -28.02
CA LYS L 171 -6.21 20.98 -26.78
C LYS L 171 -6.47 21.90 -25.58
N GLU L 172 -6.31 23.21 -25.75
CA GLU L 172 -6.51 24.14 -24.65
C GLU L 172 -7.96 24.14 -24.17
N LEU L 173 -8.91 24.07 -25.10
CA LEU L 173 -10.33 24.12 -24.76
C LEU L 173 -10.89 22.77 -24.34
N GLY L 174 -10.08 21.72 -24.37
CA GLY L 174 -10.57 20.38 -24.03
C GLY L 174 -11.58 19.85 -25.01
N ILE L 175 -11.38 20.09 -26.31
CA ILE L 175 -12.31 19.66 -27.33
C ILE L 175 -12.10 18.17 -27.60
N SER L 176 -13.21 17.45 -27.76
CA SER L 176 -13.14 16.02 -27.99
C SER L 176 -12.64 15.71 -29.41
N ARG L 177 -12.37 14.43 -29.65
CA ARG L 177 -11.88 14.00 -30.95
C ARG L 177 -12.91 14.23 -32.05
N GLU L 178 -14.19 13.99 -31.74
CA GLU L 178 -15.25 14.17 -32.73
C GLU L 178 -15.37 15.63 -33.16
N GLY L 179 -15.17 16.56 -32.23
CA GLY L 179 -15.19 17.96 -32.60
C GLY L 179 -14.10 18.33 -33.59
N VAL L 180 -12.89 17.83 -33.35
CA VAL L 180 -11.78 18.06 -34.28
C VAL L 180 -12.09 17.42 -35.64
N ALA L 181 -12.64 16.21 -35.61
CA ALA L 181 -12.96 15.51 -36.85
C ALA L 181 -13.98 16.29 -37.67
N GLU L 182 -15.04 16.78 -37.03
CA GLU L 182 -16.06 17.52 -37.77
C GLU L 182 -15.54 18.87 -38.22
N GLN L 183 -14.68 19.51 -37.41
CA GLN L 183 -14.06 20.76 -37.84
C GLN L 183 -13.26 20.57 -39.12
N THR L 184 -12.40 19.56 -39.14
CA THR L 184 -11.59 19.34 -40.34
C THR L 184 -12.41 18.80 -41.50
N GLU L 185 -13.54 18.12 -41.25
CA GLU L 185 -14.44 17.75 -42.33
C GLU L 185 -15.05 18.99 -42.98
N ARG L 186 -15.51 19.94 -42.16
CA ARG L 186 -16.02 21.19 -42.71
C ARG L 186 -14.91 21.96 -43.42
N LEU L 187 -13.68 21.87 -42.91
CA LEU L 187 -12.55 22.51 -43.59
C LEU L 187 -12.35 21.90 -44.97
N ARG L 188 -12.40 20.58 -45.09
CA ARG L 188 -12.28 19.92 -46.39
C ARG L 188 -13.40 20.35 -47.32
N ASP L 189 -14.62 20.46 -46.78
CA ASP L 189 -15.75 20.93 -47.59
C ASP L 189 -15.48 22.34 -48.13
N LEU L 190 -14.93 23.21 -47.29
CA LEU L 190 -14.60 24.56 -47.74
C LEU L 190 -13.49 24.55 -48.79
N ARG L 191 -12.49 23.68 -48.61
CA ARG L 191 -11.44 23.54 -49.63
C ARG L 191 -12.05 23.17 -50.97
N ARG L 192 -12.93 22.17 -50.98
CA ARG L 192 -13.56 21.76 -52.23
C ARG L 192 -14.42 22.89 -52.81
N LYS L 193 -15.16 23.59 -51.96
CA LYS L 193 -16.04 24.66 -52.44
C LYS L 193 -15.25 25.76 -53.11
N GLU L 194 -14.14 26.19 -52.50
CA GLU L 194 -13.38 27.27 -53.11
C GLU L 194 -12.44 26.79 -54.22
N LYS L 195 -12.18 25.49 -54.29
CA LYS L 195 -11.45 24.96 -55.45
C LYS L 195 -12.36 24.84 -56.67
N SER L 196 -13.65 24.57 -56.45
CA SER L 196 -14.61 24.50 -57.55
C SER L 196 -15.07 25.91 -57.96
N GLY L 197 -14.12 26.69 -58.43
CA GLY L 197 -14.38 28.06 -58.84
C GLY L 197 -15.00 28.17 -60.22
N ILE L 237 -14.27 34.38 -49.59
CA ILE L 237 -14.17 33.66 -48.32
C ILE L 237 -12.72 33.58 -47.87
N THR L 238 -12.46 34.07 -46.66
CA THR L 238 -11.13 34.04 -46.07
C THR L 238 -11.17 33.29 -44.76
N ILE L 239 -10.16 32.45 -44.54
CA ILE L 239 -10.05 31.66 -43.31
C ILE L 239 -8.76 32.04 -42.61
N GLU L 240 -8.84 32.19 -41.28
CA GLU L 240 -7.69 32.54 -40.46
C GLU L 240 -7.44 31.43 -39.45
N GLY L 241 -6.22 30.90 -39.44
CA GLY L 241 -5.86 29.85 -38.51
C GLY L 241 -5.31 30.37 -37.20
N VAL L 242 -6.17 31.01 -36.40
CA VAL L 242 -5.71 31.54 -35.12
C VAL L 242 -5.31 30.39 -34.21
N MET L 243 -4.12 30.50 -33.64
CA MET L 243 -3.53 29.42 -32.86
C MET L 243 -2.83 29.89 -31.59
N SER L 244 -3.06 31.12 -31.14
CA SER L 244 -2.62 31.59 -29.84
C SER L 244 -3.81 32.15 -29.08
N GLN L 245 -3.78 32.00 -27.75
CA GLN L 245 -4.90 32.44 -26.92
C GLN L 245 -5.06 33.95 -26.98
N LYS L 246 -3.93 34.67 -26.92
CA LYS L 246 -3.95 36.12 -26.91
C LYS L 246 -4.47 36.69 -28.22
N LYS L 247 -4.17 36.04 -29.35
CA LYS L 247 -4.72 36.48 -30.63
C LYS L 247 -6.24 36.43 -30.61
N LEU L 248 -6.80 35.33 -30.08
CA LEU L 248 -8.25 35.21 -30.01
C LEU L 248 -8.85 36.26 -29.09
N LEU L 249 -8.21 36.50 -27.93
CA LEU L 249 -8.74 37.52 -27.02
C LEU L 249 -8.70 38.92 -27.64
N SER L 250 -7.54 39.30 -28.18
CA SER L 250 -7.41 40.64 -28.77
C SER L 250 -8.25 40.79 -30.03
N MET L 251 -8.65 39.68 -30.66
CA MET L 251 -9.47 39.76 -31.87
C MET L 251 -10.93 40.02 -31.53
N ILE L 252 -11.58 39.06 -30.88
CA ILE L 252 -12.99 39.16 -30.49
C ILE L 252 -13.19 38.41 -29.19
N GLY L 253 -14.20 38.81 -28.43
CA GLY L 253 -14.59 38.08 -27.24
C GLY L 253 -14.31 38.87 -25.96
N GLY L 254 -14.74 38.28 -24.86
CA GLY L 254 -14.58 38.86 -23.54
C GLY L 254 -13.35 38.33 -22.82
N VAL L 255 -12.80 39.16 -21.93
CA VAL L 255 -11.59 38.79 -21.20
C VAL L 255 -11.87 37.56 -20.33
N GLU L 256 -10.81 36.78 -20.10
CA GLU L 256 -10.91 35.54 -19.36
C GLU L 256 -11.34 35.80 -17.91
N ARG L 257 -11.58 34.71 -17.16
CA ARG L 257 -12.14 34.90 -15.78
C ARG L 257 -11.01 34.95 -14.74
N LYS L 258 -11.19 35.77 -13.69
CA LYS L 258 -10.20 35.85 -12.58
C LYS L 258 -10.42 34.67 -11.64
N MET L 259 -9.46 34.40 -10.75
CA MET L 259 -9.55 33.21 -9.86
C MET L 259 -9.92 33.62 -8.43
N ALA L 260 -11.15 34.09 -8.21
CA ALA L 260 -11.60 34.40 -6.86
C ALA L 260 -12.85 33.55 -6.56
N PRO L 261 -13.20 33.40 -5.29
CA PRO L 261 -14.48 32.74 -4.97
C PRO L 261 -15.65 33.51 -5.57
N ILE L 262 -16.63 32.77 -6.05
CA ILE L 262 -17.77 33.35 -6.75
C ILE L 262 -18.89 33.61 -5.75
N GLY L 263 -19.25 34.88 -5.59
CA GLY L 263 -20.36 35.23 -4.72
C GLY L 263 -21.70 35.01 -5.38
N ALA L 264 -22.75 35.13 -4.57
CA ALA L 264 -24.10 34.98 -5.10
C ALA L 264 -24.45 36.08 -6.09
N ARG L 265 -23.91 37.28 -5.91
CA ARG L 265 -24.21 38.40 -6.79
C ARG L 265 -22.98 39.29 -6.91
N GLU L 266 -22.79 39.87 -8.09
CA GLU L 266 -21.62 40.70 -8.31
C GLU L 266 -21.71 42.01 -7.55
N SER L 267 -22.88 42.65 -7.55
CA SER L 267 -23.07 43.94 -6.91
C SER L 267 -24.35 43.92 -6.09
N ALA L 268 -24.40 44.79 -5.08
CA ALA L 268 -25.55 44.89 -4.19
C ALA L 268 -26.63 45.80 -4.73
N VAL L 269 -26.41 46.47 -5.85
CA VAL L 269 -27.38 47.37 -6.44
C VAL L 269 -28.07 46.67 -7.60
N MET L 270 -29.35 46.94 -7.78
CA MET L 270 -30.14 46.34 -8.84
C MET L 270 -30.39 47.28 -10.01
N LEU L 271 -30.77 48.52 -9.73
CA LEU L 271 -31.20 49.44 -10.77
C LEU L 271 -30.56 50.80 -10.58
N VAL L 272 -30.06 51.36 -11.69
CA VAL L 272 -29.72 52.76 -11.78
C VAL L 272 -30.51 53.36 -12.93
N SER L 273 -31.24 54.44 -12.66
CA SER L 273 -32.20 54.98 -13.60
C SER L 273 -32.06 56.49 -13.68
N ASN L 274 -32.74 57.08 -14.67
CA ASN L 274 -32.75 58.52 -14.89
C ASN L 274 -34.16 58.98 -15.23
N SER L 275 -35.14 58.43 -14.54
CA SER L 275 -36.55 58.72 -14.79
C SER L 275 -37.20 59.34 -13.56
N ILE L 276 -38.07 60.32 -13.79
CA ILE L 276 -38.88 60.86 -12.71
C ILE L 276 -40.01 59.91 -12.34
N LYS L 277 -40.33 58.95 -13.22
CA LYS L 277 -41.41 58.02 -12.96
C LYS L 277 -41.10 57.08 -11.80
N ASP L 278 -39.83 56.91 -11.46
CA ASP L 278 -39.42 56.04 -10.35
C ASP L 278 -38.50 56.79 -9.41
N VAL L 279 -38.80 58.06 -9.13
CA VAL L 279 -38.02 58.81 -8.15
C VAL L 279 -38.25 58.26 -6.74
N VAL L 280 -39.48 57.83 -6.44
CA VAL L 280 -39.76 57.20 -5.16
C VAL L 280 -39.11 55.83 -5.06
N ARG L 281 -38.74 55.23 -6.20
CA ARG L 281 -38.08 53.94 -6.20
C ARG L 281 -36.68 54.01 -5.63
N ALA L 282 -36.01 55.16 -5.79
CA ALA L 282 -34.60 55.29 -5.45
C ALA L 282 -34.37 55.41 -3.94
N THR L 283 -33.20 54.94 -3.51
CA THR L 283 -32.74 55.09 -2.14
C THR L 283 -31.54 56.02 -2.01
N ALA L 284 -30.84 56.30 -3.10
CA ALA L 284 -29.71 57.21 -3.10
C ALA L 284 -29.54 57.77 -4.50
N TYR L 285 -28.77 58.85 -4.61
CA TYR L 285 -28.55 59.48 -5.91
C TYR L 285 -27.14 60.04 -5.97
N PHE L 286 -26.66 60.19 -7.21
CA PHE L 286 -25.31 60.66 -7.48
C PHE L 286 -25.38 61.88 -8.39
N THR L 287 -24.52 62.85 -8.14
CA THR L 287 -24.51 64.11 -8.89
C THR L 287 -23.13 64.36 -9.48
N ALA L 288 -23.11 65.18 -10.52
CA ALA L 288 -21.88 65.53 -11.22
C ALA L 288 -22.05 66.91 -11.83
N PRO L 289 -20.96 67.62 -12.10
CA PRO L 289 -21.07 68.93 -12.76
C PRO L 289 -21.72 68.87 -14.12
N THR L 290 -21.67 67.71 -14.79
CA THR L 290 -22.37 67.54 -16.05
C THR L 290 -23.88 67.67 -15.86
N GLY L 291 -24.55 68.05 -16.92
CA GLY L 291 -25.96 68.39 -16.85
C GLY L 291 -26.80 67.67 -17.88
N ASP L 292 -28.08 67.51 -17.54
CA ASP L 292 -29.12 66.95 -18.39
C ASP L 292 -30.33 67.89 -18.37
N PRO L 293 -31.10 67.96 -19.45
CA PRO L 293 -32.28 68.84 -19.45
C PRO L 293 -33.32 68.47 -18.40
N HIS L 294 -33.34 67.22 -17.92
CA HIS L 294 -34.28 66.80 -16.90
C HIS L 294 -33.63 66.57 -15.54
N TRP L 295 -32.33 66.80 -15.40
CA TRP L 295 -31.65 66.42 -14.16
C TRP L 295 -31.96 67.36 -13.01
N LYS L 296 -32.21 68.65 -13.30
CA LYS L 296 -32.48 69.59 -12.22
C LYS L 296 -33.77 69.26 -11.50
N GLU L 297 -34.82 68.97 -12.26
CA GLU L 297 -36.11 68.62 -11.66
C GLU L 297 -36.01 67.31 -10.88
N VAL L 298 -35.29 66.33 -11.41
CA VAL L 298 -35.10 65.07 -10.70
C VAL L 298 -34.33 65.29 -9.41
N ALA L 299 -33.30 66.14 -9.44
CA ALA L 299 -32.53 66.43 -8.23
C ALA L 299 -33.41 67.10 -7.18
N ARG L 300 -34.25 68.05 -7.61
CA ARG L 300 -35.16 68.69 -6.65
C ARG L 300 -36.14 67.68 -6.06
N GLU L 301 -36.70 66.81 -6.90
CA GLU L 301 -37.67 65.83 -6.42
C GLU L 301 -37.04 64.73 -5.57
N ALA L 302 -35.74 64.50 -5.71
CA ALA L 302 -35.04 63.49 -4.91
C ALA L 302 -34.49 64.05 -3.60
N SER L 303 -34.08 65.32 -3.59
CA SER L 303 -33.62 65.93 -2.35
C SER L 303 -34.74 66.09 -1.33
N LYS L 304 -36.00 66.09 -1.77
CA LYS L 304 -37.12 66.22 -0.85
C LYS L 304 -37.33 64.98 0.01
N LYS L 305 -36.68 63.87 -0.31
CA LYS L 305 -36.83 62.65 0.48
C LYS L 305 -36.24 62.84 1.87
N LYS L 306 -36.96 62.34 2.88
CA LYS L 306 -36.54 62.54 4.27
C LYS L 306 -35.22 61.83 4.56
N ASN L 307 -35.08 60.59 4.09
CA ASN L 307 -33.89 59.78 4.36
C ASN L 307 -33.37 59.22 3.04
N ILE L 308 -32.41 59.93 2.45
CA ILE L 308 -31.78 59.52 1.20
C ILE L 308 -30.30 59.83 1.27
N LEU L 309 -29.48 58.91 0.77
CA LEU L 309 -28.04 59.10 0.74
C LEU L 309 -27.66 59.94 -0.48
N ALA L 310 -26.82 60.96 -0.27
CA ALA L 310 -26.40 61.86 -1.32
C ALA L 310 -24.89 61.81 -1.48
N TYR L 311 -24.43 61.62 -2.71
CA TYR L 311 -23.02 61.62 -3.04
C TYR L 311 -22.77 62.58 -4.21
N THR L 312 -21.68 63.32 -4.13
CA THR L 312 -21.30 64.25 -5.18
C THR L 312 -19.82 64.08 -5.52
N SER L 313 -19.50 64.23 -6.80
CA SER L 313 -18.12 64.13 -7.28
C SER L 313 -17.65 65.52 -7.73
N THR L 314 -16.48 65.92 -7.26
CA THR L 314 -15.94 67.24 -7.57
C THR L 314 -14.67 67.21 -8.41
N GLY L 315 -13.82 66.20 -8.24
CA GLY L 315 -12.57 66.12 -8.95
C GLY L 315 -12.35 64.75 -9.56
N GLY L 316 -11.19 64.61 -10.22
CA GLY L 316 -10.85 63.36 -10.85
C GLY L 316 -11.75 63.04 -12.03
N ASP L 317 -11.95 61.76 -12.27
CA ASP L 317 -12.79 61.27 -13.36
C ASP L 317 -14.15 60.88 -12.81
N VAL L 318 -15.21 61.34 -13.48
CA VAL L 318 -16.57 61.06 -13.01
C VAL L 318 -16.87 59.57 -13.07
N LYS L 319 -16.49 58.93 -14.19
CA LYS L 319 -16.81 57.52 -14.37
C LYS L 319 -16.09 56.64 -13.34
N THR L 320 -14.83 56.95 -13.05
CA THR L 320 -14.10 56.15 -12.06
C THR L 320 -14.72 56.29 -10.68
N GLU L 321 -15.11 57.51 -10.30
CA GLU L 321 -15.77 57.71 -9.01
C GLU L 321 -17.10 56.97 -8.95
N PHE L 322 -17.88 57.03 -10.05
CA PHE L 322 -19.15 56.32 -10.09
C PHE L 322 -18.96 54.82 -9.95
N LEU L 323 -17.96 54.26 -10.65
CA LEU L 323 -17.71 52.83 -10.55
C LEU L 323 -17.25 52.44 -9.15
N HIS L 324 -16.38 53.25 -8.54
CA HIS L 324 -15.96 52.95 -7.17
C HIS L 324 -17.14 52.99 -6.21
N LEU L 325 -18.03 53.98 -6.38
CA LEU L 325 -19.21 54.06 -5.53
C LEU L 325 -20.11 52.84 -5.71
N ILE L 326 -20.35 52.46 -6.97
CA ILE L 326 -21.23 51.32 -7.23
C ILE L 326 -20.59 50.02 -6.73
N ASP L 327 -19.25 49.98 -6.66
CA ASP L 327 -18.59 48.81 -6.09
C ASP L 327 -18.74 48.77 -4.58
N HIS L 328 -18.56 49.91 -3.91
CA HIS L 328 -18.56 49.93 -2.45
C HIS L 328 -19.96 50.06 -1.86
N LEU L 329 -20.94 50.48 -2.64
CA LEU L 329 -22.31 50.63 -2.14
C LEU L 329 -22.99 49.28 -1.98
N SER M 24 -38.88 -22.73 -35.40
CA SER M 24 -39.19 -21.58 -34.55
C SER M 24 -40.31 -21.91 -33.57
N SER M 25 -41.43 -22.41 -34.10
CA SER M 25 -42.57 -22.75 -33.27
C SER M 25 -42.38 -24.12 -32.64
N ASP M 26 -43.05 -24.32 -31.50
CA ASP M 26 -43.07 -25.60 -30.81
C ASP M 26 -44.46 -25.87 -30.27
N SER M 27 -44.72 -27.14 -29.98
CA SER M 27 -46.00 -27.56 -29.45
C SER M 27 -45.81 -28.85 -28.68
N GLY M 28 -46.82 -29.20 -27.88
CA GLY M 28 -46.81 -30.43 -27.12
C GLY M 28 -46.58 -31.66 -27.98
N PRO M 29 -47.48 -31.91 -28.93
CA PRO M 29 -47.32 -33.09 -29.80
C PRO M 29 -46.02 -33.10 -30.59
N LEU M 30 -45.56 -31.95 -31.07
CA LEU M 30 -44.34 -31.93 -31.89
C LEU M 30 -43.12 -32.29 -31.06
N LEU M 31 -42.98 -31.68 -29.87
CA LEU M 31 -41.88 -32.03 -28.99
C LEU M 31 -41.98 -33.48 -28.53
N SER M 32 -43.20 -33.98 -28.34
CA SER M 32 -43.37 -35.39 -28.00
C SER M 32 -42.87 -36.31 -29.10
N VAL M 33 -43.21 -35.99 -30.35
CA VAL M 33 -42.73 -36.79 -31.48
C VAL M 33 -41.21 -36.73 -31.56
N PHE M 34 -40.64 -35.56 -31.33
CA PHE M 34 -39.19 -35.44 -31.32
C PHE M 34 -38.57 -36.30 -30.23
N ALA M 35 -39.17 -36.31 -29.04
CA ALA M 35 -38.66 -37.13 -27.95
C ALA M 35 -38.74 -38.61 -28.28
N LEU M 36 -39.84 -39.05 -28.87
CA LEU M 36 -39.93 -40.45 -29.31
C LEU M 36 -38.85 -40.77 -30.33
N GLN M 37 -38.63 -39.87 -31.30
CA GLN M 37 -37.61 -40.14 -32.30
C GLN M 37 -36.24 -40.29 -31.66
N GLU M 38 -35.90 -39.39 -30.74
CA GLU M 38 -34.58 -39.46 -30.10
C GLU M 38 -34.43 -40.72 -29.27
N ILE M 39 -35.43 -41.03 -28.44
CA ILE M 39 -35.33 -42.19 -27.55
C ILE M 39 -35.29 -43.48 -28.37
N MET M 40 -36.13 -43.58 -29.40
CA MET M 40 -36.14 -44.78 -30.23
C MET M 40 -34.82 -44.94 -30.98
N GLN M 41 -34.27 -43.85 -31.51
CA GLN M 41 -32.98 -43.95 -32.18
C GLN M 41 -31.88 -44.37 -31.23
N LYS M 42 -31.94 -43.90 -29.98
CA LYS M 42 -30.97 -44.33 -28.98
C LYS M 42 -31.10 -45.81 -28.67
N VAL M 43 -32.35 -46.29 -28.52
CA VAL M 43 -32.54 -47.66 -28.06
C VAL M 43 -32.38 -48.69 -29.18
N ARG M 44 -32.56 -48.30 -30.43
CA ARG M 44 -32.42 -49.24 -31.54
C ARG M 44 -30.98 -49.67 -31.78
N GLN M 45 -30.00 -49.04 -31.11
CA GLN M 45 -28.60 -49.38 -31.35
C GLN M 45 -28.26 -50.82 -30.98
N VAL M 46 -29.02 -51.44 -30.07
CA VAL M 46 -28.78 -52.81 -29.66
C VAL M 46 -30.08 -53.59 -29.76
N GLN M 47 -30.08 -54.66 -30.56
CA GLN M 47 -31.22 -55.54 -30.71
C GLN M 47 -30.73 -56.96 -30.90
N ALA M 48 -31.63 -57.93 -30.69
CA ALA M 48 -31.28 -59.33 -30.73
C ALA M 48 -32.25 -60.09 -31.63
N ASP M 49 -31.96 -61.38 -31.81
CA ASP M 49 -32.81 -62.36 -32.49
C ASP M 49 -32.83 -62.17 -34.01
N TYR M 50 -32.23 -61.08 -34.50
CA TYR M 50 -32.04 -60.80 -35.92
C TYR M 50 -33.28 -61.17 -36.74
N MET M 51 -34.39 -60.50 -36.41
CA MET M 51 -35.64 -60.75 -37.12
C MET M 51 -35.73 -59.88 -38.37
N PHE M 59 -39.31 -50.05 -38.78
CA PHE M 59 -39.72 -49.37 -37.56
C PHE M 59 -40.82 -48.37 -37.86
N THR M 60 -41.39 -47.79 -36.80
CA THR M 60 -42.43 -46.77 -36.96
C THR M 60 -42.45 -45.89 -35.73
N VAL M 61 -42.73 -44.61 -35.93
CA VAL M 61 -42.92 -43.65 -34.85
C VAL M 61 -44.40 -43.29 -34.81
N PRO M 62 -45.14 -43.70 -33.77
CA PRO M 62 -46.59 -43.45 -33.75
C PRO M 62 -46.90 -41.97 -33.72
N ASP M 63 -48.02 -41.62 -34.37
CA ASP M 63 -48.49 -40.24 -34.40
C ASP M 63 -49.23 -39.94 -33.11
N VAL M 64 -48.67 -39.04 -32.30
CA VAL M 64 -49.27 -38.71 -31.01
C VAL M 64 -50.62 -38.03 -31.20
N GLN M 65 -50.84 -37.37 -32.34
CA GLN M 65 -52.14 -36.78 -32.63
C GLN M 65 -53.23 -37.84 -32.64
N LYS M 66 -52.98 -38.96 -33.33
CA LYS M 66 -53.96 -40.03 -33.41
C LYS M 66 -54.21 -40.64 -32.03
N ILE M 67 -53.14 -40.84 -31.25
CA ILE M 67 -53.28 -41.42 -29.92
C ILE M 67 -54.13 -40.51 -29.03
N LEU M 68 -53.83 -39.21 -29.05
CA LEU M 68 -54.59 -38.27 -28.23
C LEU M 68 -56.05 -38.21 -28.67
N ASP M 69 -56.30 -38.19 -29.98
CA ASP M 69 -57.68 -38.17 -30.45
C ASP M 69 -58.43 -39.42 -30.03
N ASP M 70 -57.79 -40.59 -30.16
CA ASP M 70 -58.44 -41.84 -29.80
C ASP M 70 -58.73 -41.89 -28.30
N ILE M 71 -57.78 -41.47 -27.47
CA ILE M 71 -57.99 -41.53 -26.03
C ILE M 71 -59.06 -40.53 -25.61
N LYS M 72 -59.10 -39.35 -26.24
CA LYS M 72 -60.15 -38.39 -25.92
C LYS M 72 -61.53 -38.92 -26.34
N ALA M 73 -61.61 -39.55 -27.50
CA ALA M 73 -62.87 -40.14 -27.93
C ALA M 73 -63.31 -41.24 -26.99
N LEU M 74 -62.37 -42.08 -26.55
CA LEU M 74 -62.70 -43.16 -25.61
C LEU M 74 -63.19 -42.58 -24.29
N ALA M 75 -62.56 -41.52 -23.81
CA ALA M 75 -63.03 -40.86 -22.60
C ALA M 75 -64.43 -40.29 -22.80
N ALA M 76 -64.71 -39.76 -23.99
CA ALA M 76 -66.03 -39.22 -24.28
C ALA M 76 -67.09 -40.30 -24.46
N GLU M 77 -66.70 -41.57 -24.60
CA GLU M 77 -67.66 -42.64 -24.79
C GLU M 77 -68.48 -42.88 -23.53
N GLN M 78 -69.68 -43.39 -23.71
CA GLN M 78 -70.59 -43.73 -22.62
C GLN M 78 -70.71 -45.24 -22.52
N VAL M 79 -70.45 -45.77 -21.33
CA VAL M 79 -70.59 -47.21 -21.12
C VAL M 79 -72.05 -47.63 -21.25
N TYR M 80 -72.96 -46.87 -20.68
CA TYR M 80 -74.38 -47.17 -20.73
C TYR M 80 -74.98 -46.61 -22.04
N LYS M 81 -76.29 -46.66 -22.15
CA LYS M 81 -77.00 -46.05 -23.27
C LYS M 81 -78.43 -45.77 -22.84
N ILE M 82 -78.98 -44.69 -23.38
CA ILE M 82 -80.32 -44.22 -23.04
C ILE M 82 -81.28 -44.67 -24.12
N VAL M 83 -82.34 -45.39 -23.73
CA VAL M 83 -83.35 -45.88 -24.65
C VAL M 83 -84.73 -45.55 -24.10
N LYS M 84 -85.70 -45.46 -25.01
CA LYS M 84 -87.09 -45.25 -24.63
C LYS M 84 -87.82 -46.56 -24.37
N VAL M 85 -87.42 -47.63 -25.04
CA VAL M 85 -88.08 -48.93 -24.91
C VAL M 85 -87.01 -50.00 -24.72
N PRO M 86 -87.16 -50.89 -23.73
CA PRO M 86 -86.18 -51.97 -23.56
C PRO M 86 -86.22 -52.94 -24.73
N SER M 87 -85.07 -53.59 -24.95
CA SER M 87 -84.98 -54.57 -26.02
C SER M 87 -85.89 -55.75 -25.76
N ILE M 88 -86.36 -56.36 -26.85
CA ILE M 88 -87.30 -57.48 -26.75
C ILE M 88 -86.61 -58.66 -26.08
N SER M 89 -87.23 -59.21 -25.04
CA SER M 89 -86.70 -60.35 -24.32
C SER M 89 -87.33 -61.66 -24.73
N PHE M 90 -88.64 -61.66 -25.02
CA PHE M 90 -89.35 -62.88 -25.40
C PHE M 90 -90.08 -62.63 -26.71
N ARG M 91 -89.96 -63.58 -27.64
CA ARG M 91 -90.66 -63.55 -28.90
C ARG M 91 -91.43 -64.86 -29.08
N HIS M 92 -92.47 -64.80 -29.89
CA HIS M 92 -93.35 -65.95 -30.10
C HIS M 92 -93.37 -66.33 -31.57
N ILE M 93 -93.43 -67.63 -31.82
CA ILE M 93 -93.59 -68.18 -33.16
C ILE M 93 -94.95 -68.85 -33.24
N VAL M 94 -95.79 -68.37 -34.14
CA VAL M 94 -97.16 -68.88 -34.26
C VAL M 94 -97.14 -70.15 -35.12
N MET M 95 -97.76 -71.21 -34.60
CA MET M 95 -97.90 -72.46 -35.32
C MET M 95 -99.30 -72.53 -35.95
N GLN M 96 -99.59 -73.68 -36.57
CA GLN M 96 -100.89 -73.86 -37.20
C GLN M 96 -102.00 -73.91 -36.16
N SER M 97 -101.70 -74.30 -34.94
CA SER M 97 -102.70 -74.38 -33.89
C SER M 97 -103.20 -73.00 -33.49
N ARG M 98 -104.50 -72.87 -33.29
CA ARG M 98 -105.11 -71.63 -32.83
C ARG M 98 -105.07 -71.49 -31.31
N ASP M 99 -104.81 -72.57 -30.58
CA ASP M 99 -104.84 -72.57 -29.13
C ASP M 99 -103.47 -72.74 -28.48
N ARG M 100 -102.42 -73.01 -29.24
CA ARG M 100 -101.10 -73.25 -28.70
C ARG M 100 -100.07 -72.40 -29.43
N VAL M 101 -98.99 -72.07 -28.74
CA VAL M 101 -97.93 -71.23 -29.29
C VAL M 101 -96.67 -71.49 -28.48
N LEU M 102 -95.52 -71.21 -29.08
CA LEU M 102 -94.22 -71.43 -28.45
C LEU M 102 -93.64 -70.10 -27.98
N ARG M 103 -93.09 -70.10 -26.77
CA ARG M 103 -92.41 -68.94 -26.21
C ARG M 103 -90.91 -69.15 -26.32
N VAL M 104 -90.22 -68.19 -26.92
CA VAL M 104 -88.79 -68.28 -27.18
C VAL M 104 -88.08 -67.17 -26.42
N ASP M 105 -87.06 -67.54 -25.66
CA ASP M 105 -86.23 -66.56 -24.95
C ASP M 105 -85.20 -66.02 -25.93
N THR M 106 -85.29 -64.73 -26.25
CA THR M 106 -84.40 -64.15 -27.26
C THR M 106 -82.96 -64.12 -26.79
N TYR M 107 -82.73 -64.05 -25.48
CA TYR M 107 -81.37 -63.91 -24.96
C TYR M 107 -80.49 -65.07 -25.36
N TYR M 108 -81.00 -66.30 -25.24
CA TYR M 108 -80.18 -67.47 -25.54
C TYR M 108 -80.03 -67.69 -27.03
N GLU M 109 -81.07 -67.40 -27.82
CA GLU M 109 -81.01 -67.70 -29.24
C GLU M 109 -80.00 -66.81 -29.98
N GLU M 110 -79.66 -65.65 -29.42
CA GLU M 110 -78.79 -64.72 -30.11
C GLU M 110 -77.35 -64.74 -29.61
N MET M 111 -77.14 -65.00 -28.32
CA MET M 111 -75.78 -64.94 -27.77
C MET M 111 -74.95 -66.13 -28.22
N SER M 112 -75.59 -67.20 -28.72
CA SER M 112 -74.84 -68.33 -29.27
C SER M 112 -73.95 -67.92 -30.44
N GLN M 113 -74.28 -66.83 -31.13
CA GLN M 113 -73.45 -66.31 -32.20
C GLN M 113 -72.27 -65.49 -31.69
N VAL M 114 -72.19 -65.22 -30.39
CA VAL M 114 -71.08 -64.47 -29.83
C VAL M 114 -69.89 -65.41 -29.66
N GLY M 115 -68.78 -65.07 -30.27
CA GLY M 115 -67.59 -65.89 -30.23
C GLY M 115 -67.59 -66.96 -31.31
N ASP M 116 -66.38 -67.39 -31.66
CA ASP M 116 -66.20 -68.40 -32.69
C ASP M 116 -66.33 -69.79 -32.07
N VAL M 117 -66.05 -70.83 -32.86
CA VAL M 117 -66.12 -72.20 -32.34
C VAL M 117 -64.96 -72.46 -31.40
N ILE M 118 -65.14 -73.46 -30.55
CA ILE M 118 -64.15 -73.81 -29.54
C ILE M 118 -63.37 -75.03 -30.01
N THR M 119 -62.07 -75.03 -29.72
CA THR M 119 -61.21 -76.17 -30.00
C THR M 119 -60.25 -76.35 -28.82
N GLU M 120 -59.94 -77.61 -28.52
CA GLU M 120 -59.18 -77.92 -27.31
C GLU M 120 -57.68 -77.79 -27.48
N ASP M 121 -57.18 -77.65 -28.72
CA ASP M 121 -55.74 -77.57 -28.92
C ASP M 121 -55.16 -76.21 -28.54
N GLU M 122 -55.93 -75.15 -28.72
CA GLU M 122 -55.46 -73.79 -28.46
C GLU M 122 -56.22 -73.17 -27.29
N PRO M 123 -55.65 -73.14 -26.09
CA PRO M 123 -56.34 -72.51 -24.96
C PRO M 123 -56.58 -71.03 -25.14
N GLU M 124 -55.70 -70.33 -25.86
CA GLU M 124 -55.80 -68.88 -25.98
C GLU M 124 -57.10 -68.46 -26.66
N LYS M 125 -57.46 -69.13 -27.76
CA LYS M 125 -58.70 -68.80 -28.44
C LYS M 125 -59.91 -69.13 -27.58
N PHE M 126 -59.84 -70.23 -26.81
CA PHE M 126 -60.93 -70.58 -25.90
C PHE M 126 -61.14 -69.49 -24.86
N TYR M 127 -60.05 -69.00 -24.26
CA TYR M 127 -60.20 -67.97 -23.24
C TYR M 127 -60.59 -66.63 -23.85
N SER M 128 -60.17 -66.35 -25.08
CA SER M 128 -60.64 -65.16 -25.77
C SER M 128 -62.15 -65.23 -26.00
N THR M 129 -62.65 -66.40 -26.38
CA THR M 129 -64.09 -66.58 -26.52
C THR M 129 -64.81 -66.39 -25.19
N ILE M 130 -64.22 -66.90 -24.11
CA ILE M 130 -64.80 -66.70 -22.78
C ILE M 130 -64.87 -65.20 -22.45
N ILE M 131 -63.80 -64.47 -22.74
CA ILE M 131 -63.77 -63.04 -22.45
C ILE M 131 -64.83 -62.32 -23.28
N LYS M 132 -64.96 -62.66 -24.56
CA LYS M 132 -65.98 -62.02 -25.38
C LYS M 132 -67.38 -62.33 -24.86
N LYS M 133 -67.62 -63.58 -24.44
CA LYS M 133 -68.94 -63.94 -23.93
C LYS M 133 -69.27 -63.19 -22.65
N VAL M 134 -68.30 -63.06 -21.74
CA VAL M 134 -68.57 -62.32 -20.50
C VAL M 134 -68.69 -60.82 -20.77
N ARG M 135 -68.00 -60.33 -21.80
CA ARG M 135 -68.15 -58.93 -22.20
C ARG M 135 -69.56 -58.66 -22.70
N PHE M 136 -70.13 -59.62 -23.45
CA PHE M 136 -71.43 -59.40 -24.07
C PHE M 136 -72.53 -59.20 -23.04
N ILE M 137 -72.48 -59.95 -21.93
CA ILE M 137 -73.50 -59.81 -20.89
C ILE M 137 -73.47 -58.41 -20.30
N ARG M 138 -72.27 -57.92 -19.98
CA ARG M 138 -72.14 -56.58 -19.44
C ARG M 138 -72.60 -55.53 -20.44
N GLY M 139 -72.28 -55.74 -21.73
CA GLY M 139 -72.73 -54.80 -22.74
C GLY M 139 -74.24 -54.76 -22.87
N LYS M 140 -74.89 -55.92 -22.81
CA LYS M 140 -76.35 -55.96 -22.96
C LYS M 140 -77.06 -55.43 -21.72
N GLY M 141 -76.50 -55.66 -20.54
CA GLY M 141 -77.20 -55.33 -19.32
C GLY M 141 -77.19 -53.88 -18.89
N SER M 142 -76.50 -53.02 -19.61
CA SER M 142 -76.35 -51.60 -19.23
C SER M 142 -77.24 -50.76 -20.12
N PHE M 143 -78.37 -50.30 -19.57
CA PHE M 143 -79.27 -49.39 -20.29
C PHE M 143 -80.10 -48.64 -19.27
N ILE M 144 -80.59 -47.47 -19.70
CA ILE M 144 -81.39 -46.59 -18.84
C ILE M 144 -82.66 -46.22 -19.58
N LEU M 145 -83.80 -46.35 -18.90
CA LEU M 145 -85.09 -45.98 -19.45
C LEU M 145 -85.36 -44.50 -19.20
N HIS M 146 -85.86 -43.82 -20.23
CA HIS M 146 -86.12 -42.39 -20.12
C HIS M 146 -87.18 -42.00 -21.15
N ASP M 147 -88.20 -41.27 -20.71
CA ASP M 147 -89.27 -40.77 -21.57
C ASP M 147 -89.97 -41.90 -22.31
N ILE M 148 -90.59 -42.78 -21.53
CA ILE M 148 -91.36 -43.89 -22.07
C ILE M 148 -92.66 -43.34 -22.66
N PRO M 149 -93.10 -43.83 -23.83
CA PRO M 149 -94.36 -43.35 -24.40
C PRO M 149 -95.54 -44.02 -23.73
N THR M 150 -96.46 -43.21 -23.20
CA THR M 150 -97.61 -43.70 -22.46
C THR M 150 -98.86 -42.95 -22.89
N ARG M 151 -100.01 -43.49 -22.52
CA ARG M 151 -101.29 -42.88 -22.84
C ARG M 151 -102.18 -42.90 -21.59
N ASP M 152 -103.11 -41.95 -21.54
CA ASP M 152 -104.00 -41.79 -20.40
C ASP M 152 -105.30 -42.56 -20.61
N HIS M 153 -105.87 -43.04 -19.51
CA HIS M 153 -107.13 -43.76 -19.54
C HIS M 153 -107.84 -43.60 -18.21
N ARG M 154 -109.04 -43.05 -18.24
CA ARG M 154 -109.86 -42.85 -17.04
C ARG M 154 -109.15 -42.02 -15.99
N GLY M 155 -108.31 -41.08 -16.43
CA GLY M 155 -107.54 -40.26 -15.51
C GLY M 155 -106.30 -40.92 -14.96
N MET M 156 -106.02 -42.16 -15.34
CA MET M 156 -104.85 -42.90 -14.87
C MET M 156 -103.96 -43.24 -16.06
N GLU M 157 -102.66 -43.02 -15.91
CA GLU M 157 -101.73 -43.25 -17.00
C GLU M 157 -101.49 -44.74 -17.17
N VAL M 158 -101.55 -45.20 -18.41
CA VAL M 158 -101.40 -46.62 -18.75
C VAL M 158 -100.29 -46.75 -19.77
N ALA M 159 -99.36 -47.67 -19.52
CA ALA M 159 -98.22 -47.86 -20.41
C ALA M 159 -98.67 -48.42 -21.75
N GLU M 160 -98.03 -47.93 -22.82
CA GLU M 160 -98.36 -48.37 -24.16
C GLU M 160 -97.83 -49.78 -24.43
N PRO M 161 -98.43 -50.51 -25.37
CA PRO M 161 -98.08 -51.92 -25.55
C PRO M 161 -96.66 -52.18 -26.05
N GLU M 162 -95.83 -51.17 -26.27
CA GLU M 162 -94.48 -51.42 -26.75
C GLU M 162 -93.40 -51.31 -25.67
N VAL M 163 -93.67 -50.60 -24.58
CA VAL M 163 -92.65 -50.44 -23.55
C VAL M 163 -92.32 -51.78 -22.88
N LEU M 164 -93.34 -52.59 -22.60
CA LEU M 164 -93.09 -53.90 -22.01
C LEU M 164 -92.43 -54.83 -23.03
N GLY M 165 -91.47 -55.62 -22.55
CA GLY M 165 -90.63 -56.41 -23.43
C GLY M 165 -91.22 -57.71 -23.91
N VAL M 166 -92.29 -57.64 -24.70
CA VAL M 166 -92.91 -58.81 -25.32
C VAL M 166 -93.23 -58.49 -26.76
N GLU M 167 -93.43 -59.54 -27.55
CA GLU M 167 -93.64 -59.44 -29.00
C GLU M 167 -94.87 -60.26 -29.40
N PHE M 168 -95.97 -60.04 -28.69
CA PHE M 168 -97.17 -60.86 -28.86
C PHE M 168 -98.03 -60.44 -30.05
N LYS M 169 -97.62 -59.42 -30.81
CA LYS M 169 -98.48 -58.92 -31.87
C LYS M 169 -98.63 -59.92 -33.02
N ASN M 170 -97.64 -60.80 -33.20
CA ASN M 170 -97.69 -61.74 -34.32
C ASN M 170 -98.74 -62.82 -34.12
N VAL M 171 -99.01 -63.22 -32.88
CA VAL M 171 -99.99 -64.27 -32.62
C VAL M 171 -101.41 -63.74 -32.50
N LEU M 172 -101.59 -62.42 -32.41
CA LEU M 172 -102.92 -61.85 -32.25
C LEU M 172 -103.89 -62.19 -33.37
N PRO M 173 -103.53 -62.12 -34.66
CA PRO M 173 -104.55 -62.27 -35.71
C PRO M 173 -105.27 -63.61 -35.70
N VAL M 174 -104.69 -64.66 -35.11
CA VAL M 174 -105.33 -65.96 -35.09
C VAL M 174 -106.13 -66.20 -33.81
N LEU M 175 -105.91 -65.41 -32.76
CA LEU M 175 -106.53 -65.66 -31.46
C LEU M 175 -108.04 -65.46 -31.53
N THR M 176 -108.75 -66.25 -30.71
CA THR M 176 -110.20 -66.15 -30.62
C THR M 176 -110.60 -64.92 -29.81
N ALA M 177 -111.89 -64.59 -29.87
CA ALA M 177 -112.38 -63.35 -29.27
C ALA M 177 -112.25 -63.37 -27.75
N GLU M 178 -112.56 -64.49 -27.12
CA GLU M 178 -112.62 -64.51 -25.65
C GLU M 178 -111.24 -64.51 -25.01
N HIS M 179 -110.25 -65.16 -25.63
CA HIS M 179 -108.87 -65.02 -25.16
C HIS M 179 -108.32 -63.63 -25.47
N ARG M 180 -108.71 -63.08 -26.62
CA ARG M 180 -108.25 -61.75 -27.01
C ARG M 180 -108.77 -60.69 -26.04
N ALA M 181 -109.99 -60.87 -25.54
CA ALA M 181 -110.53 -59.94 -24.54
C ALA M 181 -109.73 -60.01 -23.24
N MET M 182 -109.33 -61.22 -22.83
CA MET M 182 -108.49 -61.35 -21.64
C MET M 182 -107.14 -60.67 -21.87
N ILE M 183 -106.57 -60.81 -23.06
CA ILE M 183 -105.31 -60.14 -23.37
C ILE M 183 -105.49 -58.63 -23.29
N GLN M 184 -106.59 -58.12 -23.83
CA GLN M 184 -106.84 -56.68 -23.77
C GLN M 184 -107.01 -56.21 -22.33
N ASN M 185 -107.70 -57.00 -21.51
CA ASN M 185 -107.85 -56.64 -20.11
C ASN M 185 -106.50 -56.63 -19.39
N ALA M 186 -105.64 -57.58 -19.72
CA ALA M 186 -104.30 -57.59 -19.14
C ALA M 186 -103.51 -56.35 -19.56
N LEU M 187 -103.67 -55.93 -20.82
CA LEU M 187 -103.08 -54.65 -21.25
C LEU M 187 -103.63 -53.49 -20.45
N ASP M 188 -104.94 -53.49 -20.17
CA ASP M 188 -105.56 -52.41 -19.41
C ASP M 188 -105.03 -52.32 -17.99
N GLY M 189 -104.49 -53.40 -17.44
CA GLY M 189 -103.98 -53.41 -16.09
C GLY M 189 -102.59 -52.85 -15.91
N SER M 190 -101.95 -52.40 -16.99
CA SER M 190 -100.59 -51.86 -16.92
C SER M 190 -100.61 -50.39 -16.52
N ILE M 191 -101.05 -50.15 -15.30
CA ILE M 191 -101.08 -48.79 -14.74
C ILE M 191 -99.70 -48.44 -14.22
N ILE M 192 -99.42 -47.14 -14.15
CA ILE M 192 -98.12 -46.63 -13.75
C ILE M 192 -98.25 -45.88 -12.43
N GLU M 193 -97.37 -46.20 -11.49
CA GLU M 193 -97.32 -45.57 -10.18
C GLU M 193 -96.13 -44.63 -10.10
N ASN M 194 -95.93 -44.06 -8.92
CA ASN M 194 -94.85 -43.12 -8.67
C ASN M 194 -93.97 -43.59 -7.54
N GLY M 195 -92.68 -43.29 -7.63
CA GLY M 195 -91.73 -43.67 -6.60
C GLY M 195 -90.63 -42.64 -6.49
N ASN M 196 -90.09 -42.49 -5.29
CA ASN M 196 -89.06 -41.50 -5.02
C ASN M 196 -87.68 -42.12 -5.08
N VAL M 197 -86.80 -41.51 -5.87
CA VAL M 197 -85.41 -41.92 -5.99
C VAL M 197 -84.54 -40.68 -5.92
N ALA M 198 -83.62 -40.64 -4.97
CA ALA M 198 -82.71 -39.49 -4.79
C ALA M 198 -83.49 -38.19 -4.65
N THR M 199 -84.55 -38.23 -3.84
CA THR M 199 -85.43 -37.09 -3.59
C THR M 199 -86.00 -36.58 -4.93
N ARG M 200 -86.34 -37.52 -5.80
CA ARG M 200 -86.96 -37.22 -7.08
C ARG M 200 -87.97 -38.30 -7.40
N ASP M 201 -89.13 -37.89 -7.94
CA ASP M 201 -90.18 -38.83 -8.29
C ASP M 201 -89.92 -39.40 -9.68
N VAL M 202 -90.03 -40.73 -9.78
CA VAL M 202 -89.82 -41.44 -11.04
C VAL M 202 -91.01 -42.36 -11.28
N ASP M 203 -91.23 -42.70 -12.55
CA ASP M 203 -92.33 -43.60 -12.90
C ASP M 203 -91.89 -45.05 -12.74
N VAL M 204 -92.73 -45.83 -12.07
CA VAL M 204 -92.44 -47.23 -11.79
C VAL M 204 -93.55 -48.09 -12.38
N PHE M 205 -93.16 -49.20 -13.01
CA PHE M 205 -94.11 -50.12 -13.61
C PHE M 205 -93.48 -51.50 -13.66
N ILE M 206 -94.27 -52.48 -14.09
CA ILE M 206 -93.83 -53.87 -14.16
C ILE M 206 -93.65 -54.26 -15.62
N GLY M 207 -92.70 -55.16 -15.86
CA GLY M 207 -92.40 -55.61 -17.20
C GLY M 207 -91.81 -57.01 -17.23
N ALA M 208 -91.17 -57.37 -18.34
CA ALA M 208 -90.57 -58.68 -18.51
C ALA M 208 -89.14 -58.53 -19.02
N CYS M 209 -88.23 -59.28 -18.41
CA CYS M 209 -86.82 -59.25 -18.81
C CYS M 209 -86.15 -60.53 -18.35
N SER M 210 -85.00 -60.83 -18.96
CA SER M 210 -84.24 -62.01 -18.60
C SER M 210 -83.45 -61.76 -17.32
N GLU M 211 -83.18 -62.85 -16.59
CA GLU M 211 -82.49 -62.74 -15.31
C GLU M 211 -81.09 -62.13 -15.43
N PRO M 212 -80.20 -62.60 -16.32
CA PRO M 212 -78.86 -61.99 -16.38
C PRO M 212 -78.88 -60.51 -16.73
N VAL M 213 -79.78 -60.09 -17.62
CA VAL M 213 -79.87 -58.68 -17.96
C VAL M 213 -80.46 -57.88 -16.81
N TYR M 214 -81.48 -58.43 -16.14
CA TYR M 214 -82.10 -57.75 -15.02
C TYR M 214 -81.11 -57.56 -13.87
N ARG M 215 -80.22 -58.53 -13.67
CA ARG M 215 -79.20 -58.39 -12.62
C ARG M 215 -78.31 -57.18 -12.88
N ILE M 216 -77.83 -57.03 -14.11
CA ILE M 216 -76.97 -55.90 -14.45
C ILE M 216 -77.74 -54.59 -14.38
N TYR M 217 -79.01 -54.60 -14.78
CA TYR M 217 -79.83 -53.40 -14.69
C TYR M 217 -80.00 -52.96 -13.24
N ASN M 218 -80.28 -53.91 -12.35
CA ASN M 218 -80.42 -53.59 -10.94
C ASN M 218 -79.10 -53.08 -10.36
N ARG M 219 -77.98 -53.70 -10.75
CA ARG M 219 -76.69 -53.24 -10.27
C ARG M 219 -76.41 -51.81 -10.71
N LEU M 220 -76.71 -51.49 -11.98
CA LEU M 220 -76.52 -50.14 -12.47
C LEU M 220 -77.39 -49.15 -11.71
N GLN M 221 -78.66 -49.50 -11.48
CA GLN M 221 -79.54 -48.61 -10.73
C GLN M 221 -79.02 -48.37 -9.33
N GLY M 222 -78.62 -49.45 -8.64
CA GLY M 222 -78.11 -49.31 -7.29
C GLY M 222 -76.85 -48.46 -7.23
N TYR M 223 -75.98 -48.59 -8.24
CA TYR M 223 -74.83 -47.71 -8.34
C TYR M 223 -75.26 -46.26 -8.50
N ILE M 224 -76.30 -46.02 -9.29
CA ILE M 224 -76.78 -44.65 -9.48
C ILE M 224 -77.25 -44.06 -8.16
N GLU M 225 -78.02 -44.82 -7.38
CA GLU M 225 -78.45 -44.28 -6.08
C GLU M 225 -77.26 -44.13 -5.13
N ALA M 226 -76.29 -45.04 -5.19
CA ALA M 226 -75.18 -45.01 -4.25
C ALA M 226 -74.28 -43.79 -4.47
N VAL M 227 -74.05 -43.42 -5.73
CA VAL M 227 -73.12 -42.33 -6.01
C VAL M 227 -73.64 -40.99 -5.48
N GLN M 228 -74.96 -40.80 -5.49
CA GLN M 228 -75.53 -39.48 -5.22
C GLN M 228 -75.26 -38.99 -3.81
N LEU M 229 -74.77 -39.85 -2.92
CA LEU M 229 -74.61 -39.47 -1.53
C LEU M 229 -73.44 -38.49 -1.34
N GLN M 230 -72.22 -38.93 -1.63
CA GLN M 230 -71.05 -38.14 -1.27
C GLN M 230 -70.03 -38.00 -2.38
N GLU M 231 -69.99 -38.98 -3.30
CA GLU M 231 -68.90 -39.03 -4.28
C GLU M 231 -68.90 -37.82 -5.20
N LEU M 232 -70.08 -37.39 -5.66
CA LEU M 232 -70.15 -36.30 -6.63
C LEU M 232 -69.61 -35.00 -6.04
N ARG M 233 -70.00 -34.69 -4.81
CA ARG M 233 -69.55 -33.45 -4.18
C ARG M 233 -68.03 -33.45 -3.99
N ASN M 234 -67.46 -34.58 -3.55
CA ASN M 234 -66.02 -34.67 -3.38
C ASN M 234 -65.30 -34.52 -4.71
N SER M 235 -65.83 -35.14 -5.77
CA SER M 235 -65.21 -35.01 -7.08
C SER M 235 -65.23 -33.56 -7.56
N ILE M 236 -66.36 -32.88 -7.38
CA ILE M 236 -66.45 -31.49 -7.81
C ILE M 236 -65.50 -30.62 -7.00
N GLY M 237 -65.39 -30.87 -5.69
CA GLY M 237 -64.46 -30.12 -4.87
C GLY M 237 -63.02 -30.32 -5.30
N TRP M 238 -62.64 -31.56 -5.61
CA TRP M 238 -61.29 -31.82 -6.08
C TRP M 238 -61.03 -31.14 -7.41
N LEU M 239 -62.01 -31.15 -8.31
CA LEU M 239 -61.86 -30.44 -9.57
C LEU M 239 -61.68 -28.94 -9.35
N GLU M 240 -62.43 -28.37 -8.41
CA GLU M 240 -62.29 -26.96 -8.08
C GLU M 240 -60.89 -26.67 -7.55
N ARG M 241 -60.37 -27.54 -6.67
CA ARG M 241 -59.02 -27.33 -6.14
C ARG M 241 -57.97 -27.41 -7.24
N LEU M 242 -58.11 -28.39 -8.16
CA LEU M 242 -57.17 -28.51 -9.25
C LEU M 242 -57.20 -27.29 -10.16
N GLY M 243 -58.40 -26.80 -10.48
CA GLY M 243 -58.49 -25.57 -11.23
C GLY M 243 -57.89 -24.38 -10.50
N HIS M 244 -58.02 -24.37 -9.17
CA HIS M 244 -57.41 -23.30 -8.38
C HIS M 244 -55.89 -23.31 -8.52
N ARG M 245 -55.27 -24.49 -8.39
CA ARG M 245 -53.81 -24.55 -8.48
C ARG M 245 -53.32 -24.25 -9.90
N LYS M 246 -53.90 -24.91 -10.90
CA LYS M 246 -53.39 -24.83 -12.26
C LYS M 246 -53.85 -23.59 -13.01
N ARG M 247 -54.38 -22.58 -12.32
CA ARG M 247 -54.82 -21.34 -12.93
C ARG M 247 -55.86 -21.58 -14.02
N ILE M 248 -56.78 -22.50 -13.76
CA ILE M 248 -57.84 -22.87 -14.70
C ILE M 248 -59.18 -22.41 -14.12
N THR M 249 -59.95 -21.70 -14.94
CA THR M 249 -61.27 -21.23 -14.54
C THR M 249 -62.32 -22.03 -15.31
N TYR M 250 -63.17 -22.73 -14.57
CA TYR M 250 -64.23 -23.54 -15.15
C TYR M 250 -65.56 -22.81 -15.11
N SER M 251 -66.42 -23.13 -16.06
CA SER M 251 -67.75 -22.55 -16.11
C SER M 251 -68.61 -23.08 -14.97
N GLN M 252 -69.68 -22.34 -14.67
CA GLN M 252 -70.61 -22.77 -13.63
C GLN M 252 -71.35 -24.05 -13.98
N GLU M 253 -71.38 -24.42 -15.27
CA GLU M 253 -72.01 -25.67 -15.67
C GLU M 253 -71.25 -26.89 -15.16
N VAL M 254 -70.01 -26.72 -14.71
CA VAL M 254 -69.19 -27.83 -14.24
C VAL M 254 -69.14 -27.81 -12.72
N LEU M 255 -69.27 -26.63 -12.14
CA LEU M 255 -69.05 -26.45 -10.70
C LEU M 255 -70.32 -26.51 -9.87
N THR M 256 -71.41 -25.88 -10.32
CA THR M 256 -72.63 -25.79 -9.52
C THR M 256 -73.85 -26.36 -10.21
N ASP M 257 -73.71 -26.96 -11.39
CA ASP M 257 -74.87 -27.47 -12.11
C ASP M 257 -75.45 -28.74 -11.47
N PHE M 258 -74.68 -29.43 -10.64
CA PHE M 258 -75.14 -30.69 -10.06
C PHE M 258 -76.12 -30.49 -8.92
N ARG M 259 -76.29 -29.27 -8.42
CA ARG M 259 -77.19 -29.01 -7.31
C ARG M 259 -78.63 -28.76 -7.76
N ARG M 260 -78.90 -28.81 -9.05
CA ARG M 260 -80.26 -28.66 -9.54
C ARG M 260 -81.11 -29.87 -9.16
N GLN M 261 -82.42 -29.64 -9.04
CA GLN M 261 -83.35 -30.70 -8.70
C GLN M 261 -83.91 -31.42 -9.92
N ASP M 262 -83.58 -30.97 -11.13
CA ASP M 262 -84.08 -31.58 -12.36
C ASP M 262 -82.98 -32.30 -13.13
N THR M 263 -81.88 -32.68 -12.46
CA THR M 263 -80.76 -33.31 -13.14
C THR M 263 -80.19 -34.42 -12.27
N ILE M 264 -79.95 -35.57 -12.90
CA ILE M 264 -79.23 -36.69 -12.28
C ILE M 264 -77.86 -36.80 -12.95
N TRP M 265 -76.81 -36.79 -12.13
CA TRP M 265 -75.45 -37.00 -12.60
C TRP M 265 -75.05 -38.44 -12.31
N VAL M 266 -74.89 -39.24 -13.36
CA VAL M 266 -74.37 -40.59 -13.22
C VAL M 266 -72.85 -40.51 -13.35
N LEU M 267 -72.15 -40.77 -12.24
CA LEU M 267 -70.71 -40.58 -12.18
C LEU M 267 -70.03 -41.87 -12.65
N ALA M 268 -69.92 -42.00 -13.98
CA ALA M 268 -69.23 -43.15 -14.56
C ALA M 268 -67.76 -43.15 -14.17
N LEU M 269 -67.14 -41.97 -14.14
CA LEU M 269 -65.73 -41.82 -13.83
C LEU M 269 -65.57 -40.94 -12.60
N GLN M 270 -64.74 -41.39 -11.66
CA GLN M 270 -64.48 -40.65 -10.43
C GLN M 270 -63.18 -39.88 -10.56
N LEU M 271 -63.21 -38.61 -10.18
CA LEU M 271 -62.09 -37.69 -10.37
C LEU M 271 -60.88 -37.96 -9.47
N PRO M 272 -61.03 -38.05 -8.14
CA PRO M 272 -59.83 -38.17 -7.30
C PRO M 272 -59.15 -39.52 -7.46
N VAL M 273 -58.48 -39.70 -8.60
CA VAL M 273 -57.81 -40.96 -8.88
C VAL M 273 -56.49 -41.02 -8.11
N ASN M 274 -56.25 -42.15 -7.46
CA ASN M 274 -54.99 -42.35 -6.77
C ASN M 274 -53.88 -42.60 -7.78
N PRO M 275 -52.75 -41.89 -7.70
CA PRO M 275 -51.69 -42.06 -8.70
C PRO M 275 -50.99 -43.41 -8.64
N GLN M 276 -51.19 -44.19 -7.58
CA GLN M 276 -50.51 -45.47 -7.46
C GLN M 276 -50.90 -46.42 -8.58
N VAL M 277 -52.14 -46.35 -9.06
CA VAL M 277 -52.58 -47.23 -10.14
C VAL M 277 -51.78 -46.97 -11.40
N VAL M 278 -51.56 -45.70 -11.72
CA VAL M 278 -50.83 -45.36 -12.94
C VAL M 278 -49.37 -45.80 -12.85
N TRP M 279 -48.76 -45.61 -11.69
CA TRP M 279 -47.33 -45.88 -11.53
C TRP M 279 -47.02 -47.33 -11.16
N ASP M 280 -48.03 -48.15 -10.87
CA ASP M 280 -47.76 -49.53 -10.50
C ASP M 280 -47.51 -50.43 -11.71
N VAL M 281 -47.87 -49.99 -12.90
CA VAL M 281 -47.59 -50.81 -14.09
C VAL M 281 -46.08 -50.84 -14.33
N PRO M 282 -45.49 -52.02 -14.55
CA PRO M 282 -44.02 -52.11 -14.57
C PRO M 282 -43.42 -51.45 -15.80
N ARG M 283 -42.31 -50.75 -15.59
CA ARG M 283 -41.47 -50.20 -16.64
C ARG M 283 -42.28 -49.30 -17.58
N SER M 284 -42.79 -48.21 -17.01
CA SER M 284 -43.60 -47.26 -17.76
C SER M 284 -43.14 -45.82 -17.57
N SER M 285 -41.90 -45.62 -17.11
CA SER M 285 -41.42 -44.25 -16.90
C SER M 285 -41.38 -43.47 -18.20
N ILE M 286 -40.90 -44.10 -19.28
CA ILE M 286 -40.83 -43.42 -20.57
C ILE M 286 -42.22 -43.04 -21.05
N ALA M 287 -43.18 -43.98 -20.95
CA ALA M 287 -44.54 -43.69 -21.40
C ALA M 287 -45.17 -42.58 -20.56
N ASN M 288 -44.96 -42.61 -19.25
CA ASN M 288 -45.50 -41.56 -18.39
C ASN M 288 -44.93 -40.20 -18.75
N LEU M 289 -43.61 -40.13 -18.97
CA LEU M 289 -42.98 -38.87 -19.34
C LEU M 289 -43.50 -38.36 -20.69
N ILE M 290 -43.65 -39.27 -21.66
CA ILE M 290 -44.15 -38.87 -22.96
C ILE M 290 -45.57 -38.34 -22.87
N MET M 291 -46.42 -39.03 -22.12
CA MET M 291 -47.81 -38.57 -21.98
C MET M 291 -47.86 -37.24 -21.23
N ASN M 292 -46.99 -37.06 -20.24
CA ASN M 292 -46.91 -35.78 -19.55
C ASN M 292 -46.55 -34.65 -20.49
N ILE M 293 -45.57 -34.89 -21.37
CA ILE M 293 -45.23 -33.87 -22.36
C ILE M 293 -46.39 -33.61 -23.31
N ALA M 294 -47.07 -34.67 -23.75
CA ALA M 294 -48.08 -34.52 -24.79
C ALA M 294 -49.34 -33.82 -24.27
N THR M 295 -49.76 -34.13 -23.04
CA THR M 295 -51.10 -33.74 -22.62
C THR M 295 -51.18 -32.30 -22.12
N CYS M 296 -50.11 -31.75 -21.55
CA CYS M 296 -50.22 -30.47 -20.86
C CYS M 296 -49.08 -29.50 -21.15
N LEU M 297 -48.25 -29.77 -22.14
CA LEU M 297 -47.20 -28.80 -22.47
C LEU M 297 -47.78 -27.66 -23.30
N PRO M 298 -47.55 -26.41 -22.90
CA PRO M 298 -48.03 -25.29 -23.72
C PRO M 298 -47.21 -25.14 -24.98
N THR M 299 -47.78 -24.43 -25.95
CA THR M 299 -47.12 -24.14 -27.20
C THR M 299 -46.59 -22.71 -27.20
N GLY M 300 -45.48 -22.51 -27.90
CA GLY M 300 -44.86 -21.20 -27.91
C GLY M 300 -43.81 -21.08 -28.98
N GLU M 301 -43.04 -20.00 -28.88
CA GLU M 301 -42.04 -19.65 -29.88
C GLU M 301 -40.70 -19.42 -29.20
N TYR M 302 -39.64 -19.56 -29.98
CA TYR M 302 -38.29 -19.17 -29.56
C TYR M 302 -37.98 -17.79 -30.10
N ILE M 303 -37.63 -16.87 -29.21
CA ILE M 303 -37.33 -15.50 -29.58
C ILE M 303 -35.90 -15.17 -29.18
N ALA M 304 -35.20 -14.45 -30.06
CA ALA M 304 -33.88 -13.96 -29.74
C ALA M 304 -33.96 -12.88 -28.68
N PRO M 305 -32.88 -12.62 -27.96
CA PRO M 305 -32.88 -11.53 -26.98
C PRO M 305 -33.07 -10.18 -27.65
N ASN M 306 -33.15 -9.15 -26.83
CA ASN M 306 -33.35 -7.80 -27.33
C ASN M 306 -32.22 -7.42 -28.27
N PRO M 307 -32.51 -6.97 -29.49
CA PRO M 307 -31.43 -6.54 -30.40
C PRO M 307 -30.64 -5.37 -29.87
N ARG M 308 -31.06 -4.75 -28.77
CA ARG M 308 -30.30 -3.73 -28.07
C ARG M 308 -29.07 -4.28 -27.38
N ILE M 309 -28.79 -5.58 -27.50
CA ILE M 309 -27.58 -6.18 -26.96
C ILE M 309 -26.72 -6.60 -28.15
N SER M 310 -25.54 -6.00 -28.25
CA SER M 310 -24.66 -6.26 -29.38
C SER M 310 -23.97 -7.61 -29.23
N SER M 311 -23.32 -8.03 -30.31
CA SER M 311 -22.58 -9.29 -30.30
C SER M 311 -21.41 -9.20 -29.32
N ILE M 312 -21.14 -10.31 -28.64
CA ILE M 312 -20.07 -10.34 -27.65
C ILE M 312 -18.72 -10.34 -28.38
N THR M 313 -17.84 -9.45 -27.94
CA THR M 313 -16.50 -9.32 -28.51
C THR M 313 -15.48 -9.91 -27.54
N LEU M 314 -14.62 -10.79 -28.05
CA LEU M 314 -13.66 -11.50 -27.21
C LEU M 314 -12.37 -10.69 -27.09
N THR M 315 -11.86 -10.60 -25.86
CA THR M 315 -10.62 -9.87 -25.56
C THR M 315 -9.43 -10.79 -25.77
N GLN M 316 -9.15 -11.09 -27.04
CA GLN M 316 -8.07 -11.98 -27.43
C GLN M 316 -7.27 -11.33 -28.55
N ARG M 317 -5.96 -11.56 -28.56
CA ARG M 317 -5.10 -11.05 -29.63
C ARG M 317 -5.47 -11.72 -30.94
N ILE M 318 -5.39 -10.95 -32.02
CA ILE M 318 -6.03 -11.33 -33.27
C ILE M 318 -5.24 -12.43 -33.96
N THR M 319 -5.91 -13.54 -34.26
CA THR M 319 -5.41 -14.52 -35.18
C THR M 319 -6.09 -14.33 -36.54
N THR M 320 -5.40 -14.74 -37.60
CA THR M 320 -5.78 -14.32 -38.95
C THR M 320 -7.13 -14.88 -39.39
N THR M 321 -7.64 -15.93 -38.76
CA THR M 321 -8.89 -16.55 -39.20
C THR M 321 -9.91 -16.70 -38.08
N GLY M 322 -9.60 -16.25 -36.87
CA GLY M 322 -10.51 -16.38 -35.75
C GLY M 322 -11.68 -15.43 -35.84
N PRO M 323 -12.74 -15.71 -35.07
CA PRO M 323 -13.91 -14.82 -35.07
C PRO M 323 -13.71 -13.67 -34.09
N PHE M 324 -13.83 -12.44 -34.59
CA PHE M 324 -13.78 -11.27 -33.72
C PHE M 324 -14.92 -11.28 -32.71
N ALA M 325 -16.11 -11.66 -33.16
CA ALA M 325 -17.29 -11.69 -32.30
C ALA M 325 -18.17 -12.86 -32.74
N ILE M 326 -19.05 -13.27 -31.83
CA ILE M 326 -20.02 -14.34 -32.09
C ILE M 326 -21.41 -13.70 -32.10
N LEU M 327 -22.07 -13.78 -33.26
CA LEU M 327 -23.36 -13.12 -33.42
C LEU M 327 -24.43 -13.81 -32.58
N THR M 328 -25.44 -13.03 -32.21
CA THR M 328 -26.59 -13.53 -31.47
C THR M 328 -27.87 -13.60 -32.28
N GLY M 329 -28.00 -12.80 -33.34
CA GLY M 329 -29.16 -12.84 -34.20
C GLY M 329 -29.10 -13.85 -35.32
N SER M 330 -27.98 -14.57 -35.45
CA SER M 330 -27.83 -15.55 -36.51
C SER M 330 -28.80 -16.72 -36.29
N THR M 331 -29.35 -17.22 -37.39
CA THR M 331 -30.31 -18.31 -37.34
C THR M 331 -29.58 -19.65 -37.36
N PRO M 332 -29.81 -20.51 -36.36
CA PRO M 332 -29.14 -21.82 -36.35
C PRO M 332 -29.72 -22.76 -37.39
N THR M 333 -28.95 -23.80 -37.70
CA THR M 333 -29.40 -24.83 -38.60
C THR M 333 -30.46 -25.71 -37.92
N ALA M 334 -31.09 -26.57 -38.72
CA ALA M 334 -32.15 -27.42 -38.19
C ALA M 334 -31.61 -28.37 -37.13
N GLN M 335 -30.41 -28.91 -37.33
CA GLN M 335 -29.82 -29.81 -36.34
C GLN M 335 -29.55 -29.07 -35.03
N GLN M 336 -29.03 -27.85 -35.11
CA GLN M 336 -28.84 -27.04 -33.91
C GLN M 336 -30.18 -26.68 -33.26
N LEU M 337 -31.24 -26.51 -34.06
CA LEU M 337 -32.56 -26.31 -33.50
C LEU M 337 -33.03 -27.53 -32.73
N ASN M 338 -32.77 -28.73 -33.26
CA ASN M 338 -33.08 -29.96 -32.54
C ASN M 338 -32.29 -30.04 -31.24
N ASP M 339 -31.02 -29.65 -31.29
CA ASP M 339 -30.18 -29.70 -30.09
C ASP M 339 -30.68 -28.73 -29.02
N VAL M 340 -31.07 -27.51 -29.41
CA VAL M 340 -31.58 -26.57 -28.41
C VAL M 340 -32.93 -27.02 -27.89
N ARG M 341 -33.73 -27.67 -28.74
CA ARG M 341 -34.96 -28.31 -28.26
C ARG M 341 -34.65 -29.35 -27.20
N LYS M 342 -33.62 -30.15 -27.42
CA LYS M 342 -33.20 -31.13 -26.41
C LYS M 342 -32.80 -30.44 -25.12
N ILE M 343 -32.02 -29.35 -25.23
CA ILE M 343 -31.58 -28.64 -24.03
C ILE M 343 -32.77 -28.14 -23.23
N TYR M 344 -33.73 -27.49 -23.91
CA TYR M 344 -34.88 -26.95 -23.20
C TYR M 344 -35.75 -28.07 -22.62
N LEU M 345 -35.93 -29.16 -23.37
CA LEU M 345 -36.75 -30.27 -22.88
C LEU M 345 -36.14 -30.87 -21.63
N ALA M 346 -34.82 -31.03 -21.60
CA ALA M 346 -34.17 -31.56 -20.39
C ALA M 346 -34.19 -30.55 -19.26
N LEU M 347 -34.11 -29.25 -19.57
CA LEU M 347 -34.19 -28.24 -18.52
C LEU M 347 -35.56 -28.24 -17.85
N MET M 348 -36.62 -28.41 -18.63
CA MET M 348 -37.97 -28.38 -18.08
C MET M 348 -38.33 -29.64 -17.30
N PHE M 349 -37.51 -30.70 -17.38
CA PHE M 349 -37.70 -31.92 -16.61
C PHE M 349 -36.42 -32.16 -15.82
N PRO M 350 -36.38 -31.76 -14.55
CA PRO M 350 -35.10 -31.68 -13.83
C PRO M 350 -34.30 -32.98 -13.75
N GLY M 351 -34.89 -34.02 -13.18
CA GLY M 351 -34.12 -35.22 -12.89
C GLY M 351 -34.33 -36.37 -13.86
N GLN M 352 -35.26 -36.23 -14.80
CA GLN M 352 -35.62 -37.34 -15.67
C GLN M 352 -34.82 -37.37 -16.97
N ILE M 353 -34.32 -36.24 -17.43
CA ILE M 353 -33.58 -36.16 -18.69
C ILE M 353 -32.25 -35.45 -18.43
N ILE M 354 -31.17 -35.98 -18.99
CA ILE M 354 -29.81 -35.50 -18.74
C ILE M 354 -29.12 -35.29 -20.08
N LEU M 355 -28.31 -34.24 -20.16
CA LEU M 355 -27.56 -33.94 -21.38
C LEU M 355 -26.29 -34.79 -21.47
N ASP M 356 -25.63 -34.68 -22.63
CA ASP M 356 -24.33 -35.31 -22.86
C ASP M 356 -23.72 -34.69 -24.11
N LEU M 357 -22.40 -34.51 -24.09
CA LEU M 357 -21.72 -33.93 -25.24
C LEU M 357 -21.61 -34.93 -26.38
N LYS M 358 -21.50 -34.41 -27.59
CA LYS M 358 -21.24 -35.20 -28.78
C LYS M 358 -20.42 -34.35 -29.74
N ILE M 359 -19.36 -34.94 -30.30
CA ILE M 359 -18.45 -34.24 -31.19
C ILE M 359 -18.53 -34.90 -32.56
N ASP M 360 -18.84 -34.11 -33.58
CA ASP M 360 -18.89 -34.65 -34.93
C ASP M 360 -17.49 -34.71 -35.53
N PRO M 361 -17.22 -35.71 -36.39
CA PRO M 361 -15.90 -35.78 -37.03
C PRO M 361 -15.58 -34.55 -37.86
N GLY M 362 -16.57 -33.97 -38.53
CA GLY M 362 -16.36 -32.76 -39.29
C GLY M 362 -16.83 -31.53 -38.55
N GLU M 363 -17.54 -30.64 -39.24
CA GLU M 363 -18.08 -29.41 -38.66
C GLU M 363 -16.99 -28.61 -37.94
N ARG M 364 -16.03 -28.16 -38.74
CA ARG M 364 -14.88 -27.44 -38.21
C ARG M 364 -15.32 -26.19 -37.46
N MET M 365 -14.98 -26.14 -36.17
CA MET M 365 -15.38 -25.06 -35.29
C MET M 365 -14.13 -24.42 -34.69
N ASP M 366 -14.16 -23.09 -34.56
CA ASP M 366 -13.07 -22.39 -33.91
C ASP M 366 -13.07 -22.74 -32.42
N PRO M 367 -11.91 -22.67 -31.75
CA PRO M 367 -11.88 -22.93 -30.31
C PRO M 367 -12.68 -21.93 -29.49
N ALA M 368 -12.99 -20.76 -30.05
CA ALA M 368 -13.69 -19.72 -29.29
C ALA M 368 -15.10 -20.15 -28.92
N VAL M 369 -15.82 -20.80 -29.83
CA VAL M 369 -17.21 -21.16 -29.55
C VAL M 369 -17.28 -22.18 -28.42
N ARG M 370 -16.42 -23.19 -28.45
CA ARG M 370 -16.35 -24.14 -27.35
C ARG M 370 -15.89 -23.46 -26.07
N MET M 371 -14.93 -22.55 -26.19
CA MET M 371 -14.34 -21.91 -25.03
C MET M 371 -15.31 -20.97 -24.33
N VAL M 372 -16.32 -20.46 -25.05
CA VAL M 372 -17.38 -19.66 -24.43
C VAL M 372 -18.60 -20.49 -24.08
N ALA M 373 -18.83 -21.63 -24.75
CA ALA M 373 -19.85 -22.55 -24.30
C ALA M 373 -19.50 -23.12 -22.94
N GLY M 374 -18.20 -23.36 -22.70
CA GLY M 374 -17.78 -23.75 -21.37
C GLY M 374 -18.08 -22.69 -20.33
N VAL M 375 -18.15 -21.43 -20.74
CA VAL M 375 -18.55 -20.36 -19.83
C VAL M 375 -20.04 -20.39 -19.56
N VAL M 376 -20.85 -20.48 -20.63
CA VAL M 376 -22.29 -20.44 -20.47
C VAL M 376 -22.85 -21.68 -19.79
N GLY M 377 -22.12 -22.81 -19.86
CA GLY M 377 -22.61 -24.03 -19.24
C GLY M 377 -22.73 -23.92 -17.74
N HIS M 378 -21.79 -23.21 -17.10
CA HIS M 378 -21.83 -23.04 -15.66
C HIS M 378 -23.01 -22.18 -15.21
N LEU M 379 -23.69 -21.50 -16.14
CA LEU M 379 -24.85 -20.69 -15.81
C LEU M 379 -26.16 -21.30 -16.25
N LEU M 380 -26.17 -22.11 -17.31
CA LEU M 380 -27.43 -22.69 -17.78
C LEU M 380 -27.92 -23.84 -16.91
N PHE M 381 -27.02 -24.56 -16.22
CA PHE M 381 -27.37 -25.81 -15.59
C PHE M 381 -26.97 -25.83 -14.13
N THR M 382 -27.62 -26.71 -13.37
CA THR M 382 -27.31 -26.96 -11.97
C THR M 382 -26.74 -28.37 -11.83
N ALA M 383 -25.76 -28.52 -10.95
CA ALA M 383 -24.97 -29.74 -10.86
C ALA M 383 -24.78 -30.18 -9.41
N GLY M 384 -25.87 -30.24 -8.65
CA GLY M 384 -25.79 -30.77 -7.31
C GLY M 384 -26.91 -30.23 -6.43
N GLY M 385 -26.76 -30.51 -5.14
CA GLY M 385 -27.73 -30.08 -4.14
C GLY M 385 -28.90 -31.03 -4.00
N ARG M 386 -29.82 -30.98 -4.96
CA ARG M 386 -31.01 -31.82 -4.94
C ARG M 386 -31.14 -32.71 -6.16
N PHE M 387 -30.69 -32.24 -7.32
CA PHE M 387 -30.81 -32.99 -8.57
C PHE M 387 -29.73 -32.48 -9.52
N THR M 388 -29.63 -33.13 -10.68
CA THR M 388 -28.67 -32.74 -11.69
C THR M 388 -29.33 -32.72 -13.06
N ASN M 389 -28.85 -31.81 -13.91
CA ASN M 389 -29.28 -31.73 -15.30
C ASN M 389 -28.22 -32.25 -16.26
N LEU M 390 -27.02 -32.54 -15.79
CA LEU M 390 -25.91 -32.93 -16.64
C LEU M 390 -25.12 -34.05 -15.98
N THR M 391 -24.51 -34.88 -16.81
CA THR M 391 -23.71 -36.00 -16.33
C THR M 391 -22.33 -35.51 -15.88
N GLN M 392 -21.61 -36.40 -15.19
CA GLN M 392 -20.30 -36.03 -14.66
C GLN M 392 -19.30 -35.76 -15.78
N ASN M 393 -19.42 -36.47 -16.91
CA ASN M 393 -18.54 -36.22 -18.04
C ASN M 393 -18.72 -34.80 -18.56
N MET M 394 -19.97 -34.34 -18.65
CA MET M 394 -20.21 -32.96 -19.07
C MET M 394 -19.63 -31.97 -18.08
N ALA M 395 -19.73 -32.27 -16.78
CA ALA M 395 -19.16 -31.39 -15.77
C ALA M 395 -17.65 -31.28 -15.95
N ARG M 396 -16.97 -32.41 -16.15
CA ARG M 396 -15.53 -32.39 -16.35
C ARG M 396 -15.16 -31.62 -17.62
N GLN M 397 -15.89 -31.85 -18.71
CA GLN M 397 -15.58 -31.15 -19.96
C GLN M 397 -15.76 -29.65 -19.81
N LEU M 398 -16.85 -29.22 -19.15
CA LEU M 398 -17.09 -27.80 -18.95
C LEU M 398 -16.02 -27.19 -18.04
N ASP M 399 -15.61 -27.91 -17.00
CA ASP M 399 -14.55 -27.40 -16.13
C ASP M 399 -13.24 -27.24 -16.89
N ILE M 400 -12.90 -28.21 -17.75
CA ILE M 400 -11.68 -28.11 -18.53
C ILE M 400 -11.76 -26.93 -19.51
N ALA M 401 -12.91 -26.75 -20.14
CA ALA M 401 -13.09 -25.62 -21.05
C ALA M 401 -12.94 -24.29 -20.33
N LEU M 402 -13.53 -24.18 -19.14
CA LEU M 402 -13.40 -22.94 -18.36
C LEU M 402 -11.96 -22.71 -17.95
N ASN M 403 -11.26 -23.78 -17.56
CA ASN M 403 -9.84 -23.66 -17.21
C ASN M 403 -9.03 -23.11 -18.39
N ASP M 404 -9.27 -23.67 -19.58
CA ASP M 404 -8.57 -23.21 -20.78
C ASP M 404 -8.91 -21.75 -21.06
N TYR M 405 -10.19 -21.38 -20.93
CA TYR M 405 -10.58 -19.99 -21.17
C TYR M 405 -9.88 -19.05 -20.21
N LEU M 406 -9.81 -19.42 -18.94
CA LEU M 406 -9.28 -18.49 -17.94
C LEU M 406 -7.77 -18.35 -18.05
N LEU M 407 -7.07 -19.43 -18.38
CA LEU M 407 -5.60 -19.32 -18.45
C LEU M 407 -5.09 -18.88 -19.82
N TYR M 408 -5.66 -19.39 -20.90
CA TYR M 408 -5.05 -19.30 -22.21
C TYR M 408 -5.49 -18.09 -23.01
N MET M 409 -6.55 -17.41 -22.59
CA MET M 409 -7.03 -16.21 -23.27
C MET M 409 -6.55 -14.96 -22.56
N TYR M 410 -5.85 -14.09 -23.31
CA TYR M 410 -5.45 -12.78 -22.81
C TYR M 410 -4.97 -11.88 -23.94
N ASN M 411 -5.49 -10.66 -24.00
CA ASN M 411 -4.97 -9.65 -24.90
C ASN M 411 -3.77 -8.92 -24.32
N THR M 412 -3.51 -9.11 -23.03
CA THR M 412 -2.36 -8.52 -22.35
C THR M 412 -1.99 -9.41 -21.19
N ARG M 413 -0.78 -9.21 -20.67
CA ARG M 413 -0.29 -10.04 -19.57
C ARG M 413 -1.18 -9.88 -18.34
N VAL M 414 -1.51 -11.02 -17.72
CA VAL M 414 -2.38 -11.05 -16.56
C VAL M 414 -1.70 -11.86 -15.46
N GLN M 415 -1.81 -11.37 -14.23
CA GLN M 415 -1.22 -12.08 -13.09
C GLN M 415 -1.96 -13.40 -12.84
N VAL M 416 -1.21 -14.42 -12.46
CA VAL M 416 -1.78 -15.73 -12.21
C VAL M 416 -0.92 -16.46 -11.18
N ASN M 417 -1.58 -17.26 -10.35
CA ASN M 417 -0.91 -18.11 -9.37
C ASN M 417 -1.46 -19.52 -9.48
N TYR M 418 -0.63 -20.50 -9.14
CA TYR M 418 -0.96 -21.90 -9.35
C TYR M 418 -0.96 -22.66 -8.04
N GLY M 419 -1.74 -23.73 -7.98
CA GLY M 419 -1.86 -24.56 -6.81
C GLY M 419 -1.09 -25.85 -6.92
N PRO M 420 -0.95 -26.56 -5.80
CA PRO M 420 -0.14 -27.79 -5.81
C PRO M 420 -0.83 -28.96 -6.50
N THR M 421 -2.11 -29.18 -6.23
CA THR M 421 -2.78 -30.38 -6.71
C THR M 421 -2.93 -30.37 -8.23
N GLY M 422 -2.94 -31.56 -8.81
CA GLY M 422 -3.03 -31.72 -10.25
C GLY M 422 -4.45 -31.91 -10.75
N GLU M 423 -5.29 -30.90 -10.57
CA GLU M 423 -6.67 -30.91 -11.03
C GLU M 423 -6.97 -29.61 -11.74
N PRO M 424 -7.97 -29.59 -12.62
CA PRO M 424 -8.36 -28.34 -13.27
C PRO M 424 -8.90 -27.34 -12.27
N LEU M 425 -8.67 -26.06 -12.56
CA LEU M 425 -9.15 -24.94 -11.74
C LEU M 425 -8.58 -25.00 -10.32
N ASP M 426 -7.27 -25.22 -10.23
CA ASP M 426 -6.54 -25.13 -8.97
C ASP M 426 -5.75 -23.84 -8.84
N PHE M 427 -6.01 -22.87 -9.71
CA PHE M 427 -5.22 -21.66 -9.82
C PHE M 427 -5.93 -20.48 -9.15
N GLN M 428 -5.16 -19.42 -8.94
CA GLN M 428 -5.68 -18.14 -8.49
C GLN M 428 -5.29 -17.07 -9.49
N ILE M 429 -6.26 -16.30 -9.96
CA ILE M 429 -6.06 -15.38 -11.07
C ILE M 429 -6.38 -13.96 -10.62
N GLY M 430 -5.80 -12.99 -11.32
CA GLY M 430 -6.05 -11.59 -11.07
C GLY M 430 -5.15 -11.02 -10.00
N ARG M 431 -5.21 -9.69 -9.88
CA ARG M 431 -4.45 -9.01 -8.84
C ARG M 431 -4.91 -9.47 -7.46
N ASN M 432 -6.21 -9.58 -7.26
CA ASN M 432 -6.75 -10.16 -6.04
C ASN M 432 -6.66 -11.68 -6.10
N GLN M 433 -6.55 -12.30 -4.92
CA GLN M 433 -6.41 -13.75 -4.82
C GLN M 433 -7.81 -14.38 -4.87
N TYR M 434 -8.34 -14.51 -6.08
CA TYR M 434 -9.64 -15.14 -6.30
C TYR M 434 -9.39 -16.60 -6.65
N ASP M 435 -9.58 -17.49 -5.68
CA ASP M 435 -9.42 -18.91 -5.92
C ASP M 435 -10.57 -19.42 -6.78
N CYS M 436 -10.23 -20.23 -7.79
CA CYS M 436 -11.21 -20.79 -8.70
C CYS M 436 -11.56 -22.24 -8.36
N ASN M 437 -11.20 -22.71 -7.17
CA ASN M 437 -11.52 -24.08 -6.79
C ASN M 437 -13.03 -24.29 -6.67
N VAL M 438 -13.78 -23.25 -6.29
CA VAL M 438 -15.21 -23.39 -6.07
C VAL M 438 -15.94 -23.72 -7.36
N PHE M 439 -15.39 -23.31 -8.51
CA PHE M 439 -16.05 -23.54 -9.78
C PHE M 439 -15.90 -24.96 -10.30
N ARG M 440 -15.07 -25.78 -9.65
CA ARG M 440 -14.99 -27.18 -10.03
C ARG M 440 -16.24 -27.92 -9.57
N ALA M 441 -16.81 -28.72 -10.47
CA ALA M 441 -18.08 -29.38 -10.18
C ALA M 441 -17.93 -30.39 -9.04
N ASP M 442 -18.92 -30.42 -8.16
CA ASP M 442 -18.96 -31.38 -7.07
C ASP M 442 -20.43 -31.68 -6.77
N PHE M 443 -20.89 -32.86 -7.18
CA PHE M 443 -22.30 -33.19 -7.06
C PHE M 443 -22.76 -33.31 -5.62
N ALA M 444 -21.86 -33.56 -4.68
CA ALA M 444 -22.25 -33.70 -3.28
C ALA M 444 -22.72 -32.37 -2.70
N THR M 445 -22.22 -31.25 -3.22
CA THR M 445 -22.58 -29.94 -2.72
C THR M 445 -23.07 -28.97 -3.78
N GLY M 446 -22.80 -29.21 -5.06
CA GLY M 446 -23.32 -28.37 -6.12
C GLY M 446 -22.78 -26.95 -6.15
N THR M 447 -21.47 -26.78 -5.95
CA THR M 447 -20.87 -25.46 -6.05
C THR M 447 -20.51 -25.15 -7.49
N GLY M 448 -20.51 -23.86 -7.81
CA GLY M 448 -20.15 -23.40 -9.14
C GLY M 448 -21.25 -23.48 -10.18
N TYR M 449 -22.45 -23.89 -9.80
CA TYR M 449 -23.58 -23.99 -10.72
C TYR M 449 -24.79 -23.32 -10.09
N ASN M 450 -25.95 -23.48 -10.74
CA ASN M 450 -27.15 -22.79 -10.29
C ASN M 450 -27.57 -23.19 -8.89
N GLY M 451 -27.30 -24.43 -8.50
CA GLY M 451 -27.69 -24.90 -7.18
C GLY M 451 -26.74 -24.51 -6.08
N TRP M 452 -26.06 -23.38 -6.24
CA TRP M 452 -25.07 -22.91 -5.28
C TRP M 452 -25.77 -22.15 -4.16
N ALA M 453 -25.88 -22.80 -2.99
CA ALA M 453 -26.43 -22.18 -1.78
C ALA M 453 -27.84 -21.65 -2.00
N THR M 454 -28.65 -22.35 -2.78
CA THR M 454 -30.03 -21.97 -3.04
C THR M 454 -30.97 -23.12 -2.69
N ILE M 455 -32.18 -22.76 -2.27
CA ILE M 455 -33.18 -23.75 -1.89
C ILE M 455 -33.99 -24.05 -3.14
N ASP M 456 -33.57 -25.10 -3.87
CA ASP M 456 -34.22 -25.44 -5.12
C ASP M 456 -35.56 -26.14 -4.93
N VAL M 457 -35.70 -26.94 -3.88
CA VAL M 457 -36.89 -27.76 -3.67
C VAL M 457 -37.47 -27.44 -2.30
N GLU M 458 -38.79 -27.26 -2.24
CA GLU M 458 -39.48 -26.99 -0.99
C GLU M 458 -40.90 -27.51 -1.06
N TYR M 459 -41.48 -27.75 0.10
CA TYR M 459 -42.85 -28.22 0.23
C TYR M 459 -43.65 -27.21 1.04
N ARG M 460 -44.79 -26.78 0.51
CA ARG M 460 -45.56 -25.71 1.13
C ARG M 460 -46.92 -26.16 1.65
N GLU M 461 -47.78 -26.70 0.79
CA GLU M 461 -49.08 -27.21 1.22
C GLU M 461 -49.39 -28.45 0.43
N PRO M 462 -50.34 -29.27 0.89
CA PRO M 462 -50.77 -30.41 0.09
C PRO M 462 -51.25 -30.00 -1.29
N ALA M 463 -50.91 -30.82 -2.28
CA ALA M 463 -51.20 -30.60 -3.68
C ALA M 463 -52.44 -31.38 -4.10
N PRO M 464 -53.04 -31.03 -5.25
CA PRO M 464 -54.17 -31.85 -5.74
C PRO M 464 -53.81 -33.31 -5.93
N TYR M 465 -52.58 -33.60 -6.36
CA TYR M 465 -52.08 -34.97 -6.43
C TYR M 465 -51.14 -35.18 -5.25
N VAL M 466 -51.44 -36.19 -4.43
CA VAL M 466 -50.72 -36.39 -3.18
C VAL M 466 -49.30 -36.90 -3.40
N HIS M 467 -48.99 -37.40 -4.59
CA HIS M 467 -47.68 -37.99 -4.85
C HIS M 467 -46.63 -36.97 -5.29
N ALA M 468 -47.04 -35.73 -5.59
CA ALA M 468 -46.14 -34.69 -6.07
C ALA M 468 -46.37 -33.43 -5.24
N GLN M 469 -45.64 -33.32 -4.14
CA GLN M 469 -45.77 -32.16 -3.26
C GLN M 469 -44.66 -31.13 -3.47
N ARG M 470 -43.58 -31.50 -4.16
CA ARG M 470 -42.44 -30.62 -4.28
C ARG M 470 -42.72 -29.43 -5.19
N TYR M 471 -42.09 -28.31 -4.86
CA TYR M 471 -42.10 -27.11 -5.69
C TYR M 471 -40.68 -26.82 -6.13
N ILE M 472 -40.47 -26.75 -7.44
CA ILE M 472 -39.16 -26.45 -8.01
C ILE M 472 -39.05 -24.96 -8.22
N ARG M 473 -37.87 -24.40 -7.95
CA ARG M 473 -37.64 -22.97 -8.13
C ARG M 473 -36.19 -22.76 -8.53
N TYR M 474 -35.96 -22.47 -9.81
CA TYR M 474 -34.62 -22.15 -10.28
C TYR M 474 -34.22 -20.76 -9.81
N CYS M 475 -32.98 -20.64 -9.35
CA CYS M 475 -32.39 -19.37 -8.91
C CYS M 475 -33.17 -18.72 -7.78
N GLY M 476 -33.98 -19.49 -7.05
CA GLY M 476 -34.74 -18.94 -5.96
C GLY M 476 -35.93 -18.11 -6.35
N ILE M 477 -36.29 -18.10 -7.63
CA ILE M 477 -37.42 -17.29 -8.08
C ILE M 477 -38.73 -17.96 -7.68
N ASP M 478 -39.61 -17.19 -7.05
CA ASP M 478 -40.90 -17.71 -6.60
C ASP M 478 -41.90 -17.65 -7.76
N SER M 479 -42.62 -18.74 -7.96
CA SER M 479 -43.60 -18.84 -9.04
C SER M 479 -44.98 -18.32 -8.65
N ARG M 480 -45.16 -17.87 -7.41
CA ARG M 480 -46.46 -17.38 -6.97
C ARG M 480 -46.76 -15.97 -7.43
N GLU M 481 -45.77 -15.24 -7.95
CA GLU M 481 -45.93 -13.85 -8.36
C GLU M 481 -45.78 -13.73 -9.86
N LEU M 482 -46.74 -13.06 -10.50
CA LEU M 482 -46.66 -12.80 -11.93
C LEU M 482 -45.66 -11.68 -12.22
N ILE M 483 -45.13 -11.68 -13.43
CA ILE M 483 -44.10 -10.73 -13.84
C ILE M 483 -44.47 -10.15 -15.20
N ASN M 484 -43.83 -9.03 -15.52
CA ASN M 484 -43.96 -8.40 -16.82
C ASN M 484 -42.61 -8.44 -17.54
N PRO M 485 -42.56 -8.92 -18.78
CA PRO M 485 -41.26 -9.06 -19.47
C PRO M 485 -40.53 -7.76 -19.67
N THR M 486 -41.24 -6.63 -19.75
CA THR M 486 -40.60 -5.37 -20.09
C THR M 486 -39.60 -4.92 -19.02
N THR M 487 -39.95 -5.07 -17.75
CA THR M 487 -39.15 -4.51 -16.67
C THR M 487 -38.63 -5.51 -15.67
N TYR M 488 -39.06 -6.77 -15.71
CA TYR M 488 -38.61 -7.74 -14.75
C TYR M 488 -37.15 -8.11 -14.98
N GLY M 489 -36.46 -8.46 -13.89
CA GLY M 489 -35.08 -8.92 -13.96
C GLY M 489 -34.03 -7.83 -13.89
N ILE M 490 -34.43 -6.56 -13.83
CA ILE M 490 -33.46 -5.47 -13.78
C ILE M 490 -32.93 -5.34 -12.36
N GLY M 491 -31.62 -5.43 -12.21
CA GLY M 491 -30.99 -5.23 -10.91
C GLY M 491 -31.30 -6.30 -9.87
N MET M 492 -31.30 -7.57 -10.25
CA MET M 492 -31.48 -8.66 -9.31
C MET M 492 -30.60 -9.82 -9.74
N THR M 493 -29.87 -10.40 -8.79
CA THR M 493 -28.89 -11.45 -9.09
C THR M 493 -29.00 -12.56 -8.07
N TYR M 494 -28.49 -13.72 -8.45
CA TYR M 494 -28.30 -14.84 -7.54
C TYR M 494 -26.81 -15.11 -7.35
N HIS M 495 -26.51 -16.02 -6.43
CA HIS M 495 -25.13 -16.17 -5.95
C HIS M 495 -24.19 -16.58 -7.06
N CYS M 496 -24.55 -17.62 -7.82
CA CYS M 496 -23.64 -18.16 -8.82
C CYS M 496 -23.32 -17.12 -9.91
N TYR M 497 -24.33 -16.41 -10.38
CA TYR M 497 -24.11 -15.40 -11.43
C TYR M 497 -23.22 -14.28 -10.92
N ASN M 498 -23.45 -13.81 -9.71
CA ASN M 498 -22.63 -12.74 -9.16
C ASN M 498 -21.18 -13.18 -8.98
N GLU M 499 -20.97 -14.38 -8.45
CA GLU M 499 -19.61 -14.89 -8.29
C GLU M 499 -18.93 -15.06 -9.63
N MET M 500 -19.65 -15.56 -10.63
CA MET M 500 -19.05 -15.74 -11.95
C MET M 500 -18.67 -14.40 -12.57
N LEU M 501 -19.53 -13.40 -12.42
CA LEU M 501 -19.20 -12.06 -12.92
C LEU M 501 -17.99 -11.48 -12.22
N ARG M 502 -17.90 -11.66 -10.90
CA ARG M 502 -16.75 -11.16 -10.16
C ARG M 502 -15.47 -11.84 -10.62
N MET M 503 -15.52 -13.17 -10.81
CA MET M 503 -14.36 -13.90 -11.29
C MET M 503 -13.97 -13.45 -12.69
N LEU M 504 -14.94 -13.25 -13.57
CA LEU M 504 -14.64 -12.86 -14.94
C LEU M 504 -14.03 -11.47 -15.01
N VAL M 505 -14.57 -10.52 -14.23
CA VAL M 505 -14.02 -9.18 -14.25
C VAL M 505 -12.65 -9.14 -13.56
N ALA M 506 -12.42 -10.04 -12.60
CA ALA M 506 -11.11 -10.08 -11.96
C ALA M 506 -10.02 -10.52 -12.92
N ALA M 507 -10.34 -11.39 -13.87
CA ALA M 507 -9.37 -11.86 -14.83
C ALA M 507 -9.00 -10.82 -15.87
N GLY M 508 -9.71 -9.70 -15.93
CA GLY M 508 -9.42 -8.65 -16.88
C GLY M 508 -10.18 -8.71 -18.19
N LYS M 509 -11.22 -9.55 -18.27
CA LYS M 509 -12.02 -9.67 -19.49
C LYS M 509 -13.23 -8.75 -19.34
N ASP M 510 -13.03 -7.48 -19.70
CA ASP M 510 -14.05 -6.47 -19.46
C ASP M 510 -15.23 -6.61 -20.42
N SER M 511 -14.95 -6.87 -21.70
CA SER M 511 -16.03 -6.95 -22.68
C SER M 511 -16.98 -8.10 -22.38
N GLU M 512 -16.43 -9.27 -22.05
CA GLU M 512 -17.27 -10.42 -21.74
C GLU M 512 -18.09 -10.17 -20.48
N ALA M 513 -17.49 -9.55 -19.46
CA ALA M 513 -18.22 -9.23 -18.25
C ALA M 513 -19.36 -8.26 -18.53
N ALA M 514 -19.11 -7.24 -19.36
CA ALA M 514 -20.17 -6.30 -19.71
C ALA M 514 -21.28 -6.99 -20.48
N TYR M 515 -20.94 -7.88 -21.41
CA TYR M 515 -21.95 -8.59 -22.18
C TYR M 515 -22.81 -9.46 -21.27
N PHE M 516 -22.16 -10.20 -20.35
CA PHE M 516 -22.93 -11.06 -19.45
C PHE M 516 -23.76 -10.26 -18.48
N ARG M 517 -23.30 -9.07 -18.08
CA ARG M 517 -24.11 -8.19 -17.25
C ARG M 517 -25.34 -7.69 -18.01
N SER M 518 -25.16 -7.38 -19.29
CA SER M 518 -26.28 -6.86 -20.09
C SER M 518 -27.35 -7.92 -20.32
N MET M 519 -26.96 -9.19 -20.42
CA MET M 519 -27.89 -10.26 -20.75
C MET M 519 -28.68 -10.75 -19.54
N LEU M 520 -28.39 -10.24 -18.35
CA LEU M 520 -28.99 -10.76 -17.13
C LEU M 520 -30.51 -10.70 -17.09
N PRO M 521 -31.17 -9.58 -17.44
CA PRO M 521 -32.64 -9.59 -17.39
C PRO M 521 -33.28 -10.64 -18.29
N PHE M 522 -32.71 -10.87 -19.47
CA PHE M 522 -33.22 -11.91 -20.36
C PHE M 522 -33.09 -13.28 -19.72
N HIS M 523 -31.97 -13.54 -19.05
CA HIS M 523 -31.75 -14.78 -18.33
C HIS M 523 -32.78 -14.97 -17.22
N MET M 524 -33.02 -13.92 -16.44
CA MET M 524 -33.97 -13.98 -15.36
C MET M 524 -35.38 -14.24 -15.88
N VAL M 525 -35.76 -13.57 -16.97
CA VAL M 525 -37.10 -13.76 -17.52
C VAL M 525 -37.26 -15.18 -18.06
N ARG M 526 -36.21 -15.71 -18.70
CA ARG M 526 -36.30 -17.06 -19.24
C ARG M 526 -36.49 -18.08 -18.12
N PHE M 527 -35.70 -17.99 -17.06
CA PHE M 527 -35.92 -18.93 -15.97
C PHE M 527 -37.22 -18.66 -15.22
N ALA M 528 -37.73 -17.43 -15.22
CA ALA M 528 -39.05 -17.19 -14.65
C ALA M 528 -40.12 -17.93 -15.43
N ARG M 529 -40.07 -17.85 -16.76
CA ARG M 529 -41.04 -18.57 -17.59
C ARG M 529 -40.92 -20.07 -17.38
N ILE M 530 -39.69 -20.58 -17.32
CA ILE M 530 -39.48 -22.01 -17.14
C ILE M 530 -40.04 -22.45 -15.78
N ASN M 531 -39.78 -21.67 -14.74
CA ASN M 531 -40.28 -22.01 -13.41
C ASN M 531 -41.80 -22.01 -13.38
N GLN M 532 -42.43 -21.02 -14.03
CA GLN M 532 -43.88 -20.98 -14.09
C GLN M 532 -44.43 -22.21 -14.80
N ILE M 533 -43.80 -22.59 -15.92
CA ILE M 533 -44.27 -23.74 -16.68
C ILE M 533 -44.15 -25.02 -15.85
N ILE M 534 -43.03 -25.20 -15.17
CA ILE M 534 -42.84 -26.41 -14.37
C ILE M 534 -43.83 -26.47 -13.22
N ASN M 535 -43.98 -25.37 -12.49
CA ASN M 535 -44.79 -25.40 -11.27
C ASN M 535 -46.29 -25.41 -11.57
N GLU M 536 -46.73 -24.80 -12.67
CA GLU M 536 -48.15 -24.58 -12.89
C GLU M 536 -48.77 -25.60 -13.84
N ASP M 537 -48.16 -25.85 -14.99
CA ASP M 537 -48.80 -26.64 -16.04
C ASP M 537 -48.52 -28.13 -15.92
N LEU M 538 -47.27 -28.51 -15.68
CA LEU M 538 -46.88 -29.92 -15.73
C LEU M 538 -47.30 -30.72 -14.49
N HIS M 539 -48.16 -30.20 -13.62
CA HIS M 539 -48.59 -30.95 -12.45
C HIS M 539 -49.64 -31.98 -12.86
N SER M 540 -49.26 -33.26 -12.83
CA SER M 540 -50.16 -34.34 -13.21
C SER M 540 -49.66 -35.63 -12.59
N VAL M 541 -50.47 -36.69 -12.73
CA VAL M 541 -50.09 -38.00 -12.22
C VAL M 541 -48.86 -38.52 -12.95
N PHE M 542 -48.68 -38.13 -14.21
CA PHE M 542 -47.55 -38.59 -14.99
C PHE M 542 -46.23 -37.98 -14.54
N SER M 543 -46.26 -36.99 -13.66
CA SER M 543 -45.03 -36.47 -13.08
C SER M 543 -44.43 -37.48 -12.11
N LEU M 544 -43.11 -37.47 -12.02
CA LEU M 544 -42.41 -38.44 -11.18
C LEU M 544 -42.76 -38.21 -9.70
N PRO M 545 -43.04 -39.27 -8.95
CA PRO M 545 -43.35 -39.11 -7.53
C PRO M 545 -42.13 -38.67 -6.74
N ASP M 546 -42.40 -38.13 -5.55
CA ASP M 546 -41.35 -37.53 -4.74
C ASP M 546 -40.30 -38.56 -4.30
N ASP M 547 -40.75 -39.76 -3.94
CA ASP M 547 -39.81 -40.77 -3.43
C ASP M 547 -38.80 -41.16 -4.50
N MET M 548 -39.25 -41.37 -5.74
CA MET M 548 -38.33 -41.69 -6.82
C MET M 548 -37.50 -40.48 -7.22
N PHE M 549 -38.06 -39.27 -7.13
CA PHE M 549 -37.32 -38.07 -7.47
C PHE M 549 -36.15 -37.85 -6.52
N ASN M 550 -36.36 -38.10 -5.23
CA ASN M 550 -35.31 -37.84 -4.26
C ASN M 550 -34.13 -38.80 -4.42
N ALA M 551 -34.37 -40.00 -4.94
CA ALA M 551 -33.33 -41.02 -5.04
C ALA M 551 -32.61 -40.99 -6.38
N LEU M 552 -32.93 -40.06 -7.27
CA LEU M 552 -32.27 -40.03 -8.57
C LEU M 552 -30.79 -39.67 -8.44
N LEU M 553 -30.49 -38.58 -7.72
CA LEU M 553 -29.10 -38.15 -7.59
C LEU M 553 -28.25 -39.16 -6.82
N PRO M 554 -28.66 -39.66 -5.64
CA PRO M 554 -27.80 -40.64 -4.96
C PRO M 554 -27.57 -41.91 -5.78
N ASP M 555 -28.57 -42.35 -6.54
CA ASP M 555 -28.38 -43.52 -7.38
C ASP M 555 -27.32 -43.27 -8.46
N LEU M 556 -27.36 -42.07 -9.07
CA LEU M 556 -26.35 -41.73 -10.06
C LEU M 556 -24.96 -41.63 -9.43
N ILE M 557 -24.89 -41.10 -8.21
CA ILE M 557 -23.60 -41.00 -7.53
C ILE M 557 -23.03 -42.38 -7.24
N ALA M 558 -23.87 -43.28 -6.69
CA ALA M 558 -23.40 -44.61 -6.37
C ALA M 558 -23.26 -45.50 -7.60
N GLY M 559 -24.09 -45.27 -8.63
CA GLY M 559 -24.05 -46.08 -9.83
C GLY M 559 -24.78 -47.40 -9.75
N ALA M 560 -25.43 -47.70 -8.63
CA ALA M 560 -26.18 -48.95 -8.48
C ALA M 560 -27.63 -48.76 -8.96
N HIS M 561 -27.76 -48.54 -10.27
CA HIS M 561 -29.06 -48.27 -10.85
C HIS M 561 -29.97 -49.49 -10.74
N GLN M 562 -31.05 -49.34 -9.99
CA GLN M 562 -32.07 -50.38 -9.88
C GLN M 562 -33.43 -49.93 -10.37
N ASN M 563 -33.77 -48.65 -10.24
CA ASN M 563 -35.00 -48.12 -10.80
C ASN M 563 -34.80 -47.78 -12.28
N ALA M 564 -35.78 -47.11 -12.86
CA ALA M 564 -35.66 -46.70 -14.26
C ALA M 564 -34.56 -45.65 -14.40
N ASP M 565 -33.65 -45.89 -15.36
CA ASP M 565 -32.54 -44.98 -15.57
C ASP M 565 -33.01 -43.73 -16.31
N PRO M 566 -32.44 -42.58 -15.99
CA PRO M 566 -32.80 -41.35 -16.70
C PRO M 566 -32.33 -41.39 -18.15
N VAL M 567 -33.07 -40.69 -19.00
CA VAL M 567 -32.75 -40.64 -20.43
C VAL M 567 -31.62 -39.64 -20.65
N VAL M 568 -30.62 -40.06 -21.42
CA VAL M 568 -29.46 -39.23 -21.74
C VAL M 568 -29.59 -38.78 -23.20
N LEU M 569 -29.32 -37.50 -23.44
CA LEU M 569 -29.41 -36.93 -24.78
C LEU M 569 -28.10 -36.27 -25.16
N ASP M 570 -27.80 -36.30 -26.46
CA ASP M 570 -26.58 -35.73 -27.00
C ASP M 570 -26.77 -34.26 -27.34
N VAL M 571 -25.68 -33.49 -27.23
CA VAL M 571 -25.70 -32.07 -27.52
C VAL M 571 -24.31 -31.64 -27.97
N SER M 572 -24.25 -30.57 -28.75
CA SER M 572 -23.01 -30.07 -29.30
C SER M 572 -22.59 -28.78 -28.59
N TRP M 573 -21.42 -28.26 -28.97
CA TRP M 573 -20.89 -27.06 -28.32
C TRP M 573 -21.67 -25.82 -28.71
N ILE M 574 -21.94 -25.64 -30.00
CA ILE M 574 -22.65 -24.45 -30.48
C ILE M 574 -24.07 -24.41 -29.93
N SER M 575 -24.64 -25.56 -29.62
CA SER M 575 -25.99 -25.61 -29.09
C SER M 575 -26.10 -24.93 -27.74
N LEU M 576 -25.04 -24.99 -26.92
CA LEU M 576 -25.07 -24.31 -25.63
C LEU M 576 -25.18 -22.80 -25.82
N TRP M 577 -24.39 -22.24 -26.75
CA TRP M 577 -24.47 -20.82 -27.04
C TRP M 577 -25.84 -20.45 -27.58
N PHE M 578 -26.36 -21.25 -28.50
CA PHE M 578 -27.66 -20.93 -29.09
C PHE M 578 -28.77 -20.99 -28.05
N ALA M 579 -28.71 -21.97 -27.15
CA ALA M 579 -29.68 -22.05 -26.07
C ALA M 579 -29.57 -20.85 -25.13
N PHE M 580 -28.35 -20.45 -24.78
CA PHE M 580 -28.18 -19.27 -23.95
C PHE M 580 -28.65 -18.00 -24.65
N ASN M 581 -28.70 -18.00 -25.97
CA ASN M 581 -29.13 -16.83 -26.74
C ASN M 581 -30.54 -17.02 -27.31
N ARG M 582 -31.37 -17.83 -26.64
CA ARG M 582 -32.76 -18.01 -27.02
C ARG M 582 -33.59 -18.22 -25.77
N SER M 583 -34.90 -17.98 -25.90
CA SER M 583 -35.84 -18.15 -24.79
C SER M 583 -37.12 -18.77 -25.30
N PHE M 584 -37.86 -19.38 -24.37
CA PHE M 584 -39.14 -20.02 -24.67
C PHE M 584 -40.26 -19.15 -24.13
N GLU M 585 -41.17 -18.74 -25.00
CA GLU M 585 -42.31 -17.91 -24.60
C GLU M 585 -43.61 -18.63 -24.91
N PRO M 586 -44.40 -19.02 -23.91
CA PRO M 586 -45.66 -19.72 -24.19
C PRO M 586 -46.71 -18.79 -24.79
N THR M 587 -47.04 -19.01 -26.07
CA THR M 587 -48.05 -18.18 -26.72
C THR M 587 -49.42 -18.40 -26.09
N HIS M 588 -49.84 -19.65 -25.97
CA HIS M 588 -51.11 -19.97 -25.33
C HIS M 588 -51.06 -21.42 -24.85
N ARG M 589 -51.97 -21.74 -23.94
CA ARG M 589 -51.94 -23.03 -23.26
C ARG M 589 -52.37 -24.15 -24.20
N ASN M 590 -52.12 -25.39 -23.75
CA ASN M 590 -52.45 -26.56 -24.54
C ASN M 590 -53.96 -26.72 -24.69
N GLU M 591 -54.37 -27.29 -25.82
CA GLU M 591 -55.79 -27.50 -26.08
C GLU M 591 -56.39 -28.50 -25.10
N MET M 592 -55.63 -29.53 -24.74
CA MET M 592 -56.12 -30.62 -23.91
C MET M 592 -55.75 -30.45 -22.45
N LEU M 593 -55.27 -29.27 -22.05
CA LEU M 593 -54.93 -29.03 -20.66
C LEU M 593 -56.15 -29.11 -19.75
N GLU M 594 -57.30 -28.66 -20.24
CA GLU M 594 -58.50 -28.59 -19.40
C GLU M 594 -59.13 -29.95 -19.18
N VAL M 595 -58.86 -30.91 -20.07
CA VAL M 595 -59.57 -32.19 -20.06
C VAL M 595 -58.67 -33.35 -19.68
N ALA M 596 -57.48 -33.07 -19.13
CA ALA M 596 -56.57 -34.14 -18.73
C ALA M 596 -57.13 -35.08 -17.66
N PRO M 597 -57.74 -34.59 -16.57
CA PRO M 597 -58.14 -35.52 -15.49
C PRO M 597 -59.08 -36.62 -15.94
N LEU M 598 -60.01 -36.32 -16.86
CA LEU M 598 -60.91 -37.38 -17.34
C LEU M 598 -60.14 -38.47 -18.08
N ILE M 599 -59.15 -38.07 -18.89
CA ILE M 599 -58.33 -39.06 -19.58
C ILE M 599 -57.55 -39.90 -18.59
N GLU M 600 -56.97 -39.26 -17.57
CA GLU M 600 -56.23 -40.00 -16.56
C GLU M 600 -57.13 -41.00 -15.83
N SER M 601 -58.34 -40.55 -15.48
CA SER M 601 -59.27 -41.43 -14.77
C SER M 601 -59.69 -42.61 -15.62
N VAL M 602 -59.97 -42.37 -16.90
CA VAL M 602 -60.41 -43.48 -17.76
C VAL M 602 -59.26 -44.45 -17.99
N TYR M 603 -58.03 -43.96 -18.09
CA TYR M 603 -56.87 -44.84 -18.23
C TYR M 603 -56.71 -45.72 -17.00
N ALA M 604 -56.80 -45.12 -15.81
CA ALA M 604 -56.69 -45.89 -14.58
C ALA M 604 -57.83 -46.90 -14.46
N SER M 605 -59.04 -46.51 -14.84
CA SER M 605 -60.18 -47.41 -14.78
C SER M 605 -59.98 -48.60 -15.71
N GLU M 606 -59.47 -48.37 -16.92
CA GLU M 606 -59.21 -49.48 -17.84
C GLU M 606 -58.15 -50.42 -17.29
N LEU M 607 -57.09 -49.86 -16.69
CA LEU M 607 -56.08 -50.73 -16.09
C LEU M 607 -56.68 -51.58 -14.97
N SER M 608 -57.51 -50.98 -14.13
CA SER M 608 -58.14 -51.73 -13.05
C SER M 608 -59.06 -52.82 -13.60
N VAL M 609 -59.79 -52.51 -14.67
CA VAL M 609 -60.67 -53.50 -15.28
C VAL M 609 -59.87 -54.68 -15.80
N MET M 610 -58.74 -54.41 -16.47
CA MET M 610 -57.91 -55.52 -16.95
C MET M 610 -57.38 -56.36 -15.80
N LYS M 611 -56.96 -55.70 -14.71
CA LYS M 611 -56.45 -56.44 -13.56
C LYS M 611 -57.53 -57.36 -12.97
N VAL M 612 -58.74 -56.83 -12.78
CA VAL M 612 -59.79 -57.65 -12.19
C VAL M 612 -60.21 -58.76 -13.14
N ASP M 613 -60.14 -58.52 -14.46
CA ASP M 613 -60.43 -59.58 -15.42
C ASP M 613 -59.40 -60.70 -15.30
N MET M 614 -58.12 -60.36 -15.15
CA MET M 614 -57.10 -61.38 -14.95
C MET M 614 -57.37 -62.18 -13.68
N ARG M 615 -57.70 -61.49 -12.60
CA ARG M 615 -57.96 -62.19 -11.34
C ARG M 615 -59.14 -63.15 -11.49
N HIS M 616 -60.23 -62.70 -12.12
CA HIS M 616 -61.39 -63.55 -12.28
C HIS M 616 -61.12 -64.72 -13.21
N LEU M 617 -60.30 -64.51 -14.24
CA LEU M 617 -59.93 -65.63 -15.11
C LEU M 617 -59.15 -66.68 -14.33
N SER M 618 -58.20 -66.24 -13.51
CA SER M 618 -57.43 -67.20 -12.72
C SER M 618 -58.34 -67.96 -11.76
N LEU M 619 -59.25 -67.26 -11.09
CA LEU M 619 -60.15 -67.93 -10.16
C LEU M 619 -61.06 -68.93 -10.89
N MET M 620 -61.58 -68.54 -12.06
CA MET M 620 -62.44 -69.45 -12.81
C MET M 620 -61.68 -70.68 -13.27
N GLN M 621 -60.45 -70.50 -13.74
CA GLN M 621 -59.64 -71.65 -14.15
C GLN M 621 -59.37 -72.57 -12.97
N ARG M 622 -59.12 -72.01 -11.79
CA ARG M 622 -58.94 -72.85 -10.61
C ARG M 622 -60.22 -73.56 -10.20
N ARG M 623 -61.38 -72.94 -10.49
CA ARG M 623 -62.64 -73.48 -9.96
C ARG M 623 -63.00 -74.81 -10.60
N PHE M 624 -62.83 -74.95 -11.93
CA PHE M 624 -63.23 -76.15 -12.65
C PHE M 624 -62.04 -76.68 -13.45
N PRO M 625 -61.08 -77.33 -12.80
CA PRO M 625 -59.94 -77.89 -13.54
C PRO M 625 -60.29 -79.11 -14.37
N ASP M 626 -61.42 -79.78 -14.08
CA ASP M 626 -61.73 -81.03 -14.76
C ASP M 626 -62.08 -80.81 -16.23
N VAL M 627 -62.80 -79.73 -16.55
CA VAL M 627 -63.25 -79.49 -17.91
C VAL M 627 -62.53 -78.33 -18.58
N LEU M 628 -62.08 -77.34 -17.81
CA LEU M 628 -61.39 -76.19 -18.40
C LEU M 628 -59.98 -76.58 -18.81
N ILE M 629 -59.54 -76.04 -19.95
CA ILE M 629 -58.23 -76.38 -20.48
C ILE M 629 -57.15 -75.68 -19.68
N GLN M 630 -56.16 -76.43 -19.23
CA GLN M 630 -55.03 -75.86 -18.52
C GLN M 630 -54.24 -74.93 -19.44
N ALA M 631 -53.87 -73.77 -18.92
CA ALA M 631 -53.15 -72.78 -19.70
C ALA M 631 -52.26 -71.95 -18.80
N ARG M 632 -51.27 -71.31 -19.41
CA ARG M 632 -50.32 -70.44 -18.75
C ARG M 632 -50.80 -69.00 -18.78
N PRO M 633 -50.32 -68.15 -17.86
CA PRO M 633 -50.79 -66.76 -17.82
C PRO M 633 -50.57 -65.99 -19.10
N SER M 634 -49.50 -66.29 -19.84
CA SER M 634 -49.24 -65.60 -21.10
C SER M 634 -50.33 -65.87 -22.13
N HIS M 635 -51.13 -66.91 -21.94
CA HIS M 635 -52.22 -67.20 -22.87
C HIS M 635 -53.42 -66.30 -22.62
N PHE M 636 -54.01 -66.37 -21.43
CA PHE M 636 -55.21 -65.59 -21.20
C PHE M 636 -54.92 -64.11 -20.96
N TRP M 637 -53.69 -63.73 -20.59
CA TRP M 637 -53.38 -62.31 -20.60
C TRP M 637 -53.42 -61.76 -22.02
N LYS M 638 -52.85 -62.50 -22.97
CA LYS M 638 -52.95 -62.11 -24.38
C LYS M 638 -54.40 -62.11 -24.84
N ALA M 639 -55.19 -63.08 -24.37
CA ALA M 639 -56.61 -63.10 -24.71
C ALA M 639 -57.33 -61.85 -24.23
N VAL M 640 -57.03 -61.42 -22.99
CA VAL M 640 -57.64 -60.19 -22.46
C VAL M 640 -57.17 -58.99 -23.27
N LEU M 641 -55.86 -58.92 -23.55
CA LEU M 641 -55.33 -57.78 -24.29
C LEU M 641 -55.92 -57.70 -25.70
N ASN M 642 -56.32 -58.84 -26.27
CA ASN M 642 -56.94 -58.84 -27.58
C ASN M 642 -58.26 -58.08 -27.60
N ASP M 643 -58.96 -58.01 -26.47
CA ASP M 643 -60.26 -57.36 -26.39
C ASP M 643 -60.21 -55.96 -25.80
N SER M 644 -59.07 -55.56 -25.24
CA SER M 644 -58.95 -54.24 -24.63
C SER M 644 -59.06 -53.16 -25.71
N PRO M 645 -59.55 -51.96 -25.34
CA PRO M 645 -59.62 -50.87 -26.31
C PRO M 645 -58.25 -50.53 -26.90
N GLU M 646 -58.25 -50.16 -28.17
CA GLU M 646 -56.99 -49.93 -28.89
C GLU M 646 -56.25 -48.71 -28.35
N ALA M 647 -56.99 -47.68 -27.90
CA ALA M 647 -56.33 -46.47 -27.42
C ALA M 647 -55.45 -46.74 -26.21
N VAL M 648 -55.96 -47.53 -25.26
CA VAL M 648 -55.18 -47.85 -24.06
C VAL M 648 -53.96 -48.68 -24.42
N LYS M 649 -54.11 -49.63 -25.34
CA LYS M 649 -52.97 -50.43 -25.77
C LYS M 649 -51.90 -49.57 -26.43
N ALA M 650 -52.33 -48.63 -27.28
CA ALA M 650 -51.37 -47.74 -27.93
C ALA M 650 -50.68 -46.84 -26.92
N VAL M 651 -51.42 -46.36 -25.91
CA VAL M 651 -50.82 -45.53 -24.89
C VAL M 651 -49.77 -46.31 -24.10
N MET M 652 -50.11 -47.54 -23.73
CA MET M 652 -49.24 -48.35 -22.86
C MET M 652 -48.09 -48.99 -23.62
N ASN M 653 -48.17 -49.07 -24.95
CA ASN M 653 -47.14 -49.72 -25.75
C ASN M 653 -46.16 -48.72 -26.37
N LEU M 654 -45.98 -47.56 -25.73
CA LEU M 654 -45.05 -46.57 -26.23
C LEU M 654 -43.60 -46.86 -25.85
N SER M 655 -43.37 -47.79 -24.93
CA SER M 655 -42.01 -48.13 -24.52
C SER M 655 -41.36 -49.07 -25.52
N ASN M 662 -42.24 -59.31 -19.26
CA ASN M 662 -42.01 -60.71 -18.93
C ASN M 662 -43.22 -61.32 -18.23
N ILE M 663 -42.98 -62.35 -17.43
CA ILE M 663 -44.06 -63.04 -16.73
C ILE M 663 -43.96 -62.76 -15.24
N ARG M 664 -42.74 -62.67 -14.72
CA ARG M 664 -42.54 -62.39 -13.31
C ARG M 664 -43.11 -61.02 -12.94
N ASP M 665 -42.78 -60.00 -13.74
CA ASP M 665 -43.33 -58.67 -13.50
C ASP M 665 -44.83 -58.64 -13.69
N MET M 666 -45.35 -59.42 -14.65
CA MET M 666 -46.79 -59.49 -14.83
C MET M 666 -47.49 -60.05 -13.59
N MET M 667 -46.94 -61.12 -13.03
CA MET M 667 -47.51 -61.69 -11.81
C MET M 667 -47.40 -60.71 -10.64
N ARG M 668 -46.27 -60.01 -10.54
CA ARG M 668 -46.11 -59.02 -9.47
C ARG M 668 -47.14 -57.92 -9.61
N TRP M 669 -47.39 -57.45 -10.83
CA TRP M 669 -48.40 -56.42 -11.05
C TRP M 669 -49.80 -56.93 -10.75
N VAL M 670 -50.09 -58.17 -11.10
CA VAL M 670 -51.40 -58.75 -10.81
C VAL M 670 -51.64 -58.84 -9.31
N MET M 671 -50.62 -59.26 -8.56
CA MET M 671 -50.76 -59.45 -7.13
C MET M 671 -50.90 -58.14 -6.35
N LEU M 672 -50.69 -56.99 -6.98
CA LEU M 672 -50.80 -55.73 -6.27
C LEU M 672 -52.26 -55.47 -5.86
N PRO M 673 -52.49 -54.88 -4.69
CA PRO M 673 -53.85 -54.69 -4.19
C PRO M 673 -54.48 -53.34 -4.50
N SER M 674 -53.84 -52.48 -5.28
CA SER M 674 -54.36 -51.15 -5.57
C SER M 674 -55.37 -51.24 -6.71
N LEU M 675 -56.59 -50.78 -6.46
CA LEU M 675 -57.67 -50.82 -7.44
C LEU M 675 -58.26 -49.42 -7.59
N GLN M 676 -58.87 -49.18 -8.74
CA GLN M 676 -59.51 -47.91 -9.05
C GLN M 676 -61.01 -48.10 -9.23
N PRO M 677 -61.85 -47.61 -8.31
CA PRO M 677 -63.29 -47.77 -8.47
C PRO M 677 -63.81 -47.05 -9.71
N SER M 678 -64.81 -47.65 -10.34
CA SER M 678 -65.45 -47.09 -11.52
C SER M 678 -66.74 -47.83 -11.78
N LEU M 679 -67.62 -47.21 -12.59
CA LEU M 679 -68.85 -47.87 -12.98
C LEU M 679 -68.58 -49.12 -13.81
N LYS M 680 -67.60 -49.04 -14.71
CA LYS M 680 -67.28 -50.19 -15.55
C LYS M 680 -66.84 -51.37 -14.71
N LEU M 681 -66.01 -51.12 -13.68
CA LEU M 681 -65.62 -52.20 -12.78
C LEU M 681 -66.81 -52.75 -12.01
N ALA M 682 -67.72 -51.87 -11.58
CA ALA M 682 -68.90 -52.31 -10.84
C ALA M 682 -69.77 -53.23 -11.68
N LEU M 683 -69.91 -52.92 -12.96
CA LEU M 683 -70.67 -53.81 -13.85
C LEU M 683 -69.88 -55.08 -14.18
N GLU M 684 -68.57 -54.96 -14.33
CA GLU M 684 -67.75 -56.11 -14.73
C GLU M 684 -67.71 -57.17 -13.62
N GLU M 685 -67.62 -56.75 -12.37
CA GLU M 685 -67.59 -57.73 -11.28
C GLU M 685 -68.92 -58.48 -11.21
N GLU M 686 -70.04 -57.77 -11.40
CA GLU M 686 -71.33 -58.44 -11.40
C GLU M 686 -71.46 -59.40 -12.59
N ALA M 687 -70.95 -58.99 -13.76
CA ALA M 687 -70.97 -59.88 -14.91
C ALA M 687 -70.15 -61.15 -14.65
N TRP M 688 -68.97 -60.99 -14.04
CA TRP M 688 -68.15 -62.15 -13.71
C TRP M 688 -68.85 -63.05 -12.70
N ALA M 689 -69.52 -62.46 -11.71
CA ALA M 689 -70.26 -63.26 -10.74
C ALA M 689 -71.39 -64.03 -11.43
N ALA M 690 -72.10 -63.37 -12.35
CA ALA M 690 -73.16 -64.05 -13.10
C ALA M 690 -72.60 -65.09 -14.07
N ALA M 691 -71.32 -65.01 -14.41
CA ALA M 691 -70.71 -65.96 -15.32
C ALA M 691 -70.35 -67.29 -14.65
N ASN M 692 -70.63 -67.44 -13.35
CA ASN M 692 -70.30 -68.68 -12.65
C ASN M 692 -71.09 -69.87 -13.19
N ASP M 693 -72.21 -69.63 -13.87
CA ASP M 693 -73.01 -70.69 -14.45
C ASP M 693 -72.67 -70.82 -15.93
N PHE M 694 -72.16 -71.98 -16.33
CA PHE M 694 -71.80 -72.19 -17.72
C PHE M 694 -73.04 -72.22 -18.62
N GLU M 695 -74.19 -72.58 -18.05
CA GLU M 695 -75.42 -72.59 -18.85
C GLU M 695 -75.79 -71.18 -19.29
N ASP M 696 -75.54 -70.18 -18.43
CA ASP M 696 -75.74 -68.80 -18.82
C ASP M 696 -74.85 -68.43 -20.00
N LEU M 697 -73.68 -69.07 -20.11
CA LEU M 697 -72.84 -68.94 -21.29
C LEU M 697 -73.14 -69.99 -22.36
N MET M 698 -74.03 -70.93 -22.06
CA MET M 698 -74.37 -72.04 -22.97
C MET M 698 -73.14 -72.83 -23.41
N LEU M 699 -72.25 -73.11 -22.45
CA LEU M 699 -71.17 -74.07 -22.65
C LEU M 699 -71.45 -75.26 -21.75
N THR M 700 -71.59 -76.44 -22.35
CA THR M 700 -72.02 -77.62 -21.59
C THR M 700 -71.16 -78.81 -21.96
N ASP M 701 -71.11 -79.77 -21.03
CA ASP M 701 -70.44 -81.03 -21.23
C ASP M 701 -71.38 -82.22 -21.10
N GLN M 702 -72.66 -81.99 -20.83
CA GLN M 702 -73.63 -83.07 -20.64
C GLN M 702 -74.29 -83.41 -21.98
N VAL M 703 -73.51 -84.06 -22.83
CA VAL M 703 -73.97 -84.51 -24.13
C VAL M 703 -74.14 -86.02 -24.09
N TYR M 704 -75.34 -86.49 -24.38
CA TYR M 704 -75.67 -87.90 -24.33
C TYR M 704 -76.01 -88.42 -25.72
N MET M 705 -75.91 -89.74 -25.87
CA MET M 705 -76.22 -90.42 -27.12
C MET M 705 -77.20 -91.54 -26.81
N HIS M 706 -78.32 -91.58 -27.53
CA HIS M 706 -79.34 -92.60 -27.28
C HIS M 706 -80.21 -92.71 -28.52
N ARG M 707 -80.34 -93.93 -29.04
CA ARG M 707 -81.09 -94.14 -30.28
C ARG M 707 -82.57 -93.88 -30.06
N ASP M 708 -83.16 -93.05 -30.93
CA ASP M 708 -84.55 -92.64 -30.79
C ASP M 708 -85.19 -92.53 -32.16
N MET M 709 -86.52 -92.42 -32.14
CA MET M 709 -87.34 -92.39 -33.34
C MET M 709 -87.78 -90.96 -33.67
N LEU M 710 -87.81 -90.66 -34.96
CA LEU M 710 -88.53 -89.48 -35.43
C LEU M 710 -90.01 -89.78 -35.43
N PRO M 711 -90.85 -89.00 -34.75
CA PRO M 711 -92.26 -89.35 -34.62
C PRO M 711 -92.97 -89.39 -35.97
N GLU M 712 -93.90 -90.34 -36.11
CA GLU M 712 -94.74 -90.46 -37.30
C GLU M 712 -96.18 -90.26 -36.89
N PRO M 713 -96.75 -89.09 -37.13
CA PRO M 713 -98.11 -88.81 -36.64
C PRO M 713 -99.15 -89.66 -37.37
N ARG M 714 -100.26 -89.89 -36.66
CA ARG M 714 -101.37 -90.65 -37.23
C ARG M 714 -101.96 -89.94 -38.45
N LEU M 715 -102.27 -88.66 -38.29
CA LEU M 715 -102.77 -87.82 -39.39
C LEU M 715 -104.03 -88.39 -40.01
N ASP M 716 -104.88 -89.00 -39.18
CA ASP M 716 -106.16 -89.50 -39.67
C ASP M 716 -107.26 -88.45 -39.59
N ASP M 717 -107.22 -87.58 -38.59
CA ASP M 717 -108.12 -86.43 -38.46
C ASP M 717 -107.20 -85.21 -38.44
N ILE M 718 -107.02 -84.60 -39.61
CA ILE M 718 -106.02 -83.55 -39.75
C ILE M 718 -106.37 -82.32 -38.92
N GLU M 719 -107.66 -81.99 -38.81
CA GLU M 719 -108.05 -80.84 -38.00
C GLU M 719 -107.70 -81.05 -36.53
N ARG M 720 -107.97 -82.25 -36.01
CA ARG M 720 -107.65 -82.55 -34.62
C ARG M 720 -106.15 -82.48 -34.36
N PHE M 721 -105.34 -83.02 -35.28
CA PHE M 721 -103.90 -82.95 -35.13
C PHE M 721 -103.40 -81.51 -35.21
N ARG M 722 -103.99 -80.72 -36.12
CA ARG M 722 -103.57 -79.33 -36.27
C ARG M 722 -103.90 -78.51 -35.04
N GLN M 723 -105.04 -78.79 -34.41
CA GLN M 723 -105.44 -78.02 -33.22
C GLN M 723 -104.46 -78.25 -32.07
N GLU M 724 -104.00 -79.49 -31.90
CA GLU M 724 -103.06 -79.83 -30.82
C GLU M 724 -101.64 -79.63 -31.33
N GLY M 725 -100.94 -78.65 -30.76
CA GLY M 725 -99.58 -78.39 -31.18
C GLY M 725 -98.68 -79.59 -30.92
N PHE M 726 -97.84 -79.90 -31.90
CA PHE M 726 -96.91 -81.02 -31.81
C PHE M 726 -95.54 -80.59 -32.29
N TYR M 727 -94.50 -81.05 -31.61
CA TYR M 727 -93.13 -80.69 -31.96
C TYR M 727 -92.18 -81.71 -31.34
N TYR M 728 -90.97 -81.75 -31.89
CA TYR M 728 -89.93 -82.67 -31.42
C TYR M 728 -88.62 -81.91 -31.28
N THR M 729 -87.90 -82.20 -30.20
CA THR M 729 -86.66 -81.51 -29.88
C THR M 729 -85.59 -82.50 -29.47
N ASN M 730 -84.34 -82.06 -29.53
CA ASN M 730 -83.23 -82.80 -28.96
C ASN M 730 -83.10 -82.56 -27.46
N MET M 731 -83.84 -81.60 -26.91
CA MET M 731 -83.73 -81.26 -25.50
C MET M 731 -84.25 -82.39 -24.63
N LEU M 732 -83.68 -82.52 -23.44
CA LEU M 732 -84.10 -83.50 -22.46
C LEU M 732 -84.79 -82.77 -21.31
N GLU M 733 -86.02 -83.19 -21.00
CA GLU M 733 -86.75 -82.58 -19.89
C GLU M 733 -86.03 -82.82 -18.57
N ALA M 734 -85.51 -84.03 -18.36
CA ALA M 734 -84.76 -84.39 -17.17
C ALA M 734 -83.54 -85.18 -17.60
N PRO M 735 -82.46 -85.14 -16.82
CA PRO M 735 -81.29 -85.95 -17.14
C PRO M 735 -81.64 -87.42 -17.06
N PRO M 736 -80.99 -88.26 -17.86
CA PRO M 736 -81.31 -89.69 -17.86
C PRO M 736 -81.06 -90.31 -16.49
N GLU M 737 -81.90 -91.30 -16.16
CA GLU M 737 -81.82 -91.93 -14.85
C GLU M 737 -80.49 -92.62 -14.65
N ILE M 738 -79.98 -92.56 -13.41
CA ILE M 738 -78.71 -93.21 -13.11
C ILE M 738 -78.88 -94.73 -13.18
N ASP M 739 -77.75 -95.42 -13.37
CA ASP M 739 -77.63 -96.87 -13.55
C ASP M 739 -78.16 -97.32 -14.91
N ARG M 740 -78.75 -96.42 -15.69
CA ARG M 740 -79.13 -96.71 -17.07
C ARG M 740 -78.15 -96.10 -18.07
N VAL M 741 -77.10 -95.44 -17.58
CA VAL M 741 -76.14 -94.74 -18.43
C VAL M 741 -74.74 -95.22 -18.07
N VAL M 742 -73.88 -95.26 -19.08
CA VAL M 742 -72.48 -95.63 -18.92
C VAL M 742 -71.63 -94.39 -19.20
N GLN M 743 -70.52 -94.27 -18.47
CA GLN M 743 -69.65 -93.10 -18.54
C GLN M 743 -68.41 -93.44 -19.34
N TYR M 744 -68.07 -92.58 -20.30
CA TYR M 744 -66.90 -92.75 -21.16
C TYR M 744 -66.01 -91.53 -21.10
N THR M 745 -64.76 -91.71 -21.50
CA THR M 745 -63.79 -90.64 -21.60
C THR M 745 -62.76 -91.01 -22.67
N TYR M 746 -61.71 -90.21 -22.78
CA TYR M 746 -60.68 -90.47 -23.79
C TYR M 746 -59.95 -91.78 -23.51
N GLU M 747 -59.54 -92.00 -22.26
CA GLU M 747 -58.73 -93.17 -21.94
C GLU M 747 -59.54 -94.46 -22.03
N ILE M 748 -60.81 -94.42 -21.64
CA ILE M 748 -61.67 -95.60 -21.78
C ILE M 748 -61.82 -95.96 -23.25
N ALA M 749 -62.07 -94.96 -24.10
CA ALA M 749 -62.21 -95.22 -25.53
C ALA M 749 -60.92 -95.76 -26.12
N ARG M 750 -59.78 -95.21 -25.70
CA ARG M 750 -58.50 -95.70 -26.20
C ARG M 750 -58.25 -97.13 -25.76
N LEU M 751 -58.58 -97.46 -24.52
CA LEU M 751 -58.41 -98.84 -24.05
C LEU M 751 -59.31 -99.79 -24.83
N GLN M 752 -60.55 -99.38 -25.11
CA GLN M 752 -61.45 -100.21 -25.90
C GLN M 752 -60.93 -100.40 -27.31
N ALA M 753 -60.40 -99.32 -27.92
CA ALA M 753 -59.85 -99.41 -29.27
C ALA M 753 -58.56 -100.23 -29.31
N ASN M 754 -57.87 -100.36 -28.18
CA ASN M 754 -56.66 -101.18 -28.14
C ASN M 754 -56.95 -102.64 -28.42
N MET M 755 -58.19 -103.08 -28.19
CA MET M 755 -58.60 -104.45 -28.49
C MET M 755 -59.65 -104.52 -29.59
N GLY M 756 -60.02 -103.39 -30.19
CA GLY M 756 -61.01 -103.39 -31.24
C GLY M 756 -62.44 -103.53 -30.77
N GLN M 757 -62.70 -103.36 -29.48
CA GLN M 757 -64.03 -103.52 -28.93
C GLN M 757 -64.80 -102.21 -28.82
N PHE M 758 -64.22 -101.10 -29.28
CA PHE M 758 -64.88 -99.80 -29.15
C PHE M 758 -66.20 -99.78 -29.92
N ARG M 759 -66.14 -100.00 -31.24
CA ARG M 759 -67.34 -100.04 -32.04
C ARG M 759 -68.27 -101.17 -31.61
N ALA M 760 -67.71 -102.32 -31.27
CA ALA M 760 -68.53 -103.44 -30.82
C ALA M 760 -69.26 -103.10 -29.53
N ALA M 761 -68.57 -102.48 -28.57
CA ALA M 761 -69.22 -102.10 -27.32
C ALA M 761 -70.30 -101.05 -27.56
N LEU M 762 -70.04 -100.08 -28.43
CA LEU M 762 -71.05 -99.08 -28.74
C LEU M 762 -72.29 -99.72 -29.37
N ARG M 763 -72.08 -100.64 -30.30
CA ARG M 763 -73.21 -101.31 -30.94
C ARG M 763 -73.99 -102.15 -29.94
N ARG M 764 -73.28 -102.84 -29.04
CA ARG M 764 -73.96 -103.63 -28.00
C ARG M 764 -74.79 -102.72 -27.10
N ILE M 765 -74.24 -101.59 -26.69
CA ILE M 765 -74.97 -100.67 -25.82
C ILE M 765 -76.21 -100.14 -26.54
N MET M 766 -76.08 -99.79 -27.81
CA MET M 766 -77.22 -99.27 -28.55
C MET M 766 -78.28 -100.33 -28.75
N ASP M 767 -77.87 -101.58 -28.97
CA ASP M 767 -78.83 -102.68 -29.03
C ASP M 767 -79.49 -102.92 -27.69
N ASP M 768 -78.87 -102.47 -26.60
CA ASP M 768 -79.43 -102.57 -25.26
C ASP M 768 -80.21 -101.31 -24.87
N ASP M 769 -80.41 -100.38 -25.80
CA ASP M 769 -81.16 -99.13 -25.60
C ASP M 769 -80.74 -98.39 -24.33
N ASP M 770 -79.48 -98.57 -23.93
CA ASP M 770 -78.94 -97.86 -22.78
C ASP M 770 -78.34 -96.52 -23.22
N TRP M 771 -78.07 -95.67 -22.24
CA TRP M 771 -77.53 -94.34 -22.48
C TRP M 771 -76.02 -94.34 -22.32
N VAL M 772 -75.36 -93.46 -23.06
CA VAL M 772 -73.91 -93.26 -22.98
C VAL M 772 -73.63 -91.77 -22.96
N ARG M 773 -72.70 -91.36 -22.11
CA ARG M 773 -72.35 -89.96 -21.93
C ARG M 773 -70.86 -89.75 -22.17
N PHE M 774 -70.53 -88.71 -22.93
CA PHE M 774 -69.16 -88.27 -23.11
C PHE M 774 -68.87 -87.11 -22.15
N GLY M 775 -67.58 -86.92 -21.85
CA GLY M 775 -67.18 -85.90 -20.92
C GLY M 775 -65.82 -85.34 -21.26
N GLY M 776 -65.35 -84.43 -20.40
CA GLY M 776 -64.05 -83.82 -20.57
C GLY M 776 -64.07 -82.53 -21.37
N VAL M 777 -64.40 -82.63 -22.64
CA VAL M 777 -64.37 -81.48 -23.54
C VAL M 777 -65.65 -80.66 -23.36
N LEU M 778 -65.49 -79.35 -23.21
CA LEU M 778 -66.62 -78.43 -23.15
C LEU M 778 -67.04 -78.06 -24.57
N ARG M 779 -68.32 -78.28 -24.87
CA ARG M 779 -68.85 -78.08 -26.22
C ARG M 779 -69.69 -76.82 -26.28
N THR M 780 -69.96 -76.37 -27.51
CA THR M 780 -70.81 -75.23 -27.77
C THR M 780 -72.13 -75.71 -28.37
N VAL M 781 -73.20 -74.99 -28.09
CA VAL M 781 -74.54 -75.37 -28.52
C VAL M 781 -75.07 -74.31 -29.50
N ARG M 782 -75.75 -74.79 -30.55
CA ARG M 782 -76.36 -73.91 -31.53
C ARG M 782 -77.84 -74.24 -31.62
N VAL M 783 -78.66 -73.20 -31.76
CA VAL M 783 -80.11 -73.35 -31.81
C VAL M 783 -80.58 -73.02 -33.22
N LYS M 784 -81.45 -73.90 -33.75
CA LYS M 784 -81.99 -73.72 -35.08
C LYS M 784 -83.45 -74.19 -35.08
N PHE M 785 -84.22 -73.65 -36.01
CA PHE M 785 -85.64 -73.99 -36.14
C PHE M 785 -85.92 -74.42 -37.56
N TYR M 786 -86.48 -75.62 -37.72
CA TYR M 786 -86.76 -76.16 -39.06
C TYR M 786 -88.26 -76.43 -39.22
N ASP M 787 -88.80 -76.22 -40.42
CA ASP M 787 -90.26 -76.43 -40.67
C ASP M 787 -90.48 -77.73 -41.45
N ALA M 788 -89.41 -78.50 -41.68
CA ALA M 788 -89.52 -79.77 -42.45
C ALA M 788 -88.32 -80.65 -42.10
N ARG M 789 -88.21 -81.83 -42.71
CA ARG M 789 -87.09 -82.77 -42.39
C ARG M 789 -85.77 -81.99 -42.45
N PRO M 790 -84.90 -82.03 -41.41
CA PRO M 790 -83.68 -81.24 -41.40
C PRO M 790 -82.58 -81.85 -42.29
N PRO M 791 -81.47 -81.12 -42.55
CA PRO M 791 -80.37 -81.66 -43.34
C PRO M 791 -79.78 -82.88 -42.61
N ASP M 792 -79.26 -83.86 -43.38
CA ASP M 792 -78.76 -85.11 -42.76
C ASP M 792 -77.64 -84.87 -41.76
N ASP M 793 -76.63 -84.07 -42.12
CA ASP M 793 -75.48 -83.92 -41.23
C ASP M 793 -75.92 -83.76 -39.78
N VAL M 794 -76.99 -83.00 -39.54
CA VAL M 794 -77.50 -82.87 -38.19
C VAL M 794 -78.53 -83.96 -37.87
N LEU M 795 -79.13 -84.56 -38.90
CA LEU M 795 -80.09 -85.64 -38.66
C LEU M 795 -79.41 -86.87 -38.09
N GLN M 796 -78.24 -87.24 -38.63
CA GLN M 796 -77.56 -88.46 -38.22
C GLN M 796 -76.09 -88.22 -37.88
N GLY M 797 -75.75 -87.02 -37.43
CA GLY M 797 -74.38 -86.73 -37.08
C GLY M 797 -73.94 -87.39 -35.80
N LEU M 798 -72.62 -87.50 -35.65
CA LEU M 798 -72.03 -88.13 -34.48
C LEU M 798 -71.13 -87.15 -33.73
N PRO M 799 -71.28 -87.04 -32.41
CA PRO M 799 -70.40 -86.15 -31.64
C PRO M 799 -68.96 -86.63 -31.54
N PHE M 800 -68.64 -87.82 -32.02
CA PHE M 800 -67.29 -88.35 -31.98
C PHE M 800 -66.89 -88.84 -33.37
N SER M 801 -65.59 -88.90 -33.60
CA SER M 801 -65.04 -89.37 -34.87
C SER M 801 -63.98 -90.43 -34.59
N TYR M 802 -63.92 -91.43 -35.46
CA TYR M 802 -62.99 -92.55 -35.31
C TYR M 802 -62.31 -92.79 -36.64
N ASP M 803 -61.00 -93.07 -36.58
CA ASP M 803 -60.23 -93.35 -37.77
C ASP M 803 -59.04 -94.22 -37.40
N THR M 804 -58.51 -94.93 -38.38
CA THR M 804 -57.37 -95.81 -38.18
C THR M 804 -56.58 -95.92 -39.47
N ASN M 805 -55.26 -96.13 -39.32
CA ASN M 805 -54.37 -96.25 -40.46
C ASN M 805 -53.14 -97.03 -40.04
N GLU M 806 -52.34 -97.44 -41.03
CA GLU M 806 -51.14 -98.22 -40.78
C GLU M 806 -49.95 -97.60 -41.48
N ARG M 807 -48.85 -97.46 -40.77
CA ARG M 807 -47.58 -97.06 -41.33
C ARG M 807 -46.50 -98.03 -40.86
N GLY M 808 -45.56 -98.35 -41.74
CA GLY M 808 -44.57 -99.35 -41.41
C GLY M 808 -45.21 -100.69 -41.13
N GLY M 809 -44.79 -101.32 -40.03
CA GLY M 809 -45.36 -102.60 -39.62
C GLY M 809 -46.29 -102.54 -38.43
N LEU M 810 -46.72 -101.36 -37.99
CA LEU M 810 -47.55 -101.21 -36.82
C LEU M 810 -48.89 -100.60 -37.20
N ALA M 811 -49.94 -100.99 -36.47
CA ALA M 811 -51.27 -100.45 -36.68
C ALA M 811 -51.49 -99.22 -35.81
N TYR M 812 -52.31 -98.31 -36.30
CA TYR M 812 -52.54 -97.03 -35.65
C TYR M 812 -54.01 -96.65 -35.77
N ALA M 813 -54.48 -95.85 -34.80
CA ALA M 813 -55.88 -95.44 -34.77
C ALA M 813 -56.02 -94.11 -34.03
N THR M 814 -57.04 -93.35 -34.39
CA THR M 814 -57.31 -92.05 -33.81
C THR M 814 -58.77 -91.94 -33.37
N ILE M 815 -58.99 -91.16 -32.32
CA ILE M 815 -60.33 -90.87 -31.81
C ILE M 815 -60.40 -89.38 -31.48
N LYS M 816 -61.55 -88.77 -31.79
CA LYS M 816 -61.77 -87.36 -31.50
C LYS M 816 -63.24 -87.13 -31.15
N TYR M 817 -63.50 -86.04 -30.45
CA TYR M 817 -64.85 -85.62 -30.11
C TYR M 817 -65.17 -84.31 -30.80
N ALA M 818 -66.32 -84.25 -31.47
CA ALA M 818 -66.76 -83.01 -32.09
C ALA M 818 -67.08 -81.98 -31.01
N THR M 819 -66.63 -80.74 -31.21
CA THR M 819 -66.80 -79.70 -30.22
C THR M 819 -68.04 -78.85 -30.45
N GLU M 820 -68.65 -78.93 -31.63
CA GLU M 820 -69.83 -78.17 -31.96
C GLU M 820 -71.05 -79.09 -32.02
N THR M 821 -72.08 -78.77 -31.25
CA THR M 821 -73.31 -79.52 -31.22
C THR M 821 -74.48 -78.58 -31.48
N THR M 822 -75.53 -79.12 -32.08
CA THR M 822 -76.69 -78.33 -32.49
C THR M 822 -77.96 -78.85 -31.82
N ILE M 823 -78.84 -77.91 -31.49
CA ILE M 823 -80.17 -78.23 -30.97
C ILE M 823 -81.18 -77.64 -31.95
N PHE M 824 -82.07 -78.49 -32.47
CA PHE M 824 -83.04 -78.07 -33.46
C PHE M 824 -84.46 -78.33 -32.96
N TYR M 825 -85.39 -77.55 -33.49
CA TYR M 825 -86.80 -77.66 -33.17
C TYR M 825 -87.58 -77.91 -34.46
N LEU M 826 -88.48 -78.88 -34.43
CA LEU M 826 -89.26 -79.27 -35.60
C LEU M 826 -90.72 -78.88 -35.40
N ILE M 827 -91.26 -78.14 -36.37
CA ILE M 827 -92.67 -77.76 -36.37
C ILE M 827 -93.33 -78.45 -37.56
N TYR M 828 -94.34 -79.27 -37.28
CA TYR M 828 -94.98 -80.09 -38.31
C TYR M 828 -96.14 -79.32 -38.91
N ASN M 829 -96.01 -78.98 -40.20
CA ASN M 829 -97.06 -78.30 -40.94
C ASN M 829 -97.82 -79.30 -41.79
N VAL M 830 -99.14 -79.24 -41.74
CA VAL M 830 -99.99 -80.17 -42.47
C VAL M 830 -101.02 -79.38 -43.27
N GLU M 831 -101.47 -79.98 -44.38
CA GLU M 831 -102.47 -79.39 -45.25
C GLU M 831 -103.45 -80.47 -45.67
N PHE M 832 -104.66 -80.03 -46.06
CA PHE M 832 -105.76 -80.97 -46.30
C PHE M 832 -105.43 -81.99 -47.38
N SER M 833 -104.53 -81.65 -48.30
CA SER M 833 -104.33 -82.48 -49.49
C SER M 833 -103.73 -83.84 -49.16
N ASN M 834 -102.74 -83.89 -48.27
CA ASN M 834 -101.94 -85.09 -48.12
C ASN M 834 -102.75 -86.23 -47.49
N THR M 835 -102.38 -87.45 -47.85
CA THR M 835 -102.98 -88.66 -47.31
C THR M 835 -102.43 -88.95 -45.92
N PRO M 836 -103.18 -89.66 -45.08
CA PRO M 836 -102.66 -90.01 -43.75
C PRO M 836 -101.36 -90.81 -43.79
N ASP M 837 -101.17 -91.65 -44.81
CA ASP M 837 -99.97 -92.46 -44.93
C ASP M 837 -98.79 -91.70 -45.52
N SER M 838 -98.98 -90.43 -45.90
CA SER M 838 -97.89 -89.66 -46.49
C SER M 838 -96.76 -89.44 -45.50
N LEU M 839 -97.09 -89.21 -44.23
CA LEU M 839 -96.10 -88.92 -43.19
C LEU M 839 -95.68 -90.16 -42.42
N VAL M 840 -95.69 -91.33 -43.06
CA VAL M 840 -95.25 -92.58 -42.44
C VAL M 840 -94.25 -93.23 -43.39
N LEU M 841 -92.98 -93.19 -43.03
CA LEU M 841 -91.94 -93.79 -43.85
C LEU M 841 -91.96 -95.32 -43.70
N ILE M 842 -91.47 -96.00 -44.73
CA ILE M 842 -91.47 -97.46 -44.73
C ILE M 842 -90.51 -98.01 -43.68
N ASN M 843 -89.38 -97.32 -43.48
CA ASN M 843 -88.37 -97.79 -42.55
C ASN M 843 -87.95 -96.65 -41.62
N PRO M 844 -87.50 -96.98 -40.41
CA PRO M 844 -87.20 -95.93 -39.43
C PRO M 844 -86.01 -95.07 -39.82
N THR M 845 -86.03 -93.83 -39.33
CA THR M 845 -84.90 -92.91 -39.40
C THR M 845 -84.45 -92.62 -37.98
N TYR M 846 -83.17 -92.80 -37.70
CA TYR M 846 -82.65 -92.75 -36.35
C TYR M 846 -81.82 -91.48 -36.11
N THR M 847 -82.04 -90.87 -34.96
CA THR M 847 -81.25 -89.72 -34.50
C THR M 847 -80.52 -90.11 -33.22
N MET M 848 -79.28 -89.64 -33.08
CA MET M 848 -78.39 -90.09 -32.01
C MET M 848 -78.23 -89.07 -30.90
N THR M 849 -77.81 -87.85 -31.25
CA THR M 849 -77.35 -86.90 -30.25
C THR M 849 -78.51 -86.36 -29.40
N LYS M 850 -78.24 -86.18 -28.12
CA LYS M 850 -79.16 -85.53 -27.19
C LYS M 850 -78.39 -84.58 -26.30
N VAL M 851 -79.05 -83.51 -25.88
CA VAL M 851 -78.44 -82.47 -25.06
C VAL M 851 -79.41 -82.08 -23.95
N PHE M 852 -78.89 -81.89 -22.74
CA PHE M 852 -79.68 -81.50 -21.58
C PHE M 852 -79.23 -80.13 -21.09
N ILE M 853 -80.19 -79.25 -20.84
CA ILE M 853 -79.95 -77.93 -20.27
C ILE M 853 -80.96 -77.71 -19.16
N ASN M 854 -80.50 -77.12 -18.04
CA ASN M 854 -81.32 -76.97 -16.84
C ASN M 854 -82.07 -75.65 -16.79
N LYS M 855 -82.41 -75.07 -17.94
CA LYS M 855 -83.24 -73.87 -17.96
C LYS M 855 -84.10 -73.87 -19.22
N ARG M 856 -85.16 -73.08 -19.17
CA ARG M 856 -86.16 -73.06 -20.23
C ARG M 856 -85.67 -72.18 -21.37
N ILE M 857 -85.46 -72.79 -22.54
CA ILE M 857 -85.13 -72.05 -23.75
C ILE M 857 -86.37 -71.79 -24.58
N VAL M 858 -87.12 -72.84 -24.90
CA VAL M 858 -88.39 -72.75 -25.61
C VAL M 858 -89.42 -73.55 -24.84
N GLU M 859 -90.58 -72.95 -24.59
CA GLU M 859 -91.65 -73.57 -23.83
C GLU M 859 -92.95 -73.53 -24.62
N ARG M 860 -93.70 -74.63 -24.56
CA ARG M 860 -95.00 -74.73 -25.21
C ARG M 860 -96.07 -74.38 -24.18
N VAL M 861 -96.69 -73.20 -24.33
CA VAL M 861 -97.71 -72.73 -23.42
C VAL M 861 -98.95 -72.34 -24.21
N ARG M 862 -100.08 -72.34 -23.53
CA ARG M 862 -101.32 -71.90 -24.15
C ARG M 862 -101.38 -70.37 -24.15
N VAL M 863 -102.34 -69.84 -24.90
CA VAL M 863 -102.47 -68.40 -25.07
C VAL M 863 -102.87 -67.69 -23.79
N GLY M 864 -103.23 -68.43 -22.74
CA GLY M 864 -103.60 -67.79 -21.50
C GLY M 864 -102.45 -67.09 -20.81
N GLN M 865 -101.26 -67.71 -20.81
CA GLN M 865 -100.10 -67.21 -20.10
C GLN M 865 -99.13 -66.47 -21.01
N ILE M 866 -99.63 -65.81 -22.06
CA ILE M 866 -98.75 -65.00 -22.90
C ILE M 866 -98.19 -63.83 -22.11
N LEU M 867 -99.02 -63.17 -21.32
CA LEU M 867 -98.63 -62.00 -20.54
C LEU M 867 -98.32 -62.33 -19.09
N ALA M 868 -98.29 -63.61 -18.73
CA ALA M 868 -97.95 -64.00 -17.37
C ALA M 868 -96.47 -63.81 -17.06
N VAL M 869 -95.65 -63.51 -18.07
CA VAL M 869 -94.21 -63.31 -17.86
C VAL M 869 -93.92 -61.99 -17.17
N LEU M 870 -94.86 -61.04 -17.18
CA LEU M 870 -94.63 -59.72 -16.61
C LEU M 870 -94.56 -59.79 -15.09
N ASN M 871 -93.36 -59.91 -14.54
CA ASN M 871 -93.19 -60.01 -13.10
C ASN M 871 -91.97 -59.26 -12.58
N ARG M 872 -91.35 -58.40 -13.38
CA ARG M 872 -90.16 -57.68 -12.99
C ARG M 872 -90.43 -56.19 -12.95
N ARG M 873 -89.80 -55.51 -11.99
CA ARG M 873 -90.07 -54.11 -11.69
C ARG M 873 -89.09 -53.21 -12.43
N PHE M 874 -89.60 -52.20 -13.12
CA PHE M 874 -88.81 -51.24 -13.86
C PHE M 874 -89.04 -49.84 -13.31
N VAL M 875 -88.03 -48.99 -13.47
CA VAL M 875 -88.11 -47.57 -13.10
C VAL M 875 -87.67 -46.74 -14.28
N ALA M 876 -88.45 -45.72 -14.62
CA ALA M 876 -88.18 -44.87 -15.76
C ALA M 876 -88.26 -43.41 -15.37
N TYR M 877 -87.35 -42.61 -15.90
CA TYR M 877 -87.32 -41.18 -15.63
C TYR M 877 -88.29 -40.45 -16.57
N LYS M 878 -88.77 -39.30 -16.09
CA LYS M 878 -89.77 -38.53 -16.82
C LYS M 878 -89.15 -37.83 -18.03
N GLY M 879 -90.02 -37.39 -18.94
CA GLY M 879 -89.54 -36.71 -20.14
C GLY M 879 -88.85 -35.39 -19.82
N LYS M 880 -89.40 -34.62 -18.88
CA LYS M 880 -88.79 -33.38 -18.45
C LYS M 880 -87.48 -33.60 -17.70
N MET M 881 -87.19 -34.83 -17.29
CA MET M 881 -86.00 -35.11 -16.50
C MET M 881 -84.77 -35.12 -17.41
N ARG M 882 -83.63 -34.75 -16.84
CA ARG M 882 -82.38 -34.64 -17.58
C ARG M 882 -81.33 -35.58 -17.02
N ILE M 883 -80.57 -36.23 -17.90
CA ILE M 883 -79.45 -37.09 -17.54
C ILE M 883 -78.18 -36.42 -18.04
N MET M 884 -77.22 -36.24 -17.13
CA MET M 884 -75.99 -35.51 -17.45
C MET M 884 -74.79 -36.26 -16.91
N ASP M 885 -73.64 -36.03 -17.55
CA ASP M 885 -72.36 -36.55 -17.12
C ASP M 885 -71.31 -35.45 -17.23
N ILE M 886 -70.22 -35.62 -16.49
CA ILE M 886 -69.18 -34.58 -16.45
C ILE M 886 -68.58 -34.38 -17.83
N THR M 887 -68.33 -35.46 -18.55
CA THR M 887 -67.76 -35.34 -19.89
C THR M 887 -68.66 -34.57 -20.83
N GLN M 888 -69.99 -34.72 -20.68
CA GLN M 888 -70.92 -33.96 -21.49
C GLN M 888 -70.81 -32.46 -21.21
N SER M 889 -70.66 -32.09 -19.93
CA SER M 889 -70.57 -30.69 -19.57
C SER M 889 -69.32 -30.04 -20.15
N LEU M 890 -68.19 -30.75 -20.13
CA LEU M 890 -66.96 -30.23 -20.69
C LEU M 890 -66.96 -30.19 -22.21
N LYS M 891 -67.98 -30.77 -22.86
CA LYS M 891 -68.13 -30.74 -24.31
C LYS M 891 -66.95 -31.41 -25.01
N MET M 892 -66.77 -32.68 -24.71
CA MET M 892 -65.70 -33.48 -25.30
C MET M 892 -65.93 -33.66 -26.80
N ILE N 12 -79.95 15.91 -21.70
CA ILE N 12 -79.04 14.95 -21.10
C ILE N 12 -78.79 13.78 -22.06
N LYS N 13 -77.52 13.52 -22.34
CA LYS N 13 -77.13 12.44 -23.24
C LYS N 13 -75.97 11.67 -22.64
N THR N 14 -75.88 10.39 -22.98
CA THR N 14 -74.80 9.55 -22.47
C THR N 14 -73.48 9.92 -23.13
N THR N 15 -72.40 9.55 -22.46
CA THR N 15 -71.09 9.67 -23.07
C THR N 15 -70.97 8.69 -24.24
N PRO N 16 -70.26 9.07 -25.30
CA PRO N 16 -70.23 8.25 -26.51
C PRO N 16 -69.66 6.87 -26.25
N TYR N 17 -70.21 5.88 -26.94
CA TYR N 17 -69.72 4.51 -26.92
C TYR N 17 -69.48 4.04 -28.34
N LEU N 18 -68.54 3.12 -28.48
CA LEU N 18 -68.05 2.71 -29.79
C LEU N 18 -68.93 1.62 -30.38
N GLU N 19 -69.41 1.83 -31.60
CA GLU N 19 -70.21 0.86 -32.35
C GLU N 19 -69.33 0.30 -33.45
N GLY N 20 -68.55 -0.72 -33.11
CA GLY N 20 -67.67 -1.36 -34.08
C GLY N 20 -66.48 -0.49 -34.44
N ASP N 21 -66.73 0.58 -35.19
CA ASP N 21 -65.70 1.54 -35.52
C ASP N 21 -66.16 2.99 -35.51
N VAL N 22 -67.41 3.26 -35.11
CA VAL N 22 -67.96 4.61 -35.11
C VAL N 22 -68.57 4.89 -33.75
N LEU N 23 -68.41 6.12 -33.28
CA LEU N 23 -68.95 6.53 -31.99
C LEU N 23 -70.44 6.86 -32.12
N SER N 24 -71.17 6.63 -31.04
CA SER N 24 -72.60 6.91 -31.00
C SER N 24 -73.00 7.24 -29.58
N SER N 25 -74.13 7.94 -29.44
CA SER N 25 -74.61 8.35 -28.13
C SER N 25 -76.12 8.17 -27.97
N ASP N 26 -76.73 7.28 -28.75
CA ASP N 26 -78.16 7.04 -28.62
C ASP N 26 -78.47 6.37 -27.29
N SER N 27 -79.59 6.77 -26.68
CA SER N 27 -79.97 6.20 -25.39
C SER N 27 -80.27 4.71 -25.50
N GLY N 28 -80.96 4.31 -26.56
CA GLY N 28 -81.30 2.92 -26.76
C GLY N 28 -82.64 2.57 -26.13
N PRO N 29 -82.87 1.28 -25.91
CA PRO N 29 -84.15 0.85 -25.33
C PRO N 29 -84.29 1.29 -23.89
N LEU N 30 -85.55 1.44 -23.46
CA LEU N 30 -85.85 1.81 -22.09
C LEU N 30 -85.43 0.68 -21.13
N LEU N 31 -85.03 1.08 -19.93
CA LEU N 31 -84.60 0.09 -18.94
C LEU N 31 -85.74 -0.82 -18.53
N SER N 32 -86.99 -0.33 -18.59
CA SER N 32 -88.12 -1.18 -18.28
C SER N 32 -88.32 -2.26 -19.33
N VAL N 33 -87.90 -2.01 -20.56
CA VAL N 33 -88.04 -2.98 -21.64
C VAL N 33 -86.85 -3.93 -21.69
N PHE N 34 -85.65 -3.41 -21.43
CA PHE N 34 -84.45 -4.25 -21.47
C PHE N 34 -84.50 -5.34 -20.41
N ALA N 35 -85.00 -5.01 -19.22
CA ALA N 35 -85.03 -5.98 -18.12
C ALA N 35 -85.91 -7.18 -18.46
N LEU N 36 -87.10 -6.92 -19.00
CA LEU N 36 -88.02 -8.01 -19.31
C LEU N 36 -87.42 -8.95 -20.34
N GLN N 37 -86.73 -8.39 -21.34
CA GLN N 37 -86.10 -9.24 -22.35
C GLN N 37 -85.04 -10.14 -21.73
N GLU N 38 -84.23 -9.60 -20.83
CA GLU N 38 -83.19 -10.42 -20.18
C GLU N 38 -83.81 -11.51 -19.34
N ILE N 39 -84.85 -11.19 -18.56
CA ILE N 39 -85.48 -12.19 -17.72
C ILE N 39 -86.11 -13.28 -18.58
N MET N 40 -86.79 -12.90 -19.66
CA MET N 40 -87.40 -13.89 -20.54
C MET N 40 -86.34 -14.74 -21.22
N GLN N 41 -85.20 -14.15 -21.58
CA GLN N 41 -84.13 -14.94 -22.19
C GLN N 41 -83.56 -15.95 -21.21
N LYS N 42 -83.37 -15.55 -19.95
CA LYS N 42 -82.89 -16.49 -18.95
C LYS N 42 -83.90 -17.63 -18.75
N VAL N 43 -85.18 -17.30 -18.67
CA VAL N 43 -86.20 -18.33 -18.53
C VAL N 43 -86.18 -19.26 -19.74
N ARG N 44 -86.09 -18.71 -20.95
CA ARG N 44 -86.00 -19.53 -22.15
C ARG N 44 -84.79 -20.46 -22.09
N GLN N 45 -83.68 -19.97 -21.56
CA GLN N 45 -82.53 -20.83 -21.32
C GLN N 45 -82.83 -21.93 -20.32
N VAL N 46 -83.75 -21.69 -19.38
CA VAL N 46 -84.09 -22.72 -18.41
C VAL N 46 -84.75 -23.92 -19.08
N GLN N 47 -85.77 -23.69 -19.91
CA GLN N 47 -86.44 -24.78 -20.63
C GLN N 47 -85.89 -24.98 -22.04
N ALA N 48 -84.62 -24.63 -22.28
CA ALA N 48 -84.03 -24.87 -23.59
C ALA N 48 -83.97 -26.35 -23.91
N ASP N 49 -83.66 -27.18 -22.92
CA ASP N 49 -83.58 -28.62 -23.12
C ASP N 49 -84.97 -29.23 -23.29
N ASP N 63 -91.95 -8.51 -28.85
CA ASP N 63 -92.82 -9.32 -27.99
C ASP N 63 -92.95 -8.70 -26.60
N VAL N 64 -91.93 -7.94 -26.19
CA VAL N 64 -91.95 -7.30 -24.89
C VAL N 64 -93.07 -6.26 -24.82
N GLN N 65 -93.23 -5.48 -25.89
CA GLN N 65 -94.31 -4.50 -25.93
C GLN N 65 -95.67 -5.19 -25.90
N LYS N 66 -95.79 -6.34 -26.57
CA LYS N 66 -97.03 -7.10 -26.57
C LYS N 66 -97.46 -7.46 -25.15
N ILE N 67 -96.51 -7.63 -24.24
CA ILE N 67 -96.82 -7.90 -22.85
C ILE N 67 -97.03 -6.60 -22.06
N LEU N 68 -96.19 -5.60 -22.32
CA LEU N 68 -96.25 -4.37 -21.55
C LEU N 68 -97.58 -3.65 -21.74
N ASP N 69 -98.03 -3.53 -22.99
CA ASP N 69 -99.35 -2.95 -23.22
C ASP N 69 -100.45 -3.81 -22.65
N ASP N 70 -100.23 -5.13 -22.58
CA ASP N 70 -101.22 -6.01 -21.99
C ASP N 70 -101.43 -5.73 -20.51
N ILE N 71 -100.35 -5.56 -19.75
CA ILE N 71 -100.50 -5.10 -18.36
C ILE N 71 -101.11 -3.71 -18.32
N LYS N 72 -100.66 -2.81 -19.20
CA LYS N 72 -101.17 -1.44 -19.17
C LYS N 72 -102.67 -1.40 -19.39
N ALA N 73 -103.21 -2.33 -20.17
CA ALA N 73 -104.64 -2.33 -20.46
C ALA N 73 -105.49 -2.68 -19.25
N LEU N 74 -104.89 -3.20 -18.18
CA LEU N 74 -105.64 -3.54 -16.99
C LEU N 74 -106.19 -2.33 -16.25
N ALA N 75 -105.70 -1.13 -16.57
CA ALA N 75 -106.18 0.08 -15.90
C ALA N 75 -107.53 0.56 -16.40
N ALA N 76 -108.03 0.00 -17.50
CA ALA N 76 -109.32 0.41 -18.05
C ALA N 76 -110.27 -0.77 -18.12
N GLU N 77 -110.32 -1.57 -17.06
CA GLU N 77 -111.16 -2.75 -17.03
C GLU N 77 -112.61 -2.39 -16.72
N GLN N 78 -113.52 -3.16 -17.30
CA GLN N 78 -114.94 -3.03 -17.02
C GLN N 78 -115.54 -4.42 -16.86
N VAL N 79 -116.54 -4.52 -15.98
CA VAL N 79 -117.23 -5.79 -15.75
C VAL N 79 -118.72 -5.56 -15.88
N TYR N 80 -119.10 -4.49 -16.57
CA TYR N 80 -120.50 -4.17 -16.83
C TYR N 80 -120.55 -3.30 -18.08
N LYS N 81 -121.76 -3.04 -18.56
CA LYS N 81 -121.93 -2.23 -19.76
C LYS N 81 -123.27 -1.52 -19.69
N ILE N 82 -123.27 -0.23 -19.98
CA ILE N 82 -124.50 0.55 -20.05
C ILE N 82 -125.13 0.32 -21.42
N VAL N 83 -126.35 -0.20 -21.43
CA VAL N 83 -127.01 -0.61 -22.66
C VAL N 83 -128.30 0.19 -22.82
N LYS N 84 -128.59 0.59 -24.06
CA LYS N 84 -129.80 1.34 -24.34
C LYS N 84 -131.04 0.46 -24.26
N VAL N 85 -130.98 -0.73 -24.85
CA VAL N 85 -132.12 -1.65 -24.91
C VAL N 85 -131.65 -3.04 -24.50
N PRO N 86 -132.36 -3.72 -23.60
CA PRO N 86 -131.95 -5.09 -23.23
C PRO N 86 -132.05 -6.04 -24.40
N SER N 87 -131.17 -7.03 -24.39
CA SER N 87 -131.15 -8.04 -25.46
C SER N 87 -132.43 -8.85 -25.43
N ILE N 88 -132.95 -9.16 -26.63
CA ILE N 88 -134.17 -9.94 -26.74
C ILE N 88 -133.92 -11.35 -26.24
N SER N 89 -134.81 -11.84 -25.38
CA SER N 89 -134.67 -13.17 -24.80
C SER N 89 -135.58 -14.20 -25.47
N PHE N 90 -136.59 -13.79 -26.22
CA PHE N 90 -137.51 -14.71 -26.86
C PHE N 90 -137.74 -14.29 -28.30
N ARG N 91 -138.06 -15.27 -29.14
CA ARG N 91 -138.39 -15.01 -30.54
C ARG N 91 -139.39 -16.07 -31.00
N HIS N 92 -140.10 -15.74 -32.07
CA HIS N 92 -141.18 -16.59 -32.57
C HIS N 92 -140.88 -17.07 -33.97
N ILE N 93 -141.34 -18.29 -34.26
CA ILE N 93 -141.13 -18.94 -35.56
C ILE N 93 -142.48 -19.20 -36.19
N VAL N 94 -142.60 -18.89 -37.48
CA VAL N 94 -143.85 -19.10 -38.20
C VAL N 94 -143.81 -20.48 -38.85
N MET N 95 -144.89 -21.25 -38.64
CA MET N 95 -145.00 -22.61 -39.19
C MET N 95 -146.05 -22.69 -40.28
N GLN N 96 -146.12 -21.68 -41.14
CA GLN N 96 -147.08 -21.62 -42.24
C GLN N 96 -148.52 -21.67 -41.70
N SER N 97 -148.76 -20.99 -40.59
CA SER N 97 -150.07 -20.96 -39.96
C SER N 97 -150.25 -19.63 -39.25
N ARG N 98 -151.52 -19.26 -39.04
CA ARG N 98 -151.87 -17.99 -38.41
C ARG N 98 -152.58 -18.17 -37.08
N ASP N 99 -152.71 -19.40 -36.58
CA ASP N 99 -153.40 -19.65 -35.33
C ASP N 99 -152.47 -19.80 -34.15
N ARG N 100 -151.26 -20.33 -34.35
CA ARG N 100 -150.32 -20.51 -33.26
C ARG N 100 -148.90 -20.51 -33.82
N VAL N 101 -147.95 -20.17 -32.97
CA VAL N 101 -146.54 -20.09 -33.34
C VAL N 101 -145.70 -20.75 -32.26
N LEU N 102 -144.41 -20.90 -32.54
CA LEU N 102 -143.45 -21.48 -31.61
C LEU N 102 -142.73 -20.36 -30.87
N ARG N 103 -142.61 -20.51 -29.56
CA ARG N 103 -141.87 -19.57 -28.72
C ARG N 103 -140.54 -20.22 -28.33
N VAL N 104 -139.45 -19.58 -28.70
CA VAL N 104 -138.10 -20.12 -28.50
C VAL N 104 -137.32 -19.16 -27.63
N ASP N 105 -136.69 -19.70 -26.58
CA ASP N 105 -135.83 -18.92 -25.71
C ASP N 105 -134.42 -18.90 -26.28
N THR N 106 -133.96 -17.72 -26.68
CA THR N 106 -132.64 -17.60 -27.29
C THR N 106 -131.50 -17.79 -26.30
N TYR N 107 -131.80 -17.81 -24.99
CA TYR N 107 -130.75 -18.03 -24.01
C TYR N 107 -130.06 -19.38 -24.21
N TYR N 108 -130.85 -20.44 -24.29
CA TYR N 108 -130.27 -21.76 -24.56
C TYR N 108 -129.70 -21.83 -25.97
N GLU N 109 -130.27 -21.08 -26.91
CA GLU N 109 -129.74 -21.06 -28.27
C GLU N 109 -128.30 -20.56 -28.29
N GLU N 110 -128.02 -19.48 -27.56
CA GLU N 110 -126.65 -19.00 -27.45
C GLU N 110 -125.82 -19.85 -26.51
N MET N 111 -126.46 -20.51 -25.54
CA MET N 111 -125.76 -21.26 -24.52
C MET N 111 -125.21 -22.58 -25.04
N SER N 112 -125.89 -23.20 -25.99
CA SER N 112 -125.49 -24.53 -26.45
C SER N 112 -124.19 -24.51 -27.24
N GLN N 113 -123.77 -23.36 -27.77
CA GLN N 113 -122.57 -23.27 -28.59
C GLN N 113 -121.40 -22.62 -27.87
N VAL N 114 -121.51 -22.37 -26.56
CA VAL N 114 -120.43 -21.72 -25.83
C VAL N 114 -119.21 -22.63 -25.74
N GLY N 115 -119.42 -23.90 -25.39
CA GLY N 115 -118.33 -24.83 -25.18
C GLY N 115 -118.09 -25.74 -26.39
N ASP N 116 -117.02 -26.53 -26.27
CA ASP N 116 -116.65 -27.48 -27.31
C ASP N 116 -117.25 -28.85 -27.00
N VAL N 117 -116.93 -29.83 -27.83
CA VAL N 117 -117.41 -31.19 -27.62
C VAL N 117 -116.73 -31.79 -26.39
N ILE N 118 -117.52 -32.46 -25.55
CA ILE N 118 -117.02 -33.05 -24.32
C ILE N 118 -116.75 -34.53 -24.56
N THR N 119 -115.53 -34.96 -24.28
CA THR N 119 -115.14 -36.35 -24.44
C THR N 119 -115.15 -37.06 -23.09
N GLU N 120 -114.97 -38.38 -23.14
CA GLU N 120 -115.03 -39.21 -21.95
C GLU N 120 -113.68 -39.36 -21.25
N ASP N 121 -112.59 -38.85 -21.84
CA ASP N 121 -111.27 -39.08 -21.26
C ASP N 121 -110.39 -37.83 -21.30
N GLU N 122 -110.98 -36.64 -21.44
CA GLU N 122 -110.24 -35.37 -21.45
C GLU N 122 -110.85 -34.44 -20.42
N PRO N 123 -110.51 -34.61 -19.14
CA PRO N 123 -111.09 -33.74 -18.10
C PRO N 123 -110.75 -32.27 -18.29
N GLU N 124 -109.58 -31.97 -18.88
CA GLU N 124 -109.18 -30.57 -19.05
C GLU N 124 -110.18 -29.83 -19.92
N LYS N 125 -110.58 -30.44 -21.04
CA LYS N 125 -111.58 -29.82 -21.90
C LYS N 125 -112.91 -29.66 -21.18
N PHE N 126 -113.29 -30.65 -20.38
CA PHE N 126 -114.53 -30.60 -19.63
C PHE N 126 -114.56 -29.40 -18.68
N TYR N 127 -113.50 -29.26 -17.88
CA TYR N 127 -113.47 -28.17 -16.90
C TYR N 127 -113.31 -26.81 -17.59
N SER N 128 -112.54 -26.76 -18.69
CA SER N 128 -112.43 -25.52 -19.44
C SER N 128 -113.77 -25.10 -20.01
N THR N 129 -114.55 -26.07 -20.53
CA THR N 129 -115.88 -25.77 -21.04
C THR N 129 -116.78 -25.26 -19.93
N ILE N 130 -116.72 -25.88 -18.75
CA ILE N 130 -117.55 -25.42 -17.63
C ILE N 130 -117.19 -23.98 -17.26
N ILE N 131 -115.90 -23.68 -17.17
CA ILE N 131 -115.46 -22.34 -16.80
C ILE N 131 -115.87 -21.33 -17.86
N LYS N 132 -115.74 -21.69 -19.13
CA LYS N 132 -116.16 -20.79 -20.20
C LYS N 132 -117.65 -20.52 -20.14
N LYS N 133 -118.45 -21.55 -19.84
CA LYS N 133 -119.89 -21.37 -19.71
C LYS N 133 -120.22 -20.42 -18.55
N VAL N 134 -119.54 -20.58 -17.41
CA VAL N 134 -119.78 -19.70 -16.27
C VAL N 134 -119.40 -18.26 -16.62
N ARG N 135 -118.27 -18.07 -17.28
CA ARG N 135 -117.86 -16.73 -17.66
C ARG N 135 -118.85 -16.12 -18.65
N PHE N 136 -119.35 -16.92 -19.60
CA PHE N 136 -120.31 -16.42 -20.57
C PHE N 136 -121.60 -15.99 -19.88
N ILE N 137 -122.11 -16.79 -18.94
CA ILE N 137 -123.36 -16.43 -18.29
C ILE N 137 -123.16 -15.19 -17.42
N ARG N 138 -121.99 -15.06 -16.77
CA ARG N 138 -121.72 -13.85 -15.99
C ARG N 138 -121.67 -12.63 -16.90
N GLY N 139 -121.01 -12.74 -18.05
CA GLY N 139 -120.93 -11.61 -18.96
C GLY N 139 -122.28 -11.23 -19.53
N LYS N 140 -123.12 -12.21 -19.82
CA LYS N 140 -124.44 -11.92 -20.37
C LYS N 140 -125.37 -11.33 -19.31
N GLY N 141 -125.20 -11.73 -18.05
CA GLY N 141 -126.12 -11.27 -17.02
C GLY N 141 -125.88 -9.89 -16.46
N SER N 142 -124.83 -9.18 -16.90
CA SER N 142 -124.48 -7.88 -16.35
C SER N 142 -124.79 -6.79 -17.36
N PHE N 143 -125.77 -5.95 -17.05
CA PHE N 143 -126.12 -4.82 -17.90
C PHE N 143 -126.96 -3.84 -17.09
N ILE N 144 -126.85 -2.56 -17.43
CA ILE N 144 -127.56 -1.50 -16.74
C ILE N 144 -128.31 -0.67 -17.77
N LEU N 145 -129.59 -0.42 -17.52
CA LEU N 145 -130.40 0.39 -18.41
C LEU N 145 -130.20 1.88 -18.11
N HIS N 146 -130.02 2.67 -19.17
CA HIS N 146 -129.76 4.10 -19.02
C HIS N 146 -131.01 4.95 -19.29
N ASP N 147 -131.60 4.81 -20.47
CA ASP N 147 -132.75 5.64 -20.85
C ASP N 147 -133.54 4.88 -21.91
N ILE N 148 -134.71 4.38 -21.54
CA ILE N 148 -135.53 3.58 -22.44
C ILE N 148 -136.39 4.49 -23.31
N PRO N 149 -136.66 4.11 -24.56
CA PRO N 149 -137.64 4.86 -25.36
C PRO N 149 -139.03 4.74 -24.78
N THR N 150 -139.84 5.77 -25.01
CA THR N 150 -141.19 5.80 -24.46
C THR N 150 -142.09 6.63 -25.37
N ARG N 151 -143.40 6.42 -25.21
CA ARG N 151 -144.39 7.11 -26.02
C ARG N 151 -145.64 7.36 -25.17
N ASP N 152 -146.18 8.57 -25.27
CA ASP N 152 -147.39 8.91 -24.55
C ASP N 152 -148.63 8.36 -25.26
N HIS N 153 -149.67 8.08 -24.48
CA HIS N 153 -150.90 7.53 -25.04
C HIS N 153 -152.06 7.84 -24.10
N ARG N 154 -153.00 8.66 -24.57
CA ARG N 154 -154.21 9.00 -23.82
C ARG N 154 -153.87 9.55 -22.44
N GLY N 155 -152.85 10.41 -22.38
CA GLY N 155 -152.40 10.98 -21.14
C GLY N 155 -151.52 10.08 -20.31
N MET N 156 -151.23 8.88 -20.77
CA MET N 156 -150.44 7.90 -20.03
C MET N 156 -149.15 7.63 -20.80
N GLU N 157 -148.08 7.35 -20.04
CA GLU N 157 -146.77 7.12 -20.62
C GLU N 157 -146.54 5.63 -20.75
N VAL N 158 -146.30 5.18 -21.99
CA VAL N 158 -146.16 3.77 -22.32
C VAL N 158 -144.80 3.56 -22.99
N ALA N 159 -144.06 2.56 -22.50
CA ALA N 159 -142.78 2.21 -23.10
C ALA N 159 -143.00 1.62 -24.49
N GLU N 160 -142.11 1.97 -25.42
CA GLU N 160 -142.21 1.47 -26.78
C GLU N 160 -141.92 -0.03 -26.82
N PRO N 161 -142.49 -0.75 -27.79
CA PRO N 161 -142.28 -2.20 -27.85
C PRO N 161 -140.82 -2.60 -28.08
N GLU N 162 -139.98 -1.69 -28.58
CA GLU N 162 -138.60 -2.06 -28.90
C GLU N 162 -137.80 -2.40 -27.65
N VAL N 163 -138.09 -1.74 -26.53
CA VAL N 163 -137.32 -2.01 -25.31
C VAL N 163 -137.64 -3.38 -24.73
N LEU N 164 -138.78 -3.96 -25.09
CA LEU N 164 -139.16 -5.26 -24.56
C LEU N 164 -138.21 -6.34 -25.08
N GLY N 165 -138.19 -7.47 -24.37
CA GLY N 165 -137.25 -8.54 -24.66
C GLY N 165 -137.74 -9.56 -25.67
N VAL N 166 -138.80 -9.22 -26.42
CA VAL N 166 -139.36 -10.12 -27.42
C VAL N 166 -139.47 -9.37 -28.75
N GLU N 167 -139.28 -10.11 -29.84
CA GLU N 167 -139.46 -9.57 -31.18
C GLU N 167 -140.46 -10.43 -31.94
N PHE N 168 -141.40 -9.76 -32.61
CA PHE N 168 -142.49 -10.41 -33.32
C PHE N 168 -142.79 -9.71 -34.63
N LYS N 169 -141.73 -9.28 -35.32
CA LYS N 169 -141.90 -8.51 -36.56
C LYS N 169 -142.63 -9.33 -37.63
N ASN N 170 -142.25 -10.60 -37.79
CA ASN N 170 -142.85 -11.43 -38.82
C ASN N 170 -144.24 -11.93 -38.43
N VAL N 171 -144.63 -11.79 -37.17
CA VAL N 171 -145.93 -12.28 -36.73
C VAL N 171 -147.06 -11.44 -37.30
N LEU N 172 -146.86 -10.12 -37.36
CA LEU N 172 -147.95 -9.21 -37.73
C LEU N 172 -148.54 -9.46 -39.12
N PRO N 173 -147.76 -9.61 -40.19
CA PRO N 173 -148.36 -9.64 -41.54
C PRO N 173 -149.25 -10.84 -41.81
N VAL N 174 -149.49 -11.73 -40.85
CA VAL N 174 -150.34 -12.89 -41.07
C VAL N 174 -151.58 -12.91 -40.18
N LEU N 175 -151.59 -12.20 -39.05
CA LEU N 175 -152.71 -12.25 -38.13
C LEU N 175 -153.90 -11.46 -38.68
N THR N 176 -155.09 -11.85 -38.22
CA THR N 176 -156.32 -11.18 -38.60
C THR N 176 -156.47 -9.86 -37.82
N ALA N 177 -157.51 -9.10 -38.19
CA ALA N 177 -157.73 -7.81 -37.55
C ALA N 177 -158.04 -7.94 -36.06
N GLU N 178 -158.81 -8.96 -35.68
CA GLU N 178 -159.17 -9.13 -34.28
C GLU N 178 -157.93 -9.38 -33.41
N HIS N 179 -157.09 -10.34 -33.81
CA HIS N 179 -155.89 -10.63 -33.05
C HIS N 179 -154.90 -9.48 -33.12
N ARG N 180 -154.85 -8.78 -34.25
CA ARG N 180 -153.98 -7.60 -34.35
C ARG N 180 -154.40 -6.54 -33.34
N ALA N 181 -155.71 -6.28 -33.23
CA ALA N 181 -156.19 -5.31 -32.25
C ALA N 181 -155.91 -5.78 -30.83
N MET N 182 -156.08 -7.08 -30.58
CA MET N 182 -155.82 -7.61 -29.24
C MET N 182 -154.36 -7.41 -28.84
N ILE N 183 -153.43 -7.76 -29.74
CA ILE N 183 -152.02 -7.61 -29.40
C ILE N 183 -151.63 -6.14 -29.36
N GLN N 184 -152.28 -5.28 -30.15
CA GLN N 184 -152.02 -3.85 -30.06
C GLN N 184 -152.44 -3.30 -28.70
N ASN N 185 -153.61 -3.74 -28.20
CA ASN N 185 -154.02 -3.33 -26.86
C ASN N 185 -153.05 -3.87 -25.81
N ALA N 186 -152.58 -5.11 -25.98
CA ALA N 186 -151.62 -5.66 -25.04
C ALA N 186 -150.34 -4.84 -25.00
N LEU N 187 -149.85 -4.43 -26.17
CA LEU N 187 -148.67 -3.55 -26.22
C LEU N 187 -148.96 -2.21 -25.55
N ASP N 188 -150.12 -1.63 -25.84
CA ASP N 188 -150.47 -0.34 -25.27
C ASP N 188 -150.69 -0.41 -23.76
N GLY N 189 -150.88 -1.61 -23.21
CA GLY N 189 -151.03 -1.77 -21.78
C GLY N 189 -149.76 -1.76 -20.98
N SER N 190 -148.60 -1.62 -21.63
CA SER N 190 -147.31 -1.61 -20.94
C SER N 190 -147.03 -0.23 -20.35
N ILE N 191 -147.81 0.12 -19.34
CA ILE N 191 -147.74 1.44 -18.73
C ILE N 191 -146.65 1.48 -17.67
N ILE N 192 -145.95 2.61 -17.58
CA ILE N 192 -144.99 2.84 -16.51
C ILE N 192 -145.75 3.36 -15.29
N GLU N 193 -145.73 2.59 -14.20
CA GLU N 193 -146.65 2.85 -13.09
C GLU N 193 -146.41 4.22 -12.46
N ASN N 194 -145.16 4.69 -12.48
CA ASN N 194 -144.82 5.98 -11.87
C ASN N 194 -144.54 7.05 -12.92
N GLY N 195 -144.95 6.83 -14.17
CA GLY N 195 -144.60 7.77 -15.23
C GLY N 195 -145.18 9.15 -15.01
N ASN N 196 -146.42 9.22 -14.50
CA ASN N 196 -147.06 10.51 -14.29
C ASN N 196 -146.48 11.29 -13.13
N VAL N 197 -145.63 10.68 -12.31
CA VAL N 197 -145.06 11.36 -11.16
C VAL N 197 -144.05 12.40 -11.64
N ALA N 198 -144.20 13.64 -11.17
CA ALA N 198 -143.28 14.69 -11.54
C ALA N 198 -141.96 14.55 -10.79
N THR N 199 -140.92 15.19 -11.34
CA THR N 199 -139.57 15.29 -10.77
C THR N 199 -139.05 13.97 -10.22
N ARG N 200 -139.49 12.86 -10.80
CA ARG N 200 -139.04 11.55 -10.37
C ARG N 200 -137.62 11.28 -10.84
N ASP N 201 -137.02 10.22 -10.28
CA ASP N 201 -135.64 9.88 -10.57
C ASP N 201 -135.49 8.68 -11.49
N VAL N 202 -136.26 7.61 -11.26
CA VAL N 202 -136.14 6.38 -12.03
C VAL N 202 -137.52 5.95 -12.50
N ASP N 203 -137.53 5.04 -13.47
CA ASP N 203 -138.76 4.46 -14.01
C ASP N 203 -138.70 2.94 -13.94
N VAL N 204 -139.86 2.32 -13.83
CA VAL N 204 -139.99 0.88 -13.70
C VAL N 204 -141.06 0.39 -14.67
N PHE N 205 -140.78 -0.73 -15.34
CA PHE N 205 -141.74 -1.31 -16.27
C PHE N 205 -141.60 -2.83 -16.23
N ILE N 206 -142.68 -3.50 -16.58
CA ILE N 206 -142.69 -4.97 -16.62
C ILE N 206 -142.10 -5.42 -17.94
N GLY N 207 -141.34 -6.51 -17.89
CA GLY N 207 -140.71 -7.05 -19.08
C GLY N 207 -140.53 -8.56 -19.04
N ALA N 208 -139.85 -9.11 -20.04
CA ALA N 208 -139.57 -10.54 -20.11
C ALA N 208 -138.08 -10.75 -20.20
N CYS N 209 -137.57 -11.68 -19.38
CA CYS N 209 -136.14 -11.96 -19.33
C CYS N 209 -135.93 -13.36 -18.77
N SER N 210 -134.88 -14.03 -19.24
CA SER N 210 -134.56 -15.36 -18.75
C SER N 210 -134.10 -15.30 -17.30
N GLU N 211 -134.46 -16.34 -16.55
CA GLU N 211 -134.13 -16.38 -15.12
C GLU N 211 -132.62 -16.36 -14.85
N PRO N 212 -131.78 -17.15 -15.52
CA PRO N 212 -130.35 -17.13 -15.18
C PRO N 212 -129.71 -15.76 -15.32
N VAL N 213 -130.10 -14.98 -16.33
CA VAL N 213 -129.51 -13.65 -16.47
C VAL N 213 -130.26 -12.63 -15.62
N TYR N 214 -131.55 -12.86 -15.36
CA TYR N 214 -132.29 -11.96 -14.49
C TYR N 214 -131.75 -12.00 -13.07
N ARG N 215 -131.30 -13.17 -12.62
CA ARG N 215 -130.71 -13.29 -11.29
C ARG N 215 -129.44 -12.43 -11.19
N ILE N 216 -128.58 -12.50 -12.19
CA ILE N 216 -127.35 -11.72 -12.18
C ILE N 216 -127.66 -10.22 -12.26
N TYR N 217 -128.63 -9.85 -13.08
CA TYR N 217 -129.04 -8.44 -13.16
C TYR N 217 -129.54 -7.94 -11.81
N ASN N 218 -130.38 -8.75 -11.14
CA ASN N 218 -130.90 -8.35 -9.84
C ASN N 218 -129.78 -8.24 -8.82
N ARG N 219 -128.82 -9.16 -8.85
CA ARG N 219 -127.70 -9.11 -7.93
C ARG N 219 -126.87 -7.84 -8.15
N LEU N 220 -126.60 -7.51 -9.42
CA LEU N 220 -125.85 -6.29 -9.71
C LEU N 220 -126.59 -5.06 -9.23
N GLN N 221 -127.90 -5.01 -9.47
CA GLN N 221 -128.70 -3.88 -8.99
C GLN N 221 -128.63 -3.77 -7.47
N GLY N 222 -128.83 -4.90 -6.77
CA GLY N 222 -128.77 -4.91 -5.32
C GLY N 222 -127.44 -4.45 -4.77
N TYR N 223 -126.35 -4.82 -5.46
CA TYR N 223 -125.06 -4.24 -5.11
C TYR N 223 -125.05 -2.74 -5.34
N ILE N 224 -125.76 -2.28 -6.37
CA ILE N 224 -125.74 -0.86 -6.70
C ILE N 224 -126.38 -0.02 -5.61
N GLU N 225 -127.57 -0.40 -5.11
CA GLU N 225 -128.17 0.61 -4.22
C GLU N 225 -127.49 0.69 -2.87
N ALA N 226 -126.42 -0.08 -2.62
CA ALA N 226 -125.69 -0.04 -1.36
C ALA N 226 -124.63 1.06 -1.44
N VAL N 227 -124.82 2.12 -0.66
CA VAL N 227 -123.91 3.27 -0.70
C VAL N 227 -122.64 2.95 0.08
N GLN N 228 -121.50 3.41 -0.44
CA GLN N 228 -120.19 3.06 0.08
C GLN N 228 -119.29 4.29 0.19
N LEU N 229 -119.85 5.38 0.72
CA LEU N 229 -119.08 6.63 0.84
C LEU N 229 -117.87 6.44 1.73
N GLN N 230 -118.03 5.71 2.83
CA GLN N 230 -116.90 5.46 3.73
C GLN N 230 -115.78 4.71 3.03
N GLU N 231 -116.12 3.79 2.12
CA GLU N 231 -115.10 3.09 1.36
C GLU N 231 -114.28 4.04 0.51
N LEU N 232 -114.94 4.99 -0.15
CA LEU N 232 -114.22 5.98 -0.94
C LEU N 232 -113.36 6.86 -0.05
N ARG N 233 -113.88 7.26 1.11
CA ARG N 233 -113.09 8.08 2.04
C ARG N 233 -111.83 7.35 2.47
N ASN N 234 -111.97 6.08 2.84
CA ASN N 234 -110.80 5.30 3.26
C ASN N 234 -109.82 5.11 2.11
N SER N 235 -110.33 4.90 0.90
CA SER N 235 -109.45 4.76 -0.26
C SER N 235 -108.65 6.03 -0.50
N ILE N 236 -109.30 7.19 -0.40
CA ILE N 236 -108.59 8.45 -0.60
C ILE N 236 -107.56 8.67 0.50
N GLY N 237 -107.91 8.31 1.74
CA GLY N 237 -106.93 8.42 2.82
C GLY N 237 -105.72 7.54 2.59
N TRP N 238 -105.93 6.31 2.13
CA TRP N 238 -104.81 5.43 1.83
C TRP N 238 -103.99 5.97 0.67
N LEU N 239 -104.64 6.57 -0.33
CA LEU N 239 -103.91 7.18 -1.42
C LEU N 239 -103.03 8.32 -0.92
N GLU N 240 -103.54 9.13 0.00
CA GLU N 240 -102.71 10.19 0.57
C GLU N 240 -101.54 9.63 1.37
N ARG N 241 -101.78 8.57 2.14
CA ARG N 241 -100.69 7.95 2.88
C ARG N 241 -99.62 7.38 1.95
N LEU N 242 -100.03 6.82 0.81
CA LEU N 242 -99.08 6.33 -0.17
C LEU N 242 -98.31 7.49 -0.80
N GLY N 243 -99.02 8.55 -1.19
CA GLY N 243 -98.37 9.72 -1.78
C GLY N 243 -97.41 10.40 -0.83
N HIS N 244 -97.61 10.23 0.47
CA HIS N 244 -96.62 10.69 1.45
C HIS N 244 -95.25 10.13 1.13
N ARG N 245 -95.18 8.82 0.87
CA ARG N 245 -93.92 8.14 0.63
C ARG N 245 -93.42 8.29 -0.80
N LYS N 246 -94.31 8.43 -1.77
CA LYS N 246 -93.92 8.49 -3.18
C LYS N 246 -93.51 9.89 -3.62
N ARG N 247 -93.51 10.87 -2.71
CA ARG N 247 -93.12 12.25 -3.02
C ARG N 247 -93.97 12.83 -4.14
N ILE N 248 -95.28 12.70 -3.99
CA ILE N 248 -96.24 13.27 -4.94
C ILE N 248 -96.56 14.69 -4.50
N THR N 249 -96.67 15.60 -5.47
CA THR N 249 -96.97 16.98 -5.16
C THR N 249 -98.31 17.10 -4.44
N TYR N 250 -98.37 17.99 -3.46
CA TYR N 250 -99.54 18.12 -2.59
C TYR N 250 -100.46 19.19 -3.17
N SER N 251 -101.66 18.77 -3.59
CA SER N 251 -102.63 19.72 -4.10
C SER N 251 -103.13 20.63 -2.99
N GLN N 252 -103.33 21.91 -3.32
CA GLN N 252 -103.79 22.89 -2.35
C GLN N 252 -105.19 22.59 -1.84
N GLU N 253 -105.98 21.83 -2.60
CA GLU N 253 -107.37 21.57 -2.28
C GLU N 253 -107.51 20.42 -1.27
N VAL N 254 -108.59 20.47 -0.50
CA VAL N 254 -108.93 19.42 0.46
C VAL N 254 -110.32 18.90 0.12
N LEU N 255 -110.45 17.58 0.00
CA LEU N 255 -111.67 16.97 -0.50
C LEU N 255 -112.84 17.21 0.46
N THR N 256 -114.03 17.38 -0.12
CA THR N 256 -115.25 17.59 0.63
C THR N 256 -116.21 16.44 0.39
N ASP N 257 -117.03 16.16 1.40
CA ASP N 257 -118.04 15.09 1.31
C ASP N 257 -119.32 15.71 0.74
N PHE N 258 -119.56 15.48 -0.55
CA PHE N 258 -120.75 15.99 -1.20
C PHE N 258 -121.34 14.93 -2.12
N ARG N 259 -122.65 15.01 -2.35
CA ARG N 259 -123.36 14.11 -3.24
C ARG N 259 -124.27 14.94 -4.12
N ARG N 260 -124.01 14.92 -5.42
CA ARG N 260 -124.87 15.64 -6.35
C ARG N 260 -126.21 14.93 -6.48
N GLN N 261 -127.28 15.73 -6.56
CA GLN N 261 -128.63 15.17 -6.64
C GLN N 261 -128.91 14.47 -7.97
N ASP N 262 -128.04 14.63 -8.96
CA ASP N 262 -128.25 14.04 -10.28
C ASP N 262 -127.18 13.02 -10.64
N THR N 263 -126.45 12.50 -9.66
CA THR N 263 -125.38 11.54 -9.91
C THR N 263 -125.57 10.31 -9.04
N ILE N 264 -125.24 9.14 -9.61
CA ILE N 264 -125.26 7.88 -8.89
C ILE N 264 -123.88 7.26 -9.02
N TRP N 265 -123.24 6.97 -7.89
CA TRP N 265 -121.87 6.48 -7.88
C TRP N 265 -121.83 4.96 -7.96
N VAL N 266 -120.80 4.45 -8.63
CA VAL N 266 -120.48 3.03 -8.65
C VAL N 266 -118.99 2.87 -8.34
N LEU N 267 -118.67 1.90 -7.50
CA LEU N 267 -117.28 1.64 -7.09
C LEU N 267 -117.05 0.13 -7.20
N ALA N 268 -116.45 -0.30 -8.32
CA ALA N 268 -116.25 -1.72 -8.55
C ALA N 268 -115.10 -2.29 -7.73
N LEU N 269 -114.12 -1.47 -7.36
CA LEU N 269 -112.91 -1.93 -6.71
C LEU N 269 -112.73 -1.25 -5.36
N GLN N 270 -112.21 -2.00 -4.40
CA GLN N 270 -111.80 -1.46 -3.11
C GLN N 270 -110.28 -1.33 -3.09
N LEU N 271 -109.80 -0.17 -2.69
CA LEU N 271 -108.40 0.19 -2.89
C LEU N 271 -107.42 -0.46 -1.92
N PRO N 272 -107.69 -0.51 -0.59
CA PRO N 272 -106.67 -1.07 0.32
C PRO N 272 -106.45 -2.55 0.11
N VAL N 273 -105.69 -2.89 -0.93
CA VAL N 273 -105.46 -4.29 -1.28
C VAL N 273 -104.61 -4.97 -0.21
N ASN N 274 -105.02 -6.19 0.15
CA ASN N 274 -104.27 -6.99 1.11
C ASN N 274 -103.09 -7.67 0.42
N PRO N 275 -101.87 -7.56 0.97
CA PRO N 275 -100.71 -8.19 0.33
C PRO N 275 -100.70 -9.71 0.41
N GLN N 276 -101.42 -10.31 1.37
CA GLN N 276 -101.45 -11.77 1.45
C GLN N 276 -102.10 -12.39 0.22
N VAL N 277 -103.09 -11.69 -0.35
CA VAL N 277 -103.78 -12.22 -1.52
C VAL N 277 -102.81 -12.41 -2.68
N VAL N 278 -101.87 -11.48 -2.83
CA VAL N 278 -100.93 -11.54 -3.96
C VAL N 278 -99.70 -12.36 -3.62
N TRP N 279 -99.32 -12.45 -2.34
CA TRP N 279 -98.11 -13.17 -1.96
C TRP N 279 -98.38 -14.59 -1.48
N ASP N 280 -99.63 -15.04 -1.47
CA ASP N 280 -99.92 -16.43 -1.11
C ASP N 280 -99.82 -17.38 -2.29
N VAL N 281 -99.73 -16.88 -3.52
CA VAL N 281 -99.66 -17.75 -4.69
C VAL N 281 -98.32 -18.46 -4.70
N PRO N 282 -98.29 -19.79 -4.79
CA PRO N 282 -97.00 -20.49 -4.80
C PRO N 282 -96.19 -20.19 -6.05
N ARG N 283 -94.87 -20.15 -5.88
CA ARG N 283 -93.94 -19.94 -6.99
C ARG N 283 -94.26 -18.66 -7.76
N SER N 284 -94.55 -17.59 -7.02
CA SER N 284 -94.91 -16.30 -7.61
C SER N 284 -93.82 -15.26 -7.45
N SER N 285 -92.61 -15.65 -7.04
CA SER N 285 -91.53 -14.69 -6.85
C SER N 285 -91.14 -14.03 -8.16
N ILE N 286 -90.92 -14.84 -9.20
CA ILE N 286 -90.56 -14.29 -10.51
C ILE N 286 -91.70 -13.45 -11.07
N ALA N 287 -92.94 -13.91 -10.89
CA ALA N 287 -94.10 -13.16 -11.36
C ALA N 287 -94.17 -11.79 -10.70
N ASN N 288 -94.03 -11.76 -9.37
CA ASN N 288 -94.08 -10.49 -8.65
C ASN N 288 -92.93 -9.58 -9.05
N LEU N 289 -91.74 -10.15 -9.22
CA LEU N 289 -90.60 -9.34 -9.64
C LEU N 289 -90.83 -8.71 -11.01
N ILE N 290 -91.33 -9.50 -11.95
CA ILE N 290 -91.59 -8.99 -13.29
C ILE N 290 -92.65 -7.90 -13.26
N MET N 291 -93.74 -8.13 -12.52
CA MET N 291 -94.79 -7.14 -12.46
C MET N 291 -94.28 -5.84 -11.83
N ASN N 292 -93.52 -5.94 -10.73
CA ASN N 292 -92.99 -4.75 -10.08
C ASN N 292 -92.04 -3.99 -10.98
N ILE N 293 -91.14 -4.70 -11.67
CA ILE N 293 -90.15 -4.01 -12.49
C ILE N 293 -90.81 -3.42 -13.73
N ALA N 294 -91.93 -4.00 -14.16
CA ALA N 294 -92.68 -3.41 -15.27
C ALA N 294 -93.44 -2.17 -14.84
N THR N 295 -93.98 -2.17 -13.61
CA THR N 295 -94.87 -1.09 -13.20
C THR N 295 -94.17 0.05 -12.47
N CYS N 296 -92.95 -0.14 -11.98
CA CYS N 296 -92.32 0.86 -11.14
C CYS N 296 -90.92 1.29 -11.58
N LEU N 297 -90.14 0.40 -12.19
CA LEU N 297 -88.75 0.74 -12.49
C LEU N 297 -88.69 1.83 -13.56
N PRO N 298 -88.00 2.94 -13.29
CA PRO N 298 -87.88 4.00 -14.29
C PRO N 298 -86.65 3.83 -15.17
N THR N 299 -86.69 4.51 -16.32
CA THR N 299 -85.55 4.52 -17.23
C THR N 299 -84.49 5.48 -16.71
N GLY N 300 -83.35 5.52 -17.39
CA GLY N 300 -82.26 6.36 -16.96
C GLY N 300 -81.21 6.49 -18.03
N GLU N 301 -80.12 7.16 -17.68
CA GLU N 301 -79.04 7.42 -18.63
C GLU N 301 -77.71 7.31 -17.89
N TYR N 302 -76.65 7.02 -18.64
CA TYR N 302 -75.35 6.73 -18.05
C TYR N 302 -74.35 7.82 -18.39
N ILE N 303 -73.59 8.24 -17.38
CA ILE N 303 -72.68 9.38 -17.49
C ILE N 303 -71.31 8.97 -16.93
N ALA N 304 -70.25 9.32 -17.65
CA ALA N 304 -68.88 9.12 -17.20
C ALA N 304 -68.52 10.16 -16.14
N PRO N 305 -67.53 9.87 -15.28
CA PRO N 305 -67.19 10.85 -14.23
C PRO N 305 -66.72 12.18 -14.78
N ASN N 306 -66.01 12.16 -15.92
CA ASN N 306 -65.60 13.37 -16.59
C ASN N 306 -66.35 13.47 -17.92
N PRO N 307 -67.12 14.52 -18.15
CA PRO N 307 -67.84 14.64 -19.42
C PRO N 307 -66.89 14.90 -20.59
N ARG N 308 -67.39 14.63 -21.78
CA ARG N 308 -66.73 14.97 -23.06
C ARG N 308 -65.29 14.48 -23.12
N ILE N 309 -65.01 13.31 -22.51
CA ILE N 309 -63.68 12.71 -22.63
C ILE N 309 -63.40 12.23 -24.04
N SER N 310 -64.42 12.07 -24.87
CA SER N 310 -64.19 11.70 -26.27
C SER N 310 -63.50 12.82 -27.04
N SER N 311 -63.67 14.07 -26.61
CA SER N 311 -63.03 15.18 -27.31
C SER N 311 -61.54 15.28 -27.00
N ILE N 312 -61.14 14.94 -25.77
CA ILE N 312 -59.74 15.06 -25.40
C ILE N 312 -58.92 13.96 -26.08
N THR N 313 -57.65 14.26 -26.35
CA THR N 313 -56.78 13.33 -27.03
C THR N 313 -56.38 12.18 -26.10
N LEU N 314 -56.06 11.04 -26.71
CA LEU N 314 -55.75 9.84 -25.93
C LEU N 314 -54.52 10.05 -25.06
N THR N 315 -53.56 10.85 -25.52
CA THR N 315 -52.32 11.03 -24.76
C THR N 315 -52.58 11.64 -23.39
N GLN N 316 -53.59 12.52 -23.28
CA GLN N 316 -53.92 13.10 -21.99
C GLN N 316 -54.67 12.13 -21.08
N ARG N 317 -55.19 11.02 -21.62
CA ARG N 317 -55.88 10.04 -20.81
C ARG N 317 -54.94 8.93 -20.32
N ILE N 318 -53.99 8.52 -21.13
CA ILE N 318 -52.99 7.52 -20.75
C ILE N 318 -51.74 8.28 -20.31
N THR N 319 -51.43 8.21 -19.02
CA THR N 319 -50.35 9.00 -18.45
C THR N 319 -49.20 8.18 -17.88
N THR N 320 -49.44 6.94 -17.46
CA THR N 320 -48.43 6.16 -16.78
C THR N 320 -48.50 4.73 -17.31
N THR N 321 -47.86 3.80 -16.60
CA THR N 321 -47.86 2.38 -16.93
C THR N 321 -48.55 1.59 -15.83
N GLY N 322 -48.97 0.39 -16.18
CA GLY N 322 -49.64 -0.49 -15.24
C GLY N 322 -51.00 -0.91 -15.75
N PRO N 323 -51.63 -1.87 -15.06
CA PRO N 323 -52.96 -2.33 -15.50
C PRO N 323 -54.01 -1.23 -15.52
N PHE N 324 -53.99 -0.34 -14.54
CA PHE N 324 -54.97 0.75 -14.51
C PHE N 324 -54.74 1.73 -15.65
N ALA N 325 -53.48 1.99 -15.99
CA ALA N 325 -53.19 2.87 -17.12
C ALA N 325 -53.70 2.28 -18.42
N ILE N 326 -53.52 0.97 -18.61
CA ILE N 326 -54.07 0.31 -19.80
C ILE N 326 -55.58 0.39 -19.80
N LEU N 327 -56.20 0.14 -18.65
CA LEU N 327 -57.66 0.18 -18.56
C LEU N 327 -58.19 1.59 -18.84
N THR N 328 -57.54 2.60 -18.29
CA THR N 328 -57.97 3.97 -18.49
C THR N 328 -57.73 4.39 -19.94
N GLY N 329 -58.68 5.14 -20.49
CA GLY N 329 -58.58 5.64 -21.84
C GLY N 329 -59.26 4.79 -22.89
N SER N 330 -59.56 3.52 -22.58
CA SER N 330 -60.24 2.65 -23.52
C SER N 330 -61.73 2.95 -23.55
N THR N 331 -62.32 2.92 -24.74
CA THR N 331 -63.74 3.19 -24.76
C THR N 331 -64.53 1.88 -24.78
N PRO N 332 -65.64 1.81 -24.04
CA PRO N 332 -66.41 0.57 -24.01
C PRO N 332 -67.11 0.30 -25.33
N THR N 333 -67.30 -0.98 -25.62
CA THR N 333 -68.09 -1.39 -26.76
C THR N 333 -69.58 -1.32 -26.43
N ALA N 334 -70.40 -1.38 -27.47
CA ALA N 334 -71.84 -1.30 -27.28
C ALA N 334 -72.37 -2.48 -26.49
N GLN N 335 -71.83 -3.68 -26.73
CA GLN N 335 -72.33 -4.87 -26.06
C GLN N 335 -72.11 -4.81 -24.56
N GLN N 336 -70.95 -4.31 -24.14
CA GLN N 336 -70.64 -4.24 -22.70
C GLN N 336 -71.56 -3.27 -21.97
N LEU N 337 -72.17 -2.31 -22.68
CA LEU N 337 -73.15 -1.45 -22.03
C LEU N 337 -74.35 -2.25 -21.53
N ASN N 338 -74.73 -3.31 -22.25
CA ASN N 338 -75.81 -4.17 -21.78
C ASN N 338 -75.44 -4.86 -20.47
N ASP N 339 -74.19 -5.32 -20.35
CA ASP N 339 -73.76 -5.92 -19.10
C ASP N 339 -73.70 -4.90 -17.97
N VAL N 340 -73.31 -3.66 -18.28
CA VAL N 340 -73.37 -2.59 -17.28
C VAL N 340 -74.81 -2.39 -16.82
N ARG N 341 -75.76 -2.42 -17.77
CA ARG N 341 -77.16 -2.33 -17.41
C ARG N 341 -77.59 -3.48 -16.52
N LYS N 342 -77.11 -4.69 -16.81
CA LYS N 342 -77.42 -5.83 -15.95
C LYS N 342 -76.89 -5.65 -14.54
N ILE N 343 -75.65 -5.13 -14.43
CA ILE N 343 -75.06 -4.91 -13.12
C ILE N 343 -75.88 -3.90 -12.33
N TYR N 344 -76.28 -2.80 -12.97
CA TYR N 344 -77.10 -1.82 -12.28
C TYR N 344 -78.46 -2.40 -11.90
N LEU N 345 -79.05 -3.20 -12.79
CA LEU N 345 -80.31 -3.85 -12.50
C LEU N 345 -80.21 -4.71 -11.25
N ALA N 346 -79.13 -5.47 -11.13
CA ALA N 346 -78.89 -6.23 -9.91
C ALA N 346 -78.68 -5.29 -8.73
N LEU N 347 -78.12 -4.11 -8.96
CA LEU N 347 -77.92 -3.16 -7.85
C LEU N 347 -79.26 -2.68 -7.27
N MET N 348 -80.24 -2.38 -8.13
CA MET N 348 -81.53 -1.94 -7.60
C MET N 348 -82.24 -3.03 -6.82
N PHE N 349 -82.14 -4.29 -7.25
CA PHE N 349 -82.81 -5.37 -6.54
C PHE N 349 -81.78 -6.19 -5.78
N PRO N 350 -81.67 -6.03 -4.46
CA PRO N 350 -80.58 -6.66 -3.71
C PRO N 350 -80.63 -8.17 -3.68
N GLY N 351 -81.76 -8.73 -3.24
CA GLY N 351 -81.82 -10.16 -3.00
C GLY N 351 -82.48 -10.98 -4.10
N GLN N 352 -83.00 -10.31 -5.13
CA GLN N 352 -83.71 -11.00 -6.18
C GLN N 352 -82.89 -11.17 -7.46
N ILE N 353 -81.84 -10.38 -7.65
CA ILE N 353 -80.96 -10.49 -8.80
C ILE N 353 -79.54 -10.76 -8.30
N ILE N 354 -78.91 -11.79 -8.86
CA ILE N 354 -77.56 -12.19 -8.45
C ILE N 354 -76.69 -12.29 -9.69
N LEU N 355 -75.41 -11.96 -9.53
CA LEU N 355 -74.47 -11.93 -10.64
C LEU N 355 -73.65 -13.21 -10.71
N ASP N 356 -73.11 -13.46 -11.90
CA ASP N 356 -72.16 -14.54 -12.11
C ASP N 356 -71.27 -14.16 -13.30
N LEU N 357 -70.10 -14.81 -13.37
CA LEU N 357 -69.12 -14.48 -14.40
C LEU N 357 -69.30 -15.36 -15.63
N LYS N 358 -69.22 -14.73 -16.80
CA LYS N 358 -69.30 -15.43 -18.08
C LYS N 358 -67.89 -15.80 -18.52
N ILE N 359 -67.57 -17.09 -18.52
CA ILE N 359 -66.28 -17.59 -18.94
C ILE N 359 -66.49 -18.50 -20.15
N ASP N 360 -65.89 -18.13 -21.27
CA ASP N 360 -65.93 -18.99 -22.44
C ASP N 360 -64.68 -19.86 -22.48
N PRO N 361 -64.82 -21.17 -22.63
CA PRO N 361 -63.64 -22.05 -22.62
C PRO N 361 -62.63 -21.75 -23.72
N GLY N 362 -63.06 -21.13 -24.81
CA GLY N 362 -62.16 -20.82 -25.90
C GLY N 362 -61.92 -19.34 -26.09
N GLU N 363 -61.78 -18.60 -25.00
CA GLU N 363 -61.52 -17.17 -25.06
C GLU N 363 -60.35 -16.82 -24.15
N ARG N 364 -59.83 -15.62 -24.35
CA ARG N 364 -58.67 -15.13 -23.60
C ARG N 364 -58.75 -13.61 -23.54
N MET N 365 -57.83 -13.02 -22.79
CA MET N 365 -57.86 -11.58 -22.55
C MET N 365 -56.52 -11.15 -21.96
N ASP N 366 -56.30 -9.84 -21.97
CA ASP N 366 -55.14 -9.27 -21.29
C ASP N 366 -55.39 -9.37 -19.79
N PRO N 367 -54.48 -9.95 -19.02
CA PRO N 367 -54.76 -10.15 -17.58
C PRO N 367 -54.99 -8.86 -16.82
N ALA N 368 -54.60 -7.71 -17.38
CA ALA N 368 -54.80 -6.44 -16.69
C ALA N 368 -56.28 -6.18 -16.42
N VAL N 369 -57.14 -6.54 -17.37
CA VAL N 369 -58.58 -6.30 -17.18
C VAL N 369 -59.11 -7.19 -16.07
N ARG N 370 -58.64 -8.43 -15.97
CA ARG N 370 -59.05 -9.30 -14.87
C ARG N 370 -58.56 -8.74 -13.53
N MET N 371 -57.33 -8.24 -13.50
CA MET N 371 -56.79 -7.66 -12.28
C MET N 371 -57.64 -6.49 -11.82
N VAL N 372 -57.96 -5.59 -12.75
CA VAL N 372 -58.73 -4.38 -12.41
C VAL N 372 -60.13 -4.76 -11.98
N ALA N 373 -60.75 -5.72 -12.66
CA ALA N 373 -62.09 -6.16 -12.27
C ALA N 373 -62.08 -6.76 -10.87
N GLY N 374 -61.06 -7.55 -10.55
CA GLY N 374 -60.95 -8.11 -9.22
C GLY N 374 -60.79 -7.04 -8.16
N VAL N 375 -60.00 -6.00 -8.46
CA VAL N 375 -59.85 -4.91 -7.50
C VAL N 375 -61.17 -4.17 -7.31
N VAL N 376 -61.87 -3.90 -8.41
CA VAL N 376 -63.07 -3.05 -8.36
C VAL N 376 -64.22 -3.78 -7.66
N GLY N 377 -64.36 -5.09 -7.91
CA GLY N 377 -65.55 -5.79 -7.46
C GLY N 377 -65.76 -5.72 -5.96
N HIS N 378 -64.67 -5.70 -5.18
CA HIS N 378 -64.79 -5.63 -3.74
C HIS N 378 -65.48 -4.34 -3.30
N LEU N 379 -65.10 -3.22 -3.90
CA LEU N 379 -65.72 -1.94 -3.55
C LEU N 379 -67.11 -1.80 -4.16
N LEU N 380 -67.32 -2.32 -5.37
CA LEU N 380 -68.57 -2.08 -6.08
C LEU N 380 -69.74 -2.85 -5.50
N PHE N 381 -69.53 -4.07 -5.04
CA PHE N 381 -70.60 -4.95 -4.61
C PHE N 381 -70.58 -5.15 -3.09
N THR N 382 -71.62 -5.80 -2.59
CA THR N 382 -71.72 -6.19 -1.19
C THR N 382 -72.08 -7.66 -1.11
N ALA N 383 -71.66 -8.29 -0.02
CA ALA N 383 -71.93 -9.72 0.18
C ALA N 383 -71.77 -10.05 1.66
N GLY N 384 -72.75 -10.74 2.21
CA GLY N 384 -72.71 -11.16 3.59
C GLY N 384 -73.36 -10.16 4.54
N GLY N 385 -73.53 -10.61 5.78
CA GLY N 385 -74.14 -9.78 6.81
C GLY N 385 -75.65 -9.83 6.78
N ARG N 386 -76.25 -9.15 5.80
CA ARG N 386 -77.70 -9.11 5.65
C ARG N 386 -78.19 -9.67 4.33
N PHE N 387 -77.51 -9.39 3.24
CA PHE N 387 -77.89 -9.90 1.93
C PHE N 387 -76.65 -9.90 1.04
N THR N 388 -76.79 -10.51 -0.14
CA THR N 388 -75.70 -10.61 -1.10
C THR N 388 -76.21 -10.26 -2.49
N ASN N 389 -75.27 -9.83 -3.34
CA ASN N 389 -75.55 -9.53 -4.73
C ASN N 389 -74.85 -10.47 -5.69
N LEU N 390 -73.97 -11.34 -5.20
CA LEU N 390 -73.17 -12.20 -6.06
C LEU N 390 -73.02 -13.57 -5.42
N THR N 391 -72.86 -14.58 -6.27
CA THR N 391 -72.75 -15.95 -5.80
C THR N 391 -71.40 -16.20 -5.13
N GLN N 392 -71.31 -17.32 -4.41
CA GLN N 392 -70.07 -17.67 -3.73
C GLN N 392 -68.94 -17.88 -4.72
N ASN N 393 -69.23 -18.49 -5.87
CA ASN N 393 -68.20 -18.72 -6.87
C ASN N 393 -67.63 -17.40 -7.39
N MET N 394 -68.49 -16.41 -7.64
CA MET N 394 -68.02 -15.10 -8.07
C MET N 394 -67.14 -14.46 -7.01
N ALA N 395 -67.52 -14.61 -5.74
CA ALA N 395 -66.69 -14.07 -4.67
C ALA N 395 -65.32 -14.73 -4.67
N ARG N 396 -65.27 -16.05 -4.86
CA ARG N 396 -63.98 -16.74 -4.89
C ARG N 396 -63.13 -16.27 -6.06
N GLN N 397 -63.73 -16.10 -7.24
CA GLN N 397 -62.96 -15.63 -8.39
C GLN N 397 -62.44 -14.21 -8.16
N LEU N 398 -63.27 -13.34 -7.57
CA LEU N 398 -62.82 -11.99 -7.29
C LEU N 398 -61.69 -11.98 -6.27
N ASP N 399 -61.77 -12.84 -5.26
CA ASP N 399 -60.68 -12.94 -4.28
C ASP N 399 -59.40 -13.41 -4.95
N ILE N 400 -59.49 -14.39 -5.84
CA ILE N 400 -58.31 -14.88 -6.55
C ILE N 400 -57.71 -13.77 -7.41
N ALA N 401 -58.55 -13.02 -8.11
CA ALA N 401 -58.05 -11.92 -8.94
C ALA N 401 -57.37 -10.85 -8.09
N LEU N 402 -57.96 -10.52 -6.93
CA LEU N 402 -57.34 -9.55 -6.04
C LEU N 402 -56.00 -10.05 -5.53
N ASN N 403 -55.92 -11.34 -5.20
CA ASN N 403 -54.64 -11.93 -4.77
C ASN N 403 -53.59 -11.79 -5.86
N ASP N 404 -53.96 -12.13 -7.10
CA ASP N 404 -53.03 -12.05 -8.22
C ASP N 404 -52.57 -10.61 -8.44
N TYR N 405 -53.48 -9.65 -8.31
CA TYR N 405 -53.09 -8.25 -8.47
C TYR N 405 -52.14 -7.82 -7.35
N LEU N 406 -52.41 -8.24 -6.12
CA LEU N 406 -51.56 -7.85 -5.01
C LEU N 406 -50.15 -8.43 -5.14
N LEU N 407 -50.02 -9.62 -5.72
CA LEU N 407 -48.71 -10.19 -6.00
C LEU N 407 -48.20 -9.87 -7.39
N TYR N 408 -48.58 -8.73 -7.96
CA TYR N 408 -48.09 -8.28 -9.26
C TYR N 408 -47.11 -7.12 -9.03
N MET N 409 -45.82 -7.43 -9.08
CA MET N 409 -44.76 -6.44 -8.83
C MET N 409 -44.36 -5.78 -10.14
N TYR N 410 -45.25 -4.91 -10.63
CA TYR N 410 -45.07 -4.29 -11.93
C TYR N 410 -44.20 -3.03 -11.89
N ASN N 411 -44.17 -2.34 -10.76
CA ASN N 411 -43.41 -1.10 -10.68
C ASN N 411 -42.41 -1.08 -9.53
N THR N 412 -42.76 -1.67 -8.38
CA THR N 412 -41.87 -1.68 -7.24
C THR N 412 -42.07 -2.99 -6.47
N ARG N 413 -41.08 -3.33 -5.66
CA ARG N 413 -41.08 -4.57 -4.90
C ARG N 413 -41.14 -4.29 -3.40
N VAL N 414 -41.98 -5.06 -2.70
CA VAL N 414 -42.09 -4.97 -1.26
C VAL N 414 -42.05 -6.39 -0.68
N GLN N 415 -41.64 -6.48 0.58
CA GLN N 415 -41.55 -7.77 1.24
C GLN N 415 -42.92 -8.31 1.58
N VAL N 416 -43.06 -9.63 1.50
CA VAL N 416 -44.32 -10.31 1.77
C VAL N 416 -44.03 -11.60 2.54
N ASN N 417 -44.87 -11.88 3.54
CA ASN N 417 -44.76 -13.10 4.34
C ASN N 417 -46.00 -13.95 4.08
N TYR N 418 -45.79 -15.19 3.65
CA TYR N 418 -46.90 -16.07 3.31
C TYR N 418 -47.39 -16.83 4.55
N GLY N 419 -48.66 -17.20 4.51
CA GLY N 419 -49.28 -17.93 5.61
C GLY N 419 -49.12 -19.43 5.47
N PRO N 420 -49.37 -20.15 6.56
CA PRO N 420 -49.27 -21.62 6.51
C PRO N 420 -50.23 -22.26 5.52
N THR N 421 -51.43 -21.71 5.37
CA THR N 421 -52.44 -22.30 4.51
C THR N 421 -52.31 -21.78 3.08
N GLY N 422 -52.86 -22.55 2.15
CA GLY N 422 -52.82 -22.22 0.74
C GLY N 422 -53.97 -21.38 0.22
N GLU N 423 -54.86 -20.94 1.10
CA GLU N 423 -55.98 -20.13 0.66
C GLU N 423 -55.49 -18.78 0.16
N PRO N 424 -56.19 -18.18 -0.81
CA PRO N 424 -55.77 -16.87 -1.33
C PRO N 424 -55.88 -15.79 -0.26
N LEU N 425 -55.07 -14.74 -0.43
CA LEU N 425 -55.03 -13.57 0.45
C LEU N 425 -54.59 -13.92 1.86
N ASP N 426 -53.92 -15.04 2.04
CA ASP N 426 -53.40 -15.43 3.36
C ASP N 426 -51.92 -15.06 3.46
N PHE N 427 -51.68 -13.75 3.52
CA PHE N 427 -50.30 -13.25 3.61
C PHE N 427 -50.32 -11.85 4.20
N GLN N 428 -49.15 -11.42 4.65
CA GLN N 428 -48.94 -10.07 5.14
C GLN N 428 -47.97 -9.34 4.22
N ILE N 429 -48.29 -8.10 3.88
CA ILE N 429 -47.55 -7.34 2.88
C ILE N 429 -47.19 -5.98 3.45
N GLY N 430 -46.15 -5.39 2.87
CA GLY N 430 -45.72 -4.05 3.22
C GLY N 430 -44.76 -4.01 4.40
N ARG N 431 -44.08 -2.88 4.54
CA ARG N 431 -43.20 -2.67 5.69
C ARG N 431 -43.99 -2.73 6.99
N ASN N 432 -45.15 -2.07 7.01
CA ASN N 432 -46.09 -2.25 8.11
C ASN N 432 -46.97 -3.46 7.81
N GLN N 433 -46.94 -4.45 8.70
CA GLN N 433 -47.58 -5.74 8.45
C GLN N 433 -49.09 -5.56 8.43
N TYR N 434 -49.66 -5.58 7.23
CA TYR N 434 -51.11 -5.52 7.05
C TYR N 434 -51.64 -6.91 6.70
N ASP N 435 -52.66 -7.34 7.42
CA ASP N 435 -53.25 -8.66 7.21
C ASP N 435 -54.30 -8.57 6.11
N CYS N 436 -54.09 -9.33 5.04
CA CYS N 436 -55.00 -9.35 3.91
C CYS N 436 -56.07 -10.42 4.04
N ASN N 437 -56.06 -11.21 5.12
CA ASN N 437 -57.05 -12.26 5.30
C ASN N 437 -58.46 -11.68 5.50
N VAL N 438 -58.57 -10.43 5.94
CA VAL N 438 -59.89 -9.84 6.16
C VAL N 438 -60.64 -9.62 4.86
N PHE N 439 -59.93 -9.55 3.73
CA PHE N 439 -60.58 -9.31 2.44
C PHE N 439 -61.13 -10.58 1.79
N ARG N 440 -60.86 -11.75 2.37
CA ARG N 440 -61.45 -12.97 1.84
C ARG N 440 -62.95 -13.01 2.16
N ALA N 441 -63.73 -13.48 1.20
CA ALA N 441 -65.18 -13.46 1.33
C ALA N 441 -65.64 -14.38 2.45
N ASP N 442 -66.65 -13.91 3.19
CA ASP N 442 -67.26 -14.71 4.26
C ASP N 442 -68.68 -14.21 4.44
N PHE N 443 -69.65 -14.98 3.94
CA PHE N 443 -71.05 -14.56 3.98
C PHE N 443 -71.62 -14.50 5.39
N ALA N 444 -70.97 -15.13 6.37
CA ALA N 444 -71.46 -15.06 7.74
C ALA N 444 -71.37 -13.64 8.28
N THR N 445 -70.29 -12.92 7.97
CA THR N 445 -70.09 -11.57 8.47
C THR N 445 -69.87 -10.52 7.40
N GLY N 446 -69.55 -10.91 6.16
CA GLY N 446 -69.39 -9.95 5.09
C GLY N 446 -68.24 -8.99 5.27
N THR N 447 -67.08 -9.51 5.67
CA THR N 447 -65.93 -8.64 5.92
C THR N 447 -65.35 -8.06 4.63
N GLY N 448 -65.38 -8.83 3.54
CA GLY N 448 -64.64 -8.41 2.36
C GLY N 448 -65.31 -7.40 1.46
N TYR N 449 -66.55 -7.01 1.76
CA TYR N 449 -67.31 -6.18 0.82
C TYR N 449 -68.01 -5.07 1.60
N ASN N 450 -68.95 -4.39 0.93
CA ASN N 450 -69.55 -3.17 1.46
C ASN N 450 -70.34 -3.40 2.74
N GLY N 451 -70.68 -4.65 3.06
CA GLY N 451 -71.38 -4.94 4.29
C GLY N 451 -70.49 -5.04 5.51
N TRP N 452 -69.23 -4.61 5.40
CA TRP N 452 -68.28 -4.76 6.48
C TRP N 452 -68.51 -3.68 7.55
N ALA N 453 -68.88 -4.12 8.75
CA ALA N 453 -68.95 -3.25 9.94
C ALA N 453 -69.97 -2.13 9.80
N THR N 454 -70.83 -2.21 8.79
CA THR N 454 -71.87 -1.22 8.58
C THR N 454 -73.23 -1.89 8.56
N ILE N 455 -74.25 -1.15 8.98
CA ILE N 455 -75.64 -1.61 8.96
C ILE N 455 -76.36 -0.89 7.82
N ASP N 456 -77.05 -1.67 6.98
CA ASP N 456 -77.68 -1.14 5.78
C ASP N 456 -79.20 -1.29 5.75
N VAL N 457 -79.77 -2.18 6.56
CA VAL N 457 -81.21 -2.39 6.61
C VAL N 457 -81.71 -1.99 7.99
N GLU N 458 -82.81 -1.23 8.03
CA GLU N 458 -83.33 -0.72 9.28
C GLU N 458 -84.84 -0.50 9.14
N TYR N 459 -85.47 -0.24 10.28
CA TYR N 459 -86.91 0.02 10.34
C TYR N 459 -87.12 1.33 11.08
N ARG N 460 -87.94 2.21 10.51
CA ARG N 460 -88.17 3.54 11.07
C ARG N 460 -89.58 3.73 11.59
N GLU N 461 -90.59 3.53 10.74
CA GLU N 461 -91.98 3.80 11.10
C GLU N 461 -92.87 3.03 10.13
N PRO N 462 -94.13 2.79 10.50
CA PRO N 462 -95.00 1.96 9.65
C PRO N 462 -95.13 2.52 8.23
N ALA N 463 -95.11 1.60 7.27
CA ALA N 463 -95.15 1.90 5.85
C ALA N 463 -96.57 1.79 5.32
N PRO N 464 -96.86 2.40 4.15
CA PRO N 464 -98.18 2.20 3.54
C PRO N 464 -98.49 0.74 3.26
N TYR N 465 -97.48 -0.06 2.92
CA TYR N 465 -97.64 -1.50 2.77
C TYR N 465 -97.12 -2.18 4.03
N VAL N 466 -98.01 -2.91 4.72
CA VAL N 466 -97.64 -3.50 6.00
C VAL N 466 -96.65 -4.64 5.81
N HIS N 467 -96.70 -5.33 4.66
CA HIS N 467 -95.84 -6.50 4.47
C HIS N 467 -94.37 -6.12 4.30
N ALA N 468 -94.10 -4.91 3.80
CA ALA N 468 -92.73 -4.46 3.56
C ALA N 468 -92.54 -3.10 4.24
N GLN N 469 -91.73 -3.09 5.29
CA GLN N 469 -91.45 -1.87 6.05
C GLN N 469 -89.97 -1.54 6.14
N ARG N 470 -89.10 -2.31 5.50
CA ARG N 470 -87.67 -2.12 5.64
C ARG N 470 -87.18 -0.94 4.82
N TYR N 471 -85.99 -0.46 5.18
CA TYR N 471 -85.30 0.60 4.43
C TYR N 471 -83.94 0.07 4.01
N ILE N 472 -83.52 0.45 2.80
CA ILE N 472 -82.24 0.02 2.24
C ILE N 472 -81.32 1.23 2.18
N ARG N 473 -80.12 1.09 2.74
CA ARG N 473 -79.13 2.17 2.79
C ARG N 473 -77.77 1.59 2.41
N TYR N 474 -77.46 1.61 1.12
CA TYR N 474 -76.13 1.22 0.67
C TYR N 474 -75.09 2.18 1.24
N CYS N 475 -73.99 1.62 1.76
CA CYS N 475 -72.88 2.37 2.33
C CYS N 475 -73.29 3.22 3.53
N GLY N 476 -74.50 3.04 4.05
CA GLY N 476 -74.93 3.78 5.22
C GLY N 476 -75.32 5.22 4.99
N ILE N 477 -75.43 5.66 3.75
CA ILE N 477 -75.77 7.04 3.45
C ILE N 477 -77.28 7.16 3.26
N ASP N 478 -77.82 8.32 3.64
CA ASP N 478 -79.24 8.61 3.50
C ASP N 478 -79.43 10.01 2.95
N SER N 479 -80.59 10.23 2.33
CA SER N 479 -80.90 11.52 1.73
C SER N 479 -81.35 12.56 2.74
N ARG N 480 -81.57 12.18 3.99
CA ARG N 480 -82.02 13.12 5.01
C ARG N 480 -81.04 13.16 6.18
N GLY N 489 -72.34 15.33 -0.84
CA GLY N 489 -71.65 14.06 -0.95
C GLY N 489 -70.15 14.18 -0.80
N ILE N 490 -69.71 15.19 -0.06
CA ILE N 490 -68.29 15.44 0.14
C ILE N 490 -67.92 15.08 1.58
N GLY N 491 -66.91 14.23 1.73
CA GLY N 491 -66.37 13.86 3.01
C GLY N 491 -66.86 12.55 3.58
N MET N 492 -68.03 12.09 3.15
CA MET N 492 -68.57 10.83 3.65
C MET N 492 -67.76 9.65 3.11
N THR N 493 -67.42 8.72 3.99
CA THR N 493 -66.71 7.51 3.62
C THR N 493 -67.32 6.34 4.39
N TYR N 494 -66.75 5.16 4.20
CA TYR N 494 -67.17 3.97 4.93
C TYR N 494 -65.95 3.08 5.19
N HIS N 495 -66.12 2.13 6.11
CA HIS N 495 -65.00 1.38 6.64
C HIS N 495 -64.29 0.57 5.56
N CYS N 496 -65.06 -0.07 4.67
CA CYS N 496 -64.46 -0.93 3.65
C CYS N 496 -63.55 -0.14 2.73
N TYR N 497 -63.98 1.05 2.31
CA TYR N 497 -63.17 1.84 1.39
C TYR N 497 -61.90 2.35 2.06
N ASN N 498 -62.01 2.73 3.34
CA ASN N 498 -60.82 3.15 4.07
C ASN N 498 -59.83 2.01 4.21
N GLU N 499 -60.31 0.80 4.49
CA GLU N 499 -59.40 -0.35 4.57
C GLU N 499 -58.78 -0.65 3.21
N MET N 500 -59.56 -0.50 2.14
CA MET N 500 -59.03 -0.65 0.78
C MET N 500 -57.89 0.31 0.54
N LEU N 501 -58.08 1.59 0.89
CA LEU N 501 -57.02 2.58 0.71
C LEU N 501 -55.81 2.25 1.56
N ARG N 502 -56.03 1.82 2.80
CA ARG N 502 -54.90 1.51 3.69
C ARG N 502 -54.07 0.35 3.12
N MET N 503 -54.74 -0.70 2.64
CA MET N 503 -54.00 -1.83 2.11
C MET N 503 -53.30 -1.47 0.81
N LEU N 504 -53.94 -0.66 -0.04
CA LEU N 504 -53.29 -0.21 -1.27
C LEU N 504 -52.04 0.60 -0.97
N VAL N 505 -52.11 1.50 0.02
CA VAL N 505 -50.95 2.31 0.37
C VAL N 505 -49.86 1.44 0.99
N ALA N 506 -50.23 0.46 1.82
CA ALA N 506 -49.23 -0.39 2.43
C ALA N 506 -48.54 -1.28 1.41
N ALA N 507 -49.28 -1.71 0.38
CA ALA N 507 -48.71 -2.59 -0.64
C ALA N 507 -47.80 -1.86 -1.61
N GLY N 508 -47.71 -0.53 -1.51
CA GLY N 508 -46.87 0.23 -2.41
C GLY N 508 -47.51 0.63 -3.72
N LYS N 509 -48.81 0.40 -3.88
CA LYS N 509 -49.53 0.80 -5.09
C LYS N 509 -49.98 2.26 -4.98
N ASP N 510 -48.98 3.15 -4.98
CA ASP N 510 -49.24 4.56 -4.70
C ASP N 510 -49.96 5.24 -5.85
N SER N 511 -49.69 4.82 -7.09
CA SER N 511 -50.25 5.50 -8.25
C SER N 511 -51.77 5.43 -8.28
N GLU N 512 -52.32 4.23 -8.12
CA GLU N 512 -53.77 4.06 -8.16
C GLU N 512 -54.47 4.49 -6.89
N ALA N 513 -53.73 4.68 -5.79
CA ALA N 513 -54.35 5.16 -4.56
C ALA N 513 -54.93 6.56 -4.76
N ALA N 514 -54.19 7.44 -5.43
CA ALA N 514 -54.70 8.77 -5.71
C ALA N 514 -55.92 8.73 -6.62
N TYR N 515 -55.88 7.85 -7.63
CA TYR N 515 -57.02 7.72 -8.54
C TYR N 515 -58.26 7.28 -7.78
N PHE N 516 -58.11 6.32 -6.87
CA PHE N 516 -59.25 5.89 -6.06
C PHE N 516 -59.71 7.02 -5.14
N ARG N 517 -58.78 7.78 -4.57
CA ARG N 517 -59.14 8.87 -3.67
C ARG N 517 -59.94 9.94 -4.38
N SER N 518 -59.59 10.22 -5.64
CA SER N 518 -60.29 11.27 -6.38
C SER N 518 -61.68 10.87 -6.83
N MET N 519 -62.06 9.61 -6.67
CA MET N 519 -63.31 9.10 -7.22
C MET N 519 -64.44 9.06 -6.19
N LEU N 520 -64.16 9.38 -4.92
CA LEU N 520 -65.16 9.23 -3.86
C LEU N 520 -66.46 10.00 -4.12
N PRO N 521 -66.45 11.30 -4.47
CA PRO N 521 -67.74 11.99 -4.65
C PRO N 521 -68.61 11.35 -5.71
N PHE N 522 -68.03 10.92 -6.83
CA PHE N 522 -68.82 10.29 -7.89
C PHE N 522 -69.43 8.99 -7.40
N HIS N 523 -68.65 8.18 -6.69
CA HIS N 523 -69.14 6.91 -6.16
C HIS N 523 -70.29 7.13 -5.17
N MET N 524 -70.12 8.10 -4.27
CA MET N 524 -71.15 8.35 -3.28
C MET N 524 -72.41 8.93 -3.91
N VAL N 525 -72.27 9.78 -4.92
CA VAL N 525 -73.44 10.28 -5.64
C VAL N 525 -74.19 9.14 -6.31
N ARG N 526 -73.45 8.23 -6.96
CA ARG N 526 -74.09 7.10 -7.62
C ARG N 526 -74.86 6.24 -6.62
N PHE N 527 -74.23 5.94 -5.48
CA PHE N 527 -74.91 5.09 -4.50
C PHE N 527 -76.07 5.80 -3.82
N ALA N 528 -75.98 7.12 -3.64
CA ALA N 528 -77.11 7.88 -3.13
C ALA N 528 -78.28 7.83 -4.09
N ARG N 529 -78.01 7.95 -5.40
CA ARG N 529 -79.07 7.81 -6.39
C ARG N 529 -79.69 6.42 -6.36
N ILE N 530 -78.85 5.39 -6.19
CA ILE N 530 -79.36 4.02 -6.12
C ILE N 530 -80.27 3.85 -4.91
N ASN N 531 -79.85 4.38 -3.76
CA ASN N 531 -80.67 4.29 -2.55
C ASN N 531 -81.98 5.04 -2.74
N GLN N 532 -81.92 6.22 -3.36
CA GLN N 532 -83.14 6.99 -3.63
C GLN N 532 -84.11 6.19 -4.48
N ILE N 533 -83.62 5.60 -5.57
CA ILE N 533 -84.47 4.84 -6.47
C ILE N 533 -85.07 3.64 -5.74
N ILE N 534 -84.25 2.94 -4.95
CA ILE N 534 -84.73 1.73 -4.29
C ILE N 534 -85.81 2.07 -3.27
N ASN N 535 -85.55 3.07 -2.42
CA ASN N 535 -86.45 3.35 -1.32
C ASN N 535 -87.69 4.12 -1.75
N GLU N 536 -87.62 4.88 -2.84
CA GLU N 536 -88.69 5.81 -3.19
C GLU N 536 -89.57 5.33 -4.32
N ASP N 537 -88.99 4.71 -5.36
CA ASP N 537 -89.74 4.37 -6.56
C ASP N 537 -90.19 2.91 -6.62
N LEU N 538 -89.38 1.99 -6.11
CA LEU N 538 -89.66 0.56 -6.24
C LEU N 538 -90.52 0.03 -5.09
N HIS N 539 -91.29 0.88 -4.43
CA HIS N 539 -92.13 0.45 -3.32
C HIS N 539 -93.52 0.12 -3.85
N SER N 540 -93.94 -1.13 -3.69
CA SER N 540 -95.25 -1.58 -4.14
C SER N 540 -95.59 -2.87 -3.39
N VAL N 541 -96.80 -3.39 -3.64
CA VAL N 541 -97.20 -4.64 -2.99
C VAL N 541 -96.36 -5.79 -3.52
N PHE N 542 -95.84 -5.67 -4.73
CA PHE N 542 -95.03 -6.74 -5.32
C PHE N 542 -93.63 -6.80 -4.73
N SER N 543 -93.24 -5.85 -3.89
CA SER N 543 -91.96 -5.92 -3.21
C SER N 543 -91.92 -7.13 -2.27
N LEU N 544 -90.73 -7.71 -2.13
CA LEU N 544 -90.57 -8.90 -1.33
C LEU N 544 -90.83 -8.59 0.15
N PRO N 545 -91.58 -9.45 0.85
CA PRO N 545 -91.81 -9.22 2.28
C PRO N 545 -90.52 -9.34 3.08
N ASP N 546 -90.54 -8.75 4.28
CA ASP N 546 -89.33 -8.68 5.09
C ASP N 546 -88.85 -10.07 5.50
N ASP N 547 -89.76 -10.96 5.88
CA ASP N 547 -89.36 -12.27 6.38
C ASP N 547 -88.64 -13.07 5.30
N MET N 548 -89.17 -13.09 4.08
CA MET N 548 -88.51 -13.81 2.99
C MET N 548 -87.19 -13.13 2.62
N PHE N 549 -87.13 -11.81 2.74
CA PHE N 549 -85.88 -11.10 2.49
C PHE N 549 -84.80 -11.52 3.47
N ASN N 550 -85.15 -11.63 4.76
CA ASN N 550 -84.18 -12.08 5.75
C ASN N 550 -83.86 -13.56 5.59
N ALA N 551 -84.78 -14.34 5.05
CA ALA N 551 -84.57 -15.78 4.90
C ALA N 551 -83.75 -16.15 3.67
N LEU N 552 -83.47 -15.20 2.77
CA LEU N 552 -82.77 -15.55 1.54
C LEU N 552 -81.33 -15.98 1.81
N LEU N 553 -80.59 -15.19 2.58
CA LEU N 553 -79.17 -15.50 2.80
C LEU N 553 -78.95 -16.82 3.52
N PRO N 554 -79.64 -17.13 4.63
CA PRO N 554 -79.48 -18.48 5.20
C PRO N 554 -79.88 -19.57 4.23
N ASP N 555 -80.91 -19.33 3.41
CA ASP N 555 -81.29 -20.30 2.39
C ASP N 555 -80.18 -20.51 1.38
N LEU N 556 -79.54 -19.42 0.94
CA LEU N 556 -78.43 -19.54 -0.01
C LEU N 556 -77.26 -20.28 0.61
N ILE N 557 -76.98 -20.03 1.89
CA ILE N 557 -75.91 -20.76 2.57
C ILE N 557 -76.23 -22.24 2.65
N ALA N 558 -77.48 -22.58 2.98
CA ALA N 558 -77.88 -23.98 3.07
C ALA N 558 -77.75 -24.68 1.72
N GLY N 559 -78.19 -24.02 0.64
CA GLY N 559 -78.08 -24.54 -0.69
C GLY N 559 -79.37 -25.11 -1.26
N ALA N 560 -80.29 -25.56 -0.39
CA ALA N 560 -81.56 -26.12 -0.82
C ALA N 560 -82.63 -25.05 -0.68
N HIS N 561 -83.06 -24.50 -1.81
CA HIS N 561 -84.00 -23.39 -1.80
C HIS N 561 -85.37 -23.81 -1.26
N GLN N 562 -86.07 -22.86 -0.66
CA GLN N 562 -87.38 -23.10 -0.10
C GLN N 562 -88.18 -21.81 -0.12
N ASN N 563 -89.39 -21.86 -0.68
CA ASN N 563 -90.38 -20.79 -0.68
C ASN N 563 -89.89 -19.51 -1.38
N ALA N 564 -88.69 -19.56 -1.97
CA ALA N 564 -88.14 -18.41 -2.67
C ALA N 564 -87.06 -18.89 -3.62
N ASP N 565 -87.00 -18.27 -4.80
CA ASP N 565 -86.02 -18.63 -5.80
C ASP N 565 -85.45 -17.38 -6.48
N PRO N 566 -84.17 -17.09 -6.31
CA PRO N 566 -83.57 -15.95 -7.01
C PRO N 566 -83.24 -16.30 -8.46
N VAL N 567 -83.00 -15.26 -9.24
CA VAL N 567 -82.61 -15.39 -10.64
C VAL N 567 -81.20 -14.83 -10.81
N VAL N 568 -80.39 -15.53 -11.58
CA VAL N 568 -78.97 -15.20 -11.74
C VAL N 568 -78.75 -14.62 -13.12
N LEU N 569 -78.11 -13.46 -13.19
CA LEU N 569 -77.70 -12.84 -14.43
C LEU N 569 -76.19 -12.95 -14.58
N ASP N 570 -75.74 -13.00 -15.83
CA ASP N 570 -74.36 -13.31 -16.16
C ASP N 570 -73.70 -12.10 -16.82
N VAL N 571 -72.50 -11.74 -16.36
CA VAL N 571 -71.78 -10.58 -16.83
C VAL N 571 -70.35 -10.98 -17.17
N SER N 572 -69.62 -10.04 -17.76
CA SER N 572 -68.24 -10.26 -18.18
C SER N 572 -67.25 -9.54 -17.25
N TRP N 573 -65.97 -9.80 -17.48
CA TRP N 573 -64.92 -9.24 -16.62
C TRP N 573 -64.83 -7.73 -16.76
N ILE N 574 -64.75 -7.22 -17.99
CA ILE N 574 -64.56 -5.79 -18.21
C ILE N 574 -65.78 -4.99 -17.76
N SER N 575 -66.93 -5.66 -17.64
CA SER N 575 -68.16 -4.96 -17.27
C SER N 575 -68.06 -4.36 -15.88
N LEU N 576 -67.34 -5.00 -14.96
CA LEU N 576 -67.18 -4.44 -13.63
C LEU N 576 -66.47 -3.10 -13.67
N TRP N 577 -65.34 -3.05 -14.39
CA TRP N 577 -64.60 -1.79 -14.50
C TRP N 577 -65.43 -0.72 -15.20
N PHE N 578 -66.13 -1.09 -16.28
CA PHE N 578 -66.90 -0.07 -16.98
C PHE N 578 -68.12 0.39 -16.18
N ALA N 579 -68.64 -0.46 -15.30
CA ALA N 579 -69.73 -0.05 -14.43
C ALA N 579 -69.24 0.83 -13.30
N PHE N 580 -68.01 0.60 -12.83
CA PHE N 580 -67.45 1.44 -11.79
C PHE N 580 -67.28 2.88 -12.24
N ASN N 581 -67.15 3.12 -13.54
CA ASN N 581 -66.95 4.46 -14.06
C ASN N 581 -68.22 5.13 -14.56
N ARG N 582 -69.23 4.36 -14.95
CA ARG N 582 -70.46 4.93 -15.51
C ARG N 582 -71.53 4.99 -14.43
N SER N 583 -72.11 6.18 -14.26
CA SER N 583 -73.17 6.38 -13.28
C SER N 583 -74.53 6.12 -13.92
N PHE N 584 -75.59 6.37 -13.16
CA PHE N 584 -76.96 6.19 -13.62
C PHE N 584 -77.75 7.44 -13.27
N GLU N 585 -78.32 8.09 -14.28
CA GLU N 585 -79.08 9.33 -14.09
C GLU N 585 -80.54 9.10 -14.43
N PRO N 586 -81.46 9.20 -13.47
CA PRO N 586 -82.87 8.95 -13.77
C PRO N 586 -83.52 10.08 -14.55
N THR N 587 -83.35 10.07 -15.87
CA THR N 587 -83.86 11.15 -16.70
C THR N 587 -85.40 11.20 -16.66
N HIS N 588 -86.05 10.04 -16.74
CA HIS N 588 -87.50 9.99 -16.79
C HIS N 588 -88.02 8.97 -15.78
N ARG N 589 -89.19 9.25 -15.22
CA ARG N 589 -89.88 8.33 -14.35
C ARG N 589 -90.76 7.39 -15.17
N ASN N 590 -91.19 6.31 -14.54
CA ASN N 590 -92.03 5.32 -15.22
C ASN N 590 -93.38 5.94 -15.56
N GLU N 591 -93.87 5.66 -16.77
CA GLU N 591 -95.14 6.22 -17.21
C GLU N 591 -96.30 5.67 -16.40
N MET N 592 -96.26 4.38 -16.08
CA MET N 592 -97.35 3.71 -15.38
C MET N 592 -97.26 3.86 -13.86
N LEU N 593 -96.32 4.67 -13.36
CA LEU N 593 -96.18 4.85 -11.93
C LEU N 593 -97.41 5.48 -11.29
N GLU N 594 -98.19 6.25 -12.07
CA GLU N 594 -99.35 6.93 -11.51
C GLU N 594 -100.53 5.98 -11.28
N VAL N 595 -100.57 4.85 -11.96
CA VAL N 595 -101.74 3.98 -11.97
C VAL N 595 -101.43 2.61 -11.36
N ALA N 596 -100.43 2.52 -10.50
CA ALA N 596 -100.07 1.24 -9.88
C ALA N 596 -101.18 0.65 -9.02
N PRO N 597 -101.83 1.39 -8.12
CA PRO N 597 -102.83 0.76 -7.25
C PRO N 597 -103.99 0.11 -8.00
N LEU N 598 -104.41 0.69 -9.12
CA LEU N 598 -105.54 0.11 -9.86
C LEU N 598 -105.19 -1.26 -10.41
N ILE N 599 -104.03 -1.38 -11.08
CA ILE N 599 -103.64 -2.68 -11.62
C ILE N 599 -103.35 -3.66 -10.49
N GLU N 600 -102.79 -3.19 -9.37
CA GLU N 600 -102.56 -4.06 -8.23
C GLU N 600 -103.88 -4.67 -7.73
N SER N 601 -104.90 -3.81 -7.56
CA SER N 601 -106.20 -4.29 -7.09
C SER N 601 -106.83 -5.22 -8.11
N VAL N 602 -106.69 -4.92 -9.41
CA VAL N 602 -107.26 -5.78 -10.44
C VAL N 602 -106.61 -7.16 -10.39
N TYR N 603 -105.28 -7.20 -10.26
CA TYR N 603 -104.57 -8.48 -10.20
C TYR N 603 -104.98 -9.28 -8.97
N ALA N 604 -105.09 -8.63 -7.82
CA ALA N 604 -105.52 -9.33 -6.61
C ALA N 604 -106.94 -9.86 -6.76
N SER N 605 -107.84 -9.06 -7.33
CA SER N 605 -109.22 -9.52 -7.52
C SER N 605 -109.28 -10.70 -8.47
N GLU N 606 -108.47 -10.68 -9.53
CA GLU N 606 -108.43 -11.81 -10.46
C GLU N 606 -107.94 -13.07 -9.76
N LEU N 607 -106.91 -12.94 -8.92
CA LEU N 607 -106.43 -14.10 -8.17
C LEU N 607 -107.51 -14.65 -7.25
N SER N 608 -108.23 -13.76 -6.56
CA SER N 608 -109.31 -14.21 -5.69
C SER N 608 -110.41 -14.92 -6.47
N VAL N 609 -110.75 -14.38 -7.65
CA VAL N 609 -111.77 -15.01 -8.49
C VAL N 609 -111.33 -16.41 -8.92
N MET N 610 -110.06 -16.55 -9.31
CA MET N 610 -109.56 -17.86 -9.70
C MET N 610 -109.62 -18.85 -8.54
N LYS N 611 -109.23 -18.39 -7.33
CA LYS N 611 -109.30 -19.26 -6.17
C LYS N 611 -110.73 -19.71 -5.89
N VAL N 612 -111.68 -18.78 -5.97
CA VAL N 612 -113.08 -19.12 -5.72
C VAL N 612 -113.59 -20.10 -6.77
N ASP N 613 -113.21 -19.90 -8.03
CA ASP N 613 -113.62 -20.82 -9.08
C ASP N 613 -113.08 -22.22 -8.84
N MET N 614 -111.81 -22.33 -8.43
CA MET N 614 -111.25 -23.65 -8.15
C MET N 614 -111.92 -24.30 -6.94
N ARG N 615 -112.26 -23.52 -5.92
CA ARG N 615 -112.99 -24.07 -4.79
C ARG N 615 -114.36 -24.58 -5.23
N HIS N 616 -115.05 -23.85 -6.10
CA HIS N 616 -116.33 -24.32 -6.61
C HIS N 616 -116.17 -25.60 -7.43
N LEU N 617 -115.08 -25.70 -8.20
CA LEU N 617 -114.82 -26.93 -8.94
C LEU N 617 -114.60 -28.11 -7.99
N SER N 618 -113.87 -27.89 -6.90
CA SER N 618 -113.68 -28.94 -5.91
C SER N 618 -115.01 -29.36 -5.29
N LEU N 619 -115.87 -28.40 -4.98
CA LEU N 619 -117.19 -28.73 -4.44
C LEU N 619 -118.02 -29.51 -5.45
N MET N 620 -117.94 -29.14 -6.73
CA MET N 620 -118.66 -29.87 -7.77
C MET N 620 -118.18 -31.31 -7.85
N GLN N 621 -116.86 -31.53 -7.77
CA GLN N 621 -116.34 -32.89 -7.71
C GLN N 621 -116.84 -33.63 -6.48
N ARG N 622 -116.94 -32.93 -5.36
CA ARG N 622 -117.44 -33.55 -4.13
C ARG N 622 -118.88 -34.02 -4.29
N ARG N 623 -119.72 -33.20 -4.92
CA ARG N 623 -121.16 -33.50 -4.93
C ARG N 623 -121.49 -34.69 -5.84
N PHE N 624 -120.82 -34.81 -6.98
CA PHE N 624 -121.20 -35.78 -8.01
C PHE N 624 -120.01 -36.66 -8.36
N PRO N 625 -119.72 -37.68 -7.55
CA PRO N 625 -118.66 -38.62 -7.91
C PRO N 625 -119.11 -39.67 -8.92
N ASP N 626 -120.41 -39.94 -9.01
CA ASP N 626 -120.91 -41.03 -9.84
C ASP N 626 -121.21 -40.62 -11.27
N VAL N 627 -121.11 -39.34 -11.60
CA VAL N 627 -121.45 -38.88 -12.95
C VAL N 627 -120.29 -38.06 -13.50
N LEU N 628 -119.35 -37.68 -12.63
CA LEU N 628 -118.14 -36.97 -13.03
C LEU N 628 -116.99 -37.97 -13.13
N ILE N 629 -116.20 -37.83 -14.20
CA ILE N 629 -115.24 -38.87 -14.56
C ILE N 629 -114.14 -39.00 -13.50
N GLN N 630 -113.54 -37.87 -13.12
CA GLN N 630 -112.39 -37.91 -12.23
C GLN N 630 -112.12 -36.51 -11.72
N ALA N 631 -111.23 -36.41 -10.73
CA ALA N 631 -110.82 -35.14 -10.14
C ALA N 631 -109.30 -35.03 -10.17
N ARG N 632 -108.80 -33.84 -10.50
CA ARG N 632 -107.36 -33.61 -10.53
C ARG N 632 -107.06 -32.13 -10.31
N PRO N 633 -106.34 -31.78 -9.23
CA PRO N 633 -106.07 -30.36 -8.97
C PRO N 633 -105.28 -29.67 -10.07
N SER N 634 -104.33 -30.38 -10.70
CA SER N 634 -103.56 -29.78 -11.78
C SER N 634 -104.45 -29.42 -12.96
N HIS N 635 -105.39 -30.31 -13.29
CA HIS N 635 -106.35 -30.01 -14.35
C HIS N 635 -107.22 -28.82 -13.97
N PHE N 636 -107.61 -28.73 -12.70
CA PHE N 636 -108.37 -27.56 -12.22
C PHE N 636 -107.58 -26.28 -12.47
N TRP N 637 -106.32 -26.26 -12.07
CA TRP N 637 -105.51 -25.06 -12.23
C TRP N 637 -105.32 -24.71 -13.70
N LYS N 638 -105.04 -25.70 -14.53
CA LYS N 638 -104.87 -25.43 -15.96
C LYS N 638 -106.14 -24.89 -16.59
N ALA N 639 -107.29 -25.47 -16.24
CA ALA N 639 -108.56 -25.00 -16.81
C ALA N 639 -108.87 -23.59 -16.35
N VAL N 640 -108.66 -23.28 -15.07
CA VAL N 640 -109.00 -21.95 -14.59
C VAL N 640 -108.02 -20.91 -15.15
N LEU N 641 -106.76 -21.30 -15.38
CA LEU N 641 -105.80 -20.37 -15.97
C LEU N 641 -105.98 -20.22 -17.47
N ASN N 642 -106.65 -21.17 -18.13
CA ASN N 642 -106.84 -21.07 -19.57
C ASN N 642 -107.66 -19.84 -19.94
N ASP N 643 -108.73 -19.56 -19.20
CA ASP N 643 -109.58 -18.41 -19.45
C ASP N 643 -109.25 -17.35 -18.40
N SER N 644 -108.38 -16.42 -18.76
CA SER N 644 -107.90 -15.39 -17.86
C SER N 644 -107.36 -14.23 -18.70
N PRO N 645 -107.15 -13.05 -18.09
CA PRO N 645 -106.51 -11.97 -18.83
C PRO N 645 -105.13 -12.39 -19.33
N GLU N 646 -104.82 -11.94 -20.56
CA GLU N 646 -103.65 -12.47 -21.26
C GLU N 646 -102.35 -12.14 -20.55
N ALA N 647 -102.25 -10.93 -20.00
CA ALA N 647 -101.04 -10.56 -19.27
C ALA N 647 -100.82 -11.46 -18.05
N VAL N 648 -101.89 -11.73 -17.30
CA VAL N 648 -101.79 -12.63 -16.16
C VAL N 648 -101.39 -14.03 -16.63
N LYS N 649 -101.99 -14.49 -17.73
CA LYS N 649 -101.65 -15.80 -18.27
C LYS N 649 -100.16 -15.89 -18.58
N ALA N 650 -99.62 -14.90 -19.31
CA ALA N 650 -98.21 -14.93 -19.69
C ALA N 650 -97.31 -14.86 -18.47
N VAL N 651 -97.64 -13.99 -17.50
CA VAL N 651 -96.80 -13.84 -16.32
C VAL N 651 -96.77 -15.14 -15.52
N MET N 652 -97.93 -15.75 -15.31
CA MET N 652 -97.99 -17.01 -14.57
C MET N 652 -97.29 -18.12 -15.32
N ASN N 653 -97.42 -18.16 -16.65
CA ASN N 653 -96.73 -19.17 -17.43
C ASN N 653 -95.21 -19.04 -17.29
N LEU N 654 -94.70 -17.81 -17.34
CA LEU N 654 -93.26 -17.61 -17.14
C LEU N 654 -92.84 -18.05 -15.75
N SER N 655 -93.61 -17.65 -14.73
CA SER N 655 -93.24 -17.98 -13.35
C SER N 655 -93.23 -19.48 -13.12
N HIS N 656 -94.22 -20.19 -13.64
CA HIS N 656 -94.29 -21.64 -13.48
C HIS N 656 -93.38 -22.38 -14.44
N SER N 657 -92.87 -21.71 -15.48
CA SER N 657 -91.83 -22.30 -16.31
C SER N 657 -90.47 -22.24 -15.60
N HIS N 658 -90.22 -21.15 -14.87
CA HIS N 658 -88.96 -21.08 -14.12
C HIS N 658 -88.92 -22.11 -13.00
N ASN N 659 -90.01 -22.24 -12.24
CA ASN N 659 -90.07 -23.17 -11.13
C ASN N 659 -91.36 -23.99 -11.21
N PHE N 660 -91.27 -25.25 -10.78
CA PHE N 660 -92.37 -26.19 -10.92
C PHE N 660 -93.31 -26.13 -9.72
N ILE N 661 -94.50 -26.70 -9.90
CA ILE N 661 -95.51 -26.77 -8.86
C ILE N 661 -95.96 -28.21 -8.71
N ASN N 662 -96.66 -28.49 -7.60
CA ASN N 662 -97.12 -29.83 -7.30
C ASN N 662 -98.52 -29.76 -6.71
N ILE N 663 -99.09 -30.93 -6.41
CA ILE N 663 -100.44 -31.00 -5.86
C ILE N 663 -100.50 -30.40 -4.47
N ARG N 664 -99.43 -30.58 -3.68
CA ARG N 664 -99.42 -30.06 -2.32
C ARG N 664 -99.56 -28.55 -2.30
N ASP N 665 -98.89 -27.86 -3.22
CA ASP N 665 -99.02 -26.40 -3.29
C ASP N 665 -100.44 -25.98 -3.61
N MET N 666 -101.09 -26.68 -4.55
CA MET N 666 -102.46 -26.37 -4.89
C MET N 666 -103.39 -26.59 -3.71
N MET N 667 -103.19 -27.70 -2.98
CA MET N 667 -104.03 -27.98 -1.82
C MET N 667 -103.83 -26.92 -0.74
N ARG N 668 -102.59 -26.48 -0.53
CA ARG N 668 -102.34 -25.43 0.44
C ARG N 668 -102.98 -24.11 0.01
N TRP N 669 -102.92 -23.80 -1.28
CA TRP N 669 -103.42 -22.51 -1.77
C TRP N 669 -104.94 -22.44 -1.79
N VAL N 670 -105.63 -23.56 -2.07
CA VAL N 670 -107.09 -23.54 -2.18
C VAL N 670 -107.78 -23.42 -0.84
N MET N 671 -107.05 -23.38 0.27
CA MET N 671 -107.65 -23.33 1.59
C MET N 671 -107.37 -22.06 2.37
N LEU N 672 -106.49 -21.19 1.87
CA LEU N 672 -106.19 -19.96 2.59
C LEU N 672 -107.40 -19.03 2.58
N PRO N 673 -107.72 -18.40 3.71
CA PRO N 673 -108.97 -17.61 3.78
C PRO N 673 -108.87 -16.22 3.18
N SER N 674 -107.67 -15.72 2.91
CA SER N 674 -107.53 -14.34 2.43
C SER N 674 -108.20 -14.16 1.07
N LEU N 675 -108.97 -13.09 0.96
CA LEU N 675 -109.68 -12.75 -0.28
C LEU N 675 -109.72 -11.24 -0.44
N GLN N 676 -109.87 -10.79 -1.68
CA GLN N 676 -109.97 -9.38 -2.01
C GLN N 676 -111.38 -9.07 -2.49
N PRO N 677 -112.22 -8.42 -1.69
CA PRO N 677 -113.60 -8.17 -2.12
C PRO N 677 -113.67 -7.22 -3.29
N SER N 678 -114.65 -7.44 -4.15
CA SER N 678 -114.88 -6.62 -5.33
C SER N 678 -116.21 -7.01 -5.95
N LEU N 679 -116.64 -6.21 -6.93
CA LEU N 679 -117.84 -6.55 -7.68
C LEU N 679 -117.69 -7.85 -8.45
N LYS N 680 -116.50 -8.12 -8.97
CA LYS N 680 -116.27 -9.34 -9.71
C LYS N 680 -116.54 -10.56 -8.86
N LEU N 681 -116.12 -10.53 -7.59
CA LEU N 681 -116.34 -11.66 -6.70
C LEU N 681 -117.82 -11.91 -6.46
N ALA N 682 -118.59 -10.86 -6.17
CA ALA N 682 -120.02 -11.03 -5.92
C ALA N 682 -120.73 -11.55 -7.16
N LEU N 683 -120.38 -11.00 -8.33
CA LEU N 683 -120.99 -11.48 -9.58
C LEU N 683 -120.64 -12.94 -9.82
N GLU N 684 -119.39 -13.35 -9.54
CA GLU N 684 -119.00 -14.73 -9.73
C GLU N 684 -119.75 -15.66 -8.77
N GLU N 685 -119.91 -15.26 -7.51
CA GLU N 685 -120.67 -16.08 -6.58
C GLU N 685 -122.12 -16.24 -7.02
N GLU N 686 -122.74 -15.14 -7.46
CA GLU N 686 -124.12 -15.24 -7.93
C GLU N 686 -124.24 -16.11 -9.17
N ALA N 687 -123.27 -15.99 -10.10
CA ALA N 687 -123.28 -16.82 -11.29
C ALA N 687 -123.12 -18.30 -10.93
N TRP N 688 -122.23 -18.60 -9.99
CA TRP N 688 -122.06 -19.98 -9.57
C TRP N 688 -123.32 -20.52 -8.91
N ALA N 689 -123.98 -19.71 -8.08
CA ALA N 689 -125.22 -20.14 -7.46
C ALA N 689 -126.30 -20.40 -8.51
N ALA N 690 -126.38 -19.55 -9.53
CA ALA N 690 -127.37 -19.76 -10.59
C ALA N 690 -127.03 -20.99 -11.42
N ALA N 691 -125.74 -21.26 -11.63
CA ALA N 691 -125.29 -22.37 -12.44
C ALA N 691 -125.07 -23.65 -11.65
N ASN N 692 -125.44 -23.66 -10.37
CA ASN N 692 -125.35 -24.88 -9.57
C ASN N 692 -126.08 -26.03 -10.24
N ASP N 693 -127.28 -25.76 -10.78
CA ASP N 693 -128.00 -26.75 -11.55
C ASP N 693 -127.36 -26.87 -12.93
N PHE N 694 -126.67 -27.99 -13.17
CA PHE N 694 -125.92 -28.16 -14.41
C PHE N 694 -126.81 -28.28 -15.65
N GLU N 695 -128.12 -28.48 -15.47
CA GLU N 695 -129.02 -28.51 -16.62
C GLU N 695 -129.07 -27.16 -17.32
N ASP N 696 -128.86 -26.06 -16.58
CA ASP N 696 -128.78 -24.75 -17.21
C ASP N 696 -127.55 -24.63 -18.10
N LEU N 697 -126.50 -25.41 -17.82
CA LEU N 697 -125.28 -25.38 -18.61
C LEU N 697 -125.37 -26.21 -19.88
N MET N 698 -126.58 -26.62 -20.28
CA MET N 698 -126.79 -27.42 -21.49
C MET N 698 -126.02 -28.73 -21.46
N LEU N 699 -125.87 -29.31 -20.28
CA LEU N 699 -125.26 -30.63 -20.12
C LEU N 699 -126.30 -31.57 -19.52
N THR N 700 -126.54 -32.69 -20.21
CA THR N 700 -127.58 -33.62 -19.79
C THR N 700 -127.08 -35.04 -19.97
N ASP N 701 -127.33 -35.88 -18.96
CA ASP N 701 -127.02 -37.30 -19.03
C ASP N 701 -128.22 -38.16 -19.36
N GLN N 702 -129.41 -37.57 -19.47
CA GLN N 702 -130.63 -38.32 -19.74
C GLN N 702 -130.84 -38.50 -21.24
N VAL N 703 -129.87 -39.15 -21.88
CA VAL N 703 -129.93 -39.47 -23.30
C VAL N 703 -130.42 -40.91 -23.44
N TYR N 704 -131.49 -41.10 -24.20
CA TYR N 704 -132.13 -42.39 -24.37
C TYR N 704 -132.11 -42.81 -25.83
N MET N 705 -132.28 -44.11 -26.05
CA MET N 705 -132.34 -44.67 -27.41
C MET N 705 -133.57 -45.54 -27.51
N HIS N 706 -134.35 -45.34 -28.57
CA HIS N 706 -135.55 -46.13 -28.79
C HIS N 706 -135.98 -45.99 -30.24
N ARG N 707 -136.29 -47.11 -30.87
CA ARG N 707 -136.74 -47.09 -32.26
C ARG N 707 -138.13 -46.47 -32.34
N ASP N 708 -138.24 -45.35 -33.05
CA ASP N 708 -139.49 -44.62 -33.16
C ASP N 708 -139.82 -44.39 -34.63
N MET N 709 -141.11 -44.17 -34.89
CA MET N 709 -141.60 -43.99 -36.24
C MET N 709 -141.63 -42.50 -36.60
N LEU N 710 -141.18 -42.18 -37.81
CA LEU N 710 -141.32 -40.82 -38.30
C LEU N 710 -142.74 -40.64 -38.84
N PRO N 711 -143.55 -39.79 -38.23
CA PRO N 711 -144.97 -39.72 -38.60
C PRO N 711 -145.18 -39.21 -40.02
N GLU N 712 -146.22 -39.74 -40.64
CA GLU N 712 -146.68 -39.29 -41.96
C GLU N 712 -148.17 -39.06 -41.89
N PRO N 713 -148.64 -37.82 -41.73
CA PRO N 713 -150.06 -37.58 -41.48
C PRO N 713 -150.90 -37.62 -42.76
N ARG N 714 -152.20 -37.80 -42.55
CA ARG N 714 -153.15 -37.77 -43.64
C ARG N 714 -153.35 -36.34 -44.13
N LEU N 715 -153.73 -36.21 -45.40
CA LEU N 715 -153.95 -34.91 -46.03
C LEU N 715 -155.32 -34.88 -46.71
N ASP N 716 -156.34 -35.34 -45.99
CA ASP N 716 -157.70 -35.30 -46.52
C ASP N 716 -158.15 -33.85 -46.74
N ASP N 717 -157.87 -32.98 -45.78
CA ASP N 717 -158.15 -31.55 -45.90
C ASP N 717 -156.88 -30.78 -45.64
N ILE N 718 -156.39 -30.06 -46.64
CA ILE N 718 -155.12 -29.37 -46.52
C ILE N 718 -155.20 -28.25 -45.49
N GLU N 719 -156.29 -27.46 -45.53
CA GLU N 719 -156.41 -26.33 -44.62
C GLU N 719 -156.66 -26.75 -43.18
N ARG N 720 -157.43 -27.81 -42.98
CA ARG N 720 -157.67 -28.30 -41.62
C ARG N 720 -156.37 -28.76 -40.97
N PHE N 721 -155.54 -29.48 -41.73
CA PHE N 721 -154.23 -29.87 -41.22
C PHE N 721 -153.31 -28.67 -41.08
N ARG N 722 -153.47 -27.66 -41.94
CA ARG N 722 -152.62 -26.47 -41.89
C ARG N 722 -152.87 -25.68 -40.62
N GLN N 723 -154.14 -25.53 -40.23
CA GLN N 723 -154.48 -24.62 -39.14
C GLN N 723 -154.10 -25.16 -37.77
N GLU N 724 -153.90 -26.47 -37.63
CA GLU N 724 -153.57 -27.04 -36.33
C GLU N 724 -152.07 -27.06 -36.05
N GLY N 725 -151.24 -26.67 -37.01
CA GLY N 725 -149.81 -26.52 -36.78
C GLY N 725 -149.10 -27.78 -36.32
N PHE N 726 -149.00 -28.77 -37.20
CA PHE N 726 -148.32 -30.01 -36.86
C PHE N 726 -146.81 -29.86 -36.95
N TYR N 727 -146.11 -30.47 -36.01
CA TYR N 727 -144.66 -30.49 -36.02
C TYR N 727 -144.19 -31.72 -35.24
N TYR N 728 -142.95 -32.13 -35.51
CA TYR N 728 -142.38 -33.30 -34.89
C TYR N 728 -140.96 -33.02 -34.43
N THR N 729 -140.56 -33.69 -33.36
CA THR N 729 -139.22 -33.57 -32.82
C THR N 729 -138.91 -34.79 -31.99
N ASN N 730 -137.62 -34.98 -31.69
CA ASN N 730 -137.16 -36.08 -30.86
C ASN N 730 -137.28 -35.77 -29.38
N MET N 731 -137.80 -34.61 -29.02
CA MET N 731 -137.93 -34.22 -27.62
C MET N 731 -138.94 -35.10 -26.89
N LEU N 732 -138.63 -35.38 -25.63
CA LEU N 732 -139.52 -36.11 -24.72
C LEU N 732 -140.05 -35.11 -23.69
N GLU N 733 -141.36 -34.86 -23.70
CA GLU N 733 -141.94 -33.93 -22.74
C GLU N 733 -142.09 -34.53 -21.35
N ALA N 734 -142.08 -35.86 -21.25
CA ALA N 734 -142.19 -36.55 -19.97
C ALA N 734 -141.18 -37.69 -19.92
N PRO N 735 -140.63 -37.98 -18.75
CA PRO N 735 -139.70 -39.10 -18.64
C PRO N 735 -140.43 -40.43 -18.82
N PRO N 736 -139.77 -41.43 -19.39
CA PRO N 736 -140.40 -42.75 -19.52
C PRO N 736 -140.61 -43.40 -18.16
N GLU N 737 -141.36 -44.49 -18.18
CA GLU N 737 -141.65 -45.21 -16.95
C GLU N 737 -140.38 -45.84 -16.39
N ILE N 738 -140.39 -46.07 -15.07
CA ILE N 738 -139.19 -46.57 -14.38
C ILE N 738 -138.83 -47.97 -14.89
N ASP N 739 -139.80 -48.73 -15.35
CA ASP N 739 -139.55 -50.05 -15.92
C ASP N 739 -139.44 -49.97 -17.43
N ARG N 740 -139.18 -51.12 -18.05
CA ARG N 740 -139.06 -51.27 -19.50
C ARG N 740 -137.80 -50.57 -20.02
N VAL N 741 -137.06 -49.92 -19.12
CA VAL N 741 -135.82 -49.24 -19.46
C VAL N 741 -134.68 -49.92 -18.73
N VAL N 742 -133.57 -50.14 -19.43
CA VAL N 742 -132.39 -50.78 -18.88
C VAL N 742 -131.32 -49.72 -18.68
N GLN N 743 -130.68 -49.74 -17.52
CA GLN N 743 -129.68 -48.74 -17.16
C GLN N 743 -128.30 -49.26 -17.56
N TYR N 744 -127.66 -48.58 -18.51
CA TYR N 744 -126.32 -48.94 -18.95
C TYR N 744 -125.27 -48.09 -18.25
N THR N 745 -124.05 -48.63 -18.20
CA THR N 745 -122.94 -47.99 -17.51
C THR N 745 -121.71 -48.06 -18.41
N TYR N 746 -120.78 -47.13 -18.19
CA TYR N 746 -119.57 -47.07 -19.01
C TYR N 746 -118.78 -48.38 -18.94
N GLU N 747 -118.64 -48.94 -17.75
CA GLU N 747 -117.91 -50.20 -17.60
C GLU N 747 -118.63 -51.34 -18.33
N ILE N 748 -119.96 -51.41 -18.21
CA ILE N 748 -120.72 -52.45 -18.89
C ILE N 748 -120.60 -52.29 -20.40
N ALA N 749 -120.71 -51.05 -20.88
CA ALA N 749 -120.58 -50.80 -22.31
C ALA N 749 -119.19 -51.18 -22.82
N ARG N 750 -118.15 -50.84 -22.06
CA ARG N 750 -116.80 -51.20 -22.46
C ARG N 750 -116.61 -52.71 -22.50
N LEU N 751 -117.13 -53.42 -21.50
CA LEU N 751 -117.02 -54.88 -21.49
C LEU N 751 -117.76 -55.49 -22.67
N GLN N 752 -118.97 -55.00 -22.97
CA GLN N 752 -119.73 -55.53 -24.09
C GLN N 752 -119.02 -55.25 -25.42
N ALA N 753 -118.44 -54.06 -25.55
CA ALA N 753 -117.71 -53.73 -26.77
C ALA N 753 -116.49 -54.63 -26.94
N ASN N 754 -115.77 -54.90 -25.84
CA ASN N 754 -114.62 -55.80 -25.92
C ASN N 754 -115.05 -57.22 -26.23
N MET N 755 -116.23 -57.63 -25.76
CA MET N 755 -116.76 -58.93 -26.14
C MET N 755 -117.08 -59.01 -27.63
N GLY N 756 -117.40 -57.86 -28.25
CA GLY N 756 -117.89 -57.84 -29.60
C GLY N 756 -119.39 -58.06 -29.73
N GLN N 757 -120.09 -58.27 -28.62
CA GLN N 757 -121.53 -58.51 -28.62
C GLN N 757 -122.34 -57.25 -28.38
N PHE N 758 -121.70 -56.08 -28.38
CA PHE N 758 -122.40 -54.82 -28.13
C PHE N 758 -123.49 -54.59 -29.16
N ARG N 759 -123.14 -54.67 -30.43
CA ARG N 759 -124.11 -54.42 -31.50
C ARG N 759 -125.26 -55.42 -31.44
N ALA N 760 -124.94 -56.70 -31.25
CA ALA N 760 -125.98 -57.72 -31.18
C ALA N 760 -126.89 -57.51 -29.98
N ALA N 761 -126.32 -57.15 -28.83
CA ALA N 761 -127.13 -56.91 -27.64
C ALA N 761 -128.08 -55.75 -27.84
N LEU N 762 -127.58 -54.64 -28.41
CA LEU N 762 -128.47 -53.50 -28.66
C LEU N 762 -129.52 -53.83 -29.71
N ARG N 763 -129.15 -54.57 -30.76
CA ARG N 763 -130.15 -54.93 -31.77
C ARG N 763 -131.25 -55.79 -31.16
N ARG N 764 -130.87 -56.76 -30.31
CA ARG N 764 -131.87 -57.60 -29.67
C ARG N 764 -132.76 -56.79 -28.74
N ILE N 765 -132.16 -55.90 -27.93
CA ILE N 765 -132.96 -55.14 -26.97
C ILE N 765 -133.89 -54.17 -27.69
N MET N 766 -133.50 -53.69 -28.88
CA MET N 766 -134.40 -52.82 -29.64
C MET N 766 -135.49 -53.63 -30.33
N ASP N 767 -135.17 -54.85 -30.77
CA ASP N 767 -136.21 -55.74 -31.26
C ASP N 767 -137.17 -56.16 -30.16
N ASP N 768 -136.76 -56.03 -28.89
CA ASP N 768 -137.61 -56.34 -27.75
C ASP N 768 -138.48 -55.16 -27.33
N ASP N 769 -138.42 -54.04 -28.05
CA ASP N 769 -139.22 -52.85 -27.77
C ASP N 769 -138.95 -52.28 -26.38
N ASP N 770 -137.71 -52.36 -25.91
CA ASP N 770 -137.33 -51.85 -24.61
C ASP N 770 -136.46 -50.61 -24.75
N TRP N 771 -136.54 -49.73 -23.75
CA TRP N 771 -135.75 -48.51 -23.73
C TRP N 771 -134.43 -48.75 -23.02
N VAL N 772 -133.47 -47.85 -23.31
CA VAL N 772 -132.14 -47.94 -22.72
C VAL N 772 -131.68 -46.54 -22.35
N ARG N 773 -130.98 -46.42 -21.23
CA ARG N 773 -130.46 -45.15 -20.74
C ARG N 773 -128.93 -45.19 -20.80
N PHE N 774 -128.35 -44.22 -21.49
CA PHE N 774 -126.89 -44.12 -21.60
C PHE N 774 -126.36 -43.10 -20.59
N GLY N 775 -126.56 -43.41 -19.31
CA GLY N 775 -126.12 -42.53 -18.25
C GLY N 775 -124.68 -42.78 -17.85
N GLY N 776 -124.21 -41.96 -16.91
CA GLY N 776 -122.89 -42.09 -16.35
C GLY N 776 -121.91 -41.01 -16.75
N VAL N 777 -122.25 -40.16 -17.73
CA VAL N 777 -121.35 -39.11 -18.17
C VAL N 777 -122.18 -38.00 -18.80
N LEU N 778 -121.70 -36.77 -18.67
CA LEU N 778 -122.37 -35.62 -19.27
C LEU N 778 -122.02 -35.50 -20.75
N ARG N 779 -123.01 -35.13 -21.55
CA ARG N 779 -122.84 -35.01 -22.99
C ARG N 779 -123.25 -33.61 -23.45
N THR N 780 -122.50 -33.08 -24.41
CA THR N 780 -122.85 -31.80 -25.01
C THR N 780 -124.08 -31.94 -25.89
N VAL N 781 -124.99 -30.98 -25.79
CA VAL N 781 -126.26 -31.01 -26.52
C VAL N 781 -126.36 -29.75 -27.37
N ARG N 782 -126.72 -29.92 -28.64
CA ARG N 782 -126.91 -28.83 -29.57
C ARG N 782 -128.36 -28.83 -30.08
N VAL N 783 -128.80 -27.67 -30.57
CA VAL N 783 -130.16 -27.47 -31.03
C VAL N 783 -130.13 -27.06 -32.49
N LYS N 784 -131.00 -27.68 -33.29
CA LYS N 784 -131.09 -27.38 -34.72
C LYS N 784 -132.56 -27.29 -35.11
N PHE N 785 -132.82 -26.57 -36.21
CA PHE N 785 -134.15 -26.42 -36.76
C PHE N 785 -134.14 -26.80 -38.23
N TYR N 786 -135.22 -27.45 -38.67
CA TYR N 786 -135.34 -27.89 -40.06
C TYR N 786 -136.77 -27.77 -40.52
N ASP N 787 -136.94 -27.52 -41.82
CA ASP N 787 -138.24 -27.51 -42.47
C ASP N 787 -138.40 -28.63 -43.49
N ALA N 788 -137.36 -28.93 -44.26
CA ALA N 788 -137.35 -30.07 -45.14
C ALA N 788 -136.84 -31.29 -44.38
N ARG N 789 -136.63 -32.39 -45.09
CA ARG N 789 -136.13 -33.60 -44.45
C ARG N 789 -134.69 -33.35 -43.99
N PRO N 790 -134.38 -33.58 -42.71
CA PRO N 790 -133.03 -33.27 -42.21
C PRO N 790 -132.01 -34.23 -42.80
N PRO N 791 -130.73 -33.86 -42.79
CA PRO N 791 -129.69 -34.76 -43.32
C PRO N 791 -129.67 -36.09 -42.58
N ASP N 792 -129.30 -37.13 -43.31
CA ASP N 792 -129.39 -38.49 -42.78
C ASP N 792 -128.49 -38.67 -41.56
N ASP N 793 -127.31 -38.03 -41.55
CA ASP N 793 -126.39 -38.17 -40.43
C ASP N 793 -126.97 -37.62 -39.13
N VAL N 794 -127.94 -36.71 -39.22
CA VAL N 794 -128.57 -36.15 -38.01
C VAL N 794 -129.73 -37.01 -37.56
N LEU N 795 -130.63 -37.36 -38.48
CA LEU N 795 -131.79 -38.17 -38.11
C LEU N 795 -131.39 -39.55 -37.64
N GLN N 796 -130.40 -40.16 -38.29
CA GLN N 796 -129.92 -41.49 -37.94
C GLN N 796 -128.67 -41.45 -37.06
N GLY N 797 -128.36 -40.30 -36.48
CA GLY N 797 -127.15 -40.20 -35.68
C GLY N 797 -127.21 -41.06 -34.42
N LEU N 798 -126.03 -41.44 -33.95
CA LEU N 798 -125.89 -42.27 -32.77
C LEU N 798 -125.21 -41.51 -31.64
N PRO N 799 -125.57 -41.78 -30.38
CA PRO N 799 -124.89 -41.15 -29.25
C PRO N 799 -123.49 -41.68 -29.00
N PHE N 800 -123.09 -42.76 -29.67
CA PHE N 800 -121.76 -43.34 -29.51
C PHE N 800 -121.21 -43.65 -30.89
N SER N 801 -119.94 -44.08 -30.93
CA SER N 801 -119.29 -44.51 -32.15
C SER N 801 -118.64 -45.86 -31.92
N TYR N 802 -118.99 -46.84 -32.76
CA TYR N 802 -118.47 -48.20 -32.65
C TYR N 802 -117.97 -48.64 -34.02
N ASP N 803 -116.66 -48.78 -34.16
CA ASP N 803 -116.04 -49.17 -35.42
C ASP N 803 -115.45 -50.56 -35.30
N THR N 804 -115.81 -51.43 -36.24
CA THR N 804 -115.32 -52.81 -36.25
C THR N 804 -114.51 -53.17 -37.48
N ASN N 805 -114.40 -52.28 -38.46
CA ASN N 805 -113.65 -52.56 -39.68
C ASN N 805 -112.29 -51.88 -39.58
N GLU N 806 -111.28 -52.66 -39.17
CA GLU N 806 -109.93 -52.15 -39.04
C GLU N 806 -108.94 -53.30 -39.23
N ARG N 807 -107.71 -52.93 -39.57
CA ARG N 807 -106.63 -53.90 -39.73
C ARG N 807 -105.43 -53.62 -38.83
N GLY N 808 -105.51 -52.60 -37.98
CA GLY N 808 -104.44 -52.33 -37.04
C GLY N 808 -104.28 -53.41 -35.98
N GLY N 809 -105.32 -54.19 -35.75
CA GLY N 809 -105.24 -55.30 -34.82
C GLY N 809 -105.57 -54.93 -33.38
N LEU N 810 -104.68 -54.17 -32.75
CA LEU N 810 -104.80 -53.90 -31.31
C LEU N 810 -106.07 -53.11 -31.01
N ALA N 811 -106.47 -53.18 -29.73
CA ALA N 811 -107.62 -52.47 -29.17
C ALA N 811 -108.95 -53.02 -29.68
N TYR N 812 -108.90 -54.00 -30.59
CA TYR N 812 -110.08 -54.66 -31.14
C TYR N 812 -110.99 -53.57 -31.70
N ALA N 813 -112.26 -53.50 -31.30
CA ALA N 813 -113.17 -52.46 -31.78
C ALA N 813 -113.16 -51.29 -30.80
N THR N 814 -112.99 -50.08 -31.33
CA THR N 814 -112.91 -48.87 -30.52
C THR N 814 -114.32 -48.35 -30.24
N ILE N 815 -114.60 -48.06 -28.97
CA ILE N 815 -115.87 -47.50 -28.55
C ILE N 815 -115.64 -46.11 -27.96
N LYS N 816 -116.49 -45.16 -28.36
CA LYS N 816 -116.50 -43.82 -27.79
C LYS N 816 -117.87 -43.63 -27.15
N TYR N 817 -117.91 -43.74 -25.82
CA TYR N 817 -119.20 -43.73 -25.12
C TYR N 817 -119.86 -42.35 -25.15
N ALA N 818 -119.06 -41.29 -25.15
CA ALA N 818 -119.58 -39.92 -25.07
C ALA N 818 -119.30 -39.20 -26.37
N THR N 819 -120.37 -38.84 -27.10
CA THR N 819 -120.25 -38.04 -28.31
C THR N 819 -121.33 -36.95 -28.28
N GLU N 820 -121.26 -36.07 -29.27
CA GLU N 820 -122.20 -34.96 -29.37
C GLU N 820 -123.58 -35.46 -29.79
N THR N 821 -124.62 -34.88 -29.18
CA THR N 821 -126.00 -35.20 -29.50
C THR N 821 -126.74 -33.91 -29.85
N THR N 822 -127.70 -34.02 -30.76
CA THR N 822 -128.31 -32.86 -31.41
C THR N 822 -129.81 -32.85 -31.20
N ILE N 823 -130.35 -31.70 -30.86
CA ILE N 823 -131.80 -31.48 -30.80
C ILE N 823 -132.25 -30.91 -32.15
N PHE N 824 -133.28 -31.52 -32.74
CA PHE N 824 -133.81 -31.07 -34.01
C PHE N 824 -135.32 -30.94 -33.93
N TYR N 825 -135.84 -29.87 -34.54
CA TYR N 825 -137.26 -29.64 -34.66
C TYR N 825 -137.64 -29.60 -36.13
N LEU N 826 -138.74 -30.27 -36.48
CA LEU N 826 -139.18 -30.40 -37.85
C LEU N 826 -140.51 -29.67 -38.04
N ILE N 827 -140.58 -28.85 -39.09
CA ILE N 827 -141.79 -28.13 -39.47
C ILE N 827 -142.25 -28.67 -40.81
N TYR N 828 -143.47 -29.22 -40.84
CA TYR N 828 -144.01 -29.86 -42.04
C TYR N 828 -144.64 -28.79 -42.91
N ASN N 829 -144.12 -28.63 -44.13
CA ASN N 829 -144.65 -27.68 -45.09
C ASN N 829 -145.45 -28.43 -46.16
N VAL N 830 -146.67 -27.96 -46.42
CA VAL N 830 -147.58 -28.63 -47.34
C VAL N 830 -148.05 -27.62 -48.38
N GLU N 831 -148.12 -28.07 -49.63
CA GLU N 831 -148.62 -27.26 -50.74
C GLU N 831 -149.88 -27.90 -51.30
N PHE N 832 -150.64 -27.08 -52.04
CA PHE N 832 -151.92 -27.53 -52.59
C PHE N 832 -151.76 -28.61 -53.66
N SER N 833 -150.57 -28.82 -54.18
CA SER N 833 -150.33 -29.86 -55.16
C SER N 833 -150.15 -31.24 -54.54
N ASN N 834 -150.13 -31.34 -53.22
CA ASN N 834 -149.89 -32.61 -52.55
C ASN N 834 -151.16 -33.46 -52.55
N THR N 835 -151.02 -34.72 -52.96
CA THR N 835 -152.11 -35.66 -52.87
C THR N 835 -152.32 -36.07 -51.40
N PRO N 836 -153.52 -36.54 -51.05
CA PRO N 836 -153.76 -36.93 -49.65
C PRO N 836 -152.84 -38.01 -49.15
N ASP N 837 -152.36 -38.90 -50.02
CA ASP N 837 -151.44 -39.97 -49.65
C ASP N 837 -150.06 -39.76 -50.27
N SER N 838 -149.61 -38.51 -50.34
CA SER N 838 -148.32 -38.20 -50.95
C SER N 838 -147.15 -38.57 -50.06
N LEU N 839 -147.35 -38.58 -48.74
CA LEU N 839 -146.26 -38.77 -47.79
C LEU N 839 -146.11 -40.23 -47.35
N VAL N 840 -146.86 -41.16 -47.96
CA VAL N 840 -146.78 -42.56 -47.57
C VAL N 840 -145.56 -43.19 -48.23
N LEU N 841 -144.69 -43.78 -47.43
CA LEU N 841 -143.51 -44.47 -47.93
C LEU N 841 -143.76 -45.96 -48.00
N ILE N 842 -143.05 -46.63 -48.91
CA ILE N 842 -143.20 -48.06 -49.09
C ILE N 842 -142.75 -48.80 -47.83
N ASN N 843 -141.61 -48.40 -47.27
CA ASN N 843 -141.07 -49.02 -46.08
C ASN N 843 -140.88 -47.98 -44.98
N PRO N 844 -141.09 -48.35 -43.72
CA PRO N 844 -140.94 -47.38 -42.63
C PRO N 844 -139.50 -46.93 -42.45
N THR N 845 -139.37 -45.68 -41.99
CA THR N 845 -138.07 -45.10 -41.64
C THR N 845 -138.08 -44.79 -40.15
N TYR N 846 -137.00 -45.17 -39.46
CA TYR N 846 -136.95 -45.10 -38.02
C TYR N 846 -136.00 -44.02 -37.54
N THR N 847 -136.19 -43.62 -36.28
CA THR N 847 -135.29 -42.72 -35.57
C THR N 847 -134.95 -43.34 -34.23
N MET N 848 -133.79 -42.97 -33.69
CA MET N 848 -133.21 -43.69 -32.56
C MET N 848 -133.12 -42.85 -31.29
N THR N 849 -132.49 -41.68 -31.35
CA THR N 849 -132.08 -40.95 -30.15
C THR N 849 -133.25 -40.15 -29.58
N LYS N 850 -133.43 -40.25 -28.27
CA LYS N 850 -134.39 -39.45 -27.51
C LYS N 850 -133.70 -38.91 -26.27
N VAL N 851 -134.23 -37.80 -25.73
CA VAL N 851 -133.59 -37.14 -24.61
C VAL N 851 -134.63 -36.30 -23.87
N PHE N 852 -134.45 -36.16 -22.56
CA PHE N 852 -135.33 -35.39 -21.70
C PHE N 852 -134.50 -34.37 -20.92
N ILE N 853 -134.95 -33.12 -20.91
CA ILE N 853 -134.15 -32.05 -20.31
C ILE N 853 -134.96 -31.36 -19.22
N ASN N 854 -136.27 -31.61 -19.20
CA ASN N 854 -137.17 -31.06 -18.18
C ASN N 854 -137.23 -29.53 -18.22
N LYS N 855 -137.02 -28.94 -19.38
CA LYS N 855 -137.14 -27.50 -19.55
C LYS N 855 -137.79 -27.19 -20.88
N ARG N 856 -138.77 -26.28 -20.87
CA ARG N 856 -139.52 -25.93 -22.07
C ARG N 856 -138.72 -24.93 -22.91
N ILE N 857 -137.72 -25.45 -23.60
CA ILE N 857 -136.89 -24.62 -24.45
C ILE N 857 -137.69 -24.12 -25.66
N VAL N 858 -138.56 -24.97 -26.19
CA VAL N 858 -139.42 -24.63 -27.32
C VAL N 858 -140.85 -24.95 -26.94
N GLU N 859 -141.75 -23.99 -27.14
CA GLU N 859 -143.15 -24.15 -26.76
C GLU N 859 -144.04 -23.86 -27.98
N ARG N 860 -145.15 -24.57 -28.05
CA ARG N 860 -146.20 -24.27 -29.01
C ARG N 860 -147.25 -23.41 -28.28
N VAL N 861 -147.40 -22.17 -28.73
CA VAL N 861 -148.22 -21.19 -28.04
C VAL N 861 -149.18 -20.55 -29.03
N ARG N 862 -150.44 -20.42 -28.61
CA ARG N 862 -151.43 -19.75 -29.44
C ARG N 862 -151.15 -18.24 -29.49
N VAL N 863 -151.74 -17.60 -30.50
CA VAL N 863 -151.52 -16.17 -30.69
C VAL N 863 -152.04 -15.37 -29.51
N GLY N 864 -153.05 -15.89 -28.81
CA GLY N 864 -153.62 -15.18 -27.68
C GLY N 864 -152.72 -15.14 -26.45
N GLN N 865 -151.77 -16.06 -26.35
CA GLN N 865 -150.90 -16.15 -25.18
C GLN N 865 -149.47 -15.73 -25.48
N ILE N 866 -149.24 -15.03 -26.59
CA ILE N 866 -147.88 -14.61 -26.95
C ILE N 866 -147.33 -13.63 -25.93
N LEU N 867 -148.14 -12.65 -25.53
CA LEU N 867 -147.67 -11.56 -24.68
C LEU N 867 -147.66 -11.90 -23.21
N ALA N 868 -148.03 -13.12 -22.82
CA ALA N 868 -148.02 -13.50 -21.41
C ALA N 868 -146.62 -13.63 -20.85
N VAL N 869 -145.59 -13.63 -21.69
CA VAL N 869 -144.22 -13.80 -21.21
C VAL N 869 -143.76 -12.60 -20.38
N LEU N 870 -144.37 -11.44 -20.54
CA LEU N 870 -143.94 -10.23 -19.84
C LEU N 870 -144.32 -10.34 -18.37
N ASN N 871 -143.38 -10.80 -17.54
CA ASN N 871 -143.63 -10.92 -16.11
C ASN N 871 -142.49 -10.42 -15.23
N ARG N 872 -141.33 -10.11 -15.78
CA ARG N 872 -140.20 -9.64 -14.99
C ARG N 872 -140.27 -8.14 -14.76
N ARG N 873 -139.71 -7.70 -13.64
CA ARG N 873 -139.70 -6.29 -13.25
C ARG N 873 -138.35 -5.68 -13.61
N PHE N 874 -138.37 -4.54 -14.29
CA PHE N 874 -137.17 -3.85 -14.71
C PHE N 874 -137.18 -2.43 -14.18
N VAL N 875 -135.98 -1.93 -13.85
CA VAL N 875 -135.80 -0.57 -13.37
C VAL N 875 -134.73 0.09 -14.22
N ALA N 876 -134.97 1.35 -14.60
CA ALA N 876 -134.05 2.09 -15.45
C ALA N 876 -133.94 3.52 -14.95
N TYR N 877 -132.88 4.20 -15.38
CA TYR N 877 -132.61 5.57 -15.00
C TYR N 877 -133.15 6.52 -16.08
N LYS N 878 -132.80 7.80 -15.96
CA LYS N 878 -133.25 8.82 -16.89
C LYS N 878 -132.06 9.53 -17.50
N GLY N 879 -132.33 10.31 -18.55
CA GLY N 879 -131.29 11.09 -19.19
C GLY N 879 -130.72 12.16 -18.28
N LYS N 880 -131.56 12.74 -17.42
CA LYS N 880 -131.07 13.75 -16.49
C LYS N 880 -130.06 13.16 -15.51
N MET N 881 -130.29 11.93 -15.06
CA MET N 881 -129.32 11.25 -14.22
C MET N 881 -128.09 10.86 -15.04
N ARG N 882 -126.92 11.04 -14.44
CA ARG N 882 -125.66 10.64 -15.03
C ARG N 882 -124.97 9.65 -14.12
N ILE N 883 -124.46 8.56 -14.70
CA ILE N 883 -123.79 7.50 -13.97
C ILE N 883 -122.36 7.41 -14.44
N MET N 884 -121.42 7.42 -13.49
CA MET N 884 -120.00 7.36 -13.81
C MET N 884 -119.29 6.57 -12.72
N ASP N 885 -118.12 6.05 -13.07
CA ASP N 885 -117.35 5.19 -12.18
C ASP N 885 -116.37 6.04 -11.37
N ILE N 886 -116.44 5.93 -10.05
CA ILE N 886 -115.52 6.64 -9.18
C ILE N 886 -114.10 6.09 -9.30
N THR N 887 -113.95 4.86 -9.77
CA THR N 887 -112.62 4.24 -9.85
C THR N 887 -111.69 5.04 -10.74
N GLN N 888 -112.22 5.57 -11.84
CA GLN N 888 -111.37 6.43 -12.68
C GLN N 888 -110.95 7.63 -11.84
N SER N 889 -111.86 8.11 -10.99
CA SER N 889 -111.58 9.32 -10.18
C SER N 889 -110.42 9.04 -9.23
N LEU N 890 -110.41 7.85 -8.61
CA LEU N 890 -109.32 7.47 -7.68
C LEU N 890 -107.99 7.84 -8.35
N LYS N 891 -107.76 7.30 -9.55
CA LYS N 891 -106.53 7.64 -10.32
C LYS N 891 -105.34 7.69 -9.38
N MET N 892 -104.61 8.81 -9.36
CA MET N 892 -103.49 8.98 -8.40
C MET N 892 -104.00 9.78 -7.21
N GLY N 893 -103.58 9.42 -6.00
CA GLY N 893 -104.09 10.09 -4.80
C GLY N 893 -103.34 11.38 -4.49
N THR N 894 -103.59 12.43 -5.28
CA THR N 894 -102.96 13.75 -5.01
C THR N 894 -103.98 14.69 -4.36
N LYS N 895 -105.18 14.20 -4.07
CA LYS N 895 -106.25 15.08 -3.51
C LYS N 895 -106.50 14.76 -2.04
N LEU N 896 -106.04 15.63 -1.13
CA LEU N 896 -106.17 15.41 0.33
C LEU N 896 -107.65 15.53 0.72
N ALA N 897 -108.05 14.95 1.85
CA ALA N 897 -109.48 14.94 2.21
C ALA N 897 -109.72 15.64 3.55
N ALA N 898 -110.96 16.08 3.81
CA ALA N 898 -111.29 16.74 5.09
C ALA N 898 -110.96 15.77 6.23
N PRO N 899 -110.55 16.25 7.42
CA PRO N 899 -110.11 15.35 8.50
C PRO N 899 -111.15 14.29 8.85
N THR N 900 -110.70 13.05 9.03
CA THR N 900 -111.61 11.94 9.39
C THR N 900 -110.84 10.92 10.23
N VAL N 901 -111.56 10.06 10.96
CA VAL N 901 -110.90 9.05 11.84
C VAL N 901 -109.81 9.76 12.66
N ALA O 4 -50.85 -9.88 -26.18
CA ALA O 4 -51.21 -8.51 -26.51
C ALA O 4 -51.18 -8.31 -28.03
N MET O 5 -52.30 -8.63 -28.69
CA MET O 5 -52.44 -8.57 -30.14
C MET O 5 -53.44 -7.50 -30.52
N LEU O 6 -53.07 -6.67 -31.49
CA LEU O 6 -53.81 -5.47 -31.84
C LEU O 6 -54.22 -5.51 -33.30
N LEU O 7 -55.38 -4.91 -33.59
CA LEU O 7 -55.89 -4.75 -34.94
C LEU O 7 -55.96 -3.26 -35.29
N ALA O 8 -55.46 -2.90 -36.46
CA ALA O 8 -55.35 -1.51 -36.86
C ALA O 8 -55.63 -1.40 -38.34
N PRO O 9 -56.02 -0.20 -38.82
CA PRO O 9 -56.18 0.00 -40.26
C PRO O 9 -54.87 -0.22 -41.01
N GLY O 10 -55.00 -0.71 -42.24
CA GLY O 10 -53.83 -1.09 -43.02
C GLY O 10 -52.92 0.07 -43.36
N ASP O 11 -53.49 1.25 -43.62
CA ASP O 11 -52.66 2.40 -43.94
C ASP O 11 -51.80 2.83 -42.76
N VAL O 12 -52.29 2.66 -41.53
CA VAL O 12 -51.51 3.04 -40.36
C VAL O 12 -50.26 2.18 -40.25
N ILE O 13 -50.43 0.85 -40.39
CA ILE O 13 -49.27 -0.04 -40.31
C ILE O 13 -48.37 0.17 -41.53
N LYS O 14 -48.95 0.51 -42.68
CA LYS O 14 -48.15 0.83 -43.85
C LYS O 14 -47.26 2.03 -43.60
N ARG O 15 -47.79 3.07 -42.96
CA ARG O 15 -47.04 4.27 -42.67
C ARG O 15 -46.05 4.10 -41.52
N SER O 16 -46.31 3.17 -40.59
CA SER O 16 -45.46 3.00 -39.43
C SER O 16 -44.68 1.69 -39.44
N SER O 17 -44.56 1.06 -40.61
CA SER O 17 -43.80 -0.18 -40.73
C SER O 17 -42.36 -0.02 -40.25
N GLU O 18 -41.73 1.12 -40.56
CA GLU O 18 -40.34 1.32 -40.16
C GLU O 18 -40.21 1.31 -38.64
N GLU O 19 -41.07 2.06 -37.95
CA GLU O 19 -41.02 2.09 -36.50
C GLU O 19 -41.36 0.72 -35.90
N LEU O 20 -42.35 0.03 -36.50
CA LEU O 20 -42.72 -1.28 -36.00
C LEU O 20 -41.57 -2.27 -36.13
N LYS O 21 -40.85 -2.23 -37.25
CA LYS O 21 -39.68 -3.08 -37.42
C LYS O 21 -38.59 -2.69 -36.43
N GLN O 22 -38.39 -1.39 -36.21
CA GLN O 22 -37.37 -0.94 -35.27
C GLN O 22 -37.69 -1.38 -33.85
N ARG O 23 -38.97 -1.53 -33.50
CA ARG O 23 -39.37 -1.94 -32.17
C ARG O 23 -39.67 -3.43 -32.08
N GLN O 24 -39.43 -4.19 -33.16
CA GLN O 24 -39.44 -5.65 -33.18
C GLN O 24 -40.83 -6.26 -33.03
N ILE O 25 -41.88 -5.57 -33.45
CA ILE O 25 -43.20 -6.19 -33.55
C ILE O 25 -43.39 -6.70 -34.97
N GLN O 26 -43.77 -7.98 -35.10
CA GLN O 26 -43.88 -8.60 -36.40
C GLN O 26 -45.15 -8.11 -37.11
N ILE O 27 -45.04 -7.91 -38.43
CA ILE O 27 -46.09 -7.29 -39.23
C ILE O 27 -46.76 -8.35 -40.08
N ASN O 28 -48.09 -8.39 -40.01
CA ASN O 28 -48.92 -9.22 -40.88
C ASN O 28 -49.91 -8.29 -41.57
N LEU O 29 -49.70 -8.08 -42.88
CA LEU O 29 -50.50 -7.12 -43.63
C LEU O 29 -50.92 -7.74 -44.95
N ILE O 30 -52.12 -7.38 -45.41
CA ILE O 30 -52.65 -7.81 -46.70
C ILE O 30 -52.88 -6.57 -47.56
N ASP O 31 -52.31 -6.57 -48.76
CA ASP O 31 -52.45 -5.45 -49.67
C ASP O 31 -53.73 -5.59 -50.50
N TRP O 32 -54.13 -4.48 -51.11
CA TRP O 32 -55.37 -4.45 -51.88
C TRP O 32 -55.25 -3.73 -53.22
N THR O 33 -54.08 -3.18 -53.54
CA THR O 33 -53.87 -2.43 -54.78
C THR O 33 -54.89 -1.31 -54.95
N GLY O 130 -27.95 3.66 -55.02
CA GLY O 130 -26.70 2.92 -54.90
C GLY O 130 -26.16 2.90 -53.50
N ARG O 131 -25.70 1.73 -53.06
CA ARG O 131 -25.14 1.56 -51.73
C ARG O 131 -23.62 1.53 -51.78
N TRP O 132 -23.01 1.59 -50.60
CA TRP O 132 -21.56 1.60 -50.47
C TRP O 132 -21.11 0.32 -49.77
N VAL O 133 -19.81 0.02 -49.92
CA VAL O 133 -19.23 -1.21 -49.43
C VAL O 133 -17.93 -0.91 -48.71
N VAL O 134 -17.54 -1.81 -47.81
CA VAL O 134 -16.36 -1.67 -46.97
C VAL O 134 -15.23 -2.51 -47.58
N LEU O 135 -13.99 -2.04 -47.39
CA LEU O 135 -12.85 -2.69 -48.01
C LEU O 135 -12.71 -4.15 -47.58
N THR O 136 -12.86 -4.42 -46.29
CA THR O 136 -12.67 -5.77 -45.75
C THR O 136 -13.83 -6.14 -44.84
N GLU O 137 -14.03 -7.45 -44.69
CA GLU O 137 -15.19 -7.94 -43.94
C GLU O 137 -15.09 -7.65 -42.45
N GLU O 138 -13.87 -7.51 -41.92
CA GLU O 138 -13.72 -7.31 -40.48
C GLU O 138 -14.28 -5.97 -40.04
N ILE O 139 -14.01 -4.91 -40.80
CA ILE O 139 -14.54 -3.59 -40.45
C ILE O 139 -16.06 -3.58 -40.55
N ALA O 140 -16.61 -4.21 -41.59
CA ALA O 140 -18.05 -4.29 -41.73
C ALA O 140 -18.68 -5.05 -40.58
N ARG O 141 -18.06 -6.15 -40.16
CA ARG O 141 -18.56 -6.92 -39.03
C ARG O 141 -18.51 -6.09 -37.75
N ALA O 142 -17.42 -5.36 -37.54
CA ALA O 142 -17.31 -4.53 -36.35
C ALA O 142 -18.38 -3.43 -36.33
N ILE O 143 -18.59 -2.76 -37.46
CA ILE O 143 -19.56 -1.68 -37.50
C ILE O 143 -20.98 -2.23 -37.36
N GLU O 144 -21.24 -3.42 -37.92
CA GLU O 144 -22.54 -4.05 -37.74
C GLU O 144 -22.79 -4.43 -36.29
N SER O 145 -21.75 -4.94 -35.61
CA SER O 145 -21.90 -5.25 -34.19
C SER O 145 -22.14 -3.99 -33.38
N LYS O 146 -21.46 -2.89 -33.74
CA LYS O 146 -21.57 -1.66 -32.95
C LYS O 146 -22.93 -0.99 -33.14
N TYR O 147 -23.43 -0.94 -34.38
CA TYR O 147 -24.61 -0.17 -34.69
C TYR O 147 -25.80 -1.00 -35.18
N GLY O 148 -25.62 -2.31 -35.38
CA GLY O 148 -26.72 -3.11 -35.88
C GLY O 148 -27.09 -2.82 -37.32
N THR O 149 -26.15 -2.33 -38.11
CA THR O 149 -26.40 -1.97 -39.51
C THR O 149 -25.68 -2.95 -40.41
N LYS O 150 -26.42 -3.60 -41.31
CA LYS O 150 -25.82 -4.51 -42.26
C LYS O 150 -25.03 -3.74 -43.31
N ILE O 151 -23.82 -4.22 -43.61
CA ILE O 151 -22.93 -3.57 -44.55
C ILE O 151 -22.40 -4.61 -45.53
N ASP O 152 -22.34 -4.25 -46.80
CA ASP O 152 -21.85 -5.14 -47.85
C ASP O 152 -20.33 -5.00 -47.99
N VAL O 153 -19.74 -5.95 -48.71
CA VAL O 153 -18.29 -6.04 -48.86
C VAL O 153 -17.93 -5.87 -50.34
N TYR O 154 -16.89 -5.09 -50.60
CA TYR O 154 -16.44 -4.84 -51.96
C TYR O 154 -15.78 -6.09 -52.53
N ARG O 155 -16.19 -6.50 -53.73
CA ARG O 155 -15.71 -7.73 -54.35
C ARG O 155 -15.42 -7.53 -55.83
N ASP O 156 -14.78 -6.41 -56.17
CA ASP O 156 -14.30 -6.15 -57.54
C ASP O 156 -15.43 -6.27 -58.57
N GLU O 157 -16.61 -5.74 -58.23
CA GLU O 157 -17.78 -5.97 -59.07
C GLU O 157 -17.81 -5.00 -60.26
N VAL O 158 -17.97 -3.71 -59.98
CA VAL O 158 -18.17 -2.68 -61.00
C VAL O 158 -17.59 -1.38 -60.48
N PRO O 159 -17.47 -0.32 -61.30
CA PRO O 159 -17.16 1.00 -60.74
C PRO O 159 -18.21 1.41 -59.73
N ALA O 160 -17.82 1.49 -58.46
CA ALA O 160 -18.74 1.72 -57.36
C ALA O 160 -18.18 2.80 -56.44
N GLN O 161 -18.86 3.00 -55.31
CA GLN O 161 -18.46 3.99 -54.32
C GLN O 161 -18.00 3.27 -53.06
N ILE O 162 -16.79 3.60 -52.61
CA ILE O 162 -16.13 2.88 -51.53
C ILE O 162 -16.07 3.80 -50.31
N ILE O 163 -16.29 3.22 -49.14
CA ILE O 163 -16.18 3.92 -47.87
C ILE O 163 -14.81 3.60 -47.28
N GLU O 164 -14.05 4.65 -46.97
CA GLU O 164 -12.70 4.48 -46.43
C GLU O 164 -12.73 4.97 -44.98
N VAL O 165 -12.81 4.01 -44.06
CA VAL O 165 -12.78 4.35 -42.64
C VAL O 165 -11.40 4.87 -42.27
N GLU O 166 -11.38 6.00 -41.58
CA GLU O 166 -10.15 6.74 -41.32
C GLU O 166 -9.65 6.48 -39.89
N ARG O 167 -8.39 6.85 -39.66
CA ARG O 167 -7.72 6.65 -38.37
C ARG O 167 -8.58 7.07 -37.19
N SER O 168 -9.33 8.16 -37.33
CA SER O 168 -10.18 8.62 -36.24
C SER O 168 -11.24 7.59 -35.89
N LEU O 169 -12.00 7.13 -36.88
CA LEU O 169 -12.98 6.08 -36.62
C LEU O 169 -12.33 4.74 -36.33
N GLN O 170 -11.11 4.53 -36.85
CA GLN O 170 -10.36 3.32 -36.49
C GLN O 170 -10.10 3.26 -34.99
N LYS O 171 -9.73 4.39 -34.39
CA LYS O 171 -9.54 4.44 -32.95
C LYS O 171 -10.87 4.44 -32.21
N GLU O 172 -11.89 5.09 -32.79
CA GLU O 172 -13.18 5.18 -32.13
C GLU O 172 -13.84 3.80 -32.00
N LEU O 173 -13.72 2.97 -33.04
CA LEU O 173 -14.35 1.66 -33.06
C LEU O 173 -13.52 0.60 -32.36
N GLY O 174 -12.36 0.94 -31.83
CA GLY O 174 -11.50 -0.04 -31.19
C GLY O 174 -10.98 -1.10 -32.14
N ILE O 175 -10.61 -0.71 -33.35
CA ILE O 175 -10.13 -1.65 -34.35
C ILE O 175 -8.68 -2.01 -34.06
N SER O 176 -8.35 -3.28 -34.20
CA SER O 176 -7.00 -3.74 -33.92
C SER O 176 -6.02 -3.28 -35.00
N ARG O 177 -4.73 -3.51 -34.73
CA ARG O 177 -3.69 -3.11 -35.67
C ARG O 177 -3.79 -3.89 -36.98
N GLU O 178 -4.13 -5.18 -36.89
CA GLU O 178 -4.23 -6.01 -38.10
C GLU O 178 -5.35 -5.52 -39.01
N GLY O 179 -6.46 -5.06 -38.42
CA GLY O 179 -7.53 -4.52 -39.25
C GLY O 179 -7.09 -3.30 -40.03
N VAL O 180 -6.38 -2.38 -39.38
CA VAL O 180 -5.86 -1.21 -40.07
C VAL O 180 -4.87 -1.63 -41.16
N ALA O 181 -4.00 -2.60 -40.85
CA ALA O 181 -3.03 -3.05 -41.83
C ALA O 181 -3.70 -3.63 -43.06
N GLU O 182 -4.71 -4.48 -42.87
CA GLU O 182 -5.39 -5.07 -44.01
C GLU O 182 -6.22 -4.04 -44.77
N GLN O 183 -6.80 -3.07 -44.06
CA GLN O 183 -7.51 -1.98 -44.73
C GLN O 183 -6.59 -1.21 -45.66
N THR O 184 -5.43 -0.81 -45.16
CA THR O 184 -4.51 -0.06 -46.00
C THR O 184 -3.85 -0.92 -47.07
N GLU O 185 -3.73 -2.23 -46.84
CA GLU O 185 -3.28 -3.11 -47.91
C GLU O 185 -4.29 -3.15 -49.06
N ARG O 186 -5.57 -3.29 -48.73
CA ARG O 186 -6.60 -3.23 -49.77
C ARG O 186 -6.63 -1.87 -50.43
N LEU O 187 -6.35 -0.80 -49.67
CA LEU O 187 -6.27 0.53 -50.25
C LEU O 187 -5.14 0.61 -51.27
N ARG O 188 -3.97 0.06 -50.94
CA ARG O 188 -2.85 0.03 -51.89
C ARG O 188 -3.22 -0.77 -53.13
N ASP O 189 -3.92 -1.90 -52.95
CA ASP O 189 -4.36 -2.67 -54.09
C ASP O 189 -5.27 -1.85 -54.99
N LEU O 190 -6.19 -1.09 -54.39
CA LEU O 190 -7.06 -0.23 -55.18
C LEU O 190 -6.28 0.86 -55.90
N ARG O 191 -5.28 1.45 -55.23
CA ARG O 191 -4.43 2.44 -55.88
C ARG O 191 -3.77 1.85 -57.12
N ARG O 192 -3.19 0.66 -56.99
CA ARG O 192 -2.56 0.02 -58.14
C ARG O 192 -3.56 -0.29 -59.24
N LYS O 193 -4.75 -0.78 -58.85
CA LYS O 193 -5.76 -1.14 -59.84
C LYS O 193 -6.19 0.06 -60.66
N GLU O 194 -6.44 1.20 -60.00
CA GLU O 194 -6.90 2.36 -60.75
C GLU O 194 -5.74 3.13 -61.40
N LYS O 195 -4.50 2.89 -60.97
CA LYS O 195 -3.37 3.45 -61.69
C LYS O 195 -3.07 2.66 -62.96
N SER O 196 -3.35 1.36 -62.97
CA SER O 196 -3.15 0.54 -64.16
C SER O 196 -4.35 0.68 -65.11
N GLY O 197 -4.53 1.90 -65.59
CA GLY O 197 -5.64 2.20 -66.49
C GLY O 197 -5.39 1.79 -67.92
N ILE O 237 -14.69 3.95 -60.12
CA ILE O 237 -14.53 3.67 -58.70
C ILE O 237 -14.18 4.95 -57.94
N THR O 238 -14.99 5.28 -56.93
CA THR O 238 -14.77 6.44 -56.10
C THR O 238 -14.65 6.01 -54.65
N ILE O 239 -13.69 6.60 -53.93
CA ILE O 239 -13.45 6.30 -52.53
C ILE O 239 -13.66 7.58 -51.72
N GLU O 240 -14.31 7.45 -50.58
CA GLU O 240 -14.57 8.57 -49.69
C GLU O 240 -13.94 8.30 -48.34
N GLY O 241 -13.10 9.22 -47.88
CA GLY O 241 -12.44 9.07 -46.60
C GLY O 241 -13.22 9.68 -45.46
N VAL O 242 -14.37 9.08 -45.12
CA VAL O 242 -15.19 9.59 -44.03
C VAL O 242 -14.43 9.45 -42.72
N MET O 243 -14.35 10.54 -41.97
CA MET O 243 -13.56 10.60 -40.76
C MET O 243 -14.23 11.32 -39.60
N SER O 244 -15.54 11.54 -39.65
CA SER O 244 -16.30 12.02 -38.52
C SER O 244 -17.48 11.07 -38.28
N GLN O 245 -17.86 10.93 -37.01
CA GLN O 245 -18.92 10.01 -36.65
C GLN O 245 -20.26 10.45 -37.24
N LYS O 246 -20.53 11.75 -37.17
CA LYS O 246 -21.79 12.29 -37.66
C LYS O 246 -21.93 12.11 -39.17
N LYS O 247 -20.83 12.24 -39.92
CA LYS O 247 -20.90 12.01 -41.36
C LYS O 247 -21.34 10.59 -41.65
N LEU O 248 -20.78 9.62 -40.93
CA LEU O 248 -21.17 8.23 -41.14
C LEU O 248 -22.64 8.01 -40.78
N LEU O 249 -23.09 8.58 -39.67
CA LEU O 249 -24.50 8.41 -39.29
C LEU O 249 -25.44 9.03 -40.31
N SER O 250 -25.20 10.29 -40.69
CA SER O 250 -26.06 10.96 -41.65
C SER O 250 -25.97 10.36 -43.04
N MET O 251 -24.90 9.61 -43.32
CA MET O 251 -24.75 8.99 -44.64
C MET O 251 -25.57 7.71 -44.74
N ILE O 252 -25.22 6.70 -43.96
CA ILE O 252 -25.91 5.41 -43.95
C ILE O 252 -25.83 4.83 -42.54
N GLY O 253 -26.80 3.99 -42.20
CA GLY O 253 -26.77 3.25 -40.96
C GLY O 253 -27.86 3.71 -40.00
N GLY O 254 -27.92 3.00 -38.87
CA GLY O 254 -28.89 3.27 -37.83
C GLY O 254 -28.32 4.14 -36.73
N VAL O 255 -29.22 4.89 -36.07
CA VAL O 255 -28.80 5.80 -35.01
C VAL O 255 -28.17 5.01 -33.86
N GLU O 256 -27.25 5.66 -33.15
CA GLU O 256 -26.50 5.03 -32.08
C GLU O 256 -27.43 4.62 -30.94
N ARG O 257 -26.90 3.79 -30.03
CA ARG O 257 -27.78 3.19 -28.99
C ARG O 257 -28.24 4.21 -27.94
N LYS O 258 -29.51 4.10 -27.52
CA LYS O 258 -30.01 4.96 -26.41
C LYS O 258 -29.30 4.48 -25.14
N MET O 259 -29.31 5.29 -24.08
CA MET O 259 -28.53 4.88 -22.91
C MET O 259 -29.50 4.62 -21.76
N ALA O 260 -29.71 3.34 -21.44
CA ALA O 260 -30.65 2.94 -20.40
C ALA O 260 -30.44 1.45 -20.12
N PRO O 261 -30.92 0.96 -18.99
CA PRO O 261 -30.90 -0.49 -18.75
C PRO O 261 -31.70 -1.22 -19.81
N ILE O 262 -31.18 -2.37 -20.22
CA ILE O 262 -31.77 -3.14 -21.32
C ILE O 262 -32.76 -4.15 -20.73
N GLY O 263 -34.03 -4.02 -21.08
CA GLY O 263 -35.02 -4.98 -20.64
C GLY O 263 -35.01 -6.25 -21.48
N ALA O 264 -35.78 -7.23 -21.01
CA ALA O 264 -35.86 -8.49 -21.74
C ALA O 264 -36.54 -8.31 -23.09
N ARG O 265 -37.47 -7.37 -23.20
CA ARG O 265 -38.18 -7.15 -24.46
C ARG O 265 -38.50 -5.67 -24.60
N GLU O 266 -38.49 -5.18 -25.83
CA GLU O 266 -38.74 -3.76 -26.06
C GLU O 266 -40.20 -3.41 -25.82
N SER O 267 -41.12 -4.25 -26.30
CA SER O 267 -42.54 -3.98 -26.19
C SER O 267 -43.26 -5.24 -25.71
N ALA O 268 -44.41 -5.03 -25.09
CA ALA O 268 -45.22 -6.12 -24.55
C ALA O 268 -46.15 -6.74 -25.59
N VAL O 269 -46.21 -6.18 -26.79
CA VAL O 269 -47.07 -6.69 -27.85
C VAL O 269 -46.22 -7.49 -28.83
N MET O 270 -46.80 -8.56 -29.36
CA MET O 270 -46.12 -9.42 -30.32
C MET O 270 -46.56 -9.19 -31.75
N LEU O 271 -47.85 -9.10 -31.99
CA LEU O 271 -48.37 -9.06 -33.36
C LEU O 271 -49.40 -7.97 -33.50
N VAL O 272 -49.29 -7.21 -34.58
CA VAL O 272 -50.36 -6.35 -35.07
C VAL O 272 -50.68 -6.76 -36.50
N SER O 273 -51.95 -7.04 -36.76
CA SER O 273 -52.35 -7.65 -38.03
C SER O 273 -53.57 -6.93 -38.58
N ASN O 274 -53.91 -7.26 -39.83
CA ASN O 274 -55.06 -6.69 -40.52
C ASN O 274 -55.78 -7.80 -41.29
N SER O 275 -55.90 -8.97 -40.68
CA SER O 275 -56.50 -10.13 -41.33
C SER O 275 -57.72 -10.60 -40.56
N ILE O 276 -58.76 -11.00 -41.29
CA ILE O 276 -59.91 -11.63 -40.66
C ILE O 276 -59.61 -13.06 -40.25
N LYS O 277 -58.54 -13.65 -40.80
CA LYS O 277 -58.18 -15.03 -40.48
C LYS O 277 -57.73 -15.19 -39.04
N ASP O 278 -57.30 -14.12 -38.38
CA ASP O 278 -56.86 -14.16 -36.99
C ASP O 278 -57.58 -13.10 -36.17
N VAL O 279 -58.88 -12.92 -36.42
CA VAL O 279 -59.66 -12.00 -35.61
C VAL O 279 -59.82 -12.52 -34.19
N VAL O 280 -59.96 -13.85 -34.03
CA VAL O 280 -60.02 -14.45 -32.70
C VAL O 280 -58.66 -14.39 -32.00
N ARG O 281 -57.58 -14.17 -32.77
CA ARG O 281 -56.25 -14.06 -32.18
C ARG O 281 -56.09 -12.78 -31.38
N ALA O 282 -56.80 -11.72 -31.77
CA ALA O 282 -56.60 -10.40 -31.19
C ALA O 282 -57.21 -10.27 -29.81
N THR O 283 -56.60 -9.40 -28.99
CA THR O 283 -57.12 -9.04 -27.68
C THR O 283 -57.60 -7.59 -27.62
N ALA O 284 -57.18 -6.74 -28.56
CA ALA O 284 -57.60 -5.35 -28.61
C ALA O 284 -57.48 -4.88 -30.05
N TYR O 285 -58.12 -3.74 -30.34
CA TYR O 285 -58.08 -3.20 -31.69
C TYR O 285 -58.08 -1.68 -31.63
N PHE O 286 -57.58 -1.08 -32.70
CA PHE O 286 -57.44 0.37 -32.81
C PHE O 286 -58.14 0.85 -34.07
N THR O 287 -58.81 1.99 -33.99
CA THR O 287 -59.59 2.52 -35.09
C THR O 287 -59.14 3.94 -35.41
N ALA O 288 -59.43 4.36 -36.64
CA ALA O 288 -59.06 5.68 -37.12
C ALA O 288 -60.06 6.10 -38.18
N PRO O 289 -60.22 7.41 -38.43
CA PRO O 289 -61.13 7.85 -39.49
C PRO O 289 -60.73 7.34 -40.87
N THR O 290 -59.47 7.00 -41.08
CA THR O 290 -59.05 6.39 -42.33
C THR O 290 -59.72 5.04 -42.53
N GLY O 291 -59.85 4.64 -43.79
CA GLY O 291 -60.63 3.47 -44.14
C GLY O 291 -59.87 2.50 -45.03
N ASP O 292 -60.27 1.24 -44.95
CA ASP O 292 -59.80 0.13 -45.76
C ASP O 292 -61.00 -0.61 -46.33
N PRO O 293 -60.88 -1.22 -47.51
CA PRO O 293 -62.02 -1.98 -48.06
C PRO O 293 -62.45 -3.15 -47.20
N HIS O 294 -61.57 -3.68 -46.35
CA HIS O 294 -61.91 -4.79 -45.48
C HIS O 294 -62.04 -4.40 -44.01
N TRP O 295 -61.87 -3.12 -43.67
CA TRP O 295 -61.80 -2.73 -42.26
C TRP O 295 -63.17 -2.76 -41.59
N LYS O 296 -64.25 -2.48 -42.35
CA LYS O 296 -65.57 -2.44 -41.73
C LYS O 296 -65.98 -3.83 -41.24
N GLU O 297 -65.77 -4.85 -42.08
CA GLU O 297 -66.11 -6.22 -41.70
C GLU O 297 -65.27 -6.68 -40.52
N VAL O 298 -63.98 -6.34 -40.52
CA VAL O 298 -63.11 -6.71 -39.40
C VAL O 298 -63.56 -6.02 -38.12
N ALA O 299 -63.95 -4.74 -38.21
CA ALA O 299 -64.44 -4.03 -37.04
C ALA O 299 -65.71 -4.66 -36.49
N ARG O 300 -66.63 -5.04 -37.38
CA ARG O 300 -67.84 -5.72 -36.93
C ARG O 300 -67.53 -7.05 -36.27
N GLU O 301 -66.62 -7.83 -36.86
CA GLU O 301 -66.28 -9.14 -36.30
C GLU O 301 -65.46 -9.04 -35.02
N ALA O 302 -64.79 -7.92 -34.77
CA ALA O 302 -64.02 -7.73 -33.55
C ALA O 302 -64.84 -7.12 -32.42
N SER O 303 -65.80 -6.26 -32.75
CA SER O 303 -66.67 -5.70 -31.72
C SER O 303 -67.57 -6.75 -31.08
N LYS O 304 -67.79 -7.88 -31.76
CA LYS O 304 -68.63 -8.94 -31.21
C LYS O 304 -67.96 -9.67 -30.06
N LYS O 305 -66.68 -9.47 -29.82
CA LYS O 305 -65.98 -10.13 -28.74
C LYS O 305 -66.51 -9.63 -27.39
N LYS O 306 -66.70 -10.57 -26.46
CA LYS O 306 -67.29 -10.22 -25.17
C LYS O 306 -66.36 -9.30 -24.37
N ASN O 307 -65.07 -9.59 -24.35
CA ASN O 307 -64.09 -8.84 -23.56
C ASN O 307 -62.93 -8.46 -24.47
N ILE O 308 -62.99 -7.25 -25.04
CA ILE O 308 -61.95 -6.73 -25.90
C ILE O 308 -61.77 -5.26 -25.61
N LEU O 309 -60.51 -4.81 -25.59
CA LEU O 309 -60.20 -3.40 -25.37
C LEU O 309 -60.33 -2.63 -26.68
N ALA O 310 -61.01 -1.50 -26.64
CA ALA O 310 -61.25 -0.68 -27.82
C ALA O 310 -60.66 0.71 -27.61
N TYR O 311 -59.86 1.16 -28.58
CA TYR O 311 -59.28 2.49 -28.57
C TYR O 311 -59.56 3.17 -29.90
N THR O 312 -59.89 4.45 -29.84
CA THR O 312 -60.15 5.24 -31.04
C THR O 312 -59.39 6.56 -30.96
N SER O 313 -58.91 7.03 -32.12
CA SER O 313 -58.20 8.29 -32.23
C SER O 313 -59.06 9.28 -33.00
N THR O 314 -59.22 10.48 -32.45
CA THR O 314 -60.06 11.51 -33.05
C THR O 314 -59.30 12.73 -33.52
N GLY O 315 -58.22 13.11 -32.84
CA GLY O 315 -57.47 14.30 -33.20
C GLY O 315 -55.98 14.03 -33.25
N GLY O 316 -55.23 15.10 -33.54
CA GLY O 316 -53.79 14.99 -33.63
C GLY O 316 -53.34 14.14 -34.81
N ASP O 317 -52.21 13.48 -34.63
CA ASP O 317 -51.63 12.60 -35.65
C ASP O 317 -51.95 11.15 -35.31
N VAL O 318 -52.42 10.41 -36.31
CA VAL O 318 -52.80 9.02 -36.09
C VAL O 318 -51.58 8.18 -35.72
N LYS O 319 -50.48 8.38 -36.43
CA LYS O 319 -49.28 7.57 -36.20
C LYS O 319 -48.71 7.80 -34.81
N THR O 320 -48.68 9.06 -34.36
CA THR O 320 -48.15 9.35 -33.02
C THR O 320 -49.01 8.71 -31.95
N GLU O 321 -50.34 8.79 -32.10
CA GLU O 321 -51.23 8.16 -31.13
C GLU O 321 -51.04 6.64 -31.13
N PHE O 322 -50.90 6.04 -32.30
CA PHE O 322 -50.70 4.60 -32.38
C PHE O 322 -49.39 4.19 -31.72
N LEU O 323 -48.33 4.96 -31.94
CA LEU O 323 -47.04 4.64 -31.32
C LEU O 323 -47.11 4.80 -29.82
N HIS O 324 -47.78 5.85 -29.33
CA HIS O 324 -47.92 6.02 -27.88
C HIS O 324 -48.71 4.87 -27.28
N LEU O 325 -49.77 4.43 -27.95
CA LEU O 325 -50.56 3.31 -27.47
C LEU O 325 -49.73 2.04 -27.43
N ILE O 326 -48.97 1.76 -28.50
CA ILE O 326 -48.18 0.55 -28.55
C ILE O 326 -47.06 0.61 -27.51
N ASP O 327 -46.61 1.81 -27.14
CA ASP O 327 -45.63 1.94 -26.08
C ASP O 327 -46.24 1.65 -24.72
N HIS O 328 -47.42 2.21 -24.44
CA HIS O 328 -48.00 2.09 -23.12
C HIS O 328 -48.81 0.81 -22.93
N LEU O 329 -49.17 0.12 -24.00
CA LEU O 329 -49.94 -1.11 -23.89
C LEU O 329 -49.04 -2.27 -23.45
#